data_9HDE
#
_entry.id   9HDE
#
_cell.length_a   133.328
_cell.length_b   155.89
_cell.length_c   232.079
_cell.angle_alpha   90
_cell.angle_beta   90.24
_cell.angle_gamma   90
#
_symmetry.space_group_name_H-M   'P 1 21 1'
#
loop_
_entity.id
_entity.type
_entity.pdbx_description
1 polymer 'Cystathionine gamma-synthase'
2 non-polymer DI(HYDROXYETHYL)ETHER
3 non-polymer 'SULFATE ION'
4 non-polymer '(2E)-2-{[(1E)-{3-hydroxy-2-methyl-5-[(phosphonooxy)methyl]pyridin-4-yl}methylidene]amino}but-2-enoic acid'
5 water water
#
_entity_poly.entity_id   1
_entity_poly.type   'polypeptide(L)'
_entity_poly.pdbx_seq_one_letter_code
;MGSSHHHHHHSSGLVPRGSHMTSLHPETLMVHGGMKGLTEAGVHVPAIDLSTTNPVNDVATGGDSYEWLATGHTLKDGDS
AVYQRLWQPGVARFETALAGLEHAEEAVAFATGMAAMTAALLAAVSAGTPHIVAVRPLYGGSDHLLETGLLGTTVTWAKE
ADIASAIQDDTGLVIVETPANPSLDLVDLDSVVSAAGNVPVLVDNTFCTPVLQQPISHGAALVLHSATQYLGGHGDAMGG
IIATNADWAMRLRQVRAITGALLHPMGAYLLHRGLRTLAVRMRAAQTTAGELAERLDAHPAISVVHYPGLKGQDPRGLLG
RQMSGGGAMIAMELAGGFDAARSFVEHCNLVVHAVSLGGADTLIQHPASLTHRPVAATAKPGDGLIRLSVGLEHVDDLAD
DLIAALDASRAAA
;
_entity_poly.pdbx_strand_id   A,B,C,D,E,F,G,H,I,J,K,L,M,N,O,P,Q,R,S,T,U,V,W,X
#
# COMPACT_ATOMS: atom_id res chain seq x y z
N SER A 23 -18.27 34.44 -85.70
CA SER A 23 -18.69 33.47 -86.71
C SER A 23 -19.18 32.14 -86.09
N LEU A 24 -18.79 31.82 -84.84
CA LEU A 24 -19.20 30.58 -84.18
C LEU A 24 -20.50 30.75 -83.39
N HIS A 25 -21.24 29.64 -83.21
CA HIS A 25 -22.49 29.62 -82.47
C HIS A 25 -22.23 29.76 -80.95
N PRO A 26 -23.21 30.21 -80.11
CA PRO A 26 -22.94 30.31 -78.66
C PRO A 26 -22.64 28.98 -77.96
N GLU A 27 -23.14 27.85 -78.49
CA GLU A 27 -22.88 26.53 -77.92
C GLU A 27 -21.40 26.15 -78.07
N THR A 28 -20.78 26.54 -79.20
CA THR A 28 -19.36 26.30 -79.46
C THR A 28 -18.51 27.23 -78.59
N LEU A 29 -18.93 28.51 -78.46
CA LEU A 29 -18.20 29.52 -77.69
C LEU A 29 -18.21 29.26 -76.18
N MET A 30 -19.19 28.51 -75.66
CA MET A 30 -19.21 28.16 -74.24
C MET A 30 -18.12 27.12 -73.93
N VAL A 31 -17.86 26.20 -74.88
CA VAL A 31 -16.84 25.16 -74.72
C VAL A 31 -15.42 25.76 -74.88
N HIS A 32 -15.17 26.50 -75.98
CA HIS A 32 -13.87 27.05 -76.31
C HIS A 32 -13.58 28.50 -75.85
N GLY A 33 -14.52 29.15 -75.18
CA GLY A 33 -14.31 30.52 -74.69
C GLY A 33 -13.29 30.58 -73.59
N GLY A 34 -12.37 31.54 -73.66
CA GLY A 34 -11.30 31.70 -72.68
C GLY A 34 -10.25 30.61 -72.72
N MET A 35 -10.24 29.76 -73.77
CA MET A 35 -9.27 28.66 -73.93
C MET A 35 -8.26 29.02 -75.04
N LYS A 36 -7.92 30.32 -75.17
CA LYS A 36 -7.04 30.80 -76.23
C LYS A 36 -5.58 30.52 -75.88
N GLY A 37 -4.84 29.92 -76.81
CA GLY A 37 -3.43 29.61 -76.61
C GLY A 37 -3.13 28.33 -75.87
N LEU A 38 -4.14 27.66 -75.29
CA LEU A 38 -3.92 26.43 -74.53
C LEU A 38 -3.54 25.28 -75.48
N THR A 39 -4.29 25.10 -76.57
CA THR A 39 -4.00 24.07 -77.56
C THR A 39 -2.61 24.29 -78.19
N GLU A 40 -2.26 25.56 -78.43
CA GLU A 40 -0.99 25.94 -79.02
C GLU A 40 0.18 25.67 -78.05
N ALA A 41 -0.06 25.68 -76.71
CA ALA A 41 0.92 25.39 -75.67
C ALA A 41 0.99 23.89 -75.28
N GLY A 42 0.20 23.03 -75.92
CA GLY A 42 0.21 21.59 -75.63
C GLY A 42 -0.50 21.18 -74.35
N VAL A 43 -1.56 21.92 -73.95
CA VAL A 43 -2.36 21.64 -72.75
C VAL A 43 -3.86 21.66 -73.09
N HIS A 44 -4.67 20.96 -72.30
CA HIS A 44 -6.11 20.83 -72.55
C HIS A 44 -6.99 21.86 -71.81
N VAL A 45 -6.78 22.02 -70.49
CA VAL A 45 -7.57 22.91 -69.63
C VAL A 45 -6.66 24.02 -69.03
N PRO A 46 -7.18 25.21 -68.64
CA PRO A 46 -6.28 26.23 -68.08
C PRO A 46 -5.70 25.81 -66.74
N ALA A 47 -4.43 26.13 -66.50
CA ALA A 47 -3.76 25.76 -65.27
C ALA A 47 -4.24 26.62 -64.10
N ILE A 48 -4.12 26.09 -62.87
CA ILE A 48 -4.50 26.82 -61.66
C ILE A 48 -3.21 27.34 -61.03
N ASP A 49 -2.89 28.61 -61.27
CA ASP A 49 -1.69 29.24 -60.73
C ASP A 49 -2.05 29.89 -59.39
N LEU A 50 -1.60 29.31 -58.27
CA LEU A 50 -1.91 29.84 -56.95
C LEU A 50 -0.98 30.99 -56.52
N SER A 51 0.06 31.32 -57.32
CA SER A 51 1.02 32.39 -57.02
C SER A 51 0.38 33.68 -56.54
N THR A 52 0.74 34.11 -55.34
CA THR A 52 0.24 35.38 -54.79
C THR A 52 1.02 36.53 -55.43
N THR A 53 2.35 36.36 -55.60
CA THR A 53 3.23 37.35 -56.23
C THR A 53 3.67 36.85 -57.60
N ASN A 54 4.12 37.79 -58.45
CA ASN A 54 4.57 37.51 -59.80
C ASN A 54 5.87 38.32 -60.03
N PRO A 55 7.06 37.69 -60.12
CA PRO A 55 8.30 38.48 -60.29
C PRO A 55 8.35 39.42 -61.48
N VAL A 56 9.16 40.49 -61.34
CA VAL A 56 9.31 41.53 -62.37
C VAL A 56 10.73 41.50 -62.97
N ASN A 57 10.85 41.87 -64.26
CA ASN A 57 12.15 41.84 -64.94
C ASN A 57 13.07 42.93 -64.45
N ASP A 58 12.53 44.15 -64.24
CA ASP A 58 13.30 45.27 -63.72
C ASP A 58 12.38 46.26 -62.97
N VAL A 59 12.97 47.32 -62.36
CA VAL A 59 12.22 48.31 -61.59
C VAL A 59 11.29 49.12 -62.50
N ALA A 60 11.77 49.51 -63.69
CA ALA A 60 10.99 50.30 -64.62
C ALA A 60 9.77 49.56 -65.18
N THR A 61 9.94 48.34 -65.72
CA THR A 61 8.81 47.59 -66.28
C THR A 61 7.85 47.12 -65.18
N GLY A 62 8.40 46.70 -64.05
CA GLY A 62 7.59 46.26 -62.92
C GLY A 62 6.73 47.37 -62.37
N GLY A 63 7.33 48.55 -62.20
CA GLY A 63 6.62 49.73 -61.71
C GLY A 63 5.55 50.21 -62.67
N ASP A 64 5.86 50.22 -63.98
CA ASP A 64 4.88 50.63 -64.99
C ASP A 64 3.72 49.62 -65.06
N SER A 65 4.01 48.31 -64.92
CA SER A 65 2.96 47.28 -64.92
C SER A 65 2.09 47.44 -63.68
N TYR A 66 2.70 47.75 -62.51
CA TYR A 66 1.96 47.99 -61.27
C TYR A 66 0.98 49.15 -61.48
N GLU A 67 1.47 50.30 -61.99
CA GLU A 67 0.62 51.47 -62.21
C GLU A 67 -0.50 51.19 -63.21
N TRP A 68 -0.18 50.54 -64.34
CA TRP A 68 -1.18 50.21 -65.36
C TRP A 68 -2.32 49.36 -64.78
N LEU A 69 -1.99 48.36 -63.96
CA LEU A 69 -2.99 47.49 -63.38
C LEU A 69 -3.75 48.13 -62.21
N ALA A 70 -3.04 48.85 -61.31
CA ALA A 70 -3.67 49.54 -60.19
C ALA A 70 -4.66 50.60 -60.66
N THR A 71 -4.39 51.25 -61.80
CA THR A 71 -5.30 52.24 -62.38
C THR A 71 -6.45 51.58 -63.22
N GLY A 72 -6.69 50.28 -63.03
CA GLY A 72 -7.78 49.54 -63.67
C GLY A 72 -7.59 49.03 -65.09
N HIS A 73 -6.36 48.96 -65.60
CA HIS A 73 -6.14 48.50 -66.97
C HIS A 73 -5.88 46.99 -67.08
N THR A 74 -6.13 46.43 -68.27
CA THR A 74 -5.91 45.02 -68.59
C THR A 74 -4.42 44.74 -68.69
N LEU A 75 -3.97 43.54 -68.25
CA LEU A 75 -2.57 43.18 -68.33
C LEU A 75 -2.12 43.11 -69.77
N LYS A 76 -1.00 43.76 -70.09
CA LYS A 76 -0.44 43.73 -71.44
C LYS A 76 0.17 42.37 -71.72
N ASP A 77 0.16 41.94 -72.98
CA ASP A 77 0.75 40.66 -73.36
C ASP A 77 2.26 40.77 -73.21
N GLY A 78 2.85 39.84 -72.46
CA GLY A 78 4.29 39.86 -72.20
C GLY A 78 4.65 40.85 -71.11
N ASP A 79 3.84 40.89 -70.03
CA ASP A 79 4.03 41.78 -68.88
C ASP A 79 3.75 40.99 -67.60
N SER A 80 4.45 41.31 -66.51
CA SER A 80 4.26 40.64 -65.24
C SER A 80 2.97 41.07 -64.57
N ALA A 81 2.24 40.10 -63.99
CA ALA A 81 1.02 40.40 -63.24
C ALA A 81 1.31 41.15 -61.92
N VAL A 82 2.60 41.16 -61.45
CA VAL A 82 3.13 41.82 -60.25
C VAL A 82 2.58 41.21 -58.93
N TYR A 83 1.26 41.21 -58.75
CA TYR A 83 0.59 40.70 -57.56
C TYR A 83 -0.82 40.25 -57.93
N GLN A 84 -1.36 39.28 -57.17
CA GLN A 84 -2.68 38.72 -57.44
C GLN A 84 -3.81 39.73 -57.29
N ARG A 85 -3.69 40.69 -56.36
CA ARG A 85 -4.71 41.73 -56.19
C ARG A 85 -4.77 42.69 -57.40
N LEU A 86 -3.71 42.74 -58.23
CA LEU A 86 -3.66 43.55 -59.44
C LEU A 86 -4.11 42.72 -60.65
N TRP A 87 -3.64 41.46 -60.79
CA TRP A 87 -4.06 40.58 -61.89
C TRP A 87 -3.84 39.08 -61.58
N GLN A 88 -4.79 38.23 -62.02
CA GLN A 88 -4.70 36.77 -61.88
C GLN A 88 -5.03 36.18 -63.27
N PRO A 89 -4.19 35.29 -63.86
CA PRO A 89 -4.48 34.79 -65.22
C PRO A 89 -5.69 33.88 -65.39
N GLY A 90 -5.97 33.04 -64.39
CA GLY A 90 -7.12 32.13 -64.42
C GLY A 90 -8.43 32.89 -64.33
N VAL A 91 -8.44 33.95 -63.51
CA VAL A 91 -9.61 34.82 -63.37
C VAL A 91 -9.83 35.53 -64.71
N ALA A 92 -8.74 36.06 -65.30
CA ALA A 92 -8.78 36.74 -66.60
C ALA A 92 -9.35 35.86 -67.71
N ARG A 93 -9.05 34.54 -67.71
CA ARG A 93 -9.61 33.63 -68.73
C ARG A 93 -11.12 33.49 -68.56
N PHE A 94 -11.60 33.38 -67.31
CA PHE A 94 -13.03 33.30 -67.01
C PHE A 94 -13.71 34.61 -67.43
N GLU A 95 -13.05 35.75 -67.18
CA GLU A 95 -13.55 37.07 -67.54
C GLU A 95 -13.76 37.19 -69.06
N THR A 96 -12.74 36.82 -69.87
CA THR A 96 -12.87 36.89 -71.33
C THR A 96 -13.89 35.87 -71.86
N ALA A 97 -14.05 34.72 -71.19
CA ALA A 97 -15.02 33.71 -71.62
C ALA A 97 -16.46 34.26 -71.50
N LEU A 98 -16.82 34.86 -70.34
CA LEU A 98 -18.17 35.39 -70.16
C LEU A 98 -18.39 36.65 -70.99
N ALA A 99 -17.40 37.54 -71.10
CA ALA A 99 -17.54 38.76 -71.92
C ALA A 99 -17.91 38.42 -73.37
N GLY A 100 -17.34 37.35 -73.91
CA GLY A 100 -17.65 36.88 -75.26
C GLY A 100 -19.07 36.34 -75.36
N LEU A 101 -19.58 35.73 -74.27
CA LEU A 101 -20.94 35.17 -74.20
C LEU A 101 -21.98 36.28 -74.09
N GLU A 102 -21.68 37.36 -73.34
CA GLU A 102 -22.57 38.52 -73.22
C GLU A 102 -22.35 39.57 -74.36
N HIS A 103 -21.32 39.37 -75.20
CA HIS A 103 -20.94 40.27 -76.28
C HIS A 103 -20.56 41.66 -75.73
N ALA A 104 -19.86 41.67 -74.57
CA ALA A 104 -19.34 42.86 -73.90
C ALA A 104 -17.85 43.01 -74.26
N GLU A 105 -17.29 44.21 -74.07
CA GLU A 105 -15.89 44.46 -74.40
C GLU A 105 -14.98 43.70 -73.41
N GLU A 106 -15.25 43.85 -72.11
CA GLU A 106 -14.47 43.26 -71.03
C GLU A 106 -15.40 42.75 -69.89
N ALA A 107 -14.83 42.06 -68.88
CA ALA A 107 -15.56 41.60 -67.71
C ALA A 107 -14.64 41.60 -66.49
N VAL A 108 -15.20 41.85 -65.29
CA VAL A 108 -14.43 41.90 -64.04
C VAL A 108 -15.07 40.94 -63.04
N ALA A 109 -14.28 39.99 -62.51
CA ALA A 109 -14.75 38.97 -61.58
C ALA A 109 -14.29 39.22 -60.14
N PHE A 110 -15.17 38.87 -59.19
CA PHE A 110 -15.01 39.05 -57.75
C PHE A 110 -15.39 37.75 -56.99
N ALA A 111 -15.12 37.73 -55.66
CA ALA A 111 -15.39 36.57 -54.80
C ALA A 111 -16.84 36.10 -54.82
N THR A 112 -17.81 37.04 -54.81
CA THR A 112 -19.25 36.76 -54.80
C THR A 112 -20.02 37.79 -55.67
N GLY A 113 -21.29 37.51 -55.97
CA GLY A 113 -22.16 38.44 -56.69
C GLY A 113 -22.33 39.74 -55.92
N MET A 114 -22.35 39.67 -54.59
CA MET A 114 -22.45 40.86 -53.74
C MET A 114 -21.19 41.70 -53.79
N ALA A 115 -20.02 41.09 -53.94
CA ALA A 115 -18.76 41.82 -54.09
C ALA A 115 -18.73 42.60 -55.41
N ALA A 116 -19.31 42.02 -56.48
CA ALA A 116 -19.41 42.68 -57.76
C ALA A 116 -20.35 43.87 -57.66
N MET A 117 -21.52 43.70 -57.00
CA MET A 117 -22.49 44.78 -56.77
C MET A 117 -21.83 45.89 -55.97
N THR A 118 -21.07 45.51 -54.93
CA THR A 118 -20.38 46.46 -54.07
C THR A 118 -19.40 47.29 -54.88
N ALA A 119 -18.60 46.64 -55.71
CA ALA A 119 -17.63 47.32 -56.56
C ALA A 119 -18.29 48.30 -57.53
N ALA A 120 -19.42 47.92 -58.12
CA ALA A 120 -20.16 48.78 -59.05
C ALA A 120 -20.73 50.00 -58.34
N LEU A 121 -21.24 49.80 -57.11
CA LEU A 121 -21.78 50.92 -56.33
C LEU A 121 -20.66 51.82 -55.83
N LEU A 122 -19.52 51.24 -55.46
CA LEU A 122 -18.38 52.00 -55.01
C LEU A 122 -17.83 52.82 -56.16
N ALA A 123 -17.76 52.26 -57.39
CA ALA A 123 -17.30 52.99 -58.58
C ALA A 123 -18.16 54.20 -58.87
N ALA A 124 -19.49 54.06 -58.73
CA ALA A 124 -20.42 55.16 -58.97
C ALA A 124 -20.24 56.26 -57.92
N VAL A 125 -20.06 55.88 -56.63
CA VAL A 125 -19.86 56.83 -55.54
C VAL A 125 -18.55 57.59 -55.77
N SER A 126 -17.48 56.86 -56.11
CA SER A 126 -16.16 57.45 -56.37
C SER A 126 -16.20 58.44 -57.53
N ALA A 127 -17.02 58.16 -58.57
CA ALA A 127 -17.18 59.07 -59.72
C ALA A 127 -17.93 60.37 -59.40
N GLY A 128 -18.58 60.46 -58.25
CA GLY A 128 -19.36 61.61 -57.84
C GLY A 128 -20.83 61.48 -58.17
N THR A 129 -21.33 60.25 -58.35
CA THR A 129 -22.73 59.95 -58.67
C THR A 129 -23.23 58.88 -57.68
N PRO A 130 -23.43 59.23 -56.39
CA PRO A 130 -23.85 58.19 -55.43
C PRO A 130 -25.31 57.76 -55.50
N HIS A 131 -26.17 58.55 -56.20
CA HIS A 131 -27.59 58.22 -56.31
C HIS A 131 -27.81 57.07 -57.30
N ILE A 132 -28.77 56.20 -56.97
CA ILE A 132 -29.10 54.99 -57.72
C ILE A 132 -30.62 54.94 -57.89
N VAL A 133 -31.08 54.57 -59.07
CA VAL A 133 -32.49 54.37 -59.38
C VAL A 133 -32.60 52.87 -59.53
N ALA A 134 -33.39 52.22 -58.67
CA ALA A 134 -33.51 50.76 -58.72
C ALA A 134 -34.96 50.35 -58.86
N VAL A 135 -35.20 49.24 -59.58
CA VAL A 135 -36.54 48.72 -59.80
C VAL A 135 -36.68 47.38 -59.09
N ARG A 136 -37.66 47.29 -58.17
CA ARG A 136 -37.94 46.05 -57.43
C ARG A 136 -38.88 45.13 -58.23
N PRO A 137 -38.89 43.80 -58.00
CA PRO A 137 -38.09 43.00 -57.05
C PRO A 137 -36.64 42.79 -57.47
N LEU A 138 -35.75 42.71 -56.46
CA LEU A 138 -34.33 42.41 -56.62
C LEU A 138 -33.95 41.37 -55.55
N TYR A 139 -32.76 40.76 -55.67
CA TYR A 139 -32.30 39.80 -54.66
C TYR A 139 -32.18 40.53 -53.28
N GLY A 140 -32.61 39.88 -52.22
CA GLY A 140 -32.60 40.40 -50.85
C GLY A 140 -31.38 41.20 -50.44
N GLY A 141 -30.20 40.68 -50.77
CA GLY A 141 -28.93 41.34 -50.48
C GLY A 141 -28.72 42.59 -51.30
N SER A 142 -28.99 42.53 -52.61
CA SER A 142 -28.90 43.70 -53.51
C SER A 142 -29.86 44.80 -53.03
N ASP A 143 -31.07 44.40 -52.62
CA ASP A 143 -32.11 45.29 -52.10
C ASP A 143 -31.66 45.93 -50.77
N HIS A 144 -31.17 45.11 -49.83
CA HIS A 144 -30.73 45.58 -48.52
C HIS A 144 -29.49 46.48 -48.58
N LEU A 145 -28.52 46.15 -49.45
CA LEU A 145 -27.30 46.96 -49.60
C LEU A 145 -27.63 48.37 -50.11
N LEU A 146 -28.66 48.50 -50.97
CA LEU A 146 -29.08 49.81 -51.45
C LEU A 146 -29.87 50.55 -50.37
N GLU A 147 -30.82 49.85 -49.70
CA GLU A 147 -31.64 50.44 -48.64
C GLU A 147 -30.79 51.02 -47.50
N THR A 148 -29.79 50.27 -47.02
CA THR A 148 -28.93 50.70 -45.92
C THR A 148 -27.99 51.85 -46.33
N GLY A 149 -27.56 51.87 -47.59
CA GLY A 149 -26.64 52.88 -48.08
C GLY A 149 -25.28 52.78 -47.42
N LEU A 150 -24.82 51.54 -47.17
CA LEU A 150 -23.54 51.25 -46.51
C LEU A 150 -22.36 51.86 -47.24
N LEU A 151 -22.39 51.82 -48.57
CA LEU A 151 -21.28 52.29 -49.40
C LEU A 151 -21.41 53.77 -49.81
N GLY A 152 -22.17 54.57 -49.06
CA GLY A 152 -22.36 55.98 -49.35
C GLY A 152 -23.30 56.27 -50.50
N THR A 153 -24.24 55.35 -50.76
CA THR A 153 -25.21 55.53 -51.84
C THR A 153 -26.55 56.00 -51.29
N THR A 154 -27.33 56.63 -52.17
CA THR A 154 -28.72 56.99 -51.91
C THR A 154 -29.51 56.24 -52.99
N VAL A 155 -30.70 55.71 -52.66
CA VAL A 155 -31.50 54.95 -53.66
C VAL A 155 -32.92 55.51 -53.76
N THR A 156 -33.48 55.44 -54.96
CA THR A 156 -34.84 55.88 -55.26
C THR A 156 -35.51 54.67 -55.90
N TRP A 157 -36.38 54.01 -55.14
CA TRP A 157 -37.11 52.84 -55.63
C TRP A 157 -38.19 53.31 -56.59
N ALA A 158 -38.07 52.92 -57.87
CA ALA A 158 -39.01 53.35 -58.90
C ALA A 158 -39.59 52.17 -59.67
N LYS A 159 -40.80 52.36 -60.20
CA LYS A 159 -41.43 51.35 -61.05
C LYS A 159 -40.82 51.45 -62.45
N GLU A 160 -40.96 50.39 -63.25
CA GLU A 160 -40.40 50.35 -64.61
C GLU A 160 -40.78 51.57 -65.47
N ALA A 161 -42.05 51.99 -65.43
CA ALA A 161 -42.51 53.14 -66.21
C ALA A 161 -42.00 54.50 -65.67
N ASP A 162 -41.77 54.60 -64.34
CA ASP A 162 -41.34 55.85 -63.71
C ASP A 162 -39.81 55.96 -63.52
N ILE A 163 -39.00 55.38 -64.43
CA ILE A 163 -37.53 55.45 -64.31
C ILE A 163 -37.04 56.87 -64.66
N ALA A 164 -37.44 57.39 -65.83
CA ALA A 164 -37.03 58.71 -66.29
C ALA A 164 -37.25 59.82 -65.27
N SER A 165 -38.40 59.82 -64.59
CA SER A 165 -38.74 60.82 -63.56
C SER A 165 -37.89 60.69 -62.30
N ALA A 166 -37.59 59.44 -61.89
CA ALA A 166 -36.78 59.17 -60.70
C ALA A 166 -35.30 59.56 -60.83
N ILE A 167 -34.81 59.75 -62.06
CA ILE A 167 -33.40 60.09 -62.28
C ILE A 167 -33.11 61.55 -61.89
N GLN A 168 -32.02 61.73 -61.14
CA GLN A 168 -31.52 63.01 -60.66
C GLN A 168 -30.15 63.30 -61.34
N ASP A 169 -29.65 64.54 -61.20
CA ASP A 169 -28.33 64.89 -61.71
C ASP A 169 -27.22 64.07 -61.00
N ASP A 170 -27.50 63.59 -59.77
CA ASP A 170 -26.60 62.80 -58.94
C ASP A 170 -26.66 61.30 -59.27
N THR A 171 -27.50 60.84 -60.23
CA THR A 171 -27.63 59.40 -60.52
C THR A 171 -26.43 58.85 -61.28
N GLY A 172 -25.90 57.74 -60.78
CA GLY A 172 -24.80 57.03 -61.40
C GLY A 172 -25.20 55.74 -62.10
N LEU A 173 -26.32 55.11 -61.67
CA LEU A 173 -26.76 53.85 -62.25
C LEU A 173 -28.25 53.59 -62.11
N VAL A 174 -28.82 52.86 -63.09
CA VAL A 174 -30.20 52.35 -63.11
C VAL A 174 -30.08 50.81 -62.95
N ILE A 175 -30.53 50.24 -61.83
CA ILE A 175 -30.40 48.80 -61.59
C ILE A 175 -31.74 48.06 -61.77
N VAL A 176 -31.76 47.09 -62.70
CA VAL A 176 -32.94 46.25 -62.98
C VAL A 176 -32.54 44.76 -62.93
N GLU A 177 -33.55 43.88 -62.82
CA GLU A 177 -33.37 42.44 -62.74
C GLU A 177 -34.55 41.77 -63.44
N THR A 178 -34.30 40.94 -64.50
CA THR A 178 -35.39 40.28 -65.21
C THR A 178 -34.97 38.87 -65.71
N PRO A 179 -35.69 37.77 -65.34
CA PRO A 179 -36.81 37.69 -64.39
C PRO A 179 -36.35 38.03 -62.98
N ALA A 180 -37.17 38.78 -62.23
CA ALA A 180 -36.82 39.23 -60.89
C ALA A 180 -36.75 38.09 -59.88
N ASN A 181 -35.92 38.26 -58.84
CA ASN A 181 -35.78 37.28 -57.77
C ASN A 181 -36.72 37.75 -56.63
N PRO A 182 -37.76 37.00 -56.17
CA PRO A 182 -38.16 35.62 -56.52
C PRO A 182 -39.34 35.41 -57.50
N SER A 183 -40.28 36.38 -57.58
CA SER A 183 -41.53 36.29 -58.34
C SER A 183 -41.41 36.25 -59.88
N LEU A 184 -40.19 36.37 -60.45
CA LEU A 184 -39.94 36.32 -61.89
C LEU A 184 -40.64 37.41 -62.69
N ASP A 185 -40.69 38.62 -62.12
CA ASP A 185 -41.28 39.77 -62.79
C ASP A 185 -40.37 40.16 -63.96
N LEU A 186 -40.94 40.35 -65.15
CA LEU A 186 -40.14 40.71 -66.33
C LEU A 186 -40.10 42.21 -66.52
N VAL A 187 -39.02 42.69 -67.13
CA VAL A 187 -38.77 44.11 -67.39
C VAL A 187 -38.34 44.27 -68.85
N ASP A 188 -38.95 45.20 -69.60
CA ASP A 188 -38.56 45.47 -70.98
C ASP A 188 -37.28 46.27 -70.96
N LEU A 189 -36.17 45.65 -71.35
CA LEU A 189 -34.85 46.29 -71.31
C LEU A 189 -34.71 47.41 -72.33
N ASP A 190 -35.38 47.31 -73.48
CA ASP A 190 -35.33 48.38 -74.49
C ASP A 190 -35.96 49.66 -73.93
N SER A 191 -37.09 49.53 -73.20
CA SER A 191 -37.77 50.66 -72.59
C SER A 191 -36.98 51.27 -71.45
N VAL A 192 -36.32 50.44 -70.64
CA VAL A 192 -35.52 50.91 -69.50
C VAL A 192 -34.33 51.72 -70.01
N VAL A 193 -33.62 51.22 -71.03
CA VAL A 193 -32.47 51.92 -71.62
C VAL A 193 -32.92 53.27 -72.20
N SER A 194 -34.07 53.28 -72.89
CA SER A 194 -34.62 54.51 -73.46
C SER A 194 -34.94 55.53 -72.34
N ALA A 195 -35.55 55.08 -71.23
CA ALA A 195 -35.89 55.96 -70.11
C ALA A 195 -34.66 56.46 -69.35
N ALA A 196 -33.60 55.65 -69.26
CA ALA A 196 -32.37 56.04 -68.55
C ALA A 196 -31.60 57.13 -69.29
N GLY A 197 -31.51 57.03 -70.60
CA GLY A 197 -30.80 58.00 -71.41
C GLY A 197 -29.29 57.95 -71.20
N ASN A 198 -28.73 59.04 -70.66
CA ASN A 198 -27.30 59.12 -70.39
C ASN A 198 -26.83 58.28 -69.19
N VAL A 199 -27.76 57.85 -68.33
CA VAL A 199 -27.38 57.08 -67.13
C VAL A 199 -27.13 55.61 -67.54
N PRO A 200 -25.99 54.98 -67.13
CA PRO A 200 -25.78 53.57 -67.49
C PRO A 200 -26.73 52.62 -66.76
N VAL A 201 -27.14 51.53 -67.42
CA VAL A 201 -28.06 50.55 -66.84
C VAL A 201 -27.30 49.27 -66.49
N LEU A 202 -27.41 48.85 -65.22
CA LEU A 202 -26.87 47.56 -64.79
C LEU A 202 -28.03 46.60 -64.86
N VAL A 203 -27.81 45.45 -65.50
CA VAL A 203 -28.82 44.43 -65.63
C VAL A 203 -28.29 43.18 -64.99
N ASP A 204 -28.92 42.73 -63.91
CA ASP A 204 -28.53 41.49 -63.27
C ASP A 204 -29.18 40.37 -64.11
N ASN A 205 -28.33 39.65 -64.88
CA ASN A 205 -28.73 38.57 -65.75
C ASN A 205 -28.35 37.21 -65.15
N THR A 206 -28.53 37.02 -63.83
CA THR A 206 -28.21 35.74 -63.18
C THR A 206 -29.22 34.64 -63.60
N PHE A 207 -30.52 34.93 -63.50
CA PHE A 207 -31.58 33.96 -63.78
C PHE A 207 -31.62 33.51 -65.24
N CYS A 208 -31.51 34.45 -66.18
CA CYS A 208 -31.58 34.14 -67.62
C CYS A 208 -30.29 33.51 -68.15
N THR A 209 -29.12 34.03 -67.72
CA THR A 209 -27.77 33.62 -68.18
C THR A 209 -27.55 34.09 -69.63
N PRO A 210 -26.30 34.18 -70.16
CA PRO A 210 -26.14 34.58 -71.57
C PRO A 210 -26.79 33.63 -72.59
N VAL A 211 -27.22 32.43 -72.16
CA VAL A 211 -27.85 31.46 -73.04
C VAL A 211 -29.18 32.02 -73.50
N LEU A 212 -29.96 32.61 -72.56
CA LEU A 212 -31.31 33.10 -72.86
C LEU A 212 -31.47 34.60 -72.97
N GLN A 213 -30.48 35.43 -72.60
CA GLN A 213 -30.67 36.88 -72.69
C GLN A 213 -29.34 37.59 -72.89
N GLN A 214 -29.34 38.59 -73.78
CA GLN A 214 -28.17 39.38 -74.13
C GLN A 214 -28.48 40.84 -73.78
N PRO A 215 -28.47 41.23 -72.48
CA PRO A 215 -28.79 42.62 -72.15
C PRO A 215 -27.88 43.68 -72.79
N ILE A 216 -26.63 43.34 -73.12
CA ILE A 216 -25.71 44.30 -73.77
C ILE A 216 -26.29 44.73 -75.13
N SER A 217 -26.96 43.80 -75.86
CA SER A 217 -27.61 44.10 -77.13
C SER A 217 -28.72 45.13 -76.98
N HIS A 218 -29.45 45.09 -75.85
CA HIS A 218 -30.53 46.06 -75.57
C HIS A 218 -30.00 47.45 -75.14
N GLY A 219 -28.68 47.60 -74.97
CA GLY A 219 -28.02 48.85 -74.61
C GLY A 219 -27.65 48.98 -73.15
N ALA A 220 -27.59 47.87 -72.41
CA ALA A 220 -27.18 47.92 -71.00
C ALA A 220 -25.69 48.18 -70.97
N ALA A 221 -25.23 49.06 -70.07
CA ALA A 221 -23.81 49.36 -69.96
C ALA A 221 -23.08 48.25 -69.23
N LEU A 222 -23.65 47.75 -68.12
CA LEU A 222 -23.06 46.65 -67.35
C LEU A 222 -24.09 45.55 -67.09
N VAL A 223 -23.61 44.30 -67.05
CA VAL A 223 -24.44 43.12 -66.83
C VAL A 223 -23.84 42.31 -65.67
N LEU A 224 -24.59 42.16 -64.59
CA LEU A 224 -24.12 41.45 -63.41
C LEU A 224 -24.61 40.00 -63.37
N HIS A 225 -23.77 39.06 -62.90
CA HIS A 225 -24.13 37.66 -62.76
C HIS A 225 -23.62 37.17 -61.42
N SER A 226 -24.45 36.44 -60.68
CA SER A 226 -23.99 35.76 -59.49
C SER A 226 -23.50 34.43 -60.06
N ALA A 227 -22.20 34.35 -60.38
CA ALA A 227 -21.63 33.14 -60.98
C ALA A 227 -21.80 31.89 -60.14
N THR A 228 -22.03 32.06 -58.82
CA THR A 228 -22.37 30.99 -57.86
C THR A 228 -23.52 30.10 -58.41
N GLN A 229 -24.47 30.72 -59.12
CA GLN A 229 -25.63 30.07 -59.67
C GLN A 229 -25.56 30.04 -61.19
N TYR A 230 -25.83 28.86 -61.76
CA TYR A 230 -25.84 28.59 -63.21
C TYR A 230 -24.46 28.60 -63.87
N LEU A 231 -23.67 29.71 -63.77
CA LEU A 231 -22.35 29.76 -64.41
C LEU A 231 -21.42 28.69 -63.85
N GLY A 232 -21.51 28.45 -62.54
CA GLY A 232 -20.80 27.36 -61.87
C GLY A 232 -21.58 26.08 -62.10
N GLY A 233 -22.86 26.11 -61.73
CA GLY A 233 -23.81 25.02 -61.99
C GLY A 233 -23.79 23.79 -61.11
N HIS A 234 -22.77 23.63 -60.24
CA HIS A 234 -22.67 22.45 -59.38
C HIS A 234 -22.69 22.79 -57.88
N GLY A 235 -23.05 24.02 -57.50
CA GLY A 235 -23.14 24.46 -56.12
C GLY A 235 -21.86 24.31 -55.32
N ASP A 236 -20.71 24.59 -55.94
CA ASP A 236 -19.42 24.44 -55.28
C ASP A 236 -18.40 25.53 -55.63
N ALA A 237 -18.85 26.67 -56.16
CA ALA A 237 -17.95 27.76 -56.51
C ALA A 237 -18.66 29.10 -56.38
N MET A 238 -18.31 29.89 -55.37
CA MET A 238 -18.88 31.22 -55.21
C MET A 238 -18.22 32.12 -56.25
N GLY A 239 -18.97 33.11 -56.74
CA GLY A 239 -18.43 34.03 -57.72
C GLY A 239 -19.38 35.13 -58.12
N GLY A 240 -18.82 36.20 -58.65
CA GLY A 240 -19.55 37.37 -59.13
C GLY A 240 -18.80 37.97 -60.30
N ILE A 241 -19.52 38.43 -61.33
CA ILE A 241 -18.87 38.95 -62.53
C ILE A 241 -19.77 39.96 -63.25
N ILE A 242 -19.16 41.04 -63.78
CA ILE A 242 -19.87 42.08 -64.52
C ILE A 242 -19.27 42.19 -65.92
N ALA A 243 -20.07 41.87 -66.95
CA ALA A 243 -19.65 42.02 -68.35
C ALA A 243 -20.02 43.46 -68.73
N THR A 244 -19.03 44.27 -69.16
CA THR A 244 -19.27 45.69 -69.44
C THR A 244 -18.24 46.30 -70.44
N ASN A 245 -18.44 47.57 -70.83
CA ASN A 245 -17.51 48.32 -71.70
C ASN A 245 -16.16 48.57 -70.96
N ALA A 246 -15.15 49.06 -71.68
CA ALA A 246 -13.83 49.32 -71.11
C ALA A 246 -13.81 50.39 -70.00
N ASP A 247 -14.65 51.44 -70.10
CA ASP A 247 -14.68 52.50 -69.07
C ASP A 247 -15.11 51.95 -67.71
N TRP A 248 -16.22 51.20 -67.66
CA TRP A 248 -16.70 50.63 -66.40
C TRP A 248 -15.81 49.49 -65.92
N ALA A 249 -15.20 48.73 -66.83
CA ALA A 249 -14.29 47.65 -66.43
C ALA A 249 -13.07 48.24 -65.72
N MET A 250 -12.57 49.38 -66.21
CA MET A 250 -11.44 50.07 -65.62
C MET A 250 -11.80 50.53 -64.20
N ARG A 251 -13.01 51.12 -64.04
CA ARG A 251 -13.48 51.60 -62.74
C ARG A 251 -13.65 50.45 -61.75
N LEU A 252 -14.19 49.32 -62.22
CA LEU A 252 -14.40 48.14 -61.38
C LEU A 252 -13.06 47.55 -60.95
N ARG A 253 -12.08 47.46 -61.88
CA ARG A 253 -10.74 46.94 -61.57
C ARG A 253 -9.97 47.87 -60.61
N GLN A 254 -10.15 49.21 -60.71
CA GLN A 254 -9.53 50.17 -59.78
C GLN A 254 -10.04 49.89 -58.34
N VAL A 255 -11.36 49.61 -58.18
CA VAL A 255 -11.97 49.31 -56.87
C VAL A 255 -11.45 47.93 -56.40
N ARG A 256 -11.42 46.94 -57.28
CA ARG A 256 -10.95 45.60 -56.97
C ARG A 256 -9.50 45.57 -56.48
N ALA A 257 -8.62 46.35 -57.12
CA ALA A 257 -7.21 46.39 -56.74
C ALA A 257 -6.96 46.95 -55.33
N ILE A 258 -7.87 47.81 -54.83
CA ILE A 258 -7.69 48.43 -53.50
C ILE A 258 -8.60 47.80 -52.42
N THR A 259 -9.80 47.32 -52.76
CA THR A 259 -10.69 46.66 -51.79
C THR A 259 -10.48 45.13 -51.72
N GLY A 260 -9.87 44.53 -52.75
CA GLY A 260 -9.49 43.12 -52.78
C GLY A 260 -10.51 42.03 -52.52
N ALA A 261 -11.72 42.11 -53.11
CA ALA A 261 -12.71 41.04 -52.99
C ALA A 261 -12.46 40.10 -54.17
N LEU A 262 -11.32 39.41 -54.13
CA LEU A 262 -10.85 38.57 -55.23
C LEU A 262 -11.47 37.21 -55.34
N LEU A 263 -11.56 36.72 -56.59
CA LEU A 263 -12.05 35.39 -56.90
C LEU A 263 -10.80 34.49 -56.85
N HIS A 264 -10.85 33.44 -56.03
CA HIS A 264 -9.73 32.53 -55.84
C HIS A 264 -9.40 31.79 -57.16
N PRO A 265 -8.12 31.51 -57.51
CA PRO A 265 -7.83 30.78 -58.76
C PRO A 265 -8.62 29.49 -59.00
N MET A 266 -8.94 28.72 -57.95
CA MET A 266 -9.74 27.50 -58.11
C MET A 266 -11.21 27.83 -58.37
N GLY A 267 -11.72 28.89 -57.74
CA GLY A 267 -13.08 29.35 -57.98
C GLY A 267 -13.27 29.76 -59.43
N ALA A 268 -12.28 30.50 -59.98
CA ALA A 268 -12.29 30.90 -61.39
C ALA A 268 -12.21 29.69 -62.32
N TYR A 269 -11.42 28.68 -61.94
CA TYR A 269 -11.28 27.46 -62.72
C TYR A 269 -12.61 26.71 -62.84
N LEU A 270 -13.33 26.55 -61.73
CA LEU A 270 -14.60 25.82 -61.74
C LEU A 270 -15.73 26.62 -62.40
N LEU A 271 -15.70 27.95 -62.32
CA LEU A 271 -16.73 28.78 -62.95
C LEU A 271 -16.51 28.78 -64.47
N HIS A 272 -15.26 28.84 -64.91
CA HIS A 272 -14.89 28.76 -66.33
C HIS A 272 -15.23 27.36 -66.87
N ARG A 273 -14.94 26.31 -66.08
CA ARG A 273 -15.26 24.91 -66.38
C ARG A 273 -16.79 24.72 -66.53
N GLY A 274 -17.56 25.40 -65.67
CA GLY A 274 -19.01 25.37 -65.67
C GLY A 274 -19.63 26.00 -66.90
N LEU A 275 -18.94 26.99 -67.50
CA LEU A 275 -19.42 27.62 -68.72
C LEU A 275 -19.44 26.65 -69.92
N ARG A 276 -18.57 25.61 -69.91
CA ARG A 276 -18.47 24.65 -71.00
C ARG A 276 -19.73 23.79 -71.17
N THR A 277 -20.47 23.56 -70.08
CA THR A 277 -21.72 22.79 -70.05
C THR A 277 -22.96 23.69 -69.80
N LEU A 278 -22.82 25.02 -69.88
CA LEU A 278 -23.92 25.93 -69.58
C LEU A 278 -25.11 25.77 -70.51
N ALA A 279 -24.89 25.66 -71.83
CA ALA A 279 -25.99 25.53 -72.79
C ALA A 279 -26.74 24.21 -72.61
N VAL A 280 -26.02 23.08 -72.41
CA VAL A 280 -26.69 21.79 -72.25
C VAL A 280 -27.40 21.69 -70.91
N ARG A 281 -26.89 22.33 -69.85
CA ARG A 281 -27.55 22.32 -68.54
C ARG A 281 -28.79 23.21 -68.55
N MET A 282 -28.69 24.41 -69.11
CA MET A 282 -29.81 25.34 -69.18
C MET A 282 -30.93 24.76 -70.03
N ARG A 283 -30.62 24.23 -71.21
CA ARG A 283 -31.63 23.66 -72.08
C ARG A 283 -32.35 22.44 -71.48
N ALA A 284 -31.64 21.61 -70.69
CA ALA A 284 -32.25 20.46 -70.02
C ALA A 284 -33.16 20.88 -68.87
N ALA A 285 -32.70 21.81 -68.01
CA ALA A 285 -33.48 22.27 -66.87
C ALA A 285 -34.68 23.11 -67.30
N GLN A 286 -34.54 23.88 -68.39
CA GLN A 286 -35.63 24.71 -68.93
C GLN A 286 -36.77 23.80 -69.43
N THR A 287 -36.42 22.71 -70.13
CA THR A 287 -37.41 21.75 -70.65
C THR A 287 -38.20 21.15 -69.48
N THR A 288 -37.49 20.74 -68.41
CA THR A 288 -38.11 20.16 -67.23
C THR A 288 -38.99 21.20 -66.52
N ALA A 289 -38.54 22.45 -66.43
CA ALA A 289 -39.30 23.52 -65.79
C ALA A 289 -40.58 23.90 -66.52
N GLY A 290 -40.54 23.97 -67.85
CA GLY A 290 -41.71 24.28 -68.64
C GLY A 290 -42.83 23.28 -68.45
N GLU A 291 -42.46 21.99 -68.29
CA GLU A 291 -43.41 20.92 -68.05
C GLU A 291 -43.90 20.94 -66.59
N LEU A 292 -43.00 21.20 -65.62
CA LEU A 292 -43.38 21.25 -64.20
C LEU A 292 -44.35 22.40 -63.94
N ALA A 293 -44.11 23.58 -64.52
CA ALA A 293 -44.97 24.75 -64.35
C ALA A 293 -46.42 24.49 -64.78
N GLU A 294 -46.63 23.66 -65.81
CA GLU A 294 -47.98 23.31 -66.26
C GLU A 294 -48.65 22.32 -65.30
N ARG A 295 -47.89 21.33 -64.76
CA ARG A 295 -48.44 20.35 -63.82
C ARG A 295 -48.78 21.03 -62.49
N LEU A 296 -47.91 21.93 -62.03
CA LEU A 296 -48.08 22.65 -60.77
C LEU A 296 -49.24 23.63 -60.85
N ASP A 297 -49.49 24.24 -62.02
CA ASP A 297 -50.62 25.16 -62.20
C ASP A 297 -51.95 24.39 -62.08
N ALA A 298 -51.99 23.14 -62.58
CA ALA A 298 -53.18 22.29 -62.50
C ALA A 298 -53.49 21.80 -61.08
N HIS A 299 -52.53 21.84 -60.13
CA HIS A 299 -52.78 21.36 -58.77
C HIS A 299 -53.72 22.31 -58.02
N PRO A 300 -54.71 21.82 -57.23
CA PRO A 300 -55.60 22.75 -56.51
C PRO A 300 -54.96 23.52 -55.37
N ALA A 301 -53.90 22.96 -54.76
CA ALA A 301 -53.20 23.63 -53.66
C ALA A 301 -52.50 24.91 -54.09
N ILE A 302 -52.11 25.02 -55.37
CA ILE A 302 -51.45 26.21 -55.89
C ILE A 302 -52.44 27.08 -56.65
N SER A 303 -52.54 28.35 -56.27
CA SER A 303 -53.44 29.30 -56.89
C SER A 303 -52.81 29.95 -58.15
N VAL A 304 -51.58 30.47 -58.03
CA VAL A 304 -50.87 31.18 -59.12
C VAL A 304 -49.52 30.54 -59.33
N VAL A 305 -49.12 30.32 -60.59
CA VAL A 305 -47.80 29.82 -60.94
C VAL A 305 -47.15 30.87 -61.82
N HIS A 306 -46.01 31.41 -61.39
CA HIS A 306 -45.25 32.40 -62.14
C HIS A 306 -44.19 31.68 -62.95
N TYR A 307 -44.31 31.68 -64.27
CA TYR A 307 -43.33 31.08 -65.18
C TYR A 307 -43.46 31.76 -66.55
N PRO A 308 -42.43 32.46 -67.10
CA PRO A 308 -42.62 33.15 -68.40
C PRO A 308 -43.15 32.29 -69.55
N GLY A 309 -42.69 31.05 -69.65
CA GLY A 309 -43.14 30.12 -70.67
C GLY A 309 -44.64 29.83 -70.64
N LEU A 310 -45.25 29.95 -69.45
CA LEU A 310 -46.70 29.74 -69.29
C LEU A 310 -47.47 30.83 -70.04
N LYS A 311 -48.63 30.45 -70.59
CA LYS A 311 -49.48 31.36 -71.36
C LYS A 311 -50.05 32.46 -70.48
N GLY A 312 -50.15 33.67 -71.01
CA GLY A 312 -50.66 34.81 -70.27
C GLY A 312 -49.59 35.53 -69.45
N GLN A 313 -48.51 34.82 -69.07
CA GLN A 313 -47.42 35.39 -68.28
C GLN A 313 -46.54 36.37 -69.05
N ASP A 314 -46.61 36.37 -70.39
CA ASP A 314 -45.79 37.25 -71.22
C ASP A 314 -46.68 38.18 -72.08
N PRO A 315 -47.27 39.27 -71.50
CA PRO A 315 -48.11 40.15 -72.32
C PRO A 315 -47.34 41.05 -73.29
N ARG A 316 -46.15 41.54 -72.88
CA ARG A 316 -45.33 42.42 -73.71
C ARG A 316 -44.50 41.69 -74.78
N GLY A 317 -44.65 40.37 -74.91
CA GLY A 317 -43.98 39.60 -75.95
C GLY A 317 -42.47 39.65 -75.86
N LEU A 318 -41.96 39.66 -74.64
CA LEU A 318 -40.52 39.70 -74.37
C LEU A 318 -39.86 38.34 -74.65
N LEU A 319 -40.64 37.24 -74.68
CA LEU A 319 -40.11 35.92 -75.01
C LEU A 319 -39.96 35.91 -76.54
N GLY A 320 -38.74 35.72 -77.01
CA GLY A 320 -38.39 35.74 -78.43
C GLY A 320 -37.61 37.00 -78.75
N ARG A 321 -38.16 38.15 -78.38
CA ARG A 321 -37.54 39.46 -78.59
C ARG A 321 -36.34 39.70 -77.65
N GLN A 322 -36.51 39.40 -76.36
CA GLN A 322 -35.52 39.61 -75.31
C GLN A 322 -34.97 38.29 -74.76
N MET A 323 -35.86 37.37 -74.37
CA MET A 323 -35.51 36.08 -73.80
C MET A 323 -35.72 34.96 -74.81
N SER A 324 -34.70 34.16 -75.12
CA SER A 324 -34.85 33.02 -76.02
C SER A 324 -35.30 31.75 -75.26
N GLY A 325 -36.08 31.90 -74.19
CA GLY A 325 -36.55 30.76 -73.41
C GLY A 325 -37.14 31.17 -72.08
N GLY A 326 -38.02 30.32 -71.55
CA GLY A 326 -38.73 30.55 -70.31
C GLY A 326 -37.93 30.48 -69.04
N GLY A 327 -36.77 29.82 -69.08
CA GLY A 327 -35.92 29.68 -67.90
C GLY A 327 -36.14 28.40 -67.13
N ALA A 328 -35.38 28.23 -66.03
CA ALA A 328 -35.46 27.06 -65.16
C ALA A 328 -35.83 27.41 -63.72
N MET A 329 -36.51 28.55 -63.51
CA MET A 329 -36.95 28.98 -62.20
C MET A 329 -38.47 29.08 -62.22
N ILE A 330 -39.13 28.62 -61.14
CA ILE A 330 -40.59 28.68 -61.05
C ILE A 330 -40.95 29.15 -59.65
N ALA A 331 -41.75 30.23 -59.55
CA ALA A 331 -42.27 30.73 -58.28
C ALA A 331 -43.78 30.49 -58.27
N MET A 332 -44.39 30.33 -57.10
CA MET A 332 -45.82 30.05 -57.01
C MET A 332 -46.43 30.48 -55.70
N GLU A 333 -47.71 30.87 -55.73
CA GLU A 333 -48.45 31.33 -54.55
C GLU A 333 -49.38 30.22 -54.11
N LEU A 334 -49.25 29.78 -52.86
CA LEU A 334 -50.11 28.73 -52.33
C LEU A 334 -51.45 29.32 -51.95
N ALA A 335 -52.52 28.54 -52.11
CA ALA A 335 -53.87 28.95 -51.77
C ALA A 335 -54.06 29.12 -50.26
N GLY A 336 -53.42 28.25 -49.47
CA GLY A 336 -53.50 28.30 -48.01
C GLY A 336 -52.59 29.29 -47.31
N GLY A 337 -51.93 30.16 -48.08
CA GLY A 337 -51.06 31.19 -47.51
C GLY A 337 -49.74 30.67 -46.98
N PHE A 338 -49.28 31.23 -45.85
CA PHE A 338 -48.01 30.86 -45.24
C PHE A 338 -47.98 29.40 -44.78
N ASP A 339 -49.04 28.92 -44.12
CA ASP A 339 -49.05 27.54 -43.61
C ASP A 339 -48.91 26.51 -44.72
N ALA A 340 -49.57 26.71 -45.87
CA ALA A 340 -49.46 25.80 -47.01
C ALA A 340 -48.07 25.88 -47.62
N ALA A 341 -47.51 27.09 -47.73
CA ALA A 341 -46.15 27.32 -48.26
C ALA A 341 -45.10 26.65 -47.36
N ARG A 342 -45.27 26.76 -46.03
CA ARG A 342 -44.38 26.17 -45.04
C ARG A 342 -44.43 24.64 -45.14
N SER A 343 -45.64 24.05 -45.17
CA SER A 343 -45.81 22.61 -45.27
C SER A 343 -45.27 22.05 -46.59
N PHE A 344 -45.41 22.79 -47.69
CA PHE A 344 -44.93 22.37 -49.01
C PHE A 344 -43.41 22.13 -49.02
N VAL A 345 -42.61 23.10 -48.52
CA VAL A 345 -41.14 22.93 -48.51
C VAL A 345 -40.68 21.92 -47.46
N GLU A 346 -41.40 21.81 -46.33
CA GLU A 346 -41.02 20.90 -45.25
C GLU A 346 -41.32 19.42 -45.59
N HIS A 347 -42.28 19.16 -46.51
CA HIS A 347 -42.60 17.79 -46.91
C HIS A 347 -41.87 17.34 -48.20
N CYS A 348 -40.94 18.15 -48.74
CA CYS A 348 -40.16 17.78 -49.91
C CYS A 348 -39.02 16.86 -49.43
N ASN A 349 -38.73 15.78 -50.18
CA ASN A 349 -37.67 14.83 -49.84
C ASN A 349 -36.56 14.87 -50.91
N LEU A 350 -36.89 14.59 -52.18
CA LEU A 350 -35.94 14.63 -53.29
C LEU A 350 -35.56 16.10 -53.54
N VAL A 351 -36.57 16.99 -53.59
CA VAL A 351 -36.34 18.43 -53.75
C VAL A 351 -35.88 18.90 -52.37
N VAL A 352 -34.74 19.59 -52.30
CA VAL A 352 -34.15 19.99 -51.04
C VAL A 352 -34.48 21.45 -50.64
N HIS A 353 -34.86 21.66 -49.37
CA HIS A 353 -35.15 22.98 -48.84
C HIS A 353 -33.83 23.70 -48.56
N ALA A 354 -33.41 24.57 -49.50
CA ALA A 354 -32.16 25.32 -49.40
C ALA A 354 -32.17 26.55 -50.33
N VAL A 355 -31.34 27.55 -50.01
CA VAL A 355 -31.18 28.75 -50.87
C VAL A 355 -30.23 28.41 -52.06
N SER A 356 -29.96 29.37 -52.99
CA SER A 356 -29.14 29.21 -54.19
C SER A 356 -29.96 28.59 -55.32
N LEU A 357 -29.48 28.76 -56.56
CA LEU A 357 -30.19 28.33 -57.75
C LEU A 357 -29.23 27.90 -58.87
N GLY A 358 -29.77 27.39 -59.98
CA GLY A 358 -28.98 26.99 -61.14
C GLY A 358 -28.10 25.78 -61.02
N GLY A 359 -28.25 25.02 -59.95
CA GLY A 359 -27.46 23.82 -59.71
C GLY A 359 -27.98 22.58 -60.41
N ALA A 360 -27.22 21.49 -60.32
CA ALA A 360 -27.61 20.22 -60.93
C ALA A 360 -28.85 19.59 -60.25
N ASP A 361 -29.12 19.95 -58.98
CA ASP A 361 -30.26 19.46 -58.21
C ASP A 361 -31.33 20.53 -58.01
N THR A 362 -32.58 20.08 -57.79
CA THR A 362 -33.73 20.95 -57.60
C THR A 362 -33.82 21.38 -56.16
N LEU A 363 -33.92 22.71 -55.94
CA LEU A 363 -34.01 23.30 -54.60
C LEU A 363 -35.30 24.12 -54.47
N ILE A 364 -35.76 24.27 -53.23
CA ILE A 364 -37.00 25.01 -52.93
C ILE A 364 -36.81 25.83 -51.64
N GLN A 365 -37.47 26.98 -51.53
CA GLN A 365 -37.33 27.84 -50.34
C GLN A 365 -38.45 28.89 -50.25
N HIS A 366 -38.68 29.41 -49.03
CA HIS A 366 -39.67 30.47 -48.78
C HIS A 366 -38.89 31.80 -48.83
N PRO A 367 -39.01 32.61 -49.90
CA PRO A 367 -38.20 33.84 -49.99
C PRO A 367 -38.33 34.83 -48.84
N ALA A 368 -39.55 35.09 -48.35
CA ALA A 368 -39.76 36.02 -47.26
C ALA A 368 -39.00 35.63 -45.97
N SER A 369 -38.75 34.32 -45.77
CA SER A 369 -38.04 33.80 -44.61
C SER A 369 -36.54 33.66 -44.81
N LEU A 370 -36.05 33.53 -46.06
CA LEU A 370 -34.63 33.33 -46.29
C LEU A 370 -33.98 34.38 -47.24
N THR A 371 -33.99 34.20 -48.59
CA THR A 371 -33.31 35.10 -49.51
C THR A 371 -33.70 36.58 -49.36
N HIS A 372 -35.00 36.84 -49.16
CA HIS A 372 -35.51 38.20 -49.02
C HIS A 372 -35.91 38.54 -47.58
N ARG A 373 -35.21 37.96 -46.59
CA ARG A 373 -35.45 38.26 -45.18
C ARG A 373 -34.91 39.67 -44.81
N PRO A 374 -33.73 40.14 -45.29
CA PRO A 374 -33.29 41.51 -44.93
C PRO A 374 -34.04 42.65 -45.64
N VAL A 375 -35.03 42.31 -46.48
CA VAL A 375 -35.81 43.31 -47.23
C VAL A 375 -36.83 43.95 -46.29
N ALA A 376 -37.15 45.24 -46.53
CA ALA A 376 -38.13 45.98 -45.72
C ALA A 376 -39.50 45.29 -45.80
N ALA A 377 -40.28 45.34 -44.71
CA ALA A 377 -41.59 44.70 -44.64
C ALA A 377 -42.52 45.05 -45.81
N THR A 378 -42.55 46.33 -46.20
CA THR A 378 -43.41 46.79 -47.30
C THR A 378 -42.99 46.19 -48.64
N ALA A 379 -41.68 45.99 -48.85
CA ALA A 379 -41.12 45.46 -50.08
C ALA A 379 -40.88 43.94 -50.08
N LYS A 380 -41.16 43.24 -48.96
CA LYS A 380 -40.91 41.81 -48.87
C LYS A 380 -41.86 41.02 -49.80
N PRO A 381 -41.47 39.84 -50.37
CA PRO A 381 -42.43 39.09 -51.20
C PRO A 381 -43.58 38.49 -50.39
N GLY A 382 -44.59 37.99 -51.09
CA GLY A 382 -45.77 37.39 -50.47
C GLY A 382 -45.44 36.24 -49.54
N ASP A 383 -46.22 36.12 -48.46
CA ASP A 383 -46.02 35.04 -47.47
C ASP A 383 -46.41 33.67 -48.03
N GLY A 384 -47.30 33.62 -49.00
CA GLY A 384 -47.69 32.36 -49.64
C GLY A 384 -46.82 31.98 -50.83
N LEU A 385 -45.83 32.83 -51.20
CA LEU A 385 -44.97 32.58 -52.36
C LEU A 385 -43.78 31.69 -52.02
N ILE A 386 -43.48 30.73 -52.91
CA ILE A 386 -42.36 29.81 -52.81
C ILE A 386 -41.57 29.87 -54.12
N ARG A 387 -40.24 29.87 -54.03
CA ARG A 387 -39.36 29.86 -55.20
C ARG A 387 -38.74 28.47 -55.34
N LEU A 388 -38.61 27.99 -56.61
CA LEU A 388 -38.07 26.68 -56.94
C LEU A 388 -37.06 26.79 -58.06
N SER A 389 -35.87 26.19 -57.89
CA SER A 389 -34.83 26.14 -58.92
C SER A 389 -34.86 24.74 -59.51
N VAL A 390 -35.18 24.61 -60.80
CA VAL A 390 -35.27 23.29 -61.45
C VAL A 390 -33.87 22.81 -61.87
N GLY A 391 -33.56 21.56 -61.55
CA GLY A 391 -32.27 20.93 -61.84
C GLY A 391 -32.30 20.02 -63.05
N LEU A 392 -31.39 19.02 -63.09
CA LEU A 392 -31.25 18.07 -64.20
C LEU A 392 -31.84 16.69 -63.88
N GLU A 393 -32.80 16.61 -62.96
CA GLU A 393 -33.43 15.33 -62.64
C GLU A 393 -34.60 15.07 -63.59
N HIS A 394 -35.09 13.81 -63.61
CA HIS A 394 -36.22 13.46 -64.47
C HIS A 394 -37.47 14.22 -64.02
N VAL A 395 -38.24 14.73 -64.99
CA VAL A 395 -39.46 15.49 -64.73
C VAL A 395 -40.47 14.72 -63.87
N ASP A 396 -40.65 13.41 -64.12
CA ASP A 396 -41.61 12.60 -63.38
C ASP A 396 -41.23 12.49 -61.90
N ASP A 397 -39.96 12.24 -61.60
CA ASP A 397 -39.51 12.12 -60.20
C ASP A 397 -39.65 13.43 -59.43
N LEU A 398 -39.46 14.58 -60.10
CA LEU A 398 -39.60 15.87 -59.44
C LEU A 398 -41.07 16.20 -59.21
N ALA A 399 -41.93 15.92 -60.22
CA ALA A 399 -43.36 16.18 -60.08
C ALA A 399 -43.96 15.27 -59.00
N ASP A 400 -43.57 13.99 -58.96
CA ASP A 400 -44.07 13.06 -57.94
C ASP A 400 -43.76 13.56 -56.52
N ASP A 401 -42.55 14.08 -56.30
CA ASP A 401 -42.14 14.58 -55.00
C ASP A 401 -42.85 15.89 -54.64
N LEU A 402 -42.98 16.82 -55.59
CA LEU A 402 -43.65 18.10 -55.33
C LEU A 402 -45.15 17.93 -55.11
N ILE A 403 -45.79 17.00 -55.83
CA ILE A 403 -47.22 16.73 -55.67
C ILE A 403 -47.45 16.10 -54.29
N ALA A 404 -46.62 15.12 -53.90
CA ALA A 404 -46.74 14.48 -52.59
C ALA A 404 -46.58 15.48 -51.45
N ALA A 405 -45.68 16.47 -51.61
CA ALA A 405 -45.46 17.52 -50.60
C ALA A 405 -46.69 18.42 -50.45
N LEU A 406 -47.37 18.74 -51.57
CA LEU A 406 -48.58 19.55 -51.55
C LEU A 406 -49.73 18.76 -50.92
N ASP A 407 -49.85 17.47 -51.25
CA ASP A 407 -50.88 16.59 -50.70
C ASP A 407 -50.69 16.28 -49.20
N ALA A 408 -49.49 16.53 -48.64
CA ALA A 408 -49.23 16.28 -47.22
C ALA A 408 -50.01 17.23 -46.31
N SER A 409 -50.27 18.47 -46.76
CA SER A 409 -51.02 19.45 -45.97
C SER A 409 -52.50 19.07 -45.84
N SER B 23 -3.04 26.76 -21.02
CA SER B 23 -2.01 25.94 -20.37
C SER B 23 -0.92 25.46 -21.37
N LEU B 24 -1.22 25.44 -22.69
CA LEU B 24 -0.26 24.98 -23.69
C LEU B 24 0.59 26.12 -24.22
N HIS B 25 1.80 25.80 -24.69
CA HIS B 25 2.74 26.78 -25.26
C HIS B 25 2.27 27.24 -26.66
N PRO B 26 2.71 28.44 -27.18
CA PRO B 26 2.25 28.84 -28.52
C PRO B 26 2.70 27.92 -29.65
N GLU B 27 3.82 27.20 -29.49
CA GLU B 27 4.32 26.27 -30.52
C GLU B 27 3.36 25.08 -30.67
N THR B 28 2.78 24.62 -29.55
CA THR B 28 1.81 23.52 -29.54
C THR B 28 0.47 24.01 -30.13
N LEU B 29 0.04 25.23 -29.76
CA LEU B 29 -1.21 25.82 -30.22
C LEU B 29 -1.23 26.15 -31.71
N MET B 30 -0.07 26.34 -32.35
CA MET B 30 0.00 26.58 -33.78
C MET B 30 -0.32 25.28 -34.55
N VAL B 31 0.11 24.13 -34.02
CA VAL B 31 -0.12 22.82 -34.64
C VAL B 31 -1.60 22.38 -34.44
N HIS B 32 -2.09 22.41 -33.19
CA HIS B 32 -3.43 21.93 -32.84
C HIS B 32 -4.56 22.98 -32.80
N GLY B 33 -4.26 24.24 -33.10
CA GLY B 33 -5.28 25.29 -33.10
C GLY B 33 -6.27 25.11 -34.23
N GLY B 34 -7.55 25.25 -33.93
CA GLY B 34 -8.62 25.08 -34.90
C GLY B 34 -8.84 23.64 -35.36
N MET B 35 -8.22 22.66 -34.69
CA MET B 35 -8.35 21.23 -35.02
C MET B 35 -9.25 20.54 -33.98
N LYS B 36 -10.25 21.24 -33.44
CA LYS B 36 -11.11 20.72 -32.39
C LYS B 36 -12.17 19.80 -32.98
N GLY B 37 -12.33 18.61 -32.40
CA GLY B 37 -13.32 17.65 -32.86
C GLY B 37 -12.91 16.78 -34.04
N LEU B 38 -11.76 17.07 -34.69
CA LEU B 38 -11.31 16.27 -35.83
C LEU B 38 -10.85 14.89 -35.37
N THR B 39 -10.02 14.82 -34.33
CA THR B 39 -9.55 13.54 -33.79
C THR B 39 -10.72 12.69 -33.29
N GLU B 40 -11.71 13.35 -32.68
CA GLU B 40 -12.91 12.70 -32.15
C GLU B 40 -13.81 12.16 -33.29
N ALA B 41 -13.75 12.77 -34.49
CA ALA B 41 -14.49 12.32 -35.68
C ALA B 41 -13.72 11.30 -36.57
N GLY B 42 -12.51 10.91 -36.17
CA GLY B 42 -11.71 9.95 -36.91
C GLY B 42 -11.05 10.49 -38.17
N VAL B 43 -10.67 11.78 -38.18
CA VAL B 43 -9.99 12.44 -39.31
C VAL B 43 -8.76 13.21 -38.81
N HIS B 44 -7.78 13.45 -39.70
CA HIS B 44 -6.51 14.10 -39.35
C HIS B 44 -6.49 15.63 -39.59
N VAL B 45 -6.91 16.07 -40.80
CA VAL B 45 -6.90 17.48 -41.19
C VAL B 45 -8.34 17.98 -41.48
N PRO B 46 -8.66 19.29 -41.37
CA PRO B 46 -10.04 19.72 -41.66
C PRO B 46 -10.41 19.53 -43.13
N ALA B 47 -11.64 19.11 -43.39
CA ALA B 47 -12.10 18.88 -44.76
C ALA B 47 -12.35 20.19 -45.49
N ILE B 48 -12.28 20.15 -46.83
CA ILE B 48 -12.53 21.31 -47.68
C ILE B 48 -13.94 21.15 -48.25
N ASP B 49 -14.92 21.83 -47.65
CA ASP B 49 -16.31 21.76 -48.09
C ASP B 49 -16.55 22.92 -49.05
N LEU B 50 -16.69 22.60 -50.35
CA LEU B 50 -16.91 23.63 -51.37
C LEU B 50 -18.38 24.09 -51.48
N SER B 51 -19.32 23.46 -50.74
CA SER B 51 -20.75 23.78 -50.78
C SER B 51 -21.04 25.28 -50.69
N THR B 52 -21.73 25.81 -51.70
CA THR B 52 -22.14 27.22 -51.71
C THR B 52 -23.36 27.38 -50.81
N THR B 53 -24.30 26.43 -50.88
CA THR B 53 -25.51 26.41 -50.06
C THR B 53 -25.42 25.30 -49.00
N ASN B 54 -26.22 25.44 -47.94
CA ASN B 54 -26.28 24.49 -46.84
C ASN B 54 -27.76 24.25 -46.51
N PRO B 55 -28.34 23.05 -46.78
CA PRO B 55 -29.77 22.85 -46.51
C PRO B 55 -30.24 23.09 -45.07
N VAL B 56 -31.52 23.45 -44.93
CA VAL B 56 -32.13 23.76 -43.62
C VAL B 56 -33.18 22.70 -43.26
N ASN B 57 -33.36 22.44 -41.96
CA ASN B 57 -34.30 21.42 -41.49
C ASN B 57 -35.74 21.87 -41.71
N ASP B 58 -36.04 23.14 -41.40
CA ASP B 58 -37.39 23.69 -41.59
C ASP B 58 -37.31 25.23 -41.80
N VAL B 59 -38.46 25.87 -42.08
CA VAL B 59 -38.53 27.31 -42.36
C VAL B 59 -38.15 28.11 -41.10
N ALA B 60 -38.64 27.69 -39.92
CA ALA B 60 -38.36 28.40 -38.68
C ALA B 60 -36.88 28.37 -38.27
N THR B 61 -36.24 27.18 -38.23
CA THR B 61 -34.83 27.09 -37.83
C THR B 61 -33.91 27.68 -38.88
N GLY B 62 -34.23 27.47 -40.16
CA GLY B 62 -33.46 28.02 -41.26
C GLY B 62 -33.47 29.53 -41.27
N GLY B 63 -34.66 30.11 -41.08
CA GLY B 63 -34.84 31.55 -41.03
C GLY B 63 -34.15 32.18 -39.84
N ASP B 64 -34.25 31.55 -38.66
CA ASP B 64 -33.59 32.05 -37.45
C ASP B 64 -32.07 31.96 -37.60
N SER B 65 -31.55 30.88 -38.22
CA SER B 65 -30.10 30.75 -38.45
C SER B 65 -29.64 31.82 -39.44
N TYR B 66 -30.44 32.11 -40.50
CA TYR B 66 -30.14 33.15 -41.47
C TYR B 66 -30.01 34.50 -40.75
N GLU B 67 -31.01 34.87 -39.92
CA GLU B 67 -30.99 36.14 -39.19
C GLU B 67 -29.82 36.23 -38.23
N TRP B 68 -29.56 35.16 -37.46
CA TRP B 68 -28.45 35.13 -36.50
C TRP B 68 -27.11 35.39 -37.20
N LEU B 69 -26.87 34.76 -38.37
CA LEU B 69 -25.61 34.94 -39.11
C LEU B 69 -25.52 36.27 -39.86
N ALA B 70 -26.62 36.69 -40.51
CA ALA B 70 -26.65 37.96 -41.25
C ALA B 70 -26.43 39.14 -40.31
N THR B 71 -26.89 39.04 -39.04
CA THR B 71 -26.67 40.09 -38.03
C THR B 71 -25.27 39.98 -37.37
N GLY B 72 -24.34 39.24 -37.97
CA GLY B 72 -22.96 39.10 -37.52
C GLY B 72 -22.65 38.13 -36.41
N HIS B 73 -23.53 37.16 -36.11
CA HIS B 73 -23.28 36.21 -35.02
C HIS B 73 -22.61 34.93 -35.49
N THR B 74 -21.92 34.26 -34.54
CA THR B 74 -21.23 32.99 -34.77
C THR B 74 -22.25 31.87 -34.95
N LEU B 75 -21.96 30.90 -35.85
CA LEU B 75 -22.86 29.79 -36.08
C LEU B 75 -23.01 28.95 -34.81
N LYS B 76 -24.26 28.65 -34.43
CA LYS B 76 -24.51 27.83 -33.25
C LYS B 76 -24.18 26.38 -33.55
N ASP B 77 -23.75 25.62 -32.53
CA ASP B 77 -23.42 24.21 -32.73
C ASP B 77 -24.73 23.45 -33.00
N GLY B 78 -24.76 22.70 -34.10
CA GLY B 78 -25.95 21.97 -34.51
C GLY B 78 -26.95 22.88 -35.20
N ASP B 79 -26.47 23.76 -36.10
CA ASP B 79 -27.28 24.71 -36.86
C ASP B 79 -26.74 24.76 -38.29
N SER B 80 -27.63 24.97 -39.26
CA SER B 80 -27.22 25.04 -40.67
C SER B 80 -26.51 26.34 -40.97
N ALA B 81 -25.43 26.27 -41.76
CA ALA B 81 -24.72 27.47 -42.20
C ALA B 81 -25.54 28.31 -43.20
N VAL B 82 -26.63 27.73 -43.80
CA VAL B 82 -27.59 28.33 -44.74
C VAL B 82 -26.95 28.66 -46.10
N TYR B 83 -25.91 29.50 -46.11
CA TYR B 83 -25.21 29.93 -47.32
C TYR B 83 -23.78 30.31 -46.97
N GLN B 84 -22.86 30.17 -47.95
CA GLN B 84 -21.44 30.44 -47.73
C GLN B 84 -21.14 31.90 -47.39
N ARG B 85 -21.91 32.85 -47.92
CA ARG B 85 -21.71 34.26 -47.59
C ARG B 85 -22.09 34.59 -46.13
N LEU B 86 -22.88 33.71 -45.46
CA LEU B 86 -23.26 33.84 -44.06
C LEU B 86 -22.26 33.07 -43.17
N TRP B 87 -21.87 31.83 -43.55
CA TRP B 87 -20.90 31.05 -42.78
C TRP B 87 -20.24 29.94 -43.61
N GLN B 88 -18.92 29.72 -43.39
CA GLN B 88 -18.15 28.65 -44.03
C GLN B 88 -17.37 27.91 -42.91
N PRO B 89 -17.47 26.56 -42.77
CA PRO B 89 -16.78 25.90 -41.65
C PRO B 89 -15.25 25.87 -41.66
N GLY B 90 -14.65 25.79 -42.85
CA GLY B 90 -13.20 25.77 -43.01
C GLY B 90 -12.60 27.11 -42.67
N VAL B 91 -13.30 28.20 -43.05
CA VAL B 91 -12.89 29.58 -42.74
C VAL B 91 -12.98 29.75 -41.22
N ALA B 92 -14.10 29.30 -40.61
CA ALA B 92 -14.32 29.36 -39.17
C ALA B 92 -13.22 28.68 -38.35
N ARG B 93 -12.68 27.52 -38.82
CA ARG B 93 -11.58 26.85 -38.11
C ARG B 93 -10.31 27.69 -38.15
N PHE B 94 -10.01 28.30 -39.31
CA PHE B 94 -8.85 29.20 -39.45
C PHE B 94 -9.02 30.42 -38.53
N GLU B 95 -10.24 30.94 -38.45
CA GLU B 95 -10.58 32.09 -37.61
C GLU B 95 -10.30 31.77 -36.12
N THR B 96 -10.80 30.63 -35.61
CA THR B 96 -10.57 30.26 -34.22
C THR B 96 -9.10 29.93 -33.95
N ALA B 97 -8.37 29.41 -34.96
CA ALA B 97 -6.95 29.09 -34.79
C ALA B 97 -6.13 30.36 -34.55
N LEU B 98 -6.31 31.42 -35.38
CA LEU B 98 -5.57 32.66 -35.22
C LEU B 98 -6.01 33.43 -33.98
N ALA B 99 -7.33 33.45 -33.68
CA ALA B 99 -7.83 34.15 -32.49
C ALA B 99 -7.17 33.63 -31.22
N GLY B 100 -6.93 32.32 -31.15
CA GLY B 100 -6.25 31.71 -30.02
C GLY B 100 -4.78 32.10 -29.93
N LEU B 101 -4.12 32.31 -31.08
CA LEU B 101 -2.71 32.70 -31.13
C LEU B 101 -2.55 34.16 -30.71
N GLU B 102 -3.44 35.03 -31.18
CA GLU B 102 -3.41 36.44 -30.80
C GLU B 102 -4.04 36.71 -29.40
N HIS B 103 -4.75 35.71 -28.82
CA HIS B 103 -5.46 35.78 -27.55
C HIS B 103 -6.64 36.75 -27.60
N ALA B 104 -7.34 36.73 -28.75
CA ALA B 104 -8.55 37.52 -29.01
C ALA B 104 -9.80 36.63 -28.81
N GLU B 105 -10.97 37.24 -28.63
CA GLU B 105 -12.20 36.47 -28.41
C GLU B 105 -12.61 35.73 -29.68
N GLU B 106 -12.63 36.45 -30.81
CA GLU B 106 -13.04 35.93 -32.12
C GLU B 106 -12.13 36.50 -33.24
N ALA B 107 -12.31 36.02 -34.48
CA ALA B 107 -11.59 36.51 -35.66
C ALA B 107 -12.47 36.39 -36.90
N VAL B 108 -12.31 37.32 -37.85
CA VAL B 108 -13.10 37.35 -39.09
C VAL B 108 -12.13 37.36 -40.28
N ALA B 109 -12.28 36.39 -41.19
CA ALA B 109 -11.42 36.23 -42.35
C ALA B 109 -12.09 36.66 -43.66
N PHE B 110 -11.29 37.24 -44.56
CA PHE B 110 -11.70 37.78 -45.87
C PHE B 110 -10.73 37.32 -46.98
N ALA B 111 -11.09 37.60 -48.25
CA ALA B 111 -10.29 37.21 -49.42
C ALA B 111 -8.84 37.71 -49.38
N THR B 112 -8.61 38.97 -48.96
CA THR B 112 -7.30 39.61 -48.90
C THR B 112 -7.17 40.50 -47.64
N GLY B 113 -5.95 40.94 -47.32
CA GLY B 113 -5.70 41.88 -46.23
C GLY B 113 -6.39 43.21 -46.45
N MET B 114 -6.53 43.63 -47.74
CA MET B 114 -7.25 44.84 -48.09
C MET B 114 -8.76 44.71 -47.90
N ALA B 115 -9.32 43.51 -48.12
CA ALA B 115 -10.74 43.27 -47.87
C ALA B 115 -11.06 43.37 -46.38
N ALA B 116 -10.13 42.91 -45.53
CA ALA B 116 -10.31 43.01 -44.08
C ALA B 116 -10.26 44.47 -43.65
N MET B 117 -9.29 45.25 -44.19
CA MET B 117 -9.18 46.69 -43.93
C MET B 117 -10.48 47.40 -44.37
N THR B 118 -10.97 47.06 -45.58
CA THR B 118 -12.19 47.61 -46.15
C THR B 118 -13.38 47.37 -45.22
N ALA B 119 -13.52 46.14 -44.72
CA ALA B 119 -14.60 45.79 -43.81
C ALA B 119 -14.54 46.56 -42.50
N ALA B 120 -13.34 46.71 -41.91
CA ALA B 120 -13.18 47.44 -40.66
C ALA B 120 -13.52 48.90 -40.84
N LEU B 121 -13.12 49.49 -41.97
CA LEU B 121 -13.41 50.88 -42.26
C LEU B 121 -14.92 51.06 -42.49
N LEU B 122 -15.56 50.17 -43.26
CA LEU B 122 -17.00 50.24 -43.50
C LEU B 122 -17.78 50.04 -42.20
N ALA B 123 -17.28 49.21 -41.27
CA ALA B 123 -17.90 48.99 -39.97
C ALA B 123 -17.88 50.27 -39.14
N ALA B 124 -16.79 51.02 -39.20
CA ALA B 124 -16.66 52.29 -38.50
C ALA B 124 -17.56 53.36 -39.13
N VAL B 125 -17.63 53.42 -40.47
CA VAL B 125 -18.47 54.40 -41.17
C VAL B 125 -19.94 54.11 -40.85
N SER B 126 -20.33 52.83 -40.92
CA SER B 126 -21.71 52.40 -40.64
C SER B 126 -22.12 52.76 -39.21
N ALA B 127 -21.19 52.66 -38.23
CA ALA B 127 -21.46 53.01 -36.83
C ALA B 127 -21.64 54.53 -36.58
N GLY B 128 -21.31 55.37 -37.56
CA GLY B 128 -21.40 56.81 -37.44
C GLY B 128 -20.10 57.46 -36.99
N THR B 129 -18.95 56.77 -37.20
CA THR B 129 -17.62 57.25 -36.84
C THR B 129 -16.71 57.11 -38.07
N PRO B 130 -16.89 57.93 -39.13
CA PRO B 130 -16.06 57.76 -40.34
C PRO B 130 -14.62 58.27 -40.24
N HIS B 131 -14.30 59.11 -39.25
CA HIS B 131 -12.96 59.66 -39.12
C HIS B 131 -11.98 58.63 -38.57
N ILE B 132 -10.76 58.62 -39.12
CA ILE B 132 -9.69 57.70 -38.76
C ILE B 132 -8.43 58.52 -38.43
N VAL B 133 -7.70 58.12 -37.37
CA VAL B 133 -6.43 58.73 -36.98
C VAL B 133 -5.39 57.65 -37.30
N ALA B 134 -4.62 57.83 -38.38
CA ALA B 134 -3.65 56.82 -38.81
C ALA B 134 -2.22 57.34 -38.68
N VAL B 135 -1.28 56.45 -38.33
CA VAL B 135 0.14 56.80 -38.16
C VAL B 135 0.95 56.15 -39.27
N ARG B 136 1.70 56.96 -40.04
CA ARG B 136 2.55 56.47 -41.12
C ARG B 136 3.96 56.08 -40.60
N PRO B 137 4.72 55.19 -41.28
CA PRO B 137 4.41 54.47 -42.53
C PRO B 137 3.42 53.30 -42.37
N LEU B 138 2.63 53.07 -43.42
CA LEU B 138 1.70 51.94 -43.53
C LEU B 138 1.88 51.37 -44.92
N TYR B 139 1.40 50.15 -45.17
CA TYR B 139 1.47 49.56 -46.51
C TYR B 139 0.74 50.49 -47.53
N GLY B 140 1.31 50.63 -48.72
CA GLY B 140 0.78 51.46 -49.79
C GLY B 140 -0.73 51.41 -50.02
N GLY B 141 -1.30 50.21 -49.96
CA GLY B 141 -2.73 50.00 -50.13
C GLY B 141 -3.53 50.56 -48.97
N SER B 142 -3.14 50.26 -47.72
CA SER B 142 -3.80 50.79 -46.53
C SER B 142 -3.74 52.32 -46.55
N ASP B 143 -2.55 52.86 -46.88
CA ASP B 143 -2.27 54.29 -46.98
C ASP B 143 -3.20 54.96 -48.03
N HIS B 144 -3.21 54.43 -49.27
CA HIS B 144 -4.00 54.96 -50.39
C HIS B 144 -5.51 54.87 -50.15
N LEU B 145 -5.99 53.76 -49.57
CA LEU B 145 -7.42 53.58 -49.28
C LEU B 145 -7.92 54.64 -48.30
N LEU B 146 -7.08 55.04 -47.32
CA LEU B 146 -7.44 56.07 -46.37
C LEU B 146 -7.38 57.45 -47.03
N GLU B 147 -6.28 57.74 -47.79
CA GLU B 147 -6.09 59.02 -48.50
C GLU B 147 -7.26 59.34 -49.45
N THR B 148 -7.66 58.36 -50.28
CA THR B 148 -8.75 58.55 -51.25
C THR B 148 -10.11 58.72 -50.57
N GLY B 149 -10.31 58.03 -49.44
CA GLY B 149 -11.59 58.08 -48.74
C GLY B 149 -12.70 57.44 -49.55
N LEU B 150 -12.37 56.34 -50.26
CA LEU B 150 -13.31 55.62 -51.11
C LEU B 150 -14.53 55.12 -50.35
N LEU B 151 -14.33 54.63 -49.13
CA LEU B 151 -15.40 54.06 -48.31
C LEU B 151 -16.09 55.07 -47.39
N GLY B 152 -16.02 56.35 -47.72
CA GLY B 152 -16.63 57.41 -46.91
C GLY B 152 -15.88 57.71 -45.62
N THR B 153 -14.57 57.37 -45.56
CA THR B 153 -13.70 57.55 -44.37
C THR B 153 -12.81 58.79 -44.46
N THR B 154 -12.98 59.74 -43.52
CA THR B 154 -12.10 60.91 -43.39
C THR B 154 -10.83 60.43 -42.65
N VAL B 155 -9.68 61.08 -42.87
CA VAL B 155 -8.44 60.67 -42.20
C VAL B 155 -7.63 61.89 -41.74
N THR B 156 -6.85 61.67 -40.67
CA THR B 156 -5.96 62.65 -40.09
C THR B 156 -4.64 61.92 -39.84
N TRP B 157 -3.63 62.22 -40.68
CA TRP B 157 -2.31 61.60 -40.54
C TRP B 157 -1.61 62.25 -39.37
N ALA B 158 -1.33 61.45 -38.32
CA ALA B 158 -0.72 61.95 -37.10
C ALA B 158 0.53 61.16 -36.72
N LYS B 159 1.46 61.83 -36.04
CA LYS B 159 2.66 61.18 -35.53
C LYS B 159 2.28 60.41 -34.26
N GLU B 160 3.10 59.45 -33.86
CA GLU B 160 2.85 58.62 -32.68
C GLU B 160 2.55 59.44 -31.40
N ALA B 161 3.31 60.50 -31.15
CA ALA B 161 3.11 61.35 -29.97
C ALA B 161 1.85 62.23 -30.07
N ASP B 162 1.43 62.63 -31.28
CA ASP B 162 0.26 63.50 -31.49
C ASP B 162 -1.04 62.74 -31.80
N ILE B 163 -1.23 61.54 -31.24
CA ILE B 163 -2.46 60.77 -31.50
C ILE B 163 -3.64 61.38 -30.73
N ALA B 164 -3.48 61.61 -29.42
CA ALA B 164 -4.53 62.16 -28.56
C ALA B 164 -5.14 63.46 -29.11
N SER B 165 -4.30 64.38 -29.62
CA SER B 165 -4.75 65.65 -30.18
C SER B 165 -5.49 65.48 -31.50
N ALA B 166 -5.07 64.54 -32.35
CA ALA B 166 -5.69 64.28 -33.64
C ALA B 166 -7.10 63.65 -33.54
N ILE B 167 -7.45 63.08 -32.38
CA ILE B 167 -8.75 62.42 -32.21
C ILE B 167 -9.89 63.45 -32.10
N GLN B 168 -10.97 63.20 -32.86
CA GLN B 168 -12.18 64.00 -32.92
C GLN B 168 -13.35 63.18 -32.35
N ASP B 169 -14.50 63.83 -32.11
CA ASP B 169 -15.71 63.10 -31.68
C ASP B 169 -16.17 62.10 -32.76
N ASP B 170 -15.77 62.33 -34.03
CA ASP B 170 -16.11 61.54 -35.20
C ASP B 170 -15.17 60.33 -35.40
N THR B 171 -14.09 60.17 -34.57
CA THR B 171 -13.13 59.09 -34.80
C THR B 171 -13.63 57.71 -34.38
N GLY B 172 -13.51 56.75 -35.29
CA GLY B 172 -13.92 55.38 -35.08
C GLY B 172 -12.76 54.41 -34.83
N LEU B 173 -11.57 54.69 -35.38
CA LEU B 173 -10.39 53.82 -35.24
C LEU B 173 -9.06 54.59 -35.23
N VAL B 174 -8.04 53.99 -34.60
CA VAL B 174 -6.66 54.48 -34.60
C VAL B 174 -5.85 53.39 -35.30
N ILE B 175 -5.43 53.62 -36.55
CA ILE B 175 -4.70 52.59 -37.31
C ILE B 175 -3.19 52.79 -37.19
N VAL B 176 -2.49 51.76 -36.68
CA VAL B 176 -1.03 51.75 -36.52
C VAL B 176 -0.44 50.43 -37.06
N GLU B 177 0.87 50.42 -37.34
CA GLU B 177 1.56 49.24 -37.85
C GLU B 177 3.00 49.25 -37.35
N THR B 178 3.47 48.15 -36.74
CA THR B 178 4.83 48.05 -36.20
C THR B 178 5.38 46.60 -36.27
N PRO B 179 6.55 46.34 -36.91
CA PRO B 179 7.39 47.26 -37.70
C PRO B 179 6.65 47.73 -38.95
N ALA B 180 6.76 49.02 -39.29
CA ALA B 180 6.07 49.61 -40.43
C ALA B 180 6.55 49.08 -41.76
N ASN B 181 5.68 49.04 -42.76
CA ASN B 181 6.03 48.61 -44.10
C ASN B 181 6.35 49.90 -44.90
N PRO B 182 7.56 50.13 -45.47
CA PRO B 182 8.74 49.25 -45.59
C PRO B 182 9.92 49.47 -44.63
N SER B 183 10.10 50.69 -44.10
CA SER B 183 11.24 51.09 -43.28
C SER B 183 11.37 50.46 -41.86
N LEU B 184 10.42 49.59 -41.44
CA LEU B 184 10.43 48.92 -40.13
C LEU B 184 10.41 49.87 -38.93
N ASP B 185 9.67 50.99 -39.05
CA ASP B 185 9.55 51.95 -37.96
C ASP B 185 8.75 51.31 -36.85
N LEU B 186 9.25 51.42 -35.60
CA LEU B 186 8.57 50.85 -34.45
C LEU B 186 7.65 51.86 -33.79
N VAL B 187 6.55 51.36 -33.21
CA VAL B 187 5.54 52.15 -32.55
C VAL B 187 5.31 51.51 -31.17
N ASP B 188 5.26 52.31 -30.09
CA ASP B 188 5.00 51.79 -28.75
C ASP B 188 3.50 51.62 -28.64
N LEU B 189 3.04 50.35 -28.56
CA LEU B 189 1.61 50.07 -28.50
C LEU B 189 0.98 50.45 -27.17
N ASP B 190 1.72 50.38 -26.06
CA ASP B 190 1.19 50.78 -24.76
C ASP B 190 0.88 52.28 -24.75
N SER B 191 1.75 53.09 -25.35
CA SER B 191 1.57 54.54 -25.44
C SER B 191 0.43 54.91 -26.38
N VAL B 192 0.28 54.20 -27.51
CA VAL B 192 -0.77 54.46 -28.49
C VAL B 192 -2.14 54.18 -27.86
N VAL B 193 -2.28 53.05 -27.16
CA VAL B 193 -3.54 52.69 -26.50
C VAL B 193 -3.89 53.74 -25.43
N SER B 194 -2.89 54.18 -24.65
CA SER B 194 -3.10 55.21 -23.65
C SER B 194 -3.58 56.52 -24.28
N ALA B 195 -2.97 56.94 -25.40
CA ALA B 195 -3.35 58.17 -26.10
C ALA B 195 -4.73 58.08 -26.78
N ALA B 196 -5.12 56.89 -27.25
CA ALA B 196 -6.42 56.69 -27.91
C ALA B 196 -7.58 56.79 -26.93
N GLY B 197 -7.43 56.20 -25.75
CA GLY B 197 -8.45 56.23 -24.73
C GLY B 197 -9.66 55.39 -25.11
N ASN B 198 -10.81 56.03 -25.30
CA ASN B 198 -12.05 55.35 -25.65
C ASN B 198 -12.09 54.87 -27.12
N VAL B 199 -11.19 55.39 -27.98
CA VAL B 199 -11.21 55.02 -29.39
C VAL B 199 -10.52 53.65 -29.56
N PRO B 200 -11.11 52.66 -30.27
CA PRO B 200 -10.42 51.38 -30.45
C PRO B 200 -9.19 51.51 -31.34
N VAL B 201 -8.13 50.72 -31.07
CA VAL B 201 -6.90 50.75 -31.85
C VAL B 201 -6.80 49.51 -32.71
N LEU B 202 -6.58 49.70 -34.03
CA LEU B 202 -6.33 48.60 -34.96
C LEU B 202 -4.82 48.58 -35.19
N VAL B 203 -4.19 47.43 -34.93
CA VAL B 203 -2.76 47.22 -35.12
C VAL B 203 -2.58 46.19 -36.23
N ASP B 204 -1.82 46.55 -37.28
CA ASP B 204 -1.54 45.64 -38.39
C ASP B 204 -0.28 44.85 -38.01
N ASN B 205 -0.48 43.63 -37.50
CA ASN B 205 0.57 42.74 -37.02
C ASN B 205 1.04 41.71 -38.09
N THR B 206 1.05 42.11 -39.37
CA THR B 206 1.47 41.21 -40.45
C THR B 206 2.96 40.84 -40.34
N PHE B 207 3.83 41.85 -40.20
CA PHE B 207 5.28 41.67 -40.15
C PHE B 207 5.77 40.86 -38.94
N CYS B 208 5.24 41.14 -37.75
CA CYS B 208 5.67 40.44 -36.54
C CYS B 208 5.03 39.07 -36.37
N THR B 209 3.74 38.92 -36.73
CA THR B 209 2.97 37.67 -36.60
C THR B 209 2.68 37.38 -35.09
N PRO B 210 1.70 36.51 -34.74
CA PRO B 210 1.49 36.21 -33.30
C PRO B 210 2.68 35.53 -32.60
N VAL B 211 3.72 35.13 -33.34
CA VAL B 211 4.90 34.49 -32.79
C VAL B 211 5.73 35.54 -32.03
N LEU B 212 5.90 36.73 -32.63
CA LEU B 212 6.72 37.81 -32.08
C LEU B 212 5.98 38.92 -31.32
N GLN B 213 4.77 39.31 -31.75
CA GLN B 213 4.05 40.39 -31.09
C GLN B 213 2.59 40.03 -30.85
N GLN B 214 2.04 40.46 -29.70
CA GLN B 214 0.66 40.19 -29.30
C GLN B 214 -0.01 41.54 -28.98
N PRO B 215 -0.49 42.31 -29.99
CA PRO B 215 -1.10 43.62 -29.69
C PRO B 215 -2.30 43.60 -28.75
N ILE B 216 -3.07 42.48 -28.71
CA ILE B 216 -4.24 42.35 -27.83
C ILE B 216 -3.83 42.56 -26.35
N SER B 217 -2.66 42.01 -25.95
CA SER B 217 -2.14 42.15 -24.59
C SER B 217 -1.85 43.62 -24.22
N HIS B 218 -1.42 44.44 -25.20
CA HIS B 218 -1.17 45.87 -24.99
C HIS B 218 -2.46 46.72 -24.94
N GLY B 219 -3.61 46.14 -25.29
CA GLY B 219 -4.90 46.79 -25.25
C GLY B 219 -5.49 47.16 -26.58
N ALA B 220 -4.98 46.58 -27.68
CA ALA B 220 -5.54 46.84 -29.00
C ALA B 220 -6.88 46.11 -29.11
N ALA B 221 -7.90 46.76 -29.69
CA ALA B 221 -9.21 46.14 -29.86
C ALA B 221 -9.23 45.17 -31.04
N LEU B 222 -8.61 45.57 -32.17
CA LEU B 222 -8.55 44.71 -33.35
C LEU B 222 -7.13 44.59 -33.89
N VAL B 223 -6.78 43.39 -34.40
CA VAL B 223 -5.46 43.08 -34.92
C VAL B 223 -5.57 42.51 -36.34
N LEU B 224 -5.14 43.28 -37.35
CA LEU B 224 -5.19 42.89 -38.75
C LEU B 224 -3.93 42.14 -39.17
N HIS B 225 -4.08 41.16 -40.06
CA HIS B 225 -2.99 40.42 -40.67
C HIS B 225 -3.31 40.27 -42.16
N SER B 226 -2.27 40.33 -42.99
CA SER B 226 -2.39 40.03 -44.40
C SER B 226 -1.93 38.59 -44.41
N ALA B 227 -2.88 37.66 -44.22
CA ALA B 227 -2.56 36.23 -44.13
C ALA B 227 -1.78 35.69 -45.33
N THR B 228 -1.85 36.40 -46.47
CA THR B 228 -1.06 36.14 -47.69
C THR B 228 0.43 35.97 -47.35
N GLN B 229 0.91 36.78 -46.38
CA GLN B 229 2.30 36.80 -45.94
C GLN B 229 2.40 36.14 -44.57
N TYR B 230 3.40 35.25 -44.41
CA TYR B 230 3.75 34.56 -43.16
C TYR B 230 2.72 33.52 -42.70
N LEU B 231 1.44 33.89 -42.55
CA LEU B 231 0.43 32.93 -42.10
C LEU B 231 0.29 31.80 -43.13
N GLY B 232 0.26 32.15 -44.41
CA GLY B 232 0.26 31.18 -45.50
C GLY B 232 1.66 30.60 -45.62
N GLY B 233 2.63 31.50 -45.76
CA GLY B 233 4.05 31.17 -45.78
C GLY B 233 4.64 30.55 -47.03
N HIS B 234 3.81 30.14 -48.00
CA HIS B 234 4.32 29.52 -49.23
C HIS B 234 3.95 30.29 -50.51
N GLY B 235 3.49 31.54 -50.38
CA GLY B 235 3.14 32.39 -51.51
C GLY B 235 2.11 31.81 -52.46
N ASP B 236 1.10 31.13 -51.91
CA ASP B 236 0.06 30.48 -52.72
C ASP B 236 -1.34 30.56 -52.12
N ALA B 237 -1.58 31.48 -51.18
CA ALA B 237 -2.89 31.64 -50.58
C ALA B 237 -3.10 33.09 -50.15
N MET B 238 -3.96 33.80 -50.86
CA MET B 238 -4.30 35.17 -50.48
C MET B 238 -5.24 35.10 -49.28
N GLY B 239 -5.17 36.08 -48.40
CA GLY B 239 -6.03 36.12 -47.23
C GLY B 239 -5.86 37.33 -46.36
N GLY B 240 -6.87 37.59 -45.56
CA GLY B 240 -6.91 38.72 -44.63
C GLY B 240 -7.72 38.32 -43.42
N ILE B 241 -7.30 38.72 -42.22
CA ILE B 241 -7.98 38.30 -40.99
C ILE B 241 -7.78 39.32 -39.86
N ILE B 242 -8.84 39.57 -39.07
CA ILE B 242 -8.80 40.49 -37.95
C ILE B 242 -9.17 39.75 -36.67
N ALA B 243 -8.23 39.62 -35.73
CA ALA B 243 -8.48 39.00 -34.44
C ALA B 243 -8.99 40.13 -33.54
N THR B 244 -10.20 39.99 -32.96
CA THR B 244 -10.81 41.07 -32.18
C THR B 244 -11.86 40.56 -31.15
N ASN B 245 -12.42 41.48 -30.33
CA ASN B 245 -13.49 41.18 -29.37
C ASN B 245 -14.80 40.82 -30.13
N ALA B 246 -15.82 40.34 -29.40
CA ALA B 246 -17.10 39.95 -30.01
C ALA B 246 -17.88 41.10 -30.67
N ASP B 247 -17.81 42.33 -30.12
CA ASP B 247 -18.53 43.48 -30.69
C ASP B 247 -18.02 43.80 -32.09
N TRP B 248 -16.70 43.91 -32.27
CA TRP B 248 -16.12 44.23 -33.58
C TRP B 248 -16.22 43.05 -34.54
N ALA B 249 -16.15 41.80 -34.04
CA ALA B 249 -16.31 40.63 -34.89
C ALA B 249 -17.71 40.59 -35.49
N MET B 250 -18.73 40.95 -34.70
CA MET B 250 -20.11 41.01 -35.16
C MET B 250 -20.27 42.07 -36.25
N ARG B 251 -19.64 43.24 -36.05
CA ARG B 251 -19.70 44.33 -37.03
C ARG B 251 -19.01 43.94 -38.34
N LEU B 252 -17.85 43.27 -38.24
CA LEU B 252 -17.09 42.82 -39.42
C LEU B 252 -17.87 41.75 -40.18
N ARG B 253 -18.52 40.82 -39.46
CA ARG B 253 -19.33 39.77 -40.08
C ARG B 253 -20.59 40.33 -40.73
N GLN B 254 -21.18 41.41 -40.16
CA GLN B 254 -22.35 42.09 -40.76
C GLN B 254 -21.97 42.67 -42.12
N VAL B 255 -20.76 43.25 -42.23
CA VAL B 255 -20.26 43.81 -43.48
C VAL B 255 -19.93 42.68 -44.45
N ARG B 256 -19.27 41.59 -43.96
CA ARG B 256 -18.91 40.45 -44.81
C ARG B 256 -20.12 39.75 -45.44
N ALA B 257 -21.20 39.61 -44.67
CA ALA B 257 -22.40 38.94 -45.17
C ALA B 257 -23.08 39.70 -46.30
N ILE B 258 -22.91 41.04 -46.38
CA ILE B 258 -23.58 41.86 -47.40
C ILE B 258 -22.60 42.30 -48.53
N THR B 259 -21.32 42.53 -48.24
CA THR B 259 -20.34 42.91 -49.28
C THR B 259 -19.61 41.68 -49.90
N GLY B 260 -19.63 40.52 -49.22
CA GLY B 260 -19.10 39.26 -49.72
C GLY B 260 -17.67 39.14 -50.21
N ALA B 261 -16.68 39.71 -49.50
CA ALA B 261 -15.27 39.53 -49.87
C ALA B 261 -14.78 38.30 -49.13
N LEU B 262 -15.30 37.13 -49.54
CA LEU B 262 -15.06 35.87 -48.85
C LEU B 262 -13.75 35.20 -49.15
N LEU B 263 -13.24 34.47 -48.15
CA LEU B 263 -12.04 33.66 -48.27
C LEU B 263 -12.50 32.29 -48.78
N HIS B 264 -11.95 31.84 -49.90
CA HIS B 264 -12.34 30.57 -50.52
C HIS B 264 -12.02 29.38 -49.59
N PRO B 265 -12.85 28.31 -49.51
CA PRO B 265 -12.51 27.17 -48.64
C PRO B 265 -11.09 26.61 -48.75
N MET B 266 -10.50 26.60 -49.96
CA MET B 266 -9.13 26.10 -50.13
C MET B 266 -8.12 27.11 -49.61
N GLY B 267 -8.39 28.41 -49.77
CA GLY B 267 -7.55 29.46 -49.22
C GLY B 267 -7.48 29.38 -47.71
N ALA B 268 -8.65 29.15 -47.09
CA ALA B 268 -8.81 28.92 -45.65
C ALA B 268 -8.01 27.71 -45.17
N TYR B 269 -8.04 26.63 -45.97
CA TYR B 269 -7.34 25.39 -45.66
C TYR B 269 -5.83 25.57 -45.65
N LEU B 270 -5.27 26.26 -46.66
CA LEU B 270 -3.83 26.47 -46.76
C LEU B 270 -3.31 27.48 -45.74
N LEU B 271 -4.12 28.47 -45.33
CA LEU B 271 -3.69 29.46 -44.34
C LEU B 271 -3.70 28.82 -42.94
N HIS B 272 -4.69 27.95 -42.67
CA HIS B 272 -4.79 27.19 -41.43
C HIS B 272 -3.61 26.19 -41.37
N ARG B 273 -3.34 25.51 -42.51
CA ARG B 273 -2.22 24.56 -42.68
C ARG B 273 -0.88 25.26 -42.43
N GLY B 274 -0.75 26.50 -42.91
CA GLY B 274 0.44 27.30 -42.73
C GLY B 274 0.71 27.69 -41.30
N LEU B 275 -0.35 27.86 -40.48
CA LEU B 275 -0.19 28.19 -39.07
C LEU B 275 0.53 27.08 -38.31
N ARG B 276 0.44 25.82 -38.76
CA ARG B 276 1.05 24.66 -38.09
C ARG B 276 2.59 24.71 -38.10
N THR B 277 3.17 25.37 -39.11
CA THR B 277 4.63 25.54 -39.26
C THR B 277 5.08 27.01 -39.04
N LEU B 278 4.20 27.90 -38.55
CA LEU B 278 4.53 29.32 -38.38
C LEU B 278 5.67 29.59 -37.40
N ALA B 279 5.73 28.91 -36.25
CA ALA B 279 6.80 29.11 -35.28
C ALA B 279 8.16 28.66 -35.83
N VAL B 280 8.21 27.47 -36.48
CA VAL B 280 9.48 26.96 -37.00
C VAL B 280 9.96 27.77 -38.21
N ARG B 281 9.04 28.31 -39.03
CA ARG B 281 9.43 29.13 -40.19
C ARG B 281 9.91 30.51 -39.73
N MET B 282 9.19 31.14 -38.79
CA MET B 282 9.56 32.45 -38.29
C MET B 282 10.92 32.39 -37.58
N ARG B 283 11.11 31.42 -36.68
CA ARG B 283 12.37 31.28 -35.96
C ARG B 283 13.57 31.06 -36.89
N ALA B 284 13.39 30.28 -37.98
CA ALA B 284 14.47 30.02 -38.93
C ALA B 284 14.82 31.25 -39.77
N ALA B 285 13.80 31.95 -40.30
CA ALA B 285 14.02 33.14 -41.11
C ALA B 285 14.55 34.32 -40.28
N GLN B 286 14.14 34.43 -39.02
CA GLN B 286 14.59 35.48 -38.11
C GLN B 286 16.09 35.32 -37.83
N THR B 287 16.55 34.07 -37.61
CA THR B 287 17.96 33.79 -37.35
C THR B 287 18.81 34.19 -38.56
N THR B 288 18.34 33.84 -39.78
CA THR B 288 19.02 34.17 -41.02
C THR B 288 19.05 35.69 -41.23
N ALA B 289 17.94 36.38 -40.92
CA ALA B 289 17.86 37.83 -41.08
C ALA B 289 18.77 38.61 -40.13
N GLY B 290 18.86 38.19 -38.87
CA GLY B 290 19.74 38.85 -37.91
C GLY B 290 21.20 38.82 -38.34
N GLU B 291 21.61 37.71 -38.95
CA GLU B 291 22.97 37.55 -39.46
C GLU B 291 23.16 38.34 -40.76
N LEU B 292 22.16 38.34 -41.66
CA LEU B 292 22.25 39.08 -42.92
C LEU B 292 22.33 40.58 -42.68
N ALA B 293 21.51 41.13 -41.77
CA ALA B 293 21.52 42.56 -41.47
C ALA B 293 22.90 43.06 -41.01
N GLU B 294 23.67 42.19 -40.30
CA GLU B 294 25.01 42.53 -39.84
C GLU B 294 25.99 42.56 -41.03
N ARG B 295 25.92 41.57 -41.93
CA ARG B 295 26.81 41.49 -43.09
C ARG B 295 26.53 42.64 -44.06
N LEU B 296 25.24 42.96 -44.27
CA LEU B 296 24.80 44.02 -45.16
C LEU B 296 25.17 45.41 -44.63
N ASP B 297 25.18 45.59 -43.31
CA ASP B 297 25.57 46.86 -42.70
C ASP B 297 27.07 47.12 -42.95
N ALA B 298 27.90 46.05 -42.92
CA ALA B 298 29.34 46.15 -43.17
C ALA B 298 29.69 46.46 -44.63
N HIS B 299 28.77 46.24 -45.59
CA HIS B 299 29.07 46.49 -47.00
C HIS B 299 29.17 48.00 -47.28
N PRO B 300 30.15 48.48 -48.09
CA PRO B 300 30.24 49.93 -48.34
C PRO B 300 29.13 50.52 -49.20
N ALA B 301 28.51 49.71 -50.06
CA ALA B 301 27.43 50.15 -50.92
C ALA B 301 26.18 50.55 -50.15
N ILE B 302 25.96 49.98 -48.95
CA ILE B 302 24.80 50.28 -48.12
C ILE B 302 25.20 51.26 -47.02
N SER B 303 24.49 52.39 -46.91
CA SER B 303 24.74 53.40 -45.90
C SER B 303 24.04 53.07 -44.58
N VAL B 304 22.73 52.78 -44.62
CA VAL B 304 21.91 52.51 -43.44
C VAL B 304 21.20 51.15 -43.60
N VAL B 305 21.23 50.27 -42.56
CA VAL B 305 20.49 49.00 -42.58
C VAL B 305 19.44 49.09 -41.49
N HIS B 306 18.17 49.19 -41.88
CA HIS B 306 17.07 49.25 -40.94
C HIS B 306 16.66 47.82 -40.59
N TYR B 307 16.93 47.41 -39.36
CA TYR B 307 16.53 46.11 -38.83
C TYR B 307 16.39 46.27 -37.30
N PRO B 308 15.19 46.07 -36.69
CA PRO B 308 15.06 46.31 -35.23
C PRO B 308 16.15 45.75 -34.30
N GLY B 309 16.61 44.53 -34.58
CA GLY B 309 17.63 43.88 -33.78
C GLY B 309 19.01 44.54 -33.76
N LEU B 310 19.37 45.29 -34.83
CA LEU B 310 20.70 45.93 -34.87
C LEU B 310 20.84 47.03 -33.81
N LYS B 311 22.08 47.28 -33.37
CA LYS B 311 22.43 48.27 -32.35
C LYS B 311 21.93 49.65 -32.77
N GLY B 312 21.35 50.38 -31.83
CA GLY B 312 20.83 51.72 -32.08
C GLY B 312 19.43 51.78 -32.67
N GLN B 313 19.00 50.72 -33.41
CA GLN B 313 17.69 50.67 -34.08
C GLN B 313 16.49 50.51 -33.12
N ASP B 314 16.73 50.31 -31.80
CA ASP B 314 15.66 50.20 -30.81
C ASP B 314 15.97 51.03 -29.54
N PRO B 315 15.69 52.35 -29.55
CA PRO B 315 15.97 53.18 -28.36
C PRO B 315 14.97 53.03 -27.21
N ARG B 316 13.67 52.83 -27.53
CA ARG B 316 12.62 52.72 -26.51
C ARG B 316 12.54 51.37 -25.78
N GLY B 317 13.37 50.41 -26.16
CA GLY B 317 13.37 49.12 -25.51
C GLY B 317 12.14 48.28 -25.77
N LEU B 318 11.61 48.38 -26.98
CA LEU B 318 10.42 47.63 -27.39
C LEU B 318 10.75 46.16 -27.68
N LEU B 319 12.01 45.82 -27.97
CA LEU B 319 12.40 44.42 -28.18
C LEU B 319 12.53 43.80 -26.79
N GLY B 320 11.72 42.77 -26.54
CA GLY B 320 11.63 42.09 -25.26
C GLY B 320 10.31 42.43 -24.58
N ARG B 321 10.04 43.73 -24.45
CA ARG B 321 8.81 44.23 -23.84
C ARG B 321 7.57 44.01 -24.74
N GLN B 322 7.70 44.34 -26.02
CA GLN B 322 6.61 44.24 -27.02
C GLN B 322 6.88 43.16 -28.08
N MET B 323 8.10 43.13 -28.66
CA MET B 323 8.49 42.16 -29.69
C MET B 323 9.46 41.14 -29.14
N SER B 324 9.14 39.84 -29.22
CA SER B 324 10.05 38.79 -28.75
C SER B 324 11.04 38.36 -29.86
N GLY B 325 11.47 39.30 -30.70
CA GLY B 325 12.41 39.01 -31.78
C GLY B 325 12.53 40.14 -32.76
N GLY B 326 13.60 40.13 -33.54
CA GLY B 326 13.87 41.17 -34.53
C GLY B 326 13.09 41.06 -35.82
N GLY B 327 12.56 39.88 -36.12
CA GLY B 327 11.80 39.67 -37.35
C GLY B 327 12.63 39.12 -38.49
N ALA B 328 11.98 38.91 -39.65
CA ALA B 328 12.63 38.39 -40.84
C ALA B 328 12.53 39.36 -42.02
N MET B 329 12.39 40.67 -41.75
CA MET B 329 12.32 41.71 -42.79
C MET B 329 13.50 42.63 -42.56
N ILE B 330 14.19 43.02 -43.64
CA ILE B 330 15.33 43.92 -43.56
C ILE B 330 15.13 44.95 -44.66
N ALA B 331 15.24 46.22 -44.31
CA ALA B 331 15.20 47.31 -45.28
C ALA B 331 16.56 48.04 -45.21
N MET B 332 16.94 48.76 -46.28
CA MET B 332 18.23 49.45 -46.30
C MET B 332 18.24 50.63 -47.26
N GLU B 333 19.05 51.65 -46.93
CA GLU B 333 19.23 52.85 -47.71
C GLU B 333 20.56 52.70 -48.47
N LEU B 334 20.54 52.81 -49.80
CA LEU B 334 21.76 52.67 -50.61
C LEU B 334 22.51 54.00 -50.67
N ALA B 335 23.84 53.94 -50.70
CA ALA B 335 24.68 55.13 -50.75
C ALA B 335 24.53 55.88 -52.09
N GLY B 336 24.43 55.12 -53.18
CA GLY B 336 24.27 55.70 -54.52
C GLY B 336 22.87 56.14 -54.91
N GLY B 337 21.94 56.15 -53.96
CA GLY B 337 20.57 56.59 -54.20
C GLY B 337 19.73 55.62 -55.01
N PHE B 338 18.89 56.15 -55.90
CA PHE B 338 18.00 55.35 -56.74
C PHE B 338 18.76 54.42 -57.69
N ASP B 339 19.82 54.90 -58.37
CA ASP B 339 20.55 54.08 -59.32
C ASP B 339 21.17 52.84 -58.67
N ALA B 340 21.75 52.98 -57.46
CA ALA B 340 22.33 51.85 -56.74
C ALA B 340 21.23 50.88 -56.27
N ALA B 341 20.09 51.42 -55.80
CA ALA B 341 18.94 50.62 -55.37
C ALA B 341 18.36 49.81 -56.54
N ARG B 342 18.24 50.42 -57.74
CA ARG B 342 17.72 49.70 -58.90
C ARG B 342 18.75 48.68 -59.40
N SER B 343 20.05 49.01 -59.36
CA SER B 343 21.09 48.07 -59.78
C SER B 343 21.14 46.85 -58.85
N PHE B 344 20.92 47.06 -57.55
CA PHE B 344 20.92 46.00 -56.53
C PHE B 344 19.82 44.92 -56.76
N VAL B 345 18.56 45.32 -56.96
CA VAL B 345 17.48 44.34 -57.20
C VAL B 345 17.58 43.69 -58.59
N GLU B 346 18.08 44.44 -59.59
CA GLU B 346 18.18 43.92 -60.96
C GLU B 346 19.33 42.92 -61.14
N HIS B 347 20.35 42.94 -60.26
CA HIS B 347 21.46 41.99 -60.33
C HIS B 347 21.31 40.79 -59.36
N CYS B 348 20.21 40.70 -58.61
CA CYS B 348 19.96 39.55 -57.73
C CYS B 348 19.47 38.38 -58.62
N ASN B 349 19.95 37.14 -58.37
CA ASN B 349 19.58 35.93 -59.13
C ASN B 349 18.80 34.95 -58.24
N LEU B 350 19.39 34.49 -57.13
CA LEU B 350 18.73 33.59 -56.18
C LEU B 350 17.62 34.36 -55.47
N VAL B 351 17.93 35.57 -54.99
CA VAL B 351 16.97 36.48 -54.35
C VAL B 351 16.13 37.03 -55.52
N VAL B 352 14.80 36.90 -55.46
CA VAL B 352 13.92 37.28 -56.57
C VAL B 352 13.30 38.67 -56.40
N HIS B 353 13.32 39.50 -57.47
CA HIS B 353 12.74 40.83 -57.47
C HIS B 353 11.21 40.68 -57.61
N ALA B 354 10.49 40.76 -56.48
CA ALA B 354 9.03 40.62 -56.43
C ALA B 354 8.45 41.21 -55.14
N VAL B 355 7.15 41.56 -55.17
CA VAL B 355 6.44 42.05 -53.99
C VAL B 355 6.01 40.83 -53.11
N SER B 356 5.35 41.06 -51.94
CA SER B 356 4.94 40.05 -50.97
C SER B 356 6.10 39.69 -50.04
N LEU B 357 5.76 39.11 -48.88
CA LEU B 357 6.73 38.79 -47.85
C LEU B 357 6.33 37.55 -47.03
N GLY B 358 7.20 37.09 -46.15
CA GLY B 358 6.94 35.95 -45.30
C GLY B 358 6.93 34.57 -45.93
N GLY B 359 7.37 34.48 -47.18
CA GLY B 359 7.40 33.21 -47.90
C GLY B 359 8.63 32.37 -47.61
N ALA B 360 8.64 31.15 -48.15
CA ALA B 360 9.76 30.23 -48.00
C ALA B 360 11.03 30.73 -48.71
N ASP B 361 10.88 31.59 -49.75
CA ASP B 361 11.99 32.16 -50.50
C ASP B 361 12.22 33.64 -50.19
N THR B 362 13.44 34.10 -50.42
CA THR B 362 13.86 35.48 -50.17
C THR B 362 13.49 36.35 -51.37
N LEU B 363 12.78 37.47 -51.10
CA LEU B 363 12.34 38.41 -52.10
C LEU B 363 12.90 39.80 -51.81
N ILE B 364 13.02 40.62 -52.86
CA ILE B 364 13.55 41.99 -52.76
C ILE B 364 12.77 42.92 -53.69
N GLN B 365 12.60 44.20 -53.32
CA GLN B 365 11.86 45.15 -54.14
C GLN B 365 12.15 46.61 -53.76
N HIS B 366 11.85 47.56 -54.69
CA HIS B 366 12.00 49.00 -54.45
C HIS B 366 10.62 49.50 -54.00
N PRO B 367 10.40 49.82 -52.72
CA PRO B 367 9.05 50.21 -52.27
C PRO B 367 8.41 51.39 -52.99
N ALA B 368 9.17 52.46 -53.23
CA ALA B 368 8.65 53.65 -53.89
C ALA B 368 8.12 53.36 -55.31
N SER B 369 8.66 52.32 -55.98
CA SER B 369 8.24 51.93 -57.32
C SER B 369 7.14 50.88 -57.35
N LEU B 370 6.98 50.07 -56.27
CA LEU B 370 5.98 49.00 -56.27
C LEU B 370 4.98 49.09 -55.08
N THR B 371 5.28 48.51 -53.90
CA THR B 371 4.33 48.43 -52.79
C THR B 371 3.75 49.78 -52.37
N HIS B 372 4.56 50.83 -52.36
CA HIS B 372 4.17 52.17 -51.96
C HIS B 372 4.10 53.15 -53.12
N ARG B 373 3.79 52.65 -54.33
CA ARG B 373 3.64 53.51 -55.50
C ARG B 373 2.35 54.36 -55.43
N PRO B 374 1.18 53.84 -54.95
CA PRO B 374 -0.01 54.72 -54.87
C PRO B 374 0.01 55.74 -53.72
N VAL B 375 1.09 55.77 -52.93
CA VAL B 375 1.24 56.69 -51.80
C VAL B 375 1.56 58.10 -52.33
N ALA B 376 1.11 59.15 -51.63
CA ALA B 376 1.38 60.53 -52.01
C ALA B 376 2.89 60.79 -52.02
N ALA B 377 3.36 61.64 -52.94
CA ALA B 377 4.78 61.95 -53.10
C ALA B 377 5.48 62.36 -51.79
N THR B 378 4.82 63.21 -50.99
CA THR B 378 5.37 63.68 -49.71
C THR B 378 5.53 62.54 -48.69
N ALA B 379 4.61 61.56 -48.71
CA ALA B 379 4.61 60.43 -47.78
C ALA B 379 5.30 59.16 -48.35
N LYS B 380 5.80 59.22 -49.59
CA LYS B 380 6.40 58.06 -50.24
C LYS B 380 7.75 57.69 -49.59
N PRO B 381 8.19 56.40 -49.50
CA PRO B 381 9.51 56.12 -48.88
C PRO B 381 10.69 56.62 -49.72
N GLY B 382 11.89 56.60 -49.13
CA GLY B 382 13.09 57.04 -49.80
C GLY B 382 13.37 56.34 -51.11
N ASP B 383 13.94 57.06 -52.07
CA ASP B 383 14.27 56.50 -53.39
C ASP B 383 15.45 55.52 -53.32
N GLY B 384 16.32 55.67 -52.34
CA GLY B 384 17.44 54.75 -52.14
C GLY B 384 17.09 53.56 -51.25
N LEU B 385 15.86 53.51 -50.70
CA LEU B 385 15.42 52.44 -49.81
C LEU B 385 15.00 51.17 -50.60
N ILE B 386 15.38 50.00 -50.08
CA ILE B 386 15.11 48.68 -50.62
C ILE B 386 14.60 47.81 -49.48
N ARG B 387 13.49 47.09 -49.69
CA ARG B 387 12.93 46.17 -48.71
C ARG B 387 13.25 44.72 -49.12
N LEU B 388 13.57 43.85 -48.12
CA LEU B 388 13.94 42.45 -48.34
C LEU B 388 13.27 41.55 -47.32
N SER B 389 12.56 40.53 -47.81
CA SER B 389 11.90 39.52 -46.98
C SER B 389 12.80 38.30 -46.95
N VAL B 390 13.29 37.92 -45.78
CA VAL B 390 14.19 36.79 -45.62
C VAL B 390 13.40 35.47 -45.54
N GLY B 391 13.84 34.47 -46.31
CA GLY B 391 13.21 33.15 -46.39
C GLY B 391 13.91 32.09 -45.58
N LEU B 392 13.76 30.81 -45.99
CA LEU B 392 14.32 29.65 -45.31
C LEU B 392 15.55 29.08 -46.02
N GLU B 393 16.27 29.90 -46.81
CA GLU B 393 17.48 29.43 -47.48
C GLU B 393 18.70 29.61 -46.56
N HIS B 394 19.82 28.96 -46.91
CA HIS B 394 21.04 29.07 -46.12
C HIS B 394 21.55 30.50 -46.16
N VAL B 395 22.00 31.01 -44.99
CA VAL B 395 22.51 32.37 -44.85
C VAL B 395 23.67 32.68 -45.81
N ASP B 396 24.60 31.74 -46.01
CA ASP B 396 25.75 31.95 -46.89
C ASP B 396 25.32 32.15 -48.35
N ASP B 397 24.39 31.32 -48.85
CA ASP B 397 23.92 31.44 -50.23
C ASP B 397 23.17 32.75 -50.48
N LEU B 398 22.45 33.27 -49.47
CA LEU B 398 21.73 34.53 -49.63
C LEU B 398 22.70 35.71 -49.57
N ALA B 399 23.68 35.66 -48.65
CA ALA B 399 24.66 36.73 -48.54
C ALA B 399 25.53 36.79 -49.79
N ASP B 400 25.96 35.62 -50.33
CA ASP B 400 26.77 35.56 -51.54
C ASP B 400 26.06 36.25 -52.72
N ASP B 401 24.75 35.99 -52.88
CA ASP B 401 23.97 36.57 -53.96
C ASP B 401 23.74 38.08 -53.77
N LEU B 402 23.42 38.52 -52.54
CA LEU B 402 23.18 39.93 -52.26
C LEU B 402 24.45 40.76 -52.39
N ILE B 403 25.61 40.20 -51.97
CA ILE B 403 26.88 40.90 -52.07
C ILE B 403 27.27 41.04 -53.55
N ALA B 404 27.13 39.96 -54.34
CA ALA B 404 27.43 40.00 -55.77
C ALA B 404 26.58 41.05 -56.50
N ALA B 405 25.30 41.19 -56.11
CA ALA B 405 24.40 42.17 -56.72
C ALA B 405 24.85 43.61 -56.40
N LEU B 406 25.33 43.85 -55.18
CA LEU B 406 25.82 45.18 -54.79
C LEU B 406 27.13 45.48 -55.52
N ASP B 407 28.01 44.47 -55.66
CA ASP B 407 29.29 44.63 -56.36
C ASP B 407 29.12 44.81 -57.89
N ALA B 408 27.95 44.48 -58.45
CA ALA B 408 27.71 44.64 -59.89
C ALA B 408 27.67 46.12 -60.32
N SER B 409 27.21 47.02 -59.44
CA SER B 409 27.14 48.45 -59.74
C SER B 409 28.54 49.08 -59.84
N SER C 23 26.79 23.86 -55.89
CA SER C 23 27.42 24.95 -55.14
C SER C 23 26.52 25.47 -53.98
N LEU C 24 25.20 25.23 -54.03
CA LEU C 24 24.29 25.71 -52.99
C LEU C 24 24.12 24.67 -51.87
N HIS C 25 23.79 25.15 -50.67
CA HIS C 25 23.58 24.29 -49.51
C HIS C 25 22.24 23.53 -49.62
N PRO C 26 22.03 22.37 -48.90
CA PRO C 26 20.74 21.67 -49.02
C PRO C 26 19.53 22.47 -48.54
N GLU C 27 19.72 23.41 -47.60
CA GLU C 27 18.62 24.23 -47.09
C GLU C 27 18.10 25.17 -48.18
N THR C 28 18.99 25.70 -49.03
CA THR C 28 18.64 26.56 -50.16
C THR C 28 17.96 25.73 -51.25
N LEU C 29 18.50 24.52 -51.54
CA LEU C 29 17.98 23.64 -52.57
C LEU C 29 16.60 23.06 -52.26
N MET C 30 16.20 23.00 -50.98
CA MET C 30 14.86 22.55 -50.62
C MET C 30 13.81 23.60 -50.99
N VAL C 31 14.17 24.90 -50.85
CA VAL C 31 13.28 26.01 -51.20
C VAL C 31 13.16 26.18 -52.74
N HIS C 32 14.29 26.26 -53.44
CA HIS C 32 14.34 26.51 -54.88
C HIS C 32 14.42 25.28 -55.80
N GLY C 33 14.42 24.07 -55.25
CA GLY C 33 14.48 22.86 -56.07
C GLY C 33 13.20 22.66 -56.84
N GLY C 34 13.32 22.31 -58.12
CA GLY C 34 12.18 22.11 -59.00
C GLY C 34 11.42 23.38 -59.36
N MET C 35 11.98 24.56 -59.06
CA MET C 35 11.36 25.86 -59.35
C MET C 35 12.09 26.53 -60.54
N LYS C 36 12.60 25.74 -61.49
CA LYS C 36 13.39 26.26 -62.60
C LYS C 36 12.47 26.85 -63.68
N GLY C 37 12.78 28.06 -64.11
CA GLY C 37 12.01 28.73 -65.15
C GLY C 37 10.75 29.46 -64.68
N LEU C 38 10.36 29.30 -63.40
CA LEU C 38 9.16 29.96 -62.89
C LEU C 38 9.38 31.45 -62.76
N THR C 39 10.51 31.86 -62.15
CA THR C 39 10.85 33.28 -62.01
C THR C 39 10.99 33.95 -63.38
N GLU C 40 11.57 33.23 -64.35
CA GLU C 40 11.77 33.71 -65.71
C GLU C 40 10.42 33.86 -66.46
N ALA C 41 9.40 33.09 -66.09
CA ALA C 41 8.04 33.17 -66.66
C ALA C 41 7.10 34.15 -65.92
N GLY C 42 7.59 34.85 -64.89
CA GLY C 42 6.79 35.81 -64.14
C GLY C 42 5.79 35.21 -63.17
N VAL C 43 6.11 34.03 -62.58
CA VAL C 43 5.24 33.35 -61.60
C VAL C 43 6.06 32.92 -60.37
N HIS C 44 5.39 32.74 -59.22
CA HIS C 44 6.05 32.40 -57.95
C HIS C 44 6.11 30.90 -57.64
N VAL C 45 4.96 30.19 -57.74
CA VAL C 45 4.86 28.76 -57.43
C VAL C 45 4.45 27.96 -58.69
N PRO C 46 4.78 26.64 -58.80
CA PRO C 46 4.39 25.91 -60.01
C PRO C 46 2.87 25.77 -60.14
N ALA C 47 2.36 25.90 -61.37
CA ALA C 47 0.92 25.81 -61.60
C ALA C 47 0.43 24.37 -61.50
N ILE C 48 -0.86 24.19 -61.20
CA ILE C 48 -1.48 22.87 -61.11
C ILE C 48 -2.25 22.66 -62.39
N ASP C 49 -1.68 21.91 -63.34
CA ASP C 49 -2.31 21.62 -64.62
C ASP C 49 -3.06 20.30 -64.48
N LEU C 50 -4.40 20.36 -64.44
CA LEU C 50 -5.22 19.16 -64.31
C LEU C 50 -5.45 18.41 -65.63
N SER C 51 -5.00 18.97 -66.77
CA SER C 51 -5.17 18.36 -68.10
C SER C 51 -4.83 16.88 -68.16
N THR C 52 -5.82 16.07 -68.56
CA THR C 52 -5.62 14.63 -68.71
C THR C 52 -4.88 14.37 -70.03
N THR C 53 -5.27 15.10 -71.09
CA THR C 53 -4.66 15.00 -72.41
C THR C 53 -3.83 16.26 -72.71
N ASN C 54 -2.89 16.14 -73.65
CA ASN C 54 -2.01 17.22 -74.06
C ASN C 54 -1.94 17.22 -75.60
N PRO C 55 -2.52 18.21 -76.31
CA PRO C 55 -2.50 18.16 -77.79
C PRO C 55 -1.13 18.06 -78.45
N VAL C 56 -1.11 17.47 -79.66
CA VAL C 56 0.11 17.26 -80.44
C VAL C 56 0.10 18.12 -81.71
N ASN C 57 1.29 18.55 -82.15
CA ASN C 57 1.41 19.42 -83.32
C ASN C 57 1.09 18.67 -84.61
N ASP C 58 1.58 17.43 -84.73
CA ASP C 58 1.31 16.59 -85.89
C ASP C 58 1.40 15.08 -85.52
N VAL C 59 1.09 14.19 -86.47
CA VAL C 59 1.09 12.75 -86.25
C VAL C 59 2.51 12.25 -85.96
N ALA C 60 3.51 12.73 -86.72
CA ALA C 60 4.89 12.32 -86.56
C ALA C 60 5.50 12.71 -85.20
N THR C 61 5.41 13.99 -84.79
CA THR C 61 5.98 14.43 -83.52
C THR C 61 5.20 13.86 -82.33
N GLY C 62 3.88 13.80 -82.45
CA GLY C 62 3.03 13.25 -81.42
C GLY C 62 3.31 11.78 -81.17
N GLY C 63 3.42 11.02 -82.25
CA GLY C 63 3.72 9.60 -82.19
C GLY C 63 5.11 9.31 -81.62
N ASP C 64 6.12 10.10 -82.04
CA ASP C 64 7.48 9.94 -81.52
C ASP C 64 7.54 10.29 -80.04
N SER C 65 6.81 11.35 -79.61
CA SER C 65 6.76 11.73 -78.20
C SER C 65 6.06 10.63 -77.38
N TYR C 66 4.98 10.03 -77.92
CA TYR C 66 4.28 8.92 -77.28
C TYR C 66 5.26 7.76 -77.05
N GLU C 67 5.99 7.33 -78.09
CA GLU C 67 6.93 6.23 -77.99
C GLU C 67 8.06 6.53 -77.01
N TRP C 68 8.64 7.73 -77.07
CA TRP C 68 9.73 8.13 -76.17
C TRP C 68 9.29 8.05 -74.70
N LEU C 69 8.08 8.51 -74.38
CA LEU C 69 7.58 8.49 -73.01
C LEU C 69 7.12 7.10 -72.56
N ALA C 70 6.39 6.36 -73.42
CA ALA C 70 5.92 5.02 -73.11
C ALA C 70 7.09 4.06 -72.86
N THR C 71 8.23 4.26 -73.56
CA THR C 71 9.43 3.46 -73.34
C THR C 71 10.28 3.94 -72.11
N GLY C 72 9.68 4.74 -71.24
CA GLY C 72 10.30 5.21 -70.01
C GLY C 72 11.24 6.40 -70.07
N HIS C 73 11.22 7.20 -71.14
CA HIS C 73 12.12 8.35 -71.24
C HIS C 73 11.53 9.66 -70.72
N THR C 74 12.42 10.60 -70.35
CA THR C 74 12.06 11.93 -69.86
C THR C 74 11.52 12.78 -71.01
N LEU C 75 10.52 13.63 -70.75
CA LEU C 75 9.95 14.50 -71.77
C LEU C 75 10.99 15.47 -72.28
N LYS C 76 11.13 15.57 -73.61
CA LYS C 76 12.09 16.49 -74.21
C LYS C 76 11.57 17.91 -74.09
N ASP C 77 12.49 18.89 -74.01
CA ASP C 77 12.08 20.28 -73.90
C ASP C 77 11.49 20.71 -75.24
N GLY C 78 10.27 21.26 -75.20
CA GLY C 78 9.56 21.66 -76.41
C GLY C 78 8.91 20.48 -77.10
N ASP C 79 8.28 19.58 -76.32
CA ASP C 79 7.59 18.39 -76.80
C ASP C 79 6.29 18.21 -76.00
N SER C 80 5.25 17.68 -76.65
CA SER C 80 3.96 17.48 -75.99
C SER C 80 4.01 16.31 -75.02
N ALA C 81 3.38 16.48 -73.85
CA ALA C 81 3.28 15.39 -72.88
C ALA C 81 2.36 14.25 -73.35
N VAL C 82 1.51 14.50 -74.40
CA VAL C 82 0.57 13.58 -75.06
C VAL C 82 -0.60 13.16 -74.14
N TYR C 83 -0.30 12.57 -72.98
CA TYR C 83 -1.29 12.09 -72.03
C TYR C 83 -0.67 12.08 -70.62
N GLN C 84 -1.50 12.23 -69.58
CA GLN C 84 -1.04 12.28 -68.20
C GLN C 84 -0.37 10.99 -67.72
N ARG C 85 -0.83 9.82 -68.22
CA ARG C 85 -0.20 8.54 -67.85
C ARG C 85 1.22 8.41 -68.42
N LEU C 86 1.58 9.22 -69.44
CA LEU C 86 2.93 9.24 -70.02
C LEU C 86 3.79 10.34 -69.33
N TRP C 87 3.22 11.53 -69.13
CA TRP C 87 3.96 12.61 -68.47
C TRP C 87 3.04 13.69 -67.86
N GLN C 88 3.39 14.19 -66.66
CA GLN C 88 2.68 15.26 -65.98
C GLN C 88 3.74 16.30 -65.55
N PRO C 89 3.60 17.62 -65.89
CA PRO C 89 4.67 18.58 -65.54
C PRO C 89 4.87 18.89 -64.06
N GLY C 90 3.79 18.92 -63.28
CA GLY C 90 3.85 19.18 -61.85
C GLY C 90 4.53 18.05 -61.11
N VAL C 91 4.25 16.80 -61.53
CA VAL C 91 4.88 15.61 -60.96
C VAL C 91 6.38 15.66 -61.29
N ALA C 92 6.71 15.97 -62.56
CA ALA C 92 8.10 16.11 -63.02
C ALA C 92 8.89 17.13 -62.21
N ARG C 93 8.28 18.26 -61.79
CA ARG C 93 8.98 19.26 -60.98
C ARG C 93 9.31 18.70 -59.60
N PHE C 94 8.38 17.97 -58.99
CA PHE C 94 8.61 17.30 -57.70
C PHE C 94 9.71 16.26 -57.83
N GLU C 95 9.69 15.50 -58.93
CA GLU C 95 10.69 14.47 -59.22
C GLU C 95 12.10 15.08 -59.28
N THR C 96 12.29 16.18 -60.04
CA THR C 96 13.61 16.82 -60.14
C THR C 96 14.02 17.48 -58.81
N ALA C 97 13.05 17.96 -58.02
CA ALA C 97 13.36 18.58 -56.73
C ALA C 97 13.95 17.55 -55.76
N LEU C 98 13.34 16.35 -55.62
CA LEU C 98 13.86 15.34 -54.71
C LEU C 98 15.14 14.70 -55.25
N ALA C 99 15.24 14.46 -56.57
CA ALA C 99 16.45 13.88 -57.16
C ALA C 99 17.68 14.73 -56.84
N GLY C 100 17.52 16.06 -56.85
CA GLY C 100 18.60 16.96 -56.49
C GLY C 100 18.98 16.90 -55.03
N LEU C 101 18.01 16.62 -54.14
CA LEU C 101 18.25 16.53 -52.70
C LEU C 101 18.97 15.23 -52.37
N GLU C 102 18.55 14.13 -53.00
CA GLU C 102 19.20 12.83 -52.80
C GLU C 102 20.51 12.68 -53.62
N HIS C 103 20.78 13.60 -54.58
CA HIS C 103 21.92 13.60 -55.50
C HIS C 103 21.87 12.42 -56.45
N ALA C 104 20.66 12.09 -56.94
CA ALA C 104 20.38 11.05 -57.91
C ALA C 104 20.22 11.68 -59.30
N GLU C 105 20.34 10.88 -60.38
CA GLU C 105 20.23 11.41 -61.74
C GLU C 105 18.79 11.84 -62.01
N GLU C 106 17.82 10.95 -61.71
CA GLU C 106 16.40 11.15 -61.96
C GLU C 106 15.55 10.61 -60.78
N ALA C 107 14.23 10.85 -60.80
CA ALA C 107 13.29 10.32 -59.81
C ALA C 107 11.94 10.05 -60.45
N VAL C 108 11.21 9.03 -59.96
CA VAL C 108 9.90 8.64 -60.50
C VAL C 108 8.90 8.63 -59.36
N ALA C 109 7.80 9.39 -59.49
CA ALA C 109 6.77 9.53 -58.47
C ALA C 109 5.48 8.77 -58.82
N PHE C 110 4.84 8.22 -57.78
CA PHE C 110 3.63 7.40 -57.84
C PHE C 110 2.60 7.86 -56.79
N ALA C 111 1.37 7.31 -56.85
CA ALA C 111 0.27 7.65 -55.94
C ALA C 111 0.62 7.47 -54.46
N THR C 112 1.31 6.37 -54.10
CA THR C 112 1.69 6.01 -52.73
C THR C 112 3.10 5.38 -52.69
N GLY C 113 3.67 5.25 -51.49
CA GLY C 113 4.96 4.57 -51.30
C GLY C 113 4.87 3.11 -51.72
N MET C 114 3.70 2.47 -51.52
CA MET C 114 3.49 1.09 -51.93
C MET C 114 3.43 0.95 -53.44
N ALA C 115 2.91 1.96 -54.16
CA ALA C 115 2.89 1.96 -55.62
C ALA C 115 4.30 2.04 -56.18
N ALA C 116 5.19 2.80 -55.52
CA ALA C 116 6.58 2.92 -55.92
C ALA C 116 7.29 1.58 -55.69
N MET C 117 7.05 0.93 -54.54
CA MET C 117 7.61 -0.40 -54.23
C MET C 117 7.14 -1.41 -55.28
N THR C 118 5.83 -1.38 -55.60
CA THR C 118 5.20 -2.25 -56.59
C THR C 118 5.86 -2.10 -57.95
N ALA C 119 6.09 -0.87 -58.38
CA ALA C 119 6.75 -0.60 -59.65
C ALA C 119 8.19 -1.11 -59.69
N ALA C 120 8.95 -0.94 -58.60
CA ALA C 120 10.34 -1.40 -58.51
C ALA C 120 10.40 -2.92 -58.54
N LEU C 121 9.43 -3.60 -57.92
CA LEU C 121 9.40 -5.05 -57.92
C LEU C 121 9.00 -5.57 -59.31
N LEU C 122 7.98 -4.94 -59.94
CA LEU C 122 7.56 -5.34 -61.27
C LEU C 122 8.68 -5.08 -62.29
N ALA C 123 9.48 -4.03 -62.12
CA ALA C 123 10.61 -3.73 -63.01
C ALA C 123 11.66 -4.85 -62.92
N ALA C 124 11.92 -5.36 -61.71
CA ALA C 124 12.86 -6.45 -61.49
C ALA C 124 12.33 -7.76 -62.07
N VAL C 125 11.04 -8.04 -61.89
CA VAL C 125 10.41 -9.27 -62.41
C VAL C 125 10.45 -9.23 -63.94
N SER C 126 10.09 -8.08 -64.54
CA SER C 126 10.08 -7.90 -65.99
C SER C 126 11.49 -8.09 -66.58
N ALA C 127 12.54 -7.65 -65.88
CA ALA C 127 13.93 -7.82 -66.32
C ALA C 127 14.43 -9.27 -66.29
N GLY C 128 13.69 -10.18 -65.64
CA GLY C 128 14.08 -11.58 -65.51
C GLY C 128 14.83 -11.88 -64.22
N THR C 129 14.65 -11.02 -63.19
CA THR C 129 15.29 -11.16 -61.88
C THR C 129 14.20 -11.05 -60.80
N PRO C 130 13.30 -12.04 -60.65
CA PRO C 130 12.23 -11.91 -59.67
C PRO C 130 12.62 -12.09 -58.20
N HIS C 131 13.81 -12.64 -57.90
CA HIS C 131 14.24 -12.85 -56.52
C HIS C 131 14.71 -11.55 -55.86
N ILE C 132 14.28 -11.32 -54.61
CA ILE C 132 14.61 -10.12 -53.83
C ILE C 132 15.25 -10.57 -52.52
N VAL C 133 16.35 -9.93 -52.12
CA VAL C 133 17.02 -10.20 -50.86
C VAL C 133 16.68 -9.02 -49.95
N ALA C 134 15.82 -9.22 -48.96
CA ALA C 134 15.37 -8.15 -48.07
C ALA C 134 15.82 -8.39 -46.64
N VAL C 135 16.16 -7.29 -45.93
CA VAL C 135 16.61 -7.31 -44.54
C VAL C 135 15.52 -6.72 -43.66
N ARG C 136 15.04 -7.49 -42.67
CA ARG C 136 14.02 -7.03 -41.73
C ARG C 136 14.67 -6.29 -40.54
N PRO C 137 13.95 -5.38 -39.82
CA PRO C 137 12.55 -4.95 -40.00
C PRO C 137 12.32 -4.00 -41.19
N LEU C 138 11.13 -4.11 -41.79
CA LEU C 138 10.66 -3.25 -42.87
C LEU C 138 9.21 -2.85 -42.55
N TYR C 139 8.66 -1.86 -43.27
CA TYR C 139 7.26 -1.47 -43.08
C TYR C 139 6.34 -2.68 -43.39
N GLY C 140 5.32 -2.88 -42.57
CA GLY C 140 4.35 -3.98 -42.69
C GLY C 140 3.90 -4.32 -44.10
N GLY C 141 3.57 -3.30 -44.88
CA GLY C 141 3.13 -3.46 -46.26
C GLY C 141 4.26 -3.92 -47.16
N SER C 142 5.46 -3.32 -47.05
CA SER C 142 6.63 -3.72 -47.82
C SER C 142 6.99 -5.17 -47.51
N ASP C 143 6.90 -5.55 -46.22
CA ASP C 143 7.17 -6.90 -45.74
C ASP C 143 6.14 -7.90 -46.29
N HIS C 144 4.84 -7.56 -46.19
CA HIS C 144 3.75 -8.42 -46.66
C HIS C 144 3.74 -8.59 -48.17
N LEU C 145 4.01 -7.52 -48.94
CA LEU C 145 4.03 -7.58 -50.40
C LEU C 145 5.14 -8.54 -50.90
N LEU C 146 6.28 -8.60 -50.19
CA LEU C 146 7.35 -9.52 -50.54
C LEU C 146 7.00 -10.95 -50.10
N GLU C 147 6.47 -11.13 -48.87
CA GLU C 147 6.07 -12.44 -48.35
C GLU C 147 5.05 -13.14 -49.24
N THR C 148 3.99 -12.41 -49.65
CA THR C 148 2.93 -12.98 -50.48
C THR C 148 3.40 -13.29 -51.91
N GLY C 149 4.33 -12.49 -52.43
CA GLY C 149 4.82 -12.66 -53.79
C GLY C 149 3.74 -12.40 -54.82
N LEU C 150 2.89 -11.40 -54.55
CA LEU C 150 1.77 -11.01 -55.41
C LEU C 150 2.22 -10.67 -56.82
N LEU C 151 3.35 -9.95 -56.93
CA LEU C 151 3.86 -9.48 -58.22
C LEU C 151 4.84 -10.45 -58.90
N GLY C 152 4.78 -11.73 -58.56
CA GLY C 152 5.66 -12.73 -59.13
C GLY C 152 7.09 -12.71 -58.60
N THR C 153 7.26 -12.23 -57.35
CA THR C 153 8.58 -12.17 -56.72
C THR C 153 8.76 -13.29 -55.71
N THR C 154 10.01 -13.72 -55.53
CA THR C 154 10.42 -14.68 -54.51
C THR C 154 11.33 -13.89 -53.56
N VAL C 155 11.26 -14.13 -52.25
CA VAL C 155 12.07 -13.38 -51.27
C VAL C 155 12.89 -14.31 -50.38
N THR C 156 14.08 -13.82 -49.97
CA THR C 156 14.98 -14.51 -49.06
C THR C 156 15.27 -13.52 -47.95
N TRP C 157 14.67 -13.72 -46.77
CA TRP C 157 14.86 -12.84 -45.63
C TRP C 157 16.24 -13.13 -45.04
N ALA C 158 17.15 -12.13 -45.10
CA ALA C 158 18.51 -12.29 -44.63
C ALA C 158 18.90 -11.21 -43.63
N LYS C 159 19.84 -11.53 -42.74
CA LYS C 159 20.38 -10.58 -41.79
C LYS C 159 21.41 -9.70 -42.53
N GLU C 160 21.73 -8.53 -41.98
CA GLU C 160 22.69 -7.60 -42.57
C GLU C 160 24.03 -8.25 -42.96
N ALA C 161 24.59 -9.08 -42.08
CA ALA C 161 25.87 -9.75 -42.35
C ALA C 161 25.76 -10.87 -43.40
N ASP C 162 24.60 -11.53 -43.50
CA ASP C 162 24.40 -12.65 -44.43
C ASP C 162 23.76 -12.25 -45.77
N ILE C 163 24.02 -11.03 -46.29
CA ILE C 163 23.45 -10.58 -47.56
C ILE C 163 24.12 -11.30 -48.73
N ALA C 164 25.46 -11.26 -48.78
CA ALA C 164 26.24 -11.88 -49.85
C ALA C 164 25.87 -13.35 -50.11
N SER C 165 25.69 -14.14 -49.04
CA SER C 165 25.33 -15.56 -49.13
C SER C 165 23.90 -15.78 -49.66
N ALA C 166 22.96 -14.90 -49.24
CA ALA C 166 21.56 -15.00 -49.67
C ALA C 166 21.33 -14.68 -51.15
N ILE C 167 22.28 -14.00 -51.81
CA ILE C 167 22.13 -13.61 -53.21
C ILE C 167 22.25 -14.81 -54.15
N GLN C 168 21.30 -14.91 -55.10
CA GLN C 168 21.21 -15.94 -56.13
C GLN C 168 21.45 -15.30 -57.51
N ASP C 169 21.63 -16.12 -58.55
CA ASP C 169 21.75 -15.60 -59.92
C ASP C 169 20.44 -14.88 -60.36
N ASP C 170 19.30 -15.25 -59.74
CA ASP C 170 17.97 -14.71 -60.02
C ASP C 170 17.67 -13.41 -59.24
N THR C 171 18.60 -12.91 -58.37
CA THR C 171 18.32 -11.70 -57.58
C THR C 171 18.36 -10.42 -58.42
N GLY C 172 17.32 -9.60 -58.28
CA GLY C 172 17.19 -8.32 -58.95
C GLY C 172 17.43 -7.12 -58.05
N LEU C 173 17.12 -7.22 -56.74
CA LEU C 173 17.31 -6.10 -55.80
C LEU C 173 17.62 -6.57 -54.37
N VAL C 174 18.27 -5.69 -53.58
CA VAL C 174 18.58 -5.88 -52.17
C VAL C 174 17.81 -4.77 -51.43
N ILE C 175 16.69 -5.11 -50.77
CA ILE C 175 15.88 -4.12 -50.07
C ILE C 175 16.29 -3.97 -48.62
N VAL C 176 16.66 -2.75 -48.21
CA VAL C 176 17.04 -2.41 -46.83
C VAL C 176 16.34 -1.11 -46.39
N GLU C 177 16.26 -0.89 -45.08
CA GLU C 177 15.65 0.31 -44.50
C GLU C 177 16.37 0.66 -43.20
N THR C 178 16.81 1.92 -43.05
CA THR C 178 17.52 2.37 -41.85
C THR C 178 17.26 3.87 -41.55
N PRO C 179 16.75 4.24 -40.35
CA PRO C 179 16.29 3.39 -39.24
C PRO C 179 15.07 2.58 -39.65
N ALA C 180 15.01 1.31 -39.24
CA ALA C 180 13.92 0.41 -39.62
C ALA C 180 12.58 0.80 -38.99
N ASN C 181 11.48 0.45 -39.67
CA ASN C 181 10.13 0.72 -39.16
C ASN C 181 9.68 -0.59 -38.48
N PRO C 182 9.34 -0.66 -37.16
CA PRO C 182 9.23 0.42 -36.15
C PRO C 182 10.39 0.62 -35.15
N SER C 183 11.16 -0.44 -34.85
CA SER C 183 12.22 -0.46 -33.82
C SER C 183 13.47 0.41 -34.08
N LEU C 184 13.57 1.07 -35.25
CA LEU C 184 14.69 1.96 -35.59
C LEU C 184 16.05 1.24 -35.63
N ASP C 185 16.07 0.02 -36.14
CA ASP C 185 17.29 -0.76 -36.30
C ASP C 185 18.12 -0.11 -37.40
N LEU C 186 19.42 0.11 -37.13
CA LEU C 186 20.31 0.76 -38.09
C LEU C 186 21.07 -0.27 -38.91
N VAL C 187 21.38 0.10 -40.16
CA VAL C 187 22.07 -0.76 -41.12
C VAL C 187 23.21 0.04 -41.75
N ASP C 188 24.43 -0.53 -41.80
CA ASP C 188 25.56 0.13 -42.42
C ASP C 188 25.38 -0.03 -43.92
N LEU C 189 25.12 1.08 -44.61
CA LEU C 189 24.89 1.07 -46.05
C LEU C 189 26.15 0.78 -46.84
N ASP C 190 27.33 1.20 -46.35
CA ASP C 190 28.59 0.91 -47.06
C ASP C 190 28.84 -0.61 -47.08
N SER C 191 28.56 -1.31 -45.98
CA SER C 191 28.72 -2.76 -45.90
C SER C 191 27.71 -3.51 -46.75
N VAL C 192 26.46 -3.02 -46.79
CA VAL C 192 25.40 -3.67 -47.59
C VAL C 192 25.74 -3.57 -49.08
N VAL C 193 26.18 -2.39 -49.54
CA VAL C 193 26.54 -2.19 -50.95
C VAL C 193 27.73 -3.11 -51.31
N SER C 194 28.73 -3.21 -50.41
CA SER C 194 29.88 -4.08 -50.62
C SER C 194 29.44 -5.55 -50.73
N ALA C 195 28.53 -6.01 -49.85
CA ALA C 195 28.03 -7.39 -49.87
C ALA C 195 27.15 -7.69 -51.10
N ALA C 196 26.39 -6.70 -51.59
CA ALA C 196 25.52 -6.89 -52.75
C ALA C 196 26.31 -7.07 -54.05
N GLY C 197 27.37 -6.27 -54.22
CA GLY C 197 28.22 -6.36 -55.40
C GLY C 197 27.50 -5.88 -56.64
N ASN C 198 27.29 -6.80 -57.59
CA ASN C 198 26.62 -6.49 -58.86
C ASN C 198 25.10 -6.26 -58.72
N VAL C 199 24.49 -6.67 -57.60
CA VAL C 199 23.05 -6.52 -57.42
C VAL C 199 22.73 -5.08 -56.96
N PRO C 200 21.77 -4.36 -57.59
CA PRO C 200 21.45 -3.00 -57.11
C PRO C 200 20.78 -3.02 -55.73
N VAL C 201 21.04 -1.98 -54.92
CA VAL C 201 20.50 -1.87 -53.57
C VAL C 201 19.41 -0.79 -53.50
N LEU C 202 18.25 -1.14 -52.97
CA LEU C 202 17.15 -0.21 -52.77
C LEU C 202 17.08 0.10 -51.28
N VAL C 203 17.26 1.38 -50.92
CA VAL C 203 17.25 1.84 -49.53
C VAL C 203 16.00 2.67 -49.33
N ASP C 204 15.17 2.31 -48.35
CA ASP C 204 14.00 3.11 -48.02
C ASP C 204 14.49 4.18 -47.05
N ASN C 205 14.55 5.43 -47.51
CA ASN C 205 15.03 6.56 -46.73
C ASN C 205 13.86 7.43 -46.26
N THR C 206 12.70 6.82 -45.94
CA THR C 206 11.54 7.60 -45.49
C THR C 206 11.79 8.27 -44.14
N PHE C 207 12.27 7.50 -43.15
CA PHE C 207 12.50 7.96 -41.79
C PHE C 207 13.59 9.04 -41.68
N CYS C 208 14.72 8.84 -42.35
CA CYS C 208 15.84 9.78 -42.30
C CYS C 208 15.60 11.03 -43.14
N THR C 209 15.02 10.87 -44.37
CA THR C 209 14.79 11.95 -45.36
C THR C 209 16.14 12.44 -45.96
N PRO C 210 16.17 13.13 -47.13
CA PRO C 210 17.46 13.61 -47.64
C PRO C 210 18.20 14.62 -46.74
N VAL C 211 17.55 15.09 -45.67
CA VAL C 211 18.14 16.04 -44.73
C VAL C 211 19.21 15.32 -43.89
N LEU C 212 18.90 14.09 -43.44
CA LEU C 212 19.74 13.32 -42.54
C LEU C 212 20.58 12.21 -43.17
N GLN C 213 20.10 11.56 -44.24
CA GLN C 213 20.85 10.47 -44.87
C GLN C 213 20.78 10.57 -46.39
N GLN C 214 21.89 10.23 -47.06
CA GLN C 214 22.01 10.28 -48.51
C GLN C 214 22.49 8.88 -48.98
N PRO C 215 21.59 7.89 -49.12
CA PRO C 215 22.04 6.55 -49.54
C PRO C 215 22.76 6.48 -50.89
N ILE C 216 22.47 7.41 -51.83
CA ILE C 216 23.12 7.43 -53.15
C ILE C 216 24.65 7.56 -52.99
N SER C 217 25.11 8.40 -52.04
CA SER C 217 26.54 8.58 -51.77
C SER C 217 27.23 7.28 -51.30
N HIS C 218 26.50 6.42 -50.58
CA HIS C 218 27.03 5.12 -50.13
C HIS C 218 27.05 4.05 -51.24
N GLY C 219 26.41 4.32 -52.38
CA GLY C 219 26.37 3.43 -53.53
C GLY C 219 25.03 2.73 -53.76
N ALA C 220 23.93 3.25 -53.20
CA ALA C 220 22.61 2.65 -53.41
C ALA C 220 22.16 3.02 -54.82
N ALA C 221 21.60 2.07 -55.56
CA ALA C 221 21.13 2.32 -56.92
C ALA C 221 19.79 3.08 -56.90
N LEU C 222 18.85 2.68 -56.02
CA LEU C 222 17.56 3.35 -55.91
C LEU C 222 17.24 3.68 -54.44
N VAL C 223 16.57 4.82 -54.21
CA VAL C 223 16.21 5.31 -52.88
C VAL C 223 14.70 5.61 -52.83
N LEU C 224 13.94 4.80 -52.10
CA LEU C 224 12.49 4.93 -51.97
C LEU C 224 12.13 5.83 -50.79
N HIS C 225 11.05 6.62 -50.96
CA HIS C 225 10.51 7.50 -49.93
C HIS C 225 9.01 7.39 -49.96
N SER C 226 8.37 7.22 -48.80
CA SER C 226 6.93 7.32 -48.71
C SER C 226 6.74 8.82 -48.51
N ALA C 227 6.52 9.55 -49.62
CA ALA C 227 6.37 11.00 -49.56
C ALA C 227 5.21 11.46 -48.68
N THR C 228 4.23 10.57 -48.43
CA THR C 228 3.12 10.78 -47.48
C THR C 228 3.63 11.29 -46.12
N GLN C 229 4.79 10.77 -45.68
CA GLN C 229 5.41 11.15 -44.42
C GLN C 229 6.67 11.98 -44.66
N TYR C 230 6.79 13.08 -43.90
CA TYR C 230 7.92 14.02 -43.91
C TYR C 230 8.00 14.89 -45.16
N LEU C 231 8.03 14.31 -46.38
CA LEU C 231 8.13 15.12 -47.61
C LEU C 231 6.88 16.00 -47.74
N GLY C 232 5.71 15.45 -47.47
CA GLY C 232 4.47 16.21 -47.43
C GLY C 232 4.44 17.02 -46.14
N GLY C 233 4.64 16.31 -45.03
CA GLY C 233 4.77 16.92 -43.71
C GLY C 233 3.53 17.41 -43.00
N HIS C 234 2.38 17.49 -43.70
CA HIS C 234 1.14 17.98 -43.08
C HIS C 234 0.00 16.96 -43.08
N GLY C 235 0.30 15.68 -43.35
CA GLY C 235 -0.69 14.60 -43.35
C GLY C 235 -1.87 14.82 -44.26
N ASP C 236 -1.62 15.37 -45.46
CA ASP C 236 -2.68 15.66 -46.43
C ASP C 236 -2.31 15.39 -47.88
N ALA C 237 -1.25 14.62 -48.13
CA ALA C 237 -0.83 14.30 -49.49
C ALA C 237 -0.16 12.94 -49.53
N MET C 238 -0.84 11.96 -50.13
CA MET C 238 -0.27 10.63 -50.29
C MET C 238 0.75 10.71 -51.43
N GLY C 239 1.80 9.92 -51.34
CA GLY C 239 2.81 9.92 -52.38
C GLY C 239 3.92 8.91 -52.17
N GLY C 240 4.60 8.59 -53.26
CA GLY C 240 5.71 7.65 -53.27
C GLY C 240 6.68 8.06 -54.35
N ILE C 241 7.99 7.97 -54.08
CA ILE C 241 9.00 8.43 -55.04
C ILE C 241 10.32 7.67 -54.88
N ILE C 242 10.98 7.35 -56.00
CA ILE C 242 12.26 6.66 -56.00
C ILE C 242 13.29 7.52 -56.73
N ALA C 243 14.32 7.98 -56.01
CA ALA C 243 15.42 8.74 -56.60
C ALA C 243 16.44 7.70 -57.06
N THR C 244 16.78 7.67 -58.36
CA THR C 244 17.66 6.63 -58.91
C THR C 244 18.41 7.07 -60.20
N ASN C 245 19.31 6.21 -60.73
CA ASN C 245 20.01 6.43 -61.99
C ASN C 245 19.02 6.40 -63.18
N ALA C 246 19.47 6.77 -64.39
CA ALA C 246 18.62 6.79 -65.58
C ALA C 246 18.09 5.41 -66.02
N ASP C 247 18.87 4.33 -65.83
CA ASP C 247 18.44 2.98 -66.23
C ASP C 247 17.21 2.54 -65.43
N TRP C 248 17.26 2.67 -64.10
CA TRP C 248 16.14 2.27 -63.24
C TRP C 248 14.96 3.23 -63.37
N ALA C 249 15.23 4.53 -63.60
CA ALA C 249 14.14 5.50 -63.80
C ALA C 249 13.35 5.16 -65.06
N MET C 250 14.03 4.73 -66.12
CA MET C 250 13.39 4.32 -67.37
C MET C 250 12.52 3.08 -67.13
N ARG C 251 13.03 2.10 -66.38
CA ARG C 251 12.28 0.90 -66.06
C ARG C 251 11.04 1.19 -65.22
N LEU C 252 11.18 2.10 -64.24
CA LEU C 252 10.07 2.49 -63.38
C LEU C 252 9.01 3.24 -64.16
N ARG C 253 9.41 4.14 -65.06
CA ARG C 253 8.48 4.90 -65.91
C ARG C 253 7.77 3.97 -66.90
N GLN C 254 8.45 2.92 -67.41
CA GLN C 254 7.84 1.94 -68.32
C GLN C 254 6.68 1.24 -67.61
N VAL C 255 6.87 0.90 -66.33
CA VAL C 255 5.85 0.24 -65.51
C VAL C 255 4.73 1.25 -65.22
N ARG C 256 5.08 2.48 -64.82
CA ARG C 256 4.12 3.54 -64.51
C ARG C 256 3.22 3.90 -65.68
N ALA C 257 3.76 3.89 -66.91
CA ALA C 257 2.99 4.22 -68.10
C ALA C 257 1.91 3.20 -68.44
N ILE C 258 2.10 1.93 -68.05
CA ILE C 258 1.16 0.85 -68.37
C ILE C 258 0.30 0.44 -67.15
N THR C 259 0.81 0.51 -65.91
CA THR C 259 0.03 0.18 -64.72
C THR C 259 -0.70 1.41 -64.12
N GLY C 260 -0.27 2.63 -64.45
CA GLY C 260 -0.92 3.88 -64.07
C GLY C 260 -1.20 4.19 -62.61
N ALA C 261 -0.25 3.95 -61.69
CA ALA C 261 -0.44 4.34 -60.28
C ALA C 261 0.11 5.76 -60.16
N LEU C 262 -0.60 6.71 -60.78
CA LEU C 262 -0.14 8.10 -60.89
C LEU C 262 -0.36 8.95 -59.68
N LEU C 263 0.54 9.93 -59.49
CA LEU C 263 0.44 10.92 -58.44
C LEU C 263 -0.39 12.07 -59.04
N HIS C 264 -1.48 12.43 -58.37
CA HIS C 264 -2.39 13.48 -58.86
C HIS C 264 -1.67 14.84 -58.91
N PRO C 265 -1.94 15.70 -59.91
CA PRO C 265 -1.23 17.01 -59.97
C PRO C 265 -1.26 17.84 -58.67
N MET C 266 -2.35 17.78 -57.86
CA MET C 266 -2.42 18.49 -56.58
C MET C 266 -1.57 17.81 -55.51
N GLY C 267 -1.52 16.47 -55.53
CA GLY C 267 -0.66 15.72 -54.62
C GLY C 267 0.80 16.07 -54.83
N ALA C 268 1.23 16.16 -56.10
CA ALA C 268 2.58 16.57 -56.45
C ALA C 268 2.87 18.00 -56.01
N TYR C 269 1.88 18.89 -56.15
CA TYR C 269 2.02 20.28 -55.74
C TYR C 269 2.30 20.41 -54.25
N LEU C 270 1.56 19.66 -53.43
CA LEU C 270 1.72 19.72 -51.98
C LEU C 270 2.95 18.98 -51.44
N LEU C 271 3.44 17.97 -52.16
CA LEU C 271 4.67 17.28 -51.75
C LEU C 271 5.87 18.15 -52.11
N HIS C 272 5.82 18.81 -53.29
CA HIS C 272 6.86 19.74 -53.74
C HIS C 272 6.90 20.94 -52.78
N ARG C 273 5.70 21.46 -52.41
CA ARG C 273 5.51 22.57 -51.46
C ARG C 273 6.10 22.20 -50.09
N GLY C 274 5.89 20.96 -49.67
CA GLY C 274 6.40 20.45 -48.40
C GLY C 274 7.91 20.35 -48.35
N LEU C 275 8.56 20.13 -49.50
CA LEU C 275 10.03 20.07 -49.54
C LEU C 275 10.66 21.42 -49.17
N ARG C 276 9.95 22.54 -49.40
CA ARG C 276 10.47 23.89 -49.12
C ARG C 276 10.70 24.14 -47.61
N THR C 277 9.95 23.45 -46.75
CA THR C 277 10.05 23.54 -45.29
C THR C 277 10.62 22.25 -44.65
N LEU C 278 11.14 21.30 -45.45
CA LEU C 278 11.63 20.03 -44.91
C LEU C 278 12.81 20.15 -43.94
N ALA C 279 13.79 21.02 -44.22
CA ALA C 279 14.95 21.19 -43.32
C ALA C 279 14.52 21.81 -41.99
N VAL C 280 13.67 22.86 -42.01
CA VAL C 280 13.25 23.52 -40.77
C VAL C 280 12.31 22.63 -39.95
N ARG C 281 11.48 21.79 -40.59
CA ARG C 281 10.59 20.88 -39.88
C ARG C 281 11.38 19.72 -39.26
N MET C 282 12.30 19.12 -40.03
CA MET C 282 13.11 18.01 -39.54
C MET C 282 13.99 18.45 -38.37
N ARG C 283 14.71 19.59 -38.51
CA ARG C 283 15.57 20.10 -37.45
C ARG C 283 14.79 20.39 -36.15
N ALA C 284 13.56 20.92 -36.26
CA ALA C 284 12.75 21.23 -35.08
C ALA C 284 12.25 19.97 -34.39
N ALA C 285 11.72 18.99 -35.15
CA ALA C 285 11.20 17.75 -34.59
C ALA C 285 12.31 16.87 -34.03
N GLN C 286 13.50 16.88 -34.66
CA GLN C 286 14.65 16.11 -34.20
C GLN C 286 15.13 16.62 -32.83
N THR C 287 15.16 17.94 -32.64
CA THR C 287 15.56 18.55 -31.37
C THR C 287 14.59 18.11 -30.26
N THR C 288 13.28 18.17 -30.54
CA THR C 288 12.24 17.76 -29.60
C THR C 288 12.36 16.26 -29.29
N ALA C 289 12.62 15.43 -30.30
CA ALA C 289 12.76 13.99 -30.11
C ALA C 289 13.97 13.58 -29.29
N GLY C 290 15.11 14.22 -29.50
CA GLY C 290 16.31 13.93 -28.74
C GLY C 290 16.14 14.17 -27.25
N GLU C 291 15.37 15.21 -26.90
CA GLU C 291 15.06 15.55 -25.52
C GLU C 291 13.99 14.60 -24.95
N LEU C 292 12.96 14.26 -25.75
CA LEU C 292 11.91 13.35 -25.31
C LEU C 292 12.46 11.94 -25.03
N ALA C 293 13.30 11.40 -25.92
CA ALA C 293 13.88 10.07 -25.70
C ALA C 293 14.64 9.95 -24.36
N GLU C 294 15.28 11.05 -23.92
CA GLU C 294 16.01 11.07 -22.65
C GLU C 294 15.04 11.04 -21.47
N ARG C 295 13.95 11.83 -21.53
CA ARG C 295 12.95 11.88 -20.47
C ARG C 295 12.20 10.56 -20.37
N LEU C 296 11.86 9.96 -21.51
CA LEU C 296 11.13 8.70 -21.59
C LEU C 296 11.98 7.53 -21.11
N ASP C 297 13.31 7.57 -21.33
CA ASP C 297 14.20 6.51 -20.85
C ASP C 297 14.26 6.52 -19.32
N ALA C 298 14.20 7.72 -18.70
CA ALA C 298 14.21 7.87 -17.24
C ALA C 298 12.91 7.40 -16.57
N HIS C 299 11.80 7.27 -17.30
CA HIS C 299 10.52 6.84 -16.70
C HIS C 299 10.58 5.35 -16.31
N PRO C 300 10.05 4.95 -15.13
CA PRO C 300 10.12 3.53 -14.75
C PRO C 300 9.22 2.59 -15.56
N ALA C 301 8.13 3.12 -16.13
CA ALA C 301 7.20 2.33 -16.94
C ALA C 301 7.83 1.83 -18.24
N ILE C 302 8.84 2.54 -18.77
CA ILE C 302 9.51 2.15 -20.01
C ILE C 302 10.84 1.47 -19.67
N SER C 303 11.05 0.25 -20.20
CA SER C 303 12.27 -0.50 -19.98
C SER C 303 13.37 -0.12 -20.99
N VAL C 304 13.04 -0.10 -22.30
CA VAL C 304 13.98 0.18 -23.39
C VAL C 304 13.47 1.36 -24.21
N VAL C 305 14.35 2.32 -24.58
CA VAL C 305 14.00 3.43 -25.47
C VAL C 305 14.95 3.35 -26.64
N HIS C 306 14.41 3.02 -27.81
CA HIS C 306 15.18 2.93 -29.04
C HIS C 306 15.22 4.32 -29.67
N TYR C 307 16.41 4.93 -29.76
CA TYR C 307 16.58 6.24 -30.39
C TYR C 307 18.04 6.36 -30.86
N PRO C 308 18.35 6.53 -32.17
CA PRO C 308 19.78 6.58 -32.59
C PRO C 308 20.68 7.57 -31.84
N GLY C 309 20.18 8.76 -31.56
CA GLY C 309 20.92 9.81 -30.85
C GLY C 309 21.26 9.49 -29.39
N LEU C 310 20.55 8.52 -28.78
CA LEU C 310 20.80 8.10 -27.40
C LEU C 310 22.12 7.34 -27.30
N LYS C 311 22.75 7.41 -26.12
CA LYS C 311 24.03 6.76 -25.85
C LYS C 311 23.94 5.23 -25.89
N GLY C 312 24.93 4.57 -26.49
CA GLY C 312 24.95 3.12 -26.60
C GLY C 312 24.18 2.57 -27.78
N GLN C 313 23.22 3.35 -28.32
CA GLN C 313 22.41 2.93 -29.45
C GLN C 313 23.17 2.93 -30.79
N ASP C 314 24.33 3.59 -30.86
CA ASP C 314 25.12 3.68 -32.09
C ASP C 314 26.52 3.05 -31.88
N PRO C 315 26.67 1.70 -31.87
CA PRO C 315 28.01 1.12 -31.68
C PRO C 315 28.93 1.23 -32.91
N ARG C 316 28.37 1.10 -34.13
CA ARG C 316 29.16 1.15 -35.37
C ARG C 316 29.59 2.55 -35.82
N GLY C 317 29.18 3.60 -35.10
CA GLY C 317 29.56 4.96 -35.45
C GLY C 317 28.95 5.45 -36.74
N LEU C 318 27.71 5.02 -37.03
CA LEU C 318 26.99 5.44 -38.22
C LEU C 318 26.51 6.88 -38.10
N LEU C 319 26.40 7.47 -36.88
CA LEU C 319 26.00 8.87 -36.73
C LEU C 319 27.23 9.72 -37.01
N GLY C 320 27.07 10.69 -37.92
CA GLY C 320 28.14 11.53 -38.41
C GLY C 320 28.53 11.00 -39.77
N ARG C 321 28.96 9.73 -39.79
CA ARG C 321 29.40 9.01 -40.99
C ARG C 321 28.28 8.83 -42.07
N GLN C 322 27.11 8.28 -41.66
CA GLN C 322 25.97 7.98 -42.52
C GLN C 322 24.75 8.90 -42.24
N MET C 323 24.38 9.06 -40.96
CA MET C 323 23.25 9.88 -40.53
C MET C 323 23.76 11.15 -39.88
N SER C 324 23.37 12.33 -40.40
CA SER C 324 23.77 13.60 -39.79
C SER C 324 23.08 13.85 -38.44
N GLY C 325 21.93 13.24 -38.17
CA GLY C 325 21.22 13.40 -36.92
C GLY C 325 20.50 12.15 -36.46
N GLY C 326 19.92 12.22 -35.26
CA GLY C 326 19.21 11.12 -34.64
C GLY C 326 17.80 10.85 -35.12
N GLY C 327 17.17 11.81 -35.82
CA GLY C 327 15.82 11.64 -36.35
C GLY C 327 14.73 12.15 -35.43
N ALA C 328 13.47 12.02 -35.88
CA ALA C 328 12.30 12.45 -35.12
C ALA C 328 11.34 11.30 -34.83
N MET C 329 11.83 10.05 -34.80
CA MET C 329 11.03 8.88 -34.49
C MET C 329 11.61 8.24 -33.24
N ILE C 330 10.75 7.76 -32.32
CA ILE C 330 11.19 7.11 -31.09
C ILE C 330 10.31 5.89 -30.88
N ALA C 331 10.92 4.72 -30.72
CA ALA C 331 10.21 3.48 -30.38
C ALA C 331 10.62 3.08 -28.96
N MET C 332 9.74 2.39 -28.22
CA MET C 332 10.05 1.99 -26.85
C MET C 332 9.37 0.68 -26.44
N GLU C 333 10.04 -0.08 -25.57
CA GLU C 333 9.52 -1.34 -25.03
C GLU C 333 8.98 -1.04 -23.64
N LEU C 334 7.71 -1.40 -23.38
CA LEU C 334 7.09 -1.16 -22.08
C LEU C 334 7.43 -2.31 -21.13
N ALA C 335 7.59 -2.00 -19.84
CA ALA C 335 7.91 -3.00 -18.83
C ALA C 335 6.74 -3.96 -18.59
N GLY C 336 5.52 -3.44 -18.60
CA GLY C 336 4.32 -4.25 -18.40
C GLY C 336 3.81 -5.01 -19.60
N GLY C 337 4.57 -5.05 -20.69
CA GLY C 337 4.21 -5.78 -21.89
C GLY C 337 3.10 -5.14 -22.70
N PHE C 338 2.21 -5.97 -23.27
CA PHE C 338 1.10 -5.50 -24.09
C PHE C 338 0.12 -4.61 -23.34
N ASP C 339 -0.28 -4.99 -22.11
CA ASP C 339 -1.25 -4.19 -21.35
C ASP C 339 -0.75 -2.77 -21.07
N ALA C 340 0.54 -2.60 -20.73
CA ALA C 340 1.09 -1.27 -20.49
C ALA C 340 1.18 -0.48 -21.79
N ALA C 341 1.57 -1.14 -22.90
CA ALA C 341 1.63 -0.53 -24.23
C ALA C 341 0.24 -0.08 -24.70
N ARG C 342 -0.78 -0.90 -24.46
CA ARG C 342 -2.17 -0.60 -24.82
C ARG C 342 -2.66 0.60 -24.01
N SER C 343 -2.46 0.59 -22.68
CA SER C 343 -2.88 1.69 -21.81
C SER C 343 -2.17 3.00 -22.15
N PHE C 344 -0.88 2.94 -22.53
CA PHE C 344 -0.09 4.13 -22.87
C PHE C 344 -0.71 4.90 -24.07
N VAL C 345 -1.02 4.22 -25.19
CA VAL C 345 -1.60 4.90 -26.36
C VAL C 345 -3.05 5.31 -26.13
N GLU C 346 -3.81 4.54 -25.32
CA GLU C 346 -5.21 4.85 -25.06
C GLU C 346 -5.41 6.03 -24.09
N HIS C 347 -4.40 6.35 -23.25
CA HIS C 347 -4.48 7.49 -22.32
C HIS C 347 -3.81 8.77 -22.86
N CYS C 348 -3.35 8.77 -24.12
CA CYS C 348 -2.77 9.97 -24.72
C CYS C 348 -3.92 10.88 -25.18
N ASN C 349 -3.80 12.20 -24.97
CA ASN C 349 -4.82 13.18 -25.36
C ASN C 349 -4.28 14.12 -26.45
N LEU C 350 -3.19 14.85 -26.17
CA LEU C 350 -2.56 15.75 -27.13
C LEU C 350 -1.90 14.90 -28.21
N VAL C 351 -1.15 13.85 -27.81
CA VAL C 351 -0.54 12.91 -28.75
C VAL C 351 -1.69 12.03 -29.23
N VAL C 352 -1.86 11.90 -30.54
CA VAL C 352 -2.99 11.17 -31.12
C VAL C 352 -2.64 9.73 -31.51
N HIS C 353 -3.52 8.78 -31.16
CA HIS C 353 -3.35 7.37 -31.50
C HIS C 353 -3.75 7.18 -32.97
N ALA C 354 -2.75 7.15 -33.87
CA ALA C 354 -2.96 7.01 -35.31
C ALA C 354 -1.68 6.53 -36.02
N VAL C 355 -1.84 5.93 -37.21
CA VAL C 355 -0.70 5.51 -38.04
C VAL C 355 -0.15 6.75 -38.83
N SER C 356 0.93 6.58 -39.63
CA SER C 356 1.61 7.64 -40.39
C SER C 356 2.60 8.38 -39.50
N LEU C 357 3.51 9.12 -40.12
CA LEU C 357 4.58 9.79 -39.39
C LEU C 357 5.05 11.08 -40.12
N GLY C 358 6.04 11.77 -39.57
CA GLY C 358 6.62 12.96 -40.19
C GLY C 358 5.73 14.18 -40.31
N GLY C 359 4.56 14.14 -39.67
CA GLY C 359 3.61 15.24 -39.72
C GLY C 359 3.91 16.34 -38.72
N ALA C 360 3.15 17.44 -38.82
CA ALA C 360 3.29 18.57 -37.91
C ALA C 360 2.90 18.22 -36.47
N ASP C 361 2.04 17.19 -36.28
CA ASP C 361 1.59 16.75 -34.96
C ASP C 361 2.22 15.40 -34.56
N THR C 362 2.27 15.16 -33.24
CA THR C 362 2.86 13.95 -32.67
C THR C 362 1.82 12.84 -32.65
N LEU C 363 2.18 11.67 -33.21
CA LEU C 363 1.31 10.50 -33.28
C LEU C 363 1.95 9.31 -32.57
N ILE C 364 1.11 8.39 -32.07
CA ILE C 364 1.57 7.20 -31.33
C ILE C 364 0.72 5.99 -31.75
N GLN C 365 1.32 4.79 -31.78
CA GLN C 365 0.60 3.57 -32.17
C GLN C 365 1.32 2.29 -31.75
N HIS C 366 0.58 1.16 -31.71
CA HIS C 366 1.13 -0.17 -31.39
C HIS C 366 1.42 -0.86 -32.73
N PRO C 367 2.69 -0.98 -33.17
CA PRO C 367 2.97 -1.56 -34.49
C PRO C 367 2.43 -2.96 -34.75
N ALA C 368 2.53 -3.88 -33.78
CA ALA C 368 2.03 -5.24 -33.96
C ALA C 368 0.52 -5.30 -34.26
N SER C 369 -0.25 -4.29 -33.79
CA SER C 369 -1.69 -4.22 -34.00
C SER C 369 -2.09 -3.42 -35.23
N LEU C 370 -1.24 -2.50 -35.73
CA LEU C 370 -1.61 -1.67 -36.88
C LEU C 370 -0.61 -1.76 -38.07
N THR C 371 0.47 -0.94 -38.11
CA THR C 371 1.38 -0.88 -39.25
C THR C 371 1.97 -2.24 -39.64
N HIS C 372 2.35 -3.05 -38.65
CA HIS C 372 2.93 -4.37 -38.90
C HIS C 372 1.98 -5.51 -38.56
N ARG C 373 0.66 -5.30 -38.75
CA ARG C 373 -0.34 -6.35 -38.54
C ARG C 373 -0.28 -7.41 -39.67
N PRO C 374 -0.10 -7.07 -40.98
CA PRO C 374 -0.03 -8.13 -42.01
C PRO C 374 1.29 -8.93 -42.02
N VAL C 375 2.23 -8.63 -41.10
CA VAL C 375 3.51 -9.32 -41.02
C VAL C 375 3.32 -10.69 -40.36
N ALA C 376 4.13 -11.68 -40.77
CA ALA C 376 4.08 -13.03 -40.20
C ALA C 376 4.35 -12.99 -38.69
N ALA C 377 3.70 -13.89 -37.94
CA ALA C 377 3.84 -13.94 -36.48
C ALA C 377 5.29 -13.98 -36.00
N THR C 378 6.15 -14.78 -36.66
CA THR C 378 7.56 -14.90 -36.28
C THR C 378 8.33 -13.59 -36.48
N ALA C 379 7.97 -12.82 -37.53
CA ALA C 379 8.63 -11.56 -37.88
C ALA C 379 7.94 -10.31 -37.31
N LYS C 380 6.81 -10.45 -36.60
CA LYS C 380 6.09 -9.30 -36.08
C LYS C 380 6.91 -8.59 -34.98
N PRO C 381 6.79 -7.24 -34.78
CA PRO C 381 7.53 -6.61 -33.68
C PRO C 381 6.99 -7.01 -32.29
N GLY C 382 7.74 -6.66 -31.25
CA GLY C 382 7.39 -6.98 -29.88
C GLY C 382 6.01 -6.45 -29.48
N ASP C 383 5.30 -7.21 -28.63
CA ASP C 383 3.98 -6.81 -28.15
C ASP C 383 4.04 -5.61 -27.19
N GLY C 384 5.16 -5.42 -26.50
CA GLY C 384 5.35 -4.28 -25.62
C GLY C 384 5.90 -3.05 -26.32
N LEU C 385 6.22 -3.15 -27.63
CA LEU C 385 6.80 -2.05 -28.40
C LEU C 385 5.73 -1.04 -28.85
N ILE C 386 6.08 0.25 -28.78
CA ILE C 386 5.23 1.38 -29.16
C ILE C 386 6.08 2.33 -30.03
N ARG C 387 5.55 2.77 -31.19
CA ARG C 387 6.23 3.70 -32.07
C ARG C 387 5.60 5.09 -31.92
N LEU C 388 6.45 6.14 -31.93
CA LEU C 388 6.02 7.53 -31.78
C LEU C 388 6.68 8.41 -32.83
N SER C 389 5.88 9.25 -33.51
CA SER C 389 6.38 10.22 -34.50
C SER C 389 6.35 11.58 -33.83
N VAL C 390 7.51 12.21 -33.64
CA VAL C 390 7.58 13.51 -32.97
C VAL C 390 7.27 14.64 -33.98
N GLY C 391 6.39 15.56 -33.58
CA GLY C 391 5.96 16.69 -34.40
C GLY C 391 6.65 17.99 -34.03
N LEU C 392 5.97 19.12 -34.32
CA LEU C 392 6.50 20.47 -34.08
C LEU C 392 5.89 21.15 -32.85
N GLU C 393 5.39 20.37 -31.88
CA GLU C 393 4.83 20.95 -30.66
C GLU C 393 5.95 21.18 -29.63
N HIS C 394 5.66 21.96 -28.58
CA HIS C 394 6.63 22.24 -27.53
C HIS C 394 6.96 20.95 -26.79
N VAL C 395 8.25 20.74 -26.50
CA VAL C 395 8.75 19.55 -25.81
C VAL C 395 8.06 19.32 -24.44
N ASP C 396 7.82 20.38 -23.66
CA ASP C 396 7.19 20.25 -22.35
C ASP C 396 5.76 19.73 -22.45
N ASP C 397 4.97 20.27 -23.40
CA ASP C 397 3.58 19.82 -23.57
C ASP C 397 3.48 18.37 -24.02
N LEU C 398 4.44 17.89 -24.83
CA LEU C 398 4.44 16.51 -25.29
C LEU C 398 4.87 15.57 -24.16
N ALA C 399 5.91 15.97 -23.41
CA ALA C 399 6.38 15.15 -22.29
C ALA C 399 5.32 15.06 -21.21
N ASP C 400 4.64 16.17 -20.89
CA ASP C 400 3.57 16.18 -19.88
C ASP C 400 2.46 15.19 -20.24
N ASP C 401 2.06 15.15 -21.51
CA ASP C 401 1.01 14.25 -21.97
C ASP C 401 1.45 12.78 -21.98
N LEU C 402 2.68 12.51 -22.44
CA LEU C 402 3.19 11.14 -22.51
C LEU C 402 3.44 10.57 -21.11
N ILE C 403 3.91 11.41 -20.17
CA ILE C 403 4.16 10.97 -18.79
C ILE C 403 2.81 10.67 -18.11
N ALA C 404 1.81 11.54 -18.28
CA ALA C 404 0.48 11.32 -17.72
C ALA C 404 -0.16 10.03 -18.24
N ALA C 405 0.06 9.70 -19.52
CA ALA C 405 -0.46 8.47 -20.13
C ALA C 405 0.19 7.22 -19.52
N LEU C 406 1.49 7.29 -19.21
CA LEU C 406 2.21 6.18 -18.60
C LEU C 406 1.76 6.01 -17.14
N ASP C 407 1.56 7.14 -16.43
CA ASP C 407 1.11 7.13 -15.04
C ASP C 407 -0.36 6.68 -14.88
N ALA C 408 -1.15 6.66 -15.97
CA ALA C 408 -2.55 6.23 -15.91
C ALA C 408 -2.69 4.73 -15.62
N SER C 409 -1.73 3.91 -16.08
CA SER C 409 -1.76 2.47 -15.84
C SER C 409 -1.52 2.12 -14.36
N SER D 23 -36.63 2.85 -57.64
CA SER D 23 -37.86 3.55 -58.02
C SER D 23 -37.58 4.83 -58.82
N LEU D 24 -36.37 5.42 -58.71
CA LEU D 24 -36.04 6.66 -59.43
C LEU D 24 -35.43 6.38 -60.79
N HIS D 25 -35.58 7.33 -61.72
CA HIS D 25 -35.05 7.22 -63.08
C HIS D 25 -33.51 7.39 -63.09
N PRO D 26 -32.75 6.91 -64.11
CA PRO D 26 -31.29 7.10 -64.08
C PRO D 26 -30.82 8.56 -64.13
N GLU D 27 -31.63 9.46 -64.71
CA GLU D 27 -31.29 10.88 -64.79
C GLU D 27 -31.29 11.51 -63.38
N THR D 28 -32.23 11.08 -62.53
CA THR D 28 -32.32 11.54 -61.13
C THR D 28 -31.16 10.95 -60.31
N LEU D 29 -30.86 9.65 -60.52
CA LEU D 29 -29.80 8.95 -59.80
C LEU D 29 -28.40 9.44 -60.12
N MET D 30 -28.19 10.06 -61.29
CA MET D 30 -26.88 10.64 -61.62
C MET D 30 -26.63 11.89 -60.80
N VAL D 31 -27.67 12.68 -60.52
CA VAL D 31 -27.57 13.91 -59.73
C VAL D 31 -27.40 13.59 -58.23
N HIS D 32 -28.28 12.74 -57.68
CA HIS D 32 -28.31 12.41 -56.26
C HIS D 32 -27.55 11.14 -55.81
N GLY D 33 -26.91 10.43 -56.74
CA GLY D 33 -26.14 9.23 -56.39
C GLY D 33 -24.91 9.57 -55.59
N GLY D 34 -24.66 8.81 -54.53
CA GLY D 34 -23.52 9.03 -53.64
C GLY D 34 -23.60 10.28 -52.79
N MET D 35 -24.79 10.93 -52.74
CA MET D 35 -25.02 12.15 -51.95
C MET D 35 -25.88 11.82 -50.71
N LYS D 36 -25.70 10.62 -50.14
CA LYS D 36 -26.51 10.15 -49.02
C LYS D 36 -26.01 10.77 -47.71
N GLY D 37 -26.92 11.34 -46.93
CA GLY D 37 -26.59 11.94 -45.66
C GLY D 37 -26.07 13.36 -45.72
N LEU D 38 -25.79 13.90 -46.91
CA LEU D 38 -25.26 15.27 -47.04
C LEU D 38 -26.35 16.29 -46.69
N THR D 39 -27.54 16.13 -47.26
CA THR D 39 -28.67 17.04 -46.98
C THR D 39 -29.04 16.98 -45.48
N GLU D 40 -28.97 15.79 -44.89
CA GLU D 40 -29.29 15.57 -43.48
C GLU D 40 -28.23 16.22 -42.56
N ALA D 41 -26.97 16.38 -43.05
CA ALA D 41 -25.88 17.03 -42.31
C ALA D 41 -25.77 18.56 -42.57
N GLY D 42 -26.68 19.13 -43.36
CA GLY D 42 -26.67 20.56 -43.66
C GLY D 42 -25.61 21.03 -44.63
N VAL D 43 -25.24 20.17 -45.61
CA VAL D 43 -24.24 20.50 -46.64
C VAL D 43 -24.78 20.12 -48.03
N HIS D 44 -24.26 20.77 -49.09
CA HIS D 44 -24.74 20.56 -50.46
C HIS D 44 -23.94 19.53 -51.27
N VAL D 45 -22.61 19.63 -51.27
CA VAL D 45 -21.72 18.74 -52.04
C VAL D 45 -20.79 17.95 -51.08
N PRO D 46 -20.25 16.76 -51.46
CA PRO D 46 -19.37 16.04 -50.52
C PRO D 46 -18.07 16.77 -50.28
N ALA D 47 -17.58 16.75 -49.03
CA ALA D 47 -16.35 17.45 -48.68
C ALA D 47 -15.12 16.71 -49.21
N ILE D 48 -14.01 17.43 -49.40
CA ILE D 48 -12.76 16.86 -49.87
C ILE D 48 -11.85 16.73 -48.65
N ASP D 49 -11.78 15.52 -48.08
CA ASP D 49 -10.95 15.24 -46.92
C ASP D 49 -9.59 14.75 -47.40
N LEU D 50 -8.55 15.59 -47.27
CA LEU D 50 -7.21 15.23 -47.71
C LEU D 50 -6.43 14.36 -46.70
N SER D 51 -6.98 14.12 -45.49
CA SER D 51 -6.35 13.32 -44.44
C SER D 51 -5.72 12.02 -44.93
N THR D 52 -4.42 11.86 -44.72
CA THR D 52 -3.72 10.64 -45.08
C THR D 52 -4.00 9.58 -44.02
N THR D 53 -4.00 9.97 -42.74
CA THR D 53 -4.28 9.10 -41.61
C THR D 53 -5.64 9.44 -41.01
N ASN D 54 -6.21 8.48 -40.27
CA ASN D 54 -7.51 8.62 -39.62
C ASN D 54 -7.39 8.07 -38.19
N PRO D 55 -7.43 8.90 -37.12
CA PRO D 55 -7.26 8.36 -35.76
C PRO D 55 -8.23 7.26 -35.34
N VAL D 56 -7.78 6.42 -34.39
CA VAL D 56 -8.56 5.28 -33.89
C VAL D 56 -8.94 5.50 -32.42
N ASN D 57 -10.10 4.95 -32.00
CA ASN D 57 -10.58 5.13 -30.63
C ASN D 57 -9.75 4.34 -29.65
N ASP D 58 -9.39 3.10 -29.99
CA ASP D 58 -8.56 2.25 -29.14
C ASP D 58 -7.79 1.22 -30.00
N VAL D 59 -6.91 0.42 -29.36
CA VAL D 59 -6.09 -0.57 -30.05
C VAL D 59 -6.96 -1.69 -30.65
N ALA D 60 -7.96 -2.15 -29.90
CA ALA D 60 -8.84 -3.23 -30.35
C ALA D 60 -9.70 -2.85 -31.56
N THR D 61 -10.43 -1.71 -31.51
CA THR D 61 -11.28 -1.30 -32.64
C THR D 61 -10.45 -0.86 -33.83
N GLY D 62 -9.34 -0.16 -33.58
CA GLY D 62 -8.44 0.28 -34.64
C GLY D 62 -7.83 -0.89 -35.39
N GLY D 63 -7.36 -1.88 -34.64
CA GLY D 63 -6.77 -3.09 -35.21
C GLY D 63 -7.77 -3.91 -35.99
N ASP D 64 -9.00 -4.08 -35.46
CA ASP D 64 -10.04 -4.81 -36.16
C ASP D 64 -10.47 -4.07 -37.43
N SER D 65 -10.54 -2.72 -37.40
CA SER D 65 -10.89 -1.95 -38.59
C SER D 65 -9.78 -2.08 -39.64
N TYR D 66 -8.50 -2.07 -39.20
CA TYR D 66 -7.35 -2.26 -40.10
C TYR D 66 -7.48 -3.62 -40.81
N GLU D 67 -7.70 -4.71 -40.06
CA GLU D 67 -7.81 -6.04 -40.64
C GLU D 67 -9.01 -6.15 -41.59
N TRP D 68 -10.17 -5.63 -41.19
CA TRP D 68 -11.38 -5.66 -42.02
C TRP D 68 -11.14 -4.98 -43.38
N LEU D 69 -10.48 -3.81 -43.37
CA LEU D 69 -10.23 -3.08 -44.60
C LEU D 69 -9.10 -3.67 -45.45
N ALA D 70 -7.98 -4.09 -44.80
CA ALA D 70 -6.84 -4.69 -45.49
C ALA D 70 -7.25 -6.00 -46.19
N THR D 71 -8.20 -6.75 -45.60
CA THR D 71 -8.72 -7.98 -46.22
C THR D 71 -9.82 -7.70 -47.28
N GLY D 72 -9.92 -6.45 -47.77
CA GLY D 72 -10.84 -6.06 -48.83
C GLY D 72 -12.28 -5.76 -48.47
N HIS D 73 -12.60 -5.52 -47.20
CA HIS D 73 -14.00 -5.24 -46.82
C HIS D 73 -14.35 -3.75 -46.80
N THR D 74 -15.65 -3.46 -46.92
CA THR D 74 -16.20 -2.09 -46.90
C THR D 74 -16.12 -1.55 -45.49
N LEU D 75 -15.84 -0.24 -45.34
CA LEU D 75 -15.77 0.39 -44.03
C LEU D 75 -17.13 0.34 -43.34
N LYS D 76 -17.14 -0.12 -42.09
CA LYS D 76 -18.39 -0.19 -41.33
C LYS D 76 -18.82 1.21 -40.91
N ASP D 77 -20.13 1.44 -40.77
CA ASP D 77 -20.63 2.75 -40.37
C ASP D 77 -20.24 2.97 -38.91
N GLY D 78 -19.59 4.10 -38.64
CA GLY D 78 -19.11 4.42 -37.29
C GLY D 78 -17.83 3.68 -36.96
N ASP D 79 -16.90 3.64 -37.92
CA ASP D 79 -15.59 2.98 -37.77
C ASP D 79 -14.53 3.87 -38.43
N SER D 80 -13.32 3.87 -37.88
CA SER D 80 -12.24 4.69 -38.41
C SER D 80 -11.71 4.11 -39.71
N ALA D 81 -11.42 5.00 -40.70
CA ALA D 81 -10.82 4.57 -41.95
C ALA D 81 -9.35 4.12 -41.77
N VAL D 82 -8.70 4.44 -40.61
CA VAL D 82 -7.34 4.09 -40.20
C VAL D 82 -6.25 4.78 -41.08
N TYR D 83 -6.27 4.55 -42.39
CA TYR D 83 -5.31 5.10 -43.33
C TYR D 83 -5.97 5.21 -44.72
N GLN D 84 -5.50 6.16 -45.54
CA GLN D 84 -6.07 6.41 -46.88
C GLN D 84 -5.91 5.22 -47.83
N ARG D 85 -4.80 4.48 -47.72
CA ARG D 85 -4.59 3.30 -48.57
C ARG D 85 -5.56 2.15 -48.24
N LEU D 86 -6.21 2.18 -47.05
CA LEU D 86 -7.19 1.20 -46.63
C LEU D 86 -8.58 1.71 -46.99
N TRP D 87 -8.86 3.04 -46.80
CA TRP D 87 -10.16 3.62 -47.13
C TRP D 87 -10.13 5.15 -47.23
N GLN D 88 -10.92 5.73 -48.17
CA GLN D 88 -11.07 7.16 -48.35
C GLN D 88 -12.58 7.46 -48.50
N PRO D 89 -13.20 8.39 -47.73
CA PRO D 89 -14.64 8.60 -47.85
C PRO D 89 -15.17 9.21 -49.15
N GLY D 90 -14.40 10.13 -49.74
CA GLY D 90 -14.79 10.77 -50.99
C GLY D 90 -14.75 9.79 -52.15
N VAL D 91 -13.75 8.90 -52.15
CA VAL D 91 -13.61 7.85 -53.16
C VAL D 91 -14.81 6.90 -53.01
N ALA D 92 -15.11 6.50 -51.76
CA ALA D 92 -16.25 5.64 -51.43
C ALA D 92 -17.58 6.19 -51.93
N ARG D 93 -17.78 7.51 -51.89
CA ARG D 93 -19.03 8.10 -52.38
C ARG D 93 -19.13 7.97 -53.89
N PHE D 94 -18.02 8.22 -54.60
CA PHE D 94 -17.96 8.06 -56.06
C PHE D 94 -18.22 6.58 -56.42
N GLU D 95 -17.65 5.66 -55.63
CA GLU D 95 -17.81 4.22 -55.83
C GLU D 95 -19.29 3.83 -55.72
N THR D 96 -20.00 4.25 -54.67
CA THR D 96 -21.42 3.92 -54.51
C THR D 96 -22.28 4.61 -55.57
N ALA D 97 -21.88 5.81 -56.04
CA ALA D 97 -22.63 6.51 -57.08
C ALA D 97 -22.63 5.73 -58.40
N LEU D 98 -21.45 5.26 -58.87
CA LEU D 98 -21.38 4.51 -60.10
C LEU D 98 -21.97 3.11 -59.97
N ALA D 99 -21.75 2.43 -58.82
CA ALA D 99 -22.32 1.11 -58.60
C ALA D 99 -23.86 1.12 -58.74
N GLY D 100 -24.50 2.19 -58.28
CA GLY D 100 -25.93 2.35 -58.42
C GLY D 100 -26.38 2.57 -59.85
N LEU D 101 -25.55 3.26 -60.67
CA LEU D 101 -25.88 3.52 -62.07
C LEU D 101 -25.74 2.21 -62.86
N GLU D 102 -24.65 1.45 -62.63
CA GLU D 102 -24.43 0.15 -63.32
C GLU D 102 -25.28 -0.99 -62.73
N HIS D 103 -25.94 -0.77 -61.57
CA HIS D 103 -26.76 -1.75 -60.85
C HIS D 103 -25.91 -2.92 -60.34
N ALA D 104 -24.68 -2.61 -59.87
CA ALA D 104 -23.73 -3.54 -59.28
C ALA D 104 -23.81 -3.45 -57.74
N GLU D 105 -23.32 -4.47 -57.03
CA GLU D 105 -23.38 -4.47 -55.57
C GLU D 105 -22.44 -3.41 -55.00
N GLU D 106 -21.18 -3.39 -55.48
CA GLU D 106 -20.14 -2.49 -55.02
C GLU D 106 -19.27 -2.00 -56.21
N ALA D 107 -18.34 -1.07 -55.97
CA ALA D 107 -17.40 -0.57 -56.97
C ALA D 107 -16.08 -0.20 -56.30
N VAL D 108 -14.96 -0.36 -57.02
CA VAL D 108 -13.61 -0.06 -56.50
C VAL D 108 -12.93 0.91 -57.47
N ALA D 109 -12.48 2.06 -56.97
CA ALA D 109 -11.86 3.11 -57.76
C ALA D 109 -10.34 3.19 -57.55
N PHE D 110 -9.62 3.52 -58.63
CA PHE D 110 -8.16 3.60 -58.71
C PHE D 110 -7.73 4.90 -59.43
N ALA D 111 -6.41 5.20 -59.42
CA ALA D 111 -5.83 6.40 -60.03
C ALA D 111 -6.16 6.56 -61.51
N THR D 112 -6.12 5.45 -62.29
CA THR D 112 -6.37 5.43 -63.74
C THR D 112 -7.15 4.16 -64.16
N GLY D 113 -7.67 4.13 -65.38
CA GLY D 113 -8.32 2.94 -65.93
C GLY D 113 -7.36 1.77 -66.02
N MET D 114 -6.09 2.05 -66.32
CA MET D 114 -5.06 1.00 -66.38
C MET D 114 -4.80 0.42 -64.99
N ALA D 115 -4.83 1.25 -63.92
CA ALA D 115 -4.64 0.77 -62.54
C ALA D 115 -5.75 -0.19 -62.15
N ALA D 116 -6.99 0.08 -62.61
CA ALA D 116 -8.13 -0.79 -62.36
C ALA D 116 -7.94 -2.11 -63.10
N MET D 117 -7.51 -2.06 -64.37
CA MET D 117 -7.21 -3.27 -65.16
C MET D 117 -6.11 -4.09 -64.46
N THR D 118 -5.04 -3.41 -64.01
CA THR D 118 -3.91 -4.02 -63.31
C THR D 118 -4.38 -4.77 -62.07
N ALA D 119 -5.25 -4.13 -61.28
CA ALA D 119 -5.78 -4.75 -60.07
C ALA D 119 -6.63 -5.98 -60.37
N ALA D 120 -7.47 -5.91 -61.41
CA ALA D 120 -8.31 -7.04 -61.80
C ALA D 120 -7.47 -8.23 -62.29
N LEU D 121 -6.35 -7.94 -62.97
CA LEU D 121 -5.47 -8.99 -63.47
C LEU D 121 -4.67 -9.60 -62.32
N LEU D 122 -4.19 -8.76 -61.41
CA LEU D 122 -3.47 -9.26 -60.25
C LEU D 122 -4.39 -10.07 -59.32
N ALA D 123 -5.67 -9.69 -59.22
CA ALA D 123 -6.65 -10.44 -58.42
C ALA D 123 -6.85 -11.85 -58.99
N ALA D 124 -6.91 -11.97 -60.33
CA ALA D 124 -7.05 -13.25 -61.01
C ALA D 124 -5.79 -14.10 -60.85
N VAL D 125 -4.60 -13.50 -60.97
CA VAL D 125 -3.33 -14.21 -60.83
C VAL D 125 -3.20 -14.72 -59.39
N SER D 126 -3.51 -13.86 -58.41
CA SER D 126 -3.45 -14.21 -56.99
C SER D 126 -4.39 -15.39 -56.66
N ALA D 127 -5.58 -15.44 -57.30
CA ALA D 127 -6.54 -16.52 -57.08
C ALA D 127 -6.10 -17.88 -57.67
N GLY D 128 -5.05 -17.90 -58.50
CA GLY D 128 -4.56 -19.11 -59.14
C GLY D 128 -5.13 -19.33 -60.53
N THR D 129 -5.62 -18.24 -61.18
CA THR D 129 -6.19 -18.28 -62.53
C THR D 129 -5.51 -17.18 -63.36
N PRO D 130 -4.23 -17.35 -63.74
CA PRO D 130 -3.56 -16.28 -64.50
C PRO D 130 -3.93 -16.16 -65.97
N HIS D 131 -4.57 -17.19 -66.55
CA HIS D 131 -4.95 -17.15 -67.97
C HIS D 131 -6.17 -16.24 -68.18
N ILE D 132 -6.13 -15.48 -69.28
CA ILE D 132 -7.15 -14.50 -69.64
C ILE D 132 -7.58 -14.75 -71.10
N VAL D 133 -8.89 -14.85 -71.35
CA VAL D 133 -9.42 -15.00 -72.71
C VAL D 133 -9.95 -13.63 -73.08
N ALA D 134 -9.31 -12.94 -74.03
CA ALA D 134 -9.71 -11.58 -74.41
C ALA D 134 -10.16 -11.50 -75.87
N VAL D 135 -11.07 -10.53 -76.17
CA VAL D 135 -11.62 -10.31 -77.50
C VAL D 135 -11.19 -8.94 -78.04
N ARG D 136 -10.42 -8.92 -79.15
CA ARG D 136 -9.96 -7.67 -79.77
C ARG D 136 -11.05 -7.10 -80.70
N PRO D 137 -11.08 -5.77 -81.00
CA PRO D 137 -10.19 -4.69 -80.51
C PRO D 137 -10.42 -4.26 -79.06
N LEU D 138 -9.34 -3.84 -78.40
CA LEU D 138 -9.32 -3.30 -77.04
C LEU D 138 -8.43 -2.05 -77.06
N TYR D 139 -8.48 -1.23 -75.98
CA TYR D 139 -7.60 -0.05 -75.88
C TYR D 139 -6.14 -0.51 -75.89
N GLY D 140 -5.27 0.21 -76.62
CA GLY D 140 -3.86 -0.08 -76.77
C GLY D 140 -3.12 -0.54 -75.52
N GLY D 141 -3.36 0.14 -74.41
CA GLY D 141 -2.76 -0.19 -73.12
C GLY D 141 -3.28 -1.50 -72.56
N SER D 142 -4.61 -1.71 -72.60
CA SER D 142 -5.23 -2.95 -72.13
C SER D 142 -4.70 -4.14 -72.97
N ASP D 143 -4.57 -3.93 -74.29
CA ASP D 143 -4.06 -4.91 -75.23
C ASP D 143 -2.57 -5.24 -74.94
N HIS D 144 -1.74 -4.19 -74.78
CA HIS D 144 -0.31 -4.34 -74.51
C HIS D 144 -0.01 -4.97 -73.16
N LEU D 145 -0.77 -4.60 -72.10
CA LEU D 145 -0.58 -5.16 -70.76
C LEU D 145 -0.84 -6.67 -70.75
N LEU D 146 -1.81 -7.14 -71.55
CA LEU D 146 -2.11 -8.58 -71.63
C LEU D 146 -1.04 -9.28 -72.49
N GLU D 147 -0.66 -8.68 -73.65
CA GLU D 147 0.36 -9.24 -74.55
C GLU D 147 1.71 -9.45 -73.83
N THR D 148 2.18 -8.44 -73.10
CA THR D 148 3.47 -8.52 -72.40
C THR D 148 3.43 -9.51 -71.22
N GLY D 149 2.29 -9.63 -70.56
CA GLY D 149 2.14 -10.51 -69.42
C GLY D 149 2.98 -10.04 -68.24
N LEU D 150 3.05 -8.71 -68.06
CA LEU D 150 3.83 -8.06 -66.99
C LEU D 150 3.42 -8.55 -65.60
N LEU D 151 2.11 -8.73 -65.40
CA LEU D 151 1.56 -9.10 -64.09
C LEU D 151 1.42 -10.62 -63.90
N GLY D 152 2.18 -11.42 -64.64
CA GLY D 152 2.13 -12.87 -64.54
C GLY D 152 0.92 -13.50 -65.20
N THR D 153 0.34 -12.83 -66.21
CA THR D 153 -0.82 -13.34 -66.93
C THR D 153 -0.44 -13.93 -68.28
N THR D 154 -1.20 -14.92 -68.72
CA THR D 154 -1.09 -15.51 -70.05
C THR D 154 -2.39 -15.13 -70.77
N VAL D 155 -2.31 -14.75 -72.05
CA VAL D 155 -3.50 -14.31 -72.79
C VAL D 155 -3.77 -15.24 -73.99
N THR D 156 -5.04 -15.36 -74.35
CA THR D 156 -5.51 -16.17 -75.47
C THR D 156 -6.48 -15.27 -76.23
N TRP D 157 -6.01 -14.70 -77.34
CA TRP D 157 -6.81 -13.78 -78.15
C TRP D 157 -7.81 -14.60 -78.95
N ALA D 158 -9.11 -14.41 -78.68
CA ALA D 158 -10.17 -15.17 -79.33
C ALA D 158 -11.22 -14.27 -79.94
N LYS D 159 -11.88 -14.77 -81.00
CA LYS D 159 -12.98 -14.06 -81.63
C LYS D 159 -14.23 -14.26 -80.77
N GLU D 160 -15.24 -13.40 -80.94
CA GLU D 160 -16.48 -13.47 -80.16
C GLU D 160 -17.13 -14.86 -80.17
N ALA D 161 -17.21 -15.51 -81.33
CA ALA D 161 -17.81 -16.84 -81.45
C ALA D 161 -16.95 -17.96 -80.83
N ASP D 162 -15.61 -17.81 -80.83
CA ASP D 162 -14.69 -18.83 -80.31
C ASP D 162 -14.27 -18.61 -78.85
N ILE D 163 -15.14 -18.03 -78.00
CA ILE D 163 -14.78 -17.80 -76.58
C ILE D 163 -14.78 -19.12 -75.80
N ALA D 164 -15.87 -19.89 -75.90
CA ALA D 164 -16.03 -21.17 -75.20
C ALA D 164 -14.83 -22.13 -75.41
N SER D 165 -14.36 -22.24 -76.66
CA SER D 165 -13.23 -23.11 -77.00
C SER D 165 -11.89 -22.60 -76.43
N ALA D 166 -11.69 -21.28 -76.42
CA ALA D 166 -10.46 -20.67 -75.90
C ALA D 166 -10.29 -20.79 -74.38
N ILE D 167 -11.37 -21.08 -73.64
CA ILE D 167 -11.31 -21.16 -72.18
C ILE D 167 -10.60 -22.44 -71.72
N GLN D 168 -9.67 -22.27 -70.77
CA GLN D 168 -8.87 -23.32 -70.16
C GLN D 168 -9.27 -23.44 -68.66
N ASP D 169 -8.81 -24.51 -67.98
CA ASP D 169 -9.04 -24.65 -66.55
C ASP D 169 -8.34 -23.51 -65.76
N ASP D 170 -7.28 -22.91 -66.34
CA ASP D 170 -6.50 -21.83 -65.76
C ASP D 170 -7.10 -20.44 -66.02
N THR D 171 -8.20 -20.31 -66.79
CA THR D 171 -8.78 -18.99 -67.08
C THR D 171 -9.48 -18.36 -65.86
N GLY D 172 -9.16 -17.10 -65.59
CA GLY D 172 -9.74 -16.32 -64.50
C GLY D 172 -10.75 -15.27 -64.95
N LEU D 173 -10.60 -14.70 -66.18
CA LEU D 173 -11.50 -13.64 -66.65
C LEU D 173 -11.69 -13.66 -68.18
N VAL D 174 -12.73 -12.95 -68.67
CA VAL D 174 -13.01 -12.78 -70.11
C VAL D 174 -13.09 -11.27 -70.36
N ILE D 175 -12.03 -10.68 -70.91
CA ILE D 175 -11.98 -9.24 -71.15
C ILE D 175 -12.57 -8.89 -72.51
N VAL D 176 -13.70 -8.18 -72.51
CA VAL D 176 -14.37 -7.72 -73.74
C VAL D 176 -14.68 -6.22 -73.66
N GLU D 177 -14.94 -5.59 -74.83
CA GLU D 177 -15.22 -4.15 -74.91
C GLU D 177 -16.15 -3.88 -76.07
N THR D 178 -17.27 -3.15 -75.85
CA THR D 178 -18.23 -2.83 -76.89
C THR D 178 -18.92 -1.47 -76.64
N PRO D 179 -18.88 -0.49 -77.57
CA PRO D 179 -18.14 -0.47 -78.85
C PRO D 179 -16.63 -0.49 -78.61
N ALA D 180 -15.89 -1.26 -79.41
CA ALA D 180 -14.45 -1.40 -79.23
C ALA D 180 -13.67 -0.13 -79.54
N ASN D 181 -12.52 0.05 -78.89
CA ASN D 181 -11.66 1.19 -79.16
C ASN D 181 -10.61 0.72 -80.18
N PRO D 182 -10.45 1.32 -81.38
CA PRO D 182 -11.11 2.52 -81.95
C PRO D 182 -12.27 2.32 -82.94
N SER D 183 -12.30 1.18 -83.67
CA SER D 183 -13.25 0.91 -84.75
C SER D 183 -14.74 0.72 -84.37
N LEU D 184 -15.08 0.76 -83.06
CA LEU D 184 -16.46 0.63 -82.56
C LEU D 184 -17.12 -0.69 -82.93
N ASP D 185 -16.35 -1.78 -82.86
CA ASP D 185 -16.87 -3.13 -83.11
C ASP D 185 -17.79 -3.51 -81.96
N LEU D 186 -18.98 -4.02 -82.28
CA LEU D 186 -19.96 -4.38 -81.26
C LEU D 186 -19.88 -5.86 -80.92
N VAL D 187 -20.19 -6.20 -79.66
CA VAL D 187 -20.14 -7.56 -79.13
C VAL D 187 -21.45 -7.86 -78.41
N ASP D 188 -22.09 -9.00 -78.71
CA ASP D 188 -23.33 -9.40 -78.04
C ASP D 188 -22.95 -9.93 -76.65
N LEU D 189 -23.27 -9.17 -75.60
CA LEU D 189 -22.91 -9.53 -74.23
C LEU D 189 -23.67 -10.75 -73.72
N ASP D 190 -24.91 -10.96 -74.17
CA ASP D 190 -25.67 -12.14 -73.76
C ASP D 190 -24.99 -13.41 -74.26
N SER D 191 -24.48 -13.39 -75.51
CA SER D 191 -23.78 -14.53 -76.10
C SER D 191 -22.43 -14.78 -75.44
N VAL D 192 -21.70 -13.72 -75.08
CA VAL D 192 -20.39 -13.84 -74.45
C VAL D 192 -20.54 -14.47 -73.07
N VAL D 193 -21.53 -14.01 -72.27
CA VAL D 193 -21.77 -14.55 -70.94
C VAL D 193 -22.17 -16.04 -71.04
N SER D 194 -23.01 -16.39 -72.02
CA SER D 194 -23.41 -17.77 -72.25
C SER D 194 -22.19 -18.65 -72.59
N ALA D 195 -21.28 -18.17 -73.47
CA ALA D 195 -20.08 -18.89 -73.86
C ALA D 195 -19.04 -19.02 -72.71
N ALA D 196 -18.96 -18.01 -71.83
CA ALA D 196 -18.00 -18.00 -70.73
C ALA D 196 -18.24 -19.04 -69.65
N GLY D 197 -19.51 -19.37 -69.41
CA GLY D 197 -19.87 -20.36 -68.41
C GLY D 197 -19.63 -19.86 -66.99
N ASN D 198 -18.99 -20.69 -66.17
CA ASN D 198 -18.69 -20.32 -64.78
C ASN D 198 -17.57 -19.26 -64.68
N VAL D 199 -16.85 -18.96 -65.78
CA VAL D 199 -15.78 -17.98 -65.78
C VAL D 199 -16.40 -16.56 -65.75
N PRO D 200 -15.91 -15.64 -64.88
CA PRO D 200 -16.48 -14.27 -64.87
C PRO D 200 -16.09 -13.45 -66.09
N VAL D 201 -16.96 -12.52 -66.53
CA VAL D 201 -16.71 -11.68 -67.71
C VAL D 201 -16.50 -10.25 -67.29
N LEU D 202 -15.43 -9.61 -67.78
CA LEU D 202 -15.14 -8.21 -67.55
C LEU D 202 -15.46 -7.44 -68.83
N VAL D 203 -16.39 -6.48 -68.74
CA VAL D 203 -16.80 -5.66 -69.87
C VAL D 203 -16.32 -4.24 -69.64
N ASP D 204 -15.54 -3.70 -70.58
CA ASP D 204 -15.05 -2.33 -70.49
C ASP D 204 -16.12 -1.41 -71.13
N ASN D 205 -16.96 -0.80 -70.27
CA ASN D 205 -18.08 0.05 -70.67
C ASN D 205 -17.72 1.55 -70.68
N THR D 206 -16.48 1.91 -71.04
CA THR D 206 -16.05 3.32 -71.07
C THR D 206 -16.81 4.11 -72.15
N PHE D 207 -16.86 3.58 -73.38
CA PHE D 207 -17.47 4.26 -74.52
C PHE D 207 -18.98 4.46 -74.38
N CYS D 208 -19.70 3.42 -73.94
CA CYS D 208 -21.16 3.48 -73.79
C CYS D 208 -21.60 4.26 -72.55
N THR D 209 -20.91 4.05 -71.41
CA THR D 209 -21.23 4.65 -70.10
C THR D 209 -22.51 4.00 -69.52
N PRO D 210 -22.82 4.11 -68.19
CA PRO D 210 -24.07 3.53 -67.69
C PRO D 210 -25.35 4.15 -68.28
N VAL D 211 -25.22 5.26 -69.04
CA VAL D 211 -26.33 5.94 -69.68
C VAL D 211 -26.85 5.06 -70.82
N LEU D 212 -25.95 4.45 -71.60
CA LEU D 212 -26.31 3.65 -72.77
C LEU D 212 -26.25 2.15 -72.65
N GLN D 213 -25.35 1.59 -71.82
CA GLN D 213 -25.24 0.14 -71.71
C GLN D 213 -25.05 -0.27 -70.26
N GLN D 214 -25.71 -1.37 -69.86
CA GLN D 214 -25.68 -1.89 -68.50
C GLN D 214 -25.19 -3.36 -68.57
N PRO D 215 -23.86 -3.61 -68.69
CA PRO D 215 -23.40 -5.01 -68.79
C PRO D 215 -23.77 -5.93 -67.64
N ILE D 216 -23.98 -5.39 -66.42
CA ILE D 216 -24.36 -6.19 -65.25
C ILE D 216 -25.68 -6.94 -65.51
N SER D 217 -26.66 -6.28 -66.17
CA SER D 217 -27.95 -6.89 -66.52
C SER D 217 -27.79 -8.09 -67.46
N HIS D 218 -26.78 -8.05 -68.37
CA HIS D 218 -26.50 -9.16 -69.28
C HIS D 218 -25.75 -10.35 -68.60
N GLY D 219 -25.27 -10.15 -67.37
CA GLY D 219 -24.58 -11.18 -66.60
C GLY D 219 -23.08 -10.99 -66.46
N ALA D 220 -22.56 -9.77 -66.72
CA ALA D 220 -21.13 -9.51 -66.56
C ALA D 220 -20.81 -9.44 -65.08
N ALA D 221 -19.71 -10.07 -64.65
CA ALA D 221 -19.33 -10.06 -63.25
C ALA D 221 -18.72 -8.72 -62.85
N LEU D 222 -17.84 -8.16 -63.69
CA LEU D 222 -17.23 -6.87 -63.42
C LEU D 222 -17.32 -5.95 -64.65
N VAL D 223 -17.46 -4.64 -64.41
CA VAL D 223 -17.60 -3.62 -65.46
C VAL D 223 -16.58 -2.51 -65.23
N LEU D 224 -15.58 -2.42 -66.11
CA LEU D 224 -14.51 -1.42 -66.02
C LEU D 224 -14.88 -0.15 -66.78
N HIS D 225 -14.46 1.00 -66.23
CA HIS D 225 -14.65 2.32 -66.85
C HIS D 225 -13.38 3.11 -66.69
N SER D 226 -12.91 3.75 -67.76
CA SER D 226 -11.81 4.70 -67.65
C SER D 226 -12.56 5.98 -67.30
N ALA D 227 -12.68 6.28 -66.00
CA ALA D 227 -13.41 7.45 -65.53
C ALA D 227 -12.87 8.77 -66.09
N THR D 228 -11.59 8.78 -66.51
CA THR D 228 -10.92 9.90 -67.19
C THR D 228 -11.81 10.44 -68.35
N GLN D 229 -12.49 9.50 -69.05
CA GLN D 229 -13.35 9.80 -70.20
C GLN D 229 -14.81 9.66 -69.82
N TYR D 230 -15.65 10.64 -70.21
CA TYR D 230 -17.11 10.65 -70.00
C TYR D 230 -17.55 10.82 -68.53
N LEU D 231 -17.06 9.98 -67.59
CA LEU D 231 -17.47 10.12 -66.19
C LEU D 231 -16.97 11.46 -65.61
N GLY D 232 -15.73 11.83 -65.93
CA GLY D 232 -15.20 13.13 -65.56
C GLY D 232 -15.79 14.18 -66.48
N GLY D 233 -15.67 13.93 -67.79
CA GLY D 233 -16.29 14.74 -68.83
C GLY D 233 -15.67 16.07 -69.17
N HIS D 234 -14.71 16.57 -68.37
CA HIS D 234 -14.07 17.85 -68.63
C HIS D 234 -12.55 17.77 -68.87
N GLY D 235 -12.02 16.57 -69.07
CA GLY D 235 -10.60 16.35 -69.34
C GLY D 235 -9.67 16.89 -68.28
N ASP D 236 -10.04 16.74 -67.00
CA ASP D 236 -9.25 17.26 -65.89
C ASP D 236 -9.22 16.34 -64.66
N ALA D 237 -9.58 15.07 -64.81
CA ALA D 237 -9.57 14.13 -63.69
C ALA D 237 -9.31 12.72 -64.19
N MET D 238 -8.13 12.19 -63.89
CA MET D 238 -7.79 10.81 -64.25
C MET D 238 -8.53 9.90 -63.27
N GLY D 239 -8.92 8.72 -63.74
CA GLY D 239 -9.61 7.77 -62.87
C GLY D 239 -9.93 6.46 -63.54
N GLY D 240 -10.16 5.45 -62.71
CA GLY D 240 -10.50 4.10 -63.13
C GLY D 240 -11.41 3.49 -62.10
N ILE D 241 -12.43 2.73 -62.53
CA ILE D 241 -13.40 2.16 -61.58
C ILE D 241 -14.03 0.89 -62.15
N ILE D 242 -14.24 -0.12 -61.27
CA ILE D 242 -14.87 -1.39 -61.65
C ILE D 242 -16.11 -1.60 -60.80
N ALA D 243 -17.30 -1.61 -61.42
CA ALA D 243 -18.55 -1.90 -60.74
C ALA D 243 -18.71 -3.41 -60.78
N THR D 244 -18.82 -4.07 -59.61
CA THR D 244 -18.86 -5.54 -59.54
C THR D 244 -19.55 -6.09 -58.27
N ASN D 245 -19.72 -7.42 -58.17
CA ASN D 245 -20.27 -8.10 -56.99
C ASN D 245 -19.31 -7.95 -55.78
N ALA D 246 -19.76 -8.35 -54.58
CA ALA D 246 -18.95 -8.24 -53.36
C ALA D 246 -17.67 -9.09 -53.36
N ASP D 247 -17.69 -10.30 -53.99
CA ASP D 247 -16.50 -11.17 -54.02
C ASP D 247 -15.35 -10.51 -54.78
N TRP D 248 -15.61 -9.99 -56.00
CA TRP D 248 -14.57 -9.34 -56.79
C TRP D 248 -14.19 -7.98 -56.22
N ALA D 249 -15.12 -7.26 -55.58
CA ALA D 249 -14.81 -5.98 -54.95
C ALA D 249 -13.82 -6.19 -53.81
N MET D 250 -14.00 -7.27 -53.03
CA MET D 250 -13.10 -7.62 -51.94
C MET D 250 -11.69 -7.94 -52.48
N ARG D 251 -11.62 -8.70 -53.57
CA ARG D 251 -10.35 -9.04 -54.19
C ARG D 251 -9.63 -7.81 -54.74
N LEU D 252 -10.38 -6.90 -55.37
CA LEU D 252 -9.82 -5.67 -55.92
C LEU D 252 -9.32 -4.75 -54.81
N ARG D 253 -10.07 -4.64 -53.71
CA ARG D 253 -9.66 -3.82 -52.56
C ARG D 253 -8.44 -4.42 -51.85
N GLN D 254 -8.31 -5.77 -51.81
CA GLN D 254 -7.13 -6.44 -51.23
C GLN D 254 -5.88 -6.04 -52.01
N VAL D 255 -5.98 -5.97 -53.34
CA VAL D 255 -4.87 -5.58 -54.20
C VAL D 255 -4.60 -4.08 -54.03
N ARG D 256 -5.65 -3.24 -53.99
CA ARG D 256 -5.53 -1.80 -53.82
C ARG D 256 -4.84 -1.41 -52.50
N ALA D 257 -5.18 -2.08 -51.40
CA ALA D 257 -4.60 -1.79 -50.10
C ALA D 257 -3.10 -2.06 -50.02
N ILE D 258 -2.57 -2.98 -50.85
CA ILE D 258 -1.14 -3.34 -50.82
C ILE D 258 -0.35 -2.73 -52.00
N THR D 259 -0.95 -2.56 -53.19
CA THR D 259 -0.26 -1.95 -54.34
C THR D 259 -0.45 -0.41 -54.40
N GLY D 260 -1.44 0.14 -53.70
CA GLY D 260 -1.66 1.57 -53.59
C GLY D 260 -1.79 2.44 -54.83
N ALA D 261 -2.58 2.04 -55.84
CA ALA D 261 -2.83 2.90 -57.00
C ALA D 261 -4.12 3.66 -56.70
N LEU D 262 -4.04 4.56 -55.72
CA LEU D 262 -5.19 5.29 -55.20
C LEU D 262 -5.66 6.47 -56.02
N LEU D 263 -6.98 6.72 -55.97
CA LEU D 263 -7.60 7.86 -56.60
C LEU D 263 -7.54 8.98 -55.58
N HIS D 264 -6.95 10.12 -55.94
CA HIS D 264 -6.79 11.25 -55.04
C HIS D 264 -8.16 11.83 -54.60
N PRO D 265 -8.36 12.29 -53.34
CA PRO D 265 -9.67 12.85 -52.96
C PRO D 265 -10.28 13.90 -53.89
N MET D 266 -9.46 14.76 -54.54
CA MET D 266 -9.97 15.74 -55.48
C MET D 266 -10.37 15.09 -56.80
N GLY D 267 -9.63 14.07 -57.23
CA GLY D 267 -9.98 13.31 -58.43
C GLY D 267 -11.33 12.64 -58.28
N ALA D 268 -11.58 12.05 -57.11
CA ALA D 268 -12.87 11.43 -56.79
C ALA D 268 -13.99 12.46 -56.74
N TYR D 269 -13.70 13.64 -56.22
CA TYR D 269 -14.67 14.73 -56.14
C TYR D 269 -15.12 15.17 -57.53
N LEU D 270 -14.19 15.37 -58.47
CA LEU D 270 -14.52 15.82 -59.82
C LEU D 270 -15.17 14.73 -60.67
N LEU D 271 -14.84 13.44 -60.42
CA LEU D 271 -15.45 12.35 -61.17
C LEU D 271 -16.89 12.14 -60.68
N HIS D 272 -17.12 12.26 -59.36
CA HIS D 272 -18.45 12.18 -58.75
C HIS D 272 -19.30 13.37 -59.24
N ARG D 273 -18.69 14.58 -59.27
CA ARG D 273 -19.30 15.83 -59.76
C ARG D 273 -19.70 15.69 -61.23
N GLY D 274 -18.85 15.03 -62.03
CA GLY D 274 -19.10 14.78 -63.43
C GLY D 274 -20.27 13.86 -63.69
N LEU D 275 -20.54 12.91 -62.76
CA LEU D 275 -21.67 12.00 -62.91
C LEU D 275 -23.01 12.75 -62.87
N ARG D 276 -23.07 13.91 -62.20
CA ARG D 276 -24.31 14.70 -62.07
C ARG D 276 -24.81 15.26 -63.41
N THR D 277 -23.90 15.49 -64.37
CA THR D 277 -24.20 16.00 -65.71
C THR D 277 -23.97 14.93 -66.81
N LEU D 278 -23.75 13.66 -66.44
CA LEU D 278 -23.45 12.62 -67.42
C LEU D 278 -24.59 12.35 -68.42
N ALA D 279 -25.86 12.33 -67.97
CA ALA D 279 -26.98 12.09 -68.88
C ALA D 279 -27.16 13.24 -69.87
N VAL D 280 -27.10 14.50 -69.39
CA VAL D 280 -27.29 15.65 -70.28
C VAL D 280 -26.12 15.84 -71.24
N ARG D 281 -24.90 15.49 -70.83
CA ARG D 281 -23.74 15.59 -71.71
C ARG D 281 -23.76 14.48 -72.76
N MET D 282 -24.04 13.24 -72.36
CA MET D 282 -24.10 12.11 -73.28
C MET D 282 -25.20 12.32 -74.32
N ARG D 283 -26.42 12.69 -73.88
CA ARG D 283 -27.54 12.93 -74.80
C ARG D 283 -27.23 14.03 -75.82
N ALA D 284 -26.55 15.11 -75.41
CA ALA D 284 -26.23 16.21 -76.31
C ALA D 284 -25.16 15.81 -77.33
N ALA D 285 -24.08 15.14 -76.89
CA ALA D 285 -23.00 14.72 -77.78
C ALA D 285 -23.44 13.61 -78.72
N GLN D 286 -24.31 12.70 -78.26
CA GLN D 286 -24.84 11.62 -79.09
C GLN D 286 -25.67 12.19 -80.24
N THR D 287 -26.52 13.20 -79.97
CA THR D 287 -27.34 13.84 -80.99
C THR D 287 -26.45 14.47 -82.08
N THR D 288 -25.39 15.17 -81.64
CA THR D 288 -24.43 15.79 -82.56
C THR D 288 -23.69 14.73 -83.37
N ALA D 289 -23.30 13.61 -82.72
CA ALA D 289 -22.58 12.53 -83.40
C ALA D 289 -23.41 11.81 -84.44
N GLY D 290 -24.68 11.53 -84.14
CA GLY D 290 -25.57 10.88 -85.09
C GLY D 290 -25.73 11.65 -86.38
N GLU D 291 -25.76 12.98 -86.27
CA GLU D 291 -25.87 13.88 -87.42
C GLU D 291 -24.52 13.99 -88.15
N LEU D 292 -23.41 14.08 -87.41
CA LEU D 292 -22.07 14.17 -88.02
C LEU D 292 -21.74 12.90 -88.82
N ALA D 293 -22.01 11.71 -88.26
CA ALA D 293 -21.73 10.45 -88.96
C ALA D 293 -22.42 10.37 -90.31
N GLU D 294 -23.62 10.96 -90.44
CA GLU D 294 -24.36 10.98 -91.71
C GLU D 294 -23.70 11.92 -92.72
N ARG D 295 -23.27 13.12 -92.27
CA ARG D 295 -22.62 14.10 -93.14
C ARG D 295 -21.25 13.60 -93.61
N LEU D 296 -20.51 12.97 -92.69
CA LEU D 296 -19.17 12.43 -92.96
C LEU D 296 -19.23 11.23 -93.91
N ASP D 297 -20.30 10.42 -93.84
CA ASP D 297 -20.47 9.28 -94.74
C ASP D 297 -20.68 9.76 -96.17
N ALA D 298 -21.41 10.90 -96.33
CA ALA D 298 -21.68 11.49 -97.65
C ALA D 298 -20.44 12.12 -98.30
N HIS D 299 -19.37 12.43 -97.53
CA HIS D 299 -18.18 13.05 -98.10
C HIS D 299 -17.40 12.04 -98.98
N PRO D 300 -16.88 12.45 -100.16
CA PRO D 300 -16.15 11.49 -101.00
C PRO D 300 -14.78 11.05 -100.45
N ALA D 301 -14.15 11.89 -99.63
CA ALA D 301 -12.85 11.57 -99.04
C ALA D 301 -12.91 10.40 -98.06
N ILE D 302 -14.07 10.16 -97.43
CA ILE D 302 -14.24 9.06 -96.48
C ILE D 302 -14.95 7.90 -97.16
N SER D 303 -14.36 6.70 -97.12
CA SER D 303 -14.92 5.51 -97.72
C SER D 303 -15.92 4.82 -96.77
N VAL D 304 -15.52 4.57 -95.51
CA VAL D 304 -16.35 3.88 -94.51
C VAL D 304 -16.49 4.73 -93.26
N VAL D 305 -17.70 4.83 -92.69
CA VAL D 305 -17.94 5.53 -91.43
C VAL D 305 -18.51 4.51 -90.46
N HIS D 306 -17.82 4.28 -89.35
CA HIS D 306 -18.26 3.35 -88.33
C HIS D 306 -19.00 4.14 -87.25
N TYR D 307 -20.31 3.86 -87.09
CA TYR D 307 -21.15 4.48 -86.07
C TYR D 307 -22.35 3.55 -85.80
N PRO D 308 -22.62 3.05 -84.57
CA PRO D 308 -23.76 2.12 -84.38
C PRO D 308 -25.13 2.60 -84.87
N GLY D 309 -25.43 3.88 -84.68
CA GLY D 309 -26.69 4.46 -85.12
C GLY D 309 -26.95 4.50 -86.61
N LEU D 310 -25.93 4.24 -87.48
CA LEU D 310 -26.13 4.24 -88.94
C LEU D 310 -26.79 2.94 -89.42
N LYS D 311 -27.49 3.03 -90.58
CA LYS D 311 -28.16 1.88 -91.20
C LYS D 311 -27.11 0.88 -91.68
N GLY D 312 -27.29 -0.39 -91.34
CA GLY D 312 -26.39 -1.46 -91.74
C GLY D 312 -25.32 -1.82 -90.71
N GLN D 313 -24.93 -0.85 -89.86
CA GLN D 313 -23.91 -1.07 -88.84
C GLN D 313 -24.38 -1.97 -87.67
N ASP D 314 -25.70 -2.19 -87.52
CA ASP D 314 -26.23 -3.00 -86.43
C ASP D 314 -27.02 -4.20 -86.98
N PRO D 315 -26.35 -5.28 -87.46
CA PRO D 315 -27.10 -6.44 -87.98
C PRO D 315 -27.76 -7.30 -86.91
N ARG D 316 -27.12 -7.48 -85.74
CA ARG D 316 -27.63 -8.32 -84.66
C ARG D 316 -28.74 -7.68 -83.80
N GLY D 317 -29.09 -6.42 -84.08
CA GLY D 317 -30.15 -5.75 -83.33
C GLY D 317 -29.78 -5.45 -81.89
N LEU D 318 -28.51 -5.13 -81.64
CA LEU D 318 -28.02 -4.79 -80.32
C LEU D 318 -28.46 -3.40 -79.87
N LEU D 319 -28.80 -2.49 -80.80
CA LEU D 319 -29.29 -1.17 -80.41
C LEU D 319 -30.75 -1.38 -80.00
N GLY D 320 -31.06 -0.99 -78.77
CA GLY D 320 -32.38 -1.15 -78.17
C GLY D 320 -32.33 -2.26 -77.14
N ARG D 321 -31.84 -3.45 -77.56
CA ARG D 321 -31.72 -4.63 -76.71
C ARG D 321 -30.58 -4.48 -75.67
N GLN D 322 -29.41 -4.02 -76.12
CA GLN D 322 -28.21 -3.86 -75.29
C GLN D 322 -27.82 -2.39 -75.10
N MET D 323 -27.82 -1.61 -76.19
CA MET D 323 -27.44 -0.20 -76.18
C MET D 323 -28.64 0.70 -76.39
N SER D 324 -28.93 1.62 -75.46
CA SER D 324 -30.04 2.57 -75.63
C SER D 324 -29.62 3.84 -76.40
N GLY D 325 -28.69 3.71 -77.35
CA GLY D 325 -28.21 4.85 -78.13
C GLY D 325 -26.97 4.53 -78.93
N GLY D 326 -26.72 5.34 -79.95
CA GLY D 326 -25.59 5.17 -80.85
C GLY D 326 -24.23 5.63 -80.35
N GLY D 327 -24.20 6.44 -79.30
CA GLY D 327 -22.94 6.91 -78.71
C GLY D 327 -22.46 8.24 -79.27
N ALA D 328 -21.32 8.72 -78.76
CA ALA D 328 -20.72 9.98 -79.21
C ALA D 328 -19.30 9.79 -79.75
N MET D 329 -18.98 8.58 -80.25
CA MET D 329 -17.69 8.28 -80.85
C MET D 329 -17.92 7.88 -82.29
N ILE D 330 -17.08 8.34 -83.22
CA ILE D 330 -17.21 7.97 -84.63
C ILE D 330 -15.81 7.69 -85.15
N ALA D 331 -15.62 6.52 -85.76
CA ALA D 331 -14.36 6.16 -86.41
C ALA D 331 -14.62 6.09 -87.92
N MET D 332 -13.60 6.35 -88.74
CA MET D 332 -13.77 6.32 -90.20
C MET D 332 -12.51 5.90 -90.94
N GLU D 333 -12.71 5.24 -92.09
CA GLU D 333 -11.62 4.77 -92.95
C GLU D 333 -11.52 5.77 -94.10
N LEU D 334 -10.33 6.35 -94.33
CA LEU D 334 -10.13 7.33 -95.41
C LEU D 334 -9.84 6.61 -96.71
N ALA D 335 -10.30 7.18 -97.83
CA ALA D 335 -10.10 6.58 -99.15
C ALA D 335 -8.62 6.64 -99.57
N GLY D 336 -7.94 7.73 -99.24
CA GLY D 336 -6.53 7.91 -99.57
C GLY D 336 -5.52 7.24 -98.64
N GLY D 337 -6.00 6.40 -97.72
CA GLY D 337 -5.13 5.67 -96.82
C GLY D 337 -4.51 6.52 -95.72
N PHE D 338 -3.25 6.24 -95.38
CA PHE D 338 -2.54 6.96 -94.33
C PHE D 338 -2.36 8.45 -94.63
N ASP D 339 -1.98 8.81 -95.85
CA ASP D 339 -1.74 10.22 -96.19
C ASP D 339 -3.00 11.07 -96.02
N ALA D 340 -4.18 10.56 -96.43
CA ALA D 340 -5.44 11.29 -96.26
C ALA D 340 -5.81 11.40 -94.78
N ALA D 341 -5.60 10.31 -94.01
CA ALA D 341 -5.85 10.27 -92.58
C ALA D 341 -4.96 11.26 -91.83
N ARG D 342 -3.68 11.34 -92.22
CA ARG D 342 -2.70 12.25 -91.64
C ARG D 342 -3.09 13.70 -91.91
N SER D 343 -3.39 14.02 -93.16
CA SER D 343 -3.77 15.36 -93.56
C SER D 343 -5.07 15.81 -92.87
N PHE D 344 -6.06 14.89 -92.72
CA PHE D 344 -7.35 15.19 -92.09
C PHE D 344 -7.17 15.71 -90.65
N VAL D 345 -6.39 15.01 -89.81
CA VAL D 345 -6.20 15.46 -88.43
C VAL D 345 -5.31 16.72 -88.34
N GLU D 346 -4.33 16.84 -89.25
CA GLU D 346 -3.40 17.99 -89.23
C GLU D 346 -4.05 19.29 -89.72
N HIS D 347 -5.13 19.22 -90.51
CA HIS D 347 -5.83 20.42 -90.98
C HIS D 347 -7.07 20.79 -90.13
N CYS D 348 -7.29 20.10 -88.99
CA CYS D 348 -8.39 20.44 -88.09
C CYS D 348 -7.94 21.63 -87.22
N ASN D 349 -8.83 22.62 -86.99
CA ASN D 349 -8.52 23.80 -86.18
C ASN D 349 -9.38 23.82 -84.90
N LEU D 350 -10.72 23.81 -85.04
CA LEU D 350 -11.64 23.79 -83.90
C LEU D 350 -11.55 22.42 -83.25
N VAL D 351 -11.58 21.33 -84.06
CA VAL D 351 -11.42 19.98 -83.56
C VAL D 351 -9.92 19.83 -83.29
N VAL D 352 -9.56 19.40 -82.08
CA VAL D 352 -8.16 19.33 -81.66
C VAL D 352 -7.56 17.93 -81.81
N HIS D 353 -6.33 17.86 -82.36
CA HIS D 353 -5.59 16.62 -82.51
C HIS D 353 -5.03 16.25 -81.15
N ALA D 354 -5.68 15.30 -80.47
CA ALA D 354 -5.27 14.83 -79.14
C ALA D 354 -5.93 13.48 -78.79
N VAL D 355 -5.32 12.73 -77.88
CA VAL D 355 -5.89 11.47 -77.37
C VAL D 355 -6.97 11.81 -76.28
N SER D 356 -7.64 10.77 -75.70
CA SER D 356 -8.72 10.89 -74.70
C SER D 356 -10.06 11.15 -75.38
N LEU D 357 -11.16 10.91 -74.66
CA LEU D 357 -12.50 11.01 -75.22
C LEU D 357 -13.56 11.42 -74.16
N GLY D 358 -14.80 11.61 -74.60
CA GLY D 358 -15.92 11.97 -73.72
C GLY D 358 -15.93 13.37 -73.12
N GLY D 359 -14.99 14.21 -73.52
CA GLY D 359 -14.86 15.56 -72.99
C GLY D 359 -15.85 16.53 -73.57
N ALA D 360 -15.87 17.75 -73.03
CA ALA D 360 -16.75 18.81 -73.51
C ALA D 360 -16.39 19.28 -74.93
N ASP D 361 -15.13 19.09 -75.36
CA ASP D 361 -14.66 19.47 -76.70
C ASP D 361 -14.42 18.25 -77.60
N THR D 362 -14.48 18.47 -78.91
CA THR D 362 -14.30 17.44 -79.92
C THR D 362 -12.82 17.23 -80.19
N LEU D 363 -12.37 15.96 -80.11
CA LEU D 363 -10.97 15.58 -80.33
C LEU D 363 -10.89 14.57 -81.48
N ILE D 364 -9.71 14.50 -82.11
CA ILE D 364 -9.48 13.60 -83.24
C ILE D 364 -8.04 13.05 -83.18
N GLN D 365 -7.83 11.79 -83.61
CA GLN D 365 -6.49 11.19 -83.56
C GLN D 365 -6.36 9.94 -84.47
N HIS D 366 -5.10 9.61 -84.85
CA HIS D 366 -4.80 8.43 -85.67
C HIS D 366 -4.48 7.30 -84.68
N PRO D 367 -5.39 6.31 -84.47
CA PRO D 367 -5.12 5.28 -83.46
C PRO D 367 -3.83 4.47 -83.62
N ALA D 368 -3.49 4.06 -84.86
CA ALA D 368 -2.28 3.28 -85.11
C ALA D 368 -1.00 4.02 -84.68
N SER D 369 -1.02 5.37 -84.69
CA SER D 369 0.13 6.20 -84.31
C SER D 369 0.13 6.62 -82.84
N LEU D 370 -1.05 6.64 -82.16
CA LEU D 370 -1.10 7.08 -80.76
C LEU D 370 -1.71 6.03 -79.79
N THR D 371 -3.05 5.99 -79.59
CA THR D 371 -3.67 5.11 -78.60
C THR D 371 -3.31 3.63 -78.76
N HIS D 372 -3.27 3.14 -80.00
CA HIS D 372 -2.93 1.75 -80.29
C HIS D 372 -1.54 1.57 -80.89
N ARG D 373 -0.59 2.43 -80.49
CA ARG D 373 0.80 2.31 -80.94
C ARG D 373 1.51 1.12 -80.25
N PRO D 374 1.32 0.83 -78.94
CA PRO D 374 1.99 -0.34 -78.34
C PRO D 374 1.41 -1.71 -78.74
N VAL D 375 0.38 -1.73 -79.61
CA VAL D 375 -0.27 -2.97 -80.05
C VAL D 375 0.61 -3.65 -81.10
N ALA D 376 0.58 -4.99 -81.15
CA ALA D 376 1.34 -5.77 -82.12
C ALA D 376 0.93 -5.39 -83.54
N ALA D 377 1.89 -5.42 -84.49
CA ALA D 377 1.64 -5.06 -85.89
C ALA D 377 0.43 -5.77 -86.51
N THR D 378 0.29 -7.08 -86.26
CA THR D 378 -0.81 -7.87 -86.80
C THR D 378 -2.17 -7.42 -86.25
N ALA D 379 -2.22 -6.99 -84.98
CA ALA D 379 -3.43 -6.56 -84.30
C ALA D 379 -3.68 -5.05 -84.33
N LYS D 380 -2.76 -4.25 -84.92
CA LYS D 380 -2.92 -2.80 -84.94
C LYS D 380 -4.11 -2.37 -85.83
N PRO D 381 -4.83 -1.25 -85.54
CA PRO D 381 -5.92 -0.85 -86.45
C PRO D 381 -5.42 -0.36 -87.81
N GLY D 382 -6.35 -0.19 -88.75
CA GLY D 382 -6.03 0.25 -90.10
C GLY D 382 -5.29 1.57 -90.15
N ASP D 383 -4.38 1.72 -91.12
CA ASP D 383 -3.60 2.95 -91.28
C ASP D 383 -4.46 4.13 -91.79
N GLY D 384 -5.56 3.83 -92.49
CA GLY D 384 -6.48 4.86 -92.95
C GLY D 384 -7.57 5.20 -91.94
N LEU D 385 -7.61 4.51 -90.78
CA LEU D 385 -8.63 4.73 -89.75
C LEU D 385 -8.30 5.95 -88.88
N ILE D 386 -9.35 6.72 -88.54
CA ILE D 386 -9.27 7.92 -87.71
C ILE D 386 -10.40 7.83 -86.68
N ARG D 387 -10.07 8.06 -85.39
CA ARG D 387 -11.06 8.06 -84.33
C ARG D 387 -11.40 9.50 -83.95
N LEU D 388 -12.67 9.77 -83.58
CA LEU D 388 -13.15 11.09 -83.21
C LEU D 388 -14.05 10.99 -82.00
N SER D 389 -13.89 11.89 -81.04
CA SER D 389 -14.74 11.99 -79.86
C SER D 389 -15.58 13.25 -80.02
N VAL D 390 -16.91 13.10 -80.11
CA VAL D 390 -17.81 14.24 -80.32
C VAL D 390 -18.10 14.92 -78.96
N GLY D 391 -17.98 16.26 -78.93
CA GLY D 391 -18.20 17.06 -77.74
C GLY D 391 -19.55 17.75 -77.71
N LEU D 392 -19.63 18.89 -76.98
CA LEU D 392 -20.87 19.66 -76.80
C LEU D 392 -20.91 20.93 -77.66
N GLU D 393 -20.18 20.96 -78.78
CA GLU D 393 -20.20 22.13 -79.66
C GLU D 393 -21.35 22.00 -80.68
N HIS D 394 -21.69 23.10 -81.36
CA HIS D 394 -22.74 23.09 -82.36
C HIS D 394 -22.35 22.19 -83.53
N VAL D 395 -23.30 21.37 -84.01
CA VAL D 395 -23.10 20.43 -85.11
C VAL D 395 -22.56 21.12 -86.38
N ASP D 396 -23.08 22.31 -86.73
CA ASP D 396 -22.65 23.01 -87.93
C ASP D 396 -21.19 23.45 -87.85
N ASP D 397 -20.75 23.99 -86.70
CA ASP D 397 -19.36 24.41 -86.55
C ASP D 397 -18.38 23.23 -86.60
N LEU D 398 -18.78 22.06 -86.10
CA LEU D 398 -17.91 20.88 -86.15
C LEU D 398 -17.85 20.31 -87.56
N ALA D 399 -19.00 20.25 -88.25
CA ALA D 399 -19.03 19.74 -89.62
C ALA D 399 -18.25 20.65 -90.54
N ASP D 400 -18.38 21.99 -90.39
CA ASP D 400 -17.64 22.95 -91.22
C ASP D 400 -16.14 22.75 -91.09
N ASP D 401 -15.65 22.53 -89.87
CA ASP D 401 -14.22 22.32 -89.62
C ASP D 401 -13.73 20.98 -90.16
N LEU D 402 -14.50 19.89 -89.96
CA LEU D 402 -14.10 18.56 -90.42
C LEU D 402 -14.13 18.47 -91.95
N ILE D 403 -15.11 19.13 -92.60
CA ILE D 403 -15.21 19.13 -94.06
C ILE D 403 -14.03 19.91 -94.64
N ALA D 404 -13.72 21.09 -94.08
CA ALA D 404 -12.58 21.89 -94.54
C ALA D 404 -11.27 21.13 -94.43
N ALA D 405 -11.09 20.33 -93.35
CA ALA D 405 -9.89 19.53 -93.14
C ALA D 405 -9.75 18.43 -94.20
N LEU D 406 -10.88 17.81 -94.61
CA LEU D 406 -10.89 16.78 -95.64
C LEU D 406 -10.59 17.42 -97.01
N ASP D 407 -11.17 18.60 -97.28
CA ASP D 407 -10.96 19.32 -98.54
C ASP D 407 -9.53 19.90 -98.67
N ALA D 408 -8.76 19.98 -97.58
CA ALA D 408 -7.39 20.50 -97.61
C ALA D 408 -6.44 19.57 -98.37
N SER D 409 -6.69 18.24 -98.33
CA SER D 409 -5.84 17.27 -99.03
C SER D 409 -6.02 17.36 -100.56
N THR E 22 -27.17 15.21 3.79
CA THR E 22 -26.33 14.55 4.79
C THR E 22 -25.03 15.37 5.01
N SER E 23 -24.34 15.69 3.92
CA SER E 23 -23.09 16.46 3.99
C SER E 23 -23.35 17.97 4.17
N LEU E 24 -24.55 18.48 3.82
CA LEU E 24 -24.87 19.90 3.95
C LEU E 24 -25.47 20.22 5.30
N HIS E 25 -25.30 21.48 5.74
CA HIS E 25 -25.84 21.95 7.02
C HIS E 25 -27.38 22.13 6.93
N PRO E 26 -28.14 22.14 8.07
CA PRO E 26 -29.60 22.34 7.96
C PRO E 26 -30.03 23.70 7.37
N GLU E 27 -29.20 24.74 7.54
CA GLU E 27 -29.51 26.07 7.00
C GLU E 27 -29.49 26.05 5.47
N THR E 28 -28.57 25.29 4.87
CA THR E 28 -28.47 25.12 3.42
C THR E 28 -29.64 24.26 2.91
N LEU E 29 -29.97 23.18 3.65
CA LEU E 29 -31.05 22.26 3.26
C LEU E 29 -32.44 22.87 3.33
N MET E 30 -32.64 23.94 4.11
CA MET E 30 -33.93 24.62 4.16
C MET E 30 -34.15 25.43 2.88
N VAL E 31 -33.09 26.01 2.33
CA VAL E 31 -33.15 26.79 1.10
C VAL E 31 -33.33 25.87 -0.13
N HIS E 32 -32.48 24.84 -0.26
CA HIS E 32 -32.46 23.95 -1.42
C HIS E 32 -33.25 22.63 -1.29
N GLY E 33 -33.92 22.40 -0.16
CA GLY E 33 -34.70 21.18 0.03
C GLY E 33 -35.94 21.17 -0.86
N GLY E 34 -36.20 20.04 -1.51
CA GLY E 34 -37.33 19.90 -2.43
C GLY E 34 -37.21 20.67 -3.72
N MET E 35 -36.01 21.22 -4.03
CA MET E 35 -35.75 21.99 -5.24
C MET E 35 -34.90 21.15 -6.22
N LYS E 36 -35.09 19.82 -6.24
CA LYS E 36 -34.29 18.93 -7.07
C LYS E 36 -34.77 18.95 -8.51
N GLY E 37 -33.85 19.12 -9.44
CA GLY E 37 -34.16 19.15 -10.86
C GLY E 37 -34.65 20.47 -11.42
N LEU E 38 -34.92 21.47 -10.56
CA LEU E 38 -35.42 22.77 -11.02
C LEU E 38 -34.31 23.54 -11.75
N THR E 39 -33.12 23.60 -11.14
CA THR E 39 -31.98 24.29 -11.78
C THR E 39 -31.61 23.61 -13.10
N GLU E 40 -31.69 22.28 -13.15
CA GLU E 40 -31.39 21.49 -14.33
C GLU E 40 -32.43 21.71 -15.45
N ALA E 41 -33.68 22.08 -15.09
CA ALA E 41 -34.77 22.39 -16.04
C ALA E 41 -34.83 23.88 -16.45
N GLY E 42 -33.92 24.72 -15.96
CA GLY E 42 -33.89 26.13 -16.30
C GLY E 42 -34.95 26.99 -15.61
N VAL E 43 -35.34 26.62 -14.37
CA VAL E 43 -36.34 27.37 -13.59
C VAL E 43 -35.80 27.61 -12.16
N HIS E 44 -36.29 28.64 -11.47
CA HIS E 44 -35.82 29.03 -10.15
C HIS E 44 -36.64 28.42 -8.98
N VAL E 45 -37.97 28.54 -9.04
CA VAL E 45 -38.89 28.08 -7.98
C VAL E 45 -39.84 26.99 -8.53
N PRO E 46 -40.40 26.06 -7.69
CA PRO E 46 -41.30 25.04 -8.25
C PRO E 46 -42.59 25.64 -8.79
N ALA E 47 -43.07 25.10 -9.91
CA ALA E 47 -44.29 25.61 -10.54
C ALA E 47 -45.53 25.19 -9.75
N ILE E 48 -46.62 25.96 -9.90
CA ILE E 48 -47.89 25.67 -9.24
C ILE E 48 -48.80 25.05 -10.31
N ASP E 49 -48.90 23.72 -10.31
CA ASP E 49 -49.74 23.01 -11.27
C ASP E 49 -51.11 22.80 -10.64
N LEU E 50 -52.11 23.53 -11.12
CA LEU E 50 -53.47 23.42 -10.59
C LEU E 50 -54.27 22.23 -11.16
N SER E 51 -53.71 21.49 -12.15
CA SER E 51 -54.38 20.33 -12.78
C SER E 51 -55.02 19.38 -11.80
N THR E 52 -56.34 19.18 -11.92
CA THR E 52 -57.06 18.23 -11.10
C THR E 52 -56.80 16.82 -11.61
N THR E 53 -56.80 16.65 -12.95
CA THR E 53 -56.54 15.37 -13.60
C THR E 53 -55.16 15.40 -14.27
N ASN E 54 -54.61 14.20 -14.54
CA ASN E 54 -53.31 14.03 -15.16
C ASN E 54 -53.45 12.92 -16.23
N PRO E 55 -53.40 13.24 -17.55
CA PRO E 55 -53.58 12.17 -18.56
C PRO E 55 -52.64 10.97 -18.48
N VAL E 56 -53.12 9.82 -18.97
CA VAL E 56 -52.38 8.55 -18.96
C VAL E 56 -51.99 8.13 -20.38
N ASN E 57 -50.85 7.45 -20.53
CA ASN E 57 -50.37 7.02 -21.83
C ASN E 57 -51.24 5.91 -22.41
N ASP E 58 -51.62 4.93 -21.58
CA ASP E 58 -52.47 3.83 -22.00
C ASP E 58 -53.27 3.26 -20.80
N VAL E 59 -54.17 2.29 -21.04
CA VAL E 59 -55.02 1.71 -20.01
C VAL E 59 -54.17 0.92 -18.99
N ALA E 60 -53.18 0.15 -19.48
CA ALA E 60 -52.33 -0.65 -18.60
C ALA E 60 -51.46 0.19 -17.66
N THR E 61 -50.71 1.19 -18.17
CA THR E 61 -49.85 2.01 -17.31
C THR E 61 -50.67 2.93 -16.42
N GLY E 62 -51.76 3.48 -16.94
CA GLY E 62 -52.64 4.34 -16.18
C GLY E 62 -53.28 3.62 -15.02
N GLY E 63 -53.79 2.42 -15.28
CA GLY E 63 -54.41 1.57 -14.27
C GLY E 63 -53.42 1.12 -13.20
N ASP E 64 -52.21 0.72 -13.61
CA ASP E 64 -51.18 0.31 -12.66
C ASP E 64 -50.73 1.50 -11.80
N SER E 65 -50.62 2.71 -12.38
CA SER E 65 -50.24 3.91 -11.63
C SER E 65 -51.36 4.26 -10.64
N TYR E 66 -52.65 4.11 -11.05
CA TYR E 66 -53.79 4.35 -10.17
C TYR E 66 -53.70 3.42 -8.95
N GLU E 67 -53.53 2.11 -9.17
CA GLU E 67 -53.44 1.13 -8.10
C GLU E 67 -52.25 1.39 -7.17
N TRP E 68 -51.07 1.66 -7.74
CA TRP E 68 -49.86 1.95 -6.96
C TRP E 68 -50.07 3.15 -6.02
N LEU E 69 -50.69 4.24 -6.52
CA LEU E 69 -50.92 5.43 -5.70
C LEU E 69 -52.07 5.25 -4.70
N ALA E 70 -53.20 4.64 -5.12
CA ALA E 70 -54.35 4.40 -4.25
C ALA E 70 -53.97 3.50 -3.07
N THR E 71 -53.05 2.55 -3.27
CA THR E 71 -52.57 1.68 -2.20
C THR E 71 -51.46 2.35 -1.33
N GLY E 72 -51.35 3.69 -1.37
CA GLY E 72 -50.43 4.46 -0.55
C GLY E 72 -48.98 4.63 -0.99
N HIS E 73 -48.60 4.12 -2.17
CA HIS E 73 -47.21 4.23 -2.62
C HIS E 73 -46.85 5.59 -3.24
N THR E 74 -45.54 5.89 -3.27
CA THR E 74 -44.98 7.13 -3.82
C THR E 74 -44.90 7.03 -5.35
N LEU E 75 -45.25 8.11 -6.07
CA LEU E 75 -45.24 8.14 -7.53
C LEU E 75 -43.89 7.75 -8.10
N LYS E 76 -43.90 6.80 -9.04
CA LYS E 76 -42.67 6.35 -9.69
C LYS E 76 -42.15 7.44 -10.62
N ASP E 77 -40.83 7.50 -10.82
CA ASP E 77 -40.25 8.49 -11.71
C ASP E 77 -40.67 8.15 -13.14
N GLY E 78 -41.26 9.13 -13.83
CA GLY E 78 -41.75 8.94 -15.19
C GLY E 78 -43.06 8.19 -15.24
N ASP E 79 -44.03 8.59 -14.40
CA ASP E 79 -45.36 7.97 -14.35
C ASP E 79 -46.42 9.04 -14.14
N SER E 80 -47.64 8.83 -14.68
CA SER E 80 -48.70 9.82 -14.56
C SER E 80 -49.25 9.86 -13.14
N ALA E 81 -49.50 11.07 -12.64
CA ALA E 81 -50.10 11.24 -11.31
C ALA E 81 -51.59 10.79 -11.30
N VAL E 82 -52.23 10.62 -12.50
CA VAL E 82 -53.61 10.16 -12.75
C VAL E 82 -54.67 11.18 -12.25
N TYR E 83 -54.65 11.52 -10.96
CA TYR E 83 -55.59 12.44 -10.35
C TYR E 83 -54.94 13.10 -9.13
N GLN E 84 -55.39 14.32 -8.78
CA GLN E 84 -54.81 15.08 -7.66
C GLN E 84 -55.02 14.41 -6.31
N ARG E 85 -56.14 13.70 -6.11
CA ARG E 85 -56.38 12.99 -4.85
C ARG E 85 -55.41 11.79 -4.65
N LEU E 86 -54.77 11.32 -5.73
CA LEU E 86 -53.79 10.24 -5.70
C LEU E 86 -52.37 10.84 -5.57
N TRP E 87 -52.04 11.89 -6.35
CA TRP E 87 -50.72 12.54 -6.26
C TRP E 87 -50.72 13.98 -6.82
N GLN E 88 -49.98 14.88 -6.16
CA GLN E 88 -49.81 16.28 -6.59
C GLN E 88 -48.29 16.57 -6.55
N PRO E 89 -47.66 17.08 -7.63
CA PRO E 89 -46.19 17.28 -7.59
C PRO E 89 -45.66 18.38 -6.67
N GLY E 90 -46.40 19.47 -6.52
CA GLY E 90 -46.01 20.57 -5.65
C GLY E 90 -46.07 20.17 -4.19
N VAL E 91 -47.09 19.38 -3.83
CA VAL E 91 -47.24 18.84 -2.48
C VAL E 91 -46.08 17.90 -2.21
N ALA E 92 -45.78 17.00 -3.17
CA ALA E 92 -44.66 16.06 -3.09
C ALA E 92 -43.31 16.75 -2.85
N ARG E 93 -43.06 17.92 -3.46
CA ARG E 93 -41.81 18.65 -3.24
C ARG E 93 -41.73 19.17 -1.80
N PHE E 94 -42.84 19.69 -1.27
CA PHE E 94 -42.92 20.14 0.12
C PHE E 94 -42.70 18.95 1.07
N GLU E 95 -43.28 17.79 0.74
CA GLU E 95 -43.15 16.56 1.52
C GLU E 95 -41.68 16.13 1.61
N THR E 96 -40.95 16.06 0.48
CA THR E 96 -39.54 15.67 0.49
C THR E 96 -38.66 16.72 1.18
N ALA E 97 -39.03 18.00 1.10
CA ALA E 97 -38.27 19.06 1.74
C ALA E 97 -38.30 18.90 3.28
N LEU E 98 -39.49 18.70 3.88
CA LEU E 98 -39.59 18.54 5.33
C LEU E 98 -39.03 17.21 5.79
N ALA E 99 -39.25 16.11 5.04
CA ALA E 99 -38.73 14.80 5.40
C ALA E 99 -37.20 14.83 5.55
N GLY E 100 -36.53 15.59 4.68
CA GLY E 100 -35.08 15.76 4.77
C GLY E 100 -34.64 16.57 5.98
N LEU E 101 -35.46 17.53 6.42
CA LEU E 101 -35.15 18.36 7.59
C LEU E 101 -35.34 17.55 8.88
N GLU E 102 -36.42 16.75 8.96
CA GLU E 102 -36.66 15.87 10.11
C GLU E 102 -35.83 14.56 10.07
N HIS E 103 -35.18 14.27 8.93
CA HIS E 103 -34.38 13.06 8.71
C HIS E 103 -35.26 11.79 8.73
N ALA E 104 -36.47 11.92 8.14
CA ALA E 104 -37.44 10.84 7.99
C ALA E 104 -37.35 10.27 6.56
N GLU E 105 -37.88 9.05 6.34
CA GLU E 105 -37.82 8.43 5.01
C GLU E 105 -38.73 9.18 4.05
N GLU E 106 -39.98 9.42 4.45
CA GLU E 106 -41.01 10.08 3.64
C GLU E 106 -41.86 11.04 4.51
N ALA E 107 -42.77 11.80 3.88
CA ALA E 107 -43.69 12.70 4.56
C ALA E 107 -45.00 12.79 3.78
N VAL E 108 -46.13 12.97 4.49
CA VAL E 108 -47.46 13.06 3.88
C VAL E 108 -48.12 14.37 4.34
N ALA E 109 -48.54 15.20 3.39
CA ALA E 109 -49.14 16.50 3.67
C ALA E 109 -50.65 16.52 3.42
N PHE E 110 -51.37 17.29 4.26
CA PHE E 110 -52.81 17.43 4.28
C PHE E 110 -53.21 18.92 4.39
N ALA E 111 -54.53 19.22 4.23
CA ALA E 111 -55.08 20.58 4.29
C ALA E 111 -54.73 21.34 5.57
N THR E 112 -54.81 20.68 6.73
CA THR E 112 -54.56 21.26 8.06
C THR E 112 -53.82 20.26 8.97
N GLY E 113 -53.30 20.72 10.11
CA GLY E 113 -52.68 19.87 11.12
C GLY E 113 -53.68 18.87 11.68
N MET E 114 -54.95 19.27 11.79
CA MET E 114 -56.01 18.39 12.27
C MET E 114 -56.33 17.29 11.26
N ALA E 115 -56.22 17.57 9.94
CA ALA E 115 -56.42 16.55 8.90
C ALA E 115 -55.33 15.50 8.97
N ALA E 116 -54.09 15.91 9.29
CA ALA E 116 -52.97 14.98 9.43
C ALA E 116 -53.20 14.10 10.65
N MET E 117 -53.63 14.70 11.79
CA MET E 117 -53.96 13.95 13.01
C MET E 117 -55.08 12.93 12.71
N THR E 118 -56.13 13.39 12.01
CA THR E 118 -57.28 12.55 11.61
C THR E 118 -56.82 11.35 10.81
N ALA E 119 -55.94 11.58 9.83
CA ALA E 119 -55.42 10.49 9.00
C ALA E 119 -54.61 9.48 9.80
N ALA E 120 -53.77 9.95 10.73
CA ALA E 120 -52.96 9.07 11.57
C ALA E 120 -53.82 8.23 12.50
N LEU E 121 -54.91 8.81 13.00
CA LEU E 121 -55.82 8.07 13.89
C LEU E 121 -56.62 7.07 13.07
N LEU E 122 -57.12 7.46 11.88
CA LEU E 122 -57.86 6.52 11.03
C LEU E 122 -56.97 5.38 10.55
N ALA E 123 -55.66 5.65 10.30
CA ALA E 123 -54.71 4.61 9.91
C ALA E 123 -54.54 3.57 11.02
N ALA E 124 -54.50 4.03 12.28
CA ALA E 124 -54.38 3.14 13.44
C ALA E 124 -55.67 2.32 13.65
N VAL E 125 -56.84 2.97 13.49
CA VAL E 125 -58.13 2.28 13.64
C VAL E 125 -58.27 1.22 12.55
N SER E 126 -57.94 1.58 11.29
CA SER E 126 -58.00 0.66 10.15
C SER E 126 -57.09 -0.56 10.35
N ALA E 127 -55.91 -0.37 10.96
CA ALA E 127 -54.98 -1.46 11.25
C ALA E 127 -55.45 -2.45 12.34
N GLY E 128 -56.50 -2.08 13.09
CA GLY E 128 -57.03 -2.90 14.18
C GLY E 128 -56.46 -2.53 15.53
N THR E 129 -55.95 -1.29 15.68
CA THR E 129 -55.37 -0.77 16.92
C THR E 129 -56.02 0.60 17.22
N PRO E 130 -57.32 0.63 17.61
CA PRO E 130 -57.96 1.94 17.84
C PRO E 130 -57.58 2.66 19.13
N HIS E 131 -56.96 1.96 20.10
CA HIS E 131 -56.60 2.60 21.36
C HIS E 131 -55.33 3.46 21.21
N ILE E 132 -55.32 4.64 21.86
CA ILE E 132 -54.22 5.60 21.79
C ILE E 132 -53.81 6.00 23.22
N VAL E 133 -52.50 6.12 23.48
CA VAL E 133 -52.00 6.55 24.78
C VAL E 133 -51.40 7.96 24.60
N ALA E 134 -52.20 8.99 24.89
CA ALA E 134 -51.78 10.39 24.74
C ALA E 134 -51.32 11.01 26.06
N VAL E 135 -50.42 12.02 25.98
CA VAL E 135 -49.88 12.71 27.17
C VAL E 135 -50.23 14.21 27.11
N ARG E 136 -51.06 14.67 28.06
CA ARG E 136 -51.44 16.08 28.16
C ARG E 136 -50.30 16.92 28.80
N PRO E 137 -50.19 18.24 28.52
CA PRO E 137 -51.03 19.04 27.62
C PRO E 137 -50.79 18.81 26.13
N LEU E 138 -51.89 18.90 25.36
CA LEU E 138 -51.90 18.81 23.89
C LEU E 138 -52.73 20.01 23.36
N TYR E 139 -52.65 20.29 22.04
CA TYR E 139 -53.48 21.34 21.44
C TYR E 139 -54.97 20.95 21.62
N GLY E 140 -55.80 21.94 21.96
CA GLY E 140 -57.23 21.77 22.20
C GLY E 140 -57.97 20.84 21.26
N GLY E 141 -57.72 20.99 19.97
CA GLY E 141 -58.32 20.16 18.93
C GLY E 141 -57.83 18.73 18.98
N SER E 142 -56.51 18.52 19.11
CA SER E 142 -55.92 17.19 19.22
C SER E 142 -56.48 16.47 20.47
N ASP E 143 -56.60 17.21 21.57
CA ASP E 143 -57.15 16.71 22.83
C ASP E 143 -58.64 16.35 22.70
N HIS E 144 -59.43 17.24 22.09
CA HIS E 144 -60.88 17.03 21.90
C HIS E 144 -61.19 15.90 20.92
N LEU E 145 -60.42 15.78 19.83
CA LEU E 145 -60.63 14.71 18.83
C LEU E 145 -60.41 13.33 19.46
N LEU E 146 -59.46 13.22 20.40
CA LEU E 146 -59.20 11.96 21.10
C LEU E 146 -60.29 11.70 22.16
N GLU E 147 -60.65 12.73 22.95
CA GLU E 147 -61.69 12.63 23.99
C GLU E 147 -63.04 12.17 23.40
N THR E 148 -63.48 12.79 22.30
CA THR E 148 -64.77 12.45 21.68
C THR E 148 -64.76 11.07 21.04
N GLY E 149 -63.62 10.64 20.50
CA GLY E 149 -63.50 9.36 19.82
C GLY E 149 -64.33 9.32 18.55
N LEU E 150 -64.35 10.45 17.82
CA LEU E 150 -65.12 10.61 16.58
C LEU E 150 -64.71 9.58 15.53
N LEU E 151 -63.42 9.29 15.42
CA LEU E 151 -62.89 8.40 14.40
C LEU E 151 -62.77 6.93 14.86
N GLY E 152 -63.57 6.54 15.86
CA GLY E 152 -63.55 5.18 16.39
C GLY E 152 -62.36 4.86 17.26
N THR E 153 -61.77 5.87 17.91
CA THR E 153 -60.61 5.68 18.79
C THR E 153 -61.01 5.72 20.26
N THR E 154 -60.26 4.99 21.08
CA THR E 154 -60.40 5.00 22.54
C THR E 154 -59.07 5.61 23.04
N VAL E 155 -59.12 6.44 24.10
CA VAL E 155 -57.90 7.10 24.60
C VAL E 155 -57.70 6.84 26.10
N THR E 156 -56.43 6.77 26.52
CA THR E 156 -56.02 6.60 27.90
C THR E 156 -55.04 7.74 28.17
N TRP E 157 -55.48 8.75 28.92
CA TRP E 157 -54.65 9.90 29.24
C TRP E 157 -53.67 9.47 30.32
N ALA E 158 -52.37 9.46 30.00
CA ALA E 158 -51.33 9.02 30.92
C ALA E 158 -50.26 10.08 31.10
N LYS E 159 -49.63 10.08 32.29
CA LYS E 159 -48.52 10.96 32.57
C LYS E 159 -47.26 10.39 31.90
N GLU E 160 -46.23 11.21 31.70
CA GLU E 160 -45.00 10.79 31.04
C GLU E 160 -44.38 9.52 31.64
N ALA E 161 -44.33 9.41 32.97
CA ALA E 161 -43.78 8.25 33.65
C ALA E 161 -44.67 6.99 33.55
N ASP E 162 -45.99 7.16 33.47
CA ASP E 162 -46.94 6.04 33.42
C ASP E 162 -47.36 5.64 31.99
N ILE E 163 -46.47 5.77 30.99
CA ILE E 163 -46.82 5.41 29.60
C ILE E 163 -46.86 3.88 29.45
N ALA E 164 -45.78 3.19 29.88
CA ALA E 164 -45.67 1.74 29.78
C ALA E 164 -46.88 0.98 30.36
N SER E 165 -47.37 1.42 31.54
CA SER E 165 -48.53 0.80 32.20
C SER E 165 -49.85 1.05 31.45
N ALA E 166 -50.01 2.25 30.88
CA ALA E 166 -51.22 2.62 30.13
C ALA E 166 -51.39 1.87 28.81
N ILE E 167 -50.32 1.27 28.27
CA ILE E 167 -50.38 0.58 26.99
C ILE E 167 -51.11 -0.75 27.09
N GLN E 168 -52.04 -0.99 26.14
CA GLN E 168 -52.86 -2.19 26.02
C GLN E 168 -52.45 -2.94 24.73
N ASP E 169 -52.93 -4.17 24.56
CA ASP E 169 -52.69 -4.92 23.32
C ASP E 169 -53.36 -4.21 22.10
N ASP E 170 -54.41 -3.39 22.36
CA ASP E 170 -55.16 -2.64 21.36
C ASP E 170 -54.50 -1.28 21.01
N THR E 171 -53.38 -0.89 21.65
CA THR E 171 -52.77 0.42 21.37
C THR E 171 -52.07 0.48 20.00
N GLY E 172 -52.38 1.51 19.23
CA GLY E 172 -51.79 1.77 17.93
C GLY E 172 -50.76 2.88 17.93
N LEU E 173 -50.87 3.86 18.86
CA LEU E 173 -49.93 4.98 18.90
C LEU E 173 -49.81 5.62 20.28
N VAL E 174 -48.68 6.30 20.52
CA VAL E 174 -48.39 7.06 21.74
C VAL E 174 -48.22 8.52 21.29
N ILE E 175 -49.20 9.38 21.57
CA ILE E 175 -49.17 10.78 21.14
C ILE E 175 -48.59 11.69 22.22
N VAL E 176 -47.49 12.38 21.92
CA VAL E 176 -46.81 13.33 22.83
C VAL E 176 -46.52 14.65 22.09
N GLU E 177 -46.26 15.72 22.85
CA GLU E 177 -46.02 17.06 22.31
C GLU E 177 -45.10 17.83 23.27
N THR E 178 -43.92 18.30 22.79
CA THR E 178 -42.94 19.00 23.63
C THR E 178 -42.21 20.12 22.83
N PRO E 179 -42.23 21.40 23.27
CA PRO E 179 -42.96 21.96 24.41
C PRO E 179 -44.47 21.88 24.20
N ALA E 180 -45.24 21.53 25.23
CA ALA E 180 -46.68 21.37 25.12
C ALA E 180 -47.41 22.68 24.85
N ASN E 181 -48.57 22.59 24.19
CA ASN E 181 -49.41 23.75 23.91
C ASN E 181 -50.47 23.78 25.03
N PRO E 182 -50.61 24.84 25.88
CA PRO E 182 -49.92 26.14 25.89
C PRO E 182 -48.76 26.35 26.89
N SER E 183 -48.76 25.63 28.03
CA SER E 183 -47.82 25.81 29.14
C SER E 183 -46.34 25.45 28.89
N LEU E 184 -46.00 24.92 27.69
CA LEU E 184 -44.63 24.57 27.31
C LEU E 184 -43.99 23.50 28.20
N ASP E 185 -44.79 22.49 28.58
CA ASP E 185 -44.32 21.38 29.38
C ASP E 185 -43.40 20.52 28.51
N LEU E 186 -42.22 20.17 29.02
CA LEU E 186 -41.25 19.39 28.27
C LEU E 186 -41.37 17.90 28.58
N VAL E 187 -41.07 17.06 27.57
CA VAL E 187 -41.17 15.61 27.66
C VAL E 187 -39.86 15.00 27.15
N ASP E 188 -39.25 14.07 27.91
CA ASP E 188 -38.03 13.39 27.48
C ASP E 188 -38.42 12.35 26.44
N LEU E 189 -38.07 12.58 25.18
CA LEU E 189 -38.44 11.69 24.08
C LEU E 189 -37.72 10.35 24.14
N ASP E 190 -36.48 10.32 24.66
CA ASP E 190 -35.76 9.05 24.79
C ASP E 190 -36.48 8.12 25.77
N SER E 191 -36.99 8.68 26.89
CA SER E 191 -37.73 7.92 27.90
C SER E 191 -39.09 7.46 27.38
N VAL E 192 -39.78 8.29 26.59
CA VAL E 192 -41.09 7.94 26.05
C VAL E 192 -40.96 6.78 25.07
N VAL E 193 -39.97 6.82 24.15
CA VAL E 193 -39.80 5.73 23.18
C VAL E 193 -39.41 4.44 23.91
N SER E 194 -38.56 4.54 24.97
CA SER E 194 -38.21 3.37 25.77
C SER E 194 -39.46 2.76 26.44
N ALA E 195 -40.34 3.59 27.01
CA ALA E 195 -41.57 3.13 27.65
C ALA E 195 -42.59 2.56 26.67
N ALA E 196 -42.65 3.10 25.43
CA ALA E 196 -43.60 2.64 24.42
C ALA E 196 -43.23 1.25 23.89
N GLY E 197 -41.95 1.01 23.66
CA GLY E 197 -41.47 -0.28 23.17
C GLY E 197 -41.89 -0.53 21.74
N ASN E 198 -42.74 -1.55 21.53
CA ASN E 198 -43.21 -1.92 20.20
C ASN E 198 -44.25 -0.95 19.63
N VAL E 199 -44.86 -0.09 20.46
CA VAL E 199 -45.89 0.83 20.00
C VAL E 199 -45.22 2.05 19.34
N PRO E 200 -45.63 2.47 18.11
CA PRO E 200 -45.00 3.65 17.51
C PRO E 200 -45.37 4.93 18.24
N VAL E 201 -44.44 5.90 18.29
CA VAL E 201 -44.64 7.17 18.96
C VAL E 201 -44.84 8.26 17.93
N LEU E 202 -45.84 9.13 18.16
CA LEU E 202 -46.12 10.29 17.33
C LEU E 202 -45.81 11.50 18.18
N VAL E 203 -44.85 12.32 17.72
CA VAL E 203 -44.42 13.53 18.41
C VAL E 203 -44.88 14.74 17.59
N ASP E 204 -45.63 15.65 18.21
CA ASP E 204 -46.09 16.85 17.55
C ASP E 204 -45.01 17.93 17.74
N ASN E 205 -44.17 18.14 16.70
CA ASN E 205 -43.04 19.07 16.69
C ASN E 205 -43.38 20.43 16.07
N THR E 206 -44.59 20.95 16.32
CA THR E 206 -45.01 22.24 15.76
C THR E 206 -44.25 23.41 16.40
N PHE E 207 -44.16 23.39 17.73
CA PHE E 207 -43.51 24.46 18.49
C PHE E 207 -42.00 24.55 18.29
N CYS E 208 -41.31 23.40 18.34
CA CYS E 208 -39.85 23.36 18.20
C CYS E 208 -39.39 23.53 16.75
N THR E 209 -40.09 22.88 15.78
CA THR E 209 -39.74 22.86 14.33
C THR E 209 -38.47 22.01 14.10
N PRO E 210 -38.17 21.54 12.86
CA PRO E 210 -36.92 20.77 12.67
C PRO E 210 -35.64 21.56 12.96
N VAL E 211 -35.72 22.87 13.18
CA VAL E 211 -34.57 23.72 13.49
C VAL E 211 -34.06 23.36 14.90
N LEU E 212 -34.99 23.14 15.86
CA LEU E 212 -34.66 22.87 17.25
C LEU E 212 -34.85 21.43 17.78
N GLN E 213 -35.52 20.53 17.04
CA GLN E 213 -35.72 19.17 17.53
C GLN E 213 -35.91 18.20 16.38
N GLN E 214 -35.28 17.01 16.48
CA GLN E 214 -35.36 15.94 15.50
C GLN E 214 -35.96 14.72 16.24
N PRO E 215 -37.30 14.66 16.53
CA PRO E 215 -37.82 13.47 17.24
C PRO E 215 -37.49 12.13 16.58
N ILE E 216 -37.31 12.05 15.25
CA ILE E 216 -36.97 10.79 14.57
C ILE E 216 -35.64 10.21 15.13
N SER E 217 -34.64 11.08 15.41
CA SER E 217 -33.37 10.65 15.99
C SER E 217 -33.55 10.01 17.37
N HIS E 218 -34.55 10.47 18.15
CA HIS E 218 -34.89 9.93 19.47
C HIS E 218 -35.71 8.62 19.42
N GLY E 219 -36.12 8.19 18.22
CA GLY E 219 -36.86 6.96 17.98
C GLY E 219 -38.35 7.10 17.72
N ALA E 220 -38.81 8.32 17.39
CA ALA E 220 -40.22 8.53 17.09
C ALA E 220 -40.53 7.97 15.72
N ALA E 221 -41.64 7.25 15.57
CA ALA E 221 -42.02 6.67 14.29
C ALA E 221 -42.60 7.74 13.36
N LEU E 222 -43.47 8.63 13.88
CA LEU E 222 -44.07 9.70 13.08
C LEU E 222 -43.94 11.05 13.80
N VAL E 223 -43.74 12.13 13.04
CA VAL E 223 -43.57 13.50 13.56
C VAL E 223 -44.57 14.44 12.87
N LEU E 224 -45.57 14.91 13.61
CA LEU E 224 -46.61 15.81 13.10
C LEU E 224 -46.21 17.26 13.25
N HIS E 225 -46.60 18.09 12.28
CA HIS E 225 -46.38 19.53 12.29
C HIS E 225 -47.63 20.21 11.79
N SER E 226 -48.09 21.25 12.48
CA SER E 226 -49.14 22.10 11.97
C SER E 226 -48.34 23.10 11.12
N ALA E 227 -48.19 22.81 9.82
CA ALA E 227 -47.40 23.66 8.92
C ALA E 227 -47.85 25.13 8.91
N THR E 228 -49.13 25.36 9.23
CA THR E 228 -49.74 26.69 9.44
C THR E 228 -48.84 27.56 10.36
N GLN E 229 -48.26 26.95 11.42
CA GLN E 229 -47.39 27.63 12.37
C GLN E 229 -45.92 27.32 12.05
N TYR E 230 -45.11 28.38 11.86
CA TYR E 230 -43.66 28.34 11.59
C TYR E 230 -43.26 27.84 10.18
N LEU E 231 -43.76 26.66 9.73
CA LEU E 231 -43.39 26.18 8.38
C LEU E 231 -43.86 27.15 7.29
N GLY E 232 -45.04 27.75 7.49
CA GLY E 232 -45.57 28.80 6.60
C GLY E 232 -44.96 30.13 7.00
N GLY E 233 -45.04 30.43 8.29
CA GLY E 233 -44.41 31.58 8.92
C GLY E 233 -45.01 32.95 8.67
N HIS E 234 -45.95 33.08 7.72
CA HIS E 234 -46.56 34.39 7.41
C HIS E 234 -48.08 34.44 7.64
N GLY E 235 -48.65 33.44 8.32
CA GLY E 235 -50.07 33.39 8.63
C GLY E 235 -50.99 33.45 7.43
N ASP E 236 -50.60 32.79 6.33
CA ASP E 236 -51.38 32.80 5.10
C ASP E 236 -51.44 31.47 4.35
N ALA E 237 -51.11 30.36 5.02
CA ALA E 237 -51.14 29.04 4.40
C ALA E 237 -51.45 27.98 5.44
N MET E 238 -52.65 27.40 5.37
CA MET E 238 -53.02 26.31 6.27
C MET E 238 -52.31 25.05 5.77
N GLY E 239 -51.98 24.16 6.69
CA GLY E 239 -51.31 22.92 6.32
C GLY E 239 -51.02 22.01 7.49
N GLY E 240 -50.77 20.75 7.15
CA GLY E 240 -50.47 19.69 8.11
C GLY E 240 -49.58 18.67 7.44
N ILE E 241 -48.58 18.14 8.16
CA ILE E 241 -47.63 17.21 7.55
C ILE E 241 -47.02 16.28 8.61
N ILE E 242 -46.84 15.00 8.23
CA ILE E 242 -46.25 13.99 9.12
C ILE E 242 -45.01 13.41 8.46
N ALA E 243 -43.83 13.63 9.05
CA ALA E 243 -42.57 13.06 8.56
C ALA E 243 -42.47 11.69 9.24
N THR E 244 -42.36 10.60 8.45
CA THR E 244 -42.37 9.24 9.01
C THR E 244 -41.69 8.19 8.09
N ASN E 245 -41.56 6.93 8.58
CA ASN E 245 -41.03 5.82 7.80
C ASN E 245 -41.98 5.46 6.61
N ALA E 246 -41.54 4.58 5.70
CA ALA E 246 -42.34 4.18 4.54
C ALA E 246 -43.65 3.44 4.89
N ASP E 247 -43.67 2.62 5.96
CA ASP E 247 -44.87 1.87 6.35
C ASP E 247 -46.01 2.82 6.74
N TRP E 248 -45.73 3.79 7.62
CA TRP E 248 -46.75 4.75 8.06
C TRP E 248 -47.11 5.74 6.96
N ALA E 249 -46.15 6.11 6.10
CA ALA E 249 -46.43 7.01 4.98
C ALA E 249 -47.42 6.36 4.02
N MET E 250 -47.27 5.05 3.77
CA MET E 250 -48.18 4.30 2.91
C MET E 250 -49.58 4.27 3.52
N ARG E 251 -49.68 4.04 4.84
CA ARG E 251 -50.97 4.01 5.53
C ARG E 251 -51.65 5.38 5.49
N LEU E 252 -50.88 6.46 5.69
CA LEU E 252 -51.40 7.82 5.67
C LEU E 252 -51.89 8.20 4.25
N ARG E 253 -51.13 7.82 3.20
CA ARG E 253 -51.55 8.11 1.82
C ARG E 253 -52.75 7.25 1.41
N GLN E 254 -52.91 6.03 1.97
CA GLN E 254 -54.10 5.21 1.70
C GLN E 254 -55.35 5.92 2.21
N VAL E 255 -55.25 6.55 3.40
CA VAL E 255 -56.34 7.29 4.01
C VAL E 255 -56.58 8.59 3.21
N ARG E 256 -55.51 9.30 2.84
CA ARG E 256 -55.59 10.55 2.08
C ARG E 256 -56.26 10.35 0.72
N ALA E 257 -55.93 9.27 0.00
CA ALA E 257 -56.50 9.01 -1.31
C ALA E 257 -58.02 8.77 -1.29
N ILE E 258 -58.57 8.28 -0.16
CA ILE E 258 -60.01 7.98 -0.06
C ILE E 258 -60.79 9.06 0.75
N THR E 259 -60.18 9.70 1.76
CA THR E 259 -60.85 10.76 2.54
C THR E 259 -60.61 12.17 1.94
N GLY E 260 -59.58 12.34 1.13
CA GLY E 260 -59.28 13.58 0.40
C GLY E 260 -59.14 14.90 1.14
N ALA E 261 -58.42 14.93 2.27
CA ALA E 261 -58.16 16.20 2.97
C ALA E 261 -56.86 16.74 2.38
N LEU E 262 -56.91 17.15 1.11
CA LEU E 262 -55.73 17.57 0.36
C LEU E 262 -55.24 18.96 0.61
N LEU E 263 -53.92 19.14 0.48
CA LEU E 263 -53.26 20.42 0.58
C LEU E 263 -53.31 21.02 -0.83
N HIS E 264 -53.86 22.22 -0.98
CA HIS E 264 -53.99 22.88 -2.28
C HIS E 264 -52.61 23.18 -2.89
N PRO E 265 -52.41 23.08 -4.23
CA PRO E 265 -51.08 23.39 -4.79
C PRO E 265 -50.45 24.72 -4.38
N MET E 266 -51.25 25.78 -4.16
CA MET E 266 -50.71 27.07 -3.72
C MET E 266 -50.33 27.02 -2.24
N GLY E 267 -51.09 26.29 -1.43
CA GLY E 267 -50.77 26.09 -0.02
C GLY E 267 -49.43 25.40 0.14
N ALA E 268 -49.19 24.35 -0.67
CA ALA E 268 -47.92 23.63 -0.69
C ALA E 268 -46.77 24.53 -1.15
N TYR E 269 -47.03 25.39 -2.13
CA TYR E 269 -46.03 26.32 -2.64
C TYR E 269 -45.56 27.29 -1.55
N LEU E 270 -46.50 27.89 -0.80
CA LEU E 270 -46.15 28.85 0.25
C LEU E 270 -45.53 28.19 1.49
N LEU E 271 -45.90 26.94 1.80
CA LEU E 271 -45.31 26.24 2.93
C LEU E 271 -43.89 25.80 2.59
N HIS E 272 -43.65 25.36 1.34
CA HIS E 272 -42.32 25.00 0.84
C HIS E 272 -41.44 26.28 0.80
N ARG E 273 -42.02 27.40 0.32
CA ARG E 273 -41.39 28.73 0.25
C ARG E 273 -40.99 29.19 1.65
N GLY E 274 -41.85 28.95 2.64
CA GLY E 274 -41.61 29.30 4.03
C GLY E 274 -40.46 28.53 4.66
N LEU E 275 -40.22 27.29 4.21
CA LEU E 275 -39.10 26.50 4.73
C LEU E 275 -37.75 27.13 4.40
N ARG E 276 -37.65 27.92 3.31
CA ARG E 276 -36.40 28.54 2.86
C ARG E 276 -35.89 29.60 3.85
N THR E 277 -36.79 30.23 4.62
CA THR E 277 -36.47 31.25 5.62
C THR E 277 -36.73 30.73 7.08
N LEU E 278 -36.98 29.43 7.28
CA LEU E 278 -37.29 28.90 8.60
C LEU E 278 -36.18 29.05 9.63
N ALA E 279 -34.90 28.81 9.25
CA ALA E 279 -33.79 28.94 10.19
C ALA E 279 -33.58 30.41 10.60
N VAL E 280 -33.62 31.35 9.64
CA VAL E 280 -33.40 32.76 9.97
C VAL E 280 -34.57 33.35 10.76
N ARG E 281 -35.80 32.86 10.54
CA ARG E 281 -36.95 33.37 11.27
C ARG E 281 -36.98 32.79 12.69
N MET E 282 -36.70 31.50 12.84
CA MET E 282 -36.67 30.86 14.15
C MET E 282 -35.57 31.47 15.01
N ARG E 283 -34.34 31.59 14.47
CA ARG E 283 -33.22 32.17 15.22
C ARG E 283 -33.49 33.60 15.67
N ALA E 284 -34.15 34.42 14.85
CA ALA E 284 -34.45 35.81 15.21
C ALA E 284 -35.53 35.89 16.29
N ALA E 285 -36.63 35.13 16.15
CA ALA E 285 -37.71 35.14 17.12
C ALA E 285 -37.30 34.51 18.45
N GLN E 286 -36.42 33.50 18.41
CA GLN E 286 -35.91 32.84 19.61
C GLN E 286 -35.11 33.83 20.44
N THR E 287 -34.23 34.60 19.79
CA THR E 287 -33.39 35.60 20.47
C THR E 287 -34.27 36.63 21.16
N THR E 288 -35.31 37.11 20.47
CA THR E 288 -36.25 38.09 21.03
C THR E 288 -37.02 37.48 22.21
N ALA E 289 -37.44 36.21 22.09
CA ALA E 289 -38.19 35.54 23.14
C ALA E 289 -37.37 35.29 24.41
N GLY E 290 -36.11 34.89 24.27
CA GLY E 290 -35.24 34.66 25.41
C GLY E 290 -35.06 35.91 26.26
N GLU E 291 -34.98 37.08 25.59
CA GLU E 291 -34.85 38.36 26.26
C GLU E 291 -36.19 38.81 26.85
N LEU E 292 -37.31 38.60 26.14
CA LEU E 292 -38.64 38.98 26.64
C LEU E 292 -39.01 38.18 27.89
N ALA E 293 -38.77 36.86 27.90
CA ALA E 293 -39.09 36.01 29.05
C ALA E 293 -38.40 36.49 30.34
N GLU E 294 -37.18 37.06 30.22
CA GLU E 294 -36.44 37.58 31.36
C GLU E 294 -37.09 38.89 31.87
N ARG E 295 -37.47 39.79 30.96
CA ARG E 295 -38.10 41.07 31.32
C ARG E 295 -39.48 40.83 31.93
N LEU E 296 -40.24 39.90 31.36
CA LEU E 296 -41.59 39.57 31.82
C LEU E 296 -41.57 38.88 33.19
N ASP E 297 -40.53 38.08 33.47
CA ASP E 297 -40.40 37.42 34.78
C ASP E 297 -40.16 38.47 35.87
N ALA E 298 -39.40 39.54 35.55
CA ALA E 298 -39.12 40.62 36.49
C ALA E 298 -40.34 41.50 36.81
N HIS E 299 -41.40 41.47 35.97
CA HIS E 299 -42.57 42.31 36.21
C HIS E 299 -43.37 41.80 37.41
N PRO E 300 -43.89 42.68 38.31
CA PRO E 300 -44.66 42.18 39.47
C PRO E 300 -46.03 41.58 39.14
N ALA E 301 -46.64 42.02 38.03
CA ALA E 301 -47.95 41.52 37.62
C ALA E 301 -47.91 40.04 37.22
N ILE E 302 -46.76 39.52 36.77
CA ILE E 302 -46.63 38.13 36.37
C ILE E 302 -45.94 37.34 37.49
N SER E 303 -46.58 36.25 37.95
CA SER E 303 -46.05 35.41 38.99
C SER E 303 -45.07 34.36 38.45
N VAL E 304 -45.47 33.61 37.39
CA VAL E 304 -44.66 32.54 36.80
C VAL E 304 -44.50 32.78 35.31
N VAL E 305 -43.28 32.60 34.76
CA VAL E 305 -43.03 32.70 33.32
C VAL E 305 -42.49 31.34 32.89
N HIS E 306 -43.18 30.68 31.97
CA HIS E 306 -42.77 29.39 31.43
C HIS E 306 -42.00 29.65 30.13
N TYR E 307 -40.71 29.29 30.13
CA TYR E 307 -39.86 29.41 28.94
C TYR E 307 -38.69 28.42 29.10
N PRO E 308 -38.48 27.42 28.20
CA PRO E 308 -37.39 26.45 28.41
C PRO E 308 -35.99 27.02 28.67
N GLY E 309 -35.63 28.10 27.99
CA GLY E 309 -34.34 28.75 28.14
C GLY E 309 -34.10 29.41 29.49
N LEU E 310 -35.18 29.72 30.23
CA LEU E 310 -35.05 30.35 31.56
C LEU E 310 -34.48 29.34 32.56
N LYS E 311 -33.70 29.83 33.56
CA LYS E 311 -33.06 28.98 34.57
C LYS E 311 -34.10 28.33 35.48
N GLY E 312 -33.87 27.05 35.80
CA GLY E 312 -34.77 26.26 36.63
C GLY E 312 -35.85 25.53 35.85
N GLN E 313 -36.21 26.04 34.64
CA GLN E 313 -37.24 25.42 33.81
C GLN E 313 -36.79 24.12 33.13
N ASP E 314 -35.48 23.83 33.10
CA ASP E 314 -34.96 22.64 32.46
C ASP E 314 -34.20 21.75 33.48
N PRO E 315 -34.91 20.99 34.36
CA PRO E 315 -34.18 20.14 35.33
C PRO E 315 -33.54 18.89 34.72
N ARG E 316 -34.20 18.26 33.73
CA ARG E 316 -33.71 17.02 33.10
C ARG E 316 -32.58 17.23 32.08
N GLY E 317 -32.18 18.47 31.79
CA GLY E 317 -31.11 18.74 30.86
C GLY E 317 -31.46 18.42 29.41
N LEU E 318 -32.72 18.65 29.05
CA LEU E 318 -33.20 18.40 27.68
C LEU E 318 -32.72 19.48 26.71
N LEU E 319 -32.35 20.68 27.19
CA LEU E 319 -31.84 21.73 26.31
C LEU E 319 -30.38 21.35 26.03
N GLY E 320 -30.06 21.15 24.75
CA GLY E 320 -28.75 20.71 24.28
C GLY E 320 -28.81 19.27 23.82
N ARG E 321 -29.34 18.40 24.67
CA ARG E 321 -29.49 16.97 24.39
C ARG E 321 -30.62 16.70 23.37
N GLN E 322 -31.78 17.32 23.56
CA GLN E 322 -32.98 17.15 22.73
C GLN E 322 -33.34 18.41 21.93
N MET E 323 -33.33 19.59 22.60
CA MET E 323 -33.69 20.88 21.99
C MET E 323 -32.47 21.77 21.85
N SER E 324 -32.12 22.19 20.62
CA SER E 324 -30.99 23.09 20.41
C SER E 324 -31.38 24.58 20.58
N GLY E 325 -32.31 24.87 21.47
CA GLY E 325 -32.77 26.24 21.71
C GLY E 325 -34.00 26.32 22.57
N GLY E 326 -34.25 27.51 23.11
CA GLY E 326 -35.39 27.75 23.98
C GLY E 326 -36.74 27.92 23.31
N GLY E 327 -36.73 28.25 22.01
CA GLY E 327 -37.96 28.45 21.26
C GLY E 327 -38.41 29.90 21.20
N ALA E 328 -39.54 30.16 20.53
CA ALA E 328 -40.11 31.51 20.39
C ALA E 328 -41.52 31.62 20.98
N MET E 329 -41.88 30.73 21.91
CA MET E 329 -43.19 30.74 22.57
C MET E 329 -42.95 30.98 24.04
N ILE E 330 -43.80 31.82 24.67
CA ILE E 330 -43.70 32.11 26.10
C ILE E 330 -45.10 32.08 26.69
N ALA E 331 -45.31 31.28 27.73
CA ALA E 331 -46.58 31.24 28.47
C ALA E 331 -46.32 31.81 29.86
N MET E 332 -47.34 32.42 30.49
CA MET E 332 -47.17 33.01 31.81
C MET E 332 -48.43 32.96 32.66
N GLU E 333 -48.26 32.84 33.97
CA GLU E 333 -49.35 32.81 34.94
C GLU E 333 -49.44 34.21 35.56
N LEU E 334 -50.62 34.85 35.51
CA LEU E 334 -50.79 36.20 36.07
C LEU E 334 -51.10 36.11 37.55
N ALA E 335 -50.62 37.08 38.33
CA ALA E 335 -50.85 37.12 39.77
C ALA E 335 -52.32 37.38 40.12
N GLY E 336 -52.97 38.25 39.35
CA GLY E 336 -54.38 38.58 39.56
C GLY E 336 -55.40 37.61 38.98
N GLY E 337 -54.94 36.45 38.51
CA GLY E 337 -55.84 35.42 37.98
C GLY E 337 -56.42 35.74 36.63
N PHE E 338 -57.70 35.37 36.41
CA PHE E 338 -58.38 35.60 35.15
C PHE E 338 -58.52 37.08 34.79
N ASP E 339 -58.90 37.94 35.74
CA ASP E 339 -59.09 39.37 35.45
C ASP E 339 -57.80 40.04 34.96
N ALA E 340 -56.65 39.71 35.55
CA ALA E 340 -55.37 40.27 35.11
C ALA E 340 -54.99 39.73 33.73
N ALA E 341 -55.22 38.43 33.50
CA ALA E 341 -54.96 37.78 32.21
C ALA E 341 -55.84 38.39 31.10
N ARG E 342 -57.11 38.66 31.40
CA ARG E 342 -58.07 39.26 30.48
C ARG E 342 -57.63 40.69 30.14
N SER E 343 -57.30 41.50 31.16
CA SER E 343 -56.87 42.89 30.96
C SER E 343 -55.56 42.97 30.18
N PHE E 344 -54.63 42.04 30.45
CA PHE E 344 -53.33 42.01 29.78
C PHE E 344 -53.48 41.86 28.25
N VAL E 345 -54.29 40.92 27.76
CA VAL E 345 -54.46 40.73 26.31
C VAL E 345 -55.30 41.85 25.68
N GLU E 346 -56.30 42.38 26.41
CA GLU E 346 -57.19 43.43 25.90
C GLU E 346 -56.52 44.82 25.81
N HIS E 347 -55.43 45.06 26.57
CA HIS E 347 -54.70 46.33 26.51
C HIS E 347 -53.48 46.29 25.56
N CYS E 348 -53.25 45.15 24.86
CA CYS E 348 -52.15 45.05 23.91
C CYS E 348 -52.57 45.77 22.63
N ASN E 349 -51.66 46.54 22.02
CA ASN E 349 -51.93 47.28 20.78
C ASN E 349 -51.07 46.73 19.62
N LEU E 350 -49.73 46.76 19.76
CA LEU E 350 -48.81 46.23 18.76
C LEU E 350 -48.94 44.70 18.74
N VAL E 351 -48.94 44.08 19.94
CA VAL E 351 -49.13 42.64 20.05
C VAL E 351 -50.63 42.42 19.85
N VAL E 352 -51.01 41.53 18.93
CA VAL E 352 -52.41 41.32 18.57
C VAL E 352 -53.05 40.13 19.29
N HIS E 353 -54.28 40.32 19.82
CA HIS E 353 -55.05 39.28 20.47
C HIS E 353 -55.65 38.37 19.41
N ALA E 354 -55.00 37.23 19.15
CA ALA E 354 -55.44 36.25 18.14
C ALA E 354 -54.82 34.87 18.38
N VAL E 355 -55.45 33.82 17.85
CA VAL E 355 -54.90 32.46 17.92
C VAL E 355 -53.81 32.26 16.81
N SER E 356 -53.17 31.07 16.73
CA SER E 356 -52.09 30.73 15.79
C SER E 356 -50.74 31.24 16.32
N LEU E 357 -49.65 30.71 15.79
CA LEU E 357 -48.30 31.04 16.25
C LEU E 357 -47.27 30.88 15.12
N GLY E 358 -46.01 31.21 15.41
CA GLY E 358 -44.91 31.10 14.47
C GLY E 358 -44.87 32.10 13.34
N GLY E 359 -45.76 33.09 13.37
CA GLY E 359 -45.85 34.09 12.33
C GLY E 359 -44.82 35.20 12.47
N ALA E 360 -44.77 36.09 11.47
CA ALA E 360 -43.86 37.22 11.47
C ALA E 360 -44.20 38.25 12.56
N ASP E 361 -45.47 38.28 13.02
CA ASP E 361 -45.93 39.20 14.06
C ASP E 361 -46.19 38.48 15.40
N THR E 362 -46.14 39.23 16.50
CA THR E 362 -46.33 38.72 17.84
C THR E 362 -47.82 38.68 18.16
N LEU E 363 -48.31 37.52 18.62
CA LEU E 363 -49.71 37.30 18.97
C LEU E 363 -49.84 36.87 20.42
N ILE E 364 -51.03 37.10 20.99
CA ILE E 364 -51.32 36.81 22.40
C ILE E 364 -52.76 36.27 22.52
N GLN E 365 -53.00 35.33 23.44
CA GLN E 365 -54.33 34.76 23.64
C GLN E 365 -54.49 34.06 25.00
N HIS E 366 -55.75 33.93 25.48
CA HIS E 366 -56.08 33.22 26.71
C HIS E 366 -56.42 31.77 26.30
N PRO E 367 -55.55 30.77 26.53
CA PRO E 367 -55.84 29.41 26.06
C PRO E 367 -57.15 28.77 26.54
N ALA E 368 -57.50 28.94 27.81
CA ALA E 368 -58.73 28.37 28.35
C ALA E 368 -59.99 28.89 27.63
N SER E 369 -59.93 30.12 27.07
CA SER E 369 -61.04 30.74 26.37
C SER E 369 -61.04 30.48 24.86
N LEU E 370 -59.88 30.18 24.24
CA LEU E 370 -59.83 30.01 22.79
C LEU E 370 -59.25 28.63 22.34
N THR E 371 -57.92 28.44 22.18
CA THR E 371 -57.38 27.19 21.63
C THR E 371 -57.79 25.96 22.45
N HIS E 372 -57.75 26.06 23.77
CA HIS E 372 -58.12 24.94 24.63
C HIS E 372 -59.53 25.05 25.21
N ARG E 373 -60.45 25.70 24.49
CA ARG E 373 -61.84 25.80 24.93
C ARG E 373 -62.58 24.44 24.80
N PRO E 374 -62.38 23.62 23.73
CA PRO E 374 -63.09 22.33 23.67
C PRO E 374 -62.54 21.24 24.62
N VAL E 375 -61.51 21.57 25.41
CA VAL E 375 -60.89 20.62 26.34
C VAL E 375 -61.79 20.47 27.57
N ALA E 376 -61.79 19.27 28.19
CA ALA E 376 -62.57 18.99 29.38
C ALA E 376 -62.15 19.93 30.53
N ALA E 377 -63.11 20.31 31.38
CA ALA E 377 -62.86 21.23 32.50
C ALA E 377 -61.66 20.82 33.38
N THR E 378 -61.55 19.53 33.70
CA THR E 378 -60.47 19.00 34.53
C THR E 378 -59.09 19.14 33.86
N ALA E 379 -59.05 19.00 32.52
CA ALA E 379 -57.82 19.08 31.74
C ALA E 379 -57.53 20.47 31.14
N LYS E 380 -58.43 21.45 31.33
CA LYS E 380 -58.23 22.78 30.75
C LYS E 380 -57.03 23.51 31.39
N PRO E 381 -56.29 24.39 30.67
CA PRO E 381 -55.19 25.12 31.33
C PRO E 381 -55.68 26.15 32.37
N GLY E 382 -54.75 26.68 33.15
CA GLY E 382 -55.06 27.65 34.19
C GLY E 382 -55.76 28.89 33.67
N ASP E 383 -56.67 29.44 34.48
CA ASP E 383 -57.41 30.65 34.10
C ASP E 383 -56.53 31.91 34.07
N GLY E 384 -55.45 31.92 34.84
CA GLY E 384 -54.49 33.02 34.84
C GLY E 384 -53.40 32.88 33.79
N LEU E 385 -53.37 31.77 33.03
CA LEU E 385 -52.35 31.50 32.02
C LEU E 385 -52.64 32.24 30.71
N ILE E 386 -51.57 32.78 30.09
CA ILE E 386 -51.61 33.52 28.82
C ILE E 386 -50.48 32.98 27.94
N ARG E 387 -50.78 32.66 26.67
CA ARG E 387 -49.79 32.17 25.71
C ARG E 387 -49.42 33.31 24.75
N LEU E 388 -48.13 33.42 24.40
CA LEU E 388 -47.60 34.46 23.52
C LEU E 388 -46.68 33.84 22.48
N SER E 389 -46.88 34.19 21.19
CA SER E 389 -46.03 33.75 20.09
C SER E 389 -45.16 34.93 19.72
N VAL E 390 -43.83 34.82 19.87
CA VAL E 390 -42.91 35.91 19.58
C VAL E 390 -42.60 35.94 18.07
N GLY E 391 -42.69 37.14 17.48
CA GLY E 391 -42.45 37.36 16.06
C GLY E 391 -41.08 37.94 15.75
N LEU E 392 -40.97 38.66 14.62
CA LEU E 392 -39.71 39.25 14.16
C LEU E 392 -39.63 40.76 14.41
N GLU E 393 -40.36 41.29 15.39
CA GLU E 393 -40.31 42.71 15.70
C GLU E 393 -39.17 42.99 16.68
N HIS E 394 -38.79 44.28 16.83
CA HIS E 394 -37.72 44.65 17.76
C HIS E 394 -38.14 44.34 19.19
N VAL E 395 -37.21 43.78 19.98
CA VAL E 395 -37.44 43.40 21.38
C VAL E 395 -37.96 44.57 22.23
N ASP E 396 -37.41 45.78 22.05
CA ASP E 396 -37.81 46.95 22.84
C ASP E 396 -39.27 47.33 22.56
N ASP E 397 -39.69 47.36 21.30
CA ASP E 397 -41.07 47.71 20.95
C ASP E 397 -42.08 46.69 21.49
N LEU E 398 -41.72 45.40 21.54
CA LEU E 398 -42.62 44.37 22.07
C LEU E 398 -42.69 44.45 23.59
N ALA E 399 -41.54 44.66 24.25
CA ALA E 399 -41.52 44.78 25.71
C ALA E 399 -42.28 46.02 26.15
N ASP E 400 -42.10 47.16 25.46
CA ASP E 400 -42.80 48.40 25.79
C ASP E 400 -44.33 48.21 25.75
N ASP E 401 -44.83 47.51 24.72
CA ASP E 401 -46.26 47.26 24.58
C ASP E 401 -46.79 46.27 25.62
N LEU E 402 -46.05 45.19 25.91
CA LEU E 402 -46.48 44.19 26.88
C LEU E 402 -46.45 44.74 28.30
N ILE E 403 -45.46 45.59 28.62
CA ILE E 403 -45.35 46.20 29.95
C ILE E 403 -46.51 47.19 30.14
N ALA E 404 -46.79 48.03 29.13
CA ALA E 404 -47.90 48.99 29.20
C ALA E 404 -49.25 48.28 29.39
N ALA E 405 -49.44 47.11 28.75
CA ALA E 405 -50.66 46.32 28.89
C ALA E 405 -50.83 45.77 30.31
N LEU E 406 -49.72 45.35 30.96
CA LEU E 406 -49.75 44.86 32.32
C LEU E 406 -50.02 46.02 33.29
N ASP E 407 -49.40 47.18 33.05
CA ASP E 407 -49.59 48.38 33.88
C ASP E 407 -51.00 49.00 33.74
N ALA E 408 -51.77 48.63 32.70
CA ALA E 408 -53.13 49.16 32.51
C ALA E 408 -54.11 48.65 33.58
N SER E 409 -53.90 47.42 34.09
CA SER E 409 -54.76 46.86 35.13
C SER E 409 -54.59 47.57 36.48
N THR F 22 -85.23 34.14 -5.57
CA THR F 22 -86.60 33.62 -5.70
C THR F 22 -87.26 34.21 -6.97
N SER F 23 -87.24 35.54 -7.11
CA SER F 23 -87.84 36.23 -8.26
C SER F 23 -86.94 36.17 -9.52
N LEU F 24 -85.62 35.94 -9.36
CA LEU F 24 -84.71 35.88 -10.50
C LEU F 24 -84.56 34.48 -11.08
N HIS F 25 -84.23 34.39 -12.36
CA HIS F 25 -84.04 33.13 -13.07
C HIS F 25 -82.72 32.44 -12.63
N PRO F 26 -82.54 31.09 -12.79
CA PRO F 26 -81.26 30.47 -12.38
C PRO F 26 -80.02 30.96 -13.13
N GLU F 27 -80.19 31.43 -14.39
CA GLU F 27 -79.07 31.93 -15.19
C GLU F 27 -78.53 33.22 -14.57
N THR F 28 -79.41 34.08 -14.03
CA THR F 28 -79.04 35.33 -13.36
C THR F 28 -78.38 35.01 -12.01
N LEU F 29 -78.95 34.05 -11.26
CA LEU F 29 -78.45 33.67 -9.93
C LEU F 29 -77.08 32.98 -9.97
N MET F 30 -76.70 32.39 -11.09
CA MET F 30 -75.36 31.79 -11.23
C MET F 30 -74.29 32.89 -11.32
N VAL F 31 -74.61 34.01 -11.98
CA VAL F 31 -73.69 35.14 -12.13
C VAL F 31 -73.57 35.93 -10.80
N HIS F 32 -74.71 36.32 -10.21
CA HIS F 32 -74.75 37.16 -9.01
C HIS F 32 -74.86 36.43 -7.66
N GLY F 33 -74.88 35.10 -7.65
CA GLY F 33 -74.97 34.33 -6.41
C GLY F 33 -73.70 34.45 -5.59
N GLY F 34 -73.83 34.67 -4.29
CA GLY F 34 -72.69 34.83 -3.39
C GLY F 34 -71.90 36.11 -3.58
N MET F 35 -72.43 37.07 -4.36
CA MET F 35 -71.77 38.36 -4.63
C MET F 35 -72.49 39.48 -3.86
N LYS F 36 -73.02 39.17 -2.66
CA LYS F 36 -73.79 40.12 -1.88
C LYS F 36 -72.88 41.09 -1.15
N GLY F 37 -73.16 42.39 -1.27
CA GLY F 37 -72.37 43.42 -0.61
C GLY F 37 -71.09 43.86 -1.32
N LEU F 38 -70.70 43.16 -2.41
CA LEU F 38 -69.48 43.50 -3.14
C LEU F 38 -69.67 44.82 -3.90
N THR F 39 -70.79 44.95 -4.63
CA THR F 39 -71.08 46.18 -5.37
C THR F 39 -71.22 47.37 -4.42
N GLU F 40 -71.82 47.13 -3.25
CA GLU F 40 -72.02 48.16 -2.22
C GLU F 40 -70.68 48.59 -1.58
N ALA F 41 -69.65 47.70 -1.58
CA ALA F 41 -68.31 47.99 -1.07
C ALA F 41 -67.34 48.55 -2.13
N GLY F 42 -67.80 48.75 -3.37
CA GLY F 42 -66.97 49.29 -4.45
C GLY F 42 -65.98 48.31 -5.05
N VAL F 43 -66.31 47.01 -5.09
CA VAL F 43 -65.46 45.96 -5.66
C VAL F 43 -66.29 45.08 -6.63
N HIS F 44 -65.62 44.41 -7.58
CA HIS F 44 -66.28 43.61 -8.60
C HIS F 44 -66.40 42.11 -8.25
N VAL F 45 -65.28 41.48 -7.84
CA VAL F 45 -65.21 40.04 -7.54
C VAL F 45 -64.84 39.83 -6.05
N PRO F 46 -65.18 38.68 -5.39
CA PRO F 46 -64.81 38.52 -3.98
C PRO F 46 -63.30 38.41 -3.79
N ALA F 47 -62.79 39.03 -2.72
CA ALA F 47 -61.35 39.01 -2.45
C ALA F 47 -60.90 37.64 -1.93
N ILE F 48 -59.61 37.33 -2.13
CA ILE F 48 -59.01 36.08 -1.66
C ILE F 48 -58.23 36.41 -0.39
N ASP F 49 -58.84 36.13 0.77
CA ASP F 49 -58.20 36.39 2.06
C ASP F 49 -57.48 35.11 2.49
N LEU F 50 -56.14 35.10 2.44
CA LEU F 50 -55.35 33.94 2.82
C LEU F 50 -55.13 33.81 4.34
N SER F 51 -55.57 34.80 5.15
CA SER F 51 -55.42 34.79 6.61
C SER F 51 -55.78 33.47 7.27
N THR F 52 -54.82 32.87 7.98
CA THR F 52 -55.06 31.63 8.71
C THR F 52 -55.79 31.96 10.01
N THR F 53 -55.38 33.06 10.69
CA THR F 53 -56.00 33.54 11.92
C THR F 53 -56.79 34.82 11.65
N ASN F 54 -57.73 35.13 12.55
CA ASN F 54 -58.59 36.31 12.47
C ASN F 54 -58.64 36.95 13.88
N PRO F 55 -58.03 38.13 14.11
CA PRO F 55 -58.05 38.71 15.46
C PRO F 55 -59.42 38.93 16.11
N VAL F 56 -59.45 38.91 17.44
CA VAL F 56 -60.68 39.06 18.23
C VAL F 56 -60.65 40.38 19.00
N ASN F 57 -61.83 40.99 19.21
CA ASN F 57 -61.92 42.27 19.91
C ASN F 57 -61.62 42.13 21.39
N ASP F 58 -62.15 41.07 22.03
CA ASP F 58 -61.90 40.80 23.44
C ASP F 58 -62.03 39.28 23.72
N VAL F 59 -61.75 38.87 24.97
CA VAL F 59 -61.78 37.45 25.37
C VAL F 59 -63.22 36.91 25.31
N ALA F 60 -64.19 37.70 25.78
CA ALA F 60 -65.59 37.28 25.80
C ALA F 60 -66.19 37.09 24.39
N THR F 61 -66.07 38.07 23.49
CA THR F 61 -66.63 37.93 22.14
C THR F 61 -65.86 36.91 21.32
N GLY F 62 -64.54 36.87 21.46
CA GLY F 62 -63.70 35.91 20.76
C GLY F 62 -64.03 34.49 21.15
N GLY F 63 -64.15 34.26 22.45
CA GLY F 63 -64.50 32.94 22.99
C GLY F 63 -65.88 32.48 22.59
N ASP F 64 -66.87 33.39 22.64
CA ASP F 64 -68.23 33.06 22.23
C ASP F 64 -68.30 32.76 20.72
N SER F 65 -67.54 33.52 19.89
CA SER F 65 -67.49 33.28 18.45
C SER F 65 -66.83 31.92 18.18
N TYR F 66 -65.76 31.57 18.93
CA TYR F 66 -65.09 30.27 18.80
C TYR F 66 -66.11 29.15 19.08
N GLU F 67 -66.83 29.22 20.20
CA GLU F 67 -67.81 28.20 20.56
C GLU F 67 -68.94 28.09 19.53
N TRP F 68 -69.49 29.22 19.09
CA TRP F 68 -70.56 29.24 18.09
C TRP F 68 -70.14 28.54 16.80
N LEU F 69 -68.91 28.81 16.33
CA LEU F 69 -68.41 28.20 15.09
C LEU F 69 -68.00 26.74 15.26
N ALA F 70 -67.29 26.42 16.35
CA ALA F 70 -66.85 25.04 16.64
C ALA F 70 -68.05 24.10 16.79
N THR F 71 -69.17 24.59 17.33
CA THR F 71 -70.40 23.80 17.45
C THR F 71 -71.23 23.76 16.14
N GLY F 72 -70.62 24.11 15.01
CA GLY F 72 -71.23 24.04 13.69
C GLY F 72 -72.14 25.16 13.24
N HIS F 73 -72.09 26.34 13.88
CA HIS F 73 -72.97 27.45 13.49
C HIS F 73 -72.34 28.41 12.48
N THR F 74 -73.20 29.13 11.75
CA THR F 74 -72.80 30.12 10.74
C THR F 74 -72.24 31.37 11.44
N LEU F 75 -71.21 31.99 10.86
CA LEU F 75 -70.61 33.20 11.43
C LEU F 75 -71.64 34.32 11.48
N LYS F 76 -71.77 34.97 12.64
CA LYS F 76 -72.69 36.08 12.80
C LYS F 76 -72.13 37.31 12.10
N ASP F 77 -73.01 38.19 11.61
CA ASP F 77 -72.56 39.40 10.93
C ASP F 77 -71.95 40.32 11.99
N GLY F 78 -70.73 40.78 11.75
CA GLY F 78 -70.00 41.62 12.68
C GLY F 78 -69.39 40.81 13.82
N ASP F 79 -68.79 39.66 13.47
CA ASP F 79 -68.14 38.76 14.41
C ASP F 79 -66.84 38.24 13.77
N SER F 80 -65.81 38.00 14.58
CA SER F 80 -64.53 37.51 14.07
C SER F 80 -64.61 36.05 13.67
N ALA F 81 -64.00 35.68 12.55
CA ALA F 81 -63.93 34.29 12.12
C ALA F 81 -63.03 33.43 13.03
N VAL F 82 -62.17 34.08 13.89
CA VAL F 82 -61.25 33.48 14.88
C VAL F 82 -60.09 32.70 14.22
N TYR F 83 -60.42 31.68 13.42
CA TYR F 83 -59.45 30.82 12.74
C TYR F 83 -60.07 30.23 11.48
N GLN F 84 -59.22 29.91 10.48
CA GLN F 84 -59.70 29.40 9.19
C GLN F 84 -60.40 28.04 9.28
N ARG F 85 -59.97 27.18 10.22
CA ARG F 85 -60.63 25.89 10.41
C ARG F 85 -62.06 26.03 10.98
N LEU F 86 -62.39 27.20 11.58
CA LEU F 86 -63.72 27.49 12.10
C LEU F 86 -64.55 28.21 11.03
N TRP F 87 -63.97 29.22 10.32
CA TRP F 87 -64.68 29.94 9.26
C TRP F 87 -63.74 30.64 8.27
N GLN F 88 -64.09 30.61 6.97
CA GLN F 88 -63.35 31.29 5.91
C GLN F 88 -64.38 32.09 5.08
N PRO F 89 -64.21 33.41 4.84
CA PRO F 89 -65.25 34.17 4.12
C PRO F 89 -65.45 33.85 2.63
N GLY F 90 -64.37 33.52 1.94
CA GLY F 90 -64.43 33.17 0.52
C GLY F 90 -65.13 31.85 0.31
N VAL F 91 -64.89 30.89 1.20
CA VAL F 91 -65.54 29.58 1.18
C VAL F 91 -67.04 29.79 1.44
N ALA F 92 -67.37 30.61 2.46
CA ALA F 92 -68.74 30.96 2.81
C ALA F 92 -69.52 31.58 1.64
N ARG F 93 -68.89 32.41 0.80
CA ARG F 93 -69.56 33.00 -0.37
C ARG F 93 -69.90 31.92 -1.39
N PHE F 94 -68.96 30.98 -1.64
CA PHE F 94 -69.20 29.84 -2.54
C PHE F 94 -70.33 28.98 -2.00
N GLU F 95 -70.35 28.76 -0.68
CA GLU F 95 -71.37 27.96 0.00
C GLU F 95 -72.77 28.57 -0.22
N THR F 96 -72.93 29.88 0.03
CA THR F 96 -74.23 30.54 -0.17
C THR F 96 -74.63 30.59 -1.65
N ALA F 97 -73.65 30.67 -2.57
CA ALA F 97 -73.95 30.70 -3.99
C ALA F 97 -74.57 29.38 -4.45
N LEU F 98 -73.98 28.22 -4.08
CA LEU F 98 -74.52 26.92 -4.48
C LEU F 98 -75.81 26.60 -3.75
N ALA F 99 -75.93 26.94 -2.45
CA ALA F 99 -77.15 26.69 -1.69
C ALA F 99 -78.36 27.37 -2.34
N GLY F 100 -78.17 28.57 -2.88
CA GLY F 100 -79.23 29.27 -3.60
C GLY F 100 -79.62 28.61 -4.91
N LEU F 101 -78.64 27.97 -5.59
CA LEU F 101 -78.89 27.28 -6.86
C LEU F 101 -79.65 25.98 -6.62
N GLU F 102 -79.25 25.23 -5.58
CA GLU F 102 -79.93 23.98 -5.19
C GLU F 102 -81.23 24.22 -4.40
N HIS F 103 -81.49 25.47 -3.95
CA HIS F 103 -82.62 25.88 -3.14
C HIS F 103 -82.61 25.20 -1.76
N ALA F 104 -81.41 25.08 -1.18
CA ALA F 104 -81.15 24.53 0.15
C ALA F 104 -80.97 25.69 1.15
N GLU F 105 -81.11 25.42 2.45
CA GLU F 105 -80.98 26.46 3.47
C GLU F 105 -79.53 26.92 3.56
N GLU F 106 -78.59 25.97 3.67
CA GLU F 106 -77.16 26.22 3.82
C GLU F 106 -76.33 25.21 2.98
N ALA F 107 -75.01 25.40 2.92
CA ALA F 107 -74.09 24.48 2.24
C ALA F 107 -72.73 24.48 2.95
N VAL F 108 -72.03 23.33 2.95
CA VAL F 108 -70.74 23.17 3.61
C VAL F 108 -69.74 22.66 2.58
N ALA F 109 -68.61 23.38 2.40
CA ALA F 109 -67.58 23.05 1.42
C ALA F 109 -66.32 22.47 2.06
N PHE F 110 -65.69 21.52 1.36
CA PHE F 110 -64.51 20.79 1.76
C PHE F 110 -63.47 20.73 0.62
N ALA F 111 -62.24 20.23 0.91
CA ALA F 111 -61.14 20.13 -0.04
C ALA F 111 -61.49 19.36 -1.31
N THR F 112 -62.21 18.22 -1.18
CA THR F 112 -62.60 17.34 -2.29
C THR F 112 -64.03 16.78 -2.08
N GLY F 113 -64.61 16.17 -3.11
CA GLY F 113 -65.92 15.51 -3.01
C GLY F 113 -65.87 14.36 -2.02
N MET F 114 -64.71 13.67 -1.92
CA MET F 114 -64.54 12.58 -0.97
C MET F 114 -64.49 13.09 0.46
N ALA F 115 -63.93 14.28 0.69
CA ALA F 115 -63.91 14.89 2.03
C ALA F 115 -65.32 15.24 2.49
N ALA F 116 -66.19 15.67 1.56
CA ALA F 116 -67.58 15.97 1.86
C ALA F 116 -68.32 14.68 2.21
N MET F 117 -68.11 13.60 1.42
CA MET F 117 -68.70 12.29 1.70
C MET F 117 -68.25 11.80 3.08
N THR F 118 -66.94 11.92 3.37
CA THR F 118 -66.33 11.53 4.65
C THR F 118 -67.00 12.25 5.81
N ALA F 119 -67.20 13.56 5.68
CA ALA F 119 -67.84 14.35 6.72
C ALA F 119 -69.29 13.93 6.96
N ALA F 120 -70.05 13.65 5.89
CA ALA F 120 -71.44 13.23 5.98
C ALA F 120 -71.56 11.87 6.65
N LEU F 121 -70.61 10.97 6.38
CA LEU F 121 -70.62 9.63 6.99
C LEU F 121 -70.22 9.74 8.45
N LEU F 122 -69.19 10.55 8.78
CA LEU F 122 -68.78 10.74 10.17
C LEU F 122 -69.87 11.42 10.99
N ALA F 123 -70.65 12.34 10.37
CA ALA F 123 -71.77 12.99 11.05
C ALA F 123 -72.85 11.98 11.42
N ALA F 124 -73.13 11.02 10.53
CA ALA F 124 -74.11 9.99 10.79
C ALA F 124 -73.61 9.03 11.87
N VAL F 125 -72.33 8.63 11.81
CA VAL F 125 -71.72 7.71 12.81
C VAL F 125 -71.76 8.38 14.19
N SER F 126 -71.36 9.66 14.25
CA SER F 126 -71.35 10.44 15.50
C SER F 126 -72.76 10.54 16.11
N ALA F 127 -73.81 10.66 15.27
CA ALA F 127 -75.20 10.73 15.72
C ALA F 127 -75.75 9.40 16.29
N GLY F 128 -75.03 8.30 16.08
CA GLY F 128 -75.45 6.98 16.54
C GLY F 128 -76.20 6.19 15.48
N THR F 129 -76.01 6.54 14.19
CA THR F 129 -76.65 5.87 13.05
C THR F 129 -75.56 5.50 12.02
N PRO F 130 -74.69 4.50 12.28
CA PRO F 130 -73.63 4.19 11.32
C PRO F 130 -74.05 3.43 10.07
N HIS F 131 -75.25 2.83 10.05
CA HIS F 131 -75.70 2.05 8.90
C HIS F 131 -76.16 2.94 7.73
N ILE F 132 -75.78 2.53 6.50
CA ILE F 132 -76.07 3.27 5.26
C ILE F 132 -76.76 2.33 4.27
N VAL F 133 -77.86 2.79 3.65
CA VAL F 133 -78.56 2.07 2.59
C VAL F 133 -78.18 2.78 1.31
N ALA F 134 -77.26 2.20 0.53
CA ALA F 134 -76.77 2.82 -0.70
C ALA F 134 -77.24 2.04 -1.94
N VAL F 135 -77.45 2.76 -3.06
CA VAL F 135 -77.88 2.18 -4.33
C VAL F 135 -76.78 2.34 -5.37
N ARG F 136 -76.32 1.21 -5.94
CA ARG F 136 -75.28 1.21 -6.99
C ARG F 136 -75.91 1.40 -8.38
N PRO F 137 -75.17 1.91 -9.40
CA PRO F 137 -73.76 2.36 -9.40
C PRO F 137 -73.50 3.70 -8.71
N LEU F 138 -72.32 3.82 -8.11
CA LEU F 138 -71.82 5.05 -7.46
C LEU F 138 -70.37 5.24 -7.92
N TYR F 139 -69.79 6.42 -7.66
CA TYR F 139 -68.37 6.67 -7.99
C TYR F 139 -67.50 5.67 -7.18
N GLY F 140 -66.49 5.10 -7.83
CA GLY F 140 -65.58 4.12 -7.23
C GLY F 140 -65.13 4.40 -5.80
N GLY F 141 -64.74 5.65 -5.54
CA GLY F 141 -64.32 6.08 -4.22
C GLY F 141 -65.44 6.05 -3.21
N SER F 142 -66.62 6.60 -3.59
CA SER F 142 -67.81 6.59 -2.73
C SER F 142 -68.21 5.14 -2.41
N ASP F 143 -68.14 4.26 -3.44
CA ASP F 143 -68.42 2.83 -3.37
C ASP F 143 -67.44 2.10 -2.43
N HIS F 144 -66.13 2.36 -2.60
CA HIS F 144 -65.06 1.74 -1.81
C HIS F 144 -65.04 2.22 -0.36
N LEU F 145 -65.29 3.52 -0.11
CA LEU F 145 -65.32 4.07 1.25
C LEU F 145 -66.44 3.44 2.08
N LEU F 146 -67.57 3.12 1.45
CA LEU F 146 -68.68 2.46 2.13
C LEU F 146 -68.37 0.97 2.33
N GLU F 147 -67.86 0.28 1.30
CA GLU F 147 -67.48 -1.15 1.37
C GLU F 147 -66.47 -1.44 2.49
N THR F 148 -65.40 -0.63 2.57
CA THR F 148 -64.36 -0.82 3.58
C THR F 148 -64.85 -0.50 5.00
N GLY F 149 -65.75 0.47 5.13
CA GLY F 149 -66.24 0.89 6.43
C GLY F 149 -65.16 1.53 7.27
N LEU F 150 -64.28 2.31 6.63
CA LEU F 150 -63.15 2.99 7.27
C LEU F 150 -63.59 3.91 8.39
N LEU F 151 -64.70 4.62 8.19
CA LEU F 151 -65.19 5.61 9.14
C LEU F 151 -66.20 5.04 10.15
N GLY F 152 -66.17 3.73 10.38
CA GLY F 152 -67.08 3.08 11.32
C GLY F 152 -68.49 2.90 10.81
N THR F 153 -68.67 2.83 9.47
CA THR F 153 -69.98 2.66 8.86
C THR F 153 -70.20 1.22 8.42
N THR F 154 -71.47 0.79 8.43
CA THR F 154 -71.91 -0.50 7.89
C THR F 154 -72.81 -0.15 6.69
N VAL F 155 -72.75 -0.93 5.61
CA VAL F 155 -73.50 -0.61 4.40
C VAL F 155 -74.34 -1.80 3.93
N THR F 156 -75.52 -1.51 3.34
CA THR F 156 -76.43 -2.49 2.80
C THR F 156 -76.71 -2.05 1.36
N TRP F 157 -76.11 -2.76 0.40
CA TRP F 157 -76.29 -2.43 -1.01
C TRP F 157 -77.67 -2.91 -1.44
N ALA F 158 -78.54 -1.96 -1.81
CA ALA F 158 -79.92 -2.26 -2.19
C ALA F 158 -80.28 -1.68 -3.54
N LYS F 159 -81.22 -2.33 -4.23
CA LYS F 159 -81.74 -1.85 -5.50
C LYS F 159 -82.75 -0.71 -5.20
N GLU F 160 -83.04 0.12 -6.20
CA GLU F 160 -83.96 1.24 -6.05
C GLU F 160 -85.32 0.85 -5.45
N ALA F 161 -85.91 -0.26 -5.91
CA ALA F 161 -87.21 -0.72 -5.39
C ALA F 161 -87.14 -1.30 -3.97
N ASP F 162 -85.98 -1.89 -3.58
CA ASP F 162 -85.82 -2.52 -2.27
C ASP F 162 -85.15 -1.60 -1.21
N ILE F 163 -85.40 -0.28 -1.27
CA ILE F 163 -84.81 0.64 -0.28
C ILE F 163 -85.51 0.49 1.07
N ALA F 164 -86.85 0.58 1.09
CA ALA F 164 -87.65 0.49 2.31
C ALA F 164 -87.31 -0.75 3.16
N SER F 165 -87.16 -1.92 2.53
CA SER F 165 -86.83 -3.17 3.21
C SER F 165 -85.41 -3.17 3.78
N ALA F 166 -84.44 -2.59 3.05
CA ALA F 166 -83.04 -2.53 3.48
C ALA F 166 -82.80 -1.62 4.70
N ILE F 167 -83.73 -0.70 5.00
CA ILE F 167 -83.57 0.23 6.12
C ILE F 167 -83.73 -0.47 7.48
N GLN F 168 -82.78 -0.19 8.39
CA GLN F 168 -82.72 -0.70 9.75
C GLN F 168 -82.93 0.47 10.73
N ASP F 169 -83.14 0.17 12.02
CA ASP F 169 -83.25 1.21 13.05
C ASP F 169 -81.91 2.00 13.17
N ASP F 170 -80.78 1.38 12.77
CA ASP F 170 -79.44 1.95 12.82
C ASP F 170 -79.10 2.80 11.56
N THR F 171 -80.01 2.91 10.55
CA THR F 171 -79.70 3.68 9.34
C THR F 171 -79.71 5.19 9.57
N GLY F 172 -78.65 5.85 9.11
CA GLY F 172 -78.48 7.29 9.19
C GLY F 172 -78.69 8.01 7.87
N LEU F 173 -78.43 7.34 6.72
CA LEU F 173 -78.59 7.98 5.42
C LEU F 173 -78.88 6.97 4.29
N VAL F 174 -79.50 7.47 3.21
CA VAL F 174 -79.80 6.71 1.98
C VAL F 174 -79.01 7.41 0.88
N ILE F 175 -77.91 6.80 0.41
CA ILE F 175 -77.05 7.42 -0.60
C ILE F 175 -77.41 6.93 -2.00
N VAL F 176 -77.81 7.86 -2.88
CA VAL F 176 -78.18 7.60 -4.29
C VAL F 176 -77.45 8.59 -5.22
N GLU F 177 -77.37 8.24 -6.51
CA GLU F 177 -76.72 9.07 -7.52
C GLU F 177 -77.43 8.87 -8.86
N THR F 178 -77.83 9.96 -9.52
CA THR F 178 -78.53 9.88 -10.81
C THR F 178 -78.22 11.11 -11.70
N PRO F 179 -77.70 10.93 -12.95
CA PRO F 179 -77.27 9.68 -13.60
C PRO F 179 -76.07 9.09 -12.88
N ALA F 180 -76.05 7.77 -12.71
CA ALA F 180 -74.98 7.09 -11.99
C ALA F 180 -73.64 7.14 -12.71
N ASN F 181 -72.54 7.09 -11.95
CA ASN F 181 -71.19 7.08 -12.49
C ASN F 181 -70.77 5.61 -12.57
N PRO F 182 -70.42 5.00 -13.74
CA PRO F 182 -70.28 5.55 -15.10
C PRO F 182 -71.45 5.34 -16.11
N SER F 183 -72.25 4.27 -15.94
CA SER F 183 -73.30 3.85 -16.88
C SER F 183 -74.52 4.77 -17.02
N LEU F 184 -74.62 5.86 -16.24
CA LEU F 184 -75.71 6.83 -16.31
C LEU F 184 -77.09 6.23 -16.00
N ASP F 185 -77.14 5.32 -15.01
CA ASP F 185 -78.38 4.71 -14.56
C ASP F 185 -79.20 5.78 -13.84
N LEU F 186 -80.49 5.90 -14.19
CA LEU F 186 -81.36 6.91 -13.60
C LEU F 186 -82.14 6.35 -12.43
N VAL F 187 -82.44 7.21 -11.43
CA VAL F 187 -83.15 6.85 -10.22
C VAL F 187 -84.28 7.85 -9.99
N ASP F 188 -85.52 7.38 -9.73
CA ASP F 188 -86.65 8.26 -9.45
C ASP F 188 -86.49 8.75 -8.02
N LEU F 189 -86.17 10.04 -7.86
CA LEU F 189 -85.93 10.62 -6.54
C LEU F 189 -87.20 10.73 -5.70
N ASP F 190 -88.37 10.93 -6.33
CA ASP F 190 -89.63 11.00 -5.60
C ASP F 190 -89.92 9.64 -4.94
N SER F 191 -89.66 8.53 -5.65
CA SER F 191 -89.87 7.18 -5.13
C SER F 191 -88.88 6.83 -4.02
N VAL F 192 -87.61 7.27 -4.16
CA VAL F 192 -86.57 6.98 -3.16
C VAL F 192 -86.91 7.70 -1.86
N VAL F 193 -87.31 8.98 -1.93
CA VAL F 193 -87.67 9.76 -0.74
C VAL F 193 -88.89 9.10 -0.05
N SER F 194 -89.88 8.66 -0.84
CA SER F 194 -91.06 7.99 -0.29
C SER F 194 -90.67 6.68 0.43
N ALA F 195 -89.77 5.88 -0.17
CA ALA F 195 -89.30 4.63 0.43
C ALA F 195 -88.43 4.84 1.68
N ALA F 196 -87.65 5.93 1.73
CA ALA F 196 -86.78 6.22 2.87
C ALA F 196 -87.57 6.63 4.11
N GLY F 197 -88.62 7.43 3.93
CA GLY F 197 -89.46 7.89 5.02
C GLY F 197 -88.72 8.84 5.95
N ASN F 198 -88.52 8.41 7.21
CA ASN F 198 -87.86 9.21 8.22
C ASN F 198 -86.33 9.32 8.01
N VAL F 199 -85.73 8.44 7.19
CA VAL F 199 -84.28 8.45 6.98
C VAL F 199 -83.93 9.55 5.97
N PRO F 200 -82.94 10.44 6.26
CA PRO F 200 -82.60 11.47 5.26
C PRO F 200 -81.93 10.87 4.02
N VAL F 201 -82.16 11.48 2.84
CA VAL F 201 -81.62 10.99 1.57
C VAL F 201 -80.51 11.92 1.08
N LEU F 202 -79.35 11.35 0.75
CA LEU F 202 -78.22 12.08 0.20
C LEU F 202 -78.15 11.73 -1.29
N VAL F 203 -78.30 12.75 -2.15
CA VAL F 203 -78.27 12.60 -3.60
C VAL F 203 -77.00 13.24 -4.12
N ASP F 204 -76.17 12.48 -4.85
CA ASP F 204 -74.95 13.00 -5.44
C ASP F 204 -75.31 13.57 -6.82
N ASN F 205 -75.51 14.90 -6.88
CA ASN F 205 -75.92 15.62 -8.09
C ASN F 205 -74.74 16.21 -8.87
N THR F 206 -73.59 15.52 -8.91
CA THR F 206 -72.41 16.01 -9.63
C THR F 206 -72.65 16.05 -11.15
N PHE F 207 -73.15 14.94 -11.71
CA PHE F 207 -73.37 14.80 -13.15
C PHE F 207 -74.42 15.77 -13.72
N CYS F 208 -75.57 15.90 -13.03
CA CYS F 208 -76.65 16.76 -13.48
C CYS F 208 -76.38 18.24 -13.23
N THR F 209 -75.83 18.59 -12.05
CA THR F 209 -75.56 19.98 -11.60
C THR F 209 -76.88 20.70 -11.26
N PRO F 210 -76.90 21.82 -10.50
CA PRO F 210 -78.19 22.50 -10.23
C PRO F 210 -78.89 23.06 -11.48
N VAL F 211 -78.23 23.03 -12.65
CA VAL F 211 -78.80 23.52 -13.90
C VAL F 211 -79.89 22.55 -14.36
N LEU F 212 -79.61 21.23 -14.30
CA LEU F 212 -80.51 20.18 -14.78
C LEU F 212 -81.38 19.49 -13.74
N GLN F 213 -80.88 19.26 -12.51
CA GLN F 213 -81.65 18.55 -11.49
C GLN F 213 -81.58 19.29 -10.15
N GLN F 214 -82.69 19.29 -9.40
CA GLN F 214 -82.82 19.95 -8.10
C GLN F 214 -83.33 18.89 -7.09
N PRO F 215 -82.45 18.03 -6.54
CA PRO F 215 -82.94 16.99 -5.60
C PRO F 215 -83.67 17.51 -4.35
N ILE F 216 -83.34 18.74 -3.89
CA ILE F 216 -83.98 19.33 -2.71
C ILE F 216 -85.52 19.42 -2.92
N SER F 217 -85.96 19.79 -4.13
CA SER F 217 -87.38 19.88 -4.47
C SER F 217 -88.09 18.52 -4.37
N HIS F 218 -87.39 17.42 -4.66
CA HIS F 218 -87.95 16.06 -4.54
C HIS F 218 -88.00 15.55 -3.07
N GLY F 219 -87.36 16.25 -2.14
CA GLY F 219 -87.33 15.92 -0.72
C GLY F 219 -86.02 15.36 -0.20
N ALA F 220 -84.91 15.56 -0.93
CA ALA F 220 -83.61 15.09 -0.47
C ALA F 220 -83.13 16.00 0.65
N ALA F 221 -82.61 15.42 1.73
CA ALA F 221 -82.13 16.22 2.86
C ALA F 221 -80.78 16.86 2.55
N LEU F 222 -79.85 16.11 1.93
CA LEU F 222 -78.53 16.64 1.56
C LEU F 222 -78.21 16.33 0.10
N VAL F 223 -77.51 17.25 -0.59
CA VAL F 223 -77.14 17.12 -2.00
C VAL F 223 -75.62 17.34 -2.15
N LEU F 224 -74.89 16.26 -2.47
CA LEU F 224 -73.43 16.31 -2.63
C LEU F 224 -73.04 16.63 -4.07
N HIS F 225 -71.95 17.38 -4.25
CA HIS F 225 -71.39 17.72 -5.55
C HIS F 225 -69.88 17.61 -5.45
N SER F 226 -69.25 16.95 -6.43
CA SER F 226 -67.81 16.97 -6.54
C SER F 226 -67.59 18.25 -7.33
N ALA F 227 -67.33 19.37 -6.64
CA ALA F 227 -67.15 20.67 -7.29
C ALA F 227 -65.99 20.68 -8.28
N THR F 228 -65.02 19.76 -8.13
CA THR F 228 -63.90 19.54 -9.06
C THR F 228 -64.41 19.45 -10.52
N GLN F 229 -65.59 18.84 -10.70
CA GLN F 229 -66.20 18.62 -12.01
C GLN F 229 -67.45 19.50 -12.18
N TYR F 230 -67.53 20.23 -13.30
CA TYR F 230 -68.65 21.10 -13.70
C TYR F 230 -68.73 22.42 -12.92
N LEU F 231 -68.73 22.39 -11.58
CA LEU F 231 -68.81 23.63 -10.80
C LEU F 231 -67.54 24.47 -11.03
N GLY F 232 -66.37 23.81 -11.04
CA GLY F 232 -65.12 24.47 -11.37
C GLY F 232 -65.07 24.67 -12.88
N GLY F 233 -65.28 23.58 -13.60
CA GLY F 233 -65.40 23.57 -15.05
C GLY F 233 -64.15 23.71 -15.89
N HIS F 234 -63.00 24.04 -15.28
CA HIS F 234 -61.75 24.21 -16.03
C HIS F 234 -60.63 23.23 -15.61
N GLY F 235 -60.96 22.20 -14.82
CA GLY F 235 -60.01 21.19 -14.38
C GLY F 235 -58.82 21.74 -13.62
N ASP F 236 -59.05 22.75 -12.76
CA ASP F 236 -57.98 23.38 -12.00
C ASP F 236 -58.36 23.77 -10.56
N ALA F 237 -59.43 23.18 -10.02
CA ALA F 237 -59.86 23.47 -8.66
C ALA F 237 -60.57 22.26 -8.07
N MET F 238 -59.92 21.60 -7.11
CA MET F 238 -60.52 20.47 -6.41
C MET F 238 -61.54 21.05 -5.42
N GLY F 239 -62.61 20.31 -5.18
CA GLY F 239 -63.63 20.77 -4.23
C GLY F 239 -64.76 19.80 -4.03
N GLY F 240 -65.45 19.96 -2.92
CA GLY F 240 -66.59 19.15 -2.51
C GLY F 240 -67.54 20.00 -1.72
N ILE F 241 -68.86 19.83 -1.92
CA ILE F 241 -69.85 20.68 -1.26
C ILE F 241 -71.19 19.96 -1.11
N ILE F 242 -71.86 20.15 0.04
CA ILE F 242 -73.15 19.55 0.32
C ILE F 242 -74.17 20.65 0.61
N ALA F 243 -75.18 20.80 -0.25
CA ALA F 243 -76.26 21.76 -0.04
C ALA F 243 -77.30 21.03 0.80
N THR F 244 -77.64 21.56 2.00
CA THR F 244 -78.56 20.87 2.92
C THR F 244 -79.28 21.83 3.90
N ASN F 245 -80.21 21.28 4.72
CA ASN F 245 -80.90 22.04 5.78
C ASN F 245 -79.91 22.47 6.89
N ALA F 246 -80.35 23.33 7.82
CA ALA F 246 -79.50 23.83 8.90
C ALA F 246 -79.00 22.74 9.88
N ASP F 247 -79.82 21.70 10.17
CA ASP F 247 -79.42 20.63 11.08
C ASP F 247 -78.20 19.86 10.56
N TRP F 248 -78.25 19.42 9.29
CA TRP F 248 -77.14 18.68 8.69
C TRP F 248 -75.94 19.58 8.42
N ALA F 249 -76.17 20.87 8.10
CA ALA F 249 -75.07 21.80 7.87
C ALA F 249 -74.27 21.99 9.17
N MET F 250 -74.97 22.06 10.31
CA MET F 250 -74.34 22.20 11.62
C MET F 250 -73.50 20.96 11.94
N ARG F 251 -74.04 19.76 11.65
CA ARG F 251 -73.31 18.51 11.88
C ARG F 251 -72.07 18.41 11.00
N LEU F 252 -72.19 18.82 9.72
CA LEU F 252 -71.07 18.79 8.78
C LEU F 252 -69.97 19.79 9.20
N ARG F 253 -70.35 21.00 9.63
CA ARG F 253 -69.37 21.99 10.09
C ARG F 253 -68.73 21.59 11.44
N GLN F 254 -69.45 20.84 12.30
CA GLN F 254 -68.85 20.31 13.54
C GLN F 254 -67.71 19.35 13.19
N VAL F 255 -67.91 18.50 12.17
CA VAL F 255 -66.91 17.55 11.71
C VAL F 255 -65.77 18.31 11.02
N ARG F 256 -66.10 19.32 10.17
CA ARG F 256 -65.09 20.15 9.47
C ARG F 256 -64.15 20.86 10.43
N ALA F 257 -64.70 21.45 11.48
CA ALA F 257 -63.90 22.21 12.43
C ALA F 257 -62.88 21.37 13.18
N ILE F 258 -63.12 20.05 13.34
CA ILE F 258 -62.21 19.17 14.09
C ILE F 258 -61.36 18.27 13.16
N THR F 259 -61.87 17.84 11.99
CA THR F 259 -61.11 17.01 11.06
C THR F 259 -60.34 17.86 10.00
N GLY F 260 -60.74 19.11 9.79
CA GLY F 260 -60.05 20.07 8.93
C GLY F 260 -59.75 19.74 7.48
N ALA F 261 -60.70 19.17 6.73
CA ALA F 261 -60.51 18.92 5.29
C ALA F 261 -61.02 20.17 4.59
N LEU F 262 -60.30 21.28 4.76
CA LEU F 262 -60.71 22.59 4.28
C LEU F 262 -60.46 22.87 2.82
N LEU F 263 -61.35 23.69 2.24
CA LEU F 263 -61.23 24.16 0.86
C LEU F 263 -60.36 25.43 0.94
N HIS F 264 -59.27 25.45 0.18
CA HIS F 264 -58.34 26.60 0.20
C HIS F 264 -59.02 27.87 -0.32
N PRO F 265 -58.74 29.09 0.22
CA PRO F 265 -59.39 30.31 -0.31
C PRO F 265 -59.35 30.51 -1.84
N MET F 266 -58.26 30.09 -2.52
CA MET F 266 -58.18 30.20 -3.97
C MET F 266 -59.06 29.15 -4.65
N GLY F 267 -59.14 27.94 -4.07
CA GLY F 267 -60.02 26.90 -4.58
C GLY F 267 -61.47 27.34 -4.56
N ALA F 268 -61.89 27.96 -3.45
CA ALA F 268 -63.24 28.52 -3.30
C ALA F 268 -63.49 29.65 -4.30
N TYR F 269 -62.48 30.49 -4.54
CA TYR F 269 -62.58 31.58 -5.49
C TYR F 269 -62.85 31.07 -6.91
N LEU F 270 -62.11 30.04 -7.36
CA LEU F 270 -62.26 29.50 -8.71
C LEU F 270 -63.54 28.68 -8.88
N LEU F 271 -64.02 28.03 -7.81
CA LEU F 271 -65.26 27.25 -7.88
C LEU F 271 -66.46 28.20 -7.91
N HIS F 272 -66.40 29.30 -7.14
CA HIS F 272 -67.43 30.35 -7.14
C HIS F 272 -67.43 31.06 -8.51
N ARG F 273 -66.22 31.34 -9.04
CA ARG F 273 -66.01 31.96 -10.37
C ARG F 273 -66.60 31.06 -11.48
N GLY F 274 -66.42 29.75 -11.34
CA GLY F 274 -66.94 28.77 -12.27
C GLY F 274 -68.47 28.69 -12.30
N LEU F 275 -69.12 28.98 -11.17
CA LEU F 275 -70.59 28.98 -11.12
C LEU F 275 -71.18 30.07 -12.03
N ARG F 276 -70.45 31.16 -12.29
CA ARG F 276 -70.93 32.29 -13.11
C ARG F 276 -71.15 31.90 -14.58
N THR F 277 -70.42 30.89 -15.07
CA THR F 277 -70.52 30.37 -16.45
C THR F 277 -71.12 28.93 -16.48
N LEU F 278 -71.67 28.42 -15.37
CA LEU F 278 -72.18 27.05 -15.33
C LEU F 278 -73.37 26.79 -16.28
N ALA F 279 -74.33 27.72 -16.39
CA ALA F 279 -75.47 27.53 -17.29
C ALA F 279 -75.03 27.53 -18.76
N VAL F 280 -74.15 28.47 -19.16
CA VAL F 280 -73.71 28.54 -20.56
C VAL F 280 -72.82 27.36 -20.93
N ARG F 281 -72.01 26.83 -19.99
CA ARG F 281 -71.16 25.70 -20.27
C ARG F 281 -71.98 24.41 -20.35
N MET F 282 -72.89 24.21 -19.40
CA MET F 282 -73.74 23.02 -19.39
C MET F 282 -74.60 22.96 -20.65
N ARG F 283 -75.28 24.08 -21.00
CA ARG F 283 -76.13 24.12 -22.19
C ARG F 283 -75.34 23.84 -23.48
N ALA F 284 -74.11 24.32 -23.59
CA ALA F 284 -73.29 24.10 -24.78
C ALA F 284 -72.82 22.65 -24.88
N ALA F 285 -72.31 22.06 -23.78
CA ALA F 285 -71.82 20.69 -23.76
C ALA F 285 -72.96 19.69 -23.91
N GLN F 286 -74.14 19.99 -23.37
CA GLN F 286 -75.33 19.14 -23.48
C GLN F 286 -75.76 19.02 -24.95
N THR F 287 -75.77 20.16 -25.67
CA THR F 287 -76.15 20.18 -27.08
C THR F 287 -75.21 19.31 -27.90
N THR F 288 -73.90 19.44 -27.64
CA THR F 288 -72.87 18.65 -28.32
C THR F 288 -73.03 17.16 -27.99
N ALA F 289 -73.31 16.83 -26.72
CA ALA F 289 -73.48 15.45 -26.28
C ALA F 289 -74.70 14.76 -26.88
N GLY F 290 -75.83 15.47 -26.95
CA GLY F 290 -77.05 14.91 -27.55
C GLY F 290 -76.85 14.50 -28.99
N GLU F 291 -76.07 15.28 -29.74
CA GLU F 291 -75.75 15.01 -31.13
C GLU F 291 -74.70 13.88 -31.24
N LEU F 292 -73.67 13.88 -30.36
CA LEU F 292 -72.65 12.83 -30.38
C LEU F 292 -73.23 11.46 -30.06
N ALA F 293 -74.10 11.36 -29.04
CA ALA F 293 -74.72 10.08 -28.66
C ALA F 293 -75.48 9.44 -29.84
N GLU F 294 -76.08 10.26 -30.71
CA GLU F 294 -76.80 9.76 -31.89
C GLU F 294 -75.83 9.22 -32.94
N ARG F 295 -74.72 9.94 -33.20
CA ARG F 295 -73.72 9.52 -34.18
C ARG F 295 -73.00 8.26 -33.71
N LEU F 296 -72.68 8.19 -32.41
CA LEU F 296 -71.98 7.06 -31.81
C LEU F 296 -72.86 5.80 -31.77
N ASP F 297 -74.18 5.96 -31.61
CA ASP F 297 -75.11 4.83 -31.61
C ASP F 297 -75.16 4.20 -33.02
N ALA F 298 -75.07 5.03 -34.08
CA ALA F 298 -75.07 4.57 -35.46
C ALA F 298 -73.79 3.82 -35.86
N HIS F 299 -72.67 3.98 -35.12
CA HIS F 299 -71.43 3.31 -35.48
C HIS F 299 -71.50 1.80 -35.22
N PRO F 300 -70.99 0.93 -36.13
CA PRO F 300 -71.08 -0.52 -35.87
C PRO F 300 -70.22 -1.05 -34.73
N ALA F 301 -69.11 -0.36 -34.42
CA ALA F 301 -68.21 -0.76 -33.35
C ALA F 301 -68.85 -0.67 -31.97
N ILE F 302 -69.84 0.23 -31.80
CA ILE F 302 -70.53 0.40 -30.52
C ILE F 302 -71.87 -0.31 -30.55
N SER F 303 -72.11 -1.21 -29.58
CA SER F 303 -73.36 -1.96 -29.48
C SER F 303 -74.45 -1.16 -28.74
N VAL F 304 -74.14 -0.61 -27.56
CA VAL F 304 -75.10 0.12 -26.73
C VAL F 304 -74.54 1.51 -26.39
N VAL F 305 -75.37 2.57 -26.48
CA VAL F 305 -74.99 3.92 -26.09
C VAL F 305 -75.94 4.34 -24.99
N HIS F 306 -75.41 4.66 -23.82
CA HIS F 306 -76.18 5.11 -22.66
C HIS F 306 -76.17 6.63 -22.65
N TYR F 307 -77.34 7.25 -22.84
CA TYR F 307 -77.51 8.70 -22.80
C TYR F 307 -78.98 9.00 -22.45
N PRO F 308 -79.31 9.71 -21.35
CA PRO F 308 -80.75 9.92 -21.02
C PRO F 308 -81.62 10.51 -22.13
N GLY F 309 -81.08 11.45 -22.89
CA GLY F 309 -81.80 12.10 -23.99
C GLY F 309 -82.14 11.19 -25.16
N LEU F 310 -81.43 10.07 -25.31
CA LEU F 310 -81.68 9.11 -26.40
C LEU F 310 -83.02 8.38 -26.17
N LYS F 311 -83.62 7.90 -27.27
CA LYS F 311 -84.94 7.27 -27.25
C LYS F 311 -84.88 5.88 -26.61
N GLY F 312 -85.86 5.58 -25.76
CA GLY F 312 -85.91 4.31 -25.05
C GLY F 312 -85.16 4.31 -23.73
N GLN F 313 -84.17 5.21 -23.56
CA GLN F 313 -83.39 5.29 -22.31
C GLN F 313 -84.16 5.89 -21.14
N ASP F 314 -85.31 6.54 -21.38
CA ASP F 314 -86.10 7.16 -20.31
C ASP F 314 -87.52 6.53 -20.25
N PRO F 315 -87.70 5.32 -19.69
CA PRO F 315 -89.06 4.74 -19.63
C PRO F 315 -89.97 5.38 -18.58
N ARG F 316 -89.43 5.77 -17.42
CA ARG F 316 -90.20 6.35 -16.33
C ARG F 316 -90.60 7.83 -16.51
N GLY F 317 -90.15 8.46 -17.60
CA GLY F 317 -90.48 9.86 -17.85
C GLY F 317 -89.84 10.84 -16.89
N LEU F 318 -88.61 10.53 -16.46
CA LEU F 318 -87.87 11.39 -15.55
C LEU F 318 -87.31 12.64 -16.25
N LEU F 319 -87.16 12.62 -17.58
CA LEU F 319 -86.69 13.79 -18.31
C LEU F 319 -87.90 14.73 -18.43
N GLY F 320 -87.77 15.93 -17.88
CA GLY F 320 -88.83 16.92 -17.82
C GLY F 320 -89.36 17.05 -16.40
N ARG F 321 -89.72 15.91 -15.80
CA ARG F 321 -90.24 15.84 -14.43
C ARG F 321 -89.13 16.08 -13.39
N GLN F 322 -87.97 15.41 -13.53
CA GLN F 322 -86.84 15.48 -12.61
C GLN F 322 -85.61 16.17 -13.25
N MET F 323 -85.25 15.80 -14.49
CA MET F 323 -84.09 16.33 -15.20
C MET F 323 -84.52 17.23 -16.37
N SER F 324 -84.10 18.50 -16.37
CA SER F 324 -84.43 19.42 -17.46
C SER F 324 -83.42 19.31 -18.63
N GLY F 325 -82.89 18.12 -18.88
CA GLY F 325 -81.92 17.91 -19.95
C GLY F 325 -81.26 16.56 -19.89
N GLY F 326 -80.65 16.17 -21.00
CA GLY F 326 -79.97 14.89 -21.13
C GLY F 326 -78.59 14.80 -20.50
N GLY F 327 -77.95 15.94 -20.27
CA GLY F 327 -76.61 15.97 -19.69
C GLY F 327 -75.50 16.03 -20.71
N ALA F 328 -74.25 16.07 -20.24
CA ALA F 328 -73.07 16.11 -21.10
C ALA F 328 -72.13 14.93 -20.87
N MET F 329 -72.66 13.80 -20.38
CA MET F 329 -71.89 12.58 -20.16
C MET F 329 -72.48 11.48 -21.04
N ILE F 330 -71.64 10.66 -21.66
CA ILE F 330 -72.08 9.56 -22.50
C ILE F 330 -71.24 8.34 -22.19
N ALA F 331 -71.87 7.22 -21.85
CA ALA F 331 -71.19 5.94 -21.64
C ALA F 331 -71.62 5.00 -22.76
N MET F 332 -70.75 4.04 -23.14
CA MET F 332 -71.07 3.11 -24.22
C MET F 332 -70.43 1.74 -24.04
N GLU F 333 -71.11 0.70 -24.51
CA GLU F 333 -70.65 -0.68 -24.47
C GLU F 333 -70.09 -1.01 -25.86
N LEU F 334 -68.83 -1.46 -25.94
CA LEU F 334 -68.20 -1.81 -27.22
C LEU F 334 -68.56 -3.23 -27.61
N ALA F 335 -68.71 -3.48 -28.92
CA ALA F 335 -69.06 -4.81 -29.42
C ALA F 335 -67.90 -5.81 -29.23
N GLY F 336 -66.67 -5.35 -29.41
CA GLY F 336 -65.49 -6.20 -29.24
C GLY F 336 -65.00 -6.41 -27.82
N GLY F 337 -65.78 -5.96 -26.83
CA GLY F 337 -65.42 -6.15 -25.43
C GLY F 337 -64.30 -5.25 -24.94
N PHE F 338 -63.43 -5.79 -24.08
CA PHE F 338 -62.31 -5.04 -23.51
C PHE F 338 -61.31 -4.57 -24.55
N ASP F 339 -60.93 -5.43 -25.51
CA ASP F 339 -59.93 -5.04 -26.52
C ASP F 339 -60.39 -3.85 -27.37
N ALA F 340 -61.67 -3.82 -27.77
CA ALA F 340 -62.21 -2.69 -28.54
C ALA F 340 -62.27 -1.42 -27.68
N ALA F 341 -62.67 -1.56 -26.41
CA ALA F 341 -62.73 -0.45 -25.46
C ALA F 341 -61.34 0.15 -25.21
N ARG F 342 -60.31 -0.70 -25.05
CA ARG F 342 -58.95 -0.26 -24.81
C ARG F 342 -58.38 0.41 -26.08
N SER F 343 -58.62 -0.14 -27.27
CA SER F 343 -58.16 0.46 -28.53
C SER F 343 -58.83 1.81 -28.77
N PHE F 344 -60.10 1.96 -28.38
CA PHE F 344 -60.86 3.21 -28.57
C PHE F 344 -60.23 4.38 -27.81
N VAL F 345 -59.94 4.21 -26.51
CA VAL F 345 -59.33 5.31 -25.73
C VAL F 345 -57.87 5.53 -26.09
N GLU F 346 -57.15 4.49 -26.53
CA GLU F 346 -55.74 4.62 -26.89
C GLU F 346 -55.52 5.29 -28.26
N HIS F 347 -56.51 5.24 -29.17
CA HIS F 347 -56.40 5.89 -30.48
C HIS F 347 -57.05 7.29 -30.54
N CYS F 348 -57.52 7.83 -29.39
CA CYS F 348 -58.06 9.19 -29.35
C CYS F 348 -56.89 10.17 -29.29
N ASN F 349 -56.97 11.29 -30.05
CA ASN F 349 -55.92 12.31 -30.07
C ASN F 349 -56.44 13.64 -29.48
N LEU F 350 -57.51 14.21 -30.06
CA LEU F 350 -58.12 15.44 -29.56
C LEU F 350 -58.80 15.14 -28.23
N VAL F 351 -59.57 14.04 -28.17
CA VAL F 351 -60.21 13.60 -26.94
C VAL F 351 -59.08 12.96 -26.11
N VAL F 352 -58.92 13.39 -24.87
CA VAL F 352 -57.81 12.95 -24.03
C VAL F 352 -58.19 11.81 -23.07
N HIS F 353 -57.35 10.77 -22.99
CA HIS F 353 -57.55 9.63 -22.09
C HIS F 353 -57.15 10.07 -20.67
N ALA F 354 -58.15 10.44 -19.85
CA ALA F 354 -57.93 10.90 -18.48
C ALA F 354 -59.22 10.80 -17.65
N VAL F 355 -59.08 10.74 -16.31
CA VAL F 355 -60.23 10.73 -15.40
C VAL F 355 -60.75 12.19 -15.21
N SER F 356 -61.84 12.40 -14.42
CA SER F 356 -62.49 13.69 -14.17
C SER F 356 -63.48 14.02 -15.30
N LEU F 357 -64.41 14.93 -15.03
CA LEU F 357 -65.48 15.27 -15.97
C LEU F 357 -65.92 16.75 -15.81
N GLY F 358 -66.81 17.20 -16.68
CA GLY F 358 -67.33 18.56 -16.62
C GLY F 358 -66.41 19.69 -17.01
N GLY F 359 -65.26 19.37 -17.57
CA GLY F 359 -64.28 20.38 -17.97
C GLY F 359 -64.56 20.97 -19.34
N ALA F 360 -63.77 21.99 -19.71
CA ALA F 360 -63.90 22.64 -21.00
C ALA F 360 -63.50 21.71 -22.17
N ASP F 361 -62.68 20.68 -21.90
CA ASP F 361 -62.24 19.71 -22.90
C ASP F 361 -62.90 18.34 -22.73
N THR F 362 -62.96 17.57 -23.81
CA THR F 362 -63.58 16.25 -23.83
C THR F 362 -62.57 15.21 -23.37
N LEU F 363 -62.97 14.39 -22.39
CA LEU F 363 -62.12 13.34 -21.82
C LEU F 363 -62.80 11.97 -21.98
N ILE F 364 -61.99 10.92 -21.98
CA ILE F 364 -62.47 9.54 -22.15
C ILE F 364 -61.66 8.61 -21.23
N GLN F 365 -62.28 7.52 -20.75
CA GLN F 365 -61.59 6.59 -19.86
C GLN F 365 -62.32 5.25 -19.72
N HIS F 366 -61.57 4.20 -19.33
CA HIS F 366 -62.10 2.85 -19.09
C HIS F 366 -62.48 2.80 -17.59
N PRO F 367 -63.78 2.87 -17.20
CA PRO F 367 -64.10 2.95 -15.77
C PRO F 367 -63.57 1.83 -14.87
N ALA F 368 -63.74 0.56 -15.26
CA ALA F 368 -63.25 -0.56 -14.45
C ALA F 368 -61.73 -0.50 -14.21
N SER F 369 -60.94 0.07 -15.15
CA SER F 369 -59.49 0.18 -14.99
C SER F 369 -59.06 1.42 -14.20
N LEU F 370 -59.89 2.49 -14.15
CA LEU F 370 -59.51 3.70 -13.44
C LEU F 370 -60.51 4.15 -12.33
N THR F 371 -61.57 4.93 -12.66
CA THR F 371 -62.48 5.48 -11.65
C THR F 371 -63.09 4.42 -10.73
N HIS F 372 -63.51 3.28 -11.31
CA HIS F 372 -64.13 2.19 -10.55
C HIS F 372 -63.20 0.99 -10.34
N ARG F 373 -61.88 1.23 -10.25
CA ARG F 373 -60.90 0.17 -10.00
C ARG F 373 -60.99 -0.34 -8.53
N PRO F 374 -61.17 0.52 -7.49
CA PRO F 374 -61.27 -0.01 -6.12
C PRO F 374 -62.60 -0.71 -5.78
N VAL F 375 -63.53 -0.80 -6.75
CA VAL F 375 -64.84 -1.42 -6.56
C VAL F 375 -64.68 -2.94 -6.58
N ALA F 376 -65.52 -3.66 -5.82
CA ALA F 376 -65.51 -5.12 -5.77
C ALA F 376 -65.77 -5.70 -7.16
N ALA F 377 -65.14 -6.85 -7.47
CA ALA F 377 -65.28 -7.51 -8.78
C ALA F 377 -66.74 -7.70 -9.22
N THR F 378 -67.61 -8.13 -8.30
CA THR F 378 -69.02 -8.37 -8.61
C THR F 378 -69.76 -7.07 -8.98
N ALA F 379 -69.38 -5.95 -8.33
CA ALA F 379 -70.00 -4.64 -8.54
C ALA F 379 -69.28 -3.75 -9.57
N LYS F 380 -68.15 -4.21 -10.14
CA LYS F 380 -67.40 -3.39 -11.09
C LYS F 380 -68.20 -3.17 -12.40
N PRO F 381 -68.04 -2.04 -13.13
CA PRO F 381 -68.77 -1.90 -14.41
C PRO F 381 -68.25 -2.86 -15.50
N GLY F 382 -68.99 -2.97 -16.59
CA GLY F 382 -68.63 -3.83 -17.70
C GLY F 382 -67.25 -3.56 -18.27
N ASP F 383 -66.56 -4.61 -18.72
CA ASP F 383 -65.23 -4.48 -19.30
C ASP F 383 -65.25 -3.79 -20.68
N GLY F 384 -66.37 -3.88 -21.39
CA GLY F 384 -66.53 -3.20 -22.68
C GLY F 384 -67.05 -1.79 -22.56
N LEU F 385 -67.37 -1.32 -21.33
CA LEU F 385 -67.91 0.02 -21.10
C LEU F 385 -66.82 1.09 -21.09
N ILE F 386 -67.14 2.24 -21.72
CA ILE F 386 -66.27 3.42 -21.82
C ILE F 386 -67.11 4.64 -21.43
N ARG F 387 -66.57 5.52 -20.57
CA ARG F 387 -67.24 6.74 -20.13
C ARG F 387 -66.56 7.94 -20.81
N LEU F 388 -67.37 8.92 -21.28
CA LEU F 388 -66.90 10.11 -22.01
C LEU F 388 -67.54 11.37 -21.42
N SER F 389 -66.73 12.40 -21.13
CA SER F 389 -67.21 13.69 -20.65
C SER F 389 -67.14 14.65 -21.82
N VAL F 390 -68.28 15.19 -22.28
CA VAL F 390 -68.31 16.09 -23.44
C VAL F 390 -67.98 17.52 -22.99
N GLY F 391 -67.07 18.17 -23.72
CA GLY F 391 -66.62 19.52 -23.44
C GLY F 391 -67.27 20.58 -24.31
N LEU F 392 -66.56 21.70 -24.52
CA LEU F 392 -67.05 22.85 -25.30
C LEU F 392 -66.43 22.94 -26.70
N GLU F 393 -65.96 21.81 -27.25
CA GLU F 393 -65.38 21.82 -28.60
C GLU F 393 -66.48 21.61 -29.65
N HIS F 394 -66.16 21.89 -30.92
CA HIS F 394 -67.14 21.72 -32.00
C HIS F 394 -67.51 20.24 -32.15
N VAL F 395 -68.81 19.98 -32.34
CA VAL F 395 -69.33 18.62 -32.48
C VAL F 395 -68.65 17.82 -33.61
N ASP F 396 -68.38 18.45 -34.75
CA ASP F 396 -67.75 17.77 -35.89
C ASP F 396 -66.33 17.32 -35.56
N ASP F 397 -65.53 18.17 -34.93
CA ASP F 397 -64.16 17.81 -34.57
C ASP F 397 -64.09 16.67 -33.54
N LEU F 398 -65.06 16.60 -32.63
CA LEU F 398 -65.09 15.53 -31.63
C LEU F 398 -65.55 14.23 -32.27
N ALA F 399 -66.58 14.29 -33.13
CA ALA F 399 -67.07 13.10 -33.81
C ALA F 399 -66.01 12.54 -34.74
N ASP F 400 -65.30 13.40 -35.50
CA ASP F 400 -64.23 12.96 -36.40
C ASP F 400 -63.15 12.19 -35.65
N ASP F 401 -62.74 12.67 -34.47
CA ASP F 401 -61.72 12.03 -33.66
C ASP F 401 -62.20 10.70 -33.05
N LEU F 402 -63.44 10.67 -32.53
CA LEU F 402 -63.98 9.46 -31.91
C LEU F 402 -64.24 8.37 -32.94
N ILE F 403 -64.69 8.75 -34.16
CA ILE F 403 -64.94 7.79 -35.23
C ILE F 403 -63.61 7.20 -35.70
N ALA F 404 -62.58 8.05 -35.90
CA ALA F 404 -61.25 7.58 -36.31
C ALA F 404 -60.66 6.60 -35.29
N ALA F 405 -60.88 6.84 -33.98
CA ALA F 405 -60.40 5.97 -32.92
C ALA F 405 -61.08 4.59 -32.96
N LEU F 406 -62.38 4.56 -33.28
CA LEU F 406 -63.13 3.31 -33.39
C LEU F 406 -62.68 2.54 -34.65
N ASP F 407 -62.46 3.26 -35.76
CA ASP F 407 -62.00 2.67 -37.01
C ASP F 407 -60.54 2.15 -36.95
N ALA F 408 -59.75 2.57 -35.94
CA ALA F 408 -58.36 2.12 -35.80
C ALA F 408 -58.28 0.63 -35.42
N SER G 23 -57.35 22.90 -39.71
CA SER G 23 -58.39 21.91 -39.97
C SER G 23 -59.49 21.91 -38.89
N LEU G 24 -59.20 22.42 -37.67
CA LEU G 24 -60.18 22.44 -36.58
C LEU G 24 -61.01 23.73 -36.57
N HIS G 25 -62.23 23.65 -36.03
CA HIS G 25 -63.14 24.80 -35.94
C HIS G 25 -62.66 25.80 -34.85
N PRO G 26 -63.06 27.10 -34.88
CA PRO G 26 -62.60 28.01 -33.81
C PRO G 26 -63.07 27.67 -32.40
N GLU G 27 -64.21 26.97 -32.26
CA GLU G 27 -64.73 26.56 -30.95
C GLU G 27 -63.80 25.52 -30.30
N THR G 28 -63.23 24.62 -31.12
CA THR G 28 -62.27 23.60 -30.66
C THR G 28 -60.94 24.26 -30.32
N LEU G 29 -60.49 25.21 -31.16
CA LEU G 29 -59.21 25.90 -30.98
C LEU G 29 -59.18 26.82 -29.75
N MET G 30 -60.35 27.28 -29.27
CA MET G 30 -60.40 28.11 -28.05
C MET G 30 -60.12 27.24 -26.82
N VAL G 31 -60.58 25.98 -26.83
CA VAL G 31 -60.37 25.04 -25.72
C VAL G 31 -58.91 24.53 -25.70
N HIS G 32 -58.41 24.03 -26.84
CA HIS G 32 -57.09 23.43 -26.96
C HIS G 32 -55.94 24.34 -27.42
N GLY G 33 -56.20 25.62 -27.67
CA GLY G 33 -55.16 26.55 -28.09
C GLY G 33 -54.16 26.83 -26.98
N GLY G 34 -52.87 26.81 -27.30
CA GLY G 34 -51.81 27.03 -26.34
C GLY G 34 -51.63 25.93 -25.32
N MET G 35 -52.25 24.75 -25.54
CA MET G 35 -52.15 23.59 -24.64
C MET G 35 -51.25 22.51 -25.27
N LYS G 36 -50.26 22.90 -26.07
CA LYS G 36 -49.42 21.97 -26.79
C LYS G 36 -48.38 21.35 -25.87
N GLY G 37 -48.27 20.02 -25.90
CA GLY G 37 -47.31 19.30 -25.08
C GLY G 37 -47.74 19.01 -23.65
N LEU G 38 -48.88 19.56 -23.19
CA LEU G 38 -49.36 19.34 -21.82
C LEU G 38 -49.86 17.91 -21.66
N THR G 39 -50.70 17.44 -22.60
CA THR G 39 -51.20 16.07 -22.55
C THR G 39 -50.06 15.05 -22.65
N GLU G 40 -49.05 15.36 -23.46
CA GLU G 40 -47.88 14.51 -23.66
C GLU G 40 -46.99 14.47 -22.39
N ALA G 41 -47.03 15.53 -21.54
CA ALA G 41 -46.29 15.61 -20.28
C ALA G 41 -47.08 15.08 -19.05
N GLY G 42 -48.31 14.57 -19.26
CA GLY G 42 -49.13 14.04 -18.19
C GLY G 42 -49.77 15.07 -17.28
N VAL G 43 -50.12 16.25 -17.82
CA VAL G 43 -50.77 17.34 -17.07
C VAL G 43 -51.99 17.86 -17.86
N HIS G 44 -52.96 18.47 -17.15
CA HIS G 44 -54.20 18.94 -17.76
C HIS G 44 -54.18 20.43 -18.18
N VAL G 45 -53.75 21.32 -17.27
CA VAL G 45 -53.72 22.77 -17.49
C VAL G 45 -52.26 23.31 -17.42
N PRO G 46 -51.91 24.46 -18.06
CA PRO G 46 -50.52 24.93 -17.97
C PRO G 46 -50.16 25.36 -16.56
N ALA G 47 -48.93 25.06 -16.14
CA ALA G 47 -48.46 25.41 -14.79
C ALA G 47 -48.18 26.91 -14.67
N ILE G 48 -48.25 27.43 -13.44
CA ILE G 48 -47.97 28.83 -13.15
C ILE G 48 -46.57 28.89 -12.55
N ASP G 49 -45.57 29.24 -13.39
CA ASP G 49 -44.17 29.34 -12.95
C ASP G 49 -43.91 30.79 -12.55
N LEU G 50 -43.77 31.05 -11.24
CA LEU G 50 -43.52 32.39 -10.73
C LEU G 50 -42.05 32.82 -10.80
N SER G 51 -41.13 31.91 -11.20
CA SER G 51 -39.69 32.20 -11.31
C SER G 51 -39.36 33.52 -12.00
N THR G 52 -38.66 34.41 -11.29
CA THR G 52 -38.21 35.68 -11.85
C THR G 52 -36.99 35.43 -12.73
N THR G 53 -36.08 34.57 -12.27
CA THR G 53 -34.86 34.19 -13.00
C THR G 53 -34.97 32.75 -13.51
N ASN G 54 -34.17 32.42 -14.52
CA ASN G 54 -34.13 31.10 -15.14
C ASN G 54 -32.64 30.72 -15.34
N PRO G 55 -32.09 29.74 -14.58
CA PRO G 55 -30.66 29.41 -14.74
C PRO G 55 -30.18 29.04 -16.15
N VAL G 56 -28.90 29.30 -16.41
CA VAL G 56 -28.27 29.04 -17.71
C VAL G 56 -27.23 27.91 -17.62
N ASN G 57 -27.07 27.14 -18.70
CA ASN G 57 -26.15 26.01 -18.70
C ASN G 57 -24.70 26.47 -18.67
N ASP G 58 -24.38 27.51 -19.45
CA ASP G 58 -23.04 28.08 -19.45
C ASP G 58 -23.09 29.56 -19.90
N VAL G 59 -21.92 30.24 -19.92
CA VAL G 59 -21.82 31.66 -20.27
C VAL G 59 -22.19 31.90 -21.74
N ALA G 60 -21.70 31.02 -22.64
CA ALA G 60 -21.95 31.17 -24.07
C ALA G 60 -23.43 30.99 -24.45
N THR G 61 -24.09 29.90 -24.01
CA THR G 61 -25.50 29.68 -24.36
C THR G 61 -26.41 30.66 -23.64
N GLY G 62 -26.10 30.98 -22.38
CA GLY G 62 -26.87 31.94 -21.62
C GLY G 62 -26.83 33.32 -22.22
N GLY G 63 -25.63 33.76 -22.61
CA GLY G 63 -25.43 35.06 -23.24
C GLY G 63 -26.10 35.15 -24.60
N ASP G 64 -26.01 34.09 -25.42
CA ASP G 64 -26.65 34.07 -26.73
C ASP G 64 -28.19 34.07 -26.58
N SER G 65 -28.73 33.34 -25.57
CA SER G 65 -30.16 33.33 -25.32
C SER G 65 -30.63 34.71 -24.86
N TYR G 66 -29.81 35.39 -24.00
CA TYR G 66 -30.11 36.76 -23.55
C TYR G 66 -30.22 37.69 -24.76
N GLU G 67 -29.21 37.68 -25.66
CA GLU G 67 -29.21 38.53 -26.83
C GLU G 67 -30.38 38.24 -27.78
N TRP G 68 -30.66 36.95 -28.04
CA TRP G 68 -31.76 36.54 -28.91
C TRP G 68 -33.10 37.08 -28.40
N LEU G 69 -33.34 36.99 -27.08
CA LEU G 69 -34.59 37.45 -26.48
C LEU G 69 -34.66 38.97 -26.36
N ALA G 70 -33.57 39.62 -25.92
CA ALA G 70 -33.53 41.07 -25.77
C ALA G 70 -33.73 41.78 -27.12
N THR G 71 -33.25 41.17 -28.23
CA THR G 71 -33.46 41.70 -29.57
C THR G 71 -34.86 41.34 -30.17
N GLY G 72 -35.80 40.93 -29.31
CA GLY G 72 -37.18 40.65 -29.70
C GLY G 72 -37.51 39.31 -30.31
N HIS G 73 -36.64 38.30 -30.17
CA HIS G 73 -36.91 36.98 -30.76
C HIS G 73 -37.61 36.01 -29.81
N THR G 74 -38.29 35.01 -30.41
CA THR G 74 -39.01 33.96 -29.68
C THR G 74 -38.01 33.01 -29.06
N LEU G 75 -38.30 32.50 -27.84
CA LEU G 75 -37.41 31.57 -27.16
C LEU G 75 -37.28 30.28 -27.97
N LYS G 76 -36.04 29.84 -28.19
CA LYS G 76 -35.77 28.62 -28.93
C LYS G 76 -36.13 27.42 -28.06
N ASP G 77 -36.56 26.31 -28.70
CA ASP G 77 -36.92 25.10 -27.95
C ASP G 77 -35.64 24.51 -27.37
N GLY G 78 -35.63 24.28 -26.06
CA GLY G 78 -34.46 23.76 -25.35
C GLY G 78 -33.44 24.85 -25.09
N ASP G 79 -33.92 26.03 -24.65
CA ASP G 79 -33.10 27.19 -24.31
C ASP G 79 -33.64 27.84 -23.04
N SER G 80 -32.75 28.43 -22.23
CA SER G 80 -33.16 29.07 -20.98
C SER G 80 -33.84 30.39 -21.24
N ALA G 81 -34.93 30.66 -20.51
CA ALA G 81 -35.63 31.94 -20.61
C ALA G 81 -34.78 33.11 -20.04
N VAL G 82 -33.71 32.81 -19.24
CA VAL G 82 -32.74 33.72 -18.62
C VAL G 82 -33.38 34.60 -17.52
N TYR G 83 -34.40 35.39 -17.86
CA TYR G 83 -35.09 36.29 -16.94
C TYR G 83 -36.53 36.51 -17.41
N GLN G 84 -37.44 36.83 -16.47
CA GLN G 84 -38.86 37.02 -16.75
C GLN G 84 -39.14 38.20 -17.68
N ARG G 85 -38.34 39.26 -17.62
CA ARG G 85 -38.51 40.41 -18.51
C ARG G 85 -38.13 40.09 -19.97
N LEU G 86 -37.37 39.00 -20.20
CA LEU G 86 -36.99 38.54 -21.53
C LEU G 86 -38.00 37.49 -22.04
N TRP G 87 -38.40 36.52 -21.18
CA TRP G 87 -39.38 35.49 -21.58
C TRP G 87 -40.07 34.84 -20.37
N GLN G 88 -41.39 34.57 -20.50
CA GLN G 88 -42.18 33.88 -19.47
C GLN G 88 -42.97 32.76 -20.21
N PRO G 89 -42.90 31.48 -19.78
CA PRO G 89 -43.61 30.42 -20.53
C PRO G 89 -45.14 30.44 -20.52
N GLY G 90 -45.74 30.85 -19.41
CA GLY G 90 -47.18 30.94 -19.28
C GLY G 90 -47.75 32.03 -20.15
N VAL G 91 -47.03 33.17 -20.23
CA VAL G 91 -47.42 34.29 -21.08
C VAL G 91 -47.33 33.83 -22.53
N ALA G 92 -46.22 33.15 -22.89
CA ALA G 92 -46.00 32.60 -24.23
C ALA G 92 -47.12 31.66 -24.69
N ARG G 93 -47.69 30.83 -23.78
CA ARG G 93 -48.79 29.94 -24.13
C ARG G 93 -50.05 30.74 -24.46
N PHE G 94 -50.35 31.79 -23.67
CA PHE G 94 -51.48 32.67 -23.92
C PHE G 94 -51.29 33.39 -25.28
N GLU G 95 -50.05 33.83 -25.56
CA GLU G 95 -49.70 34.50 -26.80
C GLU G 95 -49.98 33.60 -28.02
N THR G 96 -49.51 32.34 -28.00
CA THR G 96 -49.75 31.42 -29.12
C THR G 96 -51.23 31.04 -29.23
N ALA G 97 -51.97 31.00 -28.11
CA ALA G 97 -53.39 30.67 -28.13
C ALA G 97 -54.19 31.75 -28.89
N LEU G 98 -53.97 33.04 -28.57
CA LEU G 98 -54.70 34.11 -29.24
C LEU G 98 -54.23 34.29 -30.68
N ALA G 99 -52.92 34.15 -30.94
CA ALA G 99 -52.37 34.27 -32.31
C ALA G 99 -53.09 33.29 -33.26
N GLY G 100 -53.34 32.07 -32.79
CA GLY G 100 -54.04 31.07 -33.57
C GLY G 100 -55.50 31.40 -33.82
N LEU G 101 -56.14 32.10 -32.87
CA LEU G 101 -57.54 32.50 -33.00
C LEU G 101 -57.69 33.65 -34.00
N GLU G 102 -56.77 34.62 -33.93
CA GLU G 102 -56.75 35.75 -34.88
C GLU G 102 -56.10 35.39 -36.24
N HIS G 103 -55.44 34.22 -36.34
CA HIS G 103 -54.73 33.73 -37.52
C HIS G 103 -53.53 34.62 -37.86
N ALA G 104 -52.82 35.08 -36.80
CA ALA G 104 -51.60 35.88 -36.88
C ALA G 104 -50.38 34.97 -36.68
N GLU G 105 -49.19 35.44 -37.10
CA GLU G 105 -47.98 34.62 -36.97
C GLU G 105 -47.59 34.48 -35.50
N GLU G 106 -47.54 35.60 -34.78
CA GLU G 106 -47.15 35.66 -33.36
C GLU G 106 -48.04 36.67 -32.59
N ALA G 107 -47.87 36.75 -31.26
CA ALA G 107 -48.59 37.69 -30.41
C ALA G 107 -47.71 38.09 -29.22
N VAL G 108 -47.86 39.33 -28.73
CA VAL G 108 -47.06 39.85 -27.62
C VAL G 108 -48.02 40.38 -26.55
N ALA G 109 -47.89 39.86 -25.32
CA ALA G 109 -48.76 40.23 -24.20
C ALA G 109 -48.07 41.15 -23.18
N PHE G 110 -48.87 42.07 -22.61
CA PHE G 110 -48.45 43.08 -21.66
C PHE G 110 -49.43 43.14 -20.46
N ALA G 111 -49.08 43.93 -19.42
CA ALA G 111 -49.88 44.08 -18.20
C ALA G 111 -51.30 44.54 -18.44
N THR G 112 -51.50 45.52 -19.35
CA THR G 112 -52.81 46.11 -19.69
C THR G 112 -52.91 46.40 -21.21
N GLY G 113 -54.12 46.69 -21.70
CA GLY G 113 -54.33 47.10 -23.08
C GLY G 113 -53.59 48.37 -23.41
N MET G 114 -53.47 49.29 -22.42
CA MET G 114 -52.75 50.54 -22.60
C MET G 114 -51.24 50.30 -22.71
N ALA G 115 -50.71 49.30 -22.01
CA ALA G 115 -49.29 48.94 -22.12
C ALA G 115 -48.96 48.40 -23.51
N ALA G 116 -49.91 47.66 -24.12
CA ALA G 116 -49.75 47.13 -25.47
C ALA G 116 -49.77 48.29 -26.46
N MET G 117 -50.71 49.24 -26.31
CA MET G 117 -50.79 50.44 -27.14
C MET G 117 -49.49 51.24 -27.04
N THR G 118 -49.00 51.43 -25.80
CA THR G 118 -47.76 52.15 -25.50
C THR G 118 -46.58 51.52 -26.23
N ALA G 119 -46.47 50.19 -26.18
CA ALA G 119 -45.39 49.47 -26.85
C ALA G 119 -45.46 49.63 -28.36
N ALA G 120 -46.66 49.56 -28.96
CA ALA G 120 -46.84 49.71 -30.41
C ALA G 120 -46.47 51.12 -30.87
N LEU G 121 -46.78 52.13 -30.05
CA LEU G 121 -46.46 53.52 -30.38
C LEU G 121 -44.95 53.73 -30.23
N LEU G 122 -44.34 53.22 -29.16
CA LEU G 122 -42.89 53.35 -28.97
C LEU G 122 -42.12 52.61 -30.05
N ALA G 123 -42.64 51.47 -30.55
CA ALA G 123 -42.01 50.73 -31.64
C ALA G 123 -42.00 51.56 -32.92
N ALA G 124 -43.10 52.27 -33.20
CA ALA G 124 -43.20 53.14 -34.37
C ALA G 124 -42.28 54.36 -34.25
N VAL G 125 -42.20 54.96 -33.05
CA VAL G 125 -41.34 56.12 -32.81
C VAL G 125 -39.87 55.70 -32.97
N SER G 126 -39.50 54.55 -32.38
CA SER G 126 -38.14 54.01 -32.46
C SER G 126 -37.73 53.73 -33.91
N ALA G 127 -38.67 53.26 -34.75
CA ALA G 127 -38.40 52.99 -36.16
C ALA G 127 -38.19 54.26 -37.03
N GLY G 128 -38.50 55.43 -36.49
CA GLY G 128 -38.38 56.70 -37.21
C GLY G 128 -39.66 57.13 -37.89
N THR G 129 -40.82 56.61 -37.42
CA THR G 129 -42.15 56.93 -37.95
C THR G 129 -43.05 57.34 -36.76
N PRO G 130 -42.82 58.50 -36.11
CA PRO G 130 -43.66 58.89 -34.97
C PRO G 130 -45.10 59.32 -35.30
N HIS G 131 -45.41 59.61 -36.57
CA HIS G 131 -46.76 60.07 -36.93
C HIS G 131 -47.78 58.91 -36.99
N ILE G 132 -48.99 59.16 -36.47
CA ILE G 132 -50.08 58.19 -36.41
C ILE G 132 -51.33 58.81 -37.05
N VAL G 133 -52.03 58.06 -37.92
CA VAL G 133 -53.31 58.51 -38.49
C VAL G 133 -54.34 57.67 -37.73
N ALA G 134 -55.17 58.30 -36.91
CA ALA G 134 -56.15 57.58 -36.11
C ALA G 134 -57.58 58.02 -36.44
N VAL G 135 -58.53 57.08 -36.40
CA VAL G 135 -59.94 57.33 -36.71
C VAL G 135 -60.76 57.23 -35.42
N ARG G 136 -61.48 58.31 -35.07
CA ARG G 136 -62.34 58.35 -33.89
C ARG G 136 -63.75 57.80 -34.22
N PRO G 137 -64.54 57.29 -33.23
CA PRO G 137 -64.25 57.14 -31.79
C PRO G 137 -63.27 56.02 -31.44
N LEU G 138 -62.50 56.23 -30.37
CA LEU G 138 -61.56 55.26 -29.79
C LEU G 138 -61.76 55.28 -28.27
N TYR G 139 -61.19 54.30 -27.55
CA TYR G 139 -61.26 54.29 -26.08
C TYR G 139 -60.56 55.56 -25.54
N GLY G 140 -61.16 56.19 -24.53
CA GLY G 140 -60.65 57.41 -23.90
C GLY G 140 -59.16 57.48 -23.68
N GLY G 141 -58.58 56.41 -23.16
CA GLY G 141 -57.15 56.31 -22.91
C GLY G 141 -56.33 56.27 -24.19
N SER G 142 -56.75 55.45 -25.17
CA SER G 142 -56.09 55.38 -26.48
C SER G 142 -56.14 56.75 -27.18
N ASP G 143 -57.29 57.44 -27.07
CA ASP G 143 -57.50 58.78 -27.62
C ASP G 143 -56.59 59.82 -26.92
N HIS G 144 -56.57 59.81 -25.59
CA HIS G 144 -55.78 60.74 -24.80
C HIS G 144 -54.27 60.54 -24.97
N LEU G 145 -53.81 59.28 -25.03
CA LEU G 145 -52.38 58.97 -25.20
C LEU G 145 -51.85 59.50 -26.54
N LEU G 146 -52.70 59.48 -27.59
CA LEU G 146 -52.32 60.02 -28.90
C LEU G 146 -52.37 61.56 -28.88
N GLU G 147 -53.44 62.14 -28.31
CA GLU G 147 -53.60 63.60 -28.21
C GLU G 147 -52.43 64.27 -27.48
N THR G 148 -52.04 63.72 -26.32
CA THR G 148 -50.95 64.28 -25.52
C THR G 148 -49.58 64.11 -26.19
N GLY G 149 -49.39 63.02 -26.91
CA GLY G 149 -48.12 62.73 -27.57
C GLY G 149 -47.03 62.47 -26.54
N LEU G 150 -47.38 61.79 -25.43
CA LEU G 150 -46.46 61.47 -24.33
C LEU G 150 -45.25 60.68 -24.80
N LEU G 151 -45.46 59.74 -25.72
CA LEU G 151 -44.40 58.84 -26.19
C LEU G 151 -43.68 59.36 -27.45
N GLY G 152 -43.72 60.67 -27.69
CA GLY G 152 -43.06 61.27 -28.84
C GLY G 152 -43.79 61.05 -30.17
N THR G 153 -45.11 60.82 -30.14
CA THR G 153 -45.89 60.64 -31.36
C THR G 153 -46.64 61.92 -31.73
N THR G 154 -46.91 62.08 -33.02
CA THR G 154 -47.76 63.15 -33.56
C THR G 154 -49.00 62.44 -34.15
N VAL G 155 -50.17 63.08 -34.11
CA VAL G 155 -51.41 62.44 -34.59
C VAL G 155 -52.22 63.34 -35.52
N THR G 156 -52.86 62.72 -36.52
CA THR G 156 -53.78 63.38 -37.43
C THR G 156 -55.10 62.64 -37.27
N TRP G 157 -56.10 63.28 -36.67
CA TRP G 157 -57.41 62.68 -36.52
C TRP G 157 -58.10 62.77 -37.87
N ALA G 158 -58.40 61.62 -38.49
CA ALA G 158 -59.02 61.57 -39.81
C ALA G 158 -60.27 60.71 -39.82
N LYS G 159 -61.20 61.05 -40.72
CA LYS G 159 -62.41 60.26 -40.92
C LYS G 159 -62.05 59.02 -41.75
N GLU G 160 -62.91 57.99 -41.71
CA GLU G 160 -62.67 56.74 -42.43
C GLU G 160 -62.36 56.93 -43.91
N ALA G 161 -63.09 57.82 -44.60
CA ALA G 161 -62.86 58.10 -46.03
C ALA G 161 -61.59 58.92 -46.31
N ASP G 162 -61.16 59.78 -45.36
CA ASP G 162 -59.99 60.64 -45.55
C ASP G 162 -58.69 60.07 -44.94
N ILE G 163 -58.52 58.73 -44.95
CA ILE G 163 -57.30 58.13 -44.38
C ILE G 163 -56.10 58.36 -45.32
N ALA G 164 -56.26 58.00 -46.61
CA ALA G 164 -55.21 58.15 -47.62
C ALA G 164 -54.58 59.55 -47.65
N SER G 165 -55.41 60.60 -47.58
CA SER G 165 -54.95 61.99 -47.60
C SER G 165 -54.19 62.38 -46.31
N ALA G 166 -54.63 61.87 -45.15
CA ALA G 166 -54.01 62.17 -43.87
C ALA G 166 -52.62 61.55 -43.70
N ILE G 167 -52.27 60.53 -44.50
CA ILE G 167 -50.98 59.85 -44.38
C ILE G 167 -49.83 60.71 -44.90
N GLN G 168 -48.75 60.78 -44.09
CA GLN G 168 -47.52 61.50 -44.36
C GLN G 168 -46.37 60.49 -44.55
N ASP G 169 -45.21 60.95 -45.04
CA ASP G 169 -44.04 60.09 -45.15
C ASP G 169 -43.55 59.61 -43.75
N ASP G 170 -43.89 60.38 -42.69
CA ASP G 170 -43.53 60.11 -41.30
C ASP G 170 -44.53 59.16 -40.60
N THR G 171 -45.58 58.66 -41.30
CA THR G 171 -46.61 57.81 -40.68
C THR G 171 -46.14 56.37 -40.45
N GLY G 172 -46.25 55.91 -39.21
CA GLY G 172 -45.88 54.57 -38.80
C GLY G 172 -47.05 53.62 -38.65
N LEU G 173 -48.26 54.14 -38.33
CA LEU G 173 -49.43 53.29 -38.14
C LEU G 173 -50.74 54.00 -38.45
N VAL G 174 -51.80 53.21 -38.71
CA VAL G 174 -53.19 53.66 -38.92
C VAL G 174 -54.00 52.96 -37.83
N ILE G 175 -54.43 53.70 -36.79
CA ILE G 175 -55.18 53.10 -35.68
C ILE G 175 -56.69 53.25 -35.89
N VAL G 176 -57.40 52.11 -35.94
CA VAL G 176 -58.86 52.05 -36.09
C VAL G 176 -59.47 51.09 -35.04
N GLU G 177 -60.79 51.22 -34.81
CA GLU G 177 -61.50 50.38 -33.85
C GLU G 177 -62.94 50.21 -34.34
N THR G 178 -63.43 48.95 -34.43
CA THR G 178 -64.81 48.70 -34.86
C THR G 178 -65.36 47.42 -34.21
N PRO G 179 -66.53 47.47 -33.52
CA PRO G 179 -67.36 48.65 -33.22
C PRO G 179 -66.60 49.61 -32.28
N ALA G 180 -66.71 50.91 -32.51
CA ALA G 180 -66.00 51.90 -31.72
C ALA G 180 -66.49 51.99 -30.27
N ASN G 181 -65.61 52.40 -29.36
CA ASN G 181 -65.95 52.57 -27.96
C ASN G 181 -66.27 54.07 -27.78
N PRO G 182 -67.47 54.53 -27.36
CA PRO G 182 -68.66 53.80 -26.88
C PRO G 182 -69.84 53.58 -27.85
N SER G 183 -70.03 54.46 -28.83
CA SER G 183 -71.19 54.45 -29.73
C SER G 183 -71.28 53.29 -30.75
N LEU G 184 -70.28 52.39 -30.83
CA LEU G 184 -70.29 51.21 -31.72
C LEU G 184 -70.32 51.55 -33.21
N ASP G 185 -69.48 52.50 -33.62
CA ASP G 185 -69.35 52.90 -35.02
C ASP G 185 -68.60 51.79 -35.77
N LEU G 186 -69.15 51.32 -36.89
CA LEU G 186 -68.52 50.27 -37.69
C LEU G 186 -67.61 50.88 -38.75
N VAL G 187 -66.54 50.18 -39.09
CA VAL G 187 -65.53 50.64 -40.04
C VAL G 187 -65.24 49.49 -41.02
N ASP G 188 -65.28 49.77 -42.33
CA ASP G 188 -64.96 48.79 -43.36
C ASP G 188 -63.44 48.62 -43.34
N LEU G 189 -62.96 47.48 -42.82
CA LEU G 189 -61.53 47.21 -42.71
C LEU G 189 -60.87 46.99 -44.07
N ASP G 190 -61.61 46.45 -45.06
CA ASP G 190 -61.05 46.26 -46.40
C ASP G 190 -60.72 47.62 -47.03
N SER G 191 -61.60 48.63 -46.84
CA SER G 191 -61.39 49.98 -47.35
C SER G 191 -60.26 50.71 -46.64
N VAL G 192 -60.12 50.51 -45.31
CA VAL G 192 -59.08 51.15 -44.52
C VAL G 192 -57.71 50.63 -44.96
N VAL G 193 -57.58 49.29 -45.12
CA VAL G 193 -56.32 48.68 -45.56
C VAL G 193 -55.95 49.18 -46.96
N SER G 194 -56.93 49.27 -47.86
CA SER G 194 -56.71 49.79 -49.21
C SER G 194 -56.21 51.24 -49.16
N ALA G 195 -56.83 52.09 -48.33
CA ALA G 195 -56.43 53.51 -48.19
C ALA G 195 -55.06 53.69 -47.54
N ALA G 196 -54.68 52.79 -46.60
CA ALA G 196 -53.40 52.88 -45.92
C ALA G 196 -52.22 52.54 -46.83
N GLY G 197 -52.39 51.51 -47.67
CA GLY G 197 -51.36 51.10 -48.60
C GLY G 197 -50.16 50.48 -47.89
N ASN G 198 -49.00 51.13 -47.99
CA ASN G 198 -47.77 50.65 -47.37
C ASN G 198 -47.74 50.83 -45.84
N VAL G 199 -48.62 51.66 -45.27
CA VAL G 199 -48.63 51.92 -43.83
C VAL G 199 -49.34 50.75 -43.12
N PRO G 200 -48.75 50.15 -42.05
CA PRO G 200 -49.46 49.06 -41.37
C PRO G 200 -50.69 49.57 -40.61
N VAL G 201 -51.75 48.76 -40.54
CA VAL G 201 -52.99 49.13 -39.86
C VAL G 201 -53.11 48.35 -38.55
N LEU G 202 -53.39 49.07 -37.47
CA LEU G 202 -53.63 48.48 -36.15
C LEU G 202 -55.13 48.58 -35.89
N VAL G 203 -55.78 47.42 -35.72
CA VAL G 203 -57.21 47.34 -35.45
C VAL G 203 -57.41 46.88 -34.02
N ASP G 204 -58.16 47.65 -33.22
CA ASP G 204 -58.45 47.30 -31.84
C ASP G 204 -59.73 46.45 -31.86
N ASN G 205 -59.55 45.12 -31.80
CA ASN G 205 -60.62 44.13 -31.87
C ASN G 205 -61.10 43.67 -30.48
N THR G 206 -61.12 44.56 -29.48
CA THR G 206 -61.55 44.21 -28.13
C THR G 206 -63.05 43.86 -28.09
N PHE G 207 -63.89 44.73 -28.65
CA PHE G 207 -65.35 44.58 -28.63
C PHE G 207 -65.85 43.34 -29.40
N CYS G 208 -65.32 43.12 -30.60
CA CYS G 208 -65.74 41.99 -31.44
C CYS G 208 -65.17 40.66 -30.97
N THR G 209 -63.87 40.63 -30.58
CA THR G 209 -63.12 39.41 -30.17
C THR G 209 -62.83 38.51 -31.40
N PRO G 210 -61.88 37.55 -31.35
CA PRO G 210 -61.66 36.68 -32.53
C PRO G 210 -62.86 35.80 -32.91
N VAL G 211 -63.92 35.77 -32.07
CA VAL G 211 -65.12 34.97 -32.31
C VAL G 211 -65.92 35.61 -33.45
N LEU G 212 -66.07 36.95 -33.44
CA LEU G 212 -66.85 37.66 -34.45
C LEU G 212 -66.08 38.31 -35.61
N GLN G 213 -64.90 38.88 -35.33
CA GLN G 213 -64.13 39.60 -36.35
C GLN G 213 -62.70 39.10 -36.38
N GLN G 214 -62.13 39.02 -37.59
CA GLN G 214 -60.76 38.58 -37.83
C GLN G 214 -60.06 39.66 -38.68
N PRO G 215 -59.57 40.78 -38.07
CA PRO G 215 -58.93 41.83 -38.89
C PRO G 215 -57.72 41.40 -39.72
N ILE G 216 -56.98 40.35 -39.28
CA ILE G 216 -55.80 39.85 -40.02
C ILE G 216 -56.21 39.42 -41.44
N SER G 217 -57.37 38.76 -41.59
CA SER G 217 -57.88 38.34 -42.89
C SER G 217 -58.14 39.52 -43.85
N HIS G 218 -58.56 40.68 -43.30
CA HIS G 218 -58.77 41.89 -44.10
C HIS G 218 -57.47 42.63 -44.49
N GLY G 219 -56.33 42.23 -43.90
CA GLY G 219 -55.02 42.79 -44.18
C GLY G 219 -54.44 43.69 -43.10
N ALA G 220 -54.95 43.59 -41.85
CA ALA G 220 -54.42 44.39 -40.75
C ALA G 220 -53.09 43.80 -40.34
N ALA G 221 -52.08 44.64 -40.11
CA ALA G 221 -50.75 44.16 -39.70
C ALA G 221 -50.75 43.75 -38.23
N LEU G 222 -51.37 44.56 -37.35
CA LEU G 222 -51.44 44.24 -35.92
C LEU G 222 -52.88 44.38 -35.40
N VAL G 223 -53.25 43.50 -34.45
CA VAL G 223 -54.59 43.47 -33.86
C VAL G 223 -54.49 43.53 -32.34
N LEU G 224 -54.91 44.66 -31.74
CA LEU G 224 -54.85 44.88 -30.30
C LEU G 224 -56.13 44.42 -29.62
N HIS G 225 -56.00 43.88 -28.40
CA HIS G 225 -57.11 43.44 -27.57
C HIS G 225 -56.84 43.86 -26.14
N SER G 226 -57.84 44.43 -25.47
CA SER G 226 -57.71 44.68 -24.04
C SER G 226 -58.21 43.36 -23.45
N ALA G 227 -57.27 42.50 -23.07
CA ALA G 227 -57.62 41.17 -22.55
C ALA G 227 -58.46 41.23 -21.27
N THR G 228 -58.37 42.35 -20.52
CA THR G 228 -59.20 42.65 -19.35
C THR G 228 -60.70 42.39 -19.65
N GLN G 229 -61.11 42.71 -20.89
CA GLN G 229 -62.49 42.56 -21.32
C GLN G 229 -62.61 41.39 -22.29
N TYR G 230 -63.61 40.52 -22.06
CA TYR G 230 -63.97 39.38 -22.91
C TYR G 230 -62.95 38.21 -22.88
N LEU G 231 -61.65 38.45 -23.14
CA LEU G 231 -60.65 37.37 -23.11
C LEU G 231 -60.57 36.78 -21.70
N GLY G 232 -60.49 37.65 -20.68
CA GLY G 232 -60.55 37.22 -19.29
C GLY G 232 -61.96 36.77 -18.98
N GLY G 233 -62.91 37.65 -19.26
CA GLY G 233 -64.33 37.38 -19.13
C GLY G 233 -64.94 37.35 -17.75
N HIS G 234 -64.12 37.36 -16.68
CA HIS G 234 -64.64 37.32 -15.31
C HIS G 234 -64.26 38.54 -14.46
N GLY G 235 -63.76 39.62 -15.09
CA GLY G 235 -63.39 40.85 -14.40
C GLY G 235 -62.38 40.68 -13.28
N ASP G 236 -61.38 39.82 -13.49
CA ASP G 236 -60.37 39.54 -12.48
C ASP G 236 -58.96 39.34 -13.03
N ALA G 237 -58.69 39.78 -14.27
CA ALA G 237 -57.38 39.65 -14.88
C ALA G 237 -57.15 40.77 -15.88
N MET G 238 -56.26 41.71 -15.53
CA MET G 238 -55.89 42.79 -16.44
C MET G 238 -54.96 42.20 -17.49
N GLY G 239 -54.99 42.74 -18.69
CA GLY G 239 -54.12 42.27 -19.75
C GLY G 239 -54.29 43.01 -21.05
N GLY G 240 -53.28 42.89 -21.89
CA GLY G 240 -53.22 43.53 -23.20
C GLY G 240 -52.42 42.65 -24.12
N ILE G 241 -52.83 42.51 -25.39
CA ILE G 241 -52.16 41.61 -26.33
C ILE G 241 -52.34 42.08 -27.77
N ILE G 242 -51.28 41.94 -28.59
CA ILE G 242 -51.31 42.32 -30.00
C ILE G 242 -50.95 41.09 -30.84
N ALA G 243 -51.89 40.61 -31.66
CA ALA G 243 -51.65 39.50 -32.58
C ALA G 243 -51.12 40.14 -33.86
N THR G 244 -49.91 39.75 -34.31
CA THR G 244 -49.28 40.41 -35.47
C THR G 244 -48.23 39.50 -36.18
N ASN G 245 -47.67 39.98 -37.31
CA ASN G 245 -46.60 39.29 -38.04
C ASN G 245 -45.29 39.25 -37.20
N ALA G 246 -44.28 38.50 -37.65
CA ALA G 246 -43.01 38.37 -36.93
C ALA G 246 -42.21 39.69 -36.80
N ASP G 247 -42.26 40.57 -37.81
CA ASP G 247 -41.53 41.85 -37.77
C ASP G 247 -42.02 42.74 -36.63
N TRP G 248 -43.34 42.93 -36.53
CA TRP G 248 -43.91 43.77 -35.47
C TRP G 248 -43.82 43.10 -34.11
N ALA G 249 -43.92 41.76 -34.05
CA ALA G 249 -43.79 41.03 -32.79
C ALA G 249 -42.39 41.22 -32.22
N MET G 250 -41.36 41.21 -33.08
CA MET G 250 -39.98 41.43 -32.67
C MET G 250 -39.81 42.86 -32.12
N ARG G 251 -40.40 43.85 -32.79
CA ARG G 251 -40.32 45.24 -32.35
C ARG G 251 -41.04 45.44 -31.00
N LEU G 252 -42.20 44.80 -30.82
CA LEU G 252 -42.96 44.89 -29.58
C LEU G 252 -42.22 44.23 -28.43
N ARG G 253 -41.59 43.07 -28.69
CA ARG G 253 -40.82 42.36 -27.66
C ARG G 253 -39.54 43.13 -27.31
N GLN G 254 -38.92 43.84 -28.27
CA GLN G 254 -37.75 44.69 -28.00
C GLN G 254 -38.11 45.79 -27.00
N VAL G 255 -39.30 46.38 -27.17
CA VAL G 255 -39.79 47.43 -26.27
C VAL G 255 -40.14 46.81 -24.91
N ARG G 256 -40.82 45.65 -24.90
CA ARG G 256 -41.22 44.95 -23.69
C ARG G 256 -40.02 44.56 -22.81
N ALA G 257 -38.94 44.07 -23.42
CA ALA G 257 -37.76 43.65 -22.68
C ALA G 257 -37.05 44.80 -21.95
N ILE G 258 -37.18 46.04 -22.46
CA ILE G 258 -36.51 47.20 -21.84
C ILE G 258 -37.47 48.09 -21.01
N THR G 259 -38.76 48.20 -21.38
CA THR G 259 -39.73 48.99 -20.62
C THR G 259 -40.48 48.16 -19.55
N GLY G 260 -40.48 46.82 -19.68
CA GLY G 260 -41.03 45.89 -18.70
C GLY G 260 -42.46 46.02 -18.22
N ALA G 261 -43.43 46.26 -19.12
CA ALA G 261 -44.84 46.29 -18.71
C ALA G 261 -45.35 44.85 -18.88
N LEU G 262 -44.86 43.96 -18.02
CA LEU G 262 -45.13 42.53 -18.12
C LEU G 262 -46.45 42.07 -17.59
N LEU G 263 -46.98 40.99 -18.19
CA LEU G 263 -48.20 40.33 -17.76
C LEU G 263 -47.75 39.29 -16.71
N HIS G 264 -48.32 39.35 -15.51
CA HIS G 264 -47.94 38.44 -14.43
C HIS G 264 -48.29 36.98 -14.77
N PRO G 265 -47.48 35.95 -14.39
CA PRO G 265 -47.86 34.56 -14.72
C PRO G 265 -49.28 34.12 -14.38
N MET G 266 -49.87 34.62 -13.28
CA MET G 266 -51.25 34.28 -12.93
C MET G 266 -52.25 35.01 -13.84
N GLY G 267 -51.95 36.25 -14.23
CA GLY G 267 -52.77 36.99 -15.17
C GLY G 267 -52.85 36.28 -16.51
N ALA G 268 -51.70 35.79 -17.00
CA ALA G 268 -51.64 35.01 -18.23
C ALA G 268 -52.41 33.70 -18.12
N TYR G 269 -52.36 33.06 -16.95
CA TYR G 269 -53.07 31.81 -16.71
C TYR G 269 -54.59 32.01 -16.80
N LEU G 270 -55.13 33.07 -16.16
CA LEU G 270 -56.57 33.33 -16.18
C LEU G 270 -57.07 33.84 -17.54
N LEU G 271 -56.23 34.57 -18.30
CA LEU G 271 -56.63 35.05 -19.61
C LEU G 271 -56.64 33.89 -20.61
N HIS G 272 -55.66 32.97 -20.50
CA HIS G 272 -55.59 31.76 -21.32
C HIS G 272 -56.80 30.85 -20.97
N ARG G 273 -57.09 30.71 -19.66
CA ARG G 273 -58.23 29.95 -19.12
C ARG G 273 -59.55 30.51 -19.64
N GLY G 274 -59.65 31.84 -19.73
CA GLY G 274 -60.83 32.53 -20.24
C GLY G 274 -61.09 32.28 -21.71
N LEU G 275 -60.02 32.06 -22.50
CA LEU G 275 -60.17 31.77 -23.92
C LEU G 275 -60.92 30.46 -24.17
N ARG G 276 -60.86 29.50 -23.22
CA ARG G 276 -61.49 28.18 -23.36
C ARG G 276 -63.03 28.27 -23.38
N THR G 277 -63.61 29.31 -22.75
CA THR G 277 -65.06 29.55 -22.70
C THR G 277 -65.46 30.81 -23.51
N LEU G 278 -64.56 31.38 -24.33
CA LEU G 278 -64.86 32.61 -25.07
C LEU G 278 -66.01 32.48 -26.09
N ALA G 279 -66.07 31.37 -26.84
CA ALA G 279 -67.15 31.18 -27.82
C ALA G 279 -68.51 31.02 -27.15
N VAL G 280 -68.59 30.22 -26.07
CA VAL G 280 -69.87 30.00 -25.39
C VAL G 280 -70.33 31.26 -24.64
N ARG G 281 -69.40 32.07 -24.11
CA ARG G 281 -69.77 33.30 -23.41
C ARG G 281 -70.22 34.36 -24.41
N MET G 282 -69.47 34.53 -25.51
CA MET G 282 -69.82 35.53 -26.52
C MET G 282 -71.17 35.19 -27.16
N ARG G 283 -71.39 33.94 -27.57
CA ARG G 283 -72.66 33.53 -28.18
C ARG G 283 -73.86 33.75 -27.25
N ALA G 284 -73.70 33.49 -25.94
CA ALA G 284 -74.78 33.67 -24.98
C ALA G 284 -75.10 35.15 -24.74
N ALA G 285 -74.07 35.99 -24.54
CA ALA G 285 -74.26 37.42 -24.30
C ALA G 285 -74.76 38.14 -25.55
N GLN G 286 -74.34 37.71 -26.74
CA GLN G 286 -74.78 38.30 -28.01
C GLN G 286 -76.28 38.06 -28.22
N THR G 287 -76.76 36.85 -27.90
CA THR G 287 -78.18 36.51 -28.03
C THR G 287 -79.01 37.40 -27.10
N THR G 288 -78.54 37.56 -25.85
CA THR G 288 -79.19 38.40 -24.85
C THR G 288 -79.21 39.87 -25.31
N ALA G 289 -78.11 40.35 -25.87
CA ALA G 289 -77.99 41.73 -26.34
C ALA G 289 -78.87 42.05 -27.54
N GLY G 290 -78.97 41.14 -28.50
CA GLY G 290 -79.82 41.35 -29.67
C GLY G 290 -81.28 41.54 -29.30
N GLU G 291 -81.74 40.80 -28.28
CA GLU G 291 -83.10 40.89 -27.76
C GLU G 291 -83.28 42.16 -26.92
N LEU G 292 -82.28 42.52 -26.07
CA LEU G 292 -82.36 43.72 -25.24
C LEU G 292 -82.41 44.98 -26.08
N ALA G 293 -81.58 45.08 -27.12
CA ALA G 293 -81.56 46.26 -28.00
C ALA G 293 -82.93 46.53 -28.64
N GLU G 294 -83.70 45.48 -28.93
CA GLU G 294 -85.04 45.62 -29.50
C GLU G 294 -86.03 46.16 -28.46
N ARG G 295 -85.97 45.63 -27.22
CA ARG G 295 -86.86 46.06 -26.15
C ARG G 295 -86.56 47.50 -25.73
N LEU G 296 -85.27 47.85 -25.67
CA LEU G 296 -84.82 49.18 -25.27
C LEU G 296 -85.15 50.23 -26.34
N ASP G 297 -85.15 49.84 -27.63
CA ASP G 297 -85.52 50.76 -28.71
C ASP G 297 -87.01 51.13 -28.61
N ALA G 298 -87.86 50.16 -28.20
CA ALA G 298 -89.30 50.37 -28.03
C ALA G 298 -89.65 51.27 -26.83
N HIS G 299 -88.74 51.46 -25.86
CA HIS G 299 -89.04 52.28 -24.69
C HIS G 299 -89.11 53.78 -25.07
N PRO G 300 -90.07 54.57 -24.55
CA PRO G 300 -90.14 56.00 -24.93
C PRO G 300 -89.01 56.86 -24.38
N ALA G 301 -88.42 56.46 -23.24
CA ALA G 301 -87.32 57.21 -22.62
C ALA G 301 -86.05 57.22 -23.49
N ILE G 302 -85.85 56.20 -24.33
CA ILE G 302 -84.68 56.11 -25.19
C ILE G 302 -85.05 56.54 -26.61
N SER G 303 -84.31 57.51 -27.17
CA SER G 303 -84.54 58.01 -28.51
C SER G 303 -83.83 57.16 -29.57
N VAL G 304 -82.52 56.89 -29.39
CA VAL G 304 -81.71 56.13 -30.33
C VAL G 304 -81.03 54.96 -29.63
N VAL G 305 -81.03 53.75 -30.25
CA VAL G 305 -80.32 52.59 -29.70
C VAL G 305 -79.29 52.19 -30.75
N HIS G 306 -78.02 52.16 -30.36
CA HIS G 306 -76.91 51.77 -31.23
C HIS G 306 -76.60 50.30 -31.01
N TYR G 307 -76.76 49.49 -32.04
CA TYR G 307 -76.41 48.08 -32.00
C TYR G 307 -76.18 47.60 -33.44
N PRO G 308 -75.02 47.02 -33.82
CA PRO G 308 -74.83 46.60 -35.23
C PRO G 308 -75.92 45.67 -35.81
N GLY G 309 -76.41 44.72 -35.01
CA GLY G 309 -77.45 43.78 -35.42
C GLY G 309 -78.84 44.34 -35.67
N LEU G 310 -79.05 45.65 -35.40
CA LEU G 310 -80.36 46.30 -35.55
C LEU G 310 -80.64 46.74 -37.00
N LYS G 311 -81.92 47.05 -37.31
CA LYS G 311 -82.35 47.44 -38.65
C LYS G 311 -81.84 48.83 -38.97
N GLY G 312 -81.15 49.00 -40.11
CA GLY G 312 -80.66 50.31 -40.50
C GLY G 312 -79.27 50.67 -40.01
N GLN G 313 -78.80 50.02 -38.92
CA GLN G 313 -77.47 50.30 -38.35
C GLN G 313 -76.32 49.74 -39.20
N ASP G 314 -76.60 48.85 -40.17
CA ASP G 314 -75.57 48.25 -41.01
C ASP G 314 -75.81 48.58 -42.50
N PRO G 315 -75.51 49.82 -42.98
CA PRO G 315 -75.75 50.11 -44.41
C PRO G 315 -74.74 49.48 -45.36
N ARG G 316 -73.46 49.39 -44.96
CA ARG G 316 -72.39 48.84 -45.80
C ARG G 316 -72.35 47.30 -45.89
N GLY G 317 -73.23 46.61 -45.18
CA GLY G 317 -73.28 45.15 -45.22
C GLY G 317 -72.07 44.48 -44.61
N LEU G 318 -71.54 45.08 -43.53
CA LEU G 318 -70.40 44.51 -42.83
C LEU G 318 -70.79 43.28 -42.01
N LEU G 319 -72.07 43.11 -41.64
CA LEU G 319 -72.48 41.92 -40.90
C LEU G 319 -72.53 40.79 -41.91
N GLY G 320 -71.77 39.74 -41.63
CA GLY G 320 -71.64 38.58 -42.49
C GLY G 320 -70.30 38.62 -43.21
N ARG G 321 -69.99 39.76 -43.83
CA ARG G 321 -68.75 39.97 -44.56
C ARG G 321 -67.54 40.15 -43.63
N GLN G 322 -67.65 41.02 -42.61
CA GLN G 322 -66.59 41.35 -41.63
C GLN G 322 -66.88 40.80 -40.22
N MET G 323 -68.11 41.00 -39.73
CA MET G 323 -68.53 40.57 -38.40
C MET G 323 -69.52 39.44 -38.52
N SER G 324 -69.26 38.31 -37.87
CA SER G 324 -70.18 37.17 -37.86
C SER G 324 -71.21 37.27 -36.69
N GLY G 325 -71.65 38.49 -36.39
CA GLY G 325 -72.59 38.74 -35.31
C GLY G 325 -72.60 40.17 -34.86
N GLY G 326 -73.68 40.58 -34.20
CA GLY G 326 -73.86 41.93 -33.71
C GLY G 326 -73.04 42.36 -32.50
N GLY G 327 -72.64 41.41 -31.65
CA GLY G 327 -71.90 41.71 -30.44
C GLY G 327 -72.74 41.71 -29.18
N ALA G 328 -72.09 42.00 -28.04
CA ALA G 328 -72.76 42.05 -26.74
C ALA G 328 -72.64 43.41 -26.07
N MET G 329 -72.47 44.49 -26.85
CA MET G 329 -72.38 45.86 -26.35
C MET G 329 -73.54 46.64 -26.95
N ILE G 330 -74.18 47.49 -26.16
CA ILE G 330 -75.28 48.33 -26.63
C ILE G 330 -75.09 49.69 -26.04
N ALA G 331 -75.09 50.73 -26.88
CA ALA G 331 -75.08 52.11 -26.42
C ALA G 331 -76.44 52.73 -26.79
N MET G 332 -76.84 53.80 -26.10
CA MET G 332 -78.12 54.46 -26.38
C MET G 332 -78.11 55.93 -26.02
N GLU G 333 -78.89 56.73 -26.77
CA GLU G 333 -79.04 58.16 -26.56
C GLU G 333 -80.38 58.36 -25.83
N LEU G 334 -80.36 59.02 -24.66
CA LEU G 334 -81.58 59.26 -23.88
C LEU G 334 -82.30 60.50 -24.40
N ALA G 335 -83.64 60.49 -24.36
CA ALA G 335 -84.45 61.61 -24.82
C ALA G 335 -84.29 62.84 -23.91
N GLY G 336 -84.20 62.61 -22.59
CA GLY G 336 -84.04 63.69 -21.62
C GLY G 336 -82.63 64.23 -21.44
N GLY G 337 -81.70 63.81 -22.29
CA GLY G 337 -80.32 64.29 -22.24
C GLY G 337 -79.51 63.74 -21.08
N PHE G 338 -78.66 64.58 -20.49
CA PHE G 338 -77.79 64.17 -19.39
C PHE G 338 -78.57 63.74 -18.14
N ASP G 339 -79.62 64.48 -17.74
CA ASP G 339 -80.37 64.14 -16.54
C ASP G 339 -81.02 62.75 -16.63
N ALA G 340 -81.59 62.39 -17.79
CA ALA G 340 -82.19 61.07 -17.99
C ALA G 340 -81.12 59.97 -17.99
N ALA G 341 -79.96 60.25 -18.63
CA ALA G 341 -78.82 59.33 -18.67
C ALA G 341 -78.26 59.08 -17.26
N ARG G 342 -78.16 60.15 -16.45
CA ARG G 342 -77.67 60.08 -15.08
C ARG G 342 -78.64 59.26 -14.23
N SER G 343 -79.95 59.53 -14.36
CA SER G 343 -80.99 58.81 -13.64
C SER G 343 -81.06 57.32 -14.01
N PHE G 344 -80.75 56.97 -15.27
CA PHE G 344 -80.80 55.59 -15.75
C PHE G 344 -79.73 54.71 -15.06
N VAL G 345 -78.47 55.16 -15.04
CA VAL G 345 -77.40 54.36 -14.40
C VAL G 345 -77.52 54.36 -12.87
N GLU G 346 -78.06 55.44 -12.26
CA GLU G 346 -78.18 55.53 -10.81
C GLU G 346 -79.34 54.70 -10.24
N HIS G 347 -80.37 54.38 -11.05
CA HIS G 347 -81.50 53.56 -10.60
C HIS G 347 -81.38 52.07 -10.99
N CYS G 348 -80.27 51.64 -11.61
CA CYS G 348 -80.05 50.22 -11.93
C CYS G 348 -79.61 49.53 -10.63
N ASN G 349 -80.12 48.31 -10.35
CA ASN G 349 -79.78 47.53 -9.15
C ASN G 349 -79.03 46.25 -9.53
N LEU G 350 -79.62 45.39 -10.38
CA LEU G 350 -78.98 44.16 -10.86
C LEU G 350 -77.84 44.55 -11.81
N VAL G 351 -78.12 45.48 -12.74
CA VAL G 351 -77.11 46.00 -13.66
C VAL G 351 -76.28 46.97 -12.81
N VAL G 352 -74.95 46.81 -12.81
CA VAL G 352 -74.07 47.61 -11.96
C VAL G 352 -73.43 48.78 -12.69
N HIS G 353 -73.43 49.98 -12.06
CA HIS G 353 -72.81 51.18 -12.62
C HIS G 353 -71.29 51.06 -12.40
N ALA G 354 -70.57 50.64 -13.44
CA ALA G 354 -69.12 50.45 -13.39
C ALA G 354 -68.52 50.50 -14.81
N VAL G 355 -67.21 50.81 -14.91
CA VAL G 355 -66.49 50.76 -16.19
C VAL G 355 -66.09 49.27 -16.49
N SER G 356 -65.44 48.98 -17.64
CA SER G 356 -65.04 47.66 -18.11
C SER G 356 -66.22 46.95 -18.80
N LEU G 357 -65.91 45.93 -19.61
CA LEU G 357 -66.89 45.22 -20.41
C LEU G 357 -66.50 43.75 -20.64
N GLY G 358 -67.38 42.97 -21.28
CA GLY G 358 -67.13 41.57 -21.59
C GLY G 358 -67.16 40.58 -20.43
N GLY G 359 -67.59 41.03 -19.26
CA GLY G 359 -67.64 40.18 -18.08
C GLY G 359 -68.88 39.33 -18.00
N ALA G 360 -68.92 38.44 -17.00
CA ALA G 360 -70.07 37.57 -16.78
C ALA G 360 -71.33 38.34 -16.36
N ASP G 361 -71.16 39.55 -15.77
CA ASP G 361 -72.27 40.40 -15.33
C ASP G 361 -72.45 41.62 -16.22
N THR G 362 -73.67 42.16 -16.23
CA THR G 362 -74.05 43.32 -17.03
C THR G 362 -73.66 44.60 -16.30
N LEU G 363 -72.92 45.48 -16.98
CA LEU G 363 -72.45 46.75 -16.43
C LEU G 363 -72.95 47.91 -17.26
N ILE G 364 -72.97 49.11 -16.66
CA ILE G 364 -73.47 50.31 -17.35
C ILE G 364 -72.69 51.54 -16.87
N GLN G 365 -72.52 52.54 -17.74
CA GLN G 365 -71.77 53.74 -17.39
C GLN G 365 -72.00 54.90 -18.38
N HIS G 366 -71.75 56.13 -17.93
CA HIS G 366 -71.88 57.33 -18.75
C HIS G 366 -70.49 57.59 -19.35
N PRO G 367 -70.25 57.31 -20.65
CA PRO G 367 -68.89 57.48 -21.19
C PRO G 367 -68.25 58.84 -21.05
N ALA G 368 -69.00 59.93 -21.28
CA ALA G 368 -68.46 61.28 -21.18
C ALA G 368 -67.94 61.60 -19.76
N SER G 369 -68.50 60.95 -18.72
CA SER G 369 -68.09 61.15 -17.33
C SER G 369 -67.00 60.19 -16.85
N LEU G 370 -66.85 58.99 -17.49
CA LEU G 370 -65.87 58.01 -17.02
C LEU G 370 -64.86 57.58 -18.13
N THR G 371 -65.16 56.55 -18.96
CA THR G 371 -64.20 56.02 -19.93
C THR G 371 -63.62 57.06 -20.87
N HIS G 372 -64.45 57.98 -21.36
CA HIS G 372 -64.03 59.03 -22.28
C HIS G 372 -63.96 60.41 -21.62
N ARG G 373 -63.62 60.46 -20.32
CA ARG G 373 -63.45 61.73 -19.60
C ARG G 373 -62.14 62.44 -20.03
N PRO G 374 -60.97 61.75 -20.24
CA PRO G 374 -59.77 62.48 -20.68
C PRO G 374 -59.77 62.93 -22.14
N VAL G 375 -60.86 62.67 -22.89
CA VAL G 375 -60.98 63.04 -24.29
C VAL G 375 -61.29 64.55 -24.39
N ALA G 376 -60.81 65.19 -25.46
CA ALA G 376 -61.05 66.61 -25.72
C ALA G 376 -62.55 66.89 -25.82
N ALA G 377 -63.00 68.07 -25.35
CA ALA G 377 -64.41 68.45 -25.37
C ALA G 377 -65.09 68.27 -26.73
N THR G 378 -64.41 68.67 -27.82
CA THR G 378 -64.95 68.56 -29.18
C THR G 378 -65.15 67.09 -29.61
N ALA G 379 -64.26 66.19 -29.16
CA ALA G 379 -64.28 64.78 -29.50
C ALA G 379 -65.01 63.89 -28.46
N LYS G 380 -65.49 64.46 -27.35
CA LYS G 380 -66.14 63.66 -26.31
C LYS G 380 -67.48 63.09 -26.80
N PRO G 381 -67.96 61.90 -26.33
CA PRO G 381 -69.27 61.42 -26.78
C PRO G 381 -70.43 62.26 -26.23
N GLY G 382 -71.63 62.01 -26.76
CA GLY G 382 -72.83 62.74 -26.35
C GLY G 382 -73.13 62.65 -24.87
N ASP G 383 -73.67 63.72 -24.29
CA ASP G 383 -74.02 63.76 -22.87
C ASP G 383 -75.22 62.86 -22.53
N GLY G 384 -76.09 62.60 -23.50
CA GLY G 384 -77.23 61.71 -23.32
C GLY G 384 -76.89 60.25 -23.61
N LEU G 385 -75.66 59.95 -24.07
CA LEU G 385 -75.24 58.59 -24.40
C LEU G 385 -74.87 57.76 -23.17
N ILE G 386 -75.27 56.48 -23.18
CA ILE G 386 -75.02 55.50 -22.11
C ILE G 386 -74.52 54.22 -22.77
N ARG G 387 -73.41 53.63 -22.26
CA ARG G 387 -72.87 52.38 -22.78
C ARG G 387 -73.23 51.24 -21.81
N LEU G 388 -73.58 50.07 -22.36
CA LEU G 388 -73.98 48.90 -21.59
C LEU G 388 -73.25 47.66 -22.12
N SER G 389 -72.65 46.87 -21.21
CA SER G 389 -72.00 45.62 -21.53
C SER G 389 -72.93 44.50 -21.11
N VAL G 390 -73.42 43.69 -22.04
CA VAL G 390 -74.37 42.62 -21.72
C VAL G 390 -73.60 41.38 -21.24
N GLY G 391 -74.05 40.80 -20.12
CA GLY G 391 -73.44 39.62 -19.50
C GLY G 391 -74.17 38.33 -19.81
N LEU G 392 -74.05 37.35 -18.90
CA LEU G 392 -74.64 36.01 -19.04
C LEU G 392 -75.89 35.81 -18.18
N GLU G 393 -76.58 36.90 -17.81
CA GLU G 393 -77.80 36.77 -17.01
C GLU G 393 -79.02 36.56 -17.94
N HIS G 394 -80.15 36.15 -17.36
CA HIS G 394 -81.37 35.94 -18.15
C HIS G 394 -81.86 37.26 -18.73
N VAL G 395 -82.28 37.24 -19.99
CA VAL G 395 -82.76 38.42 -20.70
C VAL G 395 -83.91 39.13 -19.97
N ASP G 396 -84.87 38.37 -19.40
CA ASP G 396 -86.02 38.95 -18.71
C ASP G 396 -85.59 39.72 -17.47
N ASP G 397 -84.68 39.16 -16.65
CA ASP G 397 -84.22 39.84 -15.44
C ASP G 397 -83.44 41.14 -15.74
N LEU G 398 -82.71 41.17 -16.86
CA LEU G 398 -81.96 42.37 -17.24
C LEU G 398 -82.90 43.43 -17.80
N ALA G 399 -83.88 43.03 -18.62
CA ALA G 399 -84.84 43.96 -19.18
C ALA G 399 -85.71 44.55 -18.08
N ASP G 400 -86.16 43.72 -17.11
CA ASP G 400 -86.98 44.20 -15.99
C ASP G 400 -86.25 45.28 -15.19
N ASP G 401 -84.95 45.10 -14.93
CA ASP G 401 -84.16 46.06 -14.18
C ASP G 401 -83.89 47.35 -14.98
N LEU G 402 -83.57 47.22 -16.27
CA LEU G 402 -83.29 48.40 -17.10
C LEU G 402 -84.55 49.22 -17.35
N ILE G 403 -85.71 48.56 -17.51
CA ILE G 403 -86.97 49.26 -17.72
C ILE G 403 -87.36 50.01 -16.44
N ALA G 404 -87.23 49.36 -15.27
CA ALA G 404 -87.54 50.00 -13.99
C ALA G 404 -86.65 51.23 -13.74
N ALA G 405 -85.37 51.17 -14.15
CA ALA G 405 -84.44 52.30 -14.01
C ALA G 405 -84.85 53.48 -14.89
N LEU G 406 -85.36 53.21 -16.11
CA LEU G 406 -85.82 54.26 -17.02
C LEU G 406 -87.12 54.87 -16.48
N ASP G 407 -88.03 54.04 -15.95
CA ASP G 407 -89.29 54.48 -15.38
C ASP G 407 -89.12 55.26 -14.06
N ALA G 408 -87.95 55.19 -13.40
CA ALA G 408 -87.70 55.91 -12.16
C ALA G 408 -87.62 57.43 -12.37
N SER G 409 -87.14 57.89 -13.54
CA SER G 409 -87.05 59.31 -13.85
C SER G 409 -88.43 59.94 -14.02
N SER H 23 -41.95 56.46 16.10
CA SER H 23 -41.54 55.97 17.42
C SER H 23 -41.07 54.50 17.40
N LEU H 24 -41.47 53.70 16.38
CA LEU H 24 -41.10 52.29 16.29
C LEU H 24 -39.80 52.09 15.52
N HIS H 25 -39.09 51.00 15.82
CA HIS H 25 -37.83 50.65 15.16
C HIS H 25 -38.09 50.15 13.71
N PRO H 26 -37.10 50.19 12.78
CA PRO H 26 -37.37 49.68 11.41
C PRO H 26 -37.71 48.19 11.33
N GLU H 27 -37.23 47.38 12.28
CA GLU H 27 -37.52 45.94 12.31
C GLU H 27 -39.00 45.70 12.59
N THR H 28 -39.61 46.52 13.46
CA THR H 28 -41.04 46.45 13.78
C THR H 28 -41.87 46.95 12.58
N LEU H 29 -41.42 48.06 11.95
CA LEU H 29 -42.14 48.67 10.82
C LEU H 29 -42.13 47.81 9.55
N MET H 30 -41.17 46.88 9.41
CA MET H 30 -41.14 45.96 8.27
C MET H 30 -42.26 44.93 8.40
N VAL H 31 -42.55 44.48 9.63
CA VAL H 31 -43.60 43.50 9.91
C VAL H 31 -45.00 44.13 9.79
N HIS H 32 -45.22 45.27 10.48
CA HIS H 32 -46.52 45.94 10.55
C HIS H 32 -46.77 47.07 9.52
N GLY H 33 -45.82 47.37 8.65
CA GLY H 33 -45.99 48.41 7.64
C GLY H 33 -47.01 48.02 6.60
N GLY H 34 -47.91 48.94 6.26
CA GLY H 34 -48.99 48.71 5.30
C GLY H 34 -50.06 47.75 5.76
N MET H 35 -50.08 47.42 7.07
CA MET H 35 -51.07 46.51 7.68
C MET H 35 -52.07 47.32 8.51
N LYS H 36 -52.39 48.56 8.11
CA LYS H 36 -53.25 49.44 8.88
C LYS H 36 -54.72 49.07 8.67
N GLY H 37 -55.46 48.92 9.76
CA GLY H 37 -56.88 48.59 9.71
C GLY H 37 -57.22 47.13 9.55
N LEU H 38 -56.21 46.26 9.30
CA LEU H 38 -56.47 44.82 9.12
C LEU H 38 -56.86 44.17 10.45
N THR H 39 -56.09 44.45 11.52
CA THR H 39 -56.41 43.91 12.84
C THR H 39 -57.78 44.40 13.33
N GLU H 40 -58.11 45.66 13.02
CA GLU H 40 -59.37 46.27 13.40
C GLU H 40 -60.56 45.66 12.62
N ALA H 41 -60.30 45.13 11.39
CA ALA H 41 -61.32 44.46 10.55
C ALA H 41 -61.41 42.93 10.80
N GLY H 42 -60.65 42.39 11.75
CA GLY H 42 -60.69 40.97 12.08
C GLY H 42 -60.00 40.06 11.08
N VAL H 43 -58.92 40.53 10.42
CA VAL H 43 -58.14 39.76 9.45
C VAL H 43 -56.64 39.89 9.77
N HIS H 44 -55.84 38.91 9.34
CA HIS H 44 -54.41 38.87 9.64
C HIS H 44 -53.51 39.48 8.56
N VAL H 45 -53.72 39.09 7.28
CA VAL H 45 -52.92 39.54 6.14
C VAL H 45 -53.80 40.31 5.13
N PRO H 46 -53.25 41.22 4.28
CA PRO H 46 -54.12 41.94 3.33
C PRO H 46 -54.70 41.00 2.27
N ALA H 47 -55.97 41.23 1.91
CA ALA H 47 -56.64 40.39 0.93
C ALA H 47 -56.13 40.69 -0.49
N ILE H 48 -56.26 39.70 -1.39
CA ILE H 48 -55.87 39.84 -2.78
C ILE H 48 -57.15 40.07 -3.59
N ASP H 49 -57.44 41.34 -3.91
CA ASP H 49 -58.63 41.70 -4.67
C ASP H 49 -58.25 41.75 -6.15
N LEU H 50 -58.71 40.75 -6.92
CA LEU H 50 -58.40 40.68 -8.36
C LEU H 50 -59.31 41.57 -9.23
N SER H 51 -60.33 42.23 -8.65
CA SER H 51 -61.28 43.10 -9.37
C SER H 51 -60.62 44.06 -10.33
N THR H 52 -60.99 43.96 -11.62
CA THR H 52 -60.46 44.86 -12.64
C THR H 52 -61.21 46.20 -12.53
N THR H 53 -62.55 46.15 -12.31
CA THR H 53 -63.39 47.32 -12.16
C THR H 53 -63.84 47.46 -10.71
N ASN H 54 -64.26 48.68 -10.33
CA ASN H 54 -64.72 49.01 -8.99
C ASN H 54 -66.00 49.88 -9.12
N PRO H 55 -67.20 49.38 -8.79
CA PRO H 55 -68.42 50.20 -8.98
C PRO H 55 -68.44 51.55 -8.29
N VAL H 56 -69.22 52.49 -8.84
CA VAL H 56 -69.33 53.87 -8.35
C VAL H 56 -70.74 54.12 -7.79
N ASN H 57 -70.85 54.99 -6.78
CA ASN H 57 -72.13 55.29 -6.14
C ASN H 57 -73.03 56.10 -7.06
N ASP H 58 -72.47 57.11 -7.75
CA ASP H 58 -73.21 57.94 -8.70
C ASP H 58 -72.27 58.51 -9.78
N VAL H 59 -72.84 59.23 -10.77
CA VAL H 59 -72.07 59.80 -11.89
C VAL H 59 -71.12 60.89 -11.39
N ALA H 60 -71.58 61.75 -10.47
CA ALA H 60 -70.76 62.83 -9.95
C ALA H 60 -69.55 62.35 -9.12
N THR H 61 -69.76 61.47 -8.13
CA THR H 61 -68.64 60.99 -7.31
C THR H 61 -67.72 60.07 -8.10
N GLY H 62 -68.28 59.24 -8.97
CA GLY H 62 -67.49 58.35 -9.81
C GLY H 62 -66.60 59.10 -10.76
N GLY H 63 -67.16 60.12 -11.42
CA GLY H 63 -66.44 60.97 -12.34
C GLY H 63 -65.35 61.78 -11.66
N ASP H 64 -65.64 62.34 -10.48
CA ASP H 64 -64.64 63.10 -9.71
C ASP H 64 -63.52 62.18 -9.22
N SER H 65 -63.84 60.94 -8.81
CA SER H 65 -62.83 59.97 -8.37
C SER H 65 -61.96 59.58 -9.57
N TYR H 66 -62.57 59.39 -10.77
CA TYR H 66 -61.82 59.07 -11.99
C TYR H 66 -60.82 60.19 -12.28
N GLU H 67 -61.26 61.47 -12.29
CA GLU H 67 -60.38 62.60 -12.57
C GLU H 67 -59.27 62.73 -11.53
N TRP H 68 -59.60 62.61 -10.25
CA TRP H 68 -58.62 62.70 -9.15
C TRP H 68 -57.50 61.66 -9.33
N LEU H 69 -57.86 60.41 -9.67
CA LEU H 69 -56.88 59.35 -9.83
C LEU H 69 -56.10 59.45 -11.15
N ALA H 70 -56.79 59.75 -12.26
CA ALA H 70 -56.15 59.88 -13.57
C ALA H 70 -55.12 61.02 -13.58
N THR H 71 -55.38 62.10 -12.81
CA THR H 71 -54.45 63.22 -12.68
C THR H 71 -53.32 62.94 -11.64
N GLY H 72 -53.12 61.68 -11.27
CA GLY H 72 -52.05 61.24 -10.37
C GLY H 72 -52.25 61.37 -8.88
N HIS H 73 -53.49 61.55 -8.39
CA HIS H 73 -53.71 61.69 -6.95
C HIS H 73 -54.01 60.38 -6.23
N THR H 74 -53.77 60.36 -4.91
CA THR H 74 -54.02 59.22 -4.03
C THR H 74 -55.52 59.05 -3.83
N LEU H 75 -56.00 57.78 -3.75
CA LEU H 75 -57.41 57.51 -3.54
C LEU H 75 -57.86 58.06 -2.20
N LYS H 76 -58.95 58.82 -2.18
CA LYS H 76 -59.50 59.37 -0.94
C LYS H 76 -60.14 58.27 -0.14
N ASP H 77 -60.13 58.40 1.20
CA ASP H 77 -60.74 57.38 2.06
C ASP H 77 -62.26 57.45 1.87
N GLY H 78 -62.87 56.32 1.56
CA GLY H 78 -64.30 56.25 1.31
C GLY H 78 -64.66 56.73 -0.09
N ASP H 79 -63.85 56.31 -1.08
CA ASP H 79 -64.04 56.65 -2.49
C ASP H 79 -63.77 55.39 -3.34
N SER H 80 -64.47 55.25 -4.47
CA SER H 80 -64.31 54.10 -5.34
C SER H 80 -63.00 54.18 -6.12
N ALA H 81 -62.30 53.05 -6.25
CA ALA H 81 -61.08 52.97 -7.04
C ALA H 81 -61.36 53.12 -8.55
N VAL H 82 -62.65 52.96 -8.99
CA VAL H 82 -63.16 53.07 -10.36
C VAL H 82 -62.64 51.96 -11.30
N TYR H 83 -61.32 51.85 -11.45
CA TYR H 83 -60.67 50.86 -12.33
C TYR H 83 -59.27 50.56 -11.80
N GLN H 84 -58.76 49.36 -12.08
CA GLN H 84 -57.46 48.90 -11.57
C GLN H 84 -56.29 49.72 -12.12
N ARG H 85 -56.40 50.22 -13.35
CA ARG H 85 -55.36 51.06 -13.96
C ARG H 85 -55.26 52.45 -13.29
N LEU H 86 -56.31 52.87 -12.54
CA LEU H 86 -56.34 54.12 -11.78
C LEU H 86 -55.89 53.85 -10.33
N TRP H 87 -56.40 52.77 -9.68
CA TRP H 87 -56.01 52.44 -8.31
C TRP H 87 -56.26 50.96 -7.96
N GLN H 88 -55.33 50.35 -7.20
CA GLN H 88 -55.45 48.97 -6.72
C GLN H 88 -55.13 49.00 -5.21
N PRO H 89 -55.99 48.46 -4.30
CA PRO H 89 -55.72 48.56 -2.86
C PRO H 89 -54.54 47.77 -2.31
N GLY H 90 -54.27 46.60 -2.87
CA GLY H 90 -53.15 45.76 -2.45
C GLY H 90 -51.82 46.38 -2.83
N VAL H 91 -51.78 47.01 -4.02
CA VAL H 91 -50.58 47.71 -4.50
C VAL H 91 -50.35 48.91 -3.57
N ALA H 92 -51.43 49.66 -3.28
CA ALA H 92 -51.39 50.82 -2.36
C ALA H 92 -50.83 50.46 -0.98
N ARG H 93 -51.16 49.27 -0.43
CA ARG H 93 -50.64 48.86 0.88
C ARG H 93 -49.12 48.63 0.80
N PHE H 94 -48.65 47.99 -0.29
CA PHE H 94 -47.22 47.78 -0.51
C PHE H 94 -46.51 49.12 -0.67
N GLU H 95 -47.15 50.07 -1.37
CA GLU H 95 -46.61 51.41 -1.59
C GLU H 95 -46.41 52.15 -0.27
N THR H 96 -47.43 52.16 0.62
CA THR H 96 -47.30 52.84 1.93
C THR H 96 -46.31 52.11 2.84
N ALA H 97 -46.18 50.78 2.71
CA ALA H 97 -45.23 50.02 3.53
C ALA H 97 -43.78 50.44 3.20
N LEU H 98 -43.40 50.50 1.91
CA LEU H 98 -42.04 50.88 1.54
C LEU H 98 -41.79 52.36 1.78
N ALA H 99 -42.77 53.24 1.50
CA ALA H 99 -42.60 54.67 1.71
C ALA H 99 -42.25 54.97 3.19
N GLY H 100 -42.85 54.24 4.11
CA GLY H 100 -42.55 54.37 5.53
C GLY H 100 -41.16 53.89 5.89
N LEU H 101 -40.66 52.87 5.17
CA LEU H 101 -39.32 52.34 5.38
C LEU H 101 -38.28 53.35 4.88
N GLU H 102 -38.46 53.89 3.66
CA GLU H 102 -37.55 54.90 3.10
C GLU H 102 -37.75 56.31 3.69
N HIS H 103 -38.82 56.52 4.48
CA HIS H 103 -39.17 57.80 5.08
C HIS H 103 -39.52 58.84 4.00
N ALA H 104 -40.22 58.38 2.94
CA ALA H 104 -40.71 59.20 1.84
C ALA H 104 -42.20 59.52 2.07
N GLU H 105 -42.72 60.55 1.40
CA GLU H 105 -44.14 60.93 1.58
C GLU H 105 -45.04 59.86 0.99
N GLU H 106 -44.76 59.44 -0.26
CA GLU H 106 -45.56 58.46 -1.00
C GLU H 106 -44.64 57.51 -1.81
N ALA H 107 -45.23 56.48 -2.45
CA ALA H 107 -44.51 55.55 -3.31
C ALA H 107 -45.42 55.05 -4.42
N VAL H 108 -44.84 54.78 -5.62
CA VAL H 108 -45.61 54.33 -6.79
C VAL H 108 -44.98 53.03 -7.29
N ALA H 109 -45.80 51.96 -7.38
CA ALA H 109 -45.35 50.63 -7.79
C ALA H 109 -45.78 50.27 -9.21
N PHE H 110 -44.92 49.53 -9.92
CA PHE H 110 -45.07 49.10 -11.30
C PHE H 110 -44.72 47.60 -11.45
N ALA H 111 -44.98 47.03 -12.64
CA ALA H 111 -44.74 45.62 -12.95
C ALA H 111 -43.29 45.17 -12.72
N THR H 112 -42.31 46.00 -13.12
CA THR H 112 -40.87 45.72 -12.99
C THR H 112 -40.08 46.99 -12.60
N GLY H 113 -38.81 46.84 -12.22
CA GLY H 113 -37.93 47.97 -11.94
C GLY H 113 -37.72 48.83 -13.17
N MET H 114 -37.71 48.20 -14.36
CA MET H 114 -37.57 48.92 -15.63
C MET H 114 -38.82 49.75 -15.94
N ALA H 115 -40.01 49.27 -15.56
CA ALA H 115 -41.25 50.02 -15.74
C ALA H 115 -41.26 51.27 -14.88
N ALA H 116 -40.69 51.19 -13.66
CA ALA H 116 -40.59 52.32 -12.76
C ALA H 116 -39.60 53.34 -13.34
N MET H 117 -38.44 52.87 -13.85
CA MET H 117 -37.46 53.74 -14.52
C MET H 117 -38.11 54.44 -15.72
N THR H 118 -38.84 53.68 -16.55
CA THR H 118 -39.54 54.18 -17.73
C THR H 118 -40.51 55.28 -17.35
N ALA H 119 -41.30 55.07 -16.29
CA ALA H 119 -42.25 56.08 -15.83
C ALA H 119 -41.57 57.35 -15.36
N ALA H 120 -40.45 57.24 -14.62
CA ALA H 120 -39.71 58.39 -14.12
C ALA H 120 -39.10 59.18 -15.27
N LEU H 121 -38.64 58.50 -16.32
CA LEU H 121 -38.05 59.17 -17.47
C LEU H 121 -39.16 59.85 -18.28
N LEU H 122 -40.30 59.17 -18.49
CA LEU H 122 -41.41 59.77 -19.22
C LEU H 122 -41.99 60.96 -18.46
N ALA H 123 -41.99 60.93 -17.12
CA ALA H 123 -42.45 62.05 -16.30
C ALA H 123 -41.56 63.27 -16.51
N ALA H 124 -40.24 63.07 -16.61
CA ALA H 124 -39.29 64.14 -16.85
C ALA H 124 -39.43 64.70 -18.26
N VAL H 125 -39.62 63.83 -19.26
CA VAL H 125 -39.79 64.25 -20.65
C VAL H 125 -41.08 65.07 -20.79
N SER H 126 -42.18 64.57 -20.19
CA SER H 126 -43.48 65.24 -20.21
C SER H 126 -43.40 66.63 -19.56
N ALA H 127 -42.60 66.80 -18.50
CA ALA H 127 -42.42 68.08 -17.83
C ALA H 127 -41.62 69.12 -18.64
N GLY H 128 -40.98 68.69 -19.73
CA GLY H 128 -40.16 69.56 -20.56
C GLY H 128 -38.69 69.56 -20.18
N THR H 129 -38.23 68.48 -19.50
CA THR H 129 -36.84 68.31 -19.06
C THR H 129 -36.37 66.92 -19.52
N PRO H 130 -36.16 66.69 -20.83
CA PRO H 130 -35.77 65.35 -21.28
C PRO H 130 -34.32 64.94 -20.99
N HIS H 131 -33.43 65.91 -20.67
CA HIS H 131 -32.03 65.59 -20.43
C HIS H 131 -31.84 64.98 -19.03
N ILE H 132 -30.96 63.97 -18.93
CA ILE H 132 -30.66 63.25 -17.71
C ILE H 132 -29.14 63.22 -17.54
N VAL H 133 -28.65 63.48 -16.32
CA VAL H 133 -27.23 63.38 -16.01
C VAL H 133 -27.14 62.09 -15.21
N ALA H 134 -26.46 61.07 -15.72
CA ALA H 134 -26.37 59.78 -15.05
C ALA H 134 -24.91 59.41 -14.76
N VAL H 135 -24.67 58.74 -13.61
CA VAL H 135 -23.33 58.33 -13.18
C VAL H 135 -23.22 56.81 -13.29
N ARG H 136 -22.22 56.33 -14.04
CA ARG H 136 -21.96 54.91 -14.21
C ARG H 136 -21.05 54.37 -13.09
N PRO H 137 -21.05 53.05 -12.77
CA PRO H 137 -21.87 51.96 -13.33
C PRO H 137 -23.33 51.96 -12.88
N LEU H 138 -24.21 51.49 -13.78
CA LEU H 138 -25.65 51.32 -13.54
C LEU H 138 -26.04 49.94 -14.09
N TYR H 139 -27.25 49.45 -13.75
CA TYR H 139 -27.73 48.17 -14.27
C TYR H 139 -27.84 48.27 -15.82
N GLY H 140 -27.43 47.22 -16.52
CA GLY H 140 -27.43 47.12 -17.97
C GLY H 140 -28.64 47.71 -18.68
N GLY H 141 -29.82 47.40 -18.19
CA GLY H 141 -31.08 47.89 -18.73
C GLY H 141 -31.25 49.39 -18.51
N SER H 142 -30.98 49.87 -17.28
CA SER H 142 -31.06 51.30 -16.96
C SER H 142 -30.07 52.09 -17.83
N ASP H 143 -28.86 51.54 -18.04
CA ASP H 143 -27.85 52.16 -18.89
C ASP H 143 -28.32 52.19 -20.35
N HIS H 144 -28.75 51.03 -20.87
CA HIS H 144 -29.18 50.91 -22.27
C HIS H 144 -30.40 51.78 -22.58
N LEU H 145 -31.38 51.87 -21.67
CA LEU H 145 -32.58 52.68 -21.87
C LEU H 145 -32.23 54.16 -21.99
N LEU H 146 -31.20 54.63 -21.25
CA LEU H 146 -30.74 56.01 -21.34
C LEU H 146 -29.93 56.23 -22.63
N GLU H 147 -29.00 55.30 -22.94
CA GLU H 147 -28.17 55.37 -24.15
C GLU H 147 -29.01 55.45 -25.44
N THR H 148 -30.02 54.57 -25.57
CA THR H 148 -30.86 54.53 -26.76
C THR H 148 -31.77 55.74 -26.88
N GLY H 149 -32.21 56.29 -25.75
CA GLY H 149 -33.11 57.43 -25.74
C GLY H 149 -34.46 57.08 -26.33
N LEU H 150 -34.94 55.86 -26.03
CA LEU H 150 -36.23 55.33 -26.53
C LEU H 150 -37.40 56.23 -26.13
N LEU H 151 -37.38 56.74 -24.91
CA LEU H 151 -38.47 57.54 -24.36
C LEU H 151 -38.30 59.06 -24.58
N GLY H 152 -37.52 59.44 -25.59
CA GLY H 152 -37.29 60.86 -25.89
C GLY H 152 -36.34 61.55 -24.94
N THR H 153 -35.43 60.80 -24.31
CA THR H 153 -34.45 61.36 -23.37
C THR H 153 -33.08 61.51 -24.01
N THR H 154 -32.31 62.49 -23.55
CA THR H 154 -30.92 62.71 -23.93
C THR H 154 -30.12 62.49 -22.63
N VAL H 155 -28.92 61.87 -22.71
CA VAL H 155 -28.13 61.57 -21.52
C VAL H 155 -26.71 62.11 -21.64
N THR H 156 -26.15 62.52 -20.50
CA THR H 156 -24.77 62.97 -20.38
C THR H 156 -24.18 62.11 -19.27
N TRP H 157 -23.28 61.19 -19.66
CA TRP H 157 -22.62 60.31 -18.70
C TRP H 157 -21.52 61.11 -18.01
N ALA H 158 -21.65 61.31 -16.68
CA ALA H 158 -20.71 62.09 -15.91
C ALA H 158 -20.17 61.33 -14.71
N LYS H 159 -18.95 61.68 -14.28
CA LYS H 159 -18.35 61.11 -13.08
C LYS H 159 -18.96 61.80 -11.86
N GLU H 160 -18.85 61.16 -10.68
CA GLU H 160 -19.41 61.70 -9.44
C GLU H 160 -18.99 63.17 -9.17
N ALA H 161 -17.72 63.50 -9.36
CA ALA H 161 -17.22 64.86 -9.13
C ALA H 161 -17.69 65.87 -10.19
N ASP H 162 -17.93 65.43 -11.44
CA ASP H 162 -18.32 66.30 -12.54
C ASP H 162 -19.85 66.36 -12.78
N ILE H 163 -20.67 66.23 -11.72
CA ILE H 163 -22.14 66.28 -11.88
C ILE H 163 -22.59 67.73 -12.15
N ALA H 164 -22.18 68.67 -11.30
CA ALA H 164 -22.55 70.08 -11.43
C ALA H 164 -22.30 70.66 -12.82
N SER H 165 -21.15 70.34 -13.43
CA SER H 165 -20.78 70.83 -14.77
C SER H 165 -21.64 70.19 -15.88
N ALA H 166 -21.97 68.91 -15.74
CA ALA H 166 -22.78 68.18 -16.73
C ALA H 166 -24.24 68.64 -16.79
N ILE H 167 -24.74 69.34 -15.75
CA ILE H 167 -26.14 69.77 -15.70
C ILE H 167 -26.40 70.93 -16.67
N GLN H 168 -27.49 70.82 -17.44
CA GLN H 168 -27.98 71.78 -18.42
C GLN H 168 -29.32 72.35 -17.94
N ASP H 169 -29.82 73.43 -18.59
CA ASP H 169 -31.15 73.97 -18.28
C ASP H 169 -32.25 72.93 -18.58
N ASP H 170 -31.98 71.98 -19.51
CA ASP H 170 -32.90 70.93 -19.94
C ASP H 170 -32.86 69.70 -19.01
N THR H 171 -32.02 69.65 -17.96
CA THR H 171 -31.94 68.46 -17.10
C THR H 171 -33.15 68.31 -16.17
N GLY H 172 -33.73 67.12 -16.16
CA GLY H 172 -34.86 66.75 -15.33
C GLY H 172 -34.48 65.87 -14.15
N LEU H 173 -33.40 65.05 -14.30
CA LEU H 173 -32.96 64.14 -13.25
C LEU H 173 -31.46 63.88 -13.23
N VAL H 174 -30.95 63.42 -12.06
CA VAL H 174 -29.58 62.99 -11.85
C VAL H 174 -29.72 61.56 -11.32
N ILE H 175 -29.42 60.57 -12.17
CA ILE H 175 -29.55 59.15 -11.83
C ILE H 175 -28.24 58.58 -11.30
N VAL H 176 -28.26 58.09 -10.04
CA VAL H 176 -27.09 57.47 -9.39
C VAL H 176 -27.51 56.12 -8.76
N GLU H 177 -26.51 55.25 -8.48
CA GLU H 177 -26.70 53.90 -7.94
C GLU H 177 -25.51 53.54 -7.02
N THR H 178 -25.75 53.24 -5.73
CA THR H 178 -24.67 52.90 -4.79
C THR H 178 -25.13 51.83 -3.77
N PRO H 179 -24.45 50.66 -3.64
CA PRO H 179 -23.32 50.17 -4.45
C PRO H 179 -23.76 49.92 -5.89
N ALA H 180 -22.92 50.28 -6.87
CA ALA H 180 -23.26 50.13 -8.29
C ALA H 180 -23.35 48.68 -8.73
N ASN H 181 -24.18 48.42 -9.77
CA ASN H 181 -24.33 47.10 -10.34
C ASN H 181 -23.39 47.04 -11.55
N PRO H 182 -22.36 46.14 -11.65
CA PRO H 182 -21.99 45.02 -10.75
C PRO H 182 -20.83 45.21 -9.76
N SER H 183 -19.86 46.10 -10.09
CA SER H 183 -18.62 46.30 -9.33
C SER H 183 -18.75 46.92 -7.91
N LEU H 184 -19.96 47.28 -7.47
CA LEU H 184 -20.22 47.82 -6.12
C LEU H 184 -19.48 49.14 -5.84
N ASP H 185 -19.41 50.01 -6.85
CA ASP H 185 -18.79 51.32 -6.71
C ASP H 185 -19.69 52.17 -5.81
N LEU H 186 -19.11 52.84 -4.82
CA LEU H 186 -19.87 53.65 -3.87
C LEU H 186 -19.89 55.12 -4.30
N VAL H 187 -20.99 55.82 -3.98
CA VAL H 187 -21.20 57.22 -4.34
C VAL H 187 -21.64 57.98 -3.09
N ASP H 188 -21.01 59.13 -2.78
CA ASP H 188 -21.39 59.94 -1.64
C ASP H 188 -22.66 60.70 -2.02
N LEU H 189 -23.80 60.30 -1.44
CA LEU H 189 -25.10 60.90 -1.76
C LEU H 189 -25.23 62.35 -1.28
N ASP H 190 -24.55 62.73 -0.18
CA ASP H 190 -24.58 64.12 0.29
C ASP H 190 -23.90 65.04 -0.75
N SER H 191 -22.78 64.59 -1.32
CA SER H 191 -22.06 65.37 -2.34
C SER H 191 -22.83 65.46 -3.65
N VAL H 192 -23.51 64.37 -4.05
CA VAL H 192 -24.29 64.36 -5.29
C VAL H 192 -25.46 65.33 -5.18
N VAL H 193 -26.18 65.32 -4.06
CA VAL H 193 -27.32 66.22 -3.84
C VAL H 193 -26.83 67.67 -3.85
N SER H 194 -25.68 67.95 -3.22
CA SER H 194 -25.10 69.29 -3.21
C SER H 194 -24.74 69.75 -4.64
N ALA H 195 -24.14 68.86 -5.45
CA ALA H 195 -23.77 69.19 -6.83
C ALA H 195 -24.99 69.36 -7.76
N ALA H 196 -26.07 68.61 -7.51
CA ALA H 196 -27.28 68.69 -8.33
C ALA H 196 -28.02 70.01 -8.13
N GLY H 197 -28.11 70.47 -6.88
CA GLY H 197 -28.79 71.72 -6.55
C GLY H 197 -30.29 71.63 -6.76
N ASN H 198 -30.81 72.40 -7.71
CA ASN H 198 -32.23 72.43 -8.02
C ASN H 198 -32.72 71.18 -8.75
N VAL H 199 -31.83 70.38 -9.35
CA VAL H 199 -32.24 69.20 -10.11
C VAL H 199 -32.54 68.05 -9.15
N PRO H 200 -33.70 67.35 -9.26
CA PRO H 200 -33.95 66.23 -8.35
C PRO H 200 -33.03 65.03 -8.61
N VAL H 201 -32.70 64.29 -7.55
CA VAL H 201 -31.79 63.14 -7.64
C VAL H 201 -32.57 61.85 -7.46
N LEU H 202 -32.35 60.91 -8.40
CA LEU H 202 -32.94 59.59 -8.32
C LEU H 202 -31.84 58.62 -7.94
N VAL H 203 -31.99 57.95 -6.79
CA VAL H 203 -31.02 57.00 -6.28
C VAL H 203 -31.62 55.60 -6.37
N ASP H 204 -30.95 54.68 -7.06
CA ASP H 204 -31.41 53.30 -7.18
C ASP H 204 -30.85 52.52 -5.99
N ASN H 205 -31.69 52.35 -4.96
CA ASN H 205 -31.36 51.69 -3.70
C ASN H 205 -31.75 50.21 -3.67
N THR H 206 -31.61 49.50 -4.79
CA THR H 206 -31.96 48.08 -4.85
C THR H 206 -30.99 47.23 -4.01
N PHE H 207 -29.68 47.43 -4.20
CA PHE H 207 -28.64 46.65 -3.53
C PHE H 207 -28.60 46.82 -1.99
N CYS H 208 -28.70 48.07 -1.48
CA CYS H 208 -28.67 48.32 -0.02
C CYS H 208 -29.98 47.93 0.67
N THR H 209 -31.14 48.35 0.10
CA THR H 209 -32.51 48.22 0.62
C THR H 209 -32.72 49.27 1.73
N PRO H 210 -33.99 49.59 2.17
CA PRO H 210 -34.13 50.55 3.29
C PRO H 210 -33.52 50.08 4.61
N VAL H 211 -33.03 48.83 4.68
CA VAL H 211 -32.41 48.29 5.89
C VAL H 211 -31.04 48.97 6.07
N LEU H 212 -30.27 49.12 4.97
CA LEU H 212 -28.91 49.65 5.01
C LEU H 212 -28.69 51.09 4.53
N GLN H 213 -29.55 51.65 3.66
CA GLN H 213 -29.35 53.01 3.16
C GLN H 213 -30.65 53.78 3.03
N GLN H 214 -30.65 55.07 3.45
CA GLN H 214 -31.83 55.94 3.40
C GLN H 214 -31.48 57.15 2.52
N PRO H 215 -31.50 57.00 1.17
CA PRO H 215 -31.20 58.17 0.32
C PRO H 215 -32.08 59.38 0.59
N ILE H 216 -33.36 59.21 1.01
CA ILE H 216 -34.26 60.34 1.27
C ILE H 216 -33.65 61.26 2.34
N SER H 217 -33.01 60.67 3.37
CA SER H 217 -32.33 61.41 4.43
C SER H 217 -31.18 62.28 3.90
N HIS H 218 -30.50 61.84 2.82
CA HIS H 218 -29.42 62.59 2.19
C HIS H 218 -29.91 63.70 1.23
N GLY H 219 -31.21 63.75 0.96
CA GLY H 219 -31.84 64.75 0.11
C GLY H 219 -32.22 64.27 -1.28
N ALA H 220 -32.32 62.94 -1.49
CA ALA H 220 -32.74 62.41 -2.79
C ALA H 220 -34.22 62.64 -2.95
N ALA H 221 -34.65 63.10 -4.13
CA ALA H 221 -36.06 63.36 -4.38
C ALA H 221 -36.83 62.05 -4.61
N LEU H 222 -36.26 61.12 -5.39
CA LEU H 222 -36.90 59.83 -5.65
C LEU H 222 -35.90 58.68 -5.43
N VAL H 223 -36.41 57.53 -4.91
CA VAL H 223 -35.61 56.35 -4.61
C VAL H 223 -36.22 55.13 -5.30
N LEU H 224 -35.53 54.59 -6.31
CA LEU H 224 -36.00 53.43 -7.08
C LEU H 224 -35.49 52.13 -6.47
N HIS H 225 -36.33 51.09 -6.53
CA HIS H 225 -36.00 49.75 -6.07
C HIS H 225 -36.52 48.76 -7.09
N SER H 226 -35.70 47.79 -7.48
CA SER H 226 -36.17 46.67 -8.28
C SER H 226 -36.68 45.72 -7.20
N ALA H 227 -37.98 45.80 -6.90
CA ALA H 227 -38.59 44.97 -5.86
C ALA H 227 -38.42 43.47 -6.09
N THR H 228 -38.21 43.07 -7.36
CA THR H 228 -37.89 41.69 -7.78
C THR H 228 -36.75 41.09 -6.90
N GLN H 229 -35.78 41.95 -6.56
CA GLN H 229 -34.60 41.59 -5.76
C GLN H 229 -34.75 42.13 -4.35
N TYR H 230 -34.49 41.29 -3.32
CA TYR H 230 -34.50 41.64 -1.90
C TYR H 230 -35.88 41.94 -1.30
N LEU H 231 -36.65 42.89 -1.88
CA LEU H 231 -37.99 43.21 -1.34
C LEU H 231 -38.89 41.98 -1.43
N GLY H 232 -38.85 41.28 -2.56
CA GLY H 232 -39.57 40.02 -2.72
C GLY H 232 -38.83 38.94 -1.95
N GLY H 233 -37.53 38.82 -2.24
CA GLY H 233 -36.61 37.94 -1.54
C GLY H 233 -36.67 36.45 -1.83
N HIS H 234 -37.69 35.97 -2.56
CA HIS H 234 -37.81 34.55 -2.87
C HIS H 234 -37.78 34.22 -4.38
N GLY H 235 -37.40 35.18 -5.21
CA GLY H 235 -37.29 35.01 -6.66
C GLY H 235 -38.57 34.56 -7.33
N ASP H 236 -39.72 35.09 -6.90
CA ASP H 236 -41.02 34.71 -7.45
C ASP H 236 -42.01 35.87 -7.60
N ALA H 237 -41.53 37.12 -7.58
CA ALA H 237 -42.40 38.27 -7.72
C ALA H 237 -41.64 39.42 -8.36
N MET H 238 -41.98 39.73 -9.62
CA MET H 238 -41.37 40.85 -10.32
C MET H 238 -42.01 42.13 -9.76
N GLY H 239 -41.24 43.20 -9.72
CA GLY H 239 -41.76 44.46 -9.22
C GLY H 239 -40.79 45.61 -9.30
N GLY H 240 -41.33 46.82 -9.26
CA GLY H 240 -40.58 48.06 -9.31
C GLY H 240 -41.31 49.10 -8.50
N ILE H 241 -40.59 49.94 -7.74
CA ILE H 241 -41.23 50.92 -6.87
C ILE H 241 -40.32 52.12 -6.63
N ILE H 242 -40.91 53.34 -6.60
CA ILE H 242 -40.17 54.57 -6.36
C ILE H 242 -40.77 55.27 -5.14
N ALA H 243 -39.99 55.40 -4.06
CA ALA H 243 -40.41 56.12 -2.86
C ALA H 243 -40.01 57.57 -3.09
N THR H 244 -40.98 58.51 -3.06
CA THR H 244 -40.70 59.92 -3.39
C THR H 244 -41.71 60.91 -2.74
N ASN H 245 -41.49 62.23 -2.92
CA ASN H 245 -42.40 63.28 -2.46
C ASN H 245 -43.74 63.23 -3.24
N ALA H 246 -44.73 64.00 -2.82
CA ALA H 246 -46.05 64.03 -3.47
C ALA H 246 -46.04 64.54 -4.93
N ASP H 247 -45.17 65.52 -5.26
CA ASP H 247 -45.11 66.05 -6.62
C ASP H 247 -44.69 64.98 -7.63
N TRP H 248 -43.60 64.25 -7.34
CA TRP H 248 -43.12 63.20 -8.24
C TRP H 248 -44.04 61.99 -8.23
N ALA H 249 -44.67 61.67 -7.09
CA ALA H 249 -45.61 60.56 -7.02
C ALA H 249 -46.80 60.81 -7.93
N MET H 250 -47.28 62.07 -7.97
CA MET H 250 -48.39 62.47 -8.83
C MET H 250 -48.00 62.31 -10.30
N ARG H 251 -46.79 62.74 -10.66
CA ARG H 251 -46.29 62.62 -12.03
C ARG H 251 -46.15 61.16 -12.45
N LEU H 252 -45.63 60.31 -11.55
CA LEU H 252 -45.47 58.89 -11.82
C LEU H 252 -46.81 58.19 -11.98
N ARG H 253 -47.81 58.52 -11.13
CA ARG H 253 -49.14 57.94 -11.23
C ARG H 253 -49.88 58.43 -12.47
N GLN H 254 -49.62 59.67 -12.96
CA GLN H 254 -50.23 60.16 -14.20
C GLN H 254 -49.76 59.28 -15.37
N VAL H 255 -48.45 58.95 -15.38
CA VAL H 255 -47.86 58.11 -16.42
C VAL H 255 -48.40 56.69 -16.29
N ARG H 256 -48.47 56.16 -15.06
CA ARG H 256 -48.97 54.80 -14.79
C ARG H 256 -50.41 54.61 -15.25
N ALA H 257 -51.28 55.59 -15.00
CA ALA H 257 -52.69 55.50 -15.37
C ALA H 257 -52.92 55.45 -16.89
N ILE H 258 -51.99 55.99 -17.70
CA ILE H 258 -52.15 56.01 -19.16
C ILE H 258 -51.26 54.95 -19.87
N THR H 259 -50.06 54.64 -19.35
CA THR H 259 -49.19 53.61 -19.95
C THR H 259 -49.44 52.20 -19.37
N GLY H 260 -50.06 52.10 -18.21
CA GLY H 260 -50.48 50.85 -17.59
C GLY H 260 -49.47 49.72 -17.35
N ALA H 261 -48.27 50.02 -16.83
CA ALA H 261 -47.31 48.97 -16.48
C ALA H 261 -47.59 48.62 -15.02
N LEU H 262 -48.75 48.00 -14.79
CA LEU H 262 -49.24 47.71 -13.44
C LEU H 262 -48.65 46.50 -12.76
N LEU H 263 -48.56 46.58 -11.43
CA LEU H 263 -48.12 45.49 -10.58
C LEU H 263 -49.37 44.67 -10.28
N HIS H 264 -49.35 43.37 -10.59
CA HIS H 264 -50.50 42.49 -10.39
C HIS H 264 -50.85 42.37 -8.89
N PRO H 265 -52.15 42.29 -8.48
CA PRO H 265 -52.44 42.16 -7.04
C PRO H 265 -51.69 41.07 -6.26
N MET H 266 -51.38 39.92 -6.90
CA MET H 266 -50.62 38.86 -6.24
C MET H 266 -49.14 39.24 -6.13
N GLY H 267 -48.60 39.93 -7.13
CA GLY H 267 -47.23 40.43 -7.09
C GLY H 267 -47.03 41.39 -5.94
N ALA H 268 -48.00 42.31 -5.75
CA ALA H 268 -47.99 43.26 -4.64
C ALA H 268 -48.11 42.56 -3.30
N TYR H 269 -48.92 41.50 -3.22
CA TYR H 269 -49.08 40.72 -2.01
C TYR H 269 -47.76 40.06 -1.58
N LEU H 270 -47.04 39.42 -2.51
CA LEU H 270 -45.79 38.75 -2.19
C LEU H 270 -44.64 39.71 -1.91
N LEU H 271 -44.65 40.90 -2.54
CA LEU H 271 -43.59 41.90 -2.29
C LEU H 271 -43.81 42.54 -0.92
N HIS H 272 -45.08 42.80 -0.55
CA HIS H 272 -45.46 43.33 0.78
C HIS H 272 -45.14 42.27 1.85
N ARG H 273 -45.46 40.99 1.56
CA ARG H 273 -45.18 39.83 2.42
C ARG H 273 -43.65 39.69 2.65
N GLY H 274 -42.87 39.93 1.59
CA GLY H 274 -41.42 39.87 1.65
C GLY H 274 -40.81 40.95 2.52
N LEU H 275 -41.45 42.12 2.62
CA LEU H 275 -40.95 43.20 3.47
C LEU H 275 -40.97 42.80 4.95
N ARG H 276 -41.85 41.88 5.36
CA ARG H 276 -41.98 41.45 6.76
C ARG H 276 -40.74 40.71 7.27
N THR H 277 -39.99 40.05 6.37
CA THR H 277 -38.77 39.30 6.69
C THR H 277 -37.51 40.00 6.10
N LEU H 278 -37.61 41.24 5.60
CA LEU H 278 -36.47 41.90 4.96
C LEU H 278 -35.29 42.17 5.91
N ALA H 279 -35.53 42.59 7.16
CA ALA H 279 -34.44 42.84 8.10
C ALA H 279 -33.72 41.55 8.48
N VAL H 280 -34.46 40.46 8.76
CA VAL H 280 -33.83 39.19 9.16
C VAL H 280 -33.10 38.53 7.99
N ARG H 281 -33.60 38.70 6.74
CA ARG H 281 -32.94 38.12 5.57
C ARG H 281 -31.68 38.91 5.22
N MET H 282 -31.76 40.25 5.23
CA MET H 282 -30.62 41.12 4.92
C MET H 282 -29.50 40.91 5.95
N ARG H 283 -29.82 40.92 7.25
CA ARG H 283 -28.83 40.72 8.31
C ARG H 283 -28.13 39.35 8.21
N ALA H 284 -28.87 38.29 7.85
CA ALA H 284 -28.28 36.95 7.74
C ALA H 284 -27.36 36.83 6.52
N ALA H 285 -27.80 37.33 5.34
CA ALA H 285 -27.01 37.27 4.12
C ALA H 285 -25.80 38.18 4.19
N GLN H 286 -25.92 39.34 4.86
CA GLN H 286 -24.82 40.29 5.07
C GLN H 286 -23.69 39.66 5.91
N THR H 287 -24.05 38.93 6.95
CA THR H 287 -23.09 38.26 7.82
C THR H 287 -22.32 37.20 7.01
N THR H 288 -23.04 36.40 6.21
CA THR H 288 -22.44 35.38 5.36
C THR H 288 -21.53 36.00 4.31
N ALA H 289 -21.96 37.13 3.71
CA ALA H 289 -21.17 37.81 2.69
C ALA H 289 -19.88 38.43 3.22
N GLY H 290 -19.93 39.04 4.39
CA GLY H 290 -18.74 39.63 5.00
C GLY H 290 -17.65 38.60 5.24
N GLU H 291 -18.06 37.37 5.62
CA GLU H 291 -17.17 36.25 5.85
C GLU H 291 -16.66 35.68 4.53
N LEU H 292 -17.54 35.54 3.52
CA LEU H 292 -17.15 35.00 2.22
C LEU H 292 -16.15 35.91 1.51
N ALA H 293 -16.38 37.23 1.52
CA ALA H 293 -15.48 38.18 0.87
C ALA H 293 -14.03 38.08 1.40
N GLU H 294 -13.84 37.79 2.70
CA GLU H 294 -12.47 37.65 3.24
C GLU H 294 -11.84 36.29 2.86
N ARG H 295 -12.64 35.20 2.74
CA ARG H 295 -12.12 33.90 2.30
C ARG H 295 -11.76 33.95 0.81
N LEU H 296 -12.61 34.61 0.00
CA LEU H 296 -12.42 34.74 -1.43
C LEU H 296 -11.24 35.64 -1.76
N ASP H 297 -10.97 36.67 -0.94
CA ASP H 297 -9.82 37.55 -1.15
C ASP H 297 -8.51 36.78 -0.93
N ALA H 298 -8.50 35.85 0.03
CA ALA H 298 -7.34 35.01 0.32
C ALA H 298 -7.02 33.98 -0.77
N HIS H 299 -7.99 33.63 -1.65
CA HIS H 299 -7.75 32.63 -2.68
C HIS H 299 -6.79 33.17 -3.77
N PRO H 300 -5.82 32.37 -4.26
CA PRO H 300 -4.90 32.91 -5.29
C PRO H 300 -5.52 33.15 -6.66
N ALA H 301 -6.60 32.42 -6.99
CA ALA H 301 -7.29 32.58 -8.27
C ALA H 301 -7.96 33.95 -8.43
N ILE H 302 -8.34 34.59 -7.31
CA ILE H 302 -8.98 35.90 -7.34
C ILE H 302 -7.96 36.98 -7.00
N SER H 303 -7.83 37.99 -7.89
CA SER H 303 -6.90 39.10 -7.70
C SER H 303 -7.51 40.21 -6.83
N VAL H 304 -8.73 40.66 -7.16
CA VAL H 304 -9.42 41.76 -6.45
C VAL H 304 -10.80 41.30 -6.00
N VAL H 305 -11.20 41.63 -4.76
CA VAL H 305 -12.54 41.33 -4.25
C VAL H 305 -13.16 42.67 -3.87
N HIS H 306 -14.28 43.01 -4.50
CA HIS H 306 -15.01 44.24 -4.22
C HIS H 306 -16.10 43.93 -3.21
N TYR H 307 -16.00 44.51 -2.01
CA TYR H 307 -17.00 44.38 -0.96
C TYR H 307 -16.91 45.60 -0.02
N PRO H 308 -17.95 46.43 0.17
CA PRO H 308 -17.78 47.64 1.03
C PRO H 308 -17.23 47.40 2.44
N GLY H 309 -17.63 46.32 3.09
CA GLY H 309 -17.16 45.98 4.43
C GLY H 309 -15.70 45.62 4.54
N LEU H 310 -15.06 45.23 3.42
CA LEU H 310 -13.64 44.89 3.40
C LEU H 310 -12.79 46.13 3.60
N LYS H 311 -11.58 45.93 4.14
CA LYS H 311 -10.63 46.98 4.50
C LYS H 311 -10.03 47.64 3.25
N GLY H 312 -9.99 48.97 3.23
CA GLY H 312 -9.49 49.73 2.09
C GLY H 312 -10.55 50.10 1.08
N GLN H 313 -11.67 49.34 1.03
CA GLN H 313 -12.76 49.59 0.07
C GLN H 313 -13.61 50.82 0.42
N ASP H 314 -13.51 51.34 1.65
CA ASP H 314 -14.30 52.50 2.06
C ASP H 314 -13.39 53.67 2.47
N PRO H 315 -12.78 54.42 1.52
CA PRO H 315 -11.92 55.55 1.92
C PRO H 315 -12.66 56.78 2.43
N ARG H 316 -13.84 57.09 1.85
CA ARG H 316 -14.63 58.26 2.22
C ARG H 316 -15.44 58.13 3.53
N GLY H 317 -15.40 56.96 4.17
CA GLY H 317 -16.11 56.75 5.42
C GLY H 317 -17.62 56.73 5.27
N LEU H 318 -18.10 56.21 4.14
CA LEU H 318 -19.54 56.11 3.87
C LEU H 318 -20.21 55.00 4.68
N LEU H 319 -19.45 53.99 5.17
CA LEU H 319 -20.02 52.94 5.99
C LEU H 319 -20.17 53.54 7.39
N GLY H 320 -21.41 53.58 7.87
CA GLY H 320 -21.78 54.19 9.16
C GLY H 320 -22.53 55.48 8.92
N ARG H 321 -21.94 56.37 8.12
CA ARG H 321 -22.53 57.67 7.78
C ARG H 321 -23.72 57.53 6.81
N GLN H 322 -23.56 56.73 5.75
CA GLN H 322 -24.56 56.51 4.71
C GLN H 322 -25.13 55.08 4.71
N MET H 323 -24.25 54.06 4.80
CA MET H 323 -24.63 52.65 4.78
C MET H 323 -24.42 52.00 6.14
N SER H 324 -25.47 51.45 6.76
CA SER H 324 -25.35 50.77 8.04
C SER H 324 -24.95 49.29 7.88
N GLY H 325 -24.13 48.97 6.89
CA GLY H 325 -23.69 47.60 6.64
C GLY H 325 -23.01 47.44 5.30
N GLY H 326 -22.28 46.33 5.16
CA GLY H 326 -21.54 46.02 3.95
C GLY H 326 -22.36 45.47 2.80
N GLY H 327 -23.54 44.94 3.07
CA GLY H 327 -24.41 44.37 2.04
C GLY H 327 -24.22 42.87 1.87
N ALA H 328 -24.99 42.29 0.93
CA ALA H 328 -24.92 40.85 0.62
C ALA H 328 -24.55 40.58 -0.83
N MET H 329 -23.85 41.51 -1.49
CA MET H 329 -23.39 41.35 -2.87
C MET H 329 -21.88 41.41 -2.86
N ILE H 330 -21.21 40.54 -3.65
CA ILE H 330 -19.75 40.53 -3.76
C ILE H 330 -19.39 40.37 -5.22
N ALA H 331 -18.56 41.29 -5.74
CA ALA H 331 -18.03 41.20 -7.09
C ALA H 331 -16.53 40.94 -6.99
N MET H 332 -15.94 40.26 -7.98
CA MET H 332 -14.50 39.95 -7.95
C MET H 332 -13.87 39.89 -9.33
N GLU H 333 -12.59 40.26 -9.41
CA GLU H 333 -11.81 40.24 -10.65
C GLU H 333 -10.93 38.99 -10.59
N LEU H 334 -11.03 38.12 -11.61
CA LEU H 334 -10.24 36.88 -11.65
C LEU H 334 -8.85 37.16 -12.23
N ALA H 335 -7.83 36.46 -11.73
CA ALA H 335 -6.46 36.63 -12.20
C ALA H 335 -6.28 36.14 -13.63
N GLY H 336 -6.94 35.04 -13.99
CA GLY H 336 -6.86 34.47 -15.34
C GLY H 336 -7.74 35.12 -16.38
N GLY H 337 -8.38 36.25 -16.06
CA GLY H 337 -9.22 36.97 -17.00
C GLY H 337 -10.55 36.31 -17.29
N PHE H 338 -11.00 36.38 -18.55
CA PHE H 338 -12.28 35.81 -18.97
C PHE H 338 -12.34 34.29 -18.79
N ASP H 339 -11.30 33.55 -19.17
CA ASP H 339 -11.32 32.09 -19.07
C ASP H 339 -11.50 31.60 -17.63
N ALA H 340 -10.83 32.25 -16.66
CA ALA H 340 -10.97 31.89 -15.24
C ALA H 340 -12.38 32.24 -14.73
N ALA H 341 -12.89 33.41 -15.15
CA ALA H 341 -14.24 33.87 -14.78
C ALA H 341 -15.31 32.92 -15.35
N ARG H 342 -15.12 32.47 -16.59
CA ARG H 342 -16.03 31.54 -17.26
C ARG H 342 -16.03 30.19 -16.54
N SER H 343 -14.83 29.64 -16.26
CA SER H 343 -14.70 28.36 -15.57
C SER H 343 -15.26 28.40 -14.15
N PHE H 344 -15.14 29.55 -13.46
CA PHE H 344 -15.65 29.71 -12.09
C PHE H 344 -17.17 29.50 -12.04
N VAL H 345 -17.95 30.24 -12.85
CA VAL H 345 -19.41 30.10 -12.85
C VAL H 345 -19.88 28.74 -13.39
N GLU H 346 -19.13 28.15 -14.33
CA GLU H 346 -19.53 26.89 -14.93
C GLU H 346 -19.25 25.67 -14.02
N HIS H 347 -18.31 25.79 -13.06
CA HIS H 347 -18.02 24.71 -12.12
C HIS H 347 -18.76 24.85 -10.76
N CYS H 348 -19.67 25.83 -10.62
CA CYS H 348 -20.46 25.98 -9.40
C CYS H 348 -21.62 24.98 -9.45
N ASN H 349 -21.93 24.32 -8.32
CA ASN H 349 -23.02 23.34 -8.26
C ASN H 349 -24.14 23.82 -7.30
N LEU H 350 -23.81 24.10 -6.03
CA LEU H 350 -24.76 24.62 -5.06
C LEU H 350 -25.10 26.06 -5.43
N VAL H 351 -24.07 26.88 -5.74
CA VAL H 351 -24.27 28.24 -6.21
C VAL H 351 -24.72 28.11 -7.66
N VAL H 352 -25.84 28.74 -8.01
CA VAL H 352 -26.41 28.60 -9.34
C VAL H 352 -26.04 29.76 -10.29
N HIS H 353 -25.66 29.41 -11.54
CA HIS H 353 -25.32 30.39 -12.57
C HIS H 353 -26.62 30.97 -13.13
N ALA H 354 -27.02 32.16 -12.65
CA ALA H 354 -28.25 32.84 -13.05
C ALA H 354 -28.20 34.34 -12.72
N VAL H 355 -29.01 35.14 -13.44
CA VAL H 355 -29.14 36.58 -13.15
C VAL H 355 -30.12 36.78 -11.93
N SER H 356 -30.35 38.04 -11.50
CA SER H 356 -31.18 38.42 -10.34
C SER H 356 -30.38 38.30 -9.04
N LEU H 357 -30.85 38.95 -7.98
CA LEU H 357 -30.15 39.01 -6.72
C LEU H 357 -31.12 39.19 -5.53
N GLY H 358 -30.60 39.13 -4.30
CA GLY H 358 -31.40 39.28 -3.09
C GLY H 358 -32.31 38.13 -2.70
N GLY H 359 -32.17 36.99 -3.37
CA GLY H 359 -33.00 35.82 -3.09
C GLY H 359 -32.50 34.99 -1.94
N ALA H 360 -33.29 33.97 -1.57
CA ALA H 360 -32.93 33.05 -0.49
C ALA H 360 -31.71 32.18 -0.85
N ASP H 361 -31.43 31.97 -2.15
CA ASP H 361 -30.31 31.19 -2.62
C ASP H 361 -29.20 32.06 -3.23
N THR H 362 -27.97 31.52 -3.25
CA THR H 362 -26.79 32.20 -3.76
C THR H 362 -26.71 31.99 -5.26
N LEU H 363 -26.56 33.11 -6.01
CA LEU H 363 -26.46 33.09 -7.47
C LEU H 363 -25.15 33.75 -7.91
N ILE H 364 -24.70 33.41 -9.12
CA ILE H 364 -23.45 33.91 -9.68
C ILE H 364 -23.63 34.13 -11.19
N GLN H 365 -22.95 35.13 -11.75
CA GLN H 365 -23.05 35.43 -13.17
C GLN H 365 -21.89 36.31 -13.64
N HIS H 366 -21.65 36.32 -14.97
CA HIS H 366 -20.62 37.13 -15.62
C HIS H 366 -21.33 38.36 -16.18
N PRO H 367 -21.25 39.53 -15.52
CA PRO H 367 -22.01 40.70 -15.99
C PRO H 367 -21.85 41.09 -17.46
N ALA H 368 -20.63 41.12 -17.98
CA ALA H 368 -20.38 41.51 -19.37
C ALA H 368 -21.15 40.62 -20.38
N SER H 369 -21.43 39.37 -20.01
CA SER H 369 -22.15 38.42 -20.86
C SER H 369 -23.66 38.40 -20.65
N LEU H 370 -24.15 38.82 -19.47
CA LEU H 370 -25.59 38.76 -19.19
C LEU H 370 -26.20 40.14 -18.78
N THR H 371 -26.18 40.53 -17.47
CA THR H 371 -26.84 41.76 -16.99
C THR H 371 -26.41 43.00 -17.74
N HIS H 372 -25.11 43.14 -18.02
CA HIS H 372 -24.57 44.30 -18.72
C HIS H 372 -24.18 44.00 -20.17
N ARG H 373 -24.89 43.08 -20.83
CA ARG H 373 -24.64 42.77 -22.24
C ARG H 373 -25.13 43.91 -23.16
N PRO H 374 -26.30 44.57 -22.93
CA PRO H 374 -26.72 45.66 -23.83
C PRO H 374 -25.95 46.97 -23.65
N VAL H 375 -24.96 47.01 -22.73
CA VAL H 375 -24.17 48.20 -22.47
C VAL H 375 -23.12 48.37 -23.58
N ALA H 376 -22.77 49.64 -23.89
CA ALA H 376 -21.77 49.96 -24.90
C ALA H 376 -20.42 49.34 -24.53
N ALA H 377 -19.64 48.92 -25.53
CA ALA H 377 -18.34 48.29 -25.31
C ALA H 377 -17.40 49.07 -24.37
N THR H 378 -17.34 50.41 -24.55
CA THR H 378 -16.49 51.26 -23.71
C THR H 378 -16.93 51.27 -22.24
N ALA H 379 -18.24 51.20 -22.00
CA ALA H 379 -18.83 51.22 -20.66
C ALA H 379 -19.09 49.84 -20.05
N LYS H 380 -18.83 48.75 -20.79
CA LYS H 380 -19.11 47.40 -20.27
C LYS H 380 -18.18 47.05 -19.09
N PRO H 381 -18.60 46.23 -18.09
CA PRO H 381 -17.66 45.87 -17.00
C PRO H 381 -16.52 44.97 -17.48
N GLY H 382 -15.51 44.78 -16.62
CA GLY H 382 -14.36 43.96 -16.92
C GLY H 382 -14.71 42.54 -17.31
N ASP H 383 -13.94 41.96 -18.23
CA ASP H 383 -14.16 40.58 -18.68
C ASP H 383 -13.81 39.54 -17.61
N GLY H 384 -12.92 39.89 -16.69
CA GLY H 384 -12.57 39.00 -15.58
C GLY H 384 -13.47 39.17 -14.35
N LEU H 385 -14.43 40.12 -14.39
CA LEU H 385 -15.33 40.41 -13.27
C LEU H 385 -16.49 39.41 -13.20
N ILE H 386 -16.85 38.99 -11.97
CA ILE H 386 -17.92 38.04 -11.65
C ILE H 386 -18.77 38.66 -10.53
N ARG H 387 -20.12 38.61 -10.66
CA ARG H 387 -21.01 39.15 -9.63
C ARG H 387 -21.65 37.97 -8.88
N LEU H 388 -21.76 38.08 -7.54
CA LEU H 388 -22.30 37.04 -6.67
C LEU H 388 -23.34 37.64 -5.71
N SER H 389 -24.54 37.04 -5.64
CA SER H 389 -25.58 37.45 -4.70
C SER H 389 -25.57 36.42 -3.58
N VAL H 390 -25.27 36.82 -2.35
CA VAL H 390 -25.21 35.89 -1.23
C VAL H 390 -26.62 35.67 -0.65
N GLY H 391 -26.97 34.40 -0.43
CA GLY H 391 -28.26 33.99 0.08
C GLY H 391 -28.24 33.65 1.57
N LEU H 392 -29.19 32.78 2.00
CA LEU H 392 -29.35 32.38 3.40
C LEU H 392 -28.80 30.99 3.70
N GLU H 393 -27.84 30.50 2.89
CA GLU H 393 -27.25 29.19 3.14
C GLU H 393 -26.08 29.31 4.12
N HIS H 394 -25.62 28.18 4.67
CA HIS H 394 -24.50 28.18 5.61
C HIS H 394 -23.23 28.65 4.90
N VAL H 395 -22.46 29.51 5.57
CA VAL H 395 -21.21 30.07 5.03
C VAL H 395 -20.22 28.99 4.59
N ASP H 396 -20.08 27.89 5.37
CA ASP H 396 -19.14 26.83 5.03
C ASP H 396 -19.52 26.12 3.73
N ASP H 397 -20.81 25.80 3.54
CA ASP H 397 -21.26 25.13 2.32
C ASP H 397 -21.08 25.99 1.07
N LEU H 398 -21.24 27.31 1.20
CA LEU H 398 -21.06 28.22 0.06
C LEU H 398 -19.58 28.38 -0.26
N ALA H 399 -18.74 28.53 0.78
CA ALA H 399 -17.30 28.67 0.56
C ALA H 399 -16.72 27.40 -0.04
N ASP H 400 -17.14 26.21 0.45
CA ASP H 400 -16.67 24.93 -0.09
C ASP H 400 -16.97 24.81 -1.58
N ASP H 401 -18.16 25.22 -2.01
CA ASP H 401 -18.55 25.14 -3.41
C ASP H 401 -17.82 26.17 -4.28
N LEU H 402 -17.66 27.40 -3.79
CA LEU H 402 -16.97 28.46 -4.55
C LEU H 402 -15.48 28.17 -4.67
N ILE H 403 -14.85 27.61 -3.62
CA ILE H 403 -13.43 27.27 -3.65
C ILE H 403 -13.21 26.11 -4.64
N ALA H 404 -14.06 25.07 -4.59
CA ALA H 404 -13.97 23.95 -5.52
C ALA H 404 -14.10 24.39 -6.98
N ALA H 405 -14.98 25.37 -7.25
CA ALA H 405 -15.17 25.92 -8.60
C ALA H 405 -13.93 26.66 -9.10
N LEU H 406 -13.23 27.38 -8.20
CA LEU H 406 -12.01 28.09 -8.55
C LEU H 406 -10.87 27.09 -8.78
N ASP H 407 -10.79 26.04 -7.94
CA ASP H 407 -9.77 25.00 -8.07
C ASP H 407 -9.97 24.10 -9.31
N ALA H 408 -11.16 24.12 -9.95
CA ALA H 408 -11.43 23.31 -11.14
C ALA H 408 -10.63 23.79 -12.35
N SER H 409 -10.34 25.11 -12.45
CA SER H 409 -9.57 25.66 -13.56
C SER H 409 -8.09 25.24 -13.52
N THR I 22 -22.31 -44.98 10.48
CA THR I 22 -21.60 -44.11 11.43
C THR I 22 -20.07 -44.20 11.33
N SER I 23 -19.50 -45.06 10.44
CA SER I 23 -18.07 -45.26 10.41
C SER I 23 -17.32 -44.21 9.59
N LEU I 24 -17.97 -43.58 8.56
CA LEU I 24 -17.29 -42.58 7.74
C LEU I 24 -17.49 -41.17 8.29
N HIS I 25 -16.53 -40.29 7.99
CA HIS I 25 -16.57 -38.88 8.42
C HIS I 25 -17.63 -38.09 7.61
N PRO I 26 -18.15 -36.92 8.09
CA PRO I 26 -19.14 -36.18 7.28
C PRO I 26 -18.62 -35.64 5.95
N GLU I 27 -17.30 -35.39 5.84
CA GLU I 27 -16.69 -34.91 4.59
C GLU I 27 -16.77 -35.99 3.51
N THR I 28 -16.59 -37.26 3.89
CA THR I 28 -16.69 -38.41 2.97
C THR I 28 -18.15 -38.63 2.58
N LEU I 29 -19.08 -38.53 3.57
CA LEU I 29 -20.51 -38.76 3.34
C LEU I 29 -21.17 -37.69 2.47
N MET I 30 -20.59 -36.48 2.38
CA MET I 30 -21.12 -35.44 1.50
C MET I 30 -20.83 -35.80 0.02
N VAL I 31 -19.66 -36.41 -0.25
CA VAL I 31 -19.27 -36.82 -1.60
C VAL I 31 -20.06 -38.06 -2.06
N HIS I 32 -20.08 -39.13 -1.22
CA HIS I 32 -20.70 -40.41 -1.57
C HIS I 32 -22.15 -40.63 -1.09
N GLY I 33 -22.75 -39.65 -0.42
CA GLY I 33 -24.13 -39.77 0.05
C GLY I 33 -25.12 -39.77 -1.11
N GLY I 34 -26.08 -40.69 -1.07
CA GLY I 34 -27.07 -40.84 -2.12
C GLY I 34 -26.54 -41.39 -3.44
N MET I 35 -25.29 -41.90 -3.45
CA MET I 35 -24.65 -42.46 -4.64
C MET I 35 -24.60 -44.00 -4.55
N LYS I 36 -25.61 -44.62 -3.90
CA LYS I 36 -25.62 -46.05 -3.67
C LYS I 36 -26.07 -46.81 -4.91
N GLY I 37 -25.33 -47.86 -5.29
CA GLY I 37 -25.67 -48.66 -6.46
C GLY I 37 -25.27 -48.11 -7.81
N LEU I 38 -24.68 -46.88 -7.86
CA LEU I 38 -24.29 -46.29 -9.13
C LEU I 38 -22.97 -46.92 -9.63
N THR I 39 -21.97 -47.02 -8.74
CA THR I 39 -20.68 -47.65 -9.09
C THR I 39 -20.90 -49.11 -9.54
N GLU I 40 -21.85 -49.80 -8.90
CA GLU I 40 -22.19 -51.18 -9.20
C GLU I 40 -22.87 -51.30 -10.59
N ALA I 41 -23.57 -50.24 -11.05
CA ALA I 41 -24.22 -50.17 -12.37
C ALA I 41 -23.31 -49.62 -13.50
N GLY I 42 -22.04 -49.30 -13.19
CA GLY I 42 -21.11 -48.79 -14.19
C GLY I 42 -21.31 -47.35 -14.60
N VAL I 43 -21.78 -46.49 -13.67
CA VAL I 43 -22.01 -45.06 -13.91
C VAL I 43 -21.39 -44.23 -12.77
N HIS I 44 -21.05 -42.96 -13.04
CA HIS I 44 -20.39 -42.09 -12.09
C HIS I 44 -21.33 -41.19 -11.26
N VAL I 45 -22.27 -40.50 -11.93
CA VAL I 45 -23.21 -39.57 -11.29
C VAL I 45 -24.67 -40.05 -11.48
N PRO I 46 -25.65 -39.69 -10.61
CA PRO I 46 -27.02 -40.18 -10.82
C PRO I 46 -27.65 -39.60 -12.09
N ALA I 47 -28.40 -40.43 -12.81
CA ALA I 47 -29.03 -39.99 -14.06
C ALA I 47 -30.22 -39.07 -13.78
N ILE I 48 -30.55 -38.22 -14.78
CA ILE I 48 -31.67 -37.30 -14.68
C ILE I 48 -32.82 -37.91 -15.49
N ASP I 49 -33.76 -38.56 -14.81
CA ASP I 49 -34.90 -39.19 -15.46
C ASP I 49 -36.06 -38.18 -15.47
N LEU I 50 -36.38 -37.63 -16.65
CA LEU I 50 -37.45 -36.64 -16.77
C LEU I 50 -38.86 -37.27 -16.85
N SER I 51 -38.97 -38.61 -16.92
CA SER I 51 -40.25 -39.33 -17.02
C SER I 51 -41.31 -38.84 -16.05
N THR I 52 -42.45 -38.39 -16.59
CA THR I 52 -43.58 -37.96 -15.77
C THR I 52 -44.33 -39.20 -15.27
N THR I 53 -44.50 -40.20 -16.14
CA THR I 53 -45.15 -41.47 -15.80
C THR I 53 -44.12 -42.59 -15.72
N ASN I 54 -44.49 -43.68 -15.03
CA ASN I 54 -43.65 -44.85 -14.84
C ASN I 54 -44.52 -46.10 -15.07
N PRO I 55 -44.35 -46.87 -16.17
CA PRO I 55 -45.23 -48.03 -16.40
C PRO I 55 -45.28 -49.07 -15.28
N VAL I 56 -46.41 -49.79 -15.21
CA VAL I 56 -46.66 -50.82 -14.19
C VAL I 56 -46.71 -52.21 -14.82
N ASN I 57 -46.28 -53.24 -14.07
CA ASN I 57 -46.25 -54.61 -14.59
C ASN I 57 -47.65 -55.18 -14.75
N ASP I 58 -48.53 -54.93 -13.77
CA ASP I 58 -49.93 -55.39 -13.81
C ASP I 58 -50.83 -54.47 -12.96
N VAL I 59 -52.15 -54.71 -12.97
CA VAL I 59 -53.13 -53.90 -12.25
C VAL I 59 -52.93 -54.03 -10.74
N ALA I 60 -52.68 -55.25 -10.25
CA ALA I 60 -52.51 -55.49 -8.83
C ALA I 60 -51.25 -54.82 -8.24
N THR I 61 -50.06 -55.03 -8.85
CA THR I 61 -48.83 -54.42 -8.32
C THR I 61 -48.83 -52.91 -8.53
N GLY I 62 -49.34 -52.45 -9.66
CA GLY I 62 -49.42 -51.02 -9.95
C GLY I 62 -50.32 -50.29 -8.98
N GLY I 63 -51.48 -50.87 -8.72
CA GLY I 63 -52.44 -50.32 -7.77
C GLY I 63 -51.93 -50.30 -6.35
N ASP I 64 -51.28 -51.38 -5.92
CA ASP I 64 -50.70 -51.46 -4.58
C ASP I 64 -49.55 -50.44 -4.43
N SER I 65 -48.72 -50.27 -5.48
CA SER I 65 -47.62 -49.29 -5.44
C SER I 65 -48.21 -47.88 -5.37
N TYR I 66 -49.29 -47.61 -6.12
CA TYR I 66 -49.98 -46.30 -6.10
C TYR I 66 -50.44 -46.01 -4.66
N GLU I 67 -51.16 -46.95 -4.03
CA GLU I 67 -51.67 -46.76 -2.67
C GLU I 67 -50.54 -46.57 -1.65
N TRP I 68 -49.49 -47.40 -1.73
CA TRP I 68 -48.34 -47.29 -0.82
C TRP I 68 -47.70 -45.91 -0.89
N LEU I 69 -47.51 -45.37 -2.09
CA LEU I 69 -46.88 -44.06 -2.27
C LEU I 69 -47.82 -42.90 -1.93
N ALA I 70 -49.09 -42.97 -2.36
CA ALA I 70 -50.08 -41.92 -2.08
C ALA I 70 -50.31 -41.77 -0.58
N THR I 71 -50.23 -42.88 0.18
CA THR I 71 -50.37 -42.84 1.64
C THR I 71 -49.06 -42.43 2.37
N GLY I 72 -48.11 -41.85 1.65
CA GLY I 72 -46.86 -41.36 2.20
C GLY I 72 -45.72 -42.32 2.45
N HIS I 73 -45.72 -43.50 1.84
CA HIS I 73 -44.63 -44.46 2.06
C HIS I 73 -43.51 -44.38 1.02
N THR I 74 -42.32 -44.87 1.41
CA THR I 74 -41.12 -44.91 0.57
C THR I 74 -41.30 -45.99 -0.51
N LEU I 75 -40.80 -45.74 -1.73
CA LEU I 75 -40.89 -46.70 -2.82
C LEU I 75 -40.14 -47.97 -2.47
N LYS I 76 -40.79 -49.13 -2.64
CA LYS I 76 -40.15 -50.41 -2.36
C LYS I 76 -39.14 -50.71 -3.45
N ASP I 77 -38.07 -51.45 -3.12
CA ASP I 77 -37.05 -51.80 -4.10
C ASP I 77 -37.66 -52.81 -5.07
N GLY I 78 -37.58 -52.51 -6.36
CA GLY I 78 -38.17 -53.35 -7.40
C GLY I 78 -39.66 -53.14 -7.53
N ASP I 79 -40.08 -51.86 -7.50
CA ASP I 79 -41.48 -51.45 -7.62
C ASP I 79 -41.55 -50.20 -8.52
N SER I 80 -42.63 -50.07 -9.28
CA SER I 80 -42.80 -48.93 -10.17
C SER I 80 -43.12 -47.67 -9.41
N ALA I 81 -42.50 -46.54 -9.80
CA ALA I 81 -42.80 -45.24 -9.19
C ALA I 81 -44.22 -44.74 -9.55
N VAL I 82 -44.88 -45.34 -10.59
CA VAL I 82 -46.24 -45.08 -11.09
C VAL I 82 -46.37 -43.67 -11.73
N TYR I 83 -46.14 -42.60 -10.95
CA TYR I 83 -46.24 -41.22 -11.40
C TYR I 83 -45.26 -40.35 -10.61
N GLN I 84 -44.74 -39.29 -11.26
CA GLN I 84 -43.75 -38.37 -10.66
C GLN I 84 -44.26 -37.70 -9.39
N ARG I 85 -45.57 -37.38 -9.33
CA ARG I 85 -46.14 -36.77 -8.13
C ARG I 85 -46.17 -37.74 -6.91
N LEU I 86 -46.03 -39.06 -7.16
CA LEU I 86 -46.00 -40.08 -6.12
C LEU I 86 -44.53 -40.40 -5.76
N TRP I 87 -43.62 -40.52 -6.77
CA TRP I 87 -42.19 -40.77 -6.51
C TRP I 87 -41.29 -40.39 -7.71
N GLN I 88 -40.10 -39.82 -7.41
CA GLN I 88 -39.09 -39.47 -8.42
C GLN I 88 -37.74 -40.03 -7.91
N PRO I 89 -36.98 -40.83 -8.70
CA PRO I 89 -35.74 -41.42 -8.17
C PRO I 89 -34.58 -40.45 -7.88
N GLY I 90 -34.42 -39.41 -8.69
CA GLY I 90 -33.37 -38.42 -8.49
C GLY I 90 -33.61 -37.60 -7.24
N VAL I 91 -34.89 -37.26 -6.98
CA VAL I 91 -35.28 -36.53 -5.78
C VAL I 91 -34.99 -37.42 -4.57
N ALA I 92 -35.39 -38.71 -4.65
CA ALA I 92 -35.16 -39.70 -3.60
C ALA I 92 -33.67 -39.83 -3.23
N ARG I 93 -32.75 -39.76 -4.22
CA ARG I 93 -31.31 -39.85 -3.93
C ARG I 93 -30.85 -38.62 -3.15
N PHE I 94 -31.33 -37.42 -3.51
CA PHE I 94 -31.03 -36.19 -2.79
C PHE I 94 -31.58 -36.27 -1.36
N GLU I 95 -32.80 -36.82 -1.21
CA GLU I 95 -33.46 -36.99 0.09
C GLU I 95 -32.62 -37.88 1.01
N THR I 96 -32.17 -39.05 0.54
CA THR I 96 -31.35 -39.95 1.37
C THR I 96 -29.97 -39.36 1.65
N ALA I 97 -29.42 -38.55 0.73
CA ALA I 97 -28.13 -37.92 0.95
C ALA I 97 -28.17 -36.93 2.12
N LEU I 98 -29.18 -36.03 2.16
CA LEU I 98 -29.29 -35.07 3.25
C LEU I 98 -29.71 -35.72 4.56
N ALA I 99 -30.63 -36.70 4.52
CA ALA I 99 -31.06 -37.41 5.73
C ALA I 99 -29.86 -38.04 6.46
N GLY I 100 -28.91 -38.57 5.71
CA GLY I 100 -27.69 -39.13 6.29
C GLY I 100 -26.78 -38.10 6.91
N LEU I 101 -26.76 -36.88 6.35
CA LEU I 101 -25.94 -35.78 6.86
C LEU I 101 -26.54 -35.22 8.15
N GLU I 102 -27.87 -35.06 8.20
CA GLU I 102 -28.57 -34.60 9.41
C GLU I 102 -28.79 -35.72 10.45
N HIS I 103 -28.54 -36.99 10.08
CA HIS I 103 -28.73 -38.18 10.90
C HIS I 103 -30.21 -38.39 11.24
N ALA I 104 -31.08 -38.13 10.25
CA ALA I 104 -32.53 -38.33 10.32
C ALA I 104 -32.89 -39.66 9.62
N GLU I 105 -34.07 -40.20 9.92
CA GLU I 105 -34.48 -41.49 9.33
C GLU I 105 -34.74 -41.31 7.83
N GLU I 106 -35.53 -40.28 7.47
CA GLU I 106 -35.92 -40.00 6.09
C GLU I 106 -35.90 -38.47 5.82
N ALA I 107 -36.13 -38.06 4.57
CA ALA I 107 -36.22 -36.64 4.17
C ALA I 107 -37.20 -36.50 3.01
N VAL I 108 -37.91 -35.34 2.94
CA VAL I 108 -38.89 -35.08 1.89
C VAL I 108 -38.53 -33.75 1.23
N ALA I 109 -38.34 -33.76 -0.10
CA ALA I 109 -37.96 -32.59 -0.87
C ALA I 109 -39.10 -32.00 -1.70
N PHE I 110 -39.11 -30.66 -1.81
CA PHE I 110 -40.12 -29.86 -2.49
C PHE I 110 -39.46 -28.80 -3.41
N ALA I 111 -40.27 -28.11 -4.24
CA ALA I 111 -39.80 -27.09 -5.18
C ALA I 111 -38.99 -25.96 -4.53
N THR I 112 -39.43 -25.47 -3.36
CA THR I 112 -38.79 -24.37 -2.62
C THR I 112 -38.86 -24.62 -1.09
N GLY I 113 -38.10 -23.84 -0.32
CA GLY I 113 -38.13 -23.90 1.15
C GLY I 113 -39.52 -23.55 1.67
N MET I 114 -40.23 -22.63 0.98
CA MET I 114 -41.59 -22.25 1.37
C MET I 114 -42.57 -23.38 1.11
N ALA I 115 -42.37 -24.19 0.06
CA ALA I 115 -43.23 -25.35 -0.21
C ALA I 115 -43.08 -26.41 0.87
N ALA I 116 -41.85 -26.57 1.41
CA ALA I 116 -41.59 -27.51 2.49
C ALA I 116 -42.28 -27.02 3.76
N MET I 117 -42.18 -25.71 4.07
CA MET I 117 -42.86 -25.09 5.22
C MET I 117 -44.37 -25.29 5.08
N THR I 118 -44.91 -25.02 3.88
CA THR I 118 -46.34 -25.17 3.56
C THR I 118 -46.81 -26.59 3.83
N ALA I 119 -46.04 -27.58 3.39
CA ALA I 119 -46.38 -28.98 3.61
C ALA I 119 -46.39 -29.36 5.08
N ALA I 120 -45.39 -28.88 5.85
CA ALA I 120 -45.30 -29.17 7.29
C ALA I 120 -46.47 -28.54 8.05
N LEU I 121 -46.90 -27.35 7.63
CA LEU I 121 -48.02 -26.68 8.28
C LEU I 121 -49.32 -27.38 7.91
N LEU I 122 -49.50 -27.76 6.63
CA LEU I 122 -50.70 -28.48 6.22
C LEU I 122 -50.78 -29.86 6.88
N ALA I 123 -49.64 -30.53 7.11
CA ALA I 123 -49.60 -31.82 7.80
C ALA I 123 -50.09 -31.68 9.24
N ALA I 124 -49.71 -30.58 9.91
CA ALA I 124 -50.15 -30.31 11.28
C ALA I 124 -51.64 -29.97 11.33
N VAL I 125 -52.15 -29.15 10.39
CA VAL I 125 -53.58 -28.76 10.37
C VAL I 125 -54.41 -30.01 10.05
N SER I 126 -53.96 -30.85 9.09
CA SER I 126 -54.66 -32.10 8.75
C SER I 126 -54.75 -33.05 9.95
N ALA I 127 -53.69 -33.10 10.78
CA ALA I 127 -53.68 -33.95 11.98
C ALA I 127 -54.62 -33.48 13.12
N GLY I 128 -55.15 -32.26 13.00
CA GLY I 128 -56.03 -31.68 14.01
C GLY I 128 -55.30 -30.82 15.02
N THR I 129 -54.10 -30.32 14.66
CA THR I 129 -53.27 -29.48 15.51
C THR I 129 -52.88 -28.23 14.70
N PRO I 130 -53.83 -27.31 14.43
CA PRO I 130 -53.50 -26.13 13.61
C PRO I 130 -52.68 -25.03 14.29
N HIS I 131 -52.56 -25.04 15.63
CA HIS I 131 -51.81 -23.99 16.33
C HIS I 131 -50.29 -24.24 16.27
N ILE I 132 -49.51 -23.17 16.09
CA ILE I 132 -48.05 -23.21 15.99
C ILE I 132 -47.47 -22.16 16.97
N VAL I 133 -46.47 -22.56 17.76
CA VAL I 133 -45.76 -21.66 18.66
C VAL I 133 -44.43 -21.41 17.95
N ALA I 134 -44.21 -20.19 17.48
CA ALA I 134 -43.01 -19.84 16.72
C ALA I 134 -42.19 -18.77 17.43
N VAL I 135 -40.85 -18.86 17.32
CA VAL I 135 -39.92 -17.92 17.95
C VAL I 135 -39.27 -17.04 16.90
N ARG I 136 -39.42 -15.73 17.02
CA ARG I 136 -38.81 -14.77 16.09
C ARG I 136 -37.37 -14.42 16.51
N PRO I 137 -36.47 -13.95 15.60
CA PRO I 137 -36.66 -13.72 14.15
C PRO I 137 -36.71 -14.98 13.30
N LEU I 138 -37.48 -14.92 12.21
CA LEU I 138 -37.60 -15.98 11.20
C LEU I 138 -37.52 -15.32 9.82
N TYR I 139 -37.34 -16.12 8.75
CA TYR I 139 -37.33 -15.58 7.39
C TYR I 139 -38.70 -14.93 7.09
N GLY I 140 -38.68 -13.76 6.43
CA GLY I 140 -39.86 -12.98 6.08
C GLY I 140 -41.07 -13.76 5.61
N GLY I 141 -40.84 -14.71 4.71
CA GLY I 141 -41.88 -15.57 4.17
C GLY I 141 -42.43 -16.52 5.20
N SER I 142 -41.55 -17.19 5.97
CA SER I 142 -41.98 -18.10 7.04
C SER I 142 -42.80 -17.33 8.08
N ASP I 143 -42.37 -16.11 8.41
CA ASP I 143 -43.04 -15.22 9.35
C ASP I 143 -44.42 -14.79 8.82
N HIS I 144 -44.48 -14.34 7.55
CA HIS I 144 -45.72 -13.88 6.92
C HIS I 144 -46.74 -15.01 6.72
N LEU I 145 -46.28 -16.22 6.32
CA LEU I 145 -47.17 -17.36 6.11
C LEU I 145 -47.87 -17.77 7.42
N LEU I 146 -47.18 -17.64 8.57
CA LEU I 146 -47.76 -17.93 9.87
C LEU I 146 -48.71 -16.80 10.30
N GLU I 147 -48.29 -15.53 10.14
CA GLU I 147 -49.10 -14.37 10.50
C GLU I 147 -50.45 -14.35 9.76
N THR I 148 -50.44 -14.57 8.44
CA THR I 148 -51.66 -14.56 7.63
C THR I 148 -52.58 -15.74 7.92
N GLY I 149 -52.00 -16.89 8.27
CA GLY I 149 -52.78 -18.10 8.55
C GLY I 149 -53.49 -18.60 7.30
N LEU I 150 -52.80 -18.50 6.15
CA LEU I 150 -53.34 -18.91 4.85
C LEU I 150 -53.74 -20.38 4.84
N LEU I 151 -52.95 -21.24 5.47
CA LEU I 151 -53.17 -22.68 5.46
C LEU I 151 -54.02 -23.18 6.65
N GLY I 152 -54.83 -22.31 7.23
CA GLY I 152 -55.69 -22.67 8.35
C GLY I 152 -54.98 -22.82 9.67
N THR I 153 -53.84 -22.11 9.83
CA THR I 153 -53.04 -22.16 11.05
C THR I 153 -53.32 -20.95 11.92
N THR I 154 -53.10 -21.11 13.23
CA THR I 154 -53.14 -20.03 14.21
C THR I 154 -51.71 -19.99 14.81
N VAL I 155 -51.18 -18.80 15.10
CA VAL I 155 -49.81 -18.66 15.60
C VAL I 155 -49.75 -17.87 16.92
N THR I 156 -48.79 -18.24 17.78
CA THR I 156 -48.52 -17.58 19.05
C THR I 156 -47.03 -17.27 19.05
N TRP I 157 -46.67 -15.99 18.84
CA TRP I 157 -45.28 -15.57 18.80
C TRP I 157 -44.76 -15.55 20.23
N ALA I 158 -43.79 -16.40 20.54
CA ALA I 158 -43.24 -16.52 21.88
C ALA I 158 -41.73 -16.36 21.91
N LYS I 159 -41.19 -15.89 23.03
CA LYS I 159 -39.74 -15.78 23.23
C LYS I 159 -39.21 -17.18 23.59
N GLU I 160 -37.90 -17.38 23.43
CA GLU I 160 -37.25 -18.66 23.72
C GLU I 160 -37.59 -19.22 25.11
N ALA I 161 -37.55 -18.38 26.15
CA ALA I 161 -37.86 -18.81 27.51
C ALA I 161 -39.36 -19.10 27.75
N ASP I 162 -40.25 -18.41 27.02
CA ASP I 162 -41.70 -18.57 27.20
C ASP I 162 -42.36 -19.56 26.21
N ILE I 163 -41.64 -20.62 25.79
CA ILE I 163 -42.19 -21.61 24.85
C ILE I 163 -43.22 -22.49 25.57
N ALA I 164 -42.84 -23.09 26.71
CA ALA I 164 -43.70 -23.98 27.49
C ALA I 164 -45.08 -23.38 27.79
N SER I 165 -45.12 -22.09 28.20
CA SER I 165 -46.36 -21.39 28.52
C SER I 165 -47.23 -21.14 27.29
N ALA I 166 -46.60 -20.82 26.14
CA ALA I 166 -47.32 -20.54 24.89
C ALA I 166 -48.00 -21.77 24.28
N ILE I 167 -47.59 -22.99 24.68
CA ILE I 167 -48.15 -24.22 24.10
C ILE I 167 -49.57 -24.48 24.60
N GLN I 168 -50.46 -24.81 23.66
CA GLN I 168 -51.87 -25.12 23.88
C GLN I 168 -52.10 -26.60 23.54
N ASP I 169 -53.27 -27.14 23.89
CA ASP I 169 -53.64 -28.52 23.52
C ASP I 169 -53.73 -28.66 21.97
N ASP I 170 -53.98 -27.54 21.25
CA ASP I 170 -54.12 -27.47 19.81
C ASP I 170 -52.77 -27.31 19.08
N THR I 171 -51.61 -27.21 19.80
CA THR I 171 -50.32 -27.02 19.15
C THR I 171 -49.81 -28.28 18.44
N GLY I 172 -49.41 -28.12 17.19
CA GLY I 172 -48.86 -29.18 16.36
C GLY I 172 -47.36 -29.09 16.17
N LEU I 173 -46.77 -27.86 16.23
CA LEU I 173 -45.33 -27.68 16.03
C LEU I 173 -44.75 -26.45 16.74
N VAL I 174 -43.44 -26.50 17.03
CA VAL I 174 -42.67 -25.41 17.63
C VAL I 174 -41.62 -25.03 16.58
N ILE I 175 -41.81 -23.89 15.90
CA ILE I 175 -40.90 -23.48 14.84
C ILE I 175 -39.83 -22.52 15.36
N VAL I 176 -38.55 -22.91 15.22
CA VAL I 176 -37.38 -22.11 15.64
C VAL I 176 -36.34 -22.07 14.51
N GLU I 177 -35.43 -21.09 14.58
CA GLU I 177 -34.37 -20.91 13.60
C GLU I 177 -33.14 -20.33 14.30
N THR I 178 -31.96 -20.95 14.11
CA THR I 178 -30.72 -20.48 14.73
C THR I 178 -29.49 -20.82 13.86
N PRO I 179 -28.65 -19.82 13.45
CA PRO I 179 -28.79 -18.37 13.65
C PRO I 179 -30.00 -17.83 12.89
N ALA I 180 -30.76 -16.92 13.50
CA ALA I 180 -31.97 -16.37 12.91
C ALA I 180 -31.70 -15.50 11.68
N ASN I 181 -32.67 -15.44 10.76
CA ASN I 181 -32.56 -14.61 9.56
C ASN I 181 -33.30 -13.30 9.89
N PRO I 182 -32.68 -12.09 9.86
CA PRO I 182 -31.31 -11.72 9.45
C PRO I 182 -30.24 -11.49 10.54
N SER I 183 -30.66 -11.09 11.76
CA SER I 183 -29.78 -10.68 12.86
C SER I 183 -28.90 -11.78 13.50
N LEU I 184 -29.03 -13.06 13.07
CA LEU I 184 -28.24 -14.18 13.58
C LEU I 184 -28.40 -14.44 15.08
N ASP I 185 -29.63 -14.30 15.57
CA ASP I 185 -29.96 -14.57 16.96
C ASP I 185 -29.85 -16.07 17.20
N LEU I 186 -29.16 -16.48 18.27
CA LEU I 186 -28.96 -17.89 18.56
C LEU I 186 -30.01 -18.40 19.55
N VAL I 187 -30.37 -19.69 19.43
CA VAL I 187 -31.38 -20.34 20.25
C VAL I 187 -30.80 -21.66 20.78
N ASP I 188 -30.90 -21.92 22.09
CA ASP I 188 -30.43 -23.18 22.68
C ASP I 188 -31.46 -24.25 22.34
N LEU I 189 -31.10 -25.18 21.45
CA LEU I 189 -32.01 -26.23 20.99
C LEU I 189 -32.32 -27.25 22.08
N ASP I 190 -31.38 -27.52 22.99
CA ASP I 190 -31.63 -28.45 24.08
C ASP I 190 -32.74 -27.91 25.00
N SER I 191 -32.72 -26.59 25.28
CA SER I 191 -33.73 -25.93 26.11
C SER I 191 -35.09 -25.87 25.42
N VAL I 192 -35.11 -25.62 24.11
CA VAL I 192 -36.36 -25.54 23.35
C VAL I 192 -37.05 -26.90 23.33
N VAL I 193 -36.30 -27.98 23.08
CA VAL I 193 -36.85 -29.33 23.05
C VAL I 193 -37.41 -29.68 24.44
N SER I 194 -36.68 -29.34 25.51
CA SER I 194 -37.13 -29.57 26.88
C SER I 194 -38.45 -28.82 27.16
N ALA I 195 -38.56 -27.55 26.74
CA ALA I 195 -39.77 -26.75 26.95
C ALA I 195 -40.95 -27.22 26.10
N ALA I 196 -40.71 -27.76 24.89
CA ALA I 196 -41.77 -28.26 24.02
C ALA I 196 -42.43 -29.53 24.56
N GLY I 197 -41.62 -30.45 25.08
CA GLY I 197 -42.12 -31.69 25.63
C GLY I 197 -42.66 -32.61 24.56
N ASN I 198 -43.97 -32.89 24.61
CA ASN I 198 -44.63 -33.78 23.65
C ASN I 198 -44.82 -33.14 22.26
N VAL I 199 -44.69 -31.81 22.14
CA VAL I 199 -44.89 -31.14 20.85
C VAL I 199 -43.62 -31.28 19.99
N PRO I 200 -43.71 -31.71 18.71
CA PRO I 200 -42.49 -31.82 17.90
C PRO I 200 -41.90 -30.45 17.57
N VAL I 201 -40.56 -30.37 17.46
CA VAL I 201 -39.85 -29.12 17.18
C VAL I 201 -39.31 -29.13 15.76
N LEU I 202 -39.62 -28.07 15.00
CA LEU I 202 -39.11 -27.88 13.66
C LEU I 202 -38.02 -26.80 13.72
N VAL I 203 -36.79 -27.16 13.35
CA VAL I 203 -35.64 -26.25 13.37
C VAL I 203 -35.24 -25.96 11.93
N ASP I 204 -35.20 -24.68 11.55
CA ASP I 204 -34.79 -24.27 10.21
C ASP I 204 -33.28 -24.10 10.24
N ASN I 205 -32.53 -25.11 9.78
CA ASN I 205 -31.07 -25.12 9.80
C ASN I 205 -30.42 -24.57 8.51
N THR I 206 -31.13 -23.77 7.71
CA THR I 206 -30.61 -23.22 6.44
C THR I 206 -29.23 -22.55 6.57
N PHE I 207 -29.08 -21.68 7.56
CA PHE I 207 -27.86 -20.91 7.79
C PHE I 207 -26.65 -21.74 8.24
N CYS I 208 -26.86 -22.65 9.20
CA CYS I 208 -25.79 -23.49 9.74
C CYS I 208 -25.40 -24.62 8.80
N THR I 209 -26.38 -25.29 8.17
CA THR I 209 -26.19 -26.47 7.29
C THR I 209 -25.79 -27.71 8.13
N PRO I 210 -25.92 -28.97 7.62
CA PRO I 210 -25.48 -30.13 8.43
C PRO I 210 -23.98 -30.16 8.76
N VAL I 211 -23.18 -29.25 8.17
CA VAL I 211 -21.74 -29.18 8.41
C VAL I 211 -21.50 -28.63 9.82
N LEU I 212 -22.25 -27.58 10.20
CA LEU I 212 -22.08 -26.88 11.47
C LEU I 212 -23.06 -27.28 12.59
N GLN I 213 -24.33 -27.56 12.28
CA GLN I 213 -25.32 -27.87 13.32
C GLN I 213 -26.14 -29.10 12.95
N GLN I 214 -26.46 -29.93 13.95
CA GLN I 214 -27.23 -31.17 13.78
C GLN I 214 -28.43 -31.11 14.74
N PRO I 215 -29.53 -30.40 14.40
CA PRO I 215 -30.67 -30.32 15.35
C PRO I 215 -31.29 -31.66 15.76
N ILE I 216 -31.20 -32.70 14.91
CA ILE I 216 -31.76 -34.03 15.21
C ILE I 216 -31.12 -34.58 16.51
N SER I 217 -29.80 -34.39 16.70
CA SER I 217 -29.10 -34.83 17.90
C SER I 217 -29.63 -34.15 19.17
N HIS I 218 -30.08 -32.89 19.08
CA HIS I 218 -30.66 -32.16 20.22
C HIS I 218 -32.12 -32.58 20.54
N GLY I 219 -32.75 -33.35 19.65
CA GLY I 219 -34.11 -33.84 19.82
C GLY I 219 -35.16 -33.18 18.95
N ALA I 220 -34.75 -32.51 17.86
CA ALA I 220 -35.71 -31.89 16.95
C ALA I 220 -36.37 -32.99 16.12
N ALA I 221 -37.69 -32.93 15.96
CA ALA I 221 -38.41 -33.93 15.19
C ALA I 221 -38.21 -33.73 13.69
N LEU I 222 -38.28 -32.47 13.21
CA LEU I 222 -38.08 -32.15 11.80
C LEU I 222 -37.07 -30.99 11.63
N VAL I 223 -36.26 -31.05 10.56
CA VAL I 223 -35.22 -30.06 10.26
C VAL I 223 -35.40 -29.54 8.83
N LEU I 224 -35.83 -28.28 8.68
CA LEU I 224 -36.06 -27.65 7.37
C LEU I 224 -34.81 -26.98 6.86
N HIS I 225 -34.65 -26.99 5.51
CA HIS I 225 -33.57 -26.36 4.79
C HIS I 225 -34.09 -25.74 3.52
N SER I 226 -33.70 -24.49 3.25
CA SER I 226 -33.98 -23.84 1.99
C SER I 226 -32.77 -24.28 1.16
N ALA I 227 -32.90 -25.42 0.48
CA ALA I 227 -31.80 -25.98 -0.32
C ALA I 227 -31.27 -25.02 -1.37
N THR I 228 -32.08 -24.01 -1.77
CA THR I 228 -31.70 -22.90 -2.66
C THR I 228 -30.38 -22.26 -2.19
N GLN I 229 -30.20 -22.15 -0.85
CA GLN I 229 -29.05 -21.56 -0.19
C GLN I 229 -28.14 -22.64 0.38
N TYR I 230 -26.82 -22.56 0.11
CA TYR I 230 -25.78 -23.46 0.64
C TYR I 230 -25.81 -24.88 0.08
N LEU I 231 -26.94 -25.60 0.16
CA LEU I 231 -27.01 -26.98 -0.35
C LEU I 231 -26.76 -26.98 -1.87
N GLY I 232 -27.37 -26.03 -2.58
CA GLY I 232 -27.13 -25.84 -4.00
C GLY I 232 -25.78 -25.17 -4.17
N GLY I 233 -25.60 -24.05 -3.47
CA GLY I 233 -24.34 -23.32 -3.40
C GLY I 233 -23.91 -22.48 -4.57
N HIS I 234 -24.58 -22.59 -5.74
CA HIS I 234 -24.22 -21.83 -6.92
C HIS I 234 -25.33 -20.89 -7.44
N GLY I 235 -26.38 -20.66 -6.63
CA GLY I 235 -27.48 -19.77 -6.97
C GLY I 235 -28.20 -20.12 -8.26
N ASP I 236 -28.40 -21.42 -8.52
CA ASP I 236 -29.04 -21.88 -9.75
C ASP I 236 -29.98 -23.08 -9.56
N ALA I 237 -30.41 -23.36 -8.33
CA ALA I 237 -31.31 -24.47 -8.07
C ALA I 237 -32.18 -24.17 -6.87
N MET I 238 -33.48 -23.93 -7.10
CA MET I 238 -34.44 -23.69 -6.02
C MET I 238 -34.73 -25.04 -5.39
N GLY I 239 -34.97 -25.06 -4.08
CA GLY I 239 -35.29 -26.30 -3.39
C GLY I 239 -35.61 -26.11 -1.93
N GLY I 240 -36.29 -27.12 -1.38
CA GLY I 240 -36.70 -27.16 0.02
C GLY I 240 -36.71 -28.60 0.47
N ILE I 241 -36.26 -28.88 1.70
CA ILE I 241 -36.16 -30.26 2.19
C ILE I 241 -36.26 -30.32 3.71
N ILE I 242 -36.96 -31.34 4.23
CA ILE I 242 -37.14 -31.55 5.66
C ILE I 242 -36.60 -32.93 6.03
N ALA I 243 -35.53 -32.98 6.83
CA ALA I 243 -34.96 -34.24 7.33
C ALA I 243 -35.73 -34.55 8.62
N THR I 244 -36.41 -35.71 8.68
CA THR I 244 -37.26 -36.05 9.83
C THR I 244 -37.45 -37.58 10.04
N ASN I 245 -38.15 -37.98 11.13
CA ASN I 245 -38.49 -39.38 11.39
C ASN I 245 -39.52 -39.90 10.36
N ALA I 246 -39.78 -41.22 10.36
CA ALA I 246 -40.70 -41.84 9.40
C ALA I 246 -42.15 -41.34 9.49
N ASP I 247 -42.66 -41.03 10.72
CA ASP I 247 -44.03 -40.56 10.90
C ASP I 247 -44.27 -39.24 10.18
N TRP I 248 -43.40 -38.24 10.40
CA TRP I 248 -43.53 -36.94 9.76
C TRP I 248 -43.22 -37.00 8.27
N ALA I 249 -42.28 -37.87 7.85
CA ALA I 249 -41.97 -38.03 6.43
C ALA I 249 -43.18 -38.55 5.67
N MET I 250 -43.93 -39.49 6.28
CA MET I 250 -45.14 -40.04 5.69
C MET I 250 -46.21 -38.95 5.56
N ARG I 251 -46.38 -38.11 6.58
CA ARG I 251 -47.34 -37.01 6.54
C ARG I 251 -46.97 -35.97 5.49
N LEU I 252 -45.68 -35.65 5.36
CA LEU I 252 -45.20 -34.68 4.37
C LEU I 252 -45.39 -35.22 2.96
N ARG I 253 -45.06 -36.51 2.75
CA ARG I 253 -45.23 -37.15 1.45
C ARG I 253 -46.71 -37.21 1.06
N GLN I 254 -47.63 -37.48 2.03
CA GLN I 254 -49.09 -37.47 1.79
C GLN I 254 -49.53 -36.12 1.21
N VAL I 255 -49.06 -35.02 1.82
CA VAL I 255 -49.38 -33.67 1.38
C VAL I 255 -48.76 -33.42 0.01
N ARG I 256 -47.50 -33.83 -0.20
CA ARG I 256 -46.79 -33.66 -1.47
C ARG I 256 -47.49 -34.38 -2.63
N ALA I 257 -47.99 -35.60 -2.41
CA ALA I 257 -48.65 -36.38 -3.45
C ALA I 257 -49.96 -35.74 -3.94
N ILE I 258 -50.64 -34.93 -3.09
CA ILE I 258 -51.92 -34.32 -3.46
C ILE I 258 -51.78 -32.81 -3.80
N THR I 259 -50.85 -32.06 -3.17
CA THR I 259 -50.64 -30.64 -3.49
C THR I 259 -49.57 -30.41 -4.58
N GLY I 260 -48.72 -31.41 -4.82
CA GLY I 260 -47.73 -31.40 -5.90
C GLY I 260 -46.73 -30.26 -6.04
N ALA I 261 -46.10 -29.81 -4.94
CA ALA I 261 -45.05 -28.79 -5.04
C ALA I 261 -43.73 -29.55 -5.19
N LEU I 262 -43.57 -30.19 -6.36
CA LEU I 262 -42.44 -31.07 -6.62
C LEU I 262 -41.15 -30.40 -7.00
N LEU I 263 -40.04 -31.05 -6.64
CA LEU I 263 -38.69 -30.62 -6.99
C LEU I 263 -38.40 -31.26 -8.35
N HIS I 264 -38.05 -30.45 -9.34
CA HIS I 264 -37.80 -30.94 -10.70
C HIS I 264 -36.57 -31.88 -10.73
N PRO I 265 -36.55 -32.97 -11.55
CA PRO I 265 -35.37 -33.84 -11.57
C PRO I 265 -34.00 -33.16 -11.73
N MET I 266 -33.91 -32.06 -12.49
CA MET I 266 -32.66 -31.34 -12.65
C MET I 266 -32.32 -30.54 -11.39
N GLY I 267 -33.33 -29.98 -10.74
CA GLY I 267 -33.15 -29.27 -9.48
C GLY I 267 -32.58 -30.18 -8.42
N ALA I 268 -33.12 -31.41 -8.32
CA ALA I 268 -32.61 -32.43 -7.40
C ALA I 268 -31.19 -32.85 -7.75
N TYR I 269 -30.87 -32.94 -9.04
CA TYR I 269 -29.54 -33.30 -9.49
C TYR I 269 -28.49 -32.27 -9.05
N LEU I 270 -28.78 -30.96 -9.23
CA LEU I 270 -27.84 -29.91 -8.85
C LEU I 270 -27.74 -29.71 -7.34
N LEU I 271 -28.82 -29.97 -6.59
CA LEU I 271 -28.77 -29.84 -5.13
C LEU I 271 -27.97 -31.00 -4.53
N HIS I 272 -28.14 -32.22 -5.09
CA HIS I 272 -27.38 -33.42 -4.69
C HIS I 272 -25.91 -33.22 -5.06
N ARG I 273 -25.64 -32.67 -6.26
CA ARG I 273 -24.30 -32.33 -6.77
C ARG I 273 -23.61 -31.31 -5.85
N GLY I 274 -24.38 -30.33 -5.37
CA GLY I 274 -23.90 -29.30 -4.47
C GLY I 274 -23.50 -29.84 -3.10
N LEU I 275 -24.15 -30.91 -2.64
CA LEU I 275 -23.80 -31.51 -1.35
C LEU I 275 -22.37 -32.09 -1.36
N ARG I 276 -21.84 -32.48 -2.54
CA ARG I 276 -20.51 -33.07 -2.66
C ARG I 276 -19.39 -32.08 -2.32
N THR I 277 -19.62 -30.78 -2.50
CA THR I 277 -18.67 -29.71 -2.20
C THR I 277 -19.13 -28.85 -0.98
N LEU I 278 -20.16 -29.26 -0.23
CA LEU I 278 -20.68 -28.46 0.88
C LEU I 278 -19.68 -28.23 2.02
N ALA I 279 -18.90 -29.24 2.41
CA ALA I 279 -17.92 -29.07 3.49
C ALA I 279 -16.79 -28.12 3.07
N VAL I 280 -16.26 -28.26 1.84
CA VAL I 280 -15.16 -27.39 1.40
C VAL I 280 -15.64 -25.96 1.15
N ARG I 281 -16.88 -25.76 0.71
CA ARG I 281 -17.42 -24.42 0.49
C ARG I 281 -17.72 -23.73 1.82
N MET I 282 -18.35 -24.44 2.76
CA MET I 282 -18.69 -23.88 4.06
C MET I 282 -17.42 -23.52 4.82
N ARG I 283 -16.43 -24.42 4.89
CA ARG I 283 -15.17 -24.16 5.59
C ARG I 283 -14.42 -22.95 5.02
N ALA I 284 -14.43 -22.77 3.69
CA ALA I 284 -13.75 -21.65 3.06
C ALA I 284 -14.46 -20.32 3.34
N ALA I 285 -15.80 -20.28 3.19
CA ALA I 285 -16.57 -19.06 3.42
C ALA I 285 -16.60 -18.67 4.89
N GLN I 286 -16.61 -19.66 5.80
CA GLN I 286 -16.61 -19.42 7.25
C GLN I 286 -15.30 -18.75 7.67
N THR I 287 -14.16 -19.20 7.11
CA THR I 287 -12.84 -18.63 7.42
C THR I 287 -12.81 -17.16 6.98
N THR I 288 -13.31 -16.88 5.77
CA THR I 288 -13.37 -15.52 5.23
C THR I 288 -14.31 -14.64 6.08
N ALA I 289 -15.45 -15.18 6.51
CA ALA I 289 -16.41 -14.44 7.32
C ALA I 289 -15.90 -14.10 8.71
N GLY I 290 -15.21 -15.02 9.37
CA GLY I 290 -14.64 -14.78 10.69
C GLY I 290 -13.66 -13.62 10.69
N GLU I 291 -12.88 -13.51 9.61
CA GLU I 291 -11.90 -12.43 9.44
C GLU I 291 -12.61 -11.12 9.06
N LEU I 292 -13.63 -11.18 8.18
CA LEU I 292 -14.37 -9.98 7.77
C LEU I 292 -15.12 -9.35 8.95
N ALA I 293 -15.79 -10.16 9.78
CA ALA I 293 -16.53 -9.66 10.93
C ALA I 293 -15.63 -8.86 11.89
N GLU I 294 -14.36 -9.23 12.02
CA GLU I 294 -13.40 -8.52 12.86
C GLU I 294 -13.02 -7.17 12.25
N ARG I 295 -12.77 -7.14 10.93
CA ARG I 295 -12.40 -5.90 10.23
C ARG I 295 -13.58 -4.92 10.21
N LEU I 296 -14.79 -5.44 9.99
CA LEU I 296 -16.01 -4.64 9.93
C LEU I 296 -16.39 -4.06 11.29
N ASP I 297 -16.10 -4.81 12.39
CA ASP I 297 -16.36 -4.32 13.74
C ASP I 297 -15.46 -3.11 14.06
N ALA I 298 -14.21 -3.14 13.57
CA ALA I 298 -13.24 -2.05 13.77
C ALA I 298 -13.59 -0.77 13.00
N HIS I 299 -14.44 -0.85 11.95
CA HIS I 299 -14.78 0.34 11.17
C HIS I 299 -15.68 1.30 11.97
N PRO I 300 -15.46 2.64 11.92
CA PRO I 300 -16.31 3.55 12.71
C PRO I 300 -17.75 3.68 12.20
N ALA I 301 -17.98 3.44 10.90
CA ALA I 301 -19.32 3.53 10.32
C ALA I 301 -20.28 2.46 10.87
N ILE I 302 -19.75 1.31 11.32
CA ILE I 302 -20.57 0.23 11.85
C ILE I 302 -20.51 0.26 13.37
N SER I 303 -21.68 0.30 14.03
CA SER I 303 -21.77 0.32 15.48
C SER I 303 -21.73 -1.10 16.07
N VAL I 304 -22.57 -2.03 15.55
CA VAL I 304 -22.67 -3.40 16.06
C VAL I 304 -22.47 -4.38 14.91
N VAL I 305 -21.69 -5.45 15.13
CA VAL I 305 -21.49 -6.53 14.15
C VAL I 305 -21.97 -7.81 14.82
N HIS I 306 -22.97 -8.45 14.22
CA HIS I 306 -23.53 -9.71 14.70
C HIS I 306 -22.83 -10.85 13.96
N TYR I 307 -22.07 -11.67 14.69
CA TYR I 307 -21.41 -12.85 14.14
C TYR I 307 -21.14 -13.83 15.30
N PRO I 308 -21.67 -15.09 15.28
CA PRO I 308 -21.45 -15.98 16.42
C PRO I 308 -20.00 -16.18 16.90
N GLY I 309 -19.07 -16.27 15.95
CA GLY I 309 -17.66 -16.46 16.26
C GLY I 309 -16.96 -15.31 16.97
N LEU I 310 -17.53 -14.09 16.95
CA LEU I 310 -16.91 -12.95 17.64
C LEU I 310 -16.89 -13.16 19.16
N LYS I 311 -16.02 -12.40 19.85
CA LYS I 311 -15.80 -12.52 21.29
C LYS I 311 -16.99 -11.79 21.99
N GLY I 312 -17.69 -12.47 22.90
CA GLY I 312 -18.85 -11.90 23.60
C GLY I 312 -20.19 -12.21 22.96
N GLN I 313 -20.19 -12.57 21.66
CA GLN I 313 -21.44 -12.85 20.95
C GLN I 313 -22.06 -14.22 21.28
N ASP I 314 -21.36 -15.08 22.05
CA ASP I 314 -21.83 -16.41 22.45
C ASP I 314 -21.78 -16.54 24.00
N PRO I 315 -22.76 -15.97 24.75
CA PRO I 315 -22.72 -16.09 26.22
C PRO I 315 -23.09 -17.48 26.75
N ARG I 316 -24.06 -18.16 26.10
CA ARG I 316 -24.51 -19.49 26.54
C ARG I 316 -23.58 -20.66 26.18
N GLY I 317 -22.48 -20.40 25.47
CA GLY I 317 -21.54 -21.45 25.10
C GLY I 317 -22.09 -22.43 24.08
N LEU I 318 -22.92 -21.95 23.16
CA LEU I 318 -23.51 -22.78 22.11
C LEU I 318 -22.49 -23.13 21.01
N LEU I 319 -21.40 -22.36 20.86
CA LEU I 319 -20.38 -22.67 19.87
C LEU I 319 -19.52 -23.78 20.49
N GLY I 320 -19.49 -24.93 19.82
CA GLY I 320 -18.79 -26.13 20.28
C GLY I 320 -19.80 -27.17 20.71
N ARG I 321 -20.72 -26.78 21.59
CA ARG I 321 -21.78 -27.65 22.10
C ARG I 321 -22.86 -27.94 21.05
N GLN I 322 -23.33 -26.89 20.34
CA GLN I 322 -24.39 -26.98 19.33
C GLN I 322 -23.87 -26.69 17.91
N MET I 323 -23.08 -25.61 17.74
CA MET I 323 -22.54 -25.19 16.45
C MET I 323 -21.04 -25.42 16.37
N SER I 324 -20.56 -26.20 15.40
CA SER I 324 -19.12 -26.44 15.23
C SER I 324 -18.46 -25.35 14.37
N GLY I 325 -18.93 -24.11 14.46
CA GLY I 325 -18.37 -23.01 13.69
C GLY I 325 -19.23 -21.76 13.74
N GLY I 326 -18.63 -20.64 13.37
CA GLY I 326 -19.29 -19.35 13.38
C GLY I 326 -20.24 -19.06 12.22
N GLY I 327 -20.08 -19.78 11.12
CA GLY I 327 -20.92 -19.60 9.94
C GLY I 327 -20.32 -18.65 8.92
N ALA I 328 -21.04 -18.43 7.81
CA ALA I 328 -20.61 -17.55 6.74
C ALA I 328 -21.60 -16.41 6.48
N MET I 329 -22.39 -16.02 7.50
CA MET I 329 -23.35 -14.92 7.40
C MET I 329 -22.95 -13.88 8.43
N ILE I 330 -23.03 -12.59 8.06
CA ILE I 330 -22.70 -11.49 8.98
C ILE I 330 -23.75 -10.41 8.81
N ALA I 331 -24.40 -10.01 9.92
CA ALA I 331 -25.35 -8.90 9.93
C ALA I 331 -24.72 -7.76 10.73
N MET I 332 -25.07 -6.50 10.41
CA MET I 332 -24.50 -5.36 11.13
C MET I 332 -25.46 -4.18 11.22
N GLU I 333 -25.38 -3.40 12.31
CA GLU I 333 -26.22 -2.23 12.50
C GLU I 333 -25.32 -1.02 12.22
N LEU I 334 -25.76 -0.13 11.32
CA LEU I 334 -25.00 1.05 10.91
C LEU I 334 -25.22 2.18 11.91
N ALA I 335 -24.19 3.00 12.14
CA ALA I 335 -24.28 4.12 13.07
C ALA I 335 -25.22 5.22 12.55
N GLY I 336 -25.19 5.48 11.24
CA GLY I 336 -26.03 6.49 10.62
C GLY I 336 -27.47 6.09 10.31
N GLY I 337 -27.89 4.92 10.79
CA GLY I 337 -29.25 4.45 10.59
C GLY I 337 -29.54 3.98 9.17
N PHE I 338 -30.75 4.27 8.67
CA PHE I 338 -31.19 3.84 7.34
C PHE I 338 -30.35 4.45 6.22
N ASP I 339 -30.03 5.74 6.28
CA ASP I 339 -29.26 6.38 5.21
C ASP I 339 -27.87 5.76 5.03
N ALA I 340 -27.18 5.43 6.13
CA ALA I 340 -25.86 4.78 6.07
C ALA I 340 -25.97 3.34 5.57
N ALA I 341 -27.04 2.64 5.94
CA ALA I 341 -27.31 1.28 5.49
C ALA I 341 -27.61 1.27 3.98
N ARG I 342 -28.42 2.24 3.51
CA ARG I 342 -28.80 2.39 2.10
C ARG I 342 -27.55 2.68 1.26
N SER I 343 -26.70 3.62 1.70
CA SER I 343 -25.46 3.97 0.99
C SER I 343 -24.47 2.82 0.92
N PHE I 344 -24.41 1.97 1.98
CA PHE I 344 -23.49 0.82 2.06
C PHE I 344 -23.75 -0.21 0.94
N VAL I 345 -25.01 -0.61 0.73
CA VAL I 345 -25.32 -1.59 -0.32
C VAL I 345 -25.28 -0.96 -1.71
N GLU I 346 -25.64 0.33 -1.84
CA GLU I 346 -25.65 0.99 -3.14
C GLU I 346 -24.24 1.32 -3.66
N HIS I 347 -23.23 1.43 -2.78
CA HIS I 347 -21.84 1.69 -3.20
C HIS I 347 -20.98 0.42 -3.31
N CYS I 348 -21.59 -0.78 -3.18
CA CYS I 348 -20.85 -2.04 -3.34
C CYS I 348 -20.73 -2.33 -4.84
N ASN I 349 -19.56 -2.81 -5.28
CA ASN I 349 -19.33 -3.14 -6.69
C ASN I 349 -19.08 -4.66 -6.85
N LEU I 350 -18.04 -5.19 -6.18
CA LEU I 350 -17.73 -6.62 -6.23
C LEU I 350 -18.82 -7.37 -5.46
N VAL I 351 -19.17 -6.88 -4.26
CA VAL I 351 -20.26 -7.46 -3.46
C VAL I 351 -21.54 -6.99 -4.14
N VAL I 352 -22.45 -7.90 -4.47
CA VAL I 352 -23.66 -7.58 -5.22
C VAL I 352 -24.89 -7.39 -4.32
N HIS I 353 -25.67 -6.32 -4.58
CA HIS I 353 -26.89 -6.04 -3.85
C HIS I 353 -28.00 -6.96 -4.38
N ALA I 354 -28.25 -8.07 -3.65
CA ALA I 354 -29.26 -9.06 -4.03
C ALA I 354 -29.67 -9.92 -2.82
N VAL I 355 -30.87 -10.53 -2.90
CA VAL I 355 -31.34 -11.47 -1.87
C VAL I 355 -30.68 -12.88 -2.10
N SER I 356 -30.97 -13.88 -1.23
CA SER I 356 -30.41 -15.23 -1.26
C SER I 356 -29.05 -15.27 -0.57
N LEU I 357 -28.60 -16.46 -0.18
CA LEU I 357 -27.37 -16.64 0.57
C LEU I 357 -26.70 -18.01 0.28
N GLY I 358 -25.52 -18.24 0.83
CA GLY I 358 -24.80 -19.49 0.66
C GLY I 358 -24.19 -19.77 -0.70
N GLY I 359 -24.17 -18.78 -1.58
CA GLY I 359 -23.63 -18.93 -2.92
C GLY I 359 -22.14 -18.76 -2.99
N ALA I 360 -21.57 -19.01 -4.18
CA ALA I 360 -20.13 -18.85 -4.41
C ALA I 360 -19.67 -17.39 -4.34
N ASP I 361 -20.59 -16.43 -4.56
CA ASP I 361 -20.30 -15.00 -4.52
C ASP I 361 -20.91 -14.32 -3.28
N THR I 362 -20.33 -13.19 -2.87
CA THR I 362 -20.77 -12.43 -1.71
C THR I 362 -21.90 -11.51 -2.09
N LEU I 363 -23.01 -11.57 -1.34
CA LEU I 363 -24.19 -10.75 -1.57
C LEU I 363 -24.50 -9.91 -0.33
N ILE I 364 -25.20 -8.80 -0.54
CA ILE I 364 -25.55 -7.87 0.54
C ILE I 364 -26.96 -7.30 0.30
N GLN I 365 -27.70 -6.95 1.35
CA GLN I 365 -29.05 -6.42 1.21
C GLN I 365 -29.60 -5.80 2.51
N HIS I 366 -30.67 -4.99 2.39
CA HIS I 366 -31.34 -4.38 3.53
C HIS I 366 -32.56 -5.26 3.87
N PRO I 367 -32.52 -6.06 4.96
CA PRO I 367 -33.65 -6.96 5.23
C PRO I 367 -35.04 -6.33 5.36
N ALA I 368 -35.15 -5.19 6.04
CA ALA I 368 -36.43 -4.51 6.21
C ALA I 368 -37.08 -4.11 4.87
N SER I 369 -36.26 -3.87 3.83
CA SER I 369 -36.75 -3.49 2.51
C SER I 369 -36.97 -4.67 1.56
N LEU I 370 -36.30 -5.83 1.78
CA LEU I 370 -36.44 -6.96 0.87
C LEU I 370 -36.89 -8.28 1.57
N THR I 371 -35.96 -9.09 2.13
CA THR I 371 -36.29 -10.40 2.70
C THR I 371 -37.40 -10.36 3.75
N HIS I 372 -37.37 -9.37 4.64
CA HIS I 372 -38.36 -9.21 5.69
C HIS I 372 -39.32 -8.04 5.45
N ARG I 373 -39.65 -7.75 4.18
CA ARG I 373 -40.61 -6.71 3.84
C ARG I 373 -42.06 -7.15 4.17
N PRO I 374 -42.50 -8.42 3.93
CA PRO I 374 -43.88 -8.80 4.30
C PRO I 374 -44.13 -8.97 5.81
N VAL I 375 -43.10 -8.75 6.64
CA VAL I 375 -43.21 -8.90 8.10
C VAL I 375 -43.94 -7.68 8.67
N ALA I 376 -44.70 -7.87 9.76
CA ALA I 376 -45.42 -6.81 10.43
C ALA I 376 -44.45 -5.73 10.93
N ALA I 377 -44.88 -4.47 10.91
CA ALA I 377 -44.04 -3.33 11.33
C ALA I 377 -43.38 -3.52 12.70
N THR I 378 -44.13 -4.03 13.68
CA THR I 378 -43.61 -4.26 15.03
C THR I 378 -42.48 -5.31 15.06
N ALA I 379 -42.61 -6.34 14.21
CA ALA I 379 -41.66 -7.45 14.13
C ALA I 379 -40.57 -7.27 13.06
N LYS I 380 -40.60 -6.19 12.27
CA LYS I 380 -39.60 -6.01 11.22
C LYS I 380 -38.19 -5.78 11.79
N PRO I 381 -37.08 -6.18 11.12
CA PRO I 381 -35.75 -5.89 11.67
C PRO I 381 -35.40 -4.40 11.65
N GLY I 382 -34.32 -4.03 12.33
CA GLY I 382 -33.87 -2.65 12.40
C GLY I 382 -33.62 -2.02 11.05
N ASP I 383 -33.92 -0.72 10.94
CA ASP I 383 -33.71 0.03 9.69
C ASP I 383 -32.23 0.24 9.36
N GLY I 384 -31.36 0.25 10.38
CA GLY I 384 -29.92 0.35 10.18
C GLY I 384 -29.24 -0.98 9.96
N LEU I 385 -29.97 -2.12 10.04
CA LEU I 385 -29.41 -3.45 9.88
C LEU I 385 -29.20 -3.83 8.41
N ILE I 386 -28.08 -4.50 8.13
CA ILE I 386 -27.67 -4.97 6.80
C ILE I 386 -27.21 -6.43 6.93
N ARG I 387 -27.70 -7.33 6.07
CA ARG I 387 -27.30 -8.74 6.07
C ARG I 387 -26.31 -8.98 4.91
N LEU I 388 -25.28 -9.81 5.15
CA LEU I 388 -24.24 -10.12 4.17
C LEU I 388 -23.99 -11.63 4.15
N SER I 389 -23.97 -12.23 2.95
CA SER I 389 -23.66 -13.65 2.75
C SER I 389 -22.25 -13.71 2.21
N VAL I 390 -21.31 -14.32 2.96
CA VAL I 390 -19.92 -14.39 2.54
C VAL I 390 -19.72 -15.57 1.56
N GLY I 391 -19.03 -15.31 0.45
CA GLY I 391 -18.76 -16.30 -0.60
C GLY I 391 -17.36 -16.87 -0.55
N LEU I 392 -16.86 -17.33 -1.71
CA LEU I 392 -15.55 -17.96 -1.83
C LEU I 392 -14.49 -17.04 -2.44
N GLU I 393 -14.66 -15.71 -2.33
CA GLU I 393 -13.68 -14.77 -2.86
C GLU I 393 -12.59 -14.50 -1.82
N HIS I 394 -11.47 -13.89 -2.25
CA HIS I 394 -10.37 -13.57 -1.34
C HIS I 394 -10.83 -12.54 -0.31
N VAL I 395 -10.45 -12.76 0.95
CA VAL I 395 -10.82 -11.87 2.06
C VAL I 395 -10.41 -10.40 1.82
N ASP I 396 -9.22 -10.16 1.27
CA ASP I 396 -8.73 -8.80 1.03
C ASP I 396 -9.60 -8.08 0.00
N ASP I 397 -9.97 -8.73 -1.11
CA ASP I 397 -10.80 -8.10 -2.13
C ASP I 397 -12.20 -7.77 -1.63
N LEU I 398 -12.76 -8.59 -0.73
CA LEU I 398 -14.09 -8.34 -0.17
C LEU I 398 -14.02 -7.20 0.85
N ALA I 399 -12.99 -7.20 1.71
CA ALA I 399 -12.83 -6.15 2.70
C ALA I 399 -12.59 -4.80 2.01
N ASP I 400 -11.75 -4.77 0.96
CA ASP I 400 -11.46 -3.54 0.22
C ASP I 400 -12.75 -2.92 -0.35
N ASP I 401 -13.63 -3.76 -0.92
CA ASP I 401 -14.89 -3.29 -1.50
C ASP I 401 -15.89 -2.82 -0.43
N LEU I 402 -16.04 -3.57 0.68
CA LEU I 402 -16.99 -3.16 1.72
C LEU I 402 -16.50 -1.92 2.47
N ILE I 403 -15.18 -1.77 2.67
CA ILE I 403 -14.66 -0.58 3.35
C ILE I 403 -14.88 0.64 2.44
N ALA I 404 -14.60 0.52 1.13
CA ALA I 404 -14.83 1.62 0.18
C ALA I 404 -16.30 2.04 0.14
N ALA I 405 -17.23 1.07 0.25
CA ALA I 405 -18.67 1.34 0.25
C ALA I 405 -19.09 2.12 1.51
N LEU I 406 -18.48 1.81 2.67
CA LEU I 406 -18.77 2.51 3.92
C LEU I 406 -18.18 3.93 3.87
N ASP I 407 -16.96 4.08 3.31
CA ASP I 407 -16.30 5.37 3.17
C ASP I 407 -16.99 6.29 2.14
N ALA I 408 -17.87 5.76 1.27
CA ALA I 408 -18.58 6.57 0.27
C ALA I 408 -19.62 7.46 0.94
N SER J 23 -55.31 -11.28 -35.17
CA SER J 23 -55.34 -11.40 -36.63
C SER J 23 -54.72 -12.72 -37.13
N LEU J 24 -53.86 -13.38 -36.33
CA LEU J 24 -53.23 -14.64 -36.73
C LEU J 24 -54.06 -15.85 -36.32
N HIS J 25 -53.91 -16.96 -37.06
CA HIS J 25 -54.62 -18.21 -36.79
C HIS J 25 -54.04 -18.91 -35.53
N PRO J 26 -54.78 -19.82 -34.84
CA PRO J 26 -54.20 -20.49 -33.66
C PRO J 26 -52.97 -21.36 -33.95
N GLU J 27 -52.86 -21.89 -35.17
CA GLU J 27 -51.71 -22.73 -35.55
C GLU J 27 -50.42 -21.89 -35.59
N THR J 28 -50.53 -20.63 -36.05
CA THR J 28 -49.39 -19.70 -36.09
C THR J 28 -49.04 -19.25 -34.67
N LEU J 29 -50.07 -18.96 -33.84
CA LEU J 29 -49.87 -18.49 -32.46
C LEU J 29 -49.27 -19.54 -31.53
N MET J 30 -49.41 -20.83 -31.85
CA MET J 30 -48.79 -21.89 -31.05
C MET J 30 -47.27 -21.90 -31.26
N VAL J 31 -46.82 -21.60 -32.49
CA VAL J 31 -45.39 -21.56 -32.83
C VAL J 31 -44.72 -20.28 -32.26
N HIS J 32 -45.31 -19.11 -32.53
CA HIS J 32 -44.74 -17.81 -32.14
C HIS J 32 -45.25 -17.20 -30.81
N GLY J 33 -46.12 -17.89 -30.09
CA GLY J 33 -46.62 -17.40 -28.81
C GLY J 33 -45.54 -17.40 -27.75
N GLY J 34 -45.45 -16.32 -26.98
CA GLY J 34 -44.44 -16.17 -25.95
C GLY J 34 -43.01 -16.03 -26.44
N MET J 35 -42.82 -15.79 -27.76
CA MET J 35 -41.51 -15.61 -28.38
C MET J 35 -41.29 -14.11 -28.75
N LYS J 36 -41.85 -13.20 -27.94
CA LYS J 36 -41.78 -11.77 -28.21
C LYS J 36 -40.42 -11.21 -27.80
N GLY J 37 -39.80 -10.46 -28.69
CA GLY J 37 -38.50 -9.85 -28.43
C GLY J 37 -37.29 -10.74 -28.65
N LEU J 38 -37.48 -12.04 -28.90
CA LEU J 38 -36.36 -12.96 -29.10
C LEU J 38 -35.69 -12.69 -30.45
N THR J 39 -36.47 -12.58 -31.52
CA THR J 39 -35.94 -12.28 -32.85
C THR J 39 -35.22 -10.92 -32.86
N GLU J 40 -35.78 -9.95 -32.13
CA GLU J 40 -35.23 -8.61 -32.02
C GLU J 40 -33.89 -8.60 -31.23
N ALA J 41 -33.70 -9.58 -30.31
CA ALA J 41 -32.47 -9.74 -29.52
C ALA J 41 -31.40 -10.66 -30.20
N GLY J 42 -31.69 -11.16 -31.40
CA GLY J 42 -30.75 -12.02 -32.12
C GLY J 42 -30.65 -13.44 -31.61
N VAL J 43 -31.76 -14.00 -31.09
CA VAL J 43 -31.83 -15.38 -30.57
C VAL J 43 -33.07 -16.09 -31.14
N HIS J 44 -33.03 -17.44 -31.19
CA HIS J 44 -34.11 -18.25 -31.77
C HIS J 44 -35.15 -18.75 -30.76
N VAL J 45 -34.68 -19.36 -29.65
CA VAL J 45 -35.55 -19.94 -28.61
C VAL J 45 -35.33 -19.22 -27.25
N PRO J 46 -36.31 -19.20 -26.31
CA PRO J 46 -36.06 -18.50 -25.04
C PRO J 46 -34.97 -19.17 -24.22
N ALA J 47 -34.13 -18.37 -23.57
CA ALA J 47 -33.04 -18.90 -22.76
C ALA J 47 -33.54 -19.50 -21.46
N ILE J 48 -32.77 -20.43 -20.88
CA ILE J 48 -33.11 -21.06 -19.61
C ILE J 48 -32.25 -20.39 -18.55
N ASP J 49 -32.83 -19.43 -17.81
CA ASP J 49 -32.11 -18.72 -16.76
C ASP J 49 -32.38 -19.43 -15.45
N LEU J 50 -31.36 -20.13 -14.92
CA LEU J 50 -31.50 -20.87 -13.67
C LEU J 50 -31.35 -19.98 -12.41
N SER J 51 -30.99 -18.68 -12.56
CA SER J 51 -30.81 -17.75 -11.45
C SER J 51 -31.91 -17.80 -10.40
N THR J 52 -31.53 -18.10 -9.16
CA THR J 52 -32.47 -18.12 -8.04
C THR J 52 -32.75 -16.69 -7.61
N THR J 53 -31.69 -15.84 -7.56
CA THR J 53 -31.78 -14.44 -7.20
C THR J 53 -31.58 -13.56 -8.44
N ASN J 54 -32.05 -12.31 -8.36
CA ASN J 54 -31.94 -11.33 -9.43
C ASN J 54 -31.50 -9.99 -8.81
N PRO J 55 -30.25 -9.51 -9.03
CA PRO J 55 -29.82 -8.25 -8.38
C PRO J 55 -30.70 -7.02 -8.63
N VAL J 56 -30.67 -6.08 -7.67
CA VAL J 56 -31.46 -4.85 -7.71
C VAL J 56 -30.55 -3.63 -7.87
N ASN J 57 -31.05 -2.59 -8.55
CA ASN J 57 -30.26 -1.38 -8.81
C ASN J 57 -30.04 -0.58 -7.53
N ASP J 58 -31.09 -0.44 -6.70
CA ASP J 58 -31.01 0.27 -5.43
C ASP J 58 -32.07 -0.26 -4.43
N VAL J 59 -32.06 0.24 -3.18
CA VAL J 59 -32.98 -0.21 -2.14
C VAL J 59 -34.42 0.17 -2.48
N ALA J 60 -34.63 1.40 -2.99
CA ALA J 60 -35.97 1.88 -3.33
C ALA J 60 -36.63 1.09 -4.48
N THR J 61 -35.94 0.92 -5.63
CA THR J 61 -36.52 0.20 -6.77
C THR J 61 -36.65 -1.29 -6.47
N GLY J 62 -35.65 -1.86 -5.79
CA GLY J 62 -35.68 -3.26 -5.41
C GLY J 62 -36.82 -3.59 -4.48
N GLY J 63 -37.01 -2.74 -3.47
CA GLY J 63 -38.09 -2.90 -2.50
C GLY J 63 -39.46 -2.72 -3.14
N ASP J 64 -39.59 -1.73 -4.04
CA ASP J 64 -40.84 -1.47 -4.77
C ASP J 64 -41.19 -2.63 -5.70
N SER J 65 -40.18 -3.23 -6.35
CA SER J 65 -40.38 -4.40 -7.22
C SER J 65 -40.77 -5.61 -6.39
N TYR J 66 -40.14 -5.80 -5.21
CA TYR J 66 -40.48 -6.90 -4.29
C TYR J 66 -41.95 -6.81 -3.90
N GLU J 67 -42.42 -5.64 -3.43
CA GLU J 67 -43.80 -5.44 -3.01
C GLU J 67 -44.79 -5.66 -4.18
N TRP J 68 -44.51 -5.09 -5.34
CA TRP J 68 -45.36 -5.23 -6.52
C TRP J 68 -45.55 -6.71 -6.91
N LEU J 69 -44.47 -7.52 -6.87
CA LEU J 69 -44.55 -8.94 -7.21
C LEU J 69 -45.17 -9.79 -6.11
N ALA J 70 -44.79 -9.56 -4.84
CA ALA J 70 -45.32 -10.30 -3.70
C ALA J 70 -46.83 -10.10 -3.57
N THR J 71 -47.35 -8.91 -3.94
CA THR J 71 -48.79 -8.64 -3.93
C THR J 71 -49.52 -9.17 -5.20
N GLY J 72 -48.88 -10.07 -5.95
CA GLY J 72 -49.46 -10.72 -7.12
C GLY J 72 -49.44 -9.99 -8.45
N HIS J 73 -48.61 -8.95 -8.61
CA HIS J 73 -48.57 -8.19 -9.87
C HIS J 73 -47.50 -8.66 -10.85
N THR J 74 -47.75 -8.41 -12.15
CA THR J 74 -46.87 -8.78 -13.25
C THR J 74 -45.60 -7.91 -13.20
N LEU J 75 -44.43 -8.49 -13.53
CA LEU J 75 -43.18 -7.75 -13.53
C LEU J 75 -43.22 -6.63 -14.55
N LYS J 76 -42.84 -5.42 -14.13
CA LYS J 76 -42.81 -4.28 -15.03
C LYS J 76 -41.63 -4.40 -15.98
N ASP J 77 -41.75 -3.85 -17.19
CA ASP J 77 -40.66 -3.91 -18.16
C ASP J 77 -39.55 -2.98 -17.66
N GLY J 78 -38.34 -3.52 -17.57
CA GLY J 78 -37.19 -2.79 -17.06
C GLY J 78 -37.18 -2.72 -15.54
N ASP J 79 -37.49 -3.87 -14.89
CA ASP J 79 -37.53 -4.01 -13.44
C ASP J 79 -36.92 -5.36 -13.07
N SER J 80 -36.25 -5.43 -11.91
CA SER J 80 -35.61 -6.67 -11.46
C SER J 80 -36.65 -7.67 -10.97
N ALA J 81 -36.46 -8.94 -11.31
CA ALA J 81 -37.34 -10.01 -10.83
C ALA J 81 -37.16 -10.26 -9.31
N VAL J 82 -36.05 -9.75 -8.69
CA VAL J 82 -35.68 -9.83 -7.28
C VAL J 82 -35.34 -11.28 -6.82
N TYR J 83 -36.29 -12.21 -6.94
CA TYR J 83 -36.12 -13.61 -6.55
C TYR J 83 -37.04 -14.48 -7.41
N GLN J 84 -36.67 -15.75 -7.59
CA GLN J 84 -37.42 -16.69 -8.43
C GLN J 84 -38.83 -16.98 -7.91
N ARG J 85 -39.02 -16.99 -6.58
CA ARG J 85 -40.35 -17.23 -6.01
C ARG J 85 -41.32 -16.06 -6.28
N LEU J 86 -40.79 -14.87 -6.65
CA LEU J 86 -41.58 -13.70 -6.99
C LEU J 86 -41.80 -13.65 -8.51
N TRP J 87 -40.74 -13.89 -9.32
CA TRP J 87 -40.88 -13.90 -10.79
C TRP J 87 -39.75 -14.69 -11.49
N GLN J 88 -40.09 -15.42 -12.55
CA GLN J 88 -39.14 -16.18 -13.37
C GLN J 88 -39.45 -15.81 -14.85
N PRO J 89 -38.47 -15.37 -15.68
CA PRO J 89 -38.81 -14.96 -17.06
C PRO J 89 -39.23 -16.07 -18.02
N GLY J 90 -38.66 -17.26 -17.89
CA GLY J 90 -39.01 -18.39 -18.74
C GLY J 90 -40.41 -18.88 -18.46
N VAL J 91 -40.81 -18.88 -17.18
CA VAL J 91 -42.16 -19.27 -16.76
C VAL J 91 -43.13 -18.23 -17.31
N ALA J 92 -42.80 -16.94 -17.17
CA ALA J 92 -43.61 -15.83 -17.69
C ALA J 92 -43.85 -15.93 -19.20
N ARG J 93 -42.83 -16.34 -19.97
CA ARG J 93 -42.95 -16.50 -21.42
C ARG J 93 -43.90 -17.66 -21.79
N PHE J 94 -43.96 -18.69 -20.94
CA PHE J 94 -44.88 -19.83 -21.09
C PHE J 94 -46.29 -19.37 -20.72
N GLU J 95 -46.41 -18.60 -19.62
CA GLU J 95 -47.68 -18.06 -19.12
C GLU J 95 -48.38 -17.23 -20.22
N THR J 96 -47.66 -16.29 -20.87
CA THR J 96 -48.24 -15.44 -21.92
C THR J 96 -48.58 -16.25 -23.18
N ALA J 97 -47.82 -17.32 -23.47
CA ALA J 97 -48.09 -18.15 -24.64
C ALA J 97 -49.45 -18.86 -24.51
N LEU J 98 -49.73 -19.50 -23.36
CA LEU J 98 -51.00 -20.19 -23.16
C LEU J 98 -52.16 -19.23 -23.00
N ALA J 99 -51.96 -18.09 -22.29
CA ALA J 99 -53.01 -17.09 -22.13
C ALA J 99 -53.54 -16.60 -23.49
N GLY J 100 -52.64 -16.43 -24.46
CA GLY J 100 -53.03 -16.03 -25.80
C GLY J 100 -53.81 -17.10 -26.55
N LEU J 101 -53.51 -18.38 -26.27
CA LEU J 101 -54.20 -19.50 -26.92
C LEU J 101 -55.61 -19.66 -26.35
N GLU J 102 -55.78 -19.54 -25.02
CA GLU J 102 -57.10 -19.62 -24.39
C GLU J 102 -57.87 -18.27 -24.44
N HIS J 103 -57.22 -17.17 -24.91
CA HIS J 103 -57.79 -15.84 -25.03
C HIS J 103 -58.15 -15.25 -23.65
N ALA J 104 -57.27 -15.51 -22.67
CA ALA J 104 -57.36 -14.99 -21.31
C ALA J 104 -56.43 -13.77 -21.16
N GLU J 105 -56.65 -12.94 -20.13
CA GLU J 105 -55.83 -11.75 -19.92
C GLU J 105 -54.42 -12.15 -19.50
N GLU J 106 -54.31 -13.05 -18.50
CA GLU J 106 -53.05 -13.51 -17.92
C GLU J 106 -53.12 -15.02 -17.62
N ALA J 107 -51.98 -15.61 -17.20
CA ALA J 107 -51.91 -17.02 -16.79
C ALA J 107 -50.85 -17.18 -15.71
N VAL J 108 -51.06 -18.15 -14.79
CA VAL J 108 -50.14 -18.41 -13.67
C VAL J 108 -49.75 -19.89 -13.71
N ALA J 109 -48.44 -20.18 -13.76
CA ALA J 109 -47.92 -21.53 -13.84
C ALA J 109 -47.30 -22.01 -12.54
N PHE J 110 -47.46 -23.32 -12.26
CA PHE J 110 -47.02 -24.01 -11.06
C PHE J 110 -46.32 -25.35 -11.40
N ALA J 111 -45.70 -26.00 -10.40
CA ALA J 111 -44.97 -27.26 -10.58
C ALA J 111 -45.80 -28.38 -11.21
N THR J 112 -47.07 -28.53 -10.79
CA THR J 112 -47.99 -29.57 -11.27
C THR J 112 -49.44 -29.02 -11.41
N GLY J 113 -50.32 -29.76 -12.07
CA GLY J 113 -51.73 -29.41 -12.18
C GLY J 113 -52.39 -29.35 -10.81
N MET J 114 -51.95 -30.22 -9.87
CA MET J 114 -52.48 -30.22 -8.51
C MET J 114 -52.04 -28.98 -7.73
N ALA J 115 -50.83 -28.45 -7.99
CA ALA J 115 -50.36 -27.21 -7.36
C ALA J 115 -51.14 -26.00 -7.85
N ALA J 116 -51.61 -26.02 -9.10
CA ALA J 116 -52.46 -24.97 -9.63
C ALA J 116 -53.84 -25.05 -8.98
N MET J 117 -54.42 -26.26 -8.86
CA MET J 117 -55.71 -26.48 -8.18
C MET J 117 -55.61 -26.00 -6.73
N THR J 118 -54.52 -26.37 -6.04
CA THR J 118 -54.26 -26.00 -4.65
C THR J 118 -54.25 -24.48 -4.48
N ALA J 119 -53.56 -23.78 -5.39
CA ALA J 119 -53.48 -22.33 -5.35
C ALA J 119 -54.84 -21.67 -5.57
N ALA J 120 -55.65 -22.19 -6.51
CA ALA J 120 -56.98 -21.65 -6.79
C ALA J 120 -57.91 -21.87 -5.60
N LEU J 121 -57.79 -23.00 -4.91
CA LEU J 121 -58.63 -23.28 -3.74
C LEU J 121 -58.18 -22.39 -2.58
N LEU J 122 -56.87 -22.25 -2.36
CA LEU J 122 -56.36 -21.38 -1.28
C LEU J 122 -56.72 -19.92 -1.53
N ALA J 123 -56.74 -19.47 -2.80
CA ALA J 123 -57.15 -18.10 -3.12
C ALA J 123 -58.61 -17.86 -2.76
N ALA J 124 -59.48 -18.85 -3.01
CA ALA J 124 -60.90 -18.76 -2.66
C ALA J 124 -61.09 -18.77 -1.15
N VAL J 125 -60.35 -19.62 -0.43
CA VAL J 125 -60.44 -19.70 1.04
C VAL J 125 -59.97 -18.38 1.65
N SER J 126 -58.83 -17.85 1.16
CA SER J 126 -58.27 -16.59 1.63
C SER J 126 -59.24 -15.42 1.42
N ALA J 127 -59.99 -15.42 0.30
CA ALA J 127 -60.99 -14.38 0.00
C ALA J 127 -62.23 -14.42 0.92
N GLY J 128 -62.42 -15.49 1.68
CA GLY J 128 -63.57 -15.66 2.56
C GLY J 128 -64.71 -16.45 1.92
N THR J 129 -64.39 -17.25 0.87
CA THR J 129 -65.36 -18.07 0.15
C THR J 129 -64.82 -19.50 0.08
N PRO J 130 -64.78 -20.26 1.21
CA PRO J 130 -64.21 -21.61 1.16
C PRO J 130 -65.07 -22.69 0.51
N HIS J 131 -66.39 -22.45 0.33
CA HIS J 131 -67.26 -23.45 -0.28
C HIS J 131 -67.05 -23.49 -1.79
N ILE J 132 -67.03 -24.71 -2.36
CA ILE J 132 -66.83 -24.92 -3.80
C ILE J 132 -67.91 -25.89 -4.27
N VAL J 133 -68.60 -25.54 -5.37
CA VAL J 133 -69.62 -26.40 -5.98
C VAL J 133 -68.87 -27.12 -7.11
N ALA J 134 -68.78 -28.45 -7.06
CA ALA J 134 -68.06 -29.20 -8.09
C ALA J 134 -68.94 -30.27 -8.75
N VAL J 135 -68.75 -30.50 -10.06
CA VAL J 135 -69.53 -31.47 -10.83
C VAL J 135 -68.64 -32.66 -11.19
N ARG J 136 -69.05 -33.87 -10.79
CA ARG J 136 -68.30 -35.09 -11.10
C ARG J 136 -68.72 -35.66 -12.48
N PRO J 137 -67.89 -36.46 -13.18
CA PRO J 137 -66.52 -36.92 -12.82
C PRO J 137 -65.42 -35.86 -12.96
N LEU J 138 -64.41 -35.96 -12.10
CA LEU J 138 -63.22 -35.12 -12.10
C LEU J 138 -62.00 -36.04 -11.91
N TYR J 139 -60.77 -35.53 -12.14
CA TYR J 139 -59.56 -36.32 -11.92
C TYR J 139 -59.49 -36.73 -10.42
N GLY J 140 -59.10 -37.98 -10.15
CA GLY J 140 -58.99 -38.53 -8.81
C GLY J 140 -58.42 -37.63 -7.74
N GLY J 141 -57.32 -36.95 -8.06
CA GLY J 141 -56.67 -36.01 -7.16
C GLY J 141 -57.50 -34.78 -6.91
N SER J 142 -58.06 -34.17 -7.97
CA SER J 142 -58.93 -33.00 -7.85
C SER J 142 -60.15 -33.35 -6.99
N ASP J 143 -60.71 -34.55 -7.20
CA ASP J 143 -61.87 -35.07 -6.46
C ASP J 143 -61.50 -35.29 -4.98
N HIS J 144 -60.37 -35.96 -4.71
CA HIS J 144 -59.92 -36.25 -3.36
C HIS J 144 -59.52 -35.01 -2.57
N LEU J 145 -58.87 -34.03 -3.22
CA LEU J 145 -58.46 -32.78 -2.55
C LEU J 145 -59.69 -31.99 -2.08
N LEU J 146 -60.80 -32.04 -2.84
CA LEU J 146 -62.03 -31.37 -2.44
C LEU J 146 -62.75 -32.16 -1.33
N GLU J 147 -62.85 -33.50 -1.48
CA GLU J 147 -63.49 -34.37 -0.49
C GLU J 147 -62.84 -34.25 0.89
N THR J 148 -61.50 -34.30 0.96
CA THR J 148 -60.78 -34.22 2.24
C THR J 148 -60.88 -32.83 2.87
N GLY J 149 -60.92 -31.78 2.04
CA GLY J 149 -60.98 -30.42 2.54
C GLY J 149 -59.70 -30.02 3.24
N LEU J 150 -58.56 -30.50 2.72
CA LEU J 150 -57.23 -30.25 3.29
C LEU J 150 -56.92 -28.77 3.40
N LEU J 151 -57.31 -27.99 2.39
CA LEU J 151 -57.00 -26.55 2.33
C LEU J 151 -58.09 -25.67 2.94
N GLY J 152 -58.90 -26.21 3.85
CA GLY J 152 -59.97 -25.46 4.49
C GLY J 152 -61.18 -25.22 3.62
N THR J 153 -61.42 -26.10 2.63
CA THR J 153 -62.57 -25.97 1.72
C THR J 153 -63.69 -26.94 2.10
N THR J 154 -64.92 -26.54 1.81
CA THR J 154 -66.11 -27.37 1.96
C THR J 154 -66.63 -27.58 0.52
N VAL J 155 -67.12 -28.78 0.19
CA VAL J 155 -67.58 -29.07 -1.18
C VAL J 155 -69.02 -29.59 -1.19
N THR J 156 -69.74 -29.25 -2.27
CA THR J 156 -71.10 -29.70 -2.50
C THR J 156 -71.09 -30.31 -3.89
N TRP J 157 -71.14 -31.65 -3.95
CA TRP J 157 -71.13 -32.36 -5.22
C TRP J 157 -72.50 -32.23 -5.86
N ALA J 158 -72.57 -31.56 -7.01
CA ALA J 158 -73.83 -31.31 -7.70
C ALA J 158 -73.80 -31.77 -9.14
N LYS J 159 -74.97 -32.12 -9.68
CA LYS J 159 -75.11 -32.50 -11.08
C LYS J 159 -75.15 -31.21 -11.92
N GLU J 160 -74.88 -31.33 -13.22
CA GLU J 160 -74.85 -30.17 -14.12
C GLU J 160 -76.11 -29.30 -14.04
N ALA J 161 -77.30 -29.91 -14.01
CA ALA J 161 -78.55 -29.17 -13.93
C ALA J 161 -78.80 -28.53 -12.56
N ASP J 162 -78.29 -29.12 -11.47
CA ASP J 162 -78.50 -28.62 -10.11
C ASP J 162 -77.36 -27.73 -9.58
N ILE J 163 -76.69 -26.95 -10.45
CA ILE J 163 -75.59 -26.08 -10.01
C ILE J 163 -76.16 -24.86 -9.24
N ALA J 164 -77.12 -24.15 -9.85
CA ALA J 164 -77.73 -22.96 -9.26
C ALA J 164 -78.24 -23.18 -7.82
N SER J 165 -78.90 -24.32 -7.57
CA SER J 165 -79.43 -24.67 -6.25
C SER J 165 -78.32 -24.97 -5.23
N ALA J 166 -77.24 -25.63 -5.66
CA ALA J 166 -76.12 -25.99 -4.80
C ALA J 166 -75.29 -24.79 -4.32
N ILE J 167 -75.40 -23.63 -5.00
CA ILE J 167 -74.61 -22.45 -4.65
C ILE J 167 -75.13 -21.79 -3.35
N GLN J 168 -74.19 -21.48 -2.46
CA GLN J 168 -74.40 -20.83 -1.17
C GLN J 168 -73.76 -19.43 -1.20
N ASP J 169 -74.05 -18.59 -0.19
CA ASP J 169 -73.40 -17.28 -0.08
C ASP J 169 -71.87 -17.44 0.14
N ASP J 170 -71.43 -18.60 0.68
CA ASP J 170 -70.04 -18.93 0.96
C ASP J 170 -69.30 -19.52 -0.26
N THR J 171 -69.96 -19.71 -1.43
CA THR J 171 -69.30 -20.30 -2.59
C THR J 171 -68.31 -19.34 -3.28
N GLY J 172 -67.10 -19.83 -3.51
CA GLY J 172 -66.03 -19.10 -4.18
C GLY J 172 -65.80 -19.53 -5.61
N LEU J 173 -66.09 -20.83 -5.95
CA LEU J 173 -65.86 -21.34 -7.29
C LEU J 173 -66.80 -22.49 -7.68
N VAL J 174 -66.99 -22.67 -9.00
CA VAL J 174 -67.77 -23.76 -9.60
C VAL J 174 -66.76 -24.55 -10.45
N ILE J 175 -66.35 -25.74 -9.98
CA ILE J 175 -65.36 -26.55 -10.68
C ILE J 175 -66.01 -27.58 -11.59
N VAL J 176 -65.73 -27.51 -12.91
CA VAL J 176 -66.25 -28.44 -13.92
C VAL J 176 -65.11 -28.93 -14.83
N GLU J 177 -65.33 -30.05 -15.53
CA GLU J 177 -64.35 -30.62 -16.44
C GLU J 177 -65.09 -31.32 -17.58
N THR J 178 -64.73 -31.00 -18.84
CA THR J 178 -65.37 -31.59 -20.02
C THR J 178 -64.38 -31.71 -21.21
N PRO J 179 -64.15 -32.92 -21.79
CA PRO J 179 -64.66 -34.25 -21.39
C PRO J 179 -64.09 -34.65 -20.02
N ALA J 180 -64.92 -35.24 -19.16
CA ALA J 180 -64.51 -35.62 -17.81
C ALA J 180 -63.49 -36.76 -17.80
N ASN J 181 -62.65 -36.79 -16.75
CA ASN J 181 -61.65 -37.84 -16.57
C ASN J 181 -62.29 -38.87 -15.63
N PRO J 182 -62.49 -40.17 -16.00
CA PRO J 182 -62.09 -40.90 -17.23
C PRO J 182 -63.15 -41.14 -18.32
N SER J 183 -64.44 -41.20 -17.95
CA SER J 183 -65.57 -41.55 -18.83
C SER J 183 -65.92 -40.55 -19.96
N LEU J 184 -65.24 -39.39 -20.04
CA LEU J 184 -65.45 -38.38 -21.09
C LEU J 184 -66.87 -37.81 -21.11
N ASP J 185 -67.43 -37.58 -19.93
CA ASP J 185 -68.76 -36.98 -19.80
C ASP J 185 -68.66 -35.52 -20.21
N LEU J 186 -69.58 -35.07 -21.07
CA LEU J 186 -69.56 -33.70 -21.57
C LEU J 186 -70.47 -32.79 -20.75
N VAL J 187 -70.10 -31.51 -20.64
CA VAL J 187 -70.81 -30.50 -19.86
C VAL J 187 -71.01 -29.27 -20.75
N ASP J 188 -72.25 -28.73 -20.82
CA ASP J 188 -72.53 -27.52 -21.58
C ASP J 188 -72.03 -26.33 -20.76
N LEU J 189 -70.94 -25.70 -21.21
CA LEU J 189 -70.32 -24.59 -20.49
C LEU J 189 -71.18 -23.33 -20.49
N ASP J 190 -71.97 -23.09 -21.54
CA ASP J 190 -72.86 -21.93 -21.59
C ASP J 190 -73.92 -22.04 -20.48
N SER J 191 -74.47 -23.25 -20.27
CA SER J 191 -75.47 -23.50 -19.23
C SER J 191 -74.88 -23.41 -17.83
N VAL J 192 -73.65 -23.90 -17.64
CA VAL J 192 -72.99 -23.87 -16.33
C VAL J 192 -72.73 -22.41 -15.92
N VAL J 193 -72.21 -21.59 -16.85
CA VAL J 193 -71.93 -20.17 -16.57
C VAL J 193 -73.23 -19.44 -16.23
N SER J 194 -74.32 -19.74 -16.97
CA SER J 194 -75.63 -19.13 -16.70
C SER J 194 -76.13 -19.51 -15.30
N ALA J 195 -75.99 -20.79 -14.91
CA ALA J 195 -76.42 -21.27 -13.59
C ALA J 195 -75.56 -20.71 -12.44
N ALA J 196 -74.25 -20.49 -12.67
CA ALA J 196 -73.35 -19.97 -11.65
C ALA J 196 -73.63 -18.50 -11.32
N GLY J 197 -73.91 -17.69 -12.34
CA GLY J 197 -74.20 -16.29 -12.15
C GLY J 197 -72.99 -15.50 -11.70
N ASN J 198 -73.05 -14.95 -10.47
CA ASN J 198 -71.96 -14.15 -9.91
C ASN J 198 -70.75 -15.00 -9.47
N VAL J 199 -70.91 -16.33 -9.33
CA VAL J 199 -69.80 -17.17 -8.87
C VAL J 199 -68.87 -17.47 -10.05
N PRO J 200 -67.53 -17.29 -9.92
CA PRO J 200 -66.64 -17.62 -11.06
C PRO J 200 -66.59 -19.12 -11.33
N VAL J 201 -66.43 -19.50 -12.62
CA VAL J 201 -66.39 -20.90 -13.02
C VAL J 201 -64.98 -21.29 -13.42
N LEU J 202 -64.47 -22.40 -12.86
CA LEU J 202 -63.17 -22.95 -13.18
C LEU J 202 -63.41 -24.20 -14.03
N VAL J 203 -62.94 -24.17 -15.27
CA VAL J 203 -63.12 -25.28 -16.21
C VAL J 203 -61.78 -25.94 -16.46
N ASP J 204 -61.65 -27.22 -16.14
CA ASP J 204 -60.43 -27.95 -16.44
C ASP J 204 -60.48 -28.33 -17.92
N ASN J 205 -59.64 -27.68 -18.75
CA ASN J 205 -59.60 -27.92 -20.19
C ASN J 205 -58.42 -28.81 -20.61
N THR J 206 -57.88 -29.64 -19.69
CA THR J 206 -56.72 -30.50 -19.98
C THR J 206 -56.94 -31.45 -21.17
N PHE J 207 -58.05 -32.19 -21.18
CA PHE J 207 -58.35 -33.17 -22.23
C PHE J 207 -58.56 -32.54 -23.62
N CYS J 208 -59.32 -31.42 -23.68
CA CYS J 208 -59.61 -30.75 -24.94
C CYS J 208 -58.44 -29.93 -25.46
N THR J 209 -57.72 -29.20 -24.58
CA THR J 209 -56.61 -28.29 -24.91
C THR J 209 -57.14 -27.02 -25.62
N PRO J 210 -56.38 -25.89 -25.69
CA PRO J 210 -56.91 -24.72 -26.42
C PRO J 210 -57.14 -24.94 -27.92
N VAL J 211 -56.72 -26.09 -28.47
CA VAL J 211 -56.90 -26.43 -29.88
C VAL J 211 -58.37 -26.72 -30.14
N LEU J 212 -59.00 -27.50 -29.25
CA LEU J 212 -60.39 -27.95 -29.40
C LEU J 212 -61.45 -27.14 -28.63
N GLN J 213 -61.16 -26.66 -27.41
CA GLN J 213 -62.14 -25.95 -26.61
C GLN J 213 -61.56 -24.67 -26.03
N GLN J 214 -62.39 -23.61 -25.95
CA GLN J 214 -61.99 -22.30 -25.43
C GLN J 214 -63.02 -21.92 -24.34
N PRO J 215 -62.92 -22.47 -23.10
CA PRO J 215 -63.90 -22.11 -22.07
C PRO J 215 -64.01 -20.62 -21.73
N ILE J 216 -62.98 -19.82 -22.01
CA ILE J 216 -63.02 -18.38 -21.72
C ILE J 216 -64.12 -17.69 -22.55
N SER J 217 -64.29 -18.11 -23.81
CA SER J 217 -65.33 -17.58 -24.71
C SER J 217 -66.76 -17.87 -24.19
N HIS J 218 -66.96 -18.99 -23.50
CA HIS J 218 -68.25 -19.34 -22.90
C HIS J 218 -68.54 -18.58 -21.58
N GLY J 219 -67.55 -17.87 -21.03
CA GLY J 219 -67.68 -17.08 -19.82
C GLY J 219 -67.02 -17.67 -18.58
N ALA J 220 -66.08 -18.61 -18.74
CA ALA J 220 -65.37 -19.19 -17.59
C ALA J 220 -64.35 -18.16 -17.09
N ALA J 221 -64.28 -17.97 -15.78
CA ALA J 221 -63.34 -17.00 -15.20
C ALA J 221 -61.91 -17.54 -15.21
N LEU J 222 -61.72 -18.83 -14.84
CA LEU J 222 -60.39 -19.44 -14.85
C LEU J 222 -60.42 -20.79 -15.57
N VAL J 223 -59.29 -21.17 -16.22
CA VAL J 223 -59.14 -22.42 -16.98
C VAL J 223 -57.93 -23.23 -16.50
N LEU J 224 -58.18 -24.32 -15.74
CA LEU J 224 -57.11 -25.20 -15.24
C LEU J 224 -56.60 -26.03 -16.37
N HIS J 225 -55.27 -26.19 -16.42
CA HIS J 225 -54.59 -26.93 -17.44
C HIS J 225 -53.45 -27.70 -16.85
N SER J 226 -53.54 -29.04 -16.84
CA SER J 226 -52.43 -29.86 -16.38
C SER J 226 -51.49 -29.89 -17.57
N ALA J 227 -50.46 -29.07 -17.52
CA ALA J 227 -49.51 -28.96 -18.61
C ALA J 227 -48.66 -30.22 -18.83
N THR J 228 -48.61 -31.13 -17.84
CA THR J 228 -47.94 -32.44 -17.95
C THR J 228 -48.46 -33.21 -19.17
N GLN J 229 -49.78 -33.15 -19.39
CA GLN J 229 -50.45 -33.86 -20.46
C GLN J 229 -50.73 -32.90 -21.60
N TYR J 230 -50.44 -33.31 -22.85
CA TYR J 230 -50.71 -32.57 -24.08
C TYR J 230 -49.86 -31.30 -24.28
N LEU J 231 -49.85 -30.37 -23.32
CA LEU J 231 -49.07 -29.12 -23.47
C LEU J 231 -47.57 -29.47 -23.57
N GLY J 232 -47.11 -30.39 -22.73
CA GLY J 232 -45.74 -30.90 -22.80
C GLY J 232 -45.65 -31.86 -23.97
N GLY J 233 -46.56 -32.83 -23.98
CA GLY J 233 -46.73 -33.78 -25.07
C GLY J 233 -45.72 -34.90 -25.22
N HIS J 234 -44.60 -34.88 -24.48
CA HIS J 234 -43.58 -35.92 -24.58
C HIS J 234 -43.32 -36.69 -23.27
N GLY J 235 -44.21 -36.53 -22.28
CA GLY J 235 -44.10 -37.21 -20.99
C GLY J 235 -42.80 -36.98 -20.25
N ASP J 236 -42.29 -35.74 -20.28
CA ASP J 236 -41.04 -35.41 -19.63
C ASP J 236 -41.02 -34.02 -18.96
N ALA J 237 -42.19 -33.43 -18.71
CA ALA J 237 -42.26 -32.12 -18.08
C ALA J 237 -43.55 -31.99 -17.28
N MET J 238 -43.43 -32.00 -15.95
CA MET J 238 -44.59 -31.80 -15.08
C MET J 238 -44.94 -30.31 -15.11
N GLY J 239 -46.22 -30.00 -15.00
CA GLY J 239 -46.66 -28.61 -14.99
C GLY J 239 -48.13 -28.42 -14.78
N GLY J 240 -48.49 -27.22 -14.36
CA GLY J 240 -49.86 -26.81 -14.11
C GLY J 240 -50.01 -25.34 -14.41
N ILE J 241 -51.12 -24.92 -15.02
CA ILE J 241 -51.29 -23.52 -15.42
C ILE J 241 -52.77 -23.15 -15.49
N ILE J 242 -53.11 -21.92 -15.04
CA ILE J 242 -54.49 -21.42 -15.05
C ILE J 242 -54.52 -20.13 -15.88
N ALA J 243 -55.24 -20.16 -17.01
CA ALA J 243 -55.43 -18.97 -17.86
C ALA J 243 -56.65 -18.27 -17.28
N THR J 244 -56.52 -16.99 -16.87
CA THR J 244 -57.62 -16.26 -16.20
C THR J 244 -57.50 -14.72 -16.33
N ASN J 245 -58.51 -13.97 -15.84
CA ASN J 245 -58.51 -12.51 -15.79
C ASN J 245 -57.41 -11.99 -14.82
N ALA J 246 -57.15 -10.68 -14.80
CA ALA J 246 -56.14 -10.08 -13.93
C ALA J 246 -56.42 -10.22 -12.42
N ASP J 247 -57.69 -10.17 -12.00
CA ASP J 247 -58.03 -10.30 -10.57
C ASP J 247 -57.63 -11.67 -10.00
N TRP J 248 -58.00 -12.75 -10.70
CA TRP J 248 -57.67 -14.10 -10.25
C TRP J 248 -56.19 -14.40 -10.43
N ALA J 249 -55.54 -13.86 -11.47
CA ALA J 249 -54.11 -14.07 -11.67
C ALA J 249 -53.33 -13.45 -10.50
N MET J 250 -53.75 -12.26 -10.03
CA MET J 250 -53.12 -11.59 -8.90
C MET J 250 -53.27 -12.44 -7.63
N ARG J 251 -54.46 -13.00 -7.40
CA ARG J 251 -54.71 -13.86 -6.25
C ARG J 251 -53.87 -15.14 -6.30
N LEU J 252 -53.78 -15.77 -7.50
CA LEU J 252 -52.98 -16.98 -7.69
C LEU J 252 -51.51 -16.69 -7.44
N ARG J 253 -50.98 -15.56 -7.97
CA ARG J 253 -49.58 -15.18 -7.79
C ARG J 253 -49.27 -14.83 -6.33
N GLN J 254 -50.24 -14.25 -5.60
CA GLN J 254 -50.06 -13.96 -4.16
C GLN J 254 -49.84 -15.27 -3.39
N VAL J 255 -50.59 -16.32 -3.75
CA VAL J 255 -50.46 -17.64 -3.12
C VAL J 255 -49.14 -18.28 -3.55
N ARG J 256 -48.79 -18.19 -4.84
CA ARG J 256 -47.56 -18.76 -5.38
C ARG J 256 -46.30 -18.16 -4.73
N ALA J 257 -46.28 -16.84 -4.51
CA ALA J 257 -45.12 -16.17 -3.92
C ALA J 257 -44.86 -16.60 -2.47
N ILE J 258 -45.88 -17.06 -1.73
CA ILE J 258 -45.72 -17.46 -0.33
C ILE J 258 -45.70 -18.99 -0.13
N THR J 259 -46.43 -19.78 -0.95
CA THR J 259 -46.42 -21.24 -0.85
C THR J 259 -45.34 -21.90 -1.75
N GLY J 260 -44.84 -21.18 -2.76
CA GLY J 260 -43.74 -21.61 -3.61
C GLY J 260 -43.80 -22.93 -4.36
N ALA J 261 -44.93 -23.28 -4.98
CA ALA J 261 -45.01 -24.50 -5.80
C ALA J 261 -44.63 -24.08 -7.22
N LEU J 262 -43.35 -23.73 -7.40
CA LEU J 262 -42.84 -23.17 -8.65
C LEU J 262 -42.55 -24.17 -9.74
N LEU J 263 -42.71 -23.70 -10.98
CA LEU J 263 -42.39 -24.46 -12.17
C LEU J 263 -40.92 -24.17 -12.46
N HIS J 264 -40.09 -25.22 -12.54
CA HIS J 264 -38.65 -25.07 -12.76
C HIS J 264 -38.36 -24.43 -14.14
N PRO J 265 -37.34 -23.55 -14.29
CA PRO J 265 -37.07 -22.97 -15.62
C PRO J 265 -36.99 -23.94 -16.80
N MET J 266 -36.47 -25.16 -16.60
CA MET J 266 -36.40 -26.15 -17.68
C MET J 266 -37.78 -26.75 -17.97
N GLY J 267 -38.59 -26.93 -16.93
CA GLY J 267 -39.97 -27.41 -17.09
C GLY J 267 -40.78 -26.44 -17.93
N ALA J 268 -40.64 -25.14 -17.64
CA ALA J 268 -41.29 -24.07 -18.41
C ALA J 268 -40.80 -24.05 -19.86
N TYR J 269 -39.50 -24.28 -20.07
CA TYR J 269 -38.93 -24.31 -21.40
C TYR J 269 -39.53 -25.43 -22.25
N LEU J 270 -39.64 -26.65 -21.71
CA LEU J 270 -40.18 -27.79 -22.45
C LEU J 270 -41.69 -27.71 -22.65
N LEU J 271 -42.43 -27.08 -21.73
CA LEU J 271 -43.88 -26.93 -21.88
C LEU J 271 -44.18 -25.86 -22.94
N HIS J 272 -43.39 -24.78 -22.95
CA HIS J 272 -43.49 -23.71 -23.96
C HIS J 272 -43.10 -24.30 -25.33
N ARG J 273 -42.03 -25.11 -25.37
CA ARG J 273 -41.53 -25.81 -26.58
C ARG J 273 -42.62 -26.75 -27.12
N GLY J 274 -43.33 -27.44 -26.23
CA GLY J 274 -44.41 -28.34 -26.58
C GLY J 274 -45.60 -27.66 -27.20
N LEU J 275 -45.86 -26.40 -26.82
CA LEU J 275 -46.97 -25.64 -27.41
C LEU J 275 -46.77 -25.39 -28.91
N ARG J 276 -45.51 -25.36 -29.39
CA ARG J 276 -45.20 -25.10 -30.80
C ARG J 276 -45.69 -26.22 -31.73
N THR J 277 -45.80 -27.46 -31.22
CA THR J 277 -46.28 -28.62 -31.97
C THR J 277 -47.66 -29.12 -31.47
N LEU J 278 -48.36 -28.35 -30.62
CA LEU J 278 -49.64 -28.79 -30.05
C LEU J 278 -50.75 -29.01 -31.08
N ALA J 279 -50.88 -28.13 -32.09
CA ALA J 279 -51.92 -28.29 -33.11
C ALA J 279 -51.65 -29.53 -33.98
N VAL J 280 -50.40 -29.74 -34.41
CA VAL J 280 -50.09 -30.89 -35.28
C VAL J 280 -50.17 -32.21 -34.52
N ARG J 281 -49.85 -32.22 -33.22
CA ARG J 281 -49.94 -33.44 -32.41
C ARG J 281 -51.40 -33.77 -32.10
N MET J 282 -52.20 -32.77 -31.72
CA MET J 282 -53.60 -32.98 -31.40
C MET J 282 -54.36 -33.46 -32.65
N ARG J 283 -54.17 -32.79 -33.79
CA ARG J 283 -54.86 -33.16 -35.04
C ARG J 283 -54.52 -34.60 -35.47
N ALA J 284 -53.26 -35.02 -35.30
CA ALA J 284 -52.84 -36.37 -35.69
C ALA J 284 -53.43 -37.44 -34.76
N ALA J 285 -53.37 -37.22 -33.43
CA ALA J 285 -53.88 -38.18 -32.46
C ALA J 285 -55.41 -38.25 -32.49
N GLN J 286 -56.09 -37.14 -32.77
CA GLN J 286 -57.55 -37.08 -32.87
C GLN J 286 -58.03 -37.92 -34.05
N THR J 287 -57.34 -37.83 -35.19
CA THR J 287 -57.69 -38.60 -36.39
C THR J 287 -57.57 -40.10 -36.09
N THR J 288 -56.47 -40.50 -35.43
CA THR J 288 -56.23 -41.89 -35.06
C THR J 288 -57.30 -42.37 -34.06
N ALA J 289 -57.67 -41.52 -33.08
CA ALA J 289 -58.67 -41.87 -32.08
C ALA J 289 -60.08 -42.04 -32.64
N GLY J 290 -60.48 -41.17 -33.55
CA GLY J 290 -61.79 -41.27 -34.19
C GLY J 290 -61.99 -42.58 -34.93
N GLU J 291 -60.92 -43.07 -35.56
CA GLU J 291 -60.93 -44.34 -36.28
C GLU J 291 -60.87 -45.52 -35.30
N LEU J 292 -60.05 -45.42 -34.24
CA LEU J 292 -59.94 -46.50 -33.24
C LEU J 292 -61.26 -46.71 -32.50
N ALA J 293 -61.94 -45.64 -32.06
CA ALA J 293 -63.21 -45.78 -31.34
C ALA J 293 -64.27 -46.56 -32.15
N GLU J 294 -64.27 -46.41 -33.49
CA GLU J 294 -65.20 -47.12 -34.37
C GLU J 294 -64.84 -48.61 -34.47
N ARG J 295 -63.54 -48.94 -34.55
CA ARG J 295 -63.10 -50.34 -34.60
C ARG J 295 -63.35 -51.04 -33.25
N LEU J 296 -63.09 -50.33 -32.15
CA LEU J 296 -63.25 -50.86 -30.80
C LEU J 296 -64.73 -51.05 -30.45
N ASP J 297 -65.62 -50.20 -30.98
CA ASP J 297 -67.06 -50.34 -30.75
C ASP J 297 -67.58 -51.62 -31.43
N ALA J 298 -67.03 -51.96 -32.62
CA ALA J 298 -67.40 -53.16 -33.35
C ALA J 298 -66.94 -54.47 -32.70
N HIS J 299 -65.94 -54.42 -31.77
CA HIS J 299 -65.44 -55.64 -31.14
C HIS J 299 -66.48 -56.21 -30.16
N PRO J 300 -66.69 -57.55 -30.10
CA PRO J 300 -67.69 -58.08 -29.17
C PRO J 300 -67.32 -58.01 -27.69
N ALA J 301 -66.01 -57.98 -27.38
CA ALA J 301 -65.53 -57.90 -26.00
C ALA J 301 -65.88 -56.57 -25.33
N ILE J 302 -66.06 -55.49 -26.12
CA ILE J 302 -66.40 -54.17 -25.58
C ILE J 302 -67.88 -53.91 -25.78
N SER J 303 -68.60 -53.58 -24.68
CA SER J 303 -70.02 -53.30 -24.72
C SER J 303 -70.30 -51.84 -25.09
N VAL J 304 -69.64 -50.88 -24.42
CA VAL J 304 -69.85 -49.44 -24.63
C VAL J 304 -68.51 -48.76 -24.92
N VAL J 305 -68.47 -47.86 -25.92
CA VAL J 305 -67.27 -47.06 -26.23
C VAL J 305 -67.68 -45.60 -26.07
N HIS J 306 -67.01 -44.89 -25.16
CA HIS J 306 -67.24 -43.48 -24.91
C HIS J 306 -66.26 -42.67 -25.75
N TYR J 307 -66.76 -41.89 -26.71
CA TYR J 307 -65.92 -41.03 -27.54
C TYR J 307 -66.80 -39.87 -28.06
N PRO J 308 -66.55 -38.59 -27.71
CA PRO J 308 -67.45 -37.50 -28.17
C PRO J 308 -67.79 -37.49 -29.67
N GLY J 309 -66.83 -37.86 -30.52
CA GLY J 309 -67.04 -37.90 -31.96
C GLY J 309 -67.66 -39.17 -32.51
N LEU J 310 -68.52 -39.84 -31.72
CA LEU J 310 -69.21 -41.06 -32.11
C LEU J 310 -70.71 -40.76 -32.16
N LYS J 311 -71.44 -41.41 -33.09
CA LYS J 311 -72.87 -41.19 -33.28
C LYS J 311 -73.66 -41.54 -32.00
N GLY J 312 -74.49 -40.61 -31.52
CA GLY J 312 -75.27 -40.79 -30.31
C GLY J 312 -74.64 -40.24 -29.05
N GLN J 313 -73.31 -40.14 -29.01
CA GLN J 313 -72.57 -39.63 -27.85
C GLN J 313 -72.72 -38.10 -27.62
N ASP J 314 -73.19 -37.36 -28.64
CA ASP J 314 -73.34 -35.91 -28.55
C ASP J 314 -74.82 -35.50 -28.76
N PRO J 315 -75.72 -35.67 -27.76
CA PRO J 315 -77.12 -35.25 -27.98
C PRO J 315 -77.36 -33.74 -27.97
N ARG J 316 -76.62 -33.00 -27.11
CA ARG J 316 -76.79 -31.55 -26.98
C ARG J 316 -76.15 -30.71 -28.09
N GLY J 317 -75.45 -31.34 -29.03
CA GLY J 317 -74.81 -30.63 -30.13
C GLY J 317 -73.65 -29.76 -29.70
N LEU J 318 -72.89 -30.22 -28.70
CA LEU J 318 -71.72 -29.50 -28.20
C LEU J 318 -70.52 -29.60 -29.16
N LEU J 319 -70.48 -30.61 -30.05
CA LEU J 319 -69.40 -30.73 -31.01
C LEU J 319 -69.73 -29.73 -32.12
N GLY J 320 -68.82 -28.77 -32.34
CA GLY J 320 -68.99 -27.68 -33.30
C GLY J 320 -69.23 -26.37 -32.56
N ARG J 321 -70.23 -26.38 -31.67
CA ARG J 321 -70.60 -25.22 -30.86
C ARG J 321 -69.56 -24.91 -29.76
N GLN J 322 -69.12 -25.94 -29.03
CA GLN J 322 -68.16 -25.83 -27.92
C GLN J 322 -66.80 -26.50 -28.23
N MET J 323 -66.83 -27.74 -28.77
CA MET J 323 -65.63 -28.51 -29.09
C MET J 323 -65.44 -28.64 -30.59
N SER J 324 -64.30 -28.17 -31.12
CA SER J 324 -64.01 -28.28 -32.55
C SER J 324 -63.36 -29.64 -32.91
N GLY J 325 -63.74 -30.71 -32.21
CA GLY J 325 -63.19 -32.03 -32.46
C GLY J 325 -63.54 -33.03 -31.39
N GLY J 326 -63.39 -34.30 -31.71
CA GLY J 326 -63.71 -35.40 -30.80
C GLY J 326 -62.68 -35.69 -29.72
N GLY J 327 -61.45 -35.25 -29.90
CA GLY J 327 -60.38 -35.48 -28.94
C GLY J 327 -59.55 -36.70 -29.24
N ALA J 328 -58.54 -36.97 -28.40
CA ALA J 328 -57.65 -38.13 -28.54
C ALA J 328 -57.70 -39.06 -27.32
N MET J 329 -58.81 -39.06 -26.58
CA MET J 329 -59.00 -39.93 -25.42
C MET J 329 -60.21 -40.82 -25.70
N ILE J 330 -60.13 -42.10 -25.33
CA ILE J 330 -61.24 -43.04 -25.52
C ILE J 330 -61.36 -43.89 -24.27
N ALA J 331 -62.54 -43.92 -23.67
CA ALA J 331 -62.84 -44.78 -22.53
C ALA J 331 -63.84 -45.85 -22.99
N MET J 332 -63.82 -47.04 -22.38
CA MET J 332 -64.72 -48.12 -22.77
C MET J 332 -65.11 -49.04 -21.62
N GLU J 333 -66.34 -49.58 -21.68
CA GLU J 333 -66.87 -50.49 -20.68
C GLU J 333 -66.74 -51.91 -21.26
N LEU J 334 -66.07 -52.82 -20.54
CA LEU J 334 -65.88 -54.20 -21.01
C LEU J 334 -67.10 -55.04 -20.65
N ALA J 335 -67.44 -56.00 -21.52
CA ALA J 335 -68.59 -56.88 -21.30
C ALA J 335 -68.36 -57.83 -20.12
N GLY J 336 -67.13 -58.34 -19.98
CA GLY J 336 -66.78 -59.25 -18.90
C GLY J 336 -66.47 -58.61 -17.56
N GLY J 337 -66.72 -57.30 -17.41
CA GLY J 337 -66.49 -56.60 -16.16
C GLY J 337 -65.04 -56.36 -15.82
N PHE J 338 -64.68 -56.47 -14.53
CA PHE J 338 -63.31 -56.24 -14.07
C PHE J 338 -62.30 -57.22 -14.66
N ASP J 339 -62.62 -58.52 -14.71
CA ASP J 339 -61.67 -59.52 -15.23
C ASP J 339 -61.29 -59.25 -16.69
N ALA J 340 -62.26 -58.87 -17.54
CA ALA J 340 -61.98 -58.55 -18.95
C ALA J 340 -61.16 -57.26 -19.06
N ALA J 341 -61.48 -56.25 -18.23
CA ALA J 341 -60.75 -54.99 -18.18
C ALA J 341 -59.31 -55.20 -17.74
N ARG J 342 -59.10 -56.07 -16.74
CA ARG J 342 -57.78 -56.40 -16.20
C ARG J 342 -56.96 -57.12 -17.28
N SER J 343 -57.53 -58.14 -17.93
CA SER J 343 -56.85 -58.90 -18.96
C SER J 343 -56.50 -58.04 -20.18
N PHE J 344 -57.37 -57.08 -20.54
CA PHE J 344 -57.13 -56.20 -21.69
C PHE J 344 -55.86 -55.36 -21.51
N VAL J 345 -55.71 -54.69 -20.36
CA VAL J 345 -54.51 -53.85 -20.13
C VAL J 345 -53.25 -54.69 -19.93
N GLU J 346 -53.38 -55.88 -19.33
CA GLU J 346 -52.22 -56.74 -19.07
C GLU J 346 -51.71 -57.45 -20.33
N HIS J 347 -52.54 -57.62 -21.37
CA HIS J 347 -52.09 -58.24 -22.63
C HIS J 347 -51.68 -57.23 -23.72
N CYS J 348 -51.62 -55.92 -23.39
CA CYS J 348 -51.16 -54.90 -24.34
C CYS J 348 -49.63 -54.94 -24.35
N ASN J 349 -49.01 -54.81 -25.54
CA ASN J 349 -47.54 -54.83 -25.68
C ASN J 349 -47.05 -53.45 -26.20
N LEU J 350 -47.52 -53.02 -27.38
CA LEU J 350 -47.17 -51.73 -27.97
C LEU J 350 -47.82 -50.63 -27.13
N VAL J 351 -49.11 -50.79 -26.80
CA VAL J 351 -49.82 -49.86 -25.94
C VAL J 351 -49.32 -50.18 -24.52
N VAL J 352 -48.86 -49.16 -23.78
CA VAL J 352 -48.26 -49.38 -22.48
C VAL J 352 -49.25 -49.11 -21.32
N HIS J 353 -49.26 -50.03 -20.32
CA HIS J 353 -50.10 -49.89 -19.14
C HIS J 353 -49.45 -48.88 -18.19
N ALA J 354 -49.93 -47.63 -18.23
CA ALA J 354 -49.40 -46.54 -17.40
C ALA J 354 -50.41 -45.39 -17.29
N VAL J 355 -50.27 -44.57 -16.23
CA VAL J 355 -51.10 -43.37 -16.05
C VAL J 355 -50.54 -42.20 -16.95
N SER J 356 -51.18 -41.02 -16.95
CA SER J 356 -50.84 -39.84 -17.76
C SER J 356 -51.43 -39.96 -19.17
N LEU J 357 -51.51 -38.84 -19.89
CA LEU J 357 -52.13 -38.80 -21.20
C LEU J 357 -51.56 -37.66 -22.08
N GLY J 358 -51.99 -37.58 -23.33
CA GLY J 358 -51.53 -36.56 -24.27
C GLY J 358 -50.11 -36.69 -24.78
N GLY J 359 -49.45 -37.81 -24.51
CA GLY J 359 -48.08 -38.04 -24.94
C GLY J 359 -47.97 -38.54 -26.36
N ALA J 360 -46.73 -38.66 -26.85
CA ALA J 360 -46.46 -39.15 -28.20
C ALA J 360 -46.83 -40.63 -28.36
N ASP J 361 -46.86 -41.41 -27.26
CA ASP J 361 -47.19 -42.83 -27.26
C ASP J 361 -48.57 -43.10 -26.65
N THR J 362 -49.18 -44.24 -27.03
CA THR J 362 -50.50 -44.65 -26.58
C THR J 362 -50.38 -45.37 -25.26
N LEU J 363 -51.16 -44.93 -24.25
CA LEU J 363 -51.18 -45.50 -22.92
C LEU J 363 -52.58 -46.00 -22.57
N ILE J 364 -52.64 -46.96 -21.63
CA ILE J 364 -53.91 -47.58 -21.18
C ILE J 364 -53.85 -47.81 -19.65
N GLN J 365 -55.01 -47.79 -18.98
CA GLN J 365 -55.05 -48.00 -17.53
C GLN J 365 -56.48 -48.22 -17.01
N HIS J 366 -56.61 -48.87 -15.83
CA HIS J 366 -57.91 -49.07 -15.20
C HIS J 366 -58.09 -47.92 -14.21
N PRO J 367 -58.97 -46.94 -14.50
CA PRO J 367 -59.11 -45.79 -13.59
C PRO J 367 -59.44 -46.07 -12.13
N ALA J 368 -60.36 -47.00 -11.87
CA ALA J 368 -60.74 -47.35 -10.50
C ALA J 368 -59.54 -47.85 -9.66
N SER J 369 -58.53 -48.46 -10.30
CA SER J 369 -57.35 -48.98 -9.63
C SER J 369 -56.19 -47.98 -9.55
N LEU J 370 -56.12 -46.99 -10.45
CA LEU J 370 -55.00 -46.05 -10.45
C LEU J 370 -55.42 -44.55 -10.33
N THR J 371 -55.74 -43.83 -11.44
CA THR J 371 -56.03 -42.39 -11.39
C THR J 371 -57.14 -42.01 -10.42
N HIS J 372 -58.22 -42.79 -10.37
CA HIS J 372 -59.35 -42.53 -9.48
C HIS J 372 -59.41 -43.51 -8.31
N ARG J 373 -58.25 -43.95 -7.80
CA ARG J 373 -58.18 -44.82 -6.62
C ARG J 373 -58.50 -44.02 -5.33
N PRO J 374 -58.03 -42.76 -5.13
CA PRO J 374 -58.38 -42.04 -3.89
C PRO J 374 -59.83 -41.51 -3.83
N VAL J 375 -60.63 -41.78 -4.87
CA VAL J 375 -62.03 -41.33 -4.94
C VAL J 375 -62.89 -42.22 -4.04
N ALA J 376 -63.96 -41.65 -3.45
CA ALA J 376 -64.89 -42.40 -2.60
C ALA J 376 -65.53 -43.54 -3.39
N ALA J 377 -65.81 -44.66 -2.72
CA ALA J 377 -66.41 -45.84 -3.36
C ALA J 377 -67.67 -45.54 -4.18
N THR J 378 -68.56 -44.70 -3.65
CA THR J 378 -69.80 -44.33 -4.34
C THR J 378 -69.55 -43.55 -5.64
N ALA J 379 -68.51 -42.70 -5.64
CA ALA J 379 -68.14 -41.86 -6.77
C ALA J 379 -67.07 -42.45 -7.69
N LYS J 380 -66.53 -43.64 -7.37
CA LYS J 380 -65.47 -44.24 -8.19
C LYS J 380 -66.01 -44.65 -9.58
N PRO J 381 -65.19 -44.64 -10.67
CA PRO J 381 -65.73 -45.10 -11.97
C PRO J 381 -66.00 -46.61 -12.00
N GLY J 382 -66.68 -47.05 -13.06
CA GLY J 382 -67.03 -48.46 -13.23
C GLY J 382 -65.83 -49.39 -13.21
N ASP J 383 -66.00 -50.59 -12.65
CA ASP J 383 -64.93 -51.59 -12.59
C ASP J 383 -64.57 -52.17 -13.97
N GLY J 384 -65.52 -52.16 -14.90
CA GLY J 384 -65.28 -52.62 -16.27
C GLY J 384 -64.75 -51.52 -17.19
N LEU J 385 -64.63 -50.27 -16.70
CA LEU J 385 -64.17 -49.14 -17.50
C LEU J 385 -62.65 -49.10 -17.64
N ILE J 386 -62.16 -48.76 -18.84
CA ILE J 386 -60.74 -48.66 -19.20
C ILE J 386 -60.55 -47.34 -19.95
N ARG J 387 -59.53 -46.55 -19.57
CA ARG J 387 -59.21 -45.27 -20.23
C ARG J 387 -57.99 -45.47 -21.12
N LEU J 388 -58.00 -44.86 -22.32
CA LEU J 388 -56.92 -44.95 -23.30
C LEU J 388 -56.55 -43.57 -23.84
N SER J 389 -55.26 -43.24 -23.85
CA SER J 389 -54.75 -41.99 -24.42
C SER J 389 -54.14 -42.33 -25.76
N VAL J 390 -54.68 -41.81 -26.85
CA VAL J 390 -54.18 -42.12 -28.20
C VAL J 390 -52.98 -41.21 -28.52
N GLY J 391 -51.91 -41.82 -29.03
CA GLY J 391 -50.67 -41.15 -29.38
C GLY J 391 -50.52 -40.88 -30.87
N LEU J 392 -49.26 -40.77 -31.34
CA LEU J 392 -48.94 -40.48 -32.74
C LEU J 392 -48.49 -41.70 -33.53
N GLU J 393 -48.88 -42.91 -33.12
CA GLU J 393 -48.51 -44.12 -33.84
C GLU J 393 -49.53 -44.41 -34.96
N HIS J 394 -49.18 -45.31 -35.88
CA HIS J 394 -50.07 -45.66 -36.98
C HIS J 394 -51.32 -46.35 -36.42
N VAL J 395 -52.49 -46.00 -36.97
CA VAL J 395 -53.78 -46.55 -36.54
C VAL J 395 -53.83 -48.08 -36.62
N ASP J 396 -53.28 -48.67 -37.69
CA ASP J 396 -53.30 -50.12 -37.86
C ASP J 396 -52.50 -50.84 -36.78
N ASP J 397 -51.30 -50.35 -36.46
CA ASP J 397 -50.47 -50.98 -35.41
C ASP J 397 -51.11 -50.90 -34.03
N LEU J 398 -51.85 -49.81 -33.73
CA LEU J 398 -52.51 -49.67 -32.44
C LEU J 398 -53.74 -50.57 -32.37
N ALA J 399 -54.53 -50.62 -33.46
CA ALA J 399 -55.71 -51.48 -33.50
C ALA J 399 -55.31 -52.95 -33.41
N ASP J 400 -54.25 -53.37 -34.13
CA ASP J 400 -53.77 -54.75 -34.10
C ASP J 400 -53.41 -55.18 -32.68
N ASP J 401 -52.74 -54.30 -31.93
CA ASP J 401 -52.32 -54.57 -30.55
C ASP J 401 -53.52 -54.62 -29.59
N LEU J 402 -54.45 -53.67 -29.71
CA LEU J 402 -55.62 -53.61 -28.82
C LEU J 402 -56.57 -54.77 -29.09
N ILE J 403 -56.74 -55.19 -30.35
CA ILE J 403 -57.61 -56.31 -30.69
C ILE J 403 -57.00 -57.61 -30.15
N ALA J 404 -55.68 -57.81 -30.33
CA ALA J 404 -54.99 -58.99 -29.81
C ALA J 404 -55.12 -59.10 -28.28
N ALA J 405 -55.06 -57.96 -27.57
CA ALA J 405 -55.20 -57.92 -26.11
C ALA J 405 -56.62 -58.33 -25.67
N LEU J 406 -57.65 -57.93 -26.44
CA LEU J 406 -59.03 -58.29 -26.14
C LEU J 406 -59.25 -59.78 -26.43
N ASP J 407 -58.67 -60.29 -27.53
CA ASP J 407 -58.78 -61.69 -27.92
C ASP J 407 -58.00 -62.64 -26.97
N ALA J 408 -57.07 -62.12 -26.15
CA ALA J 408 -56.30 -62.94 -25.22
C ALA J 408 -57.17 -63.51 -24.09
N SER J 409 -58.23 -62.79 -23.67
CA SER J 409 -59.12 -63.27 -22.62
C SER J 409 -59.98 -64.46 -23.08
N SER K 23 -42.04 -55.19 -39.01
CA SER K 23 -43.47 -55.39 -39.08
C SER K 23 -44.26 -54.11 -38.76
N LEU K 24 -43.66 -53.14 -38.04
CA LEU K 24 -44.35 -51.89 -37.69
C LEU K 24 -44.15 -50.80 -38.75
N HIS K 25 -45.12 -49.87 -38.83
CA HIS K 25 -45.07 -48.76 -39.78
C HIS K 25 -44.00 -47.71 -39.35
N PRO K 26 -43.47 -46.84 -40.26
CA PRO K 26 -42.48 -45.84 -39.81
C PRO K 26 -43.00 -44.82 -38.80
N GLU K 27 -44.31 -44.54 -38.80
CA GLU K 27 -44.90 -43.59 -37.85
C GLU K 27 -44.83 -44.14 -36.42
N THR K 28 -45.03 -45.47 -36.27
CA THR K 28 -44.94 -46.15 -34.97
C THR K 28 -43.47 -46.21 -34.52
N LEU K 29 -42.55 -46.52 -35.45
CA LEU K 29 -41.12 -46.65 -35.16
C LEU K 29 -40.45 -45.32 -34.79
N MET K 30 -41.01 -44.18 -35.19
CA MET K 30 -40.47 -42.88 -34.80
C MET K 30 -40.76 -42.62 -33.30
N VAL K 31 -41.94 -43.06 -32.81
CA VAL K 31 -42.33 -42.89 -31.41
C VAL K 31 -41.55 -43.86 -30.49
N HIS K 32 -41.54 -45.16 -30.83
CA HIS K 32 -40.93 -46.21 -30.00
C HIS K 32 -39.48 -46.60 -30.36
N GLY K 33 -38.87 -45.98 -31.35
CA GLY K 33 -37.50 -46.29 -31.73
C GLY K 33 -36.51 -45.84 -30.67
N GLY K 34 -35.55 -46.70 -30.34
CA GLY K 34 -34.55 -46.43 -29.32
C GLY K 34 -35.08 -46.39 -27.90
N MET K 35 -36.34 -46.85 -27.68
CA MET K 35 -36.98 -46.88 -26.37
C MET K 35 -37.05 -48.34 -25.85
N LYS K 36 -36.04 -49.16 -26.19
CA LYS K 36 -36.04 -50.58 -25.84
C LYS K 36 -35.62 -50.77 -24.38
N GLY K 37 -36.39 -51.54 -23.63
CA GLY K 37 -36.10 -51.82 -22.23
C GLY K 37 -36.55 -50.77 -21.23
N LEU K 38 -37.02 -49.59 -21.70
CA LEU K 38 -37.46 -48.53 -20.78
C LEU K 38 -38.76 -48.92 -20.09
N THR K 39 -39.75 -49.40 -20.86
CA THR K 39 -41.02 -49.83 -20.28
C THR K 39 -40.82 -51.00 -19.30
N GLU K 40 -39.89 -51.90 -19.64
CA GLU K 40 -39.56 -53.07 -18.82
C GLU K 40 -38.85 -52.65 -17.50
N ALA K 41 -38.14 -51.50 -17.50
CA ALA K 41 -37.46 -50.94 -16.32
C ALA K 41 -38.35 -49.98 -15.49
N GLY K 42 -39.61 -49.78 -15.87
CA GLY K 42 -40.54 -48.91 -15.14
C GLY K 42 -40.31 -47.42 -15.33
N VAL K 43 -39.83 -47.01 -16.52
CA VAL K 43 -39.59 -45.60 -16.86
C VAL K 43 -40.22 -45.27 -18.23
N HIS K 44 -40.54 -43.98 -18.46
CA HIS K 44 -41.20 -43.55 -19.69
C HIS K 44 -40.25 -43.06 -20.80
N VAL K 45 -39.30 -42.17 -20.47
CA VAL K 45 -38.36 -41.58 -21.42
C VAL K 45 -36.90 -41.96 -21.05
N PRO K 46 -35.93 -41.97 -21.99
CA PRO K 46 -34.55 -42.34 -21.60
C PRO K 46 -33.92 -41.32 -20.66
N ALA K 47 -33.17 -41.79 -19.69
CA ALA K 47 -32.53 -40.91 -18.71
C ALA K 47 -31.34 -40.18 -19.33
N ILE K 48 -31.00 -39.02 -18.76
CA ILE K 48 -29.88 -38.21 -19.20
C ILE K 48 -28.74 -38.44 -18.22
N ASP K 49 -27.79 -39.30 -18.60
CA ASP K 49 -26.65 -39.61 -17.76
C ASP K 49 -25.49 -38.69 -18.17
N LEU K 50 -25.16 -37.71 -17.33
CA LEU K 50 -24.07 -36.79 -17.65
C LEU K 50 -22.67 -37.34 -17.33
N SER K 51 -22.58 -38.54 -16.67
CA SER K 51 -21.30 -39.16 -16.27
C SER K 51 -20.23 -39.12 -17.34
N THR K 52 -19.09 -38.50 -17.03
CA THR K 52 -17.96 -38.44 -17.95
C THR K 52 -17.23 -39.78 -17.92
N THR K 53 -17.07 -40.37 -16.71
CA THR K 53 -16.43 -41.67 -16.51
C THR K 53 -17.47 -42.71 -16.13
N ASN K 54 -17.13 -43.99 -16.33
CA ASN K 54 -17.99 -45.13 -16.04
C ASN K 54 -17.13 -46.20 -15.32
N PRO K 55 -17.31 -46.47 -14.01
CA PRO K 55 -16.44 -47.45 -13.33
C PRO K 55 -16.40 -48.85 -13.93
N VAL K 56 -15.26 -49.55 -13.71
CA VAL K 56 -15.03 -50.89 -14.23
C VAL K 56 -14.98 -51.91 -13.09
N ASN K 57 -15.41 -53.16 -13.37
CA ASN K 57 -15.46 -54.21 -12.35
C ASN K 57 -14.06 -54.67 -11.97
N ASP K 58 -13.18 -54.84 -12.97
CA ASP K 58 -11.79 -55.26 -12.74
C ASP K 58 -10.87 -54.75 -13.88
N VAL K 59 -9.55 -54.98 -13.76
CA VAL K 59 -8.57 -54.52 -14.74
C VAL K 59 -8.78 -55.25 -16.08
N ALA K 60 -9.02 -56.56 -16.04
CA ALA K 60 -9.20 -57.36 -17.25
C ALA K 60 -10.45 -56.97 -18.06
N THR K 61 -11.64 -56.90 -17.43
CA THR K 61 -12.86 -56.56 -18.16
C THR K 61 -12.87 -55.09 -18.57
N GLY K 62 -12.36 -54.21 -17.71
CA GLY K 62 -12.27 -52.79 -18.01
C GLY K 62 -11.37 -52.51 -19.19
N GLY K 63 -10.20 -53.15 -19.20
CA GLY K 63 -9.23 -53.02 -20.28
C GLY K 63 -9.75 -53.58 -21.60
N ASP K 64 -10.41 -54.75 -21.55
CA ASP K 64 -10.98 -55.34 -22.77
C ASP K 64 -12.14 -54.47 -23.30
N SER K 65 -12.96 -53.89 -22.42
CA SER K 65 -14.05 -53.00 -22.85
C SER K 65 -13.47 -51.74 -23.47
N TYR K 66 -12.36 -51.19 -22.90
CA TYR K 66 -11.68 -50.02 -23.44
C TYR K 66 -11.21 -50.33 -24.88
N GLU K 67 -10.50 -51.46 -25.08
CA GLU K 67 -9.99 -51.84 -26.40
C GLU K 67 -11.13 -52.06 -27.40
N TRP K 68 -12.18 -52.78 -27.00
CA TRP K 68 -13.33 -53.04 -27.88
C TRP K 68 -13.97 -51.74 -28.38
N LEU K 69 -14.15 -50.76 -27.49
CA LEU K 69 -14.76 -49.48 -27.86
C LEU K 69 -13.82 -48.56 -28.63
N ALA K 70 -12.54 -48.45 -28.20
CA ALA K 70 -11.55 -47.62 -28.88
C ALA K 70 -11.32 -48.09 -30.32
N THR K 71 -11.41 -49.41 -30.57
CA THR K 71 -11.28 -49.96 -31.92
C THR K 71 -12.60 -49.86 -32.75
N GLY K 72 -13.54 -49.02 -32.32
CA GLY K 72 -14.78 -48.76 -33.02
C GLY K 72 -15.93 -49.73 -32.87
N HIS K 73 -15.92 -50.60 -31.84
CA HIS K 73 -17.00 -51.56 -31.65
C HIS K 73 -18.13 -51.07 -30.75
N THR K 74 -19.32 -51.66 -30.90
CA THR K 74 -20.52 -51.35 -30.12
C THR K 74 -20.36 -51.91 -28.70
N LEU K 75 -20.86 -51.19 -27.69
CA LEU K 75 -20.77 -51.63 -26.30
C LEU K 75 -21.54 -52.94 -26.12
N LYS K 76 -20.90 -53.93 -25.50
CA LYS K 76 -21.54 -55.21 -25.23
C LYS K 76 -22.56 -55.05 -24.11
N ASP K 77 -23.63 -55.85 -24.13
CA ASP K 77 -24.64 -55.78 -23.09
C ASP K 77 -24.03 -56.31 -21.79
N GLY K 78 -24.12 -55.52 -20.73
CA GLY K 78 -23.54 -55.89 -19.45
C GLY K 78 -22.05 -55.64 -19.40
N ASP K 79 -21.62 -54.49 -19.95
CA ASP K 79 -20.21 -54.06 -20.00
C ASP K 79 -20.14 -52.57 -19.67
N SER K 80 -19.04 -52.15 -19.03
CA SER K 80 -18.87 -50.74 -18.67
C SER K 80 -18.54 -49.89 -19.88
N ALA K 81 -19.14 -48.70 -19.96
CA ALA K 81 -18.84 -47.76 -21.04
C ALA K 81 -17.41 -47.17 -20.92
N VAL K 82 -16.75 -47.31 -19.72
CA VAL K 82 -15.40 -46.87 -19.37
C VAL K 82 -15.26 -45.32 -19.34
N TYR K 83 -15.54 -44.66 -20.46
CA TYR K 83 -15.42 -43.21 -20.59
C TYR K 83 -16.41 -42.71 -21.67
N GLN K 84 -16.85 -41.47 -21.57
CA GLN K 84 -17.83 -40.89 -22.49
C GLN K 84 -17.31 -40.77 -23.92
N ARG K 85 -16.00 -40.53 -24.10
CA ARG K 85 -15.42 -40.45 -25.44
C ARG K 85 -15.41 -41.82 -26.16
N LEU K 86 -15.56 -42.94 -25.39
CA LEU K 86 -15.63 -44.29 -25.93
C LEU K 86 -17.10 -44.69 -26.14
N TRP K 87 -17.99 -44.41 -25.17
CA TRP K 87 -19.42 -44.73 -25.30
C TRP K 87 -20.31 -43.90 -24.36
N GLN K 88 -21.49 -43.48 -24.86
CA GLN K 88 -22.50 -42.74 -24.09
C GLN K 88 -23.85 -43.45 -24.33
N PRO K 89 -24.62 -43.85 -23.28
CA PRO K 89 -25.88 -44.59 -23.53
C PRO K 89 -27.02 -43.82 -24.19
N GLY K 90 -27.16 -42.53 -23.87
CA GLY K 90 -28.20 -41.70 -24.45
C GLY K 90 -27.97 -41.44 -25.92
N VAL K 91 -26.68 -41.26 -26.29
CA VAL K 91 -26.28 -41.07 -27.69
C VAL K 91 -26.58 -42.37 -28.44
N ALA K 92 -26.20 -43.53 -27.85
CA ALA K 92 -26.45 -44.85 -28.41
C ALA K 92 -27.94 -45.11 -28.69
N ARG K 93 -28.85 -44.63 -27.82
CA ARG K 93 -30.30 -44.82 -28.05
C ARG K 93 -30.75 -44.02 -29.27
N PHE K 94 -30.25 -42.78 -29.41
CA PHE K 94 -30.56 -41.93 -30.57
C PHE K 94 -30.00 -42.58 -31.84
N GLU K 95 -28.80 -43.15 -31.76
CA GLU K 95 -28.14 -43.84 -32.88
C GLU K 95 -28.99 -45.03 -33.37
N THR K 96 -29.44 -45.90 -32.46
CA THR K 96 -30.28 -47.05 -32.86
C THR K 96 -31.65 -46.60 -33.37
N ALA K 97 -32.20 -45.49 -32.84
CA ALA K 97 -33.49 -44.99 -33.29
C ALA K 97 -33.43 -44.55 -34.76
N LEU K 98 -32.42 -43.75 -35.17
CA LEU K 98 -32.30 -43.31 -36.54
C LEU K 98 -31.89 -44.44 -37.48
N ALA K 99 -30.99 -45.33 -37.05
CA ALA K 99 -30.57 -46.47 -37.88
C ALA K 99 -31.77 -47.33 -38.29
N GLY K 100 -32.73 -47.51 -37.39
CA GLY K 100 -33.94 -48.25 -37.69
C GLY K 100 -34.86 -47.54 -38.68
N LEU K 101 -34.86 -46.19 -38.65
CA LEU K 101 -35.67 -45.39 -39.56
C LEU K 101 -35.08 -45.40 -40.97
N GLU K 102 -33.75 -45.28 -41.07
CA GLU K 102 -33.05 -45.36 -42.37
C GLU K 102 -32.84 -46.80 -42.87
N HIS K 103 -33.10 -47.81 -42.02
CA HIS K 103 -32.93 -49.23 -42.30
C HIS K 103 -31.45 -49.59 -42.53
N ALA K 104 -30.57 -48.95 -41.72
CA ALA K 104 -29.13 -49.17 -41.71
C ALA K 104 -28.78 -50.12 -40.54
N GLU K 105 -27.59 -50.75 -40.59
CA GLU K 105 -27.19 -51.69 -39.54
C GLU K 105 -26.92 -50.92 -38.24
N GLU K 106 -26.13 -49.85 -38.31
CA GLU K 106 -25.73 -49.03 -37.16
C GLU K 106 -25.73 -47.52 -37.54
N ALA K 107 -25.50 -46.65 -36.55
CA ALA K 107 -25.39 -45.20 -36.75
C ALA K 107 -24.41 -44.61 -35.74
N VAL K 108 -23.70 -43.54 -36.14
CA VAL K 108 -22.69 -42.87 -35.29
C VAL K 108 -23.05 -41.39 -35.22
N ALA K 109 -23.22 -40.86 -33.99
CA ALA K 109 -23.61 -39.48 -33.76
C ALA K 109 -22.44 -38.62 -33.24
N PHE K 110 -22.42 -37.35 -33.67
CA PHE K 110 -21.40 -36.35 -33.36
C PHE K 110 -22.05 -35.01 -32.94
N ALA K 111 -21.23 -34.06 -32.47
CA ALA K 111 -21.68 -32.75 -32.01
C ALA K 111 -22.49 -31.96 -33.05
N THR K 112 -22.05 -31.97 -34.33
CA THR K 112 -22.69 -31.26 -35.44
C THR K 112 -22.64 -32.10 -36.75
N GLY K 113 -23.40 -31.69 -37.77
CA GLY K 113 -23.36 -32.34 -39.07
C GLY K 113 -21.98 -32.25 -39.69
N MET K 114 -21.27 -31.13 -39.44
CA MET K 114 -19.91 -30.95 -39.95
C MET K 114 -18.92 -31.89 -39.26
N ALA K 115 -19.13 -32.21 -37.98
CA ALA K 115 -18.28 -33.17 -37.27
C ALA K 115 -18.45 -34.57 -37.84
N ALA K 116 -19.68 -34.93 -38.26
CA ALA K 116 -19.95 -36.21 -38.87
C ALA K 116 -19.26 -36.28 -40.25
N MET K 117 -19.36 -35.20 -41.05
CA MET K 117 -18.68 -35.11 -42.34
C MET K 117 -17.16 -35.25 -42.15
N THR K 118 -16.61 -34.53 -41.15
CA THR K 118 -15.18 -34.55 -40.81
C THR K 118 -14.73 -35.97 -40.49
N ALA K 119 -15.50 -36.68 -39.68
CA ALA K 119 -15.17 -38.06 -39.32
C ALA K 119 -15.18 -38.99 -40.52
N ALA K 120 -16.18 -38.85 -41.41
CA ALA K 120 -16.27 -39.69 -42.61
C ALA K 120 -15.11 -39.43 -43.56
N LEU K 121 -14.66 -38.18 -43.66
CA LEU K 121 -13.54 -37.83 -44.53
C LEU K 121 -12.24 -38.35 -43.91
N LEU K 122 -12.06 -38.18 -42.59
CA LEU K 122 -10.86 -38.68 -41.92
C LEU K 122 -10.79 -40.21 -41.97
N ALA K 123 -11.95 -40.90 -41.92
CA ALA K 123 -12.00 -42.37 -42.03
C ALA K 123 -11.51 -42.81 -43.41
N ALA K 124 -11.89 -42.08 -44.47
CA ALA K 124 -11.47 -42.38 -45.83
C ALA K 124 -9.97 -42.10 -46.02
N VAL K 125 -9.48 -40.98 -45.47
CA VAL K 125 -8.06 -40.62 -45.56
C VAL K 125 -7.22 -41.67 -44.84
N SER K 126 -7.64 -42.05 -43.62
CA SER K 126 -6.95 -43.06 -42.80
C SER K 126 -6.88 -44.41 -43.51
N ALA K 127 -7.94 -44.78 -44.26
CA ALA K 127 -7.97 -46.04 -45.02
C ALA K 127 -7.03 -46.07 -46.25
N GLY K 128 -6.49 -44.91 -46.65
CA GLY K 128 -5.61 -44.79 -47.80
C GLY K 128 -6.33 -44.40 -49.07
N THR K 129 -7.52 -43.77 -48.95
CA THR K 129 -8.33 -43.33 -50.09
C THR K 129 -8.74 -41.85 -49.84
N PRO K 130 -7.79 -40.90 -49.92
CA PRO K 130 -8.15 -39.50 -49.64
C PRO K 130 -8.96 -38.76 -50.71
N HIS K 131 -9.05 -39.30 -51.94
CA HIS K 131 -9.80 -38.62 -52.99
C HIS K 131 -11.31 -38.83 -52.84
N ILE K 132 -12.09 -37.77 -53.06
CA ILE K 132 -13.56 -37.78 -52.96
C ILE K 132 -14.13 -37.22 -54.27
N VAL K 133 -15.16 -37.89 -54.82
CA VAL K 133 -15.89 -37.46 -56.01
C VAL K 133 -17.17 -36.87 -55.46
N ALA K 134 -17.35 -35.54 -55.56
CA ALA K 134 -18.53 -34.89 -55.00
C ALA K 134 -19.34 -34.20 -56.08
N VAL K 135 -20.68 -34.20 -55.94
CA VAL K 135 -21.59 -33.58 -56.90
C VAL K 135 -22.23 -32.34 -56.27
N ARG K 136 -22.06 -31.18 -56.91
CA ARG K 136 -22.64 -29.92 -56.44
C ARG K 136 -24.08 -29.75 -56.98
N PRO K 137 -24.98 -28.97 -56.32
CA PRO K 137 -24.79 -28.19 -55.08
C PRO K 137 -24.77 -29.02 -53.78
N LEU K 138 -23.99 -28.54 -52.80
CA LEU K 138 -23.88 -29.12 -51.47
C LEU K 138 -23.96 -27.95 -50.46
N TYR K 139 -24.14 -28.24 -49.16
CA TYR K 139 -24.14 -27.21 -48.13
C TYR K 139 -22.77 -26.50 -48.12
N GLY K 140 -22.77 -25.17 -47.99
CA GLY K 140 -21.57 -24.33 -47.98
C GLY K 140 -20.37 -24.86 -47.24
N GLY K 141 -20.60 -25.37 -46.03
CA GLY K 141 -19.57 -25.95 -45.19
C GLY K 141 -19.03 -27.25 -45.75
N SER K 142 -19.92 -28.15 -46.19
CA SER K 142 -19.51 -29.42 -46.82
C SER K 142 -18.68 -29.15 -48.07
N ASP K 143 -19.11 -28.14 -48.87
CA ASP K 143 -18.43 -27.72 -50.09
C ASP K 143 -17.05 -27.13 -49.77
N HIS K 144 -16.98 -26.21 -48.79
CA HIS K 144 -15.73 -25.56 -48.39
C HIS K 144 -14.72 -26.51 -47.76
N LEU K 145 -15.19 -27.46 -46.92
CA LEU K 145 -14.31 -28.43 -46.27
C LEU K 145 -13.62 -29.33 -47.31
N LEU K 146 -14.32 -29.66 -48.41
CA LEU K 146 -13.74 -30.46 -49.48
C LEU K 146 -12.78 -29.61 -50.33
N GLU K 147 -13.19 -28.38 -50.69
CA GLU K 147 -12.37 -27.46 -51.49
C GLU K 147 -11.02 -27.16 -50.82
N THR K 148 -11.03 -26.84 -49.52
CA THR K 148 -9.80 -26.51 -48.79
C THR K 148 -8.89 -27.72 -48.59
N GLY K 149 -9.48 -28.91 -48.45
CA GLY K 149 -8.71 -30.13 -48.23
C GLY K 149 -8.01 -30.11 -46.89
N LEU K 150 -8.68 -29.55 -45.87
CA LEU K 150 -8.14 -29.40 -44.52
C LEU K 150 -7.75 -30.75 -43.91
N LEU K 151 -8.56 -31.78 -44.14
CA LEU K 151 -8.34 -33.10 -43.57
C LEU K 151 -7.52 -34.04 -44.45
N GLY K 152 -6.71 -33.49 -45.35
CA GLY K 152 -5.86 -34.29 -46.23
C GLY K 152 -6.61 -34.94 -47.38
N THR K 153 -7.71 -34.32 -47.82
CA THR K 153 -8.56 -34.82 -48.88
C THR K 153 -8.34 -34.07 -50.18
N THR K 154 -8.46 -34.77 -51.31
CA THR K 154 -8.43 -34.18 -52.65
C THR K 154 -9.85 -34.37 -53.21
N VAL K 155 -10.39 -33.38 -53.93
CA VAL K 155 -11.76 -33.48 -54.44
C VAL K 155 -11.81 -33.26 -55.97
N THR K 156 -12.76 -33.94 -56.62
CA THR K 156 -13.01 -33.83 -58.04
C THR K 156 -14.50 -33.53 -58.16
N TRP K 157 -14.83 -32.28 -58.48
CA TRP K 157 -16.22 -31.85 -58.62
C TRP K 157 -16.74 -32.38 -59.93
N ALA K 158 -17.74 -33.28 -59.88
CA ALA K 158 -18.29 -33.92 -61.06
C ALA K 158 -19.81 -33.78 -61.14
N LYS K 159 -20.33 -33.79 -62.37
CA LYS K 159 -21.78 -33.76 -62.58
C LYS K 159 -22.33 -35.17 -62.36
N GLU K 160 -23.64 -35.28 -62.13
CA GLU K 160 -24.29 -36.57 -61.86
C GLU K 160 -23.97 -37.65 -62.92
N ALA K 161 -24.01 -37.29 -64.21
CA ALA K 161 -23.72 -38.24 -65.28
C ALA K 161 -22.23 -38.61 -65.39
N ASP K 162 -21.32 -37.70 -65.00
CA ASP K 162 -19.87 -37.93 -65.11
C ASP K 162 -19.22 -38.45 -63.80
N ILE K 163 -19.95 -39.25 -63.00
CA ILE K 163 -19.39 -39.77 -61.74
C ILE K 163 -18.37 -40.89 -62.04
N ALA K 164 -18.77 -41.88 -62.85
CA ALA K 164 -17.92 -43.02 -63.20
C ALA K 164 -16.54 -42.60 -63.73
N SER K 165 -16.49 -41.59 -64.61
CA SER K 165 -15.25 -41.09 -65.18
C SER K 165 -14.37 -40.37 -64.15
N ALA K 166 -14.98 -39.61 -63.24
CA ALA K 166 -14.25 -38.87 -62.20
C ALA K 166 -13.60 -39.76 -61.14
N ILE K 167 -14.01 -41.02 -61.02
CA ILE K 167 -13.47 -41.93 -60.01
C ILE K 167 -12.05 -42.38 -60.36
N GLN K 168 -11.15 -42.32 -59.38
CA GLN K 168 -9.75 -42.71 -59.45
C GLN K 168 -9.53 -43.94 -58.54
N ASP K 169 -8.36 -44.59 -58.65
CA ASP K 169 -8.01 -45.69 -57.75
C ASP K 169 -7.91 -45.20 -56.28
N ASP K 170 -7.64 -43.89 -56.08
CA ASP K 170 -7.50 -43.24 -54.79
C ASP K 170 -8.85 -42.80 -54.19
N THR K 171 -10.00 -42.99 -54.88
CA THR K 171 -11.29 -42.53 -54.35
C THR K 171 -11.81 -43.40 -53.20
N GLY K 172 -12.20 -42.74 -52.11
CA GLY K 172 -12.76 -43.38 -50.93
C GLY K 172 -14.26 -43.21 -50.79
N LEU K 173 -14.83 -42.11 -51.34
CA LEU K 173 -16.26 -41.84 -51.23
C LEU K 173 -16.83 -41.00 -52.38
N VAL K 174 -18.16 -41.14 -52.62
CA VAL K 174 -18.92 -40.37 -53.60
C VAL K 174 -19.96 -39.59 -52.79
N ILE K 175 -19.76 -38.27 -52.63
CA ILE K 175 -20.66 -37.46 -51.82
C ILE K 175 -21.72 -36.78 -52.68
N VAL K 176 -23.01 -37.07 -52.40
CA VAL K 176 -24.16 -36.49 -53.10
C VAL K 176 -25.20 -35.99 -52.07
N GLU K 177 -26.10 -35.11 -52.52
CA GLU K 177 -27.16 -34.55 -51.69
C GLU K 177 -28.38 -34.28 -52.57
N THR K 178 -29.56 -34.77 -52.15
CA THR K 178 -30.81 -34.57 -52.90
C THR K 178 -32.04 -34.51 -51.97
N PRO K 179 -32.87 -33.43 -52.00
CA PRO K 179 -32.71 -32.18 -52.77
C PRO K 179 -31.50 -31.39 -52.28
N ALA K 180 -30.73 -30.80 -53.21
CA ALA K 180 -29.50 -30.09 -52.88
C ALA K 180 -29.76 -28.79 -52.11
N ASN K 181 -28.76 -28.37 -51.31
CA ASN K 181 -28.83 -27.14 -50.53
C ASN K 181 -28.11 -26.07 -51.37
N PRO K 182 -28.73 -24.93 -51.81
CA PRO K 182 -30.10 -24.43 -51.57
C PRO K 182 -31.16 -24.63 -52.67
N SER K 183 -30.75 -24.76 -53.95
CA SER K 183 -31.63 -24.82 -55.12
C SER K 183 -32.52 -26.07 -55.27
N LEU K 184 -32.39 -27.07 -54.37
CA LEU K 184 -33.21 -28.30 -54.38
C LEU K 184 -33.05 -29.13 -55.65
N ASP K 185 -31.82 -29.22 -56.16
CA ASP K 185 -31.51 -30.03 -57.33
C ASP K 185 -31.63 -31.50 -56.94
N LEU K 186 -32.32 -32.29 -57.75
CA LEU K 186 -32.54 -33.71 -57.46
C LEU K 186 -31.51 -34.58 -58.15
N VAL K 187 -31.17 -35.71 -57.53
CA VAL K 187 -30.16 -36.66 -58.02
C VAL K 187 -30.76 -38.07 -57.97
N ASP K 188 -30.66 -38.84 -59.07
CA ASP K 188 -31.16 -40.22 -59.10
C ASP K 188 -30.13 -41.08 -58.37
N LEU K 189 -30.50 -41.57 -57.17
CA LEU K 189 -29.60 -42.35 -56.34
C LEU K 189 -29.30 -43.72 -56.92
N ASP K 190 -30.25 -44.33 -57.65
CA ASP K 190 -30.01 -45.62 -58.28
C ASP K 190 -28.90 -45.50 -59.35
N SER K 191 -28.92 -44.41 -60.13
CA SER K 191 -27.90 -44.16 -61.16
C SER K 191 -26.54 -43.83 -60.55
N VAL K 192 -26.50 -43.08 -59.44
CA VAL K 192 -25.25 -42.71 -58.79
C VAL K 192 -24.57 -43.96 -58.23
N VAL K 193 -25.34 -44.84 -57.56
CA VAL K 193 -24.80 -46.08 -56.99
C VAL K 193 -24.25 -46.97 -58.13
N SER K 194 -24.97 -47.06 -59.24
CA SER K 194 -24.54 -47.83 -60.41
C SER K 194 -23.21 -47.27 -60.97
N ALA K 195 -23.09 -45.93 -61.10
CA ALA K 195 -21.88 -45.30 -61.60
C ALA K 195 -20.69 -45.41 -60.64
N ALA K 196 -20.94 -45.42 -59.31
CA ALA K 196 -19.87 -45.53 -58.32
C ALA K 196 -19.23 -46.92 -58.30
N GLY K 197 -20.05 -47.96 -58.42
CA GLY K 197 -19.57 -49.33 -58.42
C GLY K 197 -19.03 -49.75 -57.06
N ASN K 198 -17.72 -50.03 -57.00
CA ASN K 198 -17.07 -50.47 -55.76
C ASN K 198 -16.87 -49.33 -54.75
N VAL K 199 -16.99 -48.06 -55.17
CA VAL K 199 -16.76 -46.93 -54.26
C VAL K 199 -18.03 -46.71 -53.42
N PRO K 200 -17.93 -46.59 -52.06
CA PRO K 200 -19.15 -46.35 -51.28
C PRO K 200 -19.73 -44.95 -51.53
N VAL K 201 -21.07 -44.82 -51.46
CA VAL K 201 -21.76 -43.56 -51.70
C VAL K 201 -22.30 -42.99 -50.40
N LEU K 202 -21.99 -41.72 -50.12
CA LEU K 202 -22.49 -41.00 -48.96
C LEU K 202 -23.55 -40.02 -49.46
N VAL K 203 -24.80 -40.19 -48.97
CA VAL K 203 -25.92 -39.37 -49.35
C VAL K 203 -26.32 -38.51 -48.15
N ASP K 204 -26.34 -37.19 -48.32
CA ASP K 204 -26.75 -36.28 -47.25
C ASP K 204 -28.26 -36.12 -47.34
N ASN K 205 -28.99 -36.88 -46.50
CA ASN K 205 -30.46 -36.93 -46.47
C ASN K 205 -31.07 -35.97 -45.41
N THR K 206 -30.46 -34.79 -45.18
CA THR K 206 -30.97 -33.84 -44.19
C THR K 206 -32.32 -33.26 -44.63
N PHE K 207 -32.42 -32.80 -45.88
CA PHE K 207 -33.61 -32.16 -46.42
C PHE K 207 -34.84 -33.08 -46.49
N CYS K 208 -34.64 -34.31 -46.99
CA CYS K 208 -35.73 -35.28 -47.14
C CYS K 208 -36.13 -35.93 -45.82
N THR K 209 -35.15 -36.30 -44.98
CA THR K 209 -35.34 -37.03 -43.69
C THR K 209 -35.76 -38.50 -43.96
N PRO K 210 -35.64 -39.45 -43.00
CA PRO K 210 -36.09 -40.82 -43.28
C PRO K 210 -37.60 -40.97 -43.56
N VAL K 211 -38.38 -39.90 -43.38
CA VAL K 211 -39.82 -39.90 -43.63
C VAL K 211 -40.07 -39.97 -45.15
N LEU K 212 -39.31 -39.15 -45.92
CA LEU K 212 -39.48 -39.03 -47.37
C LEU K 212 -38.51 -39.85 -48.23
N GLN K 213 -37.24 -40.00 -47.83
CA GLN K 213 -36.27 -40.73 -48.65
C GLN K 213 -35.46 -41.70 -47.81
N GLN K 214 -35.14 -42.87 -48.41
CA GLN K 214 -34.39 -43.94 -47.75
C GLN K 214 -33.19 -44.28 -48.66
N PRO K 215 -32.08 -43.52 -48.63
CA PRO K 215 -30.95 -43.83 -49.52
C PRO K 215 -30.34 -45.23 -49.37
N ILE K 216 -30.43 -45.84 -48.17
CA ILE K 216 -29.89 -47.18 -47.92
C ILE K 216 -30.53 -48.20 -48.89
N SER K 217 -31.85 -48.08 -49.13
CA SER K 217 -32.57 -48.96 -50.06
C SER K 217 -32.04 -48.87 -51.50
N HIS K 218 -31.58 -47.68 -51.92
CA HIS K 218 -31.00 -47.47 -53.26
C HIS K 218 -29.54 -47.99 -53.39
N GLY K 219 -28.91 -48.35 -52.26
CA GLY K 219 -27.55 -48.89 -52.22
C GLY K 219 -26.49 -47.93 -51.69
N ALA K 220 -26.90 -46.88 -50.96
CA ALA K 220 -25.93 -45.96 -50.37
C ALA K 220 -25.28 -46.63 -49.17
N ALA K 221 -23.95 -46.53 -49.06
CA ALA K 221 -23.24 -47.14 -47.94
C ALA K 221 -23.43 -46.35 -46.65
N LEU K 222 -23.35 -45.01 -46.72
CA LEU K 222 -23.54 -44.15 -45.55
C LEU K 222 -24.53 -43.02 -45.85
N VAL K 223 -25.34 -42.63 -44.84
CA VAL K 223 -26.37 -41.60 -44.96
C VAL K 223 -26.17 -40.56 -43.86
N LEU K 224 -25.74 -39.35 -44.24
CA LEU K 224 -25.50 -38.25 -43.29
C LEU K 224 -26.75 -37.41 -43.08
N HIS K 225 -26.95 -36.92 -41.85
CA HIS K 225 -28.04 -36.03 -41.48
C HIS K 225 -27.49 -34.95 -40.58
N SER K 226 -27.82 -33.68 -40.84
CA SER K 226 -27.51 -32.62 -39.90
C SER K 226 -28.71 -32.69 -38.97
N ALA K 227 -28.57 -33.40 -37.85
CA ALA K 227 -29.66 -33.59 -36.91
C ALA K 227 -30.21 -32.28 -36.34
N THR K 228 -29.39 -31.21 -36.35
CA THR K 228 -29.76 -29.84 -35.97
C THR K 228 -31.08 -29.42 -36.66
N GLN K 229 -31.27 -29.86 -37.92
CA GLN K 229 -32.42 -29.56 -38.76
C GLN K 229 -33.33 -30.78 -38.84
N TYR K 230 -34.66 -30.57 -38.66
CA TYR K 230 -35.71 -31.59 -38.79
C TYR K 230 -35.70 -32.68 -37.71
N LEU K 231 -34.56 -33.38 -37.49
CA LEU K 231 -34.50 -34.44 -36.48
C LEU K 231 -34.74 -33.83 -35.09
N GLY K 232 -34.12 -32.68 -34.81
CA GLY K 232 -34.36 -31.93 -33.59
C GLY K 232 -35.71 -31.25 -33.71
N GLY K 233 -35.87 -30.49 -34.79
CA GLY K 233 -37.13 -29.84 -35.15
C GLY K 233 -37.54 -28.60 -34.40
N HIS K 234 -36.87 -28.25 -33.30
CA HIS K 234 -37.23 -27.07 -32.51
C HIS K 234 -36.10 -26.01 -32.42
N GLY K 235 -35.06 -26.13 -33.24
CA GLY K 235 -33.94 -25.19 -33.28
C GLY K 235 -33.23 -25.01 -31.95
N ASP K 236 -33.03 -26.10 -31.21
CA ASP K 236 -32.39 -26.04 -29.90
C ASP K 236 -31.46 -27.21 -29.59
N ALA K 237 -31.04 -27.97 -30.60
CA ALA K 237 -30.15 -29.10 -30.39
C ALA K 237 -29.27 -29.32 -31.61
N MET K 238 -27.98 -29.01 -31.49
CA MET K 238 -27.03 -29.24 -32.58
C MET K 238 -26.75 -30.74 -32.62
N GLY K 239 -26.51 -31.27 -33.81
CA GLY K 239 -26.20 -32.69 -33.95
C GLY K 239 -25.89 -33.12 -35.37
N GLY K 240 -25.22 -34.25 -35.48
CA GLY K 240 -24.82 -34.86 -36.74
C GLY K 240 -24.82 -36.35 -36.59
N ILE K 241 -25.28 -37.09 -37.59
CA ILE K 241 -25.40 -38.55 -37.49
C ILE K 241 -25.29 -39.22 -38.86
N ILE K 242 -24.60 -40.37 -38.93
CA ILE K 242 -24.45 -41.14 -40.16
C ILE K 242 -24.99 -42.55 -39.94
N ALA K 243 -26.07 -42.92 -40.66
CA ALA K 243 -26.65 -44.25 -40.61
C ALA K 243 -25.88 -45.05 -41.66
N THR K 244 -25.22 -46.17 -41.27
CA THR K 244 -24.37 -46.93 -42.19
C THR K 244 -24.20 -48.42 -41.76
N ASN K 245 -23.51 -49.23 -42.60
CA ASN K 245 -23.18 -50.62 -42.30
C ASN K 245 -22.16 -50.70 -41.12
N ALA K 246 -21.90 -51.90 -40.60
CA ALA K 246 -20.98 -52.10 -39.47
C ALA K 246 -19.53 -51.70 -39.77
N ASP K 247 -19.03 -51.91 -41.00
CA ASP K 247 -17.64 -51.56 -41.36
C ASP K 247 -17.39 -50.06 -41.24
N TRP K 248 -18.26 -49.24 -41.82
CA TRP K 248 -18.11 -47.79 -41.77
C TRP K 248 -18.42 -47.24 -40.38
N ALA K 249 -19.36 -47.87 -39.65
CA ALA K 249 -19.67 -47.43 -38.28
C ALA K 249 -18.45 -47.62 -37.38
N MET K 250 -17.72 -48.74 -37.56
CA MET K 250 -16.52 -49.02 -36.80
C MET K 250 -15.44 -47.97 -37.11
N ARG K 251 -15.26 -47.62 -38.39
CA ARG K 251 -14.29 -46.61 -38.80
C ARG K 251 -14.64 -45.23 -38.24
N LEU K 252 -15.93 -44.86 -38.25
CA LEU K 252 -16.39 -43.57 -37.73
C LEU K 252 -16.20 -43.51 -36.22
N ARG K 253 -16.51 -44.60 -35.51
CA ARG K 253 -16.33 -44.65 -34.05
C ARG K 253 -14.83 -44.62 -33.68
N GLN K 254 -13.95 -45.22 -34.50
CA GLN K 254 -12.50 -45.16 -34.27
C GLN K 254 -12.03 -43.71 -34.31
N VAL K 255 -12.54 -42.92 -35.27
CA VAL K 255 -12.20 -41.51 -35.40
C VAL K 255 -12.81 -40.72 -34.24
N ARG K 256 -14.07 -41.00 -33.89
CA ARG K 256 -14.77 -40.32 -32.79
C ARG K 256 -14.07 -40.51 -31.44
N ALA K 257 -13.60 -41.72 -31.15
CA ALA K 257 -12.94 -42.01 -29.88
C ALA K 257 -11.62 -41.25 -29.70
N ILE K 258 -10.94 -40.87 -30.80
CA ILE K 258 -9.64 -40.18 -30.71
C ILE K 258 -9.76 -38.66 -31.00
N THR K 259 -10.69 -38.22 -31.89
CA THR K 259 -10.87 -36.79 -32.17
C THR K 259 -11.94 -36.13 -31.26
N GLY K 260 -12.81 -36.92 -30.62
CA GLY K 260 -13.79 -36.46 -29.65
C GLY K 260 -14.78 -35.36 -29.97
N ALA K 261 -15.40 -35.38 -31.16
CA ALA K 261 -16.45 -34.40 -31.48
C ALA K 261 -17.78 -35.03 -31.03
N LEU K 262 -17.97 -35.14 -29.72
CA LEU K 262 -19.12 -35.86 -29.14
C LEU K 262 -20.39 -35.04 -29.01
N LEU K 263 -21.53 -35.75 -29.05
CA LEU K 263 -22.84 -35.16 -28.88
C LEU K 263 -23.16 -35.24 -27.39
N HIS K 264 -23.43 -34.10 -26.76
CA HIS K 264 -23.72 -34.04 -25.32
C HIS K 264 -24.95 -34.88 -24.96
N PRO K 265 -25.00 -35.55 -23.79
CA PRO K 265 -26.18 -36.35 -23.44
C PRO K 265 -27.53 -35.60 -23.51
N MET K 266 -27.53 -34.28 -23.24
CA MET K 266 -28.73 -33.44 -23.34
C MET K 266 -29.09 -33.20 -24.81
N GLY K 267 -28.09 -33.02 -25.67
CA GLY K 267 -28.28 -32.89 -27.11
C GLY K 267 -28.86 -34.17 -27.70
N ALA K 268 -28.36 -35.31 -27.23
CA ALA K 268 -28.86 -36.63 -27.65
C ALA K 268 -30.30 -36.86 -27.24
N TYR K 269 -30.66 -36.40 -26.05
CA TYR K 269 -32.01 -36.54 -25.56
C TYR K 269 -33.02 -35.80 -26.43
N LEU K 270 -32.74 -34.52 -26.75
CA LEU K 270 -33.65 -33.71 -27.55
C LEU K 270 -33.74 -34.13 -29.03
N LEU K 271 -32.66 -34.72 -29.58
CA LEU K 271 -32.70 -35.19 -30.97
C LEU K 271 -33.52 -36.49 -31.06
N HIS K 272 -33.40 -37.36 -30.05
CA HIS K 272 -34.17 -38.60 -29.93
C HIS K 272 -35.66 -38.25 -29.68
N ARG K 273 -35.92 -37.27 -28.79
CA ARG K 273 -37.26 -36.75 -28.46
C ARG K 273 -37.93 -36.18 -29.71
N GLY K 274 -37.14 -35.49 -30.54
CA GLY K 274 -37.62 -34.90 -31.78
C GLY K 274 -38.03 -35.93 -32.82
N LEU K 275 -37.40 -37.11 -32.81
CA LEU K 275 -37.76 -38.17 -33.75
C LEU K 275 -39.19 -38.68 -33.51
N ARG K 276 -39.71 -38.56 -32.28
CA ARG K 276 -41.06 -39.04 -31.93
C ARG K 276 -42.17 -38.27 -32.64
N THR K 277 -41.92 -36.99 -33.01
CA THR K 277 -42.86 -36.13 -33.72
C THR K 277 -42.40 -35.83 -35.16
N LEU K 278 -41.37 -36.52 -35.69
CA LEU K 278 -40.84 -36.24 -37.02
C LEU K 278 -41.84 -36.47 -38.17
N ALA K 279 -42.65 -37.55 -38.12
CA ALA K 279 -43.63 -37.79 -39.18
C ALA K 279 -44.74 -36.75 -39.18
N VAL K 280 -45.27 -36.38 -38.00
CA VAL K 280 -46.36 -35.40 -37.94
C VAL K 280 -45.87 -34.00 -38.28
N ARG K 281 -44.62 -33.65 -37.95
CA ARG K 281 -44.07 -32.33 -38.29
C ARG K 281 -43.76 -32.24 -39.78
N MET K 282 -43.14 -33.28 -40.35
CA MET K 282 -42.81 -33.29 -41.77
C MET K 282 -44.08 -33.23 -42.62
N ARG K 283 -45.08 -34.08 -42.32
CA ARG K 283 -46.34 -34.11 -43.07
C ARG K 283 -47.06 -32.76 -43.03
N ALA K 284 -47.04 -32.06 -41.88
CA ALA K 284 -47.71 -30.78 -41.75
C ALA K 284 -47.00 -29.67 -42.54
N ALA K 285 -45.65 -29.58 -42.42
CA ALA K 285 -44.87 -28.58 -43.10
C ALA K 285 -44.85 -28.81 -44.62
N GLN K 286 -44.85 -30.08 -45.06
CA GLN K 286 -44.86 -30.43 -46.48
C GLN K 286 -46.16 -29.98 -47.14
N THR K 287 -47.30 -30.16 -46.44
CA THR K 287 -48.61 -29.73 -46.95
C THR K 287 -48.63 -28.22 -47.14
N THR K 288 -48.12 -27.47 -46.14
CA THR K 288 -48.04 -26.01 -46.19
C THR K 288 -47.10 -25.56 -47.32
N ALA K 289 -45.96 -26.24 -47.50
CA ALA K 289 -45.00 -25.90 -48.54
C ALA K 289 -45.51 -26.13 -49.96
N GLY K 290 -46.21 -27.24 -50.18
CA GLY K 290 -46.79 -27.53 -51.50
C GLY K 290 -47.76 -26.46 -51.97
N GLU K 291 -48.53 -25.92 -51.02
CA GLU K 291 -49.49 -24.84 -51.29
C GLU K 291 -48.77 -23.50 -51.46
N LEU K 292 -47.75 -23.22 -50.63
CA LEU K 292 -46.99 -21.96 -50.73
C LEU K 292 -46.24 -21.86 -52.06
N ALA K 293 -45.58 -22.95 -52.49
CA ALA K 293 -44.84 -22.94 -53.76
C ALA K 293 -45.73 -22.58 -54.96
N GLU K 294 -47.01 -22.97 -54.92
CA GLU K 294 -47.96 -22.65 -55.98
C GLU K 294 -48.32 -21.15 -55.96
N ARG K 295 -48.57 -20.59 -54.77
CA ARG K 295 -48.92 -19.17 -54.62
C ARG K 295 -47.74 -18.28 -54.99
N LEU K 296 -46.53 -18.68 -54.57
CA LEU K 296 -45.31 -17.93 -54.83
C LEU K 296 -44.93 -17.96 -56.31
N ASP K 297 -45.23 -19.07 -57.02
CA ASP K 297 -44.96 -19.17 -58.46
C ASP K 297 -45.84 -18.18 -59.23
N ALA K 298 -47.10 -18.00 -58.78
CA ALA K 298 -48.04 -17.07 -59.40
C ALA K 298 -47.65 -15.61 -59.20
N HIS K 299 -46.83 -15.24 -58.20
CA HIS K 299 -46.47 -13.85 -57.95
C HIS K 299 -45.57 -13.29 -59.07
N PRO K 300 -45.79 -12.04 -59.55
CA PRO K 300 -44.93 -11.52 -60.63
C PRO K 300 -43.49 -11.22 -60.24
N ALA K 301 -43.25 -10.92 -58.95
CA ALA K 301 -41.91 -10.64 -58.45
C ALA K 301 -40.97 -11.83 -58.52
N ILE K 302 -41.51 -13.07 -58.47
CA ILE K 302 -40.70 -14.29 -58.54
C ILE K 302 -40.77 -14.87 -59.94
N SER K 303 -39.61 -15.09 -60.56
CA SER K 303 -39.52 -15.66 -61.90
C SER K 303 -39.57 -17.19 -61.89
N VAL K 304 -38.74 -17.84 -61.04
CA VAL K 304 -38.66 -19.30 -60.95
C VAL K 304 -38.88 -19.76 -59.51
N VAL K 305 -39.66 -20.82 -59.29
CA VAL K 305 -39.87 -21.41 -57.96
C VAL K 305 -39.40 -22.86 -58.06
N HIS K 306 -38.42 -23.22 -57.24
CA HIS K 306 -37.87 -24.57 -57.18
C HIS K 306 -38.58 -25.32 -56.06
N TYR K 307 -39.34 -26.36 -56.40
CA TYR K 307 -40.03 -27.21 -55.43
C TYR K 307 -40.29 -28.57 -56.10
N PRO K 308 -39.79 -29.72 -55.58
CA PRO K 308 -40.01 -31.01 -56.28
C PRO K 308 -41.46 -31.35 -56.63
N GLY K 309 -42.39 -31.05 -55.73
CA GLY K 309 -43.81 -31.32 -55.95
C GLY K 309 -44.47 -30.53 -57.06
N LEU K 310 -43.87 -29.39 -57.47
CA LEU K 310 -44.41 -28.56 -58.55
C LEU K 310 -44.25 -29.28 -59.89
N LYS K 311 -45.20 -29.06 -60.81
CA LYS K 311 -45.15 -29.71 -62.12
C LYS K 311 -43.97 -29.22 -62.95
N GLY K 312 -43.38 -30.14 -63.71
CA GLY K 312 -42.23 -29.86 -64.54
C GLY K 312 -40.90 -30.00 -63.81
N GLN K 313 -40.90 -29.83 -62.47
CA GLN K 313 -39.68 -29.94 -61.66
C GLN K 313 -39.18 -31.37 -61.50
N ASP K 314 -40.01 -32.40 -61.81
CA ASP K 314 -39.62 -33.79 -61.66
C ASP K 314 -39.68 -34.52 -63.02
N PRO K 315 -38.69 -34.33 -63.93
CA PRO K 315 -38.75 -35.05 -65.22
C PRO K 315 -38.42 -36.54 -65.14
N ARG K 316 -37.47 -36.93 -64.27
CA ARG K 316 -37.03 -38.32 -64.13
C ARG K 316 -37.98 -39.23 -63.33
N GLY K 317 -39.07 -38.69 -62.79
CA GLY K 317 -40.03 -39.48 -62.03
C GLY K 317 -39.49 -39.99 -60.71
N LEU K 318 -38.65 -39.19 -60.06
CA LEU K 318 -38.07 -39.53 -58.76
C LEU K 318 -39.08 -39.40 -57.61
N LEU K 319 -40.15 -38.61 -57.78
CA LEU K 319 -41.19 -38.49 -56.76
C LEU K 319 -42.05 -39.75 -56.88
N GLY K 320 -42.10 -40.53 -55.80
CA GLY K 320 -42.81 -41.81 -55.75
C GLY K 320 -41.82 -42.95 -55.72
N ARG K 321 -40.90 -42.96 -56.68
CA ARG K 321 -39.85 -43.97 -56.80
C ARG K 321 -38.77 -43.83 -55.71
N GLN K 322 -38.28 -42.61 -55.49
CA GLN K 322 -37.22 -42.29 -54.53
C GLN K 322 -37.72 -41.44 -53.35
N MET K 323 -38.50 -40.38 -53.62
CA MET K 323 -39.04 -39.46 -52.60
C MET K 323 -40.54 -39.62 -52.45
N SER K 324 -41.01 -39.95 -51.24
CA SER K 324 -42.46 -40.08 -50.99
C SER K 324 -43.11 -38.73 -50.65
N GLY K 325 -42.62 -37.64 -51.22
CA GLY K 325 -43.16 -36.31 -50.96
C GLY K 325 -42.29 -35.20 -51.51
N GLY K 326 -42.88 -34.01 -51.62
CA GLY K 326 -42.20 -32.84 -52.14
C GLY K 326 -41.25 -32.13 -51.19
N GLY K 327 -41.40 -32.35 -49.89
CA GLY K 327 -40.55 -31.72 -48.88
C GLY K 327 -41.14 -30.44 -48.33
N ALA K 328 -40.42 -29.81 -47.39
CA ALA K 328 -40.84 -28.56 -46.75
C ALA K 328 -39.83 -27.43 -46.98
N MET K 329 -39.04 -27.48 -48.06
CA MET K 329 -38.08 -26.45 -48.41
C MET K 329 -38.46 -25.89 -49.77
N ILE K 330 -38.37 -24.57 -49.96
CA ILE K 330 -38.69 -23.93 -51.23
C ILE K 330 -37.62 -22.89 -51.52
N ALA K 331 -36.99 -22.96 -52.69
CA ALA K 331 -36.03 -21.95 -53.13
C ALA K 331 -36.65 -21.22 -54.33
N MET K 332 -36.28 -19.95 -54.55
CA MET K 332 -36.83 -19.18 -55.66
C MET K 332 -35.88 -18.14 -56.21
N GLU K 333 -35.98 -17.87 -57.52
CA GLU K 333 -35.16 -16.89 -58.21
C GLU K 333 -36.01 -15.63 -58.38
N LEU K 334 -35.52 -14.47 -57.90
CA LEU K 334 -36.27 -13.21 -58.00
C LEU K 334 -36.03 -12.57 -59.36
N ALA K 335 -37.06 -11.90 -59.91
CA ALA K 335 -36.95 -11.24 -61.20
C ALA K 335 -36.01 -10.02 -61.15
N GLY K 336 -36.04 -9.28 -60.05
CA GLY K 336 -35.18 -8.10 -59.88
C GLY K 336 -33.76 -8.37 -59.43
N GLY K 337 -33.34 -9.64 -59.41
CA GLY K 337 -31.98 -10.00 -59.04
C GLY K 337 -31.68 -9.89 -57.56
N PHE K 338 -30.47 -9.45 -57.23
CA PHE K 338 -30.03 -9.31 -55.85
C PHE K 338 -30.85 -8.30 -55.04
N ASP K 339 -31.14 -7.12 -55.62
CA ASP K 339 -31.90 -6.10 -54.89
C ASP K 339 -33.30 -6.57 -54.47
N ALA K 340 -34.00 -7.30 -55.35
CA ALA K 340 -35.32 -7.85 -55.02
C ALA K 340 -35.22 -8.95 -53.96
N ALA K 341 -34.19 -9.81 -54.07
CA ALA K 341 -33.92 -10.88 -53.11
C ALA K 341 -33.61 -10.29 -51.72
N ARG K 342 -32.80 -9.23 -51.67
CA ARG K 342 -32.42 -8.56 -50.43
C ARG K 342 -33.65 -7.90 -49.78
N SER K 343 -34.46 -7.18 -50.57
CA SER K 343 -35.66 -6.52 -50.06
C SER K 343 -36.70 -7.54 -49.56
N PHE K 344 -36.81 -8.70 -50.23
CA PHE K 344 -37.76 -9.76 -49.85
C PHE K 344 -37.50 -10.26 -48.42
N VAL K 345 -36.26 -10.60 -48.09
CA VAL K 345 -35.96 -11.11 -46.75
C VAL K 345 -35.99 -10.00 -45.67
N GLU K 346 -35.61 -8.77 -46.04
CA GLU K 346 -35.57 -7.66 -45.09
C GLU K 346 -36.96 -7.12 -44.72
N HIS K 347 -37.98 -7.24 -45.59
CA HIS K 347 -39.33 -6.78 -45.26
C HIS K 347 -40.20 -7.86 -44.59
N CYS K 348 -39.68 -9.08 -44.37
CA CYS K 348 -40.41 -10.16 -43.71
C CYS K 348 -40.54 -9.86 -42.22
N ASN K 349 -41.69 -10.22 -41.62
CA ASN K 349 -41.92 -9.96 -40.19
C ASN K 349 -42.18 -11.29 -39.44
N LEU K 350 -43.22 -12.04 -39.83
CA LEU K 350 -43.55 -13.33 -39.23
C LEU K 350 -42.48 -14.33 -39.63
N VAL K 351 -42.11 -14.37 -40.93
CA VAL K 351 -41.04 -15.23 -41.43
C VAL K 351 -39.75 -14.53 -41.00
N VAL K 352 -38.85 -15.26 -40.33
CA VAL K 352 -37.65 -14.66 -39.78
C VAL K 352 -36.41 -14.86 -40.67
N HIS K 353 -35.62 -13.79 -40.87
CA HIS K 353 -34.39 -13.85 -41.67
C HIS K 353 -33.30 -14.51 -40.81
N ALA K 354 -33.06 -15.81 -41.02
CA ALA K 354 -32.07 -16.58 -40.28
C ALA K 354 -31.68 -17.86 -41.03
N VAL K 355 -30.48 -18.40 -40.72
CA VAL K 355 -30.02 -19.68 -41.29
C VAL K 355 -30.68 -20.87 -40.51
N SER K 356 -30.40 -22.14 -40.91
CA SER K 356 -30.97 -23.37 -40.35
C SER K 356 -32.35 -23.66 -40.96
N LEU K 357 -32.81 -24.90 -40.84
CA LEU K 357 -34.04 -25.35 -41.45
C LEU K 357 -34.72 -26.48 -40.64
N GLY K 358 -35.91 -26.90 -41.06
CA GLY K 358 -36.65 -27.97 -40.40
C GLY K 358 -37.25 -27.67 -39.05
N GLY K 359 -37.25 -26.41 -38.63
CA GLY K 359 -37.79 -26.00 -37.35
C GLY K 359 -39.29 -25.80 -37.35
N ALA K 360 -39.86 -25.55 -36.16
CA ALA K 360 -41.28 -25.30 -36.00
C ALA K 360 -41.73 -23.98 -36.67
N ASP K 361 -40.80 -23.02 -36.84
CA ASP K 361 -41.07 -21.72 -37.45
C ASP K 361 -40.45 -21.62 -38.85
N THR K 362 -41.02 -20.72 -39.68
CA THR K 362 -40.59 -20.49 -41.05
C THR K 362 -39.45 -19.50 -41.07
N LEU K 363 -38.35 -19.87 -41.74
CA LEU K 363 -37.14 -19.05 -41.86
C LEU K 363 -36.85 -18.77 -43.33
N ILE K 364 -36.11 -17.69 -43.58
CA ILE K 364 -35.74 -17.24 -44.94
C ILE K 364 -34.30 -16.70 -44.92
N GLN K 365 -33.55 -16.88 -46.02
CA GLN K 365 -32.17 -16.41 -46.09
C GLN K 365 -31.64 -16.32 -47.53
N HIS K 366 -30.62 -15.47 -47.76
CA HIS K 366 -29.97 -15.34 -49.07
C HIS K 366 -28.77 -16.29 -49.04
N PRO K 367 -28.80 -17.46 -49.71
CA PRO K 367 -27.69 -18.42 -49.60
C PRO K 367 -26.30 -17.90 -49.97
N ALA K 368 -26.18 -17.12 -51.07
CA ALA K 368 -24.90 -16.58 -51.49
C ALA K 368 -24.24 -15.69 -50.42
N SER K 369 -25.05 -15.05 -49.55
CA SER K 369 -24.57 -14.18 -48.49
C SER K 369 -24.36 -14.89 -47.15
N LEU K 370 -25.07 -16.01 -46.90
CA LEU K 370 -24.97 -16.70 -45.61
C LEU K 370 -24.50 -18.18 -45.71
N THR K 371 -25.39 -19.17 -45.88
CA THR K 371 -25.02 -20.59 -45.87
C THR K 371 -23.93 -20.97 -46.87
N HIS K 372 -24.01 -20.41 -48.08
CA HIS K 372 -23.03 -20.68 -49.13
C HIS K 372 -22.09 -19.51 -49.39
N ARG K 373 -21.73 -18.78 -48.33
CA ARG K 373 -20.75 -17.70 -48.44
C ARG K 373 -19.31 -18.25 -48.56
N PRO K 374 -18.88 -19.32 -47.84
CA PRO K 374 -17.50 -19.83 -48.04
C PRO K 374 -17.26 -20.59 -49.35
N VAL K 375 -18.30 -20.72 -50.20
CA VAL K 375 -18.20 -21.43 -51.46
C VAL K 375 -17.45 -20.56 -52.48
N ALA K 376 -16.70 -21.19 -53.39
CA ALA K 376 -15.96 -20.48 -54.44
C ALA K 376 -16.92 -19.68 -55.31
N ALA K 377 -16.48 -18.51 -55.81
CA ALA K 377 -17.30 -17.63 -56.63
C ALA K 377 -17.97 -18.33 -57.82
N THR K 378 -17.22 -19.21 -58.52
CA THR K 378 -17.74 -19.94 -59.68
C THR K 378 -18.86 -20.91 -59.29
N ALA K 379 -18.77 -21.52 -58.10
CA ALA K 379 -19.74 -22.48 -57.59
C ALA K 379 -20.83 -21.90 -56.68
N LYS K 380 -20.78 -20.60 -56.39
CA LYS K 380 -21.76 -19.99 -55.49
C LYS K 380 -23.18 -19.99 -56.11
N PRO K 381 -24.28 -20.08 -55.32
CA PRO K 381 -25.61 -20.02 -55.94
C PRO K 381 -25.94 -18.63 -56.52
N GLY K 382 -27.02 -18.56 -57.29
CA GLY K 382 -27.45 -17.32 -57.91
C GLY K 382 -27.69 -16.19 -56.92
N ASP K 383 -27.37 -14.96 -57.34
CA ASP K 383 -27.57 -13.78 -56.49
C ASP K 383 -29.05 -13.43 -56.27
N GLY K 384 -29.92 -13.82 -57.19
CA GLY K 384 -31.36 -13.63 -57.06
C GLY K 384 -32.06 -14.76 -56.33
N LEU K 385 -31.33 -15.84 -55.95
CA LEU K 385 -31.91 -16.99 -55.27
C LEU K 385 -32.12 -16.75 -53.77
N ILE K 386 -33.25 -17.25 -53.24
CA ILE K 386 -33.65 -17.14 -51.85
C ILE K 386 -34.13 -18.51 -51.38
N ARG K 387 -33.65 -18.98 -50.23
CA ARG K 387 -34.08 -20.25 -49.67
C ARG K 387 -35.06 -19.99 -48.53
N LEU K 388 -36.08 -20.87 -48.40
CA LEU K 388 -37.12 -20.76 -47.36
C LEU K 388 -37.38 -22.14 -46.74
N SER K 389 -37.39 -22.21 -45.40
CA SER K 389 -37.72 -23.43 -44.66
C SER K 389 -39.14 -23.25 -44.14
N VAL K 390 -40.08 -24.10 -44.58
CA VAL K 390 -41.48 -23.99 -44.16
C VAL K 390 -41.69 -24.67 -42.80
N GLY K 391 -42.36 -23.98 -41.89
CA GLY K 391 -42.63 -24.46 -40.54
C GLY K 391 -44.04 -25.00 -40.35
N LEU K 392 -44.55 -24.94 -39.11
CA LEU K 392 -45.87 -25.46 -38.74
C LEU K 392 -46.91 -24.36 -38.55
N GLU K 393 -46.72 -23.19 -39.18
CA GLU K 393 -47.70 -22.10 -39.07
C GLU K 393 -48.79 -22.25 -40.13
N HIS K 394 -49.90 -21.52 -39.98
CA HIS K 394 -50.99 -21.58 -40.94
C HIS K 394 -50.52 -21.05 -42.30
N VAL K 395 -50.91 -21.74 -43.37
CA VAL K 395 -50.54 -21.37 -44.75
C VAL K 395 -50.93 -19.93 -45.11
N ASP K 396 -52.12 -19.47 -44.69
CA ASP K 396 -52.58 -18.13 -45.02
C ASP K 396 -51.71 -17.05 -44.37
N ASP K 397 -51.34 -17.23 -43.09
CA ASP K 397 -50.50 -16.24 -42.40
C ASP K 397 -49.09 -16.16 -42.99
N LEU K 398 -48.55 -17.29 -43.49
CA LEU K 398 -47.22 -17.29 -44.10
C LEU K 398 -47.27 -16.65 -45.48
N ALA K 399 -48.31 -16.97 -46.27
CA ALA K 399 -48.46 -16.39 -47.60
C ALA K 399 -48.69 -14.89 -47.51
N ASP K 400 -49.54 -14.41 -46.58
CA ASP K 400 -49.80 -12.98 -46.45
C ASP K 400 -48.50 -12.21 -46.13
N ASP K 401 -47.65 -12.76 -45.25
CA ASP K 401 -46.37 -12.15 -44.88
C ASP K 401 -45.36 -12.15 -46.04
N LEU K 402 -45.26 -13.27 -46.77
CA LEU K 402 -44.32 -13.37 -47.90
C LEU K 402 -44.76 -12.50 -49.07
N ILE K 403 -46.07 -12.40 -49.33
CA ILE K 403 -46.59 -11.56 -50.41
C ILE K 403 -46.34 -10.09 -50.07
N ALA K 404 -46.63 -9.67 -48.82
CA ALA K 404 -46.40 -8.30 -48.39
C ALA K 404 -44.92 -7.90 -48.52
N ALA K 405 -43.99 -8.83 -48.23
CA ALA K 405 -42.55 -8.60 -48.34
C ALA K 405 -42.14 -8.39 -49.80
N LEU K 406 -42.74 -9.14 -50.74
CA LEU K 406 -42.46 -9.00 -52.16
C LEU K 406 -43.02 -7.67 -52.69
N ASP K 407 -44.24 -7.31 -52.23
CA ASP K 407 -44.88 -6.05 -52.63
C ASP K 407 -44.20 -4.81 -52.05
N ALA K 408 -43.33 -4.95 -51.03
CA ALA K 408 -42.62 -3.82 -50.43
C ALA K 408 -41.59 -3.20 -51.39
N SER K 409 -40.98 -4.02 -52.27
CA SER K 409 -39.99 -3.54 -53.23
C SER K 409 -40.65 -2.67 -54.32
N THR L 22 -6.15 -7.22 -13.47
CA THR L 22 -4.92 -6.52 -13.09
C THR L 22 -4.87 -6.14 -11.60
N SER L 23 -5.99 -6.30 -10.84
CA SER L 23 -5.99 -5.90 -9.43
C SER L 23 -6.61 -6.93 -8.46
N LEU L 24 -7.47 -7.85 -8.94
CA LEU L 24 -8.10 -8.83 -8.06
C LEU L 24 -7.28 -10.13 -7.96
N HIS L 25 -7.44 -10.83 -6.83
CA HIS L 25 -6.74 -12.09 -6.59
C HIS L 25 -7.32 -13.24 -7.46
N PRO L 26 -6.59 -14.35 -7.73
CA PRO L 26 -7.19 -15.43 -8.55
C PRO L 26 -8.41 -16.11 -7.94
N GLU L 27 -8.53 -16.12 -6.60
CA GLU L 27 -9.68 -16.72 -5.91
C GLU L 27 -10.96 -15.92 -6.21
N THR L 28 -10.85 -14.59 -6.29
CA THR L 28 -11.97 -13.70 -6.63
C THR L 28 -12.32 -13.86 -8.12
N LEU L 29 -11.29 -13.93 -8.99
CA LEU L 29 -11.49 -14.04 -10.44
C LEU L 29 -12.11 -15.38 -10.87
N MET L 30 -11.98 -16.43 -10.07
CA MET L 30 -12.61 -17.72 -10.37
C MET L 30 -14.13 -17.62 -10.17
N VAL L 31 -14.58 -16.86 -9.17
CA VAL L 31 -15.99 -16.67 -8.87
C VAL L 31 -16.66 -15.72 -9.90
N HIS L 32 -16.05 -14.54 -10.12
CA HIS L 32 -16.61 -13.50 -11.00
C HIS L 32 -16.12 -13.49 -12.45
N GLY L 33 -15.25 -14.41 -12.85
CA GLY L 33 -14.75 -14.47 -14.22
C GLY L 33 -15.83 -14.90 -15.18
N GLY L 34 -15.93 -14.20 -16.32
CA GLY L 34 -16.95 -14.48 -17.32
C GLY L 34 -18.36 -14.12 -16.92
N MET L 35 -18.54 -13.38 -15.80
CA MET L 35 -19.85 -12.95 -15.30
C MET L 35 -20.05 -11.45 -15.56
N LYS L 36 -19.50 -10.93 -16.67
CA LYS L 36 -19.56 -9.50 -16.99
C LYS L 36 -20.92 -9.13 -17.57
N GLY L 37 -21.53 -8.09 -17.02
CA GLY L 37 -22.82 -7.61 -17.50
C GLY L 37 -24.03 -8.33 -16.93
N LEU L 38 -23.85 -9.44 -16.20
CA LEU L 38 -24.98 -10.20 -15.64
C LEU L 38 -25.64 -9.41 -14.50
N THR L 39 -24.83 -8.89 -13.57
CA THR L 39 -25.36 -8.10 -12.46
C THR L 39 -26.06 -6.83 -12.98
N GLU L 40 -25.51 -6.24 -14.04
CA GLU L 40 -26.05 -5.03 -14.66
C GLU L 40 -27.39 -5.32 -15.38
N ALA L 41 -27.61 -6.58 -15.85
CA ALA L 41 -28.84 -7.02 -16.50
C ALA L 41 -29.91 -7.60 -15.51
N GLY L 42 -29.62 -7.59 -14.21
CA GLY L 42 -30.56 -8.09 -13.20
C GLY L 42 -30.68 -9.60 -13.12
N VAL L 43 -29.57 -10.33 -13.39
CA VAL L 43 -29.52 -11.80 -13.32
C VAL L 43 -28.29 -12.25 -12.52
N HIS L 44 -28.33 -13.45 -11.95
CA HIS L 44 -27.25 -13.96 -11.09
C HIS L 44 -26.22 -14.85 -11.83
N VAL L 45 -26.70 -15.83 -12.62
CA VAL L 45 -25.84 -16.79 -13.35
C VAL L 45 -26.06 -16.65 -14.88
N PRO L 46 -25.09 -17.03 -15.75
CA PRO L 46 -25.33 -16.88 -17.19
C PRO L 46 -26.43 -17.83 -17.69
N ALA L 47 -27.26 -17.34 -18.60
CA ALA L 47 -28.37 -18.14 -19.12
C ALA L 47 -27.87 -19.21 -20.09
N ILE L 48 -28.65 -20.28 -20.24
CA ILE L 48 -28.33 -21.38 -21.15
C ILE L 48 -29.19 -21.18 -22.40
N ASP L 49 -28.59 -20.61 -23.45
CA ASP L 49 -29.30 -20.36 -24.70
C ASP L 49 -29.05 -21.56 -25.63
N LEU L 50 -30.08 -22.39 -25.83
CA LEU L 50 -29.95 -23.57 -26.68
C LEU L 50 -30.09 -23.27 -28.19
N SER L 51 -30.44 -22.01 -28.56
CA SER L 51 -30.63 -21.59 -29.96
C SER L 51 -29.54 -22.08 -30.90
N THR L 52 -29.93 -22.85 -31.92
CA THR L 52 -28.99 -23.32 -32.94
C THR L 52 -28.71 -22.17 -33.91
N THR L 53 -29.75 -21.41 -34.28
CA THR L 53 -29.65 -20.25 -35.18
C THR L 53 -29.84 -18.96 -34.39
N ASN L 54 -29.36 -17.85 -34.97
CA ASN L 54 -29.45 -16.53 -34.36
C ASN L 54 -29.88 -15.54 -35.47
N PRO L 55 -31.12 -14.99 -35.45
CA PRO L 55 -31.54 -14.08 -36.55
C PRO L 55 -30.66 -12.86 -36.80
N VAL L 56 -30.68 -12.38 -38.06
CA VAL L 56 -29.87 -11.24 -38.51
C VAL L 56 -30.76 -10.04 -38.85
N ASN L 57 -30.25 -8.82 -38.65
CA ASN L 57 -31.02 -7.61 -38.90
C ASN L 57 -31.24 -7.38 -40.39
N ASP L 58 -30.19 -7.60 -41.19
CA ASP L 58 -30.28 -7.45 -42.65
C ASP L 58 -29.23 -8.35 -43.35
N VAL L 59 -29.25 -8.39 -44.69
CA VAL L 59 -28.35 -9.23 -45.48
C VAL L 59 -26.89 -8.76 -45.33
N ALA L 60 -26.67 -7.45 -45.34
CA ALA L 60 -25.32 -6.90 -45.23
C ALA L 60 -24.66 -7.16 -43.86
N THR L 61 -25.34 -6.85 -42.74
CA THR L 61 -24.75 -7.07 -41.41
C THR L 61 -24.65 -8.56 -41.09
N GLY L 62 -25.65 -9.33 -41.49
CA GLY L 62 -25.66 -10.77 -41.27
C GLY L 62 -24.52 -11.46 -42.01
N GLY L 63 -24.34 -11.10 -43.27
CA GLY L 63 -23.27 -11.64 -44.10
C GLY L 63 -21.89 -11.26 -43.60
N ASP L 64 -21.70 -10.00 -43.19
CA ASP L 64 -20.42 -9.55 -42.65
C ASP L 64 -20.12 -10.24 -41.32
N SER L 65 -21.14 -10.45 -40.46
CA SER L 65 -20.96 -11.16 -39.19
C SER L 65 -20.59 -12.62 -39.46
N TYR L 66 -21.23 -13.25 -40.47
CA TYR L 66 -20.92 -14.63 -40.87
C TYR L 66 -19.44 -14.73 -41.26
N GLU L 67 -18.97 -13.84 -42.17
CA GLU L 67 -17.59 -13.85 -42.63
C GLU L 67 -16.60 -13.59 -41.48
N TRP L 68 -16.88 -12.61 -40.64
CA TRP L 68 -16.01 -12.29 -39.50
C TRP L 68 -15.82 -13.49 -38.57
N LEU L 69 -16.91 -14.22 -38.27
CA LEU L 69 -16.84 -15.37 -37.39
C LEU L 69 -16.24 -16.61 -38.07
N ALA L 70 -16.63 -16.89 -39.32
CA ALA L 70 -16.11 -18.04 -40.07
C ALA L 70 -14.58 -17.93 -40.27
N THR L 71 -14.07 -16.69 -40.42
CA THR L 71 -12.63 -16.46 -40.54
C THR L 71 -11.89 -16.44 -39.18
N GLY L 72 -12.53 -16.96 -38.12
CA GLY L 72 -11.95 -17.09 -36.78
C GLY L 72 -11.96 -15.90 -35.86
N HIS L 73 -12.77 -14.86 -36.13
CA HIS L 73 -12.79 -13.67 -35.27
C HIS L 73 -13.83 -13.73 -34.16
N THR L 74 -13.60 -12.94 -33.10
CA THR L 74 -14.48 -12.82 -31.94
C THR L 74 -15.73 -12.05 -32.33
N LEU L 75 -16.89 -12.43 -31.78
CA LEU L 75 -18.15 -11.75 -32.08
C LEU L 75 -18.08 -10.30 -31.60
N LYS L 76 -18.44 -9.35 -32.49
CA LYS L 76 -18.45 -7.94 -32.14
C LYS L 76 -19.62 -7.64 -31.21
N ASP L 77 -19.46 -6.65 -30.33
CA ASP L 77 -20.53 -6.29 -29.41
C ASP L 77 -21.66 -5.65 -30.23
N GLY L 78 -22.88 -6.17 -30.07
CA GLY L 78 -24.03 -5.69 -30.81
C GLY L 78 -24.06 -6.25 -32.22
N ASP L 79 -23.77 -7.56 -32.36
CA ASP L 79 -23.75 -8.28 -33.63
C ASP L 79 -24.38 -9.65 -33.44
N SER L 80 -25.06 -10.17 -34.47
CA SER L 80 -25.72 -11.48 -34.38
C SER L 80 -24.70 -12.60 -34.43
N ALA L 81 -24.88 -13.63 -33.60
CA ALA L 81 -24.03 -14.82 -33.63
C ALA L 81 -24.22 -15.66 -34.92
N VAL L 82 -25.33 -15.41 -35.68
CA VAL L 82 -25.71 -16.06 -36.95
C VAL L 82 -26.06 -17.56 -36.80
N TYR L 83 -25.11 -18.38 -36.32
CA TYR L 83 -25.28 -19.83 -36.13
C TYR L 83 -24.37 -20.29 -34.99
N GLN L 84 -24.77 -21.37 -34.31
CA GLN L 84 -24.02 -21.90 -33.17
C GLN L 84 -22.63 -22.40 -33.53
N ARG L 85 -22.45 -22.94 -34.74
CA ARG L 85 -21.13 -23.41 -35.18
C ARG L 85 -20.14 -22.25 -35.41
N LEU L 86 -20.66 -21.00 -35.57
CA LEU L 86 -19.84 -19.81 -35.70
C LEU L 86 -19.61 -19.17 -34.32
N TRP L 87 -20.67 -19.02 -33.48
CA TRP L 87 -20.54 -18.44 -32.12
C TRP L 87 -21.67 -18.88 -31.17
N GLN L 88 -21.31 -19.13 -29.90
CA GLN L 88 -22.27 -19.47 -28.84
C GLN L 88 -21.95 -18.57 -27.63
N PRO L 89 -22.91 -17.80 -27.05
CA PRO L 89 -22.57 -16.89 -25.95
C PRO L 89 -22.15 -17.51 -24.62
N GLY L 90 -22.73 -18.65 -24.26
CA GLY L 90 -22.39 -19.36 -23.04
C GLY L 90 -21.00 -19.93 -23.10
N VAL L 91 -20.61 -20.45 -24.27
CA VAL L 91 -19.27 -20.99 -24.51
C VAL L 91 -18.27 -19.83 -24.40
N ALA L 92 -18.59 -18.69 -25.06
CA ALA L 92 -17.78 -17.47 -25.02
C ALA L 92 -17.52 -16.98 -23.59
N ARG L 93 -18.51 -17.06 -22.68
CA ARG L 93 -18.31 -16.64 -21.29
C ARG L 93 -17.32 -17.56 -20.59
N PHE L 94 -17.41 -18.87 -20.81
CA PHE L 94 -16.47 -19.85 -20.25
C PHE L 94 -15.07 -19.59 -20.81
N GLU L 95 -14.97 -19.27 -22.10
CA GLU L 95 -13.71 -18.98 -22.78
C GLU L 95 -13.02 -17.76 -22.14
N THR L 96 -13.74 -16.64 -21.94
CA THR L 96 -13.16 -15.44 -21.32
C THR L 96 -12.82 -15.69 -19.84
N ALA L 97 -13.58 -16.54 -19.15
CA ALA L 97 -13.32 -16.85 -17.74
C ALA L 97 -11.96 -17.55 -17.59
N LEU L 98 -11.69 -18.62 -18.38
CA LEU L 98 -10.43 -19.34 -18.29
C LEU L 98 -9.27 -18.52 -18.82
N ALA L 99 -9.46 -17.76 -19.93
CA ALA L 99 -8.39 -16.92 -20.48
C ALA L 99 -7.86 -15.93 -19.43
N GLY L 100 -8.75 -15.38 -18.61
CA GLY L 100 -8.36 -14.49 -17.53
C GLY L 100 -7.58 -15.17 -16.42
N LEU L 101 -7.88 -16.45 -16.16
CA LEU L 101 -7.20 -17.23 -15.12
C LEU L 101 -5.80 -17.63 -15.59
N GLU L 102 -5.66 -18.03 -16.86
CA GLU L 102 -4.34 -18.36 -17.44
C GLU L 102 -3.55 -17.11 -17.89
N HIS L 103 -4.18 -15.91 -17.90
CA HIS L 103 -3.60 -14.64 -18.32
C HIS L 103 -3.24 -14.66 -19.82
N ALA L 104 -4.11 -15.29 -20.62
CA ALA L 104 -4.02 -15.38 -22.08
C ALA L 104 -4.94 -14.31 -22.71
N GLU L 105 -4.72 -13.96 -23.98
CA GLU L 105 -5.53 -12.95 -24.66
C GLU L 105 -6.95 -13.48 -24.88
N GLU L 106 -7.06 -14.70 -25.44
CA GLU L 106 -8.33 -15.34 -25.77
C GLU L 106 -8.28 -16.85 -25.45
N ALA L 107 -9.42 -17.55 -25.58
CA ALA L 107 -9.51 -19.00 -25.38
C ALA L 107 -10.58 -19.58 -26.32
N VAL L 108 -10.37 -20.84 -26.78
CA VAL L 108 -11.31 -21.50 -27.69
C VAL L 108 -11.70 -22.85 -27.07
N ALA L 109 -13.01 -23.08 -26.91
CA ALA L 109 -13.55 -24.29 -26.28
C ALA L 109 -14.18 -25.24 -27.29
N PHE L 110 -14.02 -26.55 -27.02
CA PHE L 110 -14.48 -27.66 -27.85
C PHE L 110 -15.20 -28.73 -27.00
N ALA L 111 -15.83 -29.73 -27.65
CA ALA L 111 -16.56 -30.81 -26.99
C ALA L 111 -15.74 -31.59 -25.97
N THR L 112 -14.47 -31.91 -26.29
CA THR L 112 -13.57 -32.68 -25.43
C THR L 112 -12.12 -32.13 -25.53
N GLY L 113 -11.23 -32.56 -24.62
CA GLY L 113 -9.82 -32.22 -24.66
C GLY L 113 -9.16 -32.71 -25.95
N MET L 114 -9.61 -33.87 -26.45
CA MET L 114 -9.10 -34.43 -27.70
C MET L 114 -9.53 -33.59 -28.91
N ALA L 115 -10.73 -33.00 -28.88
CA ALA L 115 -11.19 -32.12 -29.95
C ALA L 115 -10.35 -30.85 -30.01
N ALA L 116 -9.92 -30.33 -28.85
CA ALA L 116 -9.07 -29.17 -28.78
C ALA L 116 -7.69 -29.51 -29.35
N MET L 117 -7.13 -30.67 -28.97
CA MET L 117 -5.84 -31.17 -29.51
C MET L 117 -5.93 -31.31 -31.03
N THR L 118 -7.04 -31.91 -31.51
CA THR L 118 -7.30 -32.13 -32.94
C THR L 118 -7.30 -30.81 -33.69
N ALA L 119 -8.00 -29.79 -33.14
CA ALA L 119 -8.04 -28.47 -33.76
C ALA L 119 -6.67 -27.80 -33.83
N ALA L 120 -5.87 -27.90 -32.76
CA ALA L 120 -4.53 -27.32 -32.72
C ALA L 120 -3.60 -28.00 -33.73
N LEU L 121 -3.75 -29.31 -33.91
CA LEU L 121 -2.92 -30.04 -34.87
C LEU L 121 -3.36 -29.69 -36.29
N LEU L 122 -4.68 -29.64 -36.55
CA LEU L 122 -5.18 -29.28 -37.87
C LEU L 122 -4.82 -27.83 -38.23
N ALA L 123 -4.77 -26.91 -37.24
CA ALA L 123 -4.36 -25.53 -37.47
C ALA L 123 -2.90 -25.46 -37.92
N ALA L 124 -2.03 -26.30 -37.31
CA ALA L 124 -0.62 -26.36 -37.67
C ALA L 124 -0.43 -26.98 -39.06
N VAL L 125 -1.19 -28.04 -39.39
CA VAL L 125 -1.10 -28.70 -40.69
C VAL L 125 -1.57 -27.73 -41.77
N SER L 126 -2.70 -27.04 -41.54
CA SER L 126 -3.26 -26.06 -42.47
C SER L 126 -2.28 -24.90 -42.74
N ALA L 127 -1.51 -24.48 -41.72
CA ALA L 127 -0.51 -23.41 -41.87
C ALA L 127 0.73 -23.82 -42.70
N GLY L 128 0.90 -25.11 -42.97
CA GLY L 128 2.04 -25.63 -43.70
C GLY L 128 3.17 -26.11 -42.81
N THR L 129 2.87 -26.42 -41.53
CA THR L 129 3.84 -26.89 -40.54
C THR L 129 3.27 -28.17 -39.90
N PRO L 130 3.23 -29.31 -40.62
CA PRO L 130 2.64 -30.53 -40.04
C PRO L 130 3.50 -31.27 -39.01
N HIS L 131 4.81 -30.95 -38.93
CA HIS L 131 5.69 -31.64 -38.00
C HIS L 131 5.49 -31.13 -36.56
N ILE L 132 5.49 -32.07 -35.60
CA ILE L 132 5.29 -31.80 -34.18
C ILE L 132 6.41 -32.46 -33.40
N VAL L 133 7.06 -31.72 -32.50
CA VAL L 133 8.08 -32.26 -31.63
C VAL L 133 7.38 -32.40 -30.28
N ALA L 134 7.21 -33.62 -29.78
CA ALA L 134 6.51 -33.84 -28.53
C ALA L 134 7.39 -34.54 -27.50
N VAL L 135 7.16 -34.23 -26.21
CA VAL L 135 7.93 -34.81 -25.11
C VAL L 135 7.03 -35.74 -24.30
N ARG L 136 7.42 -37.02 -24.18
CA ARG L 136 6.68 -38.02 -23.40
C ARG L 136 7.10 -37.98 -21.92
N PRO L 137 6.25 -38.43 -20.95
CA PRO L 137 4.89 -38.98 -21.09
C PRO L 137 3.79 -37.94 -21.39
N LEU L 138 2.78 -38.37 -22.14
CA LEU L 138 1.60 -37.58 -22.47
C LEU L 138 0.38 -38.49 -22.27
N TYR L 139 -0.85 -37.92 -22.27
CA TYR L 139 -2.07 -38.72 -22.14
C TYR L 139 -2.16 -39.68 -23.35
N GLY L 140 -2.56 -40.93 -23.10
CA GLY L 140 -2.69 -41.98 -24.11
C GLY L 140 -3.25 -41.57 -25.45
N GLY L 141 -4.34 -40.81 -25.43
CA GLY L 141 -4.99 -40.30 -26.62
C GLY L 141 -4.15 -39.28 -27.35
N SER L 142 -3.58 -38.31 -26.62
CA SER L 142 -2.69 -37.30 -27.20
C SER L 142 -1.47 -37.98 -27.85
N ASP L 143 -0.93 -39.00 -27.18
CA ASP L 143 0.22 -39.79 -27.65
C ASP L 143 -0.15 -40.58 -28.92
N HIS L 144 -1.29 -41.28 -28.90
CA HIS L 144 -1.76 -42.10 -30.01
C HIS L 144 -2.13 -41.26 -31.24
N LEU L 145 -2.79 -40.11 -31.04
CA LEU L 145 -3.18 -39.23 -32.14
C LEU L 145 -1.95 -38.71 -32.90
N LEU L 146 -0.83 -38.46 -32.22
CA LEU L 146 0.41 -38.02 -32.87
C LEU L 146 1.12 -39.20 -33.53
N GLU L 147 1.18 -40.36 -32.84
CA GLU L 147 1.82 -41.57 -33.40
C GLU L 147 1.16 -42.00 -34.72
N THR L 148 -0.17 -42.06 -34.76
CA THR L 148 -0.89 -42.49 -35.96
C THR L 148 -0.80 -41.48 -37.10
N GLY L 149 -0.74 -40.18 -36.77
CA GLY L 149 -0.67 -39.13 -37.77
C GLY L 149 -1.96 -39.04 -38.57
N LEU L 150 -3.10 -39.25 -37.90
CA LEU L 150 -4.43 -39.24 -38.51
C LEU L 150 -4.73 -37.93 -39.21
N LEU L 151 -4.32 -36.80 -38.60
CA LEU L 151 -4.62 -35.46 -39.12
C LEU L 151 -3.52 -34.91 -40.03
N GLY L 152 -2.72 -35.78 -40.64
CA GLY L 152 -1.65 -35.35 -41.54
C GLY L 152 -0.43 -34.80 -40.84
N THR L 153 -0.19 -35.20 -39.58
CA THR L 153 0.96 -34.74 -38.81
C THR L 153 2.07 -35.79 -38.77
N THR L 154 3.30 -35.32 -38.68
CA THR L 154 4.49 -36.17 -38.49
C THR L 154 5.02 -35.81 -37.09
N VAL L 155 5.48 -36.80 -36.31
CA VAL L 155 5.93 -36.55 -34.93
C VAL L 155 7.39 -36.96 -34.70
N THR L 156 8.09 -36.19 -33.83
CA THR L 156 9.46 -36.46 -33.43
C THR L 156 9.45 -36.53 -31.90
N TRP L 157 9.49 -37.74 -31.33
CA TRP L 157 9.49 -37.91 -29.88
C TRP L 157 10.87 -37.54 -29.35
N ALA L 158 10.95 -36.47 -28.57
CA ALA L 158 12.22 -35.97 -28.04
C ALA L 158 12.19 -35.81 -26.54
N LYS L 159 13.36 -35.93 -25.91
CA LYS L 159 13.51 -35.71 -24.47
C LYS L 159 13.55 -34.20 -24.23
N GLU L 160 13.28 -33.77 -22.99
CA GLU L 160 13.26 -32.36 -22.62
C GLU L 160 14.54 -31.60 -23.05
N ALA L 161 15.72 -32.19 -22.82
CA ALA L 161 16.98 -31.55 -23.20
C ALA L 161 17.23 -31.51 -24.72
N ASP L 162 16.70 -32.49 -25.47
CA ASP L 162 16.92 -32.59 -26.91
C ASP L 162 15.78 -31.97 -27.76
N ILE L 163 15.13 -30.89 -27.27
CA ILE L 163 14.05 -30.26 -28.03
C ILE L 163 14.61 -29.46 -29.22
N ALA L 164 15.59 -28.58 -28.95
CA ALA L 164 16.21 -27.72 -29.97
C ALA L 164 16.70 -28.51 -31.19
N SER L 165 17.36 -29.66 -30.97
CA SER L 165 17.87 -30.51 -32.04
C SER L 165 16.76 -31.19 -32.86
N ALA L 166 15.68 -31.61 -32.19
CA ALA L 166 14.55 -32.27 -32.84
C ALA L 166 13.73 -31.36 -33.76
N ILE L 167 13.85 -30.03 -33.60
CA ILE L 167 13.08 -29.07 -34.41
C ILE L 167 13.58 -29.01 -35.85
N GLN L 168 12.63 -29.06 -36.80
CA GLN L 168 12.85 -28.99 -38.24
C GLN L 168 12.22 -27.70 -38.77
N ASP L 169 12.51 -27.35 -40.03
CA ASP L 169 11.87 -26.18 -40.67
C ASP L 169 10.34 -26.39 -40.80
N ASP L 170 9.88 -27.66 -40.82
CA ASP L 170 8.49 -28.06 -40.94
C ASP L 170 7.76 -28.09 -39.59
N THR L 171 8.42 -27.80 -38.43
CA THR L 171 7.75 -27.87 -37.13
C THR L 171 6.78 -26.71 -36.89
N GLY L 172 5.57 -27.05 -36.47
CA GLY L 172 4.51 -26.11 -36.15
C GLY L 172 4.28 -25.94 -34.67
N LEU L 173 4.56 -26.98 -33.85
CA LEU L 173 4.34 -26.91 -32.41
C LEU L 173 5.25 -27.82 -31.58
N VAL L 174 5.47 -27.45 -30.30
CA VAL L 174 6.23 -28.22 -29.32
C VAL L 174 5.23 -28.61 -28.22
N ILE L 175 4.80 -29.87 -28.18
CA ILE L 175 3.80 -30.32 -27.21
C ILE L 175 4.46 -30.92 -25.96
N VAL L 176 4.18 -30.32 -24.79
CA VAL L 176 4.70 -30.76 -23.48
C VAL L 176 3.55 -30.83 -22.46
N GLU L 177 3.78 -31.59 -21.37
CA GLU L 177 2.80 -31.74 -20.30
C GLU L 177 3.53 -31.92 -18.98
N THR L 178 3.17 -31.12 -17.95
CA THR L 178 3.81 -31.20 -16.63
C THR L 178 2.83 -30.83 -15.49
N PRO L 179 2.59 -31.70 -14.47
CA PRO L 179 3.09 -33.08 -14.31
C PRO L 179 2.51 -34.00 -15.40
N ALA L 180 3.34 -34.89 -15.95
CA ALA L 180 2.91 -35.77 -17.03
C ALA L 180 1.88 -36.81 -16.59
N ASN L 181 1.03 -37.25 -17.53
CA ASN L 181 0.03 -38.27 -17.28
C ASN L 181 0.65 -39.60 -17.72
N PRO L 182 0.84 -40.65 -16.86
CA PRO L 182 0.44 -40.81 -15.46
C PRO L 182 1.49 -40.60 -14.36
N SER L 183 2.78 -40.82 -14.67
CA SER L 183 3.91 -40.80 -13.73
C SER L 183 4.24 -39.46 -13.05
N LEU L 184 3.62 -38.34 -13.48
CA LEU L 184 3.84 -37.01 -12.92
C LEU L 184 5.26 -36.49 -13.13
N ASP L 185 5.84 -36.76 -14.31
CA ASP L 185 7.16 -36.27 -14.68
C ASP L 185 7.07 -34.76 -14.88
N LEU L 186 8.01 -34.01 -14.29
CA LEU L 186 8.00 -32.56 -14.38
C LEU L 186 8.91 -32.07 -15.50
N VAL L 187 8.55 -30.93 -16.11
CA VAL L 187 9.27 -30.32 -17.23
C VAL L 187 9.49 -28.84 -16.92
N ASP L 188 10.73 -28.33 -17.07
CA ASP L 188 11.03 -26.92 -16.85
C ASP L 188 10.53 -26.16 -18.07
N LEU L 189 9.44 -25.39 -17.91
CA LEU L 189 8.83 -24.65 -19.02
C LEU L 189 9.70 -23.51 -19.52
N ASP L 190 10.50 -22.87 -18.65
CA ASP L 190 11.39 -21.79 -19.08
C ASP L 190 12.45 -22.35 -20.05
N SER L 191 12.99 -23.55 -19.77
CA SER L 191 13.98 -24.20 -20.61
C SER L 191 13.39 -24.68 -21.93
N VAL L 192 12.15 -25.19 -21.91
CA VAL L 192 11.48 -25.67 -23.13
C VAL L 192 11.23 -24.50 -24.08
N VAL L 193 10.72 -23.38 -23.56
CA VAL L 193 10.45 -22.19 -24.38
C VAL L 193 11.76 -21.67 -24.99
N SER L 194 12.85 -21.65 -24.20
CA SER L 194 14.16 -21.21 -24.68
C SER L 194 14.65 -22.13 -25.81
N ALA L 195 14.50 -23.46 -25.66
CA ALA L 195 14.92 -24.42 -26.68
C ALA L 195 14.06 -24.37 -27.95
N ALA L 196 12.76 -24.06 -27.82
CA ALA L 196 11.86 -23.99 -28.98
C ALA L 196 12.15 -22.77 -29.86
N GLY L 197 12.43 -21.64 -29.26
CA GLY L 197 12.74 -20.42 -30.00
C GLY L 197 11.53 -19.87 -30.73
N ASN L 198 11.58 -19.85 -32.06
CA ASN L 198 10.49 -19.34 -32.90
C ASN L 198 9.28 -20.28 -32.96
N VAL L 199 9.43 -21.55 -32.57
CA VAL L 199 8.33 -22.51 -32.64
C VAL L 199 7.39 -22.30 -31.43
N PRO L 200 6.06 -22.17 -31.62
CA PRO L 200 5.18 -22.01 -30.45
C PRO L 200 5.10 -23.28 -29.59
N VAL L 201 4.95 -23.11 -28.27
CA VAL L 201 4.91 -24.22 -27.32
C VAL L 201 3.49 -24.41 -26.79
N LEU L 202 2.98 -25.64 -26.87
CA LEU L 202 1.67 -25.99 -26.35
C LEU L 202 1.90 -26.80 -25.07
N VAL L 203 1.40 -26.29 -23.94
CA VAL L 203 1.56 -26.92 -22.64
C VAL L 203 0.19 -27.43 -22.19
N ASP L 204 0.08 -28.72 -21.89
CA ASP L 204 -1.17 -29.31 -21.41
C ASP L 204 -1.19 -29.17 -19.89
N ASN L 205 -1.88 -28.12 -19.39
CA ASN L 205 -1.97 -27.77 -17.98
C ASN L 205 -3.23 -28.35 -17.30
N THR L 206 -3.67 -29.56 -17.68
CA THR L 206 -4.86 -30.18 -17.09
C THR L 206 -4.62 -30.53 -15.61
N PHE L 207 -3.50 -31.22 -15.31
CA PHE L 207 -3.14 -31.70 -13.97
C PHE L 207 -2.92 -30.58 -12.94
N CYS L 208 -2.21 -29.52 -13.34
CA CYS L 208 -1.90 -28.38 -12.45
C CYS L 208 -3.07 -27.42 -12.30
N THR L 209 -3.78 -27.09 -13.40
CA THR L 209 -4.89 -26.12 -13.47
C THR L 209 -4.34 -24.67 -13.33
N PRO L 210 -5.08 -23.60 -13.71
CA PRO L 210 -4.54 -22.23 -13.51
C PRO L 210 -4.30 -21.84 -12.04
N VAL L 211 -4.73 -22.68 -11.08
CA VAL L 211 -4.56 -22.43 -9.65
C VAL L 211 -3.07 -22.61 -9.30
N LEU L 212 -2.46 -23.68 -9.81
CA LEU L 212 -1.07 -24.06 -9.49
C LEU L 212 -0.01 -23.63 -10.52
N GLN L 213 -0.31 -23.68 -11.82
CA GLN L 213 0.69 -23.34 -12.85
C GLN L 213 0.11 -22.41 -13.90
N GLN L 214 0.94 -21.47 -14.38
CA GLN L 214 0.55 -20.47 -15.39
C GLN L 214 1.57 -20.56 -16.54
N PRO L 215 1.43 -21.54 -17.49
CA PRO L 215 2.43 -21.63 -18.57
C PRO L 215 2.59 -20.40 -19.46
N ILE L 216 1.54 -19.55 -19.59
CA ILE L 216 1.61 -18.33 -20.40
C ILE L 216 2.73 -17.41 -19.89
N SER L 217 2.88 -17.29 -18.56
CA SER L 217 3.93 -16.47 -17.95
C SER L 217 5.35 -16.97 -18.31
N HIS L 218 5.52 -18.29 -18.49
CA HIS L 218 6.82 -18.86 -18.90
C HIS L 218 7.11 -18.69 -20.42
N GLY L 219 6.12 -18.26 -21.21
CA GLY L 219 6.25 -18.01 -22.63
C GLY L 219 5.58 -19.03 -23.54
N ALA L 220 4.63 -19.83 -23.00
CA ALA L 220 3.91 -20.80 -23.82
C ALA L 220 2.91 -20.06 -24.69
N ALA L 221 2.83 -20.41 -25.98
CA ALA L 221 1.90 -19.74 -26.90
C ALA L 221 0.48 -20.22 -26.66
N LEU L 222 0.26 -21.54 -26.48
CA LEU L 222 -1.06 -22.09 -26.22
C LEU L 222 -1.04 -23.02 -25.01
N VAL L 223 -2.14 -23.03 -24.23
CA VAL L 223 -2.28 -23.85 -23.02
C VAL L 223 -3.57 -24.67 -23.10
N LEU L 224 -3.44 -25.99 -23.25
CA LEU L 224 -4.57 -26.91 -23.36
C LEU L 224 -5.00 -27.41 -21.99
N HIS L 225 -6.32 -27.61 -21.81
CA HIS L 225 -6.92 -28.16 -20.60
C HIS L 225 -8.00 -29.14 -21.01
N SER L 226 -8.02 -30.32 -20.40
CA SER L 226 -9.13 -31.23 -20.57
C SER L 226 -10.09 -30.74 -19.49
N ALA L 227 -11.02 -29.84 -19.86
CA ALA L 227 -11.97 -29.27 -18.91
C ALA L 227 -12.83 -30.31 -18.19
N THR L 228 -12.99 -31.51 -18.80
CA THR L 228 -13.65 -32.68 -18.20
C THR L 228 -13.14 -32.93 -16.77
N GLN L 229 -11.82 -32.71 -16.57
CA GLN L 229 -11.12 -32.92 -15.31
C GLN L 229 -10.80 -31.59 -14.65
N TYR L 230 -11.10 -31.47 -13.34
CA TYR L 230 -10.81 -30.30 -12.49
C TYR L 230 -11.65 -29.05 -12.82
N LEU L 231 -11.65 -28.57 -14.08
CA LEU L 231 -12.43 -27.37 -14.43
C LEU L 231 -13.92 -27.64 -14.20
N GLY L 232 -14.40 -28.82 -14.60
CA GLY L 232 -15.77 -29.24 -14.34
C GLY L 232 -15.86 -29.65 -12.89
N GLY L 233 -14.97 -30.55 -12.48
CA GLY L 233 -14.80 -30.98 -11.10
C GLY L 233 -15.82 -31.93 -10.51
N HIS L 234 -16.94 -32.19 -11.21
CA HIS L 234 -17.98 -33.11 -10.70
C HIS L 234 -18.23 -34.33 -11.60
N GLY L 235 -17.35 -34.59 -12.56
CA GLY L 235 -17.45 -35.73 -13.47
C GLY L 235 -18.75 -35.81 -14.24
N ASP L 236 -19.26 -34.66 -14.71
CA ASP L 236 -20.52 -34.61 -15.44
C ASP L 236 -20.54 -33.62 -16.60
N ALA L 237 -19.37 -33.17 -17.08
CA ALA L 237 -19.29 -32.23 -18.17
C ALA L 237 -18.00 -32.45 -18.96
N MET L 238 -18.12 -32.98 -20.17
CA MET L 238 -16.97 -33.16 -21.05
C MET L 238 -16.60 -31.79 -21.62
N GLY L 239 -15.32 -31.56 -21.84
CA GLY L 239 -14.88 -30.30 -22.40
C GLY L 239 -13.40 -30.22 -22.67
N GLY L 240 -13.03 -29.29 -23.54
CA GLY L 240 -11.65 -29.03 -23.94
C GLY L 240 -11.49 -27.57 -24.24
N ILE L 241 -10.37 -26.96 -23.85
CA ILE L 241 -10.18 -25.52 -24.03
C ILE L 241 -8.69 -25.16 -24.13
N ILE L 242 -8.35 -24.21 -25.03
CA ILE L 242 -6.98 -23.75 -25.23
C ILE L 242 -6.93 -22.24 -24.98
N ALA L 243 -6.20 -21.81 -23.95
CA ALA L 243 -6.00 -20.40 -23.64
C ALA L 243 -4.77 -19.99 -24.45
N THR L 244 -4.90 -18.98 -25.35
CA THR L 244 -3.80 -18.60 -26.25
C THR L 244 -3.90 -17.14 -26.75
N ASN L 245 -2.88 -16.66 -27.51
CA ASN L 245 -2.88 -15.35 -28.15
C ASN L 245 -3.97 -15.25 -29.24
N ALA L 246 -4.22 -14.06 -29.79
CA ALA L 246 -5.24 -13.84 -30.81
C ALA L 246 -4.97 -14.57 -32.14
N ASP L 247 -3.70 -14.73 -32.56
CA ASP L 247 -3.37 -15.41 -33.82
C ASP L 247 -3.78 -16.89 -33.77
N TRP L 248 -3.41 -17.61 -32.70
CA TRP L 248 -3.76 -19.02 -32.59
C TRP L 248 -5.24 -19.20 -32.28
N ALA L 249 -5.87 -18.27 -31.55
CA ALA L 249 -7.31 -18.35 -31.29
C ALA L 249 -8.10 -18.25 -32.59
N MET L 250 -7.66 -17.38 -33.51
CA MET L 250 -8.30 -17.20 -34.82
C MET L 250 -8.16 -18.50 -35.64
N ARG L 251 -6.97 -19.12 -35.62
CA ARG L 251 -6.74 -20.37 -36.33
C ARG L 251 -7.57 -21.51 -35.77
N LEU L 252 -7.70 -21.59 -34.44
CA LEU L 252 -8.50 -22.62 -33.77
C LEU L 252 -9.98 -22.44 -34.08
N ARG L 253 -10.46 -21.19 -34.06
CA ARG L 253 -11.86 -20.89 -34.38
C ARG L 253 -12.18 -21.16 -35.85
N GLN L 254 -11.21 -20.94 -36.76
CA GLN L 254 -11.38 -21.25 -38.19
C GLN L 254 -11.62 -22.75 -38.37
N VAL L 255 -10.88 -23.58 -37.62
CA VAL L 255 -11.02 -25.03 -37.67
C VAL L 255 -12.36 -25.44 -37.02
N ARG L 256 -12.70 -24.84 -35.87
CA ARG L 256 -13.93 -25.12 -35.16
C ARG L 256 -15.19 -24.82 -35.98
N ALA L 257 -15.20 -23.69 -36.71
CA ALA L 257 -16.35 -23.31 -37.52
C ALA L 257 -16.62 -24.28 -38.67
N ILE L 258 -15.60 -25.01 -39.17
CA ILE L 258 -15.77 -25.93 -40.31
C ILE L 258 -15.81 -27.41 -39.87
N THR L 259 -15.09 -27.81 -38.80
CA THR L 259 -15.11 -29.20 -38.31
C THR L 259 -16.19 -29.43 -37.21
N GLY L 260 -16.67 -28.36 -36.59
CA GLY L 260 -17.78 -28.40 -35.63
C GLY L 260 -17.72 -29.33 -34.42
N ALA L 261 -16.60 -29.40 -33.71
CA ALA L 261 -16.52 -30.20 -32.47
C ALA L 261 -16.89 -29.25 -31.33
N LEU L 262 -18.17 -28.84 -31.31
CA LEU L 262 -18.66 -27.82 -30.39
C LEU L 262 -18.95 -28.29 -28.99
N LEU L 263 -18.75 -27.40 -28.01
CA LEU L 263 -19.07 -27.63 -26.61
C LEU L 263 -20.54 -27.18 -26.47
N HIS L 264 -21.37 -28.04 -25.88
CA HIS L 264 -22.81 -27.78 -25.75
C HIS L 264 -23.09 -26.62 -24.78
N PRO L 265 -24.13 -25.79 -25.02
CA PRO L 265 -24.43 -24.70 -24.06
C PRO L 265 -24.52 -25.12 -22.59
N MET L 266 -25.01 -26.35 -22.29
CA MET L 266 -25.08 -26.85 -20.91
C MET L 266 -23.71 -27.30 -20.41
N GLY L 267 -22.90 -27.90 -21.28
CA GLY L 267 -21.54 -28.28 -20.96
C GLY L 267 -20.70 -27.07 -20.57
N ALA L 268 -20.83 -25.98 -21.35
CA ALA L 268 -20.17 -24.72 -21.06
C ALA L 268 -20.65 -24.11 -19.75
N TYR L 269 -21.94 -24.21 -19.47
CA TYR L 269 -22.52 -23.71 -18.24
C TYR L 269 -21.93 -24.40 -17.00
N LEU L 270 -21.83 -25.75 -17.03
CA LEU L 270 -21.30 -26.50 -15.89
C LEU L 270 -19.78 -26.35 -15.74
N LEU L 271 -19.05 -26.16 -16.84
CA LEU L 271 -17.60 -25.97 -16.77
C LEU L 271 -17.28 -24.56 -16.22
N HIS L 272 -18.07 -23.55 -16.64
CA HIS L 272 -17.95 -22.18 -16.14
C HIS L 272 -18.33 -22.16 -14.65
N ARG L 273 -19.42 -22.88 -14.28
CA ARG L 273 -19.91 -23.04 -12.90
C ARG L 273 -18.83 -23.69 -12.03
N GLY L 274 -18.13 -24.68 -12.59
CA GLY L 274 -17.06 -25.37 -11.89
C GLY L 274 -15.86 -24.51 -11.60
N LEU L 275 -15.59 -23.51 -12.44
CA LEU L 275 -14.48 -22.59 -12.21
C LEU L 275 -14.67 -21.77 -10.94
N ARG L 276 -15.92 -21.53 -10.51
CA ARG L 276 -16.23 -20.72 -9.32
C ARG L 276 -15.75 -21.38 -8.01
N THR L 277 -15.66 -22.72 -7.98
CA THR L 277 -15.18 -23.49 -6.83
C THR L 277 -13.81 -24.16 -7.10
N LEU L 278 -13.10 -23.81 -8.19
CA LEU L 278 -11.83 -24.44 -8.53
C LEU L 278 -10.71 -24.24 -7.49
N ALA L 279 -10.57 -23.03 -6.93
CA ALA L 279 -9.53 -22.78 -5.92
C ALA L 279 -9.80 -23.56 -4.64
N VAL L 280 -11.05 -23.58 -4.15
CA VAL L 280 -11.37 -24.28 -2.90
C VAL L 280 -11.30 -25.80 -3.08
N ARG L 281 -11.63 -26.32 -4.26
CA ARG L 281 -11.56 -27.77 -4.52
C ARG L 281 -10.11 -28.21 -4.65
N MET L 282 -9.29 -27.46 -5.42
CA MET L 282 -7.89 -27.79 -5.63
C MET L 282 -7.13 -27.73 -4.29
N ARG L 283 -7.30 -26.66 -3.52
CA ARG L 283 -6.63 -26.52 -2.22
C ARG L 283 -6.97 -27.64 -1.25
N ALA L 284 -8.24 -28.09 -1.23
CA ALA L 284 -8.67 -29.17 -0.34
C ALA L 284 -8.10 -30.52 -0.76
N ALA L 285 -8.16 -30.86 -2.06
CA ALA L 285 -7.66 -32.12 -2.57
C ALA L 285 -6.13 -32.20 -2.51
N GLN L 286 -5.44 -31.07 -2.71
CA GLN L 286 -3.98 -31.00 -2.65
C GLN L 286 -3.49 -31.30 -1.23
N THR L 287 -4.19 -30.75 -0.21
CA THR L 287 -3.84 -30.98 1.19
C THR L 287 -3.98 -32.47 1.52
N THR L 288 -5.08 -33.10 1.08
CA THR L 288 -5.33 -34.52 1.29
C THR L 288 -4.28 -35.37 0.57
N ALA L 289 -3.92 -34.98 -0.67
CA ALA L 289 -2.93 -35.72 -1.45
C ALA L 289 -1.51 -35.67 -0.86
N GLY L 290 -1.09 -34.51 -0.37
CA GLY L 290 0.22 -34.36 0.24
C GLY L 290 0.41 -35.27 1.44
N GLU L 291 -0.66 -35.46 2.22
CA GLU L 291 -0.67 -36.34 3.38
C GLU L 291 -0.75 -37.81 2.95
N LEU L 292 -1.58 -38.13 1.94
CA LEU L 292 -1.71 -39.51 1.46
C LEU L 292 -0.39 -40.02 0.86
N ALA L 293 0.29 -39.21 0.04
CA ALA L 293 1.56 -39.60 -0.58
C ALA L 293 2.61 -40.01 0.47
N GLU L 294 2.60 -39.37 1.65
CA GLU L 294 3.53 -39.69 2.73
C GLU L 294 3.17 -41.03 3.38
N ARG L 295 1.87 -41.28 3.63
CA ARG L 295 1.42 -42.53 4.24
C ARG L 295 1.65 -43.71 3.29
N LEU L 296 1.38 -43.50 1.99
CA LEU L 296 1.54 -44.53 0.97
C LEU L 296 3.01 -44.86 0.73
N ASP L 297 3.91 -43.88 0.86
CA ASP L 297 5.36 -44.13 0.71
C ASP L 297 5.86 -45.03 1.85
N ALA L 298 5.32 -44.85 3.06
CA ALA L 298 5.68 -45.66 4.23
C ALA L 298 5.19 -47.11 4.15
N HIS L 299 4.20 -47.42 3.29
CA HIS L 299 3.68 -48.79 3.20
C HIS L 299 4.70 -49.72 2.52
N PRO L 300 4.90 -50.97 3.01
CA PRO L 300 5.89 -51.85 2.37
C PRO L 300 5.50 -52.36 0.98
N ALA L 301 4.20 -52.45 0.69
CA ALA L 301 3.72 -52.91 -0.60
C ALA L 301 4.08 -51.97 -1.75
N ILE L 302 4.26 -50.67 -1.46
CA ILE L 302 4.61 -49.69 -2.48
C ILE L 302 6.11 -49.38 -2.41
N SER L 303 6.81 -49.54 -3.54
CA SER L 303 8.24 -49.27 -3.62
C SER L 303 8.54 -47.78 -3.87
N VAL L 304 7.88 -47.17 -4.88
CA VAL L 304 8.10 -45.77 -5.26
C VAL L 304 6.78 -45.01 -5.26
N VAL L 305 6.76 -43.78 -4.70
CA VAL L 305 5.58 -42.90 -4.70
C VAL L 305 5.97 -41.61 -5.43
N HIS L 306 5.35 -41.36 -6.59
CA HIS L 306 5.58 -40.17 -7.38
C HIS L 306 4.60 -39.09 -6.93
N TYR L 307 5.12 -37.99 -6.38
CA TYR L 307 4.31 -36.84 -5.96
C TYR L 307 5.23 -35.60 -5.91
N PRO L 308 4.99 -34.51 -6.67
CA PRO L 308 5.94 -33.38 -6.64
C PRO L 308 6.28 -32.81 -5.27
N GLY L 309 5.30 -32.73 -4.37
CA GLY L 309 5.50 -32.22 -3.02
C GLY L 309 6.40 -33.06 -2.13
N LEU L 310 6.59 -34.36 -2.48
CA LEU L 310 7.45 -35.27 -1.72
C LEU L 310 8.93 -34.89 -1.87
N LYS L 311 9.73 -35.22 -0.85
CA LYS L 311 11.16 -34.90 -0.83
C LYS L 311 11.90 -35.69 -1.90
N GLY L 312 12.84 -35.03 -2.57
CA GLY L 312 13.65 -35.67 -3.60
C GLY L 312 13.02 -35.65 -4.97
N GLN L 313 11.68 -35.54 -5.04
CA GLN L 313 10.96 -35.54 -6.31
C GLN L 313 11.10 -34.22 -7.09
N ASP L 314 11.61 -33.13 -6.46
CA ASP L 314 11.79 -31.83 -7.12
C ASP L 314 13.26 -31.39 -7.08
N PRO L 315 14.16 -31.96 -7.94
CA PRO L 315 15.57 -31.51 -7.90
C PRO L 315 15.82 -30.14 -8.52
N ARG L 316 15.09 -29.79 -9.60
CA ARG L 316 15.27 -28.51 -10.30
C ARG L 316 14.63 -27.29 -9.61
N GLY L 317 13.94 -27.48 -8.50
CA GLY L 317 13.32 -26.38 -7.78
C GLY L 317 12.16 -25.75 -8.51
N LEU L 318 11.39 -26.56 -9.24
CA LEU L 318 10.23 -26.09 -9.98
C LEU L 318 9.04 -25.78 -9.07
N LEU L 319 8.98 -26.35 -7.85
CA LEU L 319 7.92 -26.06 -6.91
C LEU L 319 8.25 -24.69 -6.29
N GLY L 320 7.36 -23.73 -6.48
CA GLY L 320 7.55 -22.35 -6.04
C GLY L 320 7.80 -21.44 -7.22
N ARG L 321 8.78 -21.82 -8.05
CA ARG L 321 9.15 -21.09 -9.26
C ARG L 321 8.11 -21.23 -10.38
N GLN L 322 7.66 -22.46 -10.64
CA GLN L 322 6.70 -22.79 -11.71
C GLN L 322 5.35 -23.26 -11.15
N MET L 323 5.36 -24.18 -10.16
CA MET L 323 4.15 -24.74 -9.56
C MET L 323 3.96 -24.25 -8.13
N SER L 324 2.84 -23.60 -7.82
CA SER L 324 2.55 -23.13 -6.47
C SER L 324 1.89 -24.22 -5.60
N GLY L 325 2.26 -25.49 -5.81
CA GLY L 325 1.69 -26.60 -5.05
C GLY L 325 2.04 -27.94 -5.64
N GLY L 326 1.87 -28.99 -4.83
CA GLY L 326 2.17 -30.35 -5.22
C GLY L 326 1.14 -31.04 -6.10
N GLY L 327 -0.10 -30.54 -6.10
CA GLY L 327 -1.17 -31.13 -6.89
C GLY L 327 -2.01 -32.13 -6.12
N ALA L 328 -3.02 -32.70 -6.78
CA ALA L 328 -3.91 -33.69 -6.19
C ALA L 328 -3.89 -35.03 -6.93
N MET L 329 -2.78 -35.35 -7.62
CA MET L 329 -2.61 -36.61 -8.33
C MET L 329 -1.41 -37.32 -7.72
N ILE L 330 -1.50 -38.65 -7.54
CA ILE L 330 -0.41 -39.45 -6.99
C ILE L 330 -0.30 -40.73 -7.80
N ALA L 331 0.89 -41.01 -8.35
CA ALA L 331 1.17 -42.25 -9.05
C ALA L 331 2.14 -43.06 -8.19
N MET L 332 2.09 -44.39 -8.29
CA MET L 332 2.93 -45.25 -7.46
C MET L 332 3.33 -46.55 -8.15
N GLU L 333 4.57 -47.04 -7.90
CA GLU L 333 5.09 -48.28 -8.45
C GLU L 333 4.95 -49.34 -7.35
N LEU L 334 4.27 -50.47 -7.65
CA LEU L 334 4.08 -51.54 -6.66
C LEU L 334 5.28 -52.47 -6.64
N ALA L 335 5.62 -53.00 -5.47
CA ALA L 335 6.76 -53.91 -5.32
C ALA L 335 6.50 -55.25 -6.02
N GLY L 336 5.27 -55.75 -5.94
CA GLY L 336 4.90 -57.02 -6.56
C GLY L 336 4.59 -56.97 -8.04
N GLY L 337 4.85 -55.83 -8.70
CA GLY L 337 4.63 -55.70 -10.14
C GLY L 337 3.18 -55.58 -10.54
N PHE L 338 2.81 -56.20 -11.67
CA PHE L 338 1.45 -56.16 -12.19
C PHE L 338 0.43 -56.80 -11.25
N ASP L 339 0.73 -57.97 -10.68
CA ASP L 339 -0.22 -58.67 -9.81
C ASP L 339 -0.60 -57.84 -8.57
N ALA L 340 0.38 -57.16 -7.95
CA ALA L 340 0.11 -56.30 -6.80
C ALA L 340 -0.70 -55.07 -7.22
N ALA L 341 -0.37 -54.48 -8.37
CA ALA L 341 -1.08 -53.33 -8.93
C ALA L 341 -2.54 -53.68 -9.25
N ARG L 342 -2.79 -54.89 -9.82
CA ARG L 342 -4.15 -55.32 -10.15
C ARG L 342 -4.95 -55.60 -8.87
N SER L 343 -4.34 -56.27 -7.89
CA SER L 343 -5.02 -56.55 -6.62
C SER L 343 -5.35 -55.26 -5.86
N PHE L 344 -4.45 -54.26 -5.91
CA PHE L 344 -4.65 -52.98 -5.22
C PHE L 344 -5.92 -52.26 -5.70
N VAL L 345 -6.09 -52.11 -7.02
CA VAL L 345 -7.27 -51.41 -7.54
C VAL L 345 -8.55 -52.25 -7.39
N GLU L 346 -8.45 -53.59 -7.50
CA GLU L 346 -9.61 -54.48 -7.40
C GLU L 346 -10.14 -54.62 -5.95
N HIS L 347 -9.30 -54.36 -4.94
CA HIS L 347 -9.74 -54.42 -3.53
C HIS L 347 -10.14 -53.05 -2.95
N CYS L 348 -10.19 -51.99 -3.77
CA CYS L 348 -10.64 -50.67 -3.31
C CYS L 348 -12.17 -50.67 -3.30
N ASN L 349 -12.78 -50.07 -2.25
CA ASN L 349 -14.24 -50.01 -2.11
C ASN L 349 -14.71 -48.54 -2.18
N LEU L 350 -14.23 -47.68 -1.27
CA LEU L 350 -14.57 -46.26 -1.25
C LEU L 350 -13.92 -45.59 -2.47
N VAL L 351 -12.62 -45.89 -2.70
CA VAL L 351 -11.91 -45.38 -3.87
C VAL L 351 -12.41 -46.24 -5.04
N VAL L 352 -12.87 -45.60 -6.12
CA VAL L 352 -13.47 -46.31 -7.24
C VAL L 352 -12.50 -46.54 -8.41
N HIS L 353 -12.49 -47.77 -8.96
CA HIS L 353 -11.65 -48.13 -10.10
C HIS L 353 -12.30 -47.58 -11.37
N ALA L 354 -11.80 -46.42 -11.83
CA ALA L 354 -12.32 -45.73 -13.03
C ALA L 354 -11.29 -44.73 -13.59
N VAL L 355 -11.42 -44.40 -14.89
CA VAL L 355 -10.58 -43.39 -15.53
C VAL L 355 -11.12 -41.95 -15.17
N SER L 356 -10.45 -40.88 -15.65
CA SER L 356 -10.78 -39.47 -15.38
C SER L 356 -10.19 -39.03 -14.04
N LEU L 357 -10.06 -37.72 -13.84
CA LEU L 357 -9.45 -37.16 -12.66
C LEU L 357 -10.02 -35.78 -12.30
N GLY L 358 -9.59 -35.21 -11.18
CA GLY L 358 -10.05 -33.90 -10.73
C GLY L 358 -11.47 -33.78 -10.20
N GLY L 359 -12.13 -34.91 -10.00
CA GLY L 359 -13.50 -34.94 -9.51
C GLY L 359 -13.60 -34.83 -8.00
N ALA L 360 -14.85 -34.73 -7.51
CA ALA L 360 -15.11 -34.63 -6.08
C ALA L 360 -14.77 -35.93 -5.33
N ASP L 361 -14.76 -37.08 -6.03
CA ASP L 361 -14.44 -38.39 -5.46
C ASP L 361 -13.06 -38.90 -5.91
N THR L 362 -12.47 -39.79 -5.11
CA THR L 362 -11.15 -40.36 -5.37
C THR L 362 -11.29 -41.55 -6.29
N LEU L 363 -10.50 -41.55 -7.38
CA LEU L 363 -10.50 -42.62 -8.38
C LEU L 363 -9.11 -43.23 -8.51
N ILE L 364 -9.07 -44.48 -8.97
CA ILE L 364 -7.81 -45.23 -9.12
C ILE L 364 -7.87 -46.08 -10.41
N GLN L 365 -6.72 -46.28 -11.07
CA GLN L 365 -6.69 -47.06 -12.32
C GLN L 365 -5.27 -47.50 -12.70
N HIS L 366 -5.17 -48.56 -13.54
CA HIS L 366 -3.89 -49.07 -14.05
C HIS L 366 -3.68 -48.40 -15.41
N PRO L 367 -2.77 -47.40 -15.53
CA PRO L 367 -2.62 -46.70 -16.82
C PRO L 367 -2.30 -47.55 -18.04
N ALA L 368 -1.40 -48.53 -17.91
CA ALA L 368 -1.03 -49.39 -19.03
C ALA L 368 -2.22 -50.18 -19.59
N SER L 369 -3.24 -50.46 -18.75
CA SER L 369 -4.43 -51.20 -19.17
C SER L 369 -5.58 -50.31 -19.63
N LEU L 370 -5.63 -49.02 -19.21
CA LEU L 370 -6.74 -48.15 -19.59
C LEU L 370 -6.30 -46.84 -20.29
N THR L 371 -5.98 -45.74 -19.56
CA THR L 371 -5.67 -44.43 -20.19
C THR L 371 -4.56 -44.49 -21.24
N HIS L 372 -3.49 -45.25 -20.96
CA HIS L 372 -2.37 -45.38 -21.87
C HIS L 372 -2.33 -46.74 -22.57
N ARG L 373 -3.50 -47.34 -22.84
CA ARG L 373 -3.57 -48.60 -23.59
C ARG L 373 -3.25 -48.39 -25.09
N PRO L 374 -3.71 -47.32 -25.78
CA PRO L 374 -3.36 -47.15 -27.20
C PRO L 374 -1.91 -46.71 -27.46
N VAL L 375 -1.10 -46.54 -26.41
CA VAL L 375 0.30 -46.12 -26.53
C VAL L 375 1.14 -47.32 -26.99
N ALA L 376 2.22 -47.04 -27.76
CA ALA L 376 3.13 -48.07 -28.25
C ALA L 376 3.77 -48.81 -27.07
N ALA L 377 4.03 -50.12 -27.23
CA ALA L 377 4.62 -50.95 -26.17
C ALA L 377 5.88 -50.36 -25.55
N THR L 378 6.79 -49.81 -26.37
CA THR L 378 8.04 -49.22 -25.89
C THR L 378 7.80 -47.98 -25.02
N ALA L 379 6.77 -47.18 -25.37
CA ALA L 379 6.42 -45.95 -24.65
C ALA L 379 5.36 -46.11 -23.57
N LYS L 380 4.80 -47.33 -23.38
CA LYS L 380 3.74 -47.54 -22.39
C LYS L 380 4.28 -47.37 -20.95
N PRO L 381 3.47 -46.90 -19.95
CA PRO L 381 3.99 -46.82 -18.58
C PRO L 381 4.25 -48.19 -17.94
N GLY L 382 4.93 -48.18 -16.81
CA GLY L 382 5.25 -49.41 -16.08
C GLY L 382 4.04 -50.26 -15.73
N ASP L 383 4.21 -51.59 -15.75
CA ASP L 383 3.12 -52.51 -15.42
C ASP L 383 2.77 -52.49 -13.91
N GLY L 384 3.71 -52.12 -13.06
CA GLY L 384 3.48 -51.97 -11.63
C GLY L 384 2.96 -50.60 -11.23
N LEU L 385 2.85 -49.65 -12.19
CA LEU L 385 2.39 -48.29 -11.89
C LEU L 385 0.87 -48.21 -11.78
N ILE L 386 0.41 -47.37 -10.83
CA ILE L 386 -1.00 -47.12 -10.54
C ILE L 386 -1.19 -45.62 -10.38
N ARG L 387 -2.19 -45.03 -11.06
CA ARG L 387 -2.48 -43.60 -10.95
C ARG L 387 -3.71 -43.41 -10.06
N LEU L 388 -3.69 -42.37 -9.20
CA LEU L 388 -4.77 -42.06 -8.26
C LEU L 388 -5.11 -40.57 -8.32
N SER L 389 -6.40 -40.23 -8.44
CA SER L 389 -6.89 -38.85 -8.41
C SER L 389 -7.49 -38.62 -7.04
N VAL L 390 -6.94 -37.70 -6.25
CA VAL L 390 -7.43 -37.44 -4.91
C VAL L 390 -8.63 -36.48 -4.95
N GLY L 391 -9.70 -36.82 -4.24
CA GLY L 391 -10.93 -36.04 -4.19
C GLY L 391 -11.06 -35.20 -2.94
N LEU L 392 -12.31 -34.90 -2.54
CA LEU L 392 -12.63 -34.06 -1.39
C LEU L 392 -13.09 -34.86 -0.17
N GLU L 393 -12.71 -36.15 -0.07
CA GLU L 393 -13.11 -36.96 1.08
C GLU L 393 -12.07 -36.79 2.21
N HIS L 394 -12.44 -37.23 3.43
CA HIS L 394 -11.53 -37.13 4.58
C HIS L 394 -10.30 -38.00 4.34
N VAL L 395 -9.11 -37.47 4.68
CA VAL L 395 -7.84 -38.15 4.51
C VAL L 395 -7.80 -39.52 5.21
N ASP L 396 -8.36 -39.64 6.42
CA ASP L 396 -8.35 -40.89 7.17
C ASP L 396 -9.16 -41.98 6.46
N ASP L 397 -10.37 -41.64 5.96
CA ASP L 397 -11.20 -42.62 5.27
C ASP L 397 -10.58 -43.11 3.96
N LEU L 398 -9.83 -42.25 3.25
CA LEU L 398 -9.17 -42.65 2.02
C LEU L 398 -7.95 -43.51 2.31
N ALA L 399 -7.16 -43.14 3.33
CA ALA L 399 -5.99 -43.91 3.71
C ALA L 399 -6.40 -45.29 4.23
N ASP L 400 -7.47 -45.37 5.05
CA ASP L 400 -7.96 -46.64 5.57
C ASP L 400 -8.34 -47.61 4.44
N ASP L 401 -9.02 -47.10 3.40
CA ASP L 401 -9.43 -47.92 2.26
C ASP L 401 -8.25 -48.34 1.39
N LEU L 402 -7.30 -47.43 1.12
CA LEU L 402 -6.14 -47.74 0.28
C LEU L 402 -5.19 -48.71 0.98
N ILE L 403 -5.03 -48.58 2.31
CA ILE L 403 -4.16 -49.48 3.07
C ILE L 403 -4.79 -50.88 3.10
N ALA L 404 -6.11 -50.98 3.35
CA ALA L 404 -6.81 -52.27 3.34
C ALA L 404 -6.70 -52.98 1.98
N ALA L 405 -6.75 -52.21 0.88
CA ALA L 405 -6.61 -52.77 -0.47
C ALA L 405 -5.21 -53.34 -0.71
N LEU L 406 -4.17 -52.68 -0.18
CA LEU L 406 -2.79 -53.15 -0.31
C LEU L 406 -2.59 -54.40 0.56
N ASP L 407 -3.16 -54.41 1.77
CA ASP L 407 -3.07 -55.54 2.69
C ASP L 407 -3.86 -56.78 2.21
N ALA L 408 -4.79 -56.62 1.24
CA ALA L 408 -5.57 -57.74 0.72
C ALA L 408 -4.71 -58.73 -0.08
N SER L 409 -3.64 -58.25 -0.75
CA SER L 409 -2.75 -59.10 -1.53
C SER L 409 -1.90 -60.01 -0.63
N THR M 22 7.70 46.66 3.87
CA THR M 22 6.32 46.98 3.49
C THR M 22 6.08 46.70 2.00
N SER M 23 6.95 47.26 1.13
CA SER M 23 6.86 47.08 -0.31
C SER M 23 7.45 45.71 -0.76
N LEU M 24 8.31 45.06 0.06
CA LEU M 24 8.92 43.79 -0.31
C LEU M 24 8.08 42.60 0.13
N HIS M 25 8.22 41.47 -0.58
CA HIS M 25 7.51 40.23 -0.27
C HIS M 25 8.08 39.56 1.00
N PRO M 26 7.33 38.68 1.72
CA PRO M 26 7.92 38.03 2.92
C PRO M 26 9.14 37.14 2.65
N GLU M 27 9.25 36.57 1.43
CA GLU M 27 10.39 35.71 1.08
C GLU M 27 11.68 36.55 1.01
N THR M 28 11.59 37.79 0.52
CA THR M 28 12.72 38.72 0.45
C THR M 28 13.08 39.21 1.86
N LEU M 29 12.06 39.52 2.68
CA LEU M 29 12.25 40.03 4.05
C LEU M 29 12.85 38.99 5.01
N MET M 30 12.70 37.70 4.72
CA MET M 30 13.32 36.66 5.54
C MET M 30 14.84 36.63 5.33
N VAL M 31 15.28 36.88 4.09
CA VAL M 31 16.72 36.91 3.75
C VAL M 31 17.39 38.19 4.28
N HIS M 32 16.81 39.37 3.98
CA HIS M 32 17.39 40.66 4.34
C HIS M 32 16.90 41.31 5.65
N GLY M 33 16.02 40.65 6.38
CA GLY M 33 15.52 41.19 7.64
C GLY M 33 16.60 41.21 8.71
N GLY M 34 16.71 42.31 9.44
CA GLY M 34 17.73 42.48 10.48
C GLY M 34 19.15 42.61 9.97
N MET M 35 19.34 42.80 8.65
CA MET M 35 20.65 42.94 8.02
C MET M 35 20.87 44.42 7.63
N LYS M 36 20.34 45.37 8.40
CA LYS M 36 20.42 46.79 8.10
C LYS M 36 21.78 47.35 8.48
N GLY M 37 22.41 48.06 7.56
CA GLY M 37 23.72 48.67 7.80
C GLY M 37 24.92 47.76 7.61
N LEU M 38 24.72 46.44 7.40
CA LEU M 38 25.83 45.52 7.23
C LEU M 38 26.50 45.73 5.87
N THR M 39 25.70 45.82 4.80
CA THR M 39 26.25 46.07 3.46
C THR M 39 26.97 47.42 3.40
N GLU M 40 26.43 48.42 4.10
CA GLU M 40 26.99 49.76 4.16
C GLU M 40 28.32 49.79 4.96
N ALA M 41 28.51 48.84 5.91
CA ALA M 41 29.74 48.69 6.70
C ALA M 41 30.79 47.75 6.05
N GLY M 42 30.51 47.20 4.87
CA GLY M 42 31.44 46.32 4.17
C GLY M 42 31.53 44.91 4.74
N VAL M 43 30.42 44.37 5.28
CA VAL M 43 30.35 43.02 5.84
C VAL M 43 29.10 42.29 5.29
N HIS M 44 29.13 40.95 5.27
CA HIS M 44 28.03 40.14 4.71
C HIS M 44 26.98 39.67 5.74
N VAL M 45 27.44 39.09 6.87
CA VAL M 45 26.57 38.56 7.92
C VAL M 45 26.79 39.32 9.26
N PRO M 46 25.81 39.36 10.20
CA PRO M 46 26.06 40.09 11.45
C PRO M 46 27.14 39.43 12.31
N ALA M 47 27.99 40.24 12.94
CA ALA M 47 29.08 39.71 13.75
C ALA M 47 28.56 39.15 15.06
N ILE M 48 29.33 38.22 15.66
CA ILE M 48 28.99 37.62 16.95
C ILE M 48 29.85 38.31 18.00
N ASP M 49 29.26 39.28 18.72
CA ASP M 49 29.96 40.03 19.75
C ASP M 49 29.70 39.31 21.06
N LEU M 50 30.74 38.68 21.63
CA LEU M 50 30.60 37.97 22.89
C LEU M 50 30.76 38.89 24.12
N SER M 51 31.10 40.18 23.93
CA SER M 51 31.31 41.14 25.02
C SER M 51 30.21 41.12 26.07
N THR M 52 30.58 40.85 27.31
CA THR M 52 29.63 40.87 28.43
C THR M 52 29.38 42.32 28.83
N THR M 53 30.43 43.15 28.86
CA THR M 53 30.35 44.58 29.18
C THR M 53 30.58 45.41 27.92
N ASN M 54 30.12 46.66 27.96
CA ASN M 54 30.24 47.61 26.85
C ASN M 54 30.69 48.97 27.44
N PRO M 55 31.95 49.43 27.20
CA PRO M 55 32.38 50.70 27.81
C PRO M 55 31.53 51.92 27.52
N VAL M 56 31.57 52.90 28.44
CA VAL M 56 30.79 54.14 28.34
C VAL M 56 31.71 55.34 28.15
N ASN M 57 31.23 56.37 27.43
CA ASN M 57 32.03 57.55 27.13
C ASN M 57 32.24 58.39 28.38
N ASP M 58 31.19 58.58 29.19
CA ASP M 58 31.27 59.34 30.43
C ASP M 58 30.20 58.86 31.44
N VAL M 59 30.22 59.40 32.67
CA VAL M 59 29.29 59.01 33.73
C VAL M 59 27.84 59.39 33.36
N ALA M 60 27.65 60.59 32.80
CA ALA M 60 26.32 61.07 32.44
C ALA M 60 25.66 60.25 31.32
N THR M 61 26.35 60.03 30.18
CA THR M 61 25.76 59.27 29.07
C THR M 61 25.63 57.79 29.43
N GLY M 62 26.61 57.24 30.13
CA GLY M 62 26.57 55.85 30.55
C GLY M 62 25.42 55.57 31.50
N GLY M 63 25.25 56.45 32.48
CA GLY M 63 24.17 56.34 33.45
C GLY M 63 22.79 56.50 32.82
N ASP M 64 22.65 57.46 31.91
CA ASP M 64 21.37 57.66 31.21
C ASP M 64 21.05 56.46 30.31
N SER M 65 22.07 55.88 29.64
CA SER M 65 21.86 54.70 28.80
C SER M 65 21.46 53.51 29.67
N TYR M 66 22.09 53.35 30.87
CA TYR M 66 21.75 52.29 31.81
C TYR M 66 20.27 52.41 32.20
N GLU M 67 19.82 53.60 32.62
CA GLU M 67 18.43 53.82 33.02
C GLU M 67 17.46 53.58 31.88
N TRP M 68 17.75 54.11 30.68
CA TRP M 68 16.89 53.92 29.51
C TRP M 68 16.68 52.43 29.20
N LEU M 69 17.75 51.62 29.25
CA LEU M 69 17.66 50.20 28.95
C LEU M 69 17.03 49.39 30.09
N ALA M 70 17.42 49.67 31.35
CA ALA M 70 16.87 48.97 32.52
C ALA M 70 15.36 49.18 32.63
N THR M 71 14.86 50.36 32.22
CA THR M 71 13.43 50.65 32.22
C THR M 71 12.70 50.09 30.96
N GLY M 72 13.33 49.17 30.24
CA GLY M 72 12.76 48.49 29.09
C GLY M 72 12.78 49.17 27.73
N HIS M 73 13.61 50.21 27.54
CA HIS M 73 13.65 50.92 26.27
C HIS M 73 14.69 50.36 25.30
N THR M 74 14.47 50.62 24.00
CA THR M 74 15.36 50.21 22.91
C THR M 74 16.63 51.07 22.94
N LEU M 75 17.79 50.46 22.64
CA LEU M 75 19.06 51.18 22.61
C LEU M 75 19.02 52.29 21.56
N LYS M 76 19.41 53.51 21.94
CA LYS M 76 19.45 54.63 21.03
C LYS M 76 20.63 54.48 20.08
N ASP M 77 20.51 55.01 18.86
CA ASP M 77 21.59 54.91 17.88
C ASP M 77 22.72 55.82 18.35
N GLY M 78 23.92 55.26 18.45
CA GLY M 78 25.08 55.99 18.94
C GLY M 78 25.09 56.10 20.45
N ASP M 79 24.78 54.97 21.14
CA ASP M 79 24.74 54.87 22.59
C ASP M 79 25.34 53.52 23.01
N SER M 80 26.00 53.48 24.17
CA SER M 80 26.63 52.25 24.65
C SER M 80 25.58 51.27 25.18
N ALA M 81 25.75 49.99 24.87
CA ALA M 81 24.86 48.95 25.39
C ALA M 81 25.03 48.74 26.91
N VAL M 82 26.15 49.26 27.52
CA VAL M 82 26.51 49.22 28.95
C VAL M 82 26.83 47.79 29.45
N TYR M 83 25.88 46.86 29.34
CA TYR M 83 26.01 45.48 29.79
C TYR M 83 25.09 44.58 28.95
N GLN M 84 25.46 43.31 28.81
CA GLN M 84 24.70 42.35 27.99
C GLN M 84 23.29 42.09 28.52
N ARG M 85 23.10 42.12 29.85
CA ARG M 85 21.77 41.91 30.42
C ARG M 85 20.81 43.08 30.12
N LEU M 86 21.36 44.26 29.73
CA LEU M 86 20.58 45.43 29.35
C LEU M 86 20.36 45.43 27.81
N TRP M 87 21.41 45.15 27.01
CA TRP M 87 21.29 45.10 25.55
C TRP M 87 22.40 44.28 24.88
N GLN M 88 22.05 43.52 23.82
CA GLN M 88 23.00 42.74 23.03
C GLN M 88 22.70 43.06 21.55
N PRO M 89 23.68 43.48 20.71
CA PRO M 89 23.35 43.84 19.32
C PRO M 89 22.91 42.72 18.38
N GLY M 90 23.46 41.52 18.56
CA GLY M 90 23.10 40.37 17.74
C GLY M 90 21.69 39.90 18.04
N VAL M 91 21.30 39.95 19.32
CA VAL M 91 19.95 39.58 19.75
C VAL M 91 18.98 40.61 19.17
N ALA M 92 19.32 41.91 19.30
CA ALA M 92 18.51 43.00 18.74
C ALA M 92 18.27 42.87 17.24
N ARG M 93 19.26 42.35 16.46
CA ARG M 93 19.09 42.17 15.00
C ARG M 93 18.09 41.05 14.71
N PHE M 94 18.13 39.96 15.50
CA PHE M 94 17.17 38.86 15.41
C PHE M 94 15.77 39.35 15.79
N GLU M 95 15.68 40.20 16.82
CA GLU M 95 14.43 40.78 17.30
C GLU M 95 13.77 41.62 16.20
N THR M 96 14.51 42.54 15.55
CA THR M 96 13.93 43.36 14.48
C THR M 96 13.60 42.52 13.24
N ALA M 97 14.34 41.43 12.98
CA ALA M 97 14.06 40.57 11.84
C ALA M 97 12.70 39.87 11.99
N LEU M 98 12.41 39.27 13.15
CA LEU M 98 11.14 38.60 13.36
C LEU M 98 9.99 39.59 13.49
N ALA M 99 10.20 40.74 14.17
CA ALA M 99 9.15 41.76 14.30
C ALA M 99 8.64 42.21 12.93
N GLY M 100 9.53 42.33 11.96
CA GLY M 100 9.17 42.69 10.60
C GLY M 100 8.38 41.60 9.89
N LEU M 101 8.65 40.32 10.20
CA LEU M 101 7.94 39.19 9.59
C LEU M 101 6.53 39.05 10.16
N GLU M 102 6.39 39.26 11.47
CA GLU M 102 5.07 39.23 12.14
C GLU M 102 4.29 40.58 11.99
N HIS M 103 4.96 41.65 11.50
CA HIS M 103 4.41 42.98 11.34
C HIS M 103 4.06 43.62 12.69
N ALA M 104 4.92 43.37 13.70
CA ALA M 104 4.82 43.92 15.05
C ALA M 104 5.77 45.13 15.17
N GLU M 105 5.54 45.99 16.17
CA GLU M 105 6.38 47.18 16.36
C GLU M 105 7.77 46.76 16.81
N GLU M 106 7.82 45.85 17.79
CA GLU M 106 9.06 45.38 18.42
C GLU M 106 9.03 43.88 18.71
N ALA M 107 10.16 43.32 19.19
CA ALA M 107 10.24 41.94 19.63
C ALA M 107 11.29 41.79 20.72
N VAL M 108 11.06 40.84 21.65
CA VAL M 108 11.95 40.60 22.80
C VAL M 108 12.33 39.12 22.85
N ALA M 109 13.65 38.83 22.77
CA ALA M 109 14.17 37.46 22.72
C ALA M 109 14.79 37.01 24.05
N PHE M 110 14.61 35.72 24.36
CA PHE M 110 15.03 35.05 25.59
C PHE M 110 15.73 33.70 25.27
N ALA M 111 16.33 33.07 26.29
CA ALA M 111 17.04 31.79 26.16
C ALA M 111 16.21 30.67 25.55
N THR M 112 14.94 30.54 25.97
CA THR M 112 14.00 29.50 25.52
C THR M 112 12.56 30.07 25.37
N GLY M 113 11.67 29.31 24.73
CA GLY M 113 10.27 29.67 24.60
C GLY M 113 9.61 29.78 25.97
N MET M 114 10.04 28.93 26.93
CA MET M 114 9.51 28.97 28.29
C MET M 114 9.96 30.24 29.03
N ALA M 115 11.18 30.73 28.76
CA ALA M 115 11.66 31.98 29.36
C ALA M 115 10.84 33.17 28.86
N ALA M 116 10.43 33.14 27.59
CA ALA M 116 9.59 34.19 27.02
C ALA M 116 8.21 34.15 27.67
N MET M 117 7.61 32.95 27.82
CA MET M 117 6.33 32.76 28.51
C MET M 117 6.42 33.28 29.94
N THR M 118 7.51 32.92 30.65
CA THR M 118 7.77 33.34 32.03
C THR M 118 7.80 34.85 32.14
N ALA M 119 8.48 35.54 31.22
CA ALA M 119 8.57 36.99 31.24
C ALA M 119 7.23 37.65 30.98
N ALA M 120 6.43 37.09 30.06
CA ALA M 120 5.10 37.63 29.76
C ALA M 120 4.16 37.47 30.94
N LEU M 121 4.28 36.36 31.68
CA LEU M 121 3.44 36.13 32.85
C LEU M 121 3.89 37.04 33.99
N LEU M 122 5.21 37.18 34.22
CA LEU M 122 5.71 38.07 35.26
C LEU M 122 5.38 39.53 34.97
N ALA M 123 5.35 39.93 33.68
CA ALA M 123 4.97 41.29 33.29
C ALA M 123 3.51 41.57 33.65
N ALA M 124 2.63 40.57 33.45
CA ALA M 124 1.21 40.69 33.79
C ALA M 124 1.02 40.73 35.31
N VAL M 125 1.74 39.89 36.05
CA VAL M 125 1.65 39.86 37.52
C VAL M 125 2.13 41.20 38.09
N SER M 126 3.27 41.70 37.58
CA SER M 126 3.84 42.97 38.02
C SER M 126 2.88 44.14 37.77
N ALA M 127 2.14 44.11 36.65
CA ALA M 127 1.16 45.15 36.32
C ALA M 127 -0.09 45.16 37.22
N GLY M 128 -0.29 44.11 38.02
CA GLY M 128 -1.44 43.98 38.90
C GLY M 128 -2.58 43.19 38.27
N THR M 129 -2.28 42.36 37.26
CA THR M 129 -3.26 41.52 36.57
C THR M 129 -2.73 40.07 36.53
N PRO M 130 -2.70 39.36 37.69
CA PRO M 130 -2.14 38.00 37.68
C PRO M 130 -3.00 36.92 37.06
N HIS M 131 -4.30 37.18 36.83
CA HIS M 131 -5.19 36.16 36.26
C HIS M 131 -4.99 36.03 34.75
N ILE M 132 -5.00 34.78 34.24
CA ILE M 132 -4.78 34.43 32.85
C ILE M 132 -5.93 33.57 32.37
N VAL M 133 -6.53 33.89 31.21
CA VAL M 133 -7.59 33.09 30.61
C VAL M 133 -6.90 32.30 29.49
N ALA M 134 -6.74 30.98 29.63
CA ALA M 134 -6.02 30.19 28.64
C ALA M 134 -6.92 29.13 28.02
N VAL M 135 -6.73 28.86 26.72
CA VAL M 135 -7.51 27.87 25.97
C VAL M 135 -6.64 26.67 25.63
N ARG M 136 -7.06 25.48 26.05
CA ARG M 136 -6.35 24.24 25.79
C ARG M 136 -6.76 23.65 24.42
N PRO M 137 -5.94 22.79 23.76
CA PRO M 137 -4.59 22.33 24.15
C PRO M 137 -3.47 23.35 23.99
N LEU M 138 -2.46 23.27 24.86
CA LEU M 138 -1.26 24.09 24.84
C LEU M 138 -0.06 23.15 25.05
N TYR M 139 1.17 23.64 24.82
CA TYR M 139 2.38 22.85 25.06
C TYR M 139 2.45 22.49 26.57
N GLY M 140 2.82 21.25 26.88
CA GLY M 140 2.93 20.73 28.24
C GLY M 140 3.50 21.67 29.28
N GLY M 141 4.60 22.33 28.94
CA GLY M 141 5.27 23.28 29.81
C GLY M 141 4.46 24.53 30.02
N SER M 142 3.91 25.10 28.94
CA SER M 142 3.04 26.29 29.02
C SER M 142 1.82 25.97 29.91
N ASP M 143 1.24 24.78 29.72
CA ASP M 143 0.09 24.29 30.46
C ASP M 143 0.44 24.12 31.95
N HIS M 144 1.56 23.44 32.25
CA HIS M 144 2.00 23.18 33.61
C HIS M 144 2.40 24.46 34.36
N LEU M 145 3.08 25.40 33.70
CA LEU M 145 3.50 26.66 34.33
C LEU M 145 2.29 27.48 34.77
N LEU M 146 1.20 27.45 34.01
CA LEU M 146 -0.03 28.16 34.35
C LEU M 146 -0.78 27.46 35.49
N GLU M 147 -0.90 26.12 35.40
CA GLU M 147 -1.59 25.30 36.41
C GLU M 147 -0.93 25.41 37.79
N THR M 148 0.42 25.30 37.86
CA THR M 148 1.13 25.39 39.13
C THR M 148 1.07 26.81 39.73
N GLY M 149 1.03 27.83 38.88
CA GLY M 149 0.99 29.21 39.33
C GLY M 149 2.28 29.60 40.03
N LEU M 150 3.41 29.10 39.53
CA LEU M 150 4.75 29.35 40.08
C LEU M 150 5.08 30.83 40.16
N LEU M 151 4.70 31.59 39.13
CA LEU M 151 5.02 33.01 39.02
C LEU M 151 3.93 33.93 39.61
N GLY M 152 3.12 33.42 40.52
CA GLY M 152 2.05 34.20 41.15
C GLY M 152 0.84 34.43 40.27
N THR M 153 0.59 33.54 39.29
CA THR M 153 -0.55 33.65 38.39
C THR M 153 -1.68 32.70 38.80
N THR M 154 -2.91 33.11 38.49
CA THR M 154 -4.11 32.29 38.65
C THR M 154 -4.62 32.05 37.22
N VAL M 155 -5.12 30.85 36.92
CA VAL M 155 -5.57 30.52 35.56
C VAL M 155 -7.02 30.01 35.55
N THR M 156 -7.75 30.31 34.47
CA THR M 156 -9.11 29.88 34.23
C THR M 156 -9.08 29.23 32.86
N TRP M 157 -9.15 27.88 32.84
CA TRP M 157 -9.13 27.13 31.58
C TRP M 157 -10.50 27.27 30.95
N ALA M 158 -10.57 27.91 29.76
CA ALA M 158 -11.82 28.15 29.08
C ALA M 158 -11.80 27.65 27.64
N LYS M 159 -12.97 27.28 27.12
CA LYS M 159 -13.11 26.88 25.73
C LYS M 159 -13.14 28.14 24.86
N GLU M 160 -12.86 27.99 23.56
CA GLU M 160 -12.82 29.11 22.63
C GLU M 160 -14.08 30.00 22.68
N ALA M 161 -15.27 29.40 22.73
CA ALA M 161 -16.52 30.15 22.78
C ALA M 161 -16.77 30.84 24.14
N ASP M 162 -16.25 30.27 25.25
CA ASP M 162 -16.47 30.80 26.59
C ASP M 162 -15.32 31.70 27.10
N ILE M 163 -14.64 32.45 26.21
CA ILE M 163 -13.54 33.32 26.63
C ILE M 163 -14.09 34.55 27.36
N ALA M 164 -15.05 35.26 26.74
CA ALA M 164 -15.65 36.48 27.29
C ALA M 164 -16.16 36.29 28.72
N SER M 165 -16.83 35.17 29.01
CA SER M 165 -17.37 34.87 30.35
C SER M 165 -16.26 34.58 31.38
N ALA M 166 -15.19 33.90 30.95
CA ALA M 166 -14.07 33.55 31.83
C ALA M 166 -13.23 34.76 32.27
N ILE M 167 -13.33 35.90 31.57
CA ILE M 167 -12.53 37.07 31.89
C ILE M 167 -13.05 37.77 33.16
N GLN M 168 -12.10 38.11 34.05
CA GLN M 168 -12.32 38.79 35.31
C GLN M 168 -11.66 40.19 35.24
N ASP M 169 -11.95 41.06 36.23
CA ASP M 169 -11.29 42.36 36.31
C ASP M 169 -9.76 42.21 36.54
N ASP M 170 -9.33 41.05 37.10
CA ASP M 170 -7.94 40.72 37.39
C ASP M 170 -7.20 40.11 36.19
N THR M 171 -7.86 39.88 35.03
CA THR M 171 -7.20 39.24 33.89
C THR M 171 -6.20 40.17 33.18
N GLY M 172 -4.99 39.66 32.96
CA GLY M 172 -3.92 40.35 32.27
C GLY M 172 -3.69 39.87 30.85
N LEU M 173 -3.94 38.57 30.55
CA LEU M 173 -3.70 38.02 29.22
C LEU M 173 -4.63 36.87 28.86
N VAL M 174 -4.86 36.68 27.54
CA VAL M 174 -5.65 35.57 27.00
C VAL M 174 -4.66 34.75 26.19
N ILE M 175 -4.30 33.54 26.68
CA ILE M 175 -3.31 32.71 26.00
C ILE M 175 -3.96 31.65 25.12
N VAL M 176 -3.68 31.71 23.80
CA VAL M 176 -4.21 30.76 22.80
C VAL M 176 -3.07 30.24 21.91
N GLU M 177 -3.30 29.11 21.25
CA GLU M 177 -2.32 28.48 20.36
C GLU M 177 -3.07 27.77 19.23
N THR M 178 -2.68 28.05 17.97
CA THR M 178 -3.34 27.43 16.81
C THR M 178 -2.35 27.25 15.63
N PRO M 179 -2.13 26.03 15.09
CA PRO M 179 -2.66 24.72 15.52
C PRO M 179 -2.10 24.35 16.90
N ALA M 180 -2.95 23.79 17.77
CA ALA M 180 -2.55 23.45 19.13
C ALA M 180 -1.53 22.31 19.19
N ASN M 181 -0.70 22.29 20.23
CA ASN M 181 0.29 21.24 20.45
C ASN M 181 -0.37 20.24 21.41
N PRO M 182 -0.58 18.94 21.09
CA PRO M 182 -0.18 18.17 19.88
C PRO M 182 -1.25 17.91 18.79
N SER M 183 -2.55 17.87 19.17
CA SER M 183 -3.67 17.50 18.29
C SER M 183 -4.00 18.47 17.13
N LEU M 184 -3.31 19.62 17.02
CA LEU M 184 -3.51 20.60 15.94
C LEU M 184 -4.91 21.18 15.88
N ASP M 185 -5.49 21.47 17.06
CA ASP M 185 -6.80 22.08 17.17
C ASP M 185 -6.69 23.53 16.71
N LEU M 186 -7.59 23.97 15.84
CA LEU M 186 -7.56 25.33 15.30
C LEU M 186 -8.46 26.26 16.10
N VAL M 187 -8.08 27.55 16.17
CA VAL M 187 -8.78 28.58 16.91
C VAL M 187 -8.96 29.80 16.00
N ASP M 188 -10.19 30.34 15.91
CA ASP M 188 -10.46 31.54 15.11
C ASP M 188 -9.94 32.75 15.90
N LEU M 189 -8.85 33.35 15.43
CA LEU M 189 -8.22 34.46 16.13
C LEU M 189 -9.07 35.74 16.10
N ASP M 190 -9.85 35.96 15.03
CA ASP M 190 -10.72 37.13 14.95
C ASP M 190 -11.78 37.07 16.05
N SER M 191 -12.35 35.86 16.30
CA SER M 191 -13.36 35.66 17.33
C SER M 191 -12.78 35.77 18.74
N VAL M 192 -11.55 35.28 18.95
CA VAL M 192 -10.90 35.34 20.25
C VAL M 192 -10.62 36.80 20.63
N VAL M 193 -10.08 37.59 19.68
CA VAL M 193 -9.79 39.01 19.92
C VAL M 193 -11.09 39.76 20.24
N SER M 194 -12.17 39.46 19.50
CA SER M 194 -13.48 40.08 19.75
C SER M 194 -13.99 39.75 21.16
N ALA M 195 -13.86 38.48 21.59
CA ALA M 195 -14.30 38.04 22.92
C ALA M 195 -13.44 38.62 24.06
N ALA M 196 -12.14 38.82 23.82
CA ALA M 196 -11.22 39.35 24.83
C ALA M 196 -11.49 40.83 25.12
N GLY M 197 -11.77 41.61 24.09
CA GLY M 197 -12.06 43.03 24.24
C GLY M 197 -10.84 43.82 24.67
N ASN M 198 -10.88 44.41 25.88
CA ASN M 198 -9.78 45.21 26.42
C ASN M 198 -8.59 44.37 26.88
N VAL M 199 -8.75 43.05 27.06
CA VAL M 199 -7.67 42.20 27.53
C VAL M 199 -6.73 41.86 26.35
N PRO M 200 -5.39 42.03 26.48
CA PRO M 200 -4.51 41.66 25.37
C PRO M 200 -4.47 40.15 25.13
N VAL M 201 -4.30 39.72 23.87
CA VAL M 201 -4.27 38.31 23.49
C VAL M 201 -2.86 37.90 23.11
N LEU M 202 -2.37 36.80 23.70
CA LEU M 202 -1.07 36.23 23.39
C LEU M 202 -1.33 34.97 22.58
N VAL M 203 -0.82 34.94 21.34
CA VAL M 203 -0.99 33.82 20.42
C VAL M 203 0.36 33.15 20.25
N ASP M 204 0.42 31.85 20.58
CA ASP M 204 1.65 31.08 20.44
C ASP M 204 1.67 30.58 18.98
N ASN M 205 2.37 31.32 18.12
CA ASN M 205 2.47 31.06 16.67
C ASN M 205 3.69 30.20 16.29
N THR M 206 4.11 29.27 17.14
CA THR M 206 5.27 28.43 16.87
C THR M 206 5.04 27.49 15.67
N PHE M 207 3.96 26.71 15.69
CA PHE M 207 3.66 25.71 14.67
C PHE M 207 3.46 26.31 13.28
N CYS M 208 2.73 27.42 13.18
CA CYS M 208 2.44 28.07 11.91
C CYS M 208 3.62 28.87 11.37
N THR M 209 4.34 29.62 12.24
CA THR M 209 5.46 30.51 11.89
C THR M 209 4.93 31.76 11.13
N PRO M 210 5.70 32.88 11.02
CA PRO M 210 5.18 34.03 10.25
C PRO M 210 4.95 33.76 8.76
N VAL M 211 5.38 32.59 8.25
CA VAL M 211 5.20 32.22 6.85
C VAL M 211 3.72 31.93 6.60
N LEU M 212 3.08 31.19 7.52
CA LEU M 212 1.70 30.74 7.38
C LEU M 212 0.64 31.58 8.12
N GLN M 213 0.96 32.12 9.30
CA GLN M 213 -0.03 32.86 10.10
C GLN M 213 0.55 34.16 10.65
N GLN M 214 -0.26 35.23 10.66
CA GLN M 214 0.13 36.54 11.13
C GLN M 214 -0.88 36.98 12.22
N PRO M 215 -0.77 36.50 13.48
CA PRO M 215 -1.75 36.89 14.50
C PRO M 215 -1.89 38.39 14.77
N ILE M 216 -0.83 39.18 14.53
CA ILE M 216 -0.86 40.64 14.75
C ILE M 216 -1.97 41.28 13.88
N SER M 217 -2.13 40.81 12.62
CA SER M 217 -3.16 41.31 11.72
C SER M 217 -4.58 41.06 12.25
N HIS M 218 -4.79 39.95 12.97
CA HIS M 218 -6.09 39.62 13.58
C HIS M 218 -6.38 40.43 14.88
N GLY M 219 -5.38 41.13 15.41
CA GLY M 219 -5.51 41.96 16.60
C GLY M 219 -4.86 41.40 17.86
N ALA M 220 -3.93 40.44 17.72
CA ALA M 220 -3.22 39.90 18.87
C ALA M 220 -2.21 40.93 19.35
N ALA M 221 -2.13 41.15 20.67
CA ALA M 221 -1.19 42.12 21.22
C ALA M 221 0.24 41.58 21.22
N LEU M 222 0.42 40.30 21.62
CA LEU M 222 1.73 39.67 21.63
C LEU M 222 1.69 38.30 20.94
N VAL M 223 2.79 37.94 20.24
CA VAL M 223 2.91 36.68 19.49
C VAL M 223 4.17 35.95 19.91
N LEU M 224 4.01 34.80 20.56
CA LEU M 224 5.13 34.00 21.04
C LEU M 224 5.51 32.91 20.07
N HIS M 225 6.81 32.80 19.78
CA HIS M 225 7.38 31.72 19.00
C HIS M 225 8.40 31.01 19.87
N SER M 226 8.42 29.67 19.83
CA SER M 226 9.50 28.91 20.44
C SER M 226 10.49 28.90 19.30
N ALA M 227 11.44 29.83 19.32
CA ALA M 227 12.44 29.97 18.27
C ALA M 227 13.27 28.69 18.08
N THR M 228 13.34 27.82 19.12
CA THR M 228 13.99 26.50 19.06
C THR M 228 13.39 25.68 17.88
N GLN M 229 12.08 25.79 17.66
CA GLN M 229 11.39 25.07 16.61
C GLN M 229 11.18 25.99 15.41
N TYR M 230 11.55 25.49 14.21
CA TYR M 230 11.32 26.14 12.92
C TYR M 230 12.19 27.36 12.65
N LEU M 231 12.27 28.32 13.59
CA LEU M 231 13.07 29.53 13.36
C LEU M 231 14.55 29.12 13.24
N GLY M 232 15.03 28.31 14.18
CA GLY M 232 16.38 27.75 14.09
C GLY M 232 16.43 26.75 12.95
N GLY M 233 15.44 25.86 12.93
CA GLY M 233 15.25 24.90 11.86
C GLY M 233 16.24 23.76 11.74
N HIS M 234 17.36 23.80 12.50
CA HIS M 234 18.37 22.75 12.43
C HIS M 234 18.61 22.02 13.75
N GLY M 235 17.73 22.22 14.74
CA GLY M 235 17.82 21.56 16.05
C GLY M 235 19.13 21.80 16.79
N ASP M 236 19.65 23.03 16.73
CA ASP M 236 20.92 23.38 17.36
C ASP M 236 20.95 24.78 17.98
N ALA M 237 19.79 25.40 18.20
CA ALA M 237 19.73 26.73 18.80
C ALA M 237 18.44 26.89 19.58
N MET M 238 18.54 26.91 20.92
CA MET M 238 17.39 27.13 21.77
C MET M 238 17.05 28.63 21.70
N GLY M 239 15.78 28.96 21.82
CA GLY M 239 15.37 30.35 21.79
C GLY M 239 13.89 30.55 21.98
N GLY M 240 13.54 31.77 22.37
CA GLY M 240 12.16 32.20 22.61
C GLY M 240 12.04 33.66 22.26
N ILE M 241 10.93 34.07 21.64
CA ILE M 241 10.77 35.46 21.19
C ILE M 241 9.29 35.85 21.12
N ILE M 242 8.98 37.09 21.52
CA ILE M 242 7.62 37.62 21.49
C ILE M 242 7.59 38.88 20.62
N ALA M 243 6.88 38.85 19.50
CA ALA M 243 6.70 40.00 18.62
C ALA M 243 5.48 40.74 19.17
N THR M 244 5.63 42.03 19.55
CA THR M 244 4.53 42.78 20.19
C THR M 244 4.67 44.32 20.01
N ASN M 245 3.66 45.08 20.49
CA ASN M 245 3.67 46.55 20.49
C ASN M 245 4.77 47.08 21.46
N ALA M 246 5.04 48.40 21.43
CA ALA M 246 6.06 49.01 22.29
C ALA M 246 5.77 48.91 23.80
N ASP M 247 4.50 48.98 24.23
CA ASP M 247 4.16 48.90 25.66
C ASP M 247 4.55 47.54 26.26
N TRP M 248 4.17 46.44 25.60
CA TRP M 248 4.50 45.10 26.08
C TRP M 248 5.98 44.78 25.90
N ALA M 249 6.62 45.31 24.85
CA ALA M 249 8.05 45.09 24.65
C ALA M 249 8.85 45.72 25.80
N MET M 250 8.43 46.91 26.25
CA MET M 250 9.07 47.61 27.36
C MET M 250 8.91 46.79 28.64
N ARG M 251 7.71 46.25 28.89
CA ARG M 251 7.46 45.43 30.08
C ARG M 251 8.27 44.13 30.06
N LEU M 252 8.35 43.46 28.89
CA LEU M 252 9.07 42.20 28.74
C LEU M 252 10.55 42.40 28.97
N ARG M 253 11.12 43.53 28.44
CA ARG M 253 12.53 43.88 28.60
C ARG M 253 12.85 44.32 30.03
N GLN M 254 11.91 44.99 30.74
CA GLN M 254 12.09 45.33 32.15
C GLN M 254 12.29 44.05 32.98
N VAL M 255 11.53 43.00 32.65
CA VAL M 255 11.64 41.69 33.32
C VAL M 255 12.97 41.03 32.92
N ARG M 256 13.32 41.07 31.62
CA ARG M 256 14.56 40.49 31.10
C ARG M 256 15.81 41.08 31.73
N ALA M 257 15.85 42.42 31.91
CA ALA M 257 17.00 43.09 32.48
C ALA M 257 17.27 42.70 33.93
N ILE M 258 16.23 42.27 34.70
CA ILE M 258 16.39 41.92 36.11
C ILE M 258 16.40 40.39 36.35
N THR M 259 15.66 39.59 35.56
CA THR M 259 15.66 38.12 35.70
C THR M 259 16.73 37.43 34.82
N GLY M 260 17.23 38.11 33.79
CA GLY M 260 18.33 37.64 32.95
C GLY M 260 18.26 36.29 32.25
N ALA M 261 17.12 35.94 31.63
CA ALA M 261 17.03 34.69 30.85
C ALA M 261 17.42 35.07 29.42
N LEU M 262 18.70 35.39 29.23
CA LEU M 262 19.21 35.92 27.98
C LEU M 262 19.50 34.89 26.91
N LEU M 263 19.35 35.32 25.65
CA LEU M 263 19.67 34.52 24.48
C LEU M 263 21.15 34.79 24.19
N HIS M 264 21.96 33.73 24.14
CA HIS M 264 23.40 33.86 23.91
C HIS M 264 23.70 34.46 22.52
N PRO M 265 24.73 35.32 22.34
CA PRO M 265 25.00 35.87 20.99
C PRO M 265 25.08 34.87 19.84
N MET M 266 25.60 33.64 20.08
CA MET M 266 25.65 32.62 19.02
C MET M 266 24.26 32.04 18.76
N GLY M 267 23.44 31.89 19.80
CA GLY M 267 22.06 31.43 19.65
C GLY M 267 21.27 32.38 18.79
N ALA M 268 21.42 33.69 19.04
CA ALA M 268 20.77 34.74 18.23
C ALA M 268 21.26 34.73 16.79
N TYR M 269 22.56 34.48 16.58
CA TYR M 269 23.14 34.40 15.26
C TYR M 269 22.53 33.26 14.44
N LEU M 270 22.40 32.06 15.02
CA LEU M 270 21.86 30.91 14.31
C LEU M 270 20.35 31.01 14.10
N LEU M 271 19.62 31.67 15.01
CA LEU M 271 18.16 31.82 14.85
C LEU M 271 17.88 32.87 13.76
N HIS M 272 18.68 33.95 13.72
CA HIS M 272 18.59 34.98 12.68
C HIS M 272 18.98 34.36 11.32
N ARG M 273 20.05 33.54 11.30
CA ARG M 273 20.53 32.80 10.12
C ARG M 273 19.44 31.85 9.60
N GLY M 274 18.73 31.20 10.52
CA GLY M 274 17.63 30.29 10.19
C GLY M 274 16.46 30.98 9.54
N LEU M 275 16.21 32.24 9.89
CA LEU M 275 15.11 32.99 9.29
C LEU M 275 15.31 33.19 7.78
N ARG M 276 16.56 33.21 7.29
CA ARG M 276 16.88 33.42 5.88
C ARG M 276 16.38 32.29 4.97
N THR M 277 16.27 31.06 5.52
CA THR M 277 15.77 29.87 4.81
C THR M 277 14.40 29.40 5.33
N LEU M 278 13.70 30.20 6.16
CA LEU M 278 12.42 29.79 6.74
C LEU M 278 11.31 29.55 5.71
N ALA M 279 11.19 30.40 4.68
CA ALA M 279 10.14 30.22 3.66
C ALA M 279 10.40 28.96 2.83
N VAL M 280 11.65 28.72 2.41
CA VAL M 280 11.96 27.54 1.57
C VAL M 280 11.86 26.24 2.38
N ARG M 281 12.18 26.27 3.68
CA ARG M 281 12.09 25.08 4.52
C ARG M 281 10.62 24.75 4.84
N MET M 282 9.83 25.78 5.20
CA MET M 282 8.42 25.59 5.52
C MET M 282 7.66 25.08 4.28
N ARG M 283 7.84 25.73 3.12
CA ARG M 283 7.17 25.31 1.89
C ARG M 283 7.49 23.87 1.50
N ALA M 284 8.75 23.44 1.68
CA ALA M 284 9.16 22.07 1.33
C ALA M 284 8.56 21.03 2.29
N ALA M 285 8.62 21.28 3.61
CA ALA M 285 8.11 20.36 4.61
C ALA M 285 6.57 20.30 4.57
N GLN M 286 5.90 21.42 4.27
CA GLN M 286 4.44 21.49 4.17
C GLN M 286 3.95 20.62 3.00
N THR M 287 4.65 20.66 1.86
CA THR M 287 4.30 19.86 0.69
C THR M 287 4.40 18.37 1.02
N THR M 288 5.50 17.98 1.70
CA THR M 288 5.72 16.59 2.11
C THR M 288 4.65 16.16 3.13
N ALA M 289 4.29 17.03 4.07
CA ALA M 289 3.29 16.72 5.09
C ALA M 289 1.87 16.55 4.52
N GLY M 290 1.48 17.40 3.58
CA GLY M 290 0.17 17.29 2.95
C GLY M 290 -0.04 15.96 2.25
N GLU M 291 1.04 15.44 1.64
CA GLU M 291 1.01 14.15 0.96
C GLU M 291 1.06 13.01 1.97
N LEU M 292 1.88 13.13 3.04
CA LEU M 292 1.97 12.09 4.06
C LEU M 292 0.65 11.90 4.80
N ALA M 293 -0.01 13.01 5.19
CA ALA M 293 -1.30 12.93 5.90
C ALA M 293 -2.36 12.15 5.11
N GLU M 294 -2.32 12.23 3.78
CA GLU M 294 -3.26 11.50 2.92
C GLU M 294 -2.94 10.00 2.92
N ARG M 295 -1.64 9.64 2.82
CA ARG M 295 -1.22 8.24 2.81
C ARG M 295 -1.48 7.58 4.17
N LEU M 296 -1.21 8.32 5.25
CA LEU M 296 -1.39 7.83 6.61
C LEU M 296 -2.87 7.67 6.96
N ASP M 297 -3.76 8.51 6.41
CA ASP M 297 -5.19 8.38 6.64
C ASP M 297 -5.72 7.09 5.99
N ALA M 298 -5.18 6.72 4.82
CA ALA M 298 -5.55 5.50 4.11
C ALA M 298 -5.10 4.21 4.81
N HIS M 299 -4.12 4.28 5.73
CA HIS M 299 -3.63 3.07 6.40
C HIS M 299 -4.67 2.54 7.40
N PRO M 300 -4.90 1.21 7.50
CA PRO M 300 -5.92 0.70 8.44
C PRO M 300 -5.54 0.81 9.91
N ALA M 301 -4.23 0.84 10.22
CA ALA M 301 -3.76 0.96 11.60
C ALA M 301 -4.10 2.30 12.23
N ILE M 302 -4.25 3.37 11.41
CA ILE M 302 -4.58 4.70 11.92
C ILE M 302 -6.07 4.98 11.71
N SER M 303 -6.78 5.34 12.79
CA SER M 303 -8.20 5.64 12.73
C SER M 303 -8.47 7.09 12.31
N VAL M 304 -7.80 8.07 12.97
CA VAL M 304 -8.00 9.50 12.72
C VAL M 304 -6.65 10.16 12.41
N VAL M 305 -6.61 11.04 11.40
CA VAL M 305 -5.41 11.82 11.08
C VAL M 305 -5.82 13.27 11.21
N HIS M 306 -5.11 14.00 12.06
CA HIS M 306 -5.32 15.42 12.27
C HIS M 306 -4.32 16.20 11.42
N TYR M 307 -4.81 16.95 10.43
CA TYR M 307 -3.98 17.78 9.57
C TYR M 307 -4.87 18.90 8.99
N PRO M 308 -4.60 20.21 9.21
CA PRO M 308 -5.51 21.24 8.70
C PRO M 308 -5.86 21.17 7.21
N GLY M 309 -4.87 20.85 6.37
CA GLY M 309 -5.06 20.74 4.93
C GLY M 309 -5.97 19.61 4.47
N LEU M 310 -6.18 18.59 5.31
CA LEU M 310 -7.06 17.46 4.98
C LEU M 310 -8.52 17.93 4.97
N LYS M 311 -9.34 17.35 4.08
CA LYS M 311 -10.73 17.78 3.96
C LYS M 311 -11.56 17.31 5.18
N GLY M 312 -12.47 18.19 5.60
CA GLY M 312 -13.29 18.03 6.79
C GLY M 312 -12.66 18.62 8.04
N GLN M 313 -11.31 18.73 8.08
CA GLN M 313 -10.61 19.28 9.25
C GLN M 313 -10.74 20.79 9.38
N ASP M 314 -11.20 21.51 8.34
CA ASP M 314 -11.33 22.96 8.38
C ASP M 314 -12.79 23.38 8.14
N PRO M 315 -13.69 23.25 9.15
CA PRO M 315 -15.09 23.67 8.91
C PRO M 315 -15.30 25.18 8.88
N ARG M 316 -14.57 25.94 9.73
CA ARG M 316 -14.73 27.41 9.82
C ARG M 316 -14.06 28.21 8.68
N GLY M 317 -13.37 27.54 7.77
CA GLY M 317 -12.72 28.21 6.65
C GLY M 317 -11.55 29.08 7.05
N LEU M 318 -10.80 28.63 8.07
CA LEU M 318 -9.63 29.36 8.56
C LEU M 318 -8.43 29.21 7.62
N LEU M 319 -8.39 28.18 6.75
CA LEU M 319 -7.31 28.02 5.79
C LEU M 319 -7.63 29.00 4.65
N GLY M 320 -6.71 29.93 4.43
CA GLY M 320 -6.85 31.01 3.44
C GLY M 320 -7.07 32.32 4.15
N ARG M 321 -8.08 32.36 5.01
CA ARG M 321 -8.44 33.56 5.79
C ARG M 321 -7.41 33.88 6.88
N GLN M 322 -6.98 32.86 7.64
CA GLN M 322 -6.03 32.99 8.76
C GLN M 322 -4.68 32.30 8.48
N MET M 323 -4.72 31.04 7.97
CA MET M 323 -3.53 30.24 7.68
C MET M 323 -3.33 30.08 6.18
N SER M 324 -2.18 30.51 5.64
CA SER M 324 -1.90 30.36 4.22
C SER M 324 -1.26 28.99 3.90
N GLY M 325 -1.66 27.95 4.62
CA GLY M 325 -1.12 26.61 4.42
C GLY M 325 -1.49 25.65 5.52
N GLY M 326 -1.36 24.36 5.22
CA GLY M 326 -1.69 23.29 6.16
C GLY M 326 -0.68 23.02 7.26
N GLY M 327 0.57 23.45 7.07
CA GLY M 327 1.64 23.23 8.03
C GLY M 327 2.46 21.99 7.77
N ALA M 328 3.46 21.73 8.63
CA ALA M 328 4.32 20.56 8.51
C ALA M 328 4.27 19.67 9.75
N MET M 329 3.15 19.70 10.51
CA MET M 329 2.95 18.87 11.69
C MET M 329 1.73 17.98 11.42
N ILE M 330 1.80 16.71 11.83
CA ILE M 330 0.69 15.77 11.66
C ILE M 330 0.54 14.97 12.94
N ALA M 331 -0.65 14.97 13.54
CA ALA M 331 -0.95 14.14 14.70
C ALA M 331 -1.96 13.07 14.27
N MET M 332 -1.96 11.91 14.94
CA MET M 332 -2.86 10.83 14.56
C MET M 332 -3.24 9.94 15.74
N GLU M 333 -4.46 9.40 15.68
CA GLU M 333 -5.00 8.52 16.71
C GLU M 333 -4.90 7.09 16.19
N LEU M 334 -4.27 6.18 16.94
CA LEU M 334 -4.10 4.80 16.50
C LEU M 334 -5.35 3.99 16.86
N ALA M 335 -5.67 3.00 16.01
CA ALA M 335 -6.83 2.13 16.25
C ALA M 335 -6.61 1.22 17.46
N GLY M 336 -5.39 0.71 17.62
CA GLY M 336 -5.05 -0.16 18.73
C GLY M 336 -4.74 0.52 20.06
N GLY M 337 -4.97 1.83 20.16
CA GLY M 337 -4.74 2.57 21.39
C GLY M 337 -3.28 2.81 21.72
N PHE M 338 -2.93 2.73 23.00
CA PHE M 338 -1.56 2.95 23.46
C PHE M 338 -0.56 1.95 22.91
N ASP M 339 -0.89 0.65 22.89
CA ASP M 339 0.05 -0.37 22.41
C ASP M 339 0.44 -0.15 20.94
N ALA M 340 -0.51 0.21 20.08
CA ALA M 340 -0.21 0.47 18.67
C ALA M 340 0.63 1.73 18.53
N ALA M 341 0.28 2.79 19.32
CA ALA M 341 1.01 4.06 19.34
C ALA M 341 2.47 3.85 19.80
N ARG M 342 2.66 3.01 20.82
CA ARG M 342 3.97 2.68 21.37
C ARG M 342 4.80 1.92 20.32
N SER M 343 4.20 0.88 19.70
CA SER M 343 4.89 0.08 18.68
C SER M 343 5.24 0.90 17.45
N PHE M 344 4.37 1.85 17.05
CA PHE M 344 4.61 2.72 15.88
C PHE M 344 5.89 3.55 16.02
N VAL M 345 6.08 4.25 17.17
CA VAL M 345 7.29 5.07 17.35
C VAL M 345 8.54 4.23 17.61
N GLU M 346 8.38 3.06 18.23
CA GLU M 346 9.52 2.19 18.52
C GLU M 346 10.05 1.44 17.29
N HIS M 347 9.22 1.25 16.24
CA HIS M 347 9.65 0.58 15.02
C HIS M 347 10.09 1.55 13.90
N CYS M 348 10.14 2.86 14.17
CA CYS M 348 10.63 3.84 13.20
C CYS M 348 12.17 3.77 13.20
N ASN M 349 12.81 3.88 12.02
CA ASN M 349 14.26 3.85 11.88
C ASN M 349 14.77 5.21 11.32
N LEU M 350 14.31 5.61 10.13
CA LEU M 350 14.68 6.88 9.51
C LEU M 350 14.04 8.01 10.32
N VAL M 351 12.74 7.87 10.64
CA VAL M 351 12.03 8.84 11.48
C VAL M 351 12.51 8.55 12.91
N VAL M 352 12.99 9.57 13.61
CA VAL M 352 13.57 9.40 14.93
C VAL M 352 12.59 9.70 16.07
N HIS M 353 12.55 8.83 17.09
CA HIS M 353 11.71 9.00 18.27
C HIS M 353 12.37 10.03 19.19
N ALA M 354 11.91 11.29 19.11
CA ALA M 354 12.45 12.41 19.91
C ALA M 354 11.45 13.56 19.98
N VAL M 355 11.59 14.41 21.02
CA VAL M 355 10.76 15.62 21.16
C VAL M 355 11.34 16.76 20.23
N SER M 356 10.68 17.93 20.19
CA SER M 356 11.01 19.09 19.37
C SER M 356 10.38 18.95 17.96
N LEU M 357 10.38 20.05 17.21
CA LEU M 357 9.77 20.08 15.89
C LEU M 357 10.39 21.17 14.98
N GLY M 358 9.95 21.18 13.72
CA GLY M 358 10.42 22.15 12.73
C GLY M 358 11.83 22.02 12.21
N GLY M 359 12.49 20.91 12.53
CA GLY M 359 13.86 20.66 12.11
C GLY M 359 13.97 20.12 10.71
N ALA M 360 15.21 19.98 10.23
CA ALA M 360 15.49 19.45 8.90
C ALA M 360 15.12 17.96 8.78
N ASP M 361 15.07 17.22 9.90
CA ASP M 361 14.73 15.80 9.95
C ASP M 361 13.34 15.55 10.56
N THR M 362 12.74 14.42 10.21
CA THR M 362 11.41 14.03 10.67
C THR M 362 11.51 13.34 12.03
N LEU M 363 10.73 13.82 13.00
CA LEU M 363 10.71 13.29 14.36
C LEU M 363 9.29 12.82 14.72
N ILE M 364 9.20 11.89 15.67
CA ILE M 364 7.94 11.31 16.12
C ILE M 364 7.98 11.10 17.64
N GLN M 365 6.82 11.20 18.31
CA GLN M 365 6.76 11.01 19.77
C GLN M 365 5.33 10.75 20.28
N HIS M 366 5.22 10.22 21.51
CA HIS M 366 3.94 10.01 22.18
C HIS M 366 3.75 11.22 23.13
N PRO M 367 2.87 12.19 22.81
CA PRO M 367 2.73 13.37 23.67
C PRO M 367 2.40 13.12 25.13
N ALA M 368 1.46 12.21 25.43
CA ALA M 368 1.08 11.91 26.80
C ALA M 368 2.26 11.42 27.66
N SER M 369 3.26 10.78 27.03
CA SER M 369 4.44 10.26 27.72
C SER M 369 5.61 11.23 27.77
N LEU M 370 5.70 12.21 26.85
CA LEU M 370 6.83 13.13 26.82
C LEU M 370 6.43 14.64 26.90
N THR M 371 6.16 15.34 25.77
CA THR M 371 5.91 16.78 25.78
C THR M 371 4.77 17.22 26.71
N HIS M 372 3.71 16.40 26.82
CA HIS M 372 2.56 16.70 27.67
C HIS M 372 2.46 15.79 28.90
N ARG M 373 3.62 15.34 29.41
CA ARG M 373 3.65 14.51 30.61
C ARG M 373 3.34 15.35 31.87
N PRO M 374 3.84 16.61 32.04
CA PRO M 374 3.49 17.37 33.26
C PRO M 374 2.05 17.91 33.30
N VAL M 375 1.24 17.62 32.27
CA VAL M 375 -0.13 18.09 32.19
C VAL M 375 -1.02 17.22 33.11
N ALA M 376 -2.07 17.81 33.69
CA ALA M 376 -3.01 17.11 34.54
C ALA M 376 -3.68 15.95 33.79
N ALA M 377 -3.99 14.86 34.48
CA ALA M 377 -4.59 13.67 33.87
C ALA M 377 -5.84 13.98 33.04
N THR M 378 -6.73 14.85 33.54
CA THR M 378 -7.96 15.21 32.84
C THR M 378 -7.69 15.97 31.53
N ALA M 379 -6.63 16.80 31.51
CA ALA M 379 -6.24 17.60 30.36
C ALA M 379 -5.19 16.95 29.45
N LYS M 380 -4.67 15.77 29.80
CA LYS M 380 -3.63 15.13 29.00
C LYS M 380 -4.16 14.69 27.63
N PRO M 381 -3.35 14.66 26.54
CA PRO M 381 -3.88 14.17 25.26
C PRO M 381 -4.17 12.67 25.26
N GLY M 382 -4.85 12.19 24.23
CA GLY M 382 -5.22 10.79 24.11
C GLY M 382 -4.03 9.85 24.15
N ASP M 383 -4.22 8.67 24.72
CA ASP M 383 -3.16 7.66 24.82
C ASP M 383 -2.80 7.04 23.45
N GLY M 384 -3.75 7.03 22.51
CA GLY M 384 -3.50 6.55 21.16
C GLY M 384 -2.97 7.60 20.22
N LEU M 385 -2.84 8.87 20.67
CA LEU M 385 -2.38 9.98 19.84
C LEU M 385 -0.84 10.03 19.74
N ILE M 386 -0.34 10.28 18.50
CA ILE M 386 1.08 10.35 18.15
C ILE M 386 1.31 11.64 17.37
N ARG M 387 2.33 12.43 17.74
CA ARG M 387 2.66 13.68 17.03
C ARG M 387 3.89 13.44 16.15
N LEU M 388 3.90 14.02 14.94
CA LEU M 388 4.98 13.88 13.97
C LEU M 388 5.36 15.24 13.38
N SER M 389 6.66 15.56 13.36
CA SER M 389 7.17 16.79 12.76
C SER M 389 7.79 16.41 11.43
N VAL M 390 7.25 16.90 10.31
CA VAL M 390 7.75 16.55 8.99
C VAL M 390 8.98 17.43 8.63
N GLY M 391 10.03 16.79 8.14
CA GLY M 391 11.28 17.45 7.76
C GLY M 391 11.43 17.67 6.27
N LEU M 392 12.69 17.75 5.80
CA LEU M 392 13.02 18.01 4.40
C LEU M 392 13.46 16.76 3.64
N GLU M 393 13.06 15.56 4.09
CA GLU M 393 13.42 14.33 3.41
C GLU M 393 12.40 14.02 2.30
N HIS M 394 12.74 13.09 1.40
CA HIS M 394 11.84 12.70 0.32
C HIS M 394 10.59 12.04 0.89
N VAL M 395 9.42 12.40 0.34
CA VAL M 395 8.13 11.88 0.78
C VAL M 395 8.07 10.34 0.75
N ASP M 396 8.61 9.70 -0.31
CA ASP M 396 8.58 8.25 -0.45
C ASP M 396 9.37 7.57 0.66
N ASP M 397 10.58 8.05 0.98
CA ASP M 397 11.40 7.45 2.03
C ASP M 397 10.76 7.58 3.42
N LEU M 398 10.03 8.68 3.69
CA LEU M 398 9.36 8.86 4.97
C LEU M 398 8.13 7.97 5.06
N ALA M 399 7.35 7.90 3.97
CA ALA M 399 6.16 7.04 3.96
C ALA M 399 6.54 5.58 4.09
N ASP M 400 7.61 5.14 3.38
CA ASP M 400 8.06 3.75 3.46
C ASP M 400 8.42 3.35 4.89
N ASP M 401 9.13 4.20 5.63
CA ASP M 401 9.51 3.89 7.01
C ASP M 401 8.29 3.95 7.95
N LEU M 402 7.42 4.95 7.78
CA LEU M 402 6.24 5.07 8.64
C LEU M 402 5.28 3.90 8.44
N ILE M 403 5.09 3.45 7.20
CA ILE M 403 4.19 2.32 6.88
C ILE M 403 4.79 1.04 7.47
N ALA M 404 6.10 0.81 7.30
CA ALA M 404 6.77 -0.37 7.86
C ALA M 404 6.64 -0.42 9.39
N ALA M 405 6.70 0.74 10.06
CA ALA M 405 6.56 0.82 11.51
C ALA M 405 5.15 0.44 11.97
N LEU M 406 4.13 0.84 11.19
CA LEU M 406 2.74 0.49 11.50
C LEU M 406 2.51 -1.00 11.25
N ASP M 407 3.08 -1.55 10.16
CA ASP M 407 2.95 -2.96 9.82
C ASP M 407 3.72 -3.88 10.79
N ALA M 408 4.65 -3.35 11.60
CA ALA M 408 5.42 -4.16 12.57
C ALA M 408 4.53 -4.69 13.70
N SER M 409 3.49 -3.94 14.09
CA SER M 409 2.58 -4.38 15.16
C SER M 409 1.72 -5.58 14.72
N THR N 22 39.65 15.38 46.55
CA THR N 22 39.94 15.35 47.99
C THR N 22 41.45 15.27 48.22
N SER N 23 42.13 14.31 47.57
CA SER N 23 43.58 14.14 47.71
C SER N 23 44.36 15.16 46.86
N LEU N 24 43.76 15.75 45.80
CA LEU N 24 44.45 16.71 44.95
C LEU N 24 44.27 18.15 45.45
N HIS N 25 45.24 19.00 45.13
CA HIS N 25 45.23 20.41 45.51
C HIS N 25 44.18 21.20 44.68
N PRO N 26 43.66 22.37 45.13
CA PRO N 26 42.68 23.11 44.30
C PRO N 26 43.22 23.59 42.96
N GLU N 27 44.53 23.83 42.83
CA GLU N 27 45.15 24.27 41.58
C GLU N 27 45.06 23.16 40.52
N THR N 28 45.23 21.89 40.94
CA THR N 28 45.12 20.73 40.06
C THR N 28 43.65 20.51 39.67
N LEU N 29 42.73 20.64 40.66
CA LEU N 29 41.30 20.43 40.43
C LEU N 29 40.65 21.48 39.53
N MET N 30 41.23 22.68 39.41
CA MET N 30 40.71 23.70 38.48
C MET N 30 41.01 23.28 37.03
N VAL N 31 42.16 22.67 36.78
CA VAL N 31 42.56 22.22 35.45
C VAL N 31 41.76 20.97 35.02
N HIS N 32 41.73 19.93 35.88
CA HIS N 32 41.09 18.65 35.57
C HIS N 32 39.63 18.46 36.07
N GLY N 33 39.04 19.46 36.70
CA GLY N 33 37.66 19.37 37.17
C GLY N 33 36.68 19.35 36.01
N GLY N 34 35.70 18.45 36.07
CA GLY N 34 34.70 18.28 35.02
C GLY N 34 35.23 17.70 33.73
N MET N 35 36.48 17.18 33.72
CA MET N 35 37.11 16.57 32.55
C MET N 35 37.14 15.03 32.70
N LYS N 36 36.13 14.45 33.35
CA LYS N 36 36.09 13.01 33.62
C LYS N 36 35.65 12.24 32.38
N GLY N 37 36.41 11.20 32.04
CA GLY N 37 36.10 10.37 30.89
C GLY N 37 36.57 10.89 29.54
N LEU N 38 37.08 12.14 29.46
CA LEU N 38 37.54 12.70 28.19
C LEU N 38 38.83 12.03 27.73
N THR N 39 39.81 11.90 28.64
CA THR N 39 41.07 11.23 28.30
C THR N 39 40.83 9.77 27.92
N GLU N 40 39.88 9.11 28.59
CA GLU N 40 39.53 7.73 28.35
C GLU N 40 38.83 7.56 26.97
N ALA N 41 38.15 8.61 26.47
CA ALA N 41 37.48 8.63 25.16
C ALA N 41 38.38 9.12 24.00
N GLY N 42 39.65 9.44 24.28
CA GLY N 42 40.59 9.90 23.26
C GLY N 42 40.39 11.33 22.80
N VAL N 43 39.94 12.22 23.70
CA VAL N 43 39.71 13.65 23.40
C VAL N 43 40.36 14.51 24.51
N HIS N 44 40.71 15.77 24.19
CA HIS N 44 41.39 16.67 25.12
C HIS N 44 40.45 17.59 25.91
N VAL N 45 39.52 18.27 25.23
CA VAL N 45 38.59 19.24 25.85
C VAL N 45 37.13 18.77 25.65
N PRO N 46 36.16 19.18 26.51
CA PRO N 46 34.78 18.70 26.29
C PRO N 46 34.17 19.25 25.01
N ALA N 47 33.40 18.43 24.31
CA ALA N 47 32.78 18.83 23.05
C ALA N 47 31.61 19.78 23.29
N ILE N 48 31.28 20.59 22.28
CA ILE N 48 30.16 21.53 22.35
C ILE N 48 29.03 20.90 21.55
N ASP N 49 28.06 20.29 22.24
CA ASP N 49 26.91 19.66 21.59
C ASP N 49 25.77 20.64 21.58
N LEU N 50 25.46 21.18 20.41
CA LEU N 50 24.40 22.17 20.26
C LEU N 50 22.98 21.55 20.19
N SER N 51 22.86 20.20 20.16
CA SER N 51 21.58 19.49 20.07
C SER N 51 20.52 20.03 21.02
N THR N 52 19.38 20.46 20.46
CA THR N 52 18.26 20.93 21.27
C THR N 52 17.50 19.71 21.81
N THR N 53 17.33 18.68 20.97
CA THR N 53 16.67 17.43 21.35
C THR N 53 17.69 16.29 21.46
N ASN N 54 17.30 15.24 22.19
CA ASN N 54 18.15 14.07 22.42
C ASN N 54 17.25 12.81 22.24
N PRO N 55 17.43 12.00 21.16
CA PRO N 55 16.55 10.84 20.96
C PRO N 55 16.47 9.84 22.11
N VAL N 56 15.32 9.13 22.20
CA VAL N 56 15.05 8.14 23.25
C VAL N 56 14.98 6.73 22.66
N ASN N 57 15.39 5.71 23.45
CA ASN N 57 15.40 4.33 22.98
C ASN N 57 13.98 3.78 22.84
N ASP N 58 13.10 4.08 23.80
CA ASP N 58 11.71 3.65 23.76
C ASP N 58 10.81 4.62 24.57
N VAL N 59 9.49 4.40 24.54
CA VAL N 59 8.52 5.26 25.23
C VAL N 59 8.70 5.17 26.75
N ALA N 60 8.91 3.96 27.28
CA ALA N 60 9.07 3.75 28.72
C ALA N 60 10.34 4.42 29.29
N THR N 61 11.52 4.18 28.70
CA THR N 61 12.76 4.78 29.21
C THR N 61 12.81 6.28 28.97
N GLY N 62 12.32 6.71 27.81
CA GLY N 62 12.27 8.13 27.47
C GLY N 62 11.37 8.91 28.41
N GLY N 63 10.18 8.36 28.68
CA GLY N 63 9.23 8.96 29.60
C GLY N 63 9.72 9.01 31.03
N ASP N 64 10.37 7.92 31.49
CA ASP N 64 10.92 7.89 32.85
C ASP N 64 12.10 8.88 32.96
N SER N 65 12.93 9.01 31.93
CA SER N 65 14.04 9.98 31.94
C SER N 65 13.48 11.40 31.96
N TYR N 66 12.40 11.67 31.19
CA TYR N 66 11.74 12.97 31.16
C TYR N 66 11.27 13.32 32.59
N GLU N 67 10.53 12.41 33.25
CA GLU N 67 10.02 12.65 34.60
C GLU N 67 11.14 12.85 35.61
N TRP N 68 12.18 12.01 35.57
CA TRP N 68 13.33 12.12 36.49
C TRP N 68 13.99 13.50 36.37
N LEU N 69 14.20 14.00 35.15
CA LEU N 69 14.84 15.29 34.94
C LEU N 69 13.92 16.48 35.23
N ALA N 70 12.64 16.41 34.79
CA ALA N 70 11.67 17.48 35.04
C ALA N 70 11.43 17.68 36.54
N THR N 71 11.49 16.60 37.33
CA THR N 71 11.36 16.68 38.79
C THR N 71 12.68 17.09 39.50
N GLY N 72 13.64 17.64 38.76
CA GLY N 72 14.89 18.16 39.29
C GLY N 72 16.02 17.20 39.55
N HIS N 73 15.99 15.98 39.00
CA HIS N 73 17.06 15.00 39.28
C HIS N 73 18.19 15.04 38.24
N THR N 74 19.36 14.56 38.66
CA THR N 74 20.56 14.47 37.82
C THR N 74 20.39 13.36 36.78
N LEU N 75 20.90 13.56 35.56
CA LEU N 75 20.79 12.56 34.50
C LEU N 75 21.53 11.30 34.91
N LYS N 76 20.87 10.15 34.79
CA LYS N 76 21.47 8.86 35.10
C LYS N 76 22.49 8.49 34.03
N ASP N 77 23.54 7.74 34.41
CA ASP N 77 24.55 7.32 33.45
C ASP N 77 23.92 6.30 32.51
N GLY N 78 24.03 6.55 31.21
CA GLY N 78 23.44 5.69 30.19
C GLY N 78 21.95 5.94 30.03
N ASP N 79 21.56 7.23 30.02
CA ASP N 79 20.17 7.66 29.88
C ASP N 79 20.12 8.87 28.93
N SER N 80 19.04 9.01 28.17
CA SER N 80 18.91 10.12 27.23
C SER N 80 18.59 11.41 27.95
N ALA N 81 19.22 12.51 27.52
CA ALA N 81 18.95 13.84 28.08
C ALA N 81 17.53 14.34 27.70
N VAL N 82 16.88 13.72 26.68
CA VAL N 82 15.52 13.99 26.16
C VAL N 82 15.41 15.38 25.46
N TYR N 83 15.68 16.47 26.19
CA TYR N 83 15.62 17.83 25.70
C TYR N 83 16.61 18.71 26.47
N GLN N 84 17.10 19.78 25.82
CA GLN N 84 18.09 20.68 26.42
C GLN N 84 17.57 21.41 27.65
N ARG N 85 16.26 21.74 27.70
CA ARG N 85 15.69 22.39 28.88
C ARG N 85 15.65 21.45 30.11
N LEU N 86 15.76 20.13 29.90
CA LEU N 86 15.81 19.14 30.96
C LEU N 86 17.28 18.83 31.35
N TRP N 87 18.18 18.66 30.35
CA TRP N 87 19.60 18.39 30.62
C TRP N 87 20.50 18.73 29.42
N GLN N 88 21.70 19.30 29.70
CA GLN N 88 22.71 19.61 28.69
C GLN N 88 24.05 19.05 29.22
N PRO N 89 24.80 18.21 28.46
CA PRO N 89 26.04 17.63 29.01
C PRO N 89 27.21 18.59 29.27
N GLY N 90 27.37 19.60 28.43
CA GLY N 90 28.43 20.58 28.59
C GLY N 90 28.21 21.45 29.81
N VAL N 91 26.93 21.80 30.07
CA VAL N 91 26.55 22.58 31.25
C VAL N 91 26.82 21.72 32.48
N ALA N 92 26.41 20.44 32.44
CA ALA N 92 26.63 19.47 33.52
C ALA N 92 28.11 19.33 33.88
N ARG N 93 29.03 19.36 32.90
CA ARG N 93 30.47 19.27 33.18
C ARG N 93 30.95 20.51 33.95
N PHE N 94 30.49 21.70 33.55
CA PHE N 94 30.81 22.96 34.23
C PHE N 94 30.24 22.92 35.65
N GLU N 95 29.03 22.39 35.83
CA GLU N 95 28.36 22.26 37.12
C GLU N 95 29.19 21.38 38.07
N THR N 96 29.62 20.18 37.64
CA THR N 96 30.42 19.31 38.48
C THR N 96 31.81 19.89 38.76
N ALA N 97 32.38 20.67 37.81
CA ALA N 97 33.69 21.29 38.01
C ALA N 97 33.65 22.31 39.16
N LEU N 98 32.66 23.23 39.17
CA LEU N 98 32.55 24.22 40.23
C LEU N 98 32.12 23.60 41.55
N ALA N 99 31.19 22.63 41.54
CA ALA N 99 30.75 21.96 42.77
C ALA N 99 31.94 21.35 43.53
N GLY N 100 32.89 20.78 42.79
CA GLY N 100 34.11 20.22 43.37
C GLY N 100 35.03 21.27 43.97
N LEU N 101 35.06 22.47 43.36
CA LEU N 101 35.90 23.57 43.84
C LEU N 101 35.32 24.19 45.12
N GLU N 102 33.99 24.33 45.19
CA GLU N 102 33.31 24.85 46.39
C GLU N 102 33.09 23.76 47.46
N HIS N 103 33.29 22.47 47.11
CA HIS N 103 33.07 21.31 47.97
C HIS N 103 31.59 21.12 48.31
N ALA N 104 30.72 21.36 47.31
CA ALA N 104 29.27 21.19 47.38
C ALA N 104 28.89 19.84 46.73
N GLU N 105 27.70 19.32 47.04
CA GLU N 105 27.26 18.04 46.49
C GLU N 105 27.01 18.17 44.98
N GLU N 106 26.24 19.20 44.59
CA GLU N 106 25.85 19.45 43.20
C GLU N 106 25.89 20.97 42.89
N ALA N 107 25.67 21.35 41.63
CA ALA N 107 25.60 22.75 41.19
C ALA N 107 24.63 22.87 40.02
N VAL N 108 23.94 24.03 39.92
CA VAL N 108 22.95 24.28 38.86
C VAL N 108 23.33 25.59 38.16
N ALA N 109 23.51 25.54 36.84
CA ALA N 109 23.93 26.69 36.04
C ALA N 109 22.78 27.27 35.20
N PHE N 110 22.79 28.60 35.05
CA PHE N 110 21.79 29.39 34.34
C PHE N 110 22.46 30.41 33.40
N ALA N 111 21.66 31.09 32.55
CA ALA N 111 22.13 32.08 31.58
C ALA N 111 22.96 33.21 32.19
N THR N 112 22.53 33.75 33.35
CA THR N 112 23.17 34.86 34.06
C THR N 112 23.12 34.65 35.60
N GLY N 113 23.89 35.44 36.35
CA GLY N 113 23.85 35.41 37.80
C GLY N 113 22.47 35.79 38.33
N MET N 114 21.77 36.71 37.62
CA MET N 114 20.43 37.13 37.99
C MET N 114 19.42 36.00 37.77
N ALA N 115 19.61 35.16 36.74
CA ALA N 115 18.74 34.00 36.49
C ALA N 115 18.88 32.96 37.60
N ALA N 116 20.10 32.80 38.14
CA ALA N 116 20.34 31.90 39.25
C ALA N 116 19.66 32.42 40.51
N MET N 117 19.78 33.73 40.78
CA MET N 117 19.10 34.39 41.91
C MET N 117 17.59 34.21 41.79
N THR N 118 17.05 34.44 40.57
CA THR N 118 15.62 34.31 40.26
C THR N 118 15.13 32.90 40.57
N ALA N 119 15.89 31.89 40.14
CA ALA N 119 15.53 30.49 40.40
C ALA N 119 15.53 30.17 41.88
N ALA N 120 16.53 30.65 42.64
CA ALA N 120 16.61 30.41 44.08
C ALA N 120 15.45 31.07 44.82
N LEU N 121 15.03 32.25 44.39
CA LEU N 121 13.91 32.95 45.03
C LEU N 121 12.60 32.23 44.66
N LEU N 122 12.42 31.84 43.39
CA LEU N 122 11.21 31.12 42.99
C LEU N 122 11.12 29.76 43.68
N ALA N 123 12.26 29.10 43.94
CA ALA N 123 12.28 27.82 44.66
C ALA N 123 11.79 28.01 46.10
N ALA N 124 12.18 29.11 46.75
CA ALA N 124 11.75 29.43 48.10
C ALA N 124 10.27 29.79 48.14
N VAL N 125 9.78 30.57 47.16
CA VAL N 125 8.37 30.96 47.08
C VAL N 125 7.51 29.71 46.86
N SER N 126 7.94 28.84 45.93
CA SER N 126 7.23 27.60 45.61
C SER N 126 7.13 26.68 46.84
N ALA N 127 8.18 26.64 47.68
CA ALA N 127 8.19 25.83 48.91
C ALA N 127 7.24 26.34 50.01
N GLY N 128 6.73 27.57 49.87
CA GLY N 128 5.85 28.19 50.87
C GLY N 128 6.59 29.07 51.86
N THR N 129 7.79 29.55 51.48
CA THR N 129 8.64 30.42 52.31
C THR N 129 9.04 31.64 51.46
N PRO N 130 8.11 32.59 51.18
CA PRO N 130 8.47 33.76 50.36
C PRO N 130 9.32 34.83 51.04
N HIS N 131 9.30 34.92 52.38
CA HIS N 131 10.09 35.95 53.08
C HIS N 131 11.60 35.67 52.99
N ILE N 132 12.37 36.74 52.74
CA ILE N 132 13.81 36.70 52.56
C ILE N 132 14.46 37.73 53.49
N VAL N 133 15.40 37.30 54.34
CA VAL N 133 16.16 38.23 55.18
C VAL N 133 17.48 38.44 54.44
N ALA N 134 17.80 39.67 54.03
CA ALA N 134 19.01 39.94 53.27
C ALA N 134 19.84 41.03 53.96
N VAL N 135 21.18 40.95 53.82
CA VAL N 135 22.10 41.91 54.44
C VAL N 135 22.76 42.74 53.34
N ARG N 136 22.61 44.08 53.42
CA ARG N 136 23.22 45.00 52.46
C ARG N 136 24.66 45.35 52.88
N PRO N 137 25.57 45.76 51.95
CA PRO N 137 25.40 45.95 50.49
C PRO N 137 25.37 44.65 49.68
N LEU N 138 24.65 44.70 48.55
CA LEU N 138 24.54 43.61 47.58
C LEU N 138 24.63 44.20 46.18
N TYR N 139 24.73 43.35 45.13
CA TYR N 139 24.73 43.81 43.76
C TYR N 139 23.37 44.50 43.46
N GLY N 140 23.41 45.65 42.80
CA GLY N 140 22.24 46.45 42.45
C GLY N 140 21.01 45.67 41.98
N GLY N 141 21.23 44.71 41.10
CA GLY N 141 20.18 43.85 40.57
C GLY N 141 19.61 42.93 41.62
N SER N 142 20.49 42.32 42.43
CA SER N 142 20.08 41.45 43.54
C SER N 142 19.21 42.25 44.52
N ASP N 143 19.67 43.46 44.90
CA ASP N 143 18.93 44.34 45.79
C ASP N 143 17.58 44.73 45.20
N HIS N 144 17.58 45.20 43.94
CA HIS N 144 16.36 45.66 43.29
C HIS N 144 15.33 44.54 43.12
N LEU N 145 15.77 43.33 42.76
CA LEU N 145 14.87 42.18 42.58
C LEU N 145 14.16 41.83 43.91
N LEU N 146 14.85 41.98 45.04
CA LEU N 146 14.28 41.72 46.35
C LEU N 146 13.33 42.88 46.75
N GLU N 147 13.77 44.14 46.56
CA GLU N 147 12.97 45.32 46.88
C GLU N 147 11.62 45.33 46.14
N THR N 148 11.64 45.07 44.83
CA THR N 148 10.42 45.08 44.02
C THR N 148 9.48 43.92 44.35
N GLY N 149 10.04 42.77 44.72
CA GLY N 149 9.26 41.59 45.03
C GLY N 149 8.54 41.05 43.82
N LEU N 150 9.22 41.10 42.66
CA LEU N 150 8.68 40.67 41.36
C LEU N 150 8.25 39.21 41.38
N LEU N 151 9.05 38.36 42.04
CA LEU N 151 8.81 36.91 42.07
C LEU N 151 7.96 36.45 43.27
N GLY N 152 7.17 37.34 43.85
CA GLY N 152 6.32 37.03 44.99
C GLY N 152 7.06 36.89 46.31
N THR N 153 8.24 37.53 46.46
CA THR N 153 9.07 37.49 47.66
C THR N 153 8.90 38.78 48.47
N THR N 154 8.89 38.65 49.80
CA THR N 154 8.87 39.78 50.72
C THR N 154 10.28 39.85 51.30
N VAL N 155 10.76 41.04 51.65
CA VAL N 155 12.13 41.21 52.14
C VAL N 155 12.16 41.92 53.48
N THR N 156 13.22 41.65 54.26
CA THR N 156 13.50 42.30 55.53
C THR N 156 15.00 42.60 55.54
N TRP N 157 15.37 43.87 55.27
CA TRP N 157 16.76 44.30 55.23
C TRP N 157 17.29 44.38 56.65
N ALA N 158 18.26 43.52 56.99
CA ALA N 158 18.81 43.44 58.33
C ALA N 158 20.33 43.57 58.35
N LYS N 159 20.86 44.08 59.46
CA LYS N 159 22.31 44.17 59.65
C LYS N 159 22.83 42.78 60.05
N GLU N 160 24.13 42.55 59.90
CA GLU N 160 24.77 41.27 60.21
C GLU N 160 24.42 40.76 61.63
N ALA N 161 24.47 41.62 62.63
CA ALA N 161 24.17 41.24 64.01
C ALA N 161 22.67 40.96 64.26
N ASP N 162 21.77 41.64 63.52
CA ASP N 162 20.32 41.51 63.71
C ASP N 162 19.67 40.49 62.74
N ILE N 163 20.36 39.42 62.35
CA ILE N 163 19.80 38.41 61.44
C ILE N 163 18.76 37.56 62.18
N ALA N 164 19.14 36.99 63.34
CA ALA N 164 18.27 36.13 64.13
C ALA N 164 16.90 36.76 64.43
N SER N 165 16.87 38.04 64.79
CA SER N 165 15.63 38.77 65.10
C SER N 165 14.76 39.01 63.86
N ALA N 166 15.38 39.29 62.70
CA ALA N 166 14.68 39.53 61.45
C ALA N 166 13.99 38.29 60.87
N ILE N 167 14.38 37.09 61.29
CA ILE N 167 13.82 35.85 60.76
C ILE N 167 12.39 35.61 61.27
N GLN N 168 11.49 35.27 60.34
CA GLN N 168 10.09 34.97 60.56
C GLN N 168 9.83 33.48 60.26
N ASP N 169 8.66 32.96 60.63
CA ASP N 169 8.28 31.58 60.29
C ASP N 169 8.18 31.41 58.75
N ASP N 170 7.94 32.51 58.01
CA ASP N 170 7.81 32.54 56.55
C ASP N 170 9.16 32.66 55.83
N THR N 171 10.31 32.77 56.54
CA THR N 171 11.61 32.94 55.88
C THR N 171 12.10 31.64 55.22
N GLY N 172 12.50 31.76 53.95
CA GLY N 172 13.05 30.67 53.15
C GLY N 172 14.55 30.75 52.97
N LEU N 173 15.14 31.96 52.99
CA LEU N 173 16.59 32.13 52.79
C LEU N 173 17.17 33.38 53.47
N VAL N 174 18.48 33.31 53.78
CA VAL N 174 19.27 34.41 54.33
C VAL N 174 20.30 34.74 53.25
N ILE N 175 20.16 35.88 52.56
CA ILE N 175 21.08 36.25 51.49
C ILE N 175 22.16 37.22 51.98
N VAL N 176 23.43 36.81 51.85
CA VAL N 176 24.60 37.61 52.25
C VAL N 176 25.65 37.61 51.12
N GLU N 177 26.58 38.57 51.16
CA GLU N 177 27.63 38.71 50.17
C GLU N 177 28.87 39.30 50.84
N THR N 178 30.04 38.66 50.69
CA THR N 178 31.29 39.14 51.30
C THR N 178 32.52 38.77 50.43
N PRO N 179 33.37 39.74 50.00
CA PRO N 179 33.24 41.20 50.17
C PRO N 179 32.04 41.73 49.38
N ALA N 180 31.29 42.67 49.98
CA ALA N 180 30.08 43.21 49.36
C ALA N 180 30.37 44.03 48.11
N ASN N 181 29.38 44.07 47.19
CA ASN N 181 29.47 44.84 45.97
C ASN N 181 28.75 46.18 46.27
N PRO N 182 29.38 47.38 46.21
CA PRO N 182 30.75 47.71 45.77
C PRO N 182 31.84 47.97 46.84
N SER N 183 31.45 48.44 48.06
CA SER N 183 32.34 48.88 49.15
C SER N 183 33.20 47.78 49.83
N LEU N 184 33.05 46.50 49.44
CA LEU N 184 33.84 45.39 49.98
C LEU N 184 33.66 45.18 51.48
N ASP N 185 32.43 45.33 51.97
CA ASP N 185 32.10 45.11 53.37
C ASP N 185 32.18 43.62 53.64
N LEU N 186 32.88 43.23 54.72
CA LEU N 186 33.07 41.82 55.06
C LEU N 186 32.01 41.35 56.06
N VAL N 187 31.65 40.06 55.97
CA VAL N 187 30.63 39.44 56.81
C VAL N 187 31.19 38.13 57.37
N ASP N 188 31.08 37.90 58.70
CA ASP N 188 31.54 36.66 59.31
C ASP N 188 30.51 35.59 59.01
N LEU N 189 30.86 34.64 58.14
CA LEU N 189 29.93 33.58 57.72
C LEU N 189 29.60 32.60 58.83
N ASP N 190 30.55 32.34 59.75
CA ASP N 190 30.28 31.43 60.87
C ASP N 190 29.18 32.02 61.77
N SER N 191 29.22 33.35 62.01
CA SER N 191 28.21 34.04 62.82
C SER N 191 26.85 34.10 62.13
N VAL N 192 26.84 34.31 60.81
CA VAL N 192 25.59 34.39 60.05
C VAL N 192 24.88 33.03 60.07
N VAL N 193 25.63 31.94 59.84
CA VAL N 193 25.05 30.58 59.86
C VAL N 193 24.49 30.28 61.26
N SER N 194 25.22 30.65 62.32
CA SER N 194 24.77 30.46 63.69
C SER N 194 23.47 31.23 63.95
N ALA N 195 23.37 32.49 63.50
CA ALA N 195 22.17 33.32 63.67
C ALA N 195 20.98 32.82 62.85
N ALA N 196 21.22 32.25 61.65
CA ALA N 196 20.14 31.75 60.79
C ALA N 196 19.48 30.49 61.37
N GLY N 197 20.28 29.59 61.91
CA GLY N 197 19.76 28.36 62.51
C GLY N 197 19.21 27.42 61.46
N ASN N 198 17.89 27.16 61.53
CA ASN N 198 17.22 26.26 60.58
C ASN N 198 17.05 26.85 59.18
N VAL N 199 17.19 28.18 59.01
CA VAL N 199 16.99 28.80 57.71
C VAL N 199 18.27 28.62 56.86
N PRO N 200 18.16 28.16 55.59
CA PRO N 200 19.39 28.03 54.78
C PRO N 200 20.00 29.38 54.41
N VAL N 201 21.33 29.44 54.29
CA VAL N 201 22.05 30.68 53.99
C VAL N 201 22.60 30.62 52.57
N LEU N 202 22.32 31.66 51.78
CA LEU N 202 22.82 31.80 50.42
C LEU N 202 23.91 32.88 50.45
N VAL N 203 25.14 32.49 50.10
CA VAL N 203 26.30 33.38 50.10
C VAL N 203 26.70 33.62 48.66
N ASP N 204 26.76 34.89 48.24
CA ASP N 204 27.18 35.26 46.89
C ASP N 204 28.70 35.41 46.91
N ASN N 205 29.41 34.35 46.48
CA ASN N 205 30.88 34.27 46.47
C ASN N 205 31.50 34.67 45.11
N THR N 206 30.91 35.64 44.40
CA THR N 206 31.43 36.07 43.11
C THR N 206 32.82 36.74 43.24
N PHE N 207 32.96 37.71 44.16
CA PHE N 207 34.19 38.47 44.33
C PHE N 207 35.36 37.63 44.85
N CYS N 208 35.12 36.77 45.84
CA CYS N 208 36.18 35.93 46.41
C CYS N 208 36.56 34.76 45.50
N THR N 209 35.57 34.09 44.89
CA THR N 209 35.74 32.88 44.04
C THR N 209 36.12 31.66 44.92
N PRO N 210 35.98 30.40 44.44
CA PRO N 210 36.41 29.26 45.29
C PRO N 210 37.91 29.22 45.62
N VAL N 211 38.73 30.10 45.00
CA VAL N 211 40.16 30.17 45.23
C VAL N 211 40.41 30.75 46.62
N LEU N 212 39.67 31.82 46.99
CA LEU N 212 39.85 32.56 48.24
C LEU N 212 38.88 32.20 49.36
N GLN N 213 37.61 31.92 49.05
CA GLN N 213 36.62 31.62 50.09
C GLN N 213 35.82 30.37 49.75
N GLN N 214 35.44 29.61 50.78
CA GLN N 214 34.66 28.39 50.65
C GLN N 214 33.46 28.49 51.62
N PRO N 215 32.36 29.20 51.25
CA PRO N 215 31.23 29.32 52.20
C PRO N 215 30.59 28.00 52.64
N ILE N 216 30.67 26.94 51.83
CA ILE N 216 30.10 25.62 52.17
C ILE N 216 30.72 25.10 53.48
N SER N 217 32.04 25.28 53.65
CA SER N 217 32.74 24.86 54.87
C SER N 217 32.23 25.58 56.14
N HIS N 218 31.79 26.84 56.00
CA HIS N 218 31.22 27.61 57.12
C HIS N 218 29.75 27.23 57.45
N GLY N 219 29.11 26.43 56.58
CA GLY N 219 27.75 25.96 56.76
C GLY N 219 26.70 26.61 55.87
N ALA N 220 27.13 27.24 54.76
CA ALA N 220 26.18 27.85 53.83
C ALA N 220 25.50 26.74 53.03
N ALA N 221 24.18 26.81 52.87
CA ALA N 221 23.45 25.80 52.12
C ALA N 221 23.66 25.96 50.62
N LEU N 222 23.60 27.20 50.10
CA LEU N 222 23.80 27.47 48.69
C LEU N 222 24.82 28.61 48.49
N VAL N 223 25.63 28.51 47.42
CA VAL N 223 26.68 29.49 47.10
C VAL N 223 26.50 29.96 45.65
N LEU N 224 26.11 31.23 45.47
CA LEU N 224 25.87 31.82 44.14
C LEU N 224 27.14 32.46 43.61
N HIS N 225 27.34 32.36 42.28
CA HIS N 225 28.47 32.96 41.56
C HIS N 225 27.99 33.55 40.25
N SER N 226 28.30 34.83 40.00
CA SER N 226 28.02 35.42 38.70
C SER N 226 29.22 34.94 37.87
N ALA N 227 29.06 33.82 37.19
CA ALA N 227 30.15 33.23 36.41
C ALA N 227 30.70 34.16 35.34
N THR N 228 29.90 35.16 34.91
CA THR N 228 30.28 36.24 33.98
C THR N 228 31.62 36.88 34.42
N GLN N 229 31.81 37.02 35.75
CA GLN N 229 33.02 37.62 36.31
C GLN N 229 33.87 36.57 37.00
N TYR N 230 35.18 36.60 36.74
CA TYR N 230 36.21 35.71 37.30
C TYR N 230 36.16 34.27 36.79
N LEU N 231 35.01 33.57 36.88
CA LEU N 231 34.93 32.17 36.42
C LEU N 231 35.17 32.13 34.90
N GLY N 232 34.58 33.07 34.16
CA GLY N 232 34.83 33.21 32.73
C GLY N 232 36.19 33.86 32.54
N GLY N 233 36.36 35.00 33.20
CA GLY N 233 37.64 35.71 33.26
C GLY N 233 38.08 36.51 32.06
N HIS N 234 37.41 36.38 30.90
CA HIS N 234 37.79 37.11 29.70
C HIS N 234 36.69 38.04 29.16
N GLY N 235 35.65 38.30 29.95
CA GLY N 235 34.56 39.19 29.58
C GLY N 235 33.83 38.82 28.30
N ASP N 236 33.61 37.52 28.08
CA ASP N 236 32.97 37.04 26.86
C ASP N 236 32.02 35.85 27.09
N ALA N 237 31.58 35.61 28.33
CA ALA N 237 30.66 34.52 28.61
C ALA N 237 29.79 34.87 29.81
N MET N 238 28.50 35.10 29.57
CA MET N 238 27.55 35.38 30.65
C MET N 238 27.25 34.05 31.32
N GLY N 239 26.99 34.08 32.62
CA GLY N 239 26.66 32.87 33.35
C GLY N 239 26.35 33.08 34.80
N GLY N 240 25.65 32.11 35.38
CA GLY N 240 25.24 32.11 36.77
C GLY N 240 25.22 30.68 37.28
N ILE N 241 25.67 30.44 38.50
CA ILE N 241 25.74 29.07 39.03
C ILE N 241 25.63 29.05 40.55
N ILE N 242 24.92 28.05 41.10
CA ILE N 242 24.76 27.89 42.54
C ILE N 242 25.26 26.51 42.94
N ALA N 243 26.34 26.47 43.75
CA ALA N 243 26.88 25.22 44.28
C ALA N 243 26.11 24.96 45.57
N THR N 244 25.42 23.80 45.68
CA THR N 244 24.57 23.52 46.84
C THR N 244 24.34 22.00 47.08
N ASN N 245 23.65 21.64 48.18
CA ASN N 245 23.28 20.25 48.50
C ASN N 245 22.26 19.70 47.46
N ALA N 246 21.98 18.40 47.50
CA ALA N 246 21.05 17.76 46.57
C ALA N 246 19.59 18.27 46.65
N ASP N 247 19.10 18.62 47.85
CA ASP N 247 17.72 19.11 48.02
C ASP N 247 17.50 20.43 47.26
N TRP N 248 18.40 21.40 47.45
CA TRP N 248 18.28 22.69 46.78
C TRP N 248 18.59 22.59 45.30
N ALA N 249 19.52 21.69 44.90
CA ALA N 249 19.84 21.50 43.49
C ALA N 249 18.61 20.96 42.74
N MET N 250 17.85 20.05 43.37
CA MET N 250 16.63 19.50 42.80
C MET N 250 15.58 20.60 42.63
N ARG N 251 15.42 21.47 43.64
CA ARG N 251 14.47 22.58 43.57
C ARG N 251 14.85 23.58 42.48
N LEU N 252 16.15 23.88 42.35
CA LEU N 252 16.65 24.81 41.33
C LEU N 252 16.45 24.23 39.93
N ARG N 253 16.75 22.93 39.74
CA ARG N 253 16.55 22.28 38.45
C ARG N 253 15.08 22.17 38.09
N GLN N 254 14.18 21.99 39.08
CA GLN N 254 12.72 21.97 38.83
C GLN N 254 12.28 23.32 38.23
N VAL N 255 12.80 24.43 38.79
CA VAL N 255 12.49 25.78 38.31
C VAL N 255 13.11 25.97 36.93
N ARG N 256 14.37 25.55 36.75
CA ARG N 256 15.08 25.67 35.47
C ARG N 256 14.38 24.94 34.33
N ALA N 257 13.87 23.73 34.57
CA ALA N 257 13.21 22.94 33.54
C ALA N 257 11.90 23.57 33.04
N ILE N 258 11.22 24.40 33.87
CA ILE N 258 9.94 25.02 33.48
C ILE N 258 10.09 26.51 33.09
N THR N 259 11.02 27.27 33.70
CA THR N 259 11.24 28.68 33.36
C THR N 259 12.32 28.87 32.25
N GLY N 260 13.18 27.87 32.04
CA GLY N 260 14.16 27.85 30.96
C GLY N 260 15.18 28.96 30.80
N ALA N 261 15.81 29.43 31.89
CA ALA N 261 16.87 30.45 31.77
C ALA N 261 18.18 29.67 31.63
N LEU N 262 18.34 28.99 30.49
CA LEU N 262 19.46 28.08 30.25
C LEU N 262 20.76 28.74 29.84
N LEU N 263 21.86 28.09 30.23
CA LEU N 263 23.21 28.49 29.87
C LEU N 263 23.51 27.80 28.53
N HIS N 264 23.86 28.58 27.51
CA HIS N 264 24.10 28.05 26.16
C HIS N 264 25.32 27.09 26.16
N PRO N 265 25.33 25.99 25.37
CA PRO N 265 26.51 25.09 25.38
C PRO N 265 27.88 25.75 25.21
N MET N 266 27.98 26.84 24.40
CA MET N 266 29.25 27.55 24.22
C MET N 266 29.59 28.38 25.46
N GLY N 267 28.58 28.96 26.11
CA GLY N 267 28.78 29.71 27.34
C GLY N 267 29.33 28.81 28.43
N ALA N 268 28.77 27.60 28.56
CA ALA N 268 29.27 26.60 29.50
C ALA N 268 30.69 26.16 29.17
N TYR N 269 31.01 26.02 27.90
CA TYR N 269 32.35 25.64 27.45
C TYR N 269 33.40 26.67 27.87
N LEU N 270 33.12 27.97 27.66
CA LEU N 270 34.06 29.03 28.00
C LEU N 270 34.18 29.26 29.51
N LEU N 271 33.09 29.04 30.27
CA LEU N 271 33.14 29.20 31.72
C LEU N 271 33.92 28.04 32.35
N HIS N 272 33.74 26.82 31.82
CA HIS N 272 34.48 25.63 32.25
C HIS N 272 35.97 25.80 31.88
N ARG N 273 36.24 26.31 30.66
CA ARG N 273 37.58 26.62 30.15
C ARG N 273 38.27 27.65 31.05
N GLY N 274 37.51 28.65 31.50
CA GLY N 274 38.00 29.70 32.38
C GLY N 274 38.40 29.21 33.75
N LEU N 275 37.74 28.15 34.25
CA LEU N 275 38.09 27.57 35.55
C LEU N 275 39.51 26.98 35.55
N ARG N 276 40.04 26.55 34.39
CA ARG N 276 41.36 25.95 34.28
C ARG N 276 42.51 26.93 34.60
N THR N 277 42.28 28.24 34.38
CA THR N 277 43.24 29.30 34.66
C THR N 277 42.78 30.21 35.84
N LEU N 278 41.75 29.82 36.61
CA LEU N 278 41.23 30.65 37.69
C LEU N 278 42.23 30.91 38.82
N ALA N 279 43.01 29.91 39.24
CA ALA N 279 43.99 30.10 40.32
C ALA N 279 45.12 31.03 39.88
N VAL N 280 45.66 30.84 38.65
CA VAL N 280 46.77 31.68 38.19
C VAL N 280 46.32 33.11 37.90
N ARG N 281 45.06 33.31 37.45
CA ARG N 281 44.55 34.65 37.18
C ARG N 281 44.26 35.38 38.50
N MET N 282 43.61 34.70 39.45
CA MET N 282 43.28 35.30 40.74
C MET N 282 44.56 35.67 41.50
N ARG N 283 45.53 34.77 41.58
CA ARG N 283 46.79 35.04 42.28
C ARG N 283 47.55 36.21 41.68
N ALA N 284 47.55 36.36 40.35
CA ALA N 284 48.25 37.45 39.68
C ALA N 284 47.56 38.80 39.92
N ALA N 285 46.22 38.86 39.77
CA ALA N 285 45.45 40.09 39.96
C ALA N 285 45.43 40.51 41.43
N GLN N 286 45.42 39.56 42.36
CA GLN N 286 45.42 39.84 43.80
C GLN N 286 46.73 40.51 44.21
N THR N 287 47.86 40.03 43.66
CA THR N 287 49.18 40.59 43.95
C THR N 287 49.23 42.05 43.46
N THR N 288 48.73 42.30 42.24
CA THR N 288 48.69 43.64 41.66
C THR N 288 47.77 44.56 42.48
N ALA N 289 46.62 44.04 42.93
CA ALA N 289 45.66 44.82 43.72
C ALA N 289 46.17 45.20 45.11
N GLY N 290 46.86 44.29 45.79
CA GLY N 290 47.43 44.57 47.10
C GLY N 290 48.42 45.71 47.07
N GLU N 291 49.20 45.79 45.99
CA GLU N 291 50.18 46.86 45.78
C GLU N 291 49.49 48.16 45.35
N LEU N 292 48.48 48.08 44.48
CA LEU N 292 47.75 49.28 44.03
C LEU N 292 47.00 49.94 45.18
N ALA N 293 46.32 49.17 46.04
CA ALA N 293 45.59 49.72 47.18
C ALA N 293 46.49 50.55 48.11
N GLU N 294 47.76 50.15 48.25
CA GLU N 294 48.73 50.89 49.07
C GLU N 294 49.12 52.21 48.41
N ARG N 295 49.37 52.20 47.10
CA ARG N 295 49.75 53.41 46.36
C ARG N 295 48.58 54.40 46.30
N LEU N 296 47.37 53.90 46.10
CA LEU N 296 46.16 54.71 46.01
C LEU N 296 45.79 55.33 47.36
N ASP N 297 46.07 54.62 48.47
CA ASP N 297 45.81 55.15 49.81
C ASP N 297 46.72 56.35 50.08
N ALA N 298 47.98 56.31 49.60
CA ALA N 298 48.95 57.38 49.76
C ALA N 298 48.61 58.64 48.94
N HIS N 299 47.76 58.55 47.90
CA HIS N 299 47.43 59.71 47.08
C HIS N 299 46.54 60.71 47.86
N PRO N 300 46.78 62.04 47.76
CA PRO N 300 45.93 62.98 48.52
C PRO N 300 44.49 63.11 48.02
N ALA N 301 44.25 62.83 46.73
CA ALA N 301 42.92 62.91 46.15
C ALA N 301 41.95 61.87 46.73
N ILE N 302 42.47 60.72 47.21
CA ILE N 302 41.65 59.67 47.78
C ILE N 302 41.71 59.74 49.31
N SER N 303 40.54 59.82 49.95
CA SER N 303 40.45 59.89 51.41
C SER N 303 40.47 58.49 52.05
N VAL N 304 39.63 57.55 51.56
CA VAL N 304 39.51 56.20 52.10
C VAL N 304 39.71 55.17 50.99
N VAL N 305 40.48 54.10 51.25
CA VAL N 305 40.66 53.01 50.31
C VAL N 305 40.17 51.74 51.00
N HIS N 306 39.16 51.08 50.43
CA HIS N 306 38.60 49.85 50.94
C HIS N 306 39.28 48.68 50.25
N TYR N 307 40.02 47.88 51.00
CA TYR N 307 40.69 46.68 50.50
C TYR N 307 40.92 45.72 51.67
N PRO N 308 40.39 44.47 51.69
CA PRO N 308 40.58 43.60 52.88
C PRO N 308 42.03 43.41 53.36
N GLY N 309 42.97 43.28 52.42
CA GLY N 309 44.38 43.10 52.73
C GLY N 309 45.06 44.27 53.41
N LEU N 310 44.49 45.48 53.28
CA LEU N 310 45.05 46.69 53.90
C LEU N 310 44.87 46.63 55.43
N LYS N 311 45.81 47.26 56.16
CA LYS N 311 45.81 47.26 57.62
C LYS N 311 44.61 48.03 58.17
N GLY N 312 44.01 47.51 59.24
CA GLY N 312 42.85 48.11 59.87
C GLY N 312 41.52 47.70 59.26
N GLN N 313 41.53 47.28 57.98
CA GLN N 313 40.31 46.87 57.29
C GLN N 313 39.77 45.50 57.75
N ASP N 314 40.58 44.70 58.48
CA ASP N 314 40.15 43.38 58.93
C ASP N 314 40.20 43.31 60.47
N PRO N 315 39.22 43.88 61.21
CA PRO N 315 39.27 43.79 62.68
C PRO N 315 38.90 42.41 63.24
N ARG N 316 37.94 41.71 62.61
CA ARG N 316 37.49 40.40 63.09
C ARG N 316 38.41 39.22 62.76
N GLY N 317 39.50 39.46 62.04
CA GLY N 317 40.44 38.40 61.70
C GLY N 317 39.89 37.39 60.72
N LEU N 318 39.06 37.85 59.77
CA LEU N 318 38.47 36.99 58.75
C LEU N 318 39.48 36.61 57.66
N LEU N 319 40.57 37.37 57.49
CA LEU N 319 41.59 37.02 56.51
C LEU N 319 42.44 35.92 57.16
N GLY N 320 42.48 34.75 56.53
CA GLY N 320 43.16 33.56 57.03
C GLY N 320 42.13 32.53 57.47
N ARG N 321 41.22 32.96 58.35
CA ARG N 321 40.15 32.11 58.89
C ARG N 321 39.07 31.79 57.83
N GLN N 322 38.61 32.82 57.10
CA GLN N 322 37.55 32.72 56.09
C GLN N 322 38.07 32.96 54.66
N MET N 323 38.87 34.02 54.46
CA MET N 323 39.41 34.41 53.16
C MET N 323 40.91 34.17 53.09
N SER N 324 41.38 33.34 52.15
CA SER N 324 42.81 33.09 51.99
C SER N 324 43.49 34.16 51.09
N GLY N 325 43.04 35.39 51.15
CA GLY N 325 43.60 36.47 50.35
C GLY N 325 42.76 37.73 50.36
N GLY N 326 43.37 38.84 49.96
CA GLY N 326 42.72 40.14 49.93
C GLY N 326 41.77 40.39 48.77
N GLY N 327 41.92 39.62 47.69
CA GLY N 327 41.10 39.79 46.50
C GLY N 327 41.71 40.70 45.45
N ALA N 328 41.00 40.89 44.33
CA ALA N 328 41.44 41.74 43.23
C ALA N 328 40.45 42.87 42.94
N MET N 329 39.67 43.29 43.94
CA MET N 329 38.72 44.40 43.82
C MET N 329 39.13 45.47 44.82
N ILE N 330 39.07 46.76 44.41
CA ILE N 330 39.40 47.88 45.29
C ILE N 330 38.36 48.96 45.09
N ALA N 331 37.72 49.41 46.18
CA ALA N 331 36.79 50.52 46.15
C ALA N 331 37.42 51.69 46.93
N MET N 332 37.08 52.94 46.57
CA MET N 332 37.67 54.10 47.26
C MET N 332 36.72 55.29 47.31
N GLU N 333 36.84 56.09 48.38
CA GLU N 333 36.04 57.29 48.58
C GLU N 333 36.93 58.48 48.19
N LEU N 334 36.46 59.34 47.28
CA LEU N 334 37.23 60.50 46.83
C LEU N 334 37.01 61.66 47.79
N ALA N 335 38.05 62.49 47.98
CA ALA N 335 37.97 63.64 48.88
C ALA N 335 37.04 64.72 48.33
N GLY N 336 37.08 64.93 47.00
CA GLY N 336 36.24 65.93 46.35
C GLY N 336 34.80 65.53 46.06
N GLY N 337 34.37 64.39 46.58
CA GLY N 337 33.01 63.91 46.41
C GLY N 337 32.70 63.40 45.02
N PHE N 338 31.48 63.68 44.52
CA PHE N 338 31.03 63.22 43.21
C PHE N 338 31.87 63.78 42.06
N ASP N 339 32.20 65.08 42.06
CA ASP N 339 32.95 65.68 40.97
C ASP N 339 34.34 65.04 40.81
N ALA N 340 35.03 64.74 41.92
CA ALA N 340 36.35 64.10 41.86
C ALA N 340 36.22 62.65 41.36
N ALA N 341 35.18 61.94 41.83
CA ALA N 341 34.89 60.57 41.42
C ALA N 341 34.57 60.51 39.91
N ARG N 342 33.78 61.47 39.42
CA ARG N 342 33.40 61.58 38.01
C ARG N 342 34.63 61.87 37.15
N SER N 343 35.47 62.84 37.55
CA SER N 343 36.69 63.17 36.81
C SER N 343 37.71 62.01 36.80
N PHE N 344 37.82 61.25 37.89
CA PHE N 344 38.74 60.14 38.00
C PHE N 344 38.47 59.04 36.94
N VAL N 345 37.21 58.60 36.81
CA VAL N 345 36.88 57.57 35.83
C VAL N 345 36.93 58.11 34.39
N GLU N 346 36.58 59.39 34.17
CA GLU N 346 36.56 59.98 32.84
C GLU N 346 37.97 60.27 32.29
N HIS N 347 38.98 60.43 33.16
CA HIS N 347 40.37 60.66 32.72
C HIS N 347 41.22 59.38 32.64
N CYS N 348 40.63 58.20 32.85
CA CYS N 348 41.36 56.93 32.73
C CYS N 348 41.45 56.58 31.23
N ASN N 349 42.62 56.09 30.78
CA ASN N 349 42.83 55.71 29.38
C ASN N 349 43.07 54.19 29.26
N LEU N 350 44.10 53.66 29.94
CA LEU N 350 44.41 52.24 29.94
C LEU N 350 43.32 51.51 30.73
N VAL N 351 42.96 52.05 31.91
CA VAL N 351 41.88 51.49 32.73
C VAL N 351 40.59 51.96 32.04
N VAL N 352 39.68 51.04 31.75
CA VAL N 352 38.47 51.36 30.99
C VAL N 352 37.24 51.58 31.88
N HIS N 353 36.46 52.65 31.59
CA HIS N 353 35.24 52.96 32.33
C HIS N 353 34.12 52.03 31.83
N ALA N 354 33.86 50.96 32.57
CA ALA N 354 32.83 49.97 32.23
C ALA N 354 32.43 49.13 33.46
N VAL N 355 31.23 48.55 33.41
CA VAL N 355 30.75 47.66 34.48
C VAL N 355 31.40 46.24 34.30
N SER N 356 31.10 45.27 35.19
CA SER N 356 31.65 43.91 35.20
C SER N 356 33.03 43.89 35.88
N LEU N 357 33.51 42.71 36.25
CA LEU N 357 34.75 42.56 36.98
C LEU N 357 35.37 41.17 36.76
N GLY N 358 36.53 40.92 37.34
CA GLY N 358 37.23 39.65 37.23
C GLY N 358 37.85 39.32 35.88
N GLY N 359 37.87 40.29 34.97
CA GLY N 359 38.41 40.10 33.63
C GLY N 359 39.91 40.25 33.55
N ALA N 360 40.48 39.95 32.37
CA ALA N 360 41.91 40.09 32.12
C ALA N 360 42.38 41.55 32.16
N ASP N 361 41.47 42.51 31.89
CA ASP N 361 41.77 43.95 31.90
C ASP N 361 41.16 44.66 33.12
N THR N 362 41.75 45.80 33.49
CA THR N 362 41.34 46.59 34.63
C THR N 362 40.20 47.52 34.22
N LEU N 363 39.10 47.48 34.98
CA LEU N 363 37.92 48.31 34.73
C LEU N 363 37.62 49.18 35.94
N ILE N 364 36.92 50.29 35.70
CA ILE N 364 36.60 51.28 36.74
C ILE N 364 35.17 51.80 36.50
N GLN N 365 34.47 52.19 37.58
CA GLN N 365 33.11 52.69 37.44
C GLN N 365 32.61 53.42 38.69
N HIS N 366 31.51 54.17 38.54
CA HIS N 366 30.84 54.86 39.63
C HIS N 366 29.59 54.01 39.99
N PRO N 367 29.61 53.22 41.08
CA PRO N 367 28.46 52.35 41.36
C PRO N 367 27.10 53.03 41.52
N ALA N 368 27.03 54.19 42.18
CA ALA N 368 25.76 54.89 42.34
C ALA N 368 25.13 55.27 40.98
N SER N 369 25.97 55.53 39.96
CA SER N 369 25.50 55.87 38.62
C SER N 369 25.25 54.65 37.72
N LEU N 370 25.91 53.50 37.95
CA LEU N 370 25.73 52.33 37.10
C LEU N 370 25.26 51.04 37.86
N THR N 371 26.16 50.17 38.38
CA THR N 371 25.76 48.90 39.02
C THR N 371 24.60 49.05 40.02
N HIS N 372 24.74 50.00 40.95
CA HIS N 372 23.75 50.23 41.98
C HIS N 372 22.80 51.38 41.68
N ARG N 373 22.51 51.63 40.39
CA ARG N 373 21.57 52.67 40.00
C ARG N 373 20.11 52.25 40.35
N PRO N 374 19.65 50.98 40.16
CA PRO N 374 18.27 50.64 40.54
C PRO N 374 18.02 50.51 42.05
N VAL N 375 19.05 50.74 42.87
CA VAL N 375 18.94 50.63 44.34
C VAL N 375 18.22 51.87 44.87
N ALA N 376 17.46 51.71 45.97
CA ALA N 376 16.74 52.81 46.60
C ALA N 376 17.71 53.90 47.04
N ALA N 377 17.29 55.17 46.98
CA ALA N 377 18.14 56.31 47.35
C ALA N 377 18.79 56.16 48.74
N THR N 378 18.03 55.69 49.73
CA THR N 378 18.53 55.51 51.10
C THR N 378 19.64 54.45 51.18
N ALA N 379 19.53 53.39 50.37
CA ALA N 379 20.47 52.27 50.33
C ALA N 379 21.57 52.39 49.26
N LYS N 380 21.56 53.44 48.44
CA LYS N 380 22.55 53.59 47.38
C LYS N 380 23.97 53.81 47.94
N PRO N 381 25.07 53.37 47.29
CA PRO N 381 26.41 53.66 47.84
C PRO N 381 26.77 55.15 47.76
N GLY N 382 27.86 55.52 48.44
CA GLY N 382 28.33 56.90 48.47
C GLY N 382 28.57 57.50 47.11
N ASP N 383 28.29 58.80 46.97
CA ASP N 383 28.50 59.51 45.70
C ASP N 383 29.99 59.70 45.36
N GLY N 384 30.85 59.71 46.36
CA GLY N 384 32.28 59.80 46.15
C GLY N 384 32.97 58.45 45.96
N LEU N 385 32.23 57.32 46.01
CA LEU N 385 32.84 56.00 45.87
C LEU N 385 33.01 55.56 44.41
N ILE N 386 34.16 54.89 44.14
CA ILE N 386 34.53 54.35 42.83
C ILE N 386 35.00 52.90 43.01
N ARG N 387 34.42 51.96 42.25
CA ARG N 387 34.82 50.56 42.30
C ARG N 387 35.78 50.27 41.13
N LEU N 388 36.84 49.47 41.41
CA LEU N 388 37.88 49.11 40.44
C LEU N 388 38.12 47.60 40.47
N SER N 389 38.12 46.96 39.28
CA SER N 389 38.43 45.54 39.13
C SER N 389 39.84 45.45 38.59
N VAL N 390 40.77 44.86 39.36
CA VAL N 390 42.16 44.75 38.94
C VAL N 390 42.35 43.55 38.00
N GLY N 391 43.04 43.77 36.88
CA GLY N 391 43.30 42.75 35.86
C GLY N 391 44.69 42.17 35.93
N LEU N 392 45.19 41.67 34.78
CA LEU N 392 46.50 41.01 34.68
C LEU N 392 47.56 41.91 34.04
N GLU N 393 47.40 43.25 34.11
CA GLU N 393 48.40 44.16 33.55
C GLU N 393 49.49 44.46 34.58
N HIS N 394 50.62 45.04 34.14
CA HIS N 394 51.72 45.37 35.03
C HIS N 394 51.26 46.43 36.03
N VAL N 395 51.64 46.27 37.30
CA VAL N 395 51.28 47.18 38.38
C VAL N 395 51.70 48.63 38.10
N ASP N 396 52.89 48.85 37.54
CA ASP N 396 53.38 50.20 37.25
C ASP N 396 52.53 50.90 36.21
N ASP N 397 52.16 50.22 35.11
CA ASP N 397 51.33 50.82 34.07
C ASP N 397 49.92 51.17 34.57
N LEU N 398 49.36 50.38 35.50
CA LEU N 398 48.04 50.67 36.03
C LEU N 398 48.12 51.83 37.02
N ALA N 399 49.14 51.86 37.88
CA ALA N 399 49.31 52.94 38.84
C ALA N 399 49.57 54.26 38.11
N ASP N 400 50.41 54.25 37.06
CA ASP N 400 50.70 55.46 36.28
C ASP N 400 49.43 56.06 35.69
N ASP N 401 48.54 55.22 35.15
CA ASP N 401 47.29 55.67 34.55
C ASP N 401 46.29 56.18 35.60
N LEU N 402 46.16 55.47 36.73
CA LEU N 402 45.22 55.88 37.79
C LEU N 402 45.68 57.16 38.48
N ILE N 403 47.00 57.34 38.67
CA ILE N 403 47.54 58.55 39.30
C ILE N 403 47.32 59.75 38.36
N ALA N 404 47.61 59.58 37.05
CA ALA N 404 47.39 60.65 36.07
C ALA N 404 45.91 61.08 36.01
N ALA N 405 44.97 60.12 36.15
CA ALA N 405 43.54 60.41 36.14
C ALA N 405 43.13 61.23 37.37
N LEU N 406 43.73 60.95 38.54
CA LEU N 406 43.45 61.69 39.78
C LEU N 406 44.04 63.10 39.68
N ASP N 407 45.27 63.22 39.11
CA ASP N 407 45.94 64.50 38.93
C ASP N 407 45.27 65.40 37.87
N ALA N 408 44.39 64.84 37.00
CA ALA N 408 43.69 65.62 35.98
C ALA N 408 42.68 66.60 36.58
N SER N 409 42.06 66.26 37.72
CA SER N 409 41.09 67.14 38.38
C SER N 409 41.77 68.37 38.99
N THR O 22 55.45 50.56 23.28
CA THR O 22 56.84 50.97 23.51
C THR O 22 57.03 51.37 24.98
N SER O 23 56.18 52.27 25.48
CA SER O 23 56.26 52.74 26.87
C SER O 23 55.63 51.74 27.86
N LEU O 24 54.74 50.83 27.40
CA LEU O 24 54.08 49.87 28.28
C LEU O 24 54.89 48.57 28.41
N HIS O 25 54.71 47.89 29.56
CA HIS O 25 55.40 46.62 29.84
C HIS O 25 54.80 45.46 28.99
N PRO O 26 55.52 44.33 28.74
CA PRO O 26 54.91 43.25 27.95
C PRO O 26 53.67 42.60 28.56
N GLU O 27 53.55 42.63 29.91
CA GLU O 27 52.40 42.06 30.61
C GLU O 27 51.13 42.86 30.29
N THR O 28 51.26 44.19 30.18
CA THR O 28 50.14 45.09 29.82
C THR O 28 49.80 44.91 28.34
N LEU O 29 50.82 44.80 27.46
CA LEU O 29 50.62 44.66 26.01
C LEU O 29 49.99 43.32 25.62
N MET O 30 50.11 42.28 26.44
CA MET O 30 49.46 41.00 26.16
C MET O 30 47.93 41.12 26.36
N VAL O 31 47.50 41.91 27.35
CA VAL O 31 46.08 42.12 27.63
C VAL O 31 45.43 43.05 26.58
N HIS O 32 46.05 44.22 26.33
CA HIS O 32 45.51 45.24 25.44
C HIS O 32 46.00 45.22 23.98
N GLY O 33 46.87 44.27 23.61
CA GLY O 33 47.37 44.18 22.24
C GLY O 33 46.28 43.75 21.28
N GLY O 34 46.19 44.42 20.14
CA GLY O 34 45.17 44.14 19.13
C GLY O 34 43.76 44.51 19.52
N MET O 35 43.60 45.28 20.62
CA MET O 35 42.28 45.73 21.10
C MET O 35 42.10 47.23 20.81
N LYS O 36 42.65 47.72 19.70
CA LYS O 36 42.62 49.14 19.36
C LYS O 36 41.27 49.51 18.76
N GLY O 37 40.66 50.58 19.28
CA GLY O 37 39.37 51.04 18.78
C GLY O 37 38.15 50.35 19.34
N LEU O 38 38.32 49.27 20.12
CA LEU O 38 37.18 48.52 20.68
C LEU O 38 36.52 49.32 21.80
N THR O 39 37.31 49.87 22.72
CA THR O 39 36.78 50.70 23.80
C THR O 39 36.09 51.96 23.25
N GLU O 40 36.66 52.53 22.18
CA GLU O 40 36.12 53.72 21.52
C GLU O 40 34.79 53.41 20.80
N ALA O 41 34.58 52.15 20.36
CA ALA O 41 33.34 51.69 19.71
C ALA O 41 32.27 51.16 20.70
N GLY O 42 32.54 51.20 22.01
CA GLY O 42 31.60 50.73 23.03
C GLY O 42 31.47 49.23 23.16
N VAL O 43 32.56 48.48 22.91
CA VAL O 43 32.60 47.01 23.01
C VAL O 43 33.84 46.57 23.83
N HIS O 44 33.78 45.38 24.44
CA HIS O 44 34.86 44.88 25.31
C HIS O 44 35.88 43.98 24.59
N VAL O 45 35.39 42.98 23.84
CA VAL O 45 36.24 42.00 23.13
C VAL O 45 36.03 42.10 21.60
N PRO O 46 37.00 41.70 20.73
CA PRO O 46 36.75 41.81 19.29
C PRO O 46 35.65 40.88 18.82
N ALA O 47 34.82 41.34 17.89
CA ALA O 47 33.71 40.55 17.38
C ALA O 47 34.19 39.45 16.45
N ILE O 48 33.40 38.38 16.32
CA ILE O 48 33.71 37.25 15.44
C ILE O 48 32.86 37.42 14.19
N ASP O 49 33.45 37.97 13.12
CA ASP O 49 32.75 38.19 11.86
C ASP O 49 32.99 36.98 10.98
N LEU O 50 31.96 36.15 10.79
CA LEU O 50 32.07 34.95 9.96
C LEU O 50 31.93 35.22 8.45
N SER O 51 31.60 36.47 8.05
CA SER O 51 31.42 36.85 6.64
C SER O 51 32.51 36.34 5.72
N THR O 52 32.11 35.55 4.71
CA THR O 52 33.05 35.05 3.71
C THR O 52 33.34 36.16 2.71
N THR O 53 32.31 36.93 2.31
CA THR O 53 32.43 38.06 1.38
C THR O 53 32.24 39.37 2.14
N ASN O 54 32.73 40.46 1.54
CA ASN O 54 32.66 41.81 2.11
C ASN O 54 32.24 42.77 0.97
N PRO O 55 31.00 43.32 0.98
CA PRO O 55 30.59 44.21 -0.14
C PRO O 55 31.49 45.41 -0.43
N VAL O 56 31.48 45.85 -1.69
CA VAL O 56 32.29 46.98 -2.16
C VAL O 56 31.41 48.17 -2.53
N ASN O 57 31.92 49.40 -2.34
CA ASN O 57 31.16 50.61 -2.61
C ASN O 57 30.96 50.82 -4.11
N ASP O 58 32.01 50.58 -4.90
CA ASP O 58 31.95 50.70 -6.36
C ASP O 58 33.00 49.79 -7.04
N VAL O 59 32.99 49.73 -8.38
CA VAL O 59 33.89 48.87 -9.15
C VAL O 59 35.34 49.33 -8.98
N ALA O 60 35.58 50.65 -9.02
CA ALA O 60 36.93 51.20 -8.90
C ALA O 60 37.57 50.95 -7.52
N THR O 61 36.89 51.28 -6.41
CA THR O 61 37.46 51.07 -5.07
C THR O 61 37.55 49.59 -4.72
N GLY O 62 36.54 48.82 -5.11
CA GLY O 62 36.54 47.39 -4.88
C GLY O 62 37.67 46.67 -5.60
N GLY O 63 37.86 47.02 -6.86
CA GLY O 63 38.93 46.47 -7.67
C GLY O 63 40.31 46.83 -7.17
N ASP O 64 40.50 48.10 -6.77
CA ASP O 64 41.79 48.55 -6.24
C ASP O 64 42.07 47.87 -4.89
N SER O 65 41.05 47.69 -4.04
CA SER O 65 41.22 46.99 -2.76
C SER O 65 41.58 45.52 -3.00
N TYR O 66 40.94 44.88 -4.00
CA TYR O 66 41.24 43.50 -4.38
C TYR O 66 42.72 43.39 -4.77
N GLU O 67 43.20 44.26 -5.69
CA GLU O 67 44.58 44.23 -6.14
C GLU O 67 45.58 44.48 -5.01
N TRP O 68 45.31 45.50 -4.17
CA TRP O 68 46.17 45.83 -3.04
C TRP O 68 46.34 44.64 -2.09
N LEU O 69 45.25 43.95 -1.79
CA LEU O 69 45.32 42.81 -0.89
C LEU O 69 45.92 41.57 -1.55
N ALA O 70 45.50 41.23 -2.77
CA ALA O 70 46.01 40.06 -3.50
C ALA O 70 47.52 40.16 -3.70
N THR O 71 48.06 41.38 -3.87
CA THR O 71 49.51 41.59 -4.00
C THR O 71 50.23 41.63 -2.63
N GLY O 72 49.59 41.15 -1.57
CA GLY O 72 50.16 41.04 -0.23
C GLY O 72 50.17 42.26 0.66
N HIS O 73 49.37 43.29 0.38
CA HIS O 73 49.38 44.49 1.21
C HIS O 73 48.32 44.47 2.32
N THR O 74 48.56 45.28 3.36
CA THR O 74 47.67 45.43 4.52
C THR O 74 46.43 46.21 4.10
N LEU O 75 45.24 45.88 4.64
CA LEU O 75 44.02 46.58 4.31
C LEU O 75 44.10 48.05 4.69
N LYS O 76 43.67 48.93 3.78
CA LYS O 76 43.67 50.37 4.07
C LYS O 76 42.53 50.69 5.02
N ASP O 77 42.73 51.67 5.91
CA ASP O 77 41.68 52.05 6.86
C ASP O 77 40.54 52.68 6.06
N GLY O 78 39.33 52.17 6.24
CA GLY O 78 38.16 52.64 5.50
C GLY O 78 38.11 52.05 4.10
N ASP O 79 38.41 50.74 3.98
CA ASP O 79 38.41 50.00 2.71
C ASP O 79 37.77 48.63 2.94
N SER O 80 37.08 48.10 1.92
CA SER O 80 36.43 46.80 2.02
C SER O 80 37.43 45.68 1.99
N ALA O 81 37.23 44.66 2.83
CA ALA O 81 38.08 43.47 2.85
C ALA O 81 37.89 42.61 1.57
N VAL O 82 36.79 42.84 0.79
CA VAL O 82 36.41 42.18 -0.47
C VAL O 82 36.03 40.69 -0.28
N TYR O 83 36.97 39.89 0.24
CA TYR O 83 36.79 38.46 0.46
C TYR O 83 37.68 38.00 1.63
N GLN O 84 37.28 36.93 2.32
CA GLN O 84 38.02 36.42 3.47
C GLN O 84 39.41 35.90 3.13
N ARG O 85 39.58 35.33 1.92
CA ARG O 85 40.90 34.85 1.50
C ARG O 85 41.90 36.00 1.26
N LEU O 86 41.40 37.24 1.08
CA LEU O 86 42.22 38.44 0.90
C LEU O 86 42.46 39.11 2.27
N TRP O 87 41.41 39.25 3.11
CA TRP O 87 41.55 39.86 4.44
C TRP O 87 40.43 39.46 5.40
N GLN O 88 40.79 39.21 6.68
CA GLN O 88 39.85 38.89 7.75
C GLN O 88 40.15 39.86 8.94
N PRO O 89 39.18 40.63 9.49
CA PRO O 89 39.52 41.59 10.57
C PRO O 89 39.93 40.98 11.91
N GLY O 90 39.33 39.86 12.28
CA GLY O 90 39.67 39.17 13.53
C GLY O 90 41.06 38.58 13.49
N VAL O 91 41.44 38.04 12.32
CA VAL O 91 42.77 37.48 12.11
C VAL O 91 43.78 38.62 12.19
N ALA O 92 43.48 39.75 11.51
CA ALA O 92 44.31 40.96 11.52
C ALA O 92 44.58 41.49 12.93
N ARG O 93 43.60 41.41 13.84
CA ARG O 93 43.78 41.88 15.22
C ARG O 93 44.76 40.98 15.98
N PHE O 94 44.67 39.66 15.76
CA PHE O 94 45.60 38.68 16.34
C PHE O 94 47.01 38.89 15.76
N GLU O 95 47.10 39.20 14.48
CA GLU O 95 48.35 39.47 13.79
C GLU O 95 49.06 40.68 14.41
N THR O 96 48.35 41.82 14.59
CA THR O 96 48.95 43.02 15.18
C THR O 96 49.29 42.81 16.66
N ALA O 97 48.52 41.98 17.37
CA ALA O 97 48.78 41.71 18.78
C ALA O 97 50.11 40.98 18.96
N LEU O 98 50.37 39.90 18.19
CA LEU O 98 51.63 39.16 18.30
C LEU O 98 52.81 39.96 17.75
N ALA O 99 52.62 40.69 16.63
CA ALA O 99 53.70 41.51 16.06
C ALA O 99 54.25 42.51 17.08
N GLY O 100 53.36 43.09 17.89
CA GLY O 100 53.75 44.00 18.95
C GLY O 100 54.52 43.33 20.07
N LEU O 101 54.21 42.07 20.37
CA LEU O 101 54.88 41.30 21.42
C LEU O 101 56.28 40.88 20.97
N GLU O 102 56.42 40.44 19.71
CA GLU O 102 57.73 40.09 19.12
C GLU O 102 58.54 41.32 18.66
N HIS O 103 57.92 42.51 18.62
CA HIS O 103 58.52 43.76 18.18
C HIS O 103 58.88 43.72 16.68
N ALA O 104 57.99 43.08 15.89
CA ALA O 104 58.09 42.96 14.44
C ALA O 104 57.18 44.03 13.79
N GLU O 105 57.42 44.34 12.49
CA GLU O 105 56.61 45.35 11.80
C GLU O 105 55.19 44.83 11.60
N GLU O 106 55.07 43.61 11.06
CA GLU O 106 53.79 42.98 10.74
C GLU O 106 53.81 41.47 11.10
N ALA O 107 52.66 40.78 10.97
CA ALA O 107 52.56 39.33 11.19
C ALA O 107 51.49 38.75 10.28
N VAL O 108 51.67 37.48 9.85
CA VAL O 108 50.74 36.80 8.95
C VAL O 108 50.33 35.47 9.60
N ALA O 109 49.01 35.27 9.77
CA ALA O 109 48.46 34.08 10.42
C ALA O 109 47.82 33.11 9.43
N PHE O 110 47.96 31.80 9.73
CA PHE O 110 47.49 30.68 8.93
C PHE O 110 46.76 29.63 9.81
N ALA O 111 46.13 28.63 9.17
CA ALA O 111 45.38 27.58 9.85
C ALA O 111 46.18 26.81 10.90
N THR O 112 47.45 26.47 10.59
CA THR O 112 48.36 25.71 11.45
C THR O 112 49.81 26.23 11.35
N GLY O 113 50.69 25.81 12.26
CA GLY O 113 52.10 26.15 12.21
C GLY O 113 52.75 25.63 10.95
N MET O 114 52.30 24.45 10.46
CA MET O 114 52.80 23.87 9.22
C MET O 114 52.39 24.67 8.00
N ALA O 115 51.18 25.28 8.02
CA ALA O 115 50.74 26.14 6.93
C ALA O 115 51.59 27.40 6.84
N ALA O 116 52.02 27.93 7.99
CA ALA O 116 52.89 29.10 8.04
C ALA O 116 54.27 28.73 7.47
N MET O 117 54.82 27.56 7.87
CA MET O 117 56.10 27.05 7.35
C MET O 117 56.00 26.88 5.83
N THR O 118 54.90 26.27 5.36
CA THR O 118 54.61 26.03 3.94
C THR O 118 54.63 27.33 3.15
N ALA O 119 53.97 28.37 3.68
CA ALA O 119 53.92 29.67 3.03
C ALA O 119 55.30 30.32 2.94
N ALA O 120 56.10 30.24 4.02
CA ALA O 120 57.45 30.81 4.05
C ALA O 120 58.37 30.11 3.05
N LEU O 121 58.21 28.78 2.87
CA LEU O 121 59.02 28.03 1.94
C LEU O 121 58.60 28.35 0.52
N LEU O 122 57.28 28.40 0.27
CA LEU O 122 56.77 28.75 -1.07
C LEU O 122 57.16 30.18 -1.46
N ALA O 123 57.22 31.11 -0.49
CA ALA O 123 57.64 32.49 -0.74
C ALA O 123 59.09 32.54 -1.19
N ALA O 124 59.95 31.71 -0.57
CA ALA O 124 61.36 31.63 -0.94
C ALA O 124 61.55 30.98 -2.33
N VAL O 125 60.80 29.90 -2.61
CA VAL O 125 60.88 29.21 -3.90
C VAL O 125 60.41 30.16 -5.01
N SER O 126 59.29 30.88 -4.78
CA SER O 126 58.73 31.85 -5.74
C SER O 126 59.71 32.98 -6.03
N ALA O 127 60.48 33.43 -5.03
CA ALA O 127 61.48 34.49 -5.20
C ALA O 127 62.72 34.07 -6.03
N GLY O 128 62.88 32.77 -6.28
CA GLY O 128 64.02 32.23 -7.00
C GLY O 128 65.16 31.80 -6.09
N THR O 129 64.83 31.50 -4.80
CA THR O 129 65.79 31.07 -3.78
C THR O 129 65.20 29.82 -3.07
N PRO O 130 65.13 28.66 -3.76
CA PRO O 130 64.53 27.48 -3.14
C PRO O 130 65.40 26.73 -2.13
N HIS O 131 66.72 27.03 -2.07
CA HIS O 131 67.62 26.34 -1.15
C HIS O 131 67.46 26.88 0.26
N ILE O 132 67.43 25.98 1.24
CA ILE O 132 67.19 26.30 2.64
C ILE O 132 68.28 25.66 3.48
N VAL O 133 68.96 26.43 4.33
CA VAL O 133 69.94 25.89 5.25
C VAL O 133 69.18 25.72 6.57
N ALA O 134 69.17 24.52 7.16
CA ALA O 134 68.43 24.28 8.39
C ALA O 134 69.29 23.59 9.43
N VAL O 135 69.06 23.91 10.72
CA VAL O 135 69.82 23.33 11.83
C VAL O 135 68.91 22.43 12.67
N ARG O 136 69.30 21.16 12.82
CA ARG O 136 68.54 20.19 13.62
C ARG O 136 68.95 20.25 15.10
N PRO O 137 68.10 19.83 16.08
CA PRO O 137 66.73 19.30 15.94
C PRO O 137 65.65 20.36 15.63
N LEU O 138 64.64 19.93 14.87
CA LEU O 138 63.48 20.73 14.50
C LEU O 138 62.24 19.84 14.73
N TYR O 139 61.02 20.42 14.74
CA TYR O 139 59.79 19.63 14.88
C TYR O 139 59.70 18.64 13.69
N GLY O 140 59.28 17.40 13.97
CA GLY O 140 59.15 16.33 12.99
C GLY O 140 58.59 16.71 11.64
N GLY O 141 57.51 17.48 11.64
CA GLY O 141 56.86 17.96 10.44
C GLY O 141 57.71 18.96 9.69
N SER O 142 58.30 19.94 10.40
CA SER O 142 59.19 20.93 9.78
C SER O 142 60.40 20.22 9.15
N ASP O 143 60.93 19.22 9.85
CA ASP O 143 62.07 18.41 9.40
C ASP O 143 61.69 17.59 8.15
N HIS O 144 60.53 16.89 8.19
CA HIS O 144 60.06 16.06 7.10
C HIS O 144 59.68 16.86 5.84
N LEU O 145 59.05 18.04 6.02
CA LEU O 145 58.67 18.90 4.89
C LEU O 145 59.90 19.39 4.12
N LEU O 146 61.01 19.64 4.83
CA LEU O 146 62.26 20.06 4.18
C LEU O 146 62.95 18.85 3.52
N GLU O 147 63.02 17.70 4.23
CA GLU O 147 63.63 16.47 3.69
C GLU O 147 62.97 16.02 2.38
N THR O 148 61.63 15.97 2.34
CA THR O 148 60.90 15.52 1.16
C THR O 148 61.01 16.51 -0.01
N GLY O 149 61.10 17.81 0.29
CA GLY O 149 61.17 18.83 -0.74
C GLY O 149 59.89 18.92 -1.54
N LEU O 150 58.74 18.75 -0.86
CA LEU O 150 57.41 18.76 -1.47
C LEU O 150 57.13 20.06 -2.20
N LEU O 151 57.55 21.19 -1.62
CA LEU O 151 57.27 22.53 -2.16
C LEU O 151 58.37 23.04 -3.10
N GLY O 152 59.16 22.16 -3.69
CA GLY O 152 60.24 22.53 -4.59
C GLY O 152 61.47 23.10 -3.90
N THR O 153 61.70 22.72 -2.63
CA THR O 153 62.86 23.19 -1.87
C THR O 153 63.95 22.13 -1.81
N THR O 154 65.20 22.58 -1.71
CA THR O 154 66.37 21.74 -1.49
C THR O 154 66.90 22.15 -0.11
N VAL O 155 67.36 21.19 0.69
CA VAL O 155 67.83 21.49 2.06
C VAL O 155 69.25 20.99 2.29
N THR O 156 69.99 21.73 3.13
CA THR O 156 71.35 21.42 3.53
C THR O 156 71.34 21.43 5.05
N TRP O 157 71.36 20.25 5.67
CA TRP O 157 71.35 20.13 7.13
C TRP O 157 72.74 20.49 7.63
N ALA O 158 72.83 21.59 8.40
CA ALA O 158 74.09 22.08 8.91
C ALA O 158 74.08 22.26 10.43
N LYS O 159 75.25 22.14 11.05
CA LYS O 159 75.40 22.39 12.48
C LYS O 159 75.46 23.92 12.69
N GLU O 160 75.19 24.37 13.93
CA GLU O 160 75.19 25.79 14.27
C GLU O 160 76.46 26.53 13.82
N ALA O 161 77.65 25.94 14.04
CA ALA O 161 78.91 26.56 13.66
C ALA O 161 79.15 26.56 12.14
N ASP O 162 78.62 25.57 11.40
CA ASP O 162 78.83 25.44 9.96
C ASP O 162 77.70 26.05 9.10
N ILE O 163 77.05 27.13 9.57
CA ILE O 163 75.97 27.77 8.80
C ILE O 163 76.54 28.54 7.60
N ALA O 164 77.52 29.42 7.85
CA ALA O 164 78.15 30.24 6.81
C ALA O 164 78.63 29.42 5.60
N SER O 165 79.27 28.26 5.84
CA SER O 165 79.77 27.40 4.78
C SER O 165 78.65 26.71 3.99
N ALA O 166 77.57 26.31 4.66
CA ALA O 166 76.43 25.66 4.03
C ALA O 166 75.62 26.57 3.10
N ILE O 167 75.75 27.89 3.23
CA ILE O 167 74.98 28.84 2.43
C ILE O 167 75.49 28.88 0.98
N GLN O 168 74.54 28.81 0.02
CA GLN O 168 74.76 28.85 -1.42
C GLN O 168 74.14 30.15 -1.98
N ASP O 169 74.44 30.48 -3.25
CA ASP O 169 73.82 31.63 -3.90
C ASP O 169 72.28 31.44 -4.02
N ASP O 170 71.81 30.18 -4.02
CA ASP O 170 70.40 29.79 -4.13
C ASP O 170 69.67 29.81 -2.77
N THR O 171 70.35 30.10 -1.64
CA THR O 171 69.68 30.06 -0.33
C THR O 171 68.73 31.25 -0.12
N GLY O 172 67.49 30.93 0.27
CA GLY O 172 66.44 31.90 0.58
C GLY O 172 66.23 32.06 2.07
N LEU O 173 66.50 31.03 2.89
CA LEU O 173 66.30 31.11 4.35
C LEU O 173 67.22 30.20 5.17
N VAL O 174 67.45 30.60 6.44
CA VAL O 174 68.19 29.83 7.44
C VAL O 174 67.15 29.50 8.49
N ILE O 175 66.77 28.23 8.65
CA ILE O 175 65.76 27.83 9.63
C ILE O 175 66.41 27.26 10.88
N VAL O 176 66.12 27.88 12.05
CA VAL O 176 66.62 27.45 13.36
C VAL O 176 65.48 27.41 14.39
N GLU O 177 65.68 26.68 15.50
CA GLU O 177 64.70 26.58 16.57
C GLU O 177 65.43 26.41 17.90
N THR O 178 65.08 27.22 18.91
CA THR O 178 65.72 27.16 20.23
C THR O 178 64.74 27.57 21.36
N PRO O 179 64.50 26.73 22.40
CA PRO O 179 64.98 25.35 22.60
C PRO O 179 64.39 24.43 21.53
N ALA O 180 65.21 23.50 21.00
CA ALA O 180 64.77 22.61 19.93
C ALA O 180 63.73 21.60 20.40
N ASN O 181 62.88 21.14 19.46
CA ASN O 181 61.86 20.14 19.74
C ASN O 181 62.46 18.78 19.32
N PRO O 182 62.64 17.76 20.19
CA PRO O 182 62.24 17.63 21.62
C PRO O 182 63.30 17.85 22.71
N SER O 183 64.58 17.61 22.40
CA SER O 183 65.71 17.63 23.36
C SER O 183 66.08 19.01 23.97
N LEU O 184 65.43 20.10 23.55
CA LEU O 184 65.67 21.46 24.07
C LEU O 184 67.10 21.95 23.86
N ASP O 185 67.67 21.65 22.68
CA ASP O 185 69.00 22.11 22.31
C ASP O 185 68.93 23.61 22.07
N LEU O 186 69.88 24.36 22.65
CA LEU O 186 69.89 25.82 22.52
C LEU O 186 70.81 26.27 21.39
N VAL O 187 70.46 27.40 20.75
CA VAL O 187 71.19 27.96 19.63
C VAL O 187 71.43 29.46 19.90
N ASP O 188 72.67 29.94 19.74
CA ASP O 188 72.99 31.36 19.92
C ASP O 188 72.50 32.10 18.68
N LEU O 189 71.43 32.89 18.83
CA LEU O 189 70.82 33.60 17.71
C LEU O 189 71.71 34.73 17.17
N ASP O 190 72.52 35.37 18.04
CA ASP O 190 73.43 36.43 17.59
C ASP O 190 74.48 35.84 16.63
N SER O 191 75.00 34.65 16.94
CA SER O 191 75.99 33.96 16.11
C SER O 191 75.39 33.47 14.80
N VAL O 192 74.14 32.97 14.82
CA VAL O 192 73.48 32.47 13.62
C VAL O 192 73.23 33.63 12.64
N VAL O 193 72.74 34.77 13.14
CA VAL O 193 72.49 35.94 12.31
C VAL O 193 73.80 36.43 11.69
N SER O 194 74.88 36.46 12.48
CA SER O 194 76.20 36.86 11.99
C SER O 194 76.68 35.92 10.86
N ALA O 195 76.51 34.60 11.05
CA ALA O 195 76.92 33.61 10.04
C ALA O 195 76.06 33.66 8.77
N ALA O 196 74.76 33.98 8.89
CA ALA O 196 73.86 34.05 7.75
C ALA O 196 74.16 35.24 6.83
N GLY O 197 74.46 36.39 7.42
CA GLY O 197 74.77 37.60 6.66
C GLY O 197 73.57 38.15 5.94
N ASN O 198 73.63 38.14 4.60
CA ASN O 198 72.55 38.65 3.75
C ASN O 198 71.32 37.72 3.70
N VAL O 199 71.45 36.45 4.12
CA VAL O 199 70.34 35.51 4.06
C VAL O 199 69.41 35.76 5.26
N PRO O 200 68.08 35.92 5.07
CA PRO O 200 67.19 36.09 6.24
C PRO O 200 67.12 34.84 7.10
N VAL O 201 66.97 35.01 8.42
CA VAL O 201 66.91 33.91 9.40
C VAL O 201 65.50 33.76 9.92
N LEU O 202 64.96 32.53 9.86
CA LEU O 202 63.66 32.18 10.40
C LEU O 202 63.88 31.41 11.69
N VAL O 203 63.39 31.95 12.81
CA VAL O 203 63.53 31.34 14.13
C VAL O 203 62.15 30.87 14.58
N ASP O 204 62.03 29.58 14.92
CA ASP O 204 60.78 29.02 15.40
C ASP O 204 60.75 29.19 16.93
N ASN O 205 60.07 30.26 17.39
CA ASN O 205 59.98 30.64 18.80
C ASN O 205 58.72 30.09 19.50
N THR O 206 58.27 28.88 19.14
CA THR O 206 57.07 28.28 19.74
C THR O 206 57.28 27.96 21.24
N PHE O 207 58.40 27.28 21.56
CA PHE O 207 58.69 26.83 22.92
C PHE O 207 58.93 27.99 23.90
N CYS O 208 59.71 29.00 23.49
CA CYS O 208 60.03 30.14 24.35
C CYS O 208 58.87 31.13 24.48
N THR O 209 58.17 31.43 23.35
CA THR O 209 57.09 32.43 23.27
C THR O 209 57.65 33.87 23.39
N PRO O 210 56.92 34.95 22.98
CA PRO O 210 57.48 36.30 23.15
C PRO O 210 57.72 36.72 24.61
N VAL O 211 57.27 35.91 25.59
CA VAL O 211 57.45 36.20 27.01
C VAL O 211 58.93 36.01 27.37
N LEU O 212 59.54 34.91 26.88
CA LEU O 212 60.91 34.54 27.21
C LEU O 212 61.99 34.92 26.18
N GLN O 213 61.68 34.86 24.87
CA GLN O 213 62.69 35.14 23.84
C GLN O 213 62.14 36.07 22.77
N GLN O 214 62.97 36.98 22.27
CA GLN O 214 62.59 37.96 21.25
C GLN O 214 63.62 37.82 20.08
N PRO O 215 63.47 36.84 19.16
CA PRO O 215 64.46 36.71 18.08
C PRO O 215 64.64 37.92 17.17
N ILE O 216 63.60 38.78 17.02
CA ILE O 216 63.67 39.99 16.18
C ILE O 216 64.81 40.90 16.68
N SER O 217 64.97 41.05 18.01
CA SER O 217 66.03 41.86 18.60
C SER O 217 67.44 41.35 18.25
N HIS O 218 67.60 40.03 18.10
CA HIS O 218 68.89 39.43 17.70
C HIS O 218 69.19 39.56 16.18
N GLY O 219 68.20 40.00 15.39
CA GLY O 219 68.33 40.21 13.95
C GLY O 219 67.65 39.17 13.07
N ALA O 220 66.69 38.40 13.62
CA ALA O 220 65.96 37.42 12.82
C ALA O 220 64.98 38.16 11.92
N ALA O 221 64.88 37.78 10.65
CA ALA O 221 63.97 38.42 9.72
C ALA O 221 62.53 37.98 9.96
N LEU O 222 62.31 36.67 10.17
CA LEU O 222 60.97 36.12 10.43
C LEU O 222 60.98 35.22 11.67
N VAL O 223 59.89 35.24 12.45
CA VAL O 223 59.73 34.46 13.68
C VAL O 223 58.44 33.65 13.61
N LEU O 224 58.55 32.33 13.49
CA LEU O 224 57.40 31.42 13.40
C LEU O 224 56.97 30.94 14.78
N HIS O 225 55.65 30.78 14.96
CA HIS O 225 55.04 30.25 16.18
C HIS O 225 53.95 29.29 15.80
N SER O 226 53.91 28.11 16.42
CA SER O 226 52.78 27.21 16.29
C SER O 226 51.83 27.73 17.36
N ALA O 227 50.91 28.63 16.96
CA ALA O 227 49.96 29.24 17.90
C ALA O 227 49.09 28.23 18.63
N THR O 228 48.89 27.04 18.03
CA THR O 228 48.21 25.88 18.62
C THR O 228 48.70 25.60 20.07
N GLN O 229 50.00 25.86 20.33
CA GLN O 229 50.66 25.64 21.62
C GLN O 229 51.04 26.99 22.24
N TYR O 230 50.77 27.15 23.54
CA TYR O 230 51.09 28.34 24.34
C TYR O 230 50.28 29.59 23.99
N LEU O 231 50.28 30.04 22.71
CA LEU O 231 49.52 31.25 22.34
C LEU O 231 48.03 31.00 22.57
N GLY O 232 47.53 29.83 22.19
CA GLY O 232 46.16 29.42 22.47
C GLY O 232 46.06 29.05 23.94
N GLY O 233 46.94 28.15 24.36
CA GLY O 233 47.10 27.75 25.75
C GLY O 233 46.08 26.81 26.36
N HIS O 234 44.95 26.56 25.68
CA HIS O 234 43.90 25.67 26.21
C HIS O 234 43.63 24.43 25.34
N GLY O 235 44.50 24.13 24.38
CA GLY O 235 44.38 22.97 23.51
C GLY O 235 43.08 22.89 22.73
N ASP O 236 42.60 24.03 22.24
CA ASP O 236 41.34 24.10 21.51
C ASP O 236 41.34 25.07 20.32
N ALA O 237 42.53 25.48 19.83
CA ALA O 237 42.61 26.38 18.71
C ALA O 237 43.90 26.13 17.93
N MET O 238 43.78 25.57 16.72
CA MET O 238 44.95 25.36 15.86
C MET O 238 45.33 26.71 15.26
N GLY O 239 46.60 26.92 15.02
CA GLY O 239 47.07 28.18 14.43
C GLY O 239 48.54 28.22 14.16
N GLY O 240 48.93 29.13 13.28
CA GLY O 240 50.31 29.36 12.87
C GLY O 240 50.48 30.82 12.54
N ILE O 241 51.61 31.42 12.91
CA ILE O 241 51.81 32.86 12.70
C ILE O 241 53.31 33.20 12.59
N ILE O 242 53.66 34.12 11.66
CA ILE O 242 55.03 34.56 11.46
C ILE O 242 55.10 36.07 11.68
N ALA O 243 55.83 36.51 12.71
CA ALA O 243 56.05 37.94 12.98
C ALA O 243 57.29 38.31 12.16
N THR O 244 57.17 39.30 11.25
CA THR O 244 58.28 39.65 10.34
C THR O 244 58.19 41.11 9.80
N ASN O 245 59.22 41.54 9.04
CA ASN O 245 59.24 42.85 8.38
C ASN O 245 58.15 42.93 7.27
N ALA O 246 57.91 44.13 6.71
CA ALA O 246 56.91 44.33 5.68
C ALA O 246 57.16 43.56 4.37
N ASP O 247 58.44 43.39 3.96
CA ASP O 247 58.76 42.68 2.71
C ASP O 247 58.33 41.21 2.78
N TRP O 248 58.69 40.50 3.86
CA TRP O 248 58.32 39.10 4.02
C TRP O 248 56.83 38.94 4.31
N ALA O 249 56.21 39.90 5.02
CA ALA O 249 54.78 39.83 5.30
C ALA O 249 53.99 39.91 3.99
N MET O 250 54.44 40.77 3.05
CA MET O 250 53.81 40.91 1.74
C MET O 250 53.93 39.61 0.96
N ARG O 251 55.10 38.97 0.98
CA ARG O 251 55.33 37.70 0.29
C ARG O 251 54.47 36.58 0.88
N LEU O 252 54.35 36.52 2.22
CA LEU O 252 53.54 35.52 2.89
C LEU O 252 52.07 35.71 2.59
N ARG O 253 51.59 36.97 2.57
CA ARG O 253 50.20 37.28 2.26
C ARG O 253 49.88 36.98 0.79
N GLN O 254 50.85 37.17 -0.14
CA GLN O 254 50.68 36.84 -1.56
C GLN O 254 50.41 35.34 -1.70
N VAL O 255 51.14 34.51 -0.94
CA VAL O 255 50.98 33.06 -0.95
C VAL O 255 49.65 32.68 -0.30
N ARG O 256 49.31 33.32 0.83
CA ARG O 256 48.07 33.06 1.56
C ARG O 256 46.82 33.35 0.73
N ALA O 257 46.83 34.46 -0.02
CA ALA O 257 45.68 34.84 -0.85
C ALA O 257 45.39 33.84 -1.97
N ILE O 258 46.41 33.09 -2.45
CA ILE O 258 46.22 32.15 -3.57
C ILE O 258 46.17 30.68 -3.09
N THR O 259 46.90 30.29 -2.02
CA THR O 259 46.86 28.92 -1.49
C THR O 259 45.78 28.72 -0.40
N GLY O 260 45.30 29.81 0.21
CA GLY O 260 44.20 29.80 1.18
C GLY O 260 44.23 28.90 2.39
N ALA O 261 45.36 28.83 3.11
CA ALA O 261 45.43 28.06 4.36
C ALA O 261 45.06 29.04 5.48
N LEU O 262 43.80 29.46 5.50
CA LEU O 262 43.31 30.51 6.39
C LEU O 262 43.01 30.08 7.80
N LEU O 263 43.19 31.02 8.73
CA LEU O 263 42.87 30.83 10.14
C LEU O 263 41.40 31.24 10.27
N HIS O 264 40.56 30.35 10.80
CA HIS O 264 39.12 30.61 10.93
C HIS O 264 38.86 31.78 11.90
N PRO O 265 37.85 32.66 11.68
CA PRO O 265 37.61 33.75 12.64
C PRO O 265 37.51 33.39 14.11
N MET O 266 36.96 32.20 14.45
CA MET O 266 36.88 31.76 15.85
C MET O 266 38.26 31.31 16.35
N GLY O 267 39.05 30.69 15.49
CA GLY O 267 40.42 30.30 15.83
C GLY O 267 41.26 31.51 16.18
N ALA O 268 41.14 32.58 15.37
CA ALA O 268 41.83 33.84 15.63
C ALA O 268 41.35 34.49 16.92
N TYR O 269 40.06 34.40 17.21
CA TYR O 269 39.48 34.95 18.43
C TYR O 269 40.07 34.27 19.68
N LEU O 270 40.15 32.94 19.69
CA LEU O 270 40.68 32.21 20.84
C LEU O 270 42.18 32.34 21.00
N LEU O 271 42.92 32.50 19.89
CA LEU O 271 44.38 32.66 19.96
C LEU O 271 44.71 34.07 20.47
N HIS O 272 43.94 35.09 20.03
CA HIS O 272 44.07 36.47 20.50
C HIS O 272 43.68 36.53 21.99
N ARG O 273 42.60 35.84 22.36
CA ARG O 273 42.09 35.71 23.75
C ARG O 273 43.17 35.07 24.64
N GLY O 274 43.85 34.05 24.11
CA GLY O 274 44.91 33.36 24.82
C GLY O 274 46.12 34.21 25.10
N LEU O 275 46.41 35.19 24.22
CA LEU O 275 47.53 36.10 24.44
C LEU O 275 47.35 36.96 25.70
N ARG O 276 46.09 37.22 26.12
CA ARG O 276 45.80 38.06 27.29
C ARG O 276 46.27 37.43 28.60
N THR O 277 46.35 36.09 28.66
CA THR O 277 46.81 35.34 29.83
C THR O 277 48.18 34.65 29.60
N LEU O 278 48.89 34.97 28.50
CA LEU O 278 50.16 34.31 28.16
C LEU O 278 51.27 34.52 29.20
N ALA O 279 51.42 35.73 29.73
CA ALA O 279 52.47 35.99 30.74
C ALA O 279 52.18 35.25 32.04
N VAL O 280 50.93 35.27 32.52
CA VAL O 280 50.60 34.61 33.79
C VAL O 280 50.64 33.08 33.65
N ARG O 281 50.31 32.53 32.47
CA ARG O 281 50.37 31.08 32.25
C ARG O 281 51.82 30.61 32.12
N MET O 282 52.64 31.34 31.35
CA MET O 282 54.04 30.98 31.15
C MET O 282 54.80 31.06 32.48
N ARG O 283 54.63 32.16 33.24
CA ARG O 283 55.32 32.32 34.53
C ARG O 283 54.95 31.22 35.52
N ALA O 284 53.67 30.78 35.55
CA ALA O 284 53.23 29.74 36.47
C ALA O 284 53.78 28.36 36.07
N ALA O 285 53.71 27.99 34.78
CA ALA O 285 54.20 26.71 34.30
C ALA O 285 55.72 26.62 34.36
N GLN O 286 56.43 27.74 34.14
CA GLN O 286 57.90 27.79 34.21
C GLN O 286 58.37 27.52 35.65
N THR O 287 57.68 28.09 36.64
CA THR O 287 58.01 27.89 38.06
C THR O 287 57.84 26.41 38.42
N THR O 288 56.70 25.81 38.00
CA THR O 288 56.40 24.39 38.23
C THR O 288 57.45 23.51 37.55
N ALA O 289 57.88 23.87 36.32
CA ALA O 289 58.87 23.11 35.56
C ALA O 289 60.29 23.21 36.13
N GLY O 290 60.67 24.37 36.63
CA GLY O 290 61.99 24.55 37.22
C GLY O 290 62.22 23.68 38.44
N GLU O 291 61.14 23.42 39.19
CA GLU O 291 61.13 22.57 40.37
C GLU O 291 61.03 21.09 39.98
N LEU O 292 60.20 20.75 38.97
CA LEU O 292 60.06 19.36 38.52
C LEU O 292 61.38 18.83 37.94
N ALA O 293 62.07 19.62 37.10
CA ALA O 293 63.34 19.19 36.50
C ALA O 293 64.38 18.81 37.56
N GLU O 294 64.37 19.47 38.72
CA GLU O 294 65.29 19.17 39.82
C GLU O 294 64.92 17.84 40.48
N ARG O 295 63.62 17.60 40.73
CA ARG O 295 63.15 16.38 41.36
C ARG O 295 63.36 15.17 40.45
N LEU O 296 63.11 15.36 39.14
CA LEU O 296 63.26 14.31 38.14
C LEU O 296 64.73 13.95 37.90
N ASP O 297 65.64 14.93 38.03
CA ASP O 297 67.08 14.66 37.89
C ASP O 297 67.56 13.77 39.04
N ALA O 298 67.02 13.98 40.25
CA ALA O 298 67.37 13.19 41.42
C ALA O 298 66.87 11.73 41.37
N HIS O 299 65.86 11.42 40.52
CA HIS O 299 65.33 10.07 40.46
C HIS O 299 66.33 9.11 39.79
N PRO O 300 66.51 7.86 40.31
CA PRO O 300 67.47 6.96 39.68
C PRO O 300 67.09 6.42 38.32
N ALA O 301 65.79 6.34 38.02
CA ALA O 301 65.31 5.86 36.74
C ALA O 301 65.70 6.78 35.58
N ILE O 302 65.89 8.08 35.83
CA ILE O 302 66.28 9.04 34.80
C ILE O 302 67.77 9.32 34.87
N SER O 303 68.48 9.14 33.76
CA SER O 303 69.92 9.38 33.68
C SER O 303 70.23 10.86 33.40
N VAL O 304 69.59 11.46 32.37
CA VAL O 304 69.84 12.85 31.96
C VAL O 304 68.51 13.61 31.93
N VAL O 305 68.50 14.85 32.45
CA VAL O 305 67.32 15.73 32.40
C VAL O 305 67.75 16.98 31.64
N HIS O 306 67.10 17.25 30.51
CA HIS O 306 67.36 18.42 29.69
C HIS O 306 66.39 19.53 30.11
N TYR O 307 66.91 20.62 30.65
CA TYR O 307 66.11 21.79 31.03
C TYR O 307 67.06 23.00 31.05
N PRO O 308 66.84 24.08 30.27
CA PRO O 308 67.80 25.20 30.27
C PRO O 308 68.16 25.80 31.64
N GLY O 309 67.19 25.91 32.53
CA GLY O 309 67.40 26.46 33.87
C GLY O 309 68.29 25.63 34.79
N LEU O 310 68.45 24.33 34.49
CA LEU O 310 69.29 23.45 35.30
C LEU O 310 70.76 23.79 35.10
N LYS O 311 71.58 23.51 36.12
CA LYS O 311 73.00 23.81 36.11
C LYS O 311 73.72 22.96 35.06
N GLY O 312 74.71 23.57 34.41
CA GLY O 312 75.51 22.89 33.40
C GLY O 312 74.86 22.88 32.02
N GLN O 313 73.53 23.01 31.94
CA GLN O 313 72.82 23.00 30.66
C GLN O 313 73.00 24.28 29.85
N ASP O 314 73.50 25.37 30.46
CA ASP O 314 73.68 26.65 29.77
C ASP O 314 75.16 27.07 29.79
N PRO O 315 76.05 26.48 28.95
CA PRO O 315 77.46 26.90 28.98
C PRO O 315 77.73 28.26 28.32
N ARG O 316 77.01 28.59 27.24
CA ARG O 316 77.21 29.85 26.51
C ARG O 316 76.59 31.09 27.17
N GLY O 317 75.89 30.93 28.30
CA GLY O 317 75.29 32.06 28.98
C GLY O 317 74.14 32.70 28.23
N LEU O 318 73.35 31.87 27.52
CA LEU O 318 72.20 32.35 26.76
C LEU O 318 71.01 32.68 27.67
N LEU O 319 70.95 32.15 28.91
CA LEU O 319 69.87 32.48 29.84
C LEU O 319 70.24 33.85 30.42
N GLY O 320 69.36 34.83 30.20
CA GLY O 320 69.56 36.21 30.61
C GLY O 320 69.82 37.08 29.40
N ARG O 321 70.80 36.68 28.60
CA ARG O 321 71.19 37.37 27.37
C ARG O 321 70.14 37.20 26.25
N GLN O 322 69.71 35.95 26.00
CA GLN O 322 68.76 35.59 24.94
C GLN O 322 67.36 35.20 25.51
N MET O 323 67.32 34.29 26.51
CA MET O 323 66.08 33.80 27.12
C MET O 323 65.94 34.32 28.55
N SER O 324 64.81 34.98 28.86
CA SER O 324 64.55 35.48 30.21
C SER O 324 63.87 34.42 31.10
N GLY O 325 64.23 33.14 30.92
CA GLY O 325 63.64 32.06 31.70
C GLY O 325 63.97 30.69 31.15
N GLY O 326 63.79 29.68 31.99
CA GLY O 326 64.07 28.30 31.63
C GLY O 326 63.03 27.59 30.78
N GLY O 327 61.81 28.11 30.76
CA GLY O 327 60.72 27.52 29.97
C GLY O 327 59.88 26.55 30.77
N ALA O 328 58.85 25.98 30.12
CA ALA O 328 57.94 25.01 30.73
C ALA O 328 57.96 23.65 30.02
N MET O 329 59.06 23.32 29.33
CA MET O 329 59.23 22.04 28.65
C MET O 329 60.42 21.33 29.28
N ILE O 330 60.31 20.00 29.49
CA ILE O 330 61.39 19.22 30.06
C ILE O 330 61.48 17.91 29.28
N ALA O 331 62.67 17.61 28.75
CA ALA O 331 62.93 16.33 28.07
C ALA O 331 63.91 15.54 28.94
N MET O 332 63.85 14.20 28.88
CA MET O 332 64.74 13.38 29.71
C MET O 332 65.10 12.06 29.05
N GLU O 333 66.31 11.55 29.32
CA GLU O 333 66.81 10.29 28.81
C GLU O 333 66.65 9.26 29.93
N LEU O 334 65.96 8.14 29.66
CA LEU O 334 65.74 7.10 30.66
C LEU O 334 66.94 6.16 30.70
N ALA O 335 67.27 5.64 31.90
CA ALA O 335 68.38 4.73 32.07
C ALA O 335 68.14 3.37 31.40
N GLY O 336 66.89 2.89 31.48
CA GLY O 336 66.51 1.61 30.88
C GLY O 336 66.22 1.63 29.39
N GLY O 337 66.49 2.75 28.72
CA GLY O 337 66.28 2.85 27.28
C GLY O 337 64.83 2.98 26.87
N PHE O 338 64.46 2.33 25.74
CA PHE O 338 63.10 2.38 25.22
C PHE O 338 62.06 1.77 26.16
N ASP O 339 62.35 0.60 26.76
CA ASP O 339 61.39 -0.05 27.63
C ASP O 339 61.02 0.81 28.85
N ALA O 340 62.01 1.49 29.47
CA ALA O 340 61.73 2.37 30.60
C ALA O 340 60.94 3.61 30.16
N ALA O 341 61.29 4.16 28.99
CA ALA O 341 60.60 5.32 28.41
C ALA O 341 59.13 4.96 28.09
N ARG O 342 58.90 3.76 27.54
CA ARG O 342 57.57 3.27 27.20
C ARG O 342 56.74 3.08 28.47
N SER O 343 57.30 2.42 29.49
CA SER O 343 56.61 2.19 30.77
C SER O 343 56.30 3.51 31.51
N PHE O 344 57.19 4.51 31.43
CA PHE O 344 56.99 5.80 32.10
C PHE O 344 55.72 6.50 31.60
N VAL O 345 55.58 6.66 30.28
CA VAL O 345 54.40 7.33 29.73
C VAL O 345 53.11 6.50 29.88
N GLU O 346 53.21 5.17 29.83
CA GLU O 346 52.04 4.29 29.95
C GLU O 346 51.50 4.19 31.39
N HIS O 347 52.33 4.46 32.41
CA HIS O 347 51.89 4.43 33.80
C HIS O 347 51.51 5.82 34.37
N CYS O 348 51.47 6.86 33.53
CA CYS O 348 51.03 8.19 33.96
C CYS O 348 49.50 8.21 33.97
N ASN O 349 48.89 8.82 35.00
CA ASN O 349 47.42 8.91 35.12
C ASN O 349 46.96 10.38 35.04
N LEU O 350 47.46 11.26 35.93
CA LEU O 350 47.14 12.68 35.92
C LEU O 350 47.80 13.31 34.70
N VAL O 351 49.09 13.00 34.47
CA VAL O 351 49.81 13.48 33.29
C VAL O 351 49.31 12.60 32.14
N VAL O 352 48.85 13.22 31.06
CA VAL O 352 48.24 12.49 29.94
C VAL O 352 49.22 12.22 28.79
N HIS O 353 49.21 10.98 28.26
CA HIS O 353 50.05 10.58 27.14
C HIS O 353 49.43 11.12 25.86
N ALA O 354 49.97 12.25 25.38
CA ALA O 354 49.46 12.93 24.18
C ALA O 354 50.51 13.88 23.59
N VAL O 355 50.37 14.19 22.29
CA VAL O 355 51.23 15.18 21.62
C VAL O 355 50.69 16.62 21.94
N SER O 356 51.35 17.69 21.44
CA SER O 356 51.03 19.10 21.67
C SER O 356 51.61 19.57 23.01
N LEU O 357 51.72 20.88 23.17
CA LEU O 357 52.34 21.46 24.36
C LEU O 357 51.77 22.85 24.70
N GLY O 358 52.25 23.46 25.77
CA GLY O 358 51.82 24.79 26.19
C GLY O 358 50.41 24.92 26.72
N GLY O 359 49.72 23.80 26.95
CA GLY O 359 48.35 23.79 27.43
C GLY O 359 48.24 23.95 28.94
N ALA O 360 47.00 24.09 29.43
CA ALA O 360 46.73 24.21 30.86
C ALA O 360 47.06 22.92 31.63
N ASP O 361 47.05 21.76 30.95
CA ASP O 361 47.36 20.46 31.55
C ASP O 361 48.73 19.93 31.11
N THR O 362 49.31 19.05 31.94
CA THR O 362 50.62 18.45 31.70
C THR O 362 50.48 17.24 30.80
N LEU O 363 51.29 17.18 29.72
CA LEU O 363 51.29 16.08 28.76
C LEU O 363 52.68 15.48 28.65
N ILE O 364 52.74 14.19 28.28
CA ILE O 364 54.00 13.44 28.17
C ILE O 364 53.94 12.53 26.93
N GLN O 365 55.08 12.32 26.27
CA GLN O 365 55.12 11.47 25.08
C GLN O 365 56.55 11.04 24.72
N HIS O 366 56.68 10.01 23.84
CA HIS O 366 57.96 9.52 23.34
C HIS O 366 58.11 10.12 21.94
N PRO O 367 58.94 11.17 21.72
CA PRO O 367 58.98 11.80 20.39
C PRO O 367 59.35 10.90 19.21
N ALA O 368 60.35 10.03 19.37
CA ALA O 368 60.75 9.10 18.30
C ALA O 368 59.58 8.23 17.79
N SER O 369 58.52 8.04 18.62
CA SER O 369 57.35 7.25 18.22
C SER O 369 56.20 8.11 17.70
N LEU O 370 56.14 9.41 18.06
CA LEU O 370 55.04 10.30 17.67
C LEU O 370 55.51 11.60 16.94
N THR O 371 55.86 12.70 17.65
CA THR O 371 56.17 13.99 17.03
C THR O 371 57.28 13.92 15.98
N HIS O 372 58.32 13.12 16.25
CA HIS O 372 59.44 12.97 15.34
C HIS O 372 59.48 11.58 14.68
N ARG O 373 58.30 11.01 14.39
CA ARG O 373 58.20 9.73 13.68
C ARG O 373 58.52 9.91 12.16
N PRO O 374 58.06 10.97 11.46
CA PRO O 374 58.42 11.09 10.02
C PRO O 374 59.87 11.50 9.74
N VAL O 375 60.69 11.69 10.80
CA VAL O 375 62.09 12.09 10.67
C VAL O 375 62.92 10.89 10.23
N ALA O 376 63.99 11.13 9.45
CA ALA O 376 64.90 10.08 8.99
C ALA O 376 65.53 9.36 10.18
N ALA O 377 65.79 8.05 10.04
CA ALA O 377 66.36 7.23 11.11
C ALA O 377 67.64 7.83 11.74
N THR O 378 68.54 8.35 10.89
CA THR O 378 69.79 8.94 11.36
C THR O 378 69.57 10.21 12.19
N ALA O 379 68.55 10.99 11.84
CA ALA O 379 68.21 12.25 12.52
C ALA O 379 67.14 12.11 13.62
N LYS O 380 66.59 10.91 13.84
CA LYS O 380 65.53 10.74 14.84
C LYS O 380 66.06 10.95 16.27
N PRO O 381 65.25 11.42 17.25
CA PRO O 381 65.78 11.54 18.62
C PRO O 381 66.02 10.18 19.29
N GLY O 382 66.69 10.20 20.44
CA GLY O 382 67.01 8.99 21.19
C GLY O 382 65.79 8.17 21.56
N ASP O 383 65.93 6.84 21.57
CA ASP O 383 64.82 5.94 21.93
C ASP O 383 64.46 6.00 23.42
N GLY O 384 65.41 6.39 24.26
CA GLY O 384 65.16 6.55 25.69
C GLY O 384 64.68 7.94 26.07
N LEU O 385 64.62 8.90 25.12
CA LEU O 385 64.20 10.27 25.42
C LEU O 385 62.68 10.38 25.47
N ILE O 386 62.18 11.15 26.44
CA ILE O 386 60.76 11.44 26.67
C ILE O 386 60.61 12.95 26.73
N ARG O 387 59.54 13.51 26.16
CA ARG O 387 59.27 14.95 26.21
C ARG O 387 58.02 15.20 27.10
N LEU O 388 58.07 16.26 27.94
CA LEU O 388 57.00 16.62 28.87
C LEU O 388 56.69 18.12 28.79
N SER O 389 55.40 18.46 28.64
CA SER O 389 54.92 19.84 28.62
C SER O 389 54.31 20.11 29.98
N VAL O 390 54.88 21.04 30.75
CA VAL O 390 54.38 21.34 32.10
C VAL O 390 53.20 22.31 32.02
N GLY O 391 52.11 22.00 32.74
CA GLY O 391 50.89 22.80 32.77
C GLY O 391 50.78 23.67 34.01
N LEU O 392 49.52 23.99 34.39
CA LEU O 392 49.21 24.86 35.52
C LEU O 392 48.73 24.09 36.75
N GLU O 393 49.10 22.80 36.89
CA GLU O 393 48.70 22.02 38.07
C GLU O 393 49.72 22.21 39.19
N HIS O 394 49.36 21.79 40.41
CA HIS O 394 50.24 21.91 41.56
C HIS O 394 51.47 21.02 41.35
N VAL O 395 52.66 21.56 41.69
CA VAL O 395 53.94 20.85 41.53
C VAL O 395 53.95 19.49 42.25
N ASP O 396 53.39 19.41 43.47
CA ASP O 396 53.39 18.17 44.24
C ASP O 396 52.56 17.08 43.55
N ASP O 397 51.37 17.41 43.05
CA ASP O 397 50.52 16.43 42.37
C ASP O 397 51.15 15.90 41.07
N LEU O 398 51.90 16.75 40.36
CA LEU O 398 52.56 16.31 39.13
C LEU O 398 53.78 15.45 39.45
N ALA O 399 54.56 15.83 40.46
CA ALA O 399 55.73 15.05 40.85
C ALA O 399 55.30 13.69 41.40
N ASP O 400 54.23 13.64 42.23
CA ASP O 400 53.73 12.38 42.77
C ASP O 400 53.33 11.40 41.66
N ASP O 401 52.65 11.90 40.61
CA ASP O 401 52.22 11.04 39.49
C ASP O 401 53.39 10.63 38.59
N LEU O 402 54.36 11.52 38.36
CA LEU O 402 55.50 11.19 37.51
C LEU O 402 56.47 10.23 38.22
N ILE O 403 56.63 10.35 39.55
CA ILE O 403 57.48 9.46 40.34
C ILE O 403 56.84 8.06 40.38
N ALA O 404 55.52 7.99 40.63
CA ALA O 404 54.80 6.71 40.65
C ALA O 404 54.93 5.96 39.31
N ALA O 405 54.92 6.68 38.18
CA ALA O 405 55.07 6.06 36.87
C ALA O 405 56.49 5.50 36.67
N LEU O 406 57.51 6.23 37.17
CA LEU O 406 58.90 5.78 37.08
C LEU O 406 59.12 4.55 37.98
N ASP O 407 58.45 4.50 39.14
CA ASP O 407 58.52 3.37 40.08
C ASP O 407 57.72 2.14 39.61
N ALA O 408 56.80 2.29 38.64
CA ALA O 408 56.01 1.16 38.14
C ALA O 408 56.87 0.16 37.36
N SER O 409 57.93 0.62 36.68
CA SER O 409 58.82 -0.27 35.93
C SER O 409 59.66 -1.16 36.85
N THR P 22 22.14 4.43 -1.25
CA THR P 22 21.79 3.82 -2.55
C THR P 22 20.27 3.70 -2.67
N SER P 23 19.61 3.13 -1.64
CA SER P 23 18.15 2.95 -1.66
C SER P 23 17.41 4.26 -1.35
N LEU P 24 18.05 5.24 -0.67
CA LEU P 24 17.39 6.51 -0.34
C LEU P 24 17.60 7.56 -1.42
N HIS P 25 16.66 8.50 -1.53
CA HIS P 25 16.72 9.59 -2.51
C HIS P 25 17.79 10.63 -2.10
N PRO P 26 18.34 11.47 -3.03
CA PRO P 26 19.34 12.47 -2.60
C PRO P 26 18.83 13.52 -1.62
N GLU P 27 17.53 13.82 -1.63
CA GLU P 27 16.93 14.80 -0.71
C GLU P 27 16.99 14.27 0.73
N THR P 28 16.79 12.96 0.92
CA THR P 28 16.88 12.31 2.24
C THR P 28 18.33 12.24 2.69
N LEU P 29 19.26 11.90 1.75
CA LEU P 29 20.69 11.77 2.06
C LEU P 29 21.37 13.09 2.41
N MET P 30 20.81 14.23 1.97
CA MET P 30 21.36 15.54 2.35
C MET P 30 21.07 15.84 3.83
N VAL P 31 19.91 15.42 4.32
CA VAL P 31 19.51 15.62 5.72
C VAL P 31 20.29 14.67 6.66
N HIS P 32 20.28 13.36 6.36
CA HIS P 32 20.89 12.33 7.20
C HIS P 32 22.33 11.91 6.86
N GLY P 33 22.95 12.51 5.85
CA GLY P 33 24.32 12.17 5.48
C GLY P 33 25.31 12.65 6.53
N GLY P 34 26.26 11.78 6.88
CA GLY P 34 27.25 12.07 7.90
C GLY P 34 26.72 12.14 9.32
N MET P 35 25.47 11.70 9.55
CA MET P 35 24.83 11.70 10.87
C MET P 35 24.75 10.26 11.42
N LYS P 36 25.74 9.42 11.10
CA LYS P 36 25.73 8.01 11.49
C LYS P 36 26.15 7.86 12.94
N GLY P 37 25.37 7.11 13.71
CA GLY P 37 25.68 6.86 15.11
C GLY P 37 25.23 7.93 16.09
N LEU P 38 24.77 9.11 15.60
CA LEU P 38 24.35 10.19 16.48
C LEU P 38 23.04 9.82 17.20
N THR P 39 22.04 9.33 16.44
CA THR P 39 20.76 8.92 17.04
C THR P 39 20.97 7.77 18.04
N GLU P 40 21.90 6.86 17.72
CA GLU P 40 22.22 5.71 18.56
C GLU P 40 22.94 6.16 19.86
N ALA P 41 23.65 7.31 19.84
CA ALA P 41 24.34 7.89 21.01
C ALA P 41 23.46 8.88 21.82
N GLY P 42 22.20 9.06 21.43
CA GLY P 42 21.28 9.96 22.14
C GLY P 42 21.52 11.44 21.93
N VAL P 43 21.98 11.82 20.72
CA VAL P 43 22.23 13.23 20.35
C VAL P 43 21.60 13.52 18.97
N HIS P 44 21.30 14.80 18.70
CA HIS P 44 20.62 15.21 17.46
C HIS P 44 21.58 15.66 16.34
N VAL P 45 22.53 16.55 16.66
CA VAL P 45 23.48 17.11 15.68
C VAL P 45 24.94 16.74 16.07
N PRO P 46 25.92 16.68 15.12
CA PRO P 46 27.28 16.32 15.52
C PRO P 46 27.92 17.37 16.44
N ALA P 47 28.68 16.91 17.44
CA ALA P 47 29.31 17.82 18.38
C ALA P 47 30.52 18.53 17.74
N ILE P 48 30.86 19.70 18.28
CA ILE P 48 32.00 20.49 17.81
C ILE P 48 33.14 20.26 18.81
N ASP P 49 34.07 19.36 18.45
CA ASP P 49 35.21 19.04 19.30
C ASP P 49 36.37 19.93 18.89
N LEU P 50 36.71 20.92 19.73
CA LEU P 50 37.80 21.84 19.42
C LEU P 50 39.20 21.28 19.78
N SER P 51 39.28 20.09 20.41
CA SER P 51 40.54 19.45 20.81
C SER P 51 41.61 19.47 19.73
N THR P 52 42.76 20.08 20.04
CA THR P 52 43.89 20.10 19.11
C THR P 52 44.60 18.75 19.17
N THR P 53 44.77 18.19 20.38
CA THR P 53 45.39 16.89 20.61
C THR P 53 44.33 15.86 21.00
N ASN P 54 44.67 14.58 20.82
CA ASN P 54 43.80 13.45 21.14
C ASN P 54 44.65 12.39 21.87
N PRO P 55 44.45 12.14 23.20
CA PRO P 55 45.31 11.16 23.89
C PRO P 55 45.34 9.75 23.32
N VAL P 56 46.47 9.05 23.55
CA VAL P 56 46.70 7.69 23.06
C VAL P 56 46.75 6.69 24.21
N ASN P 57 46.30 5.45 23.96
CA ASN P 57 46.27 4.41 25.00
C ASN P 57 47.68 3.96 25.38
N ASP P 58 48.55 3.75 24.40
CA ASP P 58 49.92 3.35 24.62
C ASP P 58 50.84 3.82 23.46
N VAL P 59 52.15 3.58 23.58
CA VAL P 59 53.14 4.02 22.58
C VAL P 59 52.94 3.27 21.26
N ALA P 60 52.67 1.96 21.33
CA ALA P 60 52.49 1.13 20.13
C ALA P 60 51.24 1.51 19.32
N THR P 61 50.05 1.61 19.96
CA THR P 61 48.83 1.95 19.23
C THR P 61 48.82 3.41 18.79
N GLY P 62 49.35 4.30 19.62
CA GLY P 62 49.45 5.71 19.30
C GLY P 62 50.35 5.95 18.10
N GLY P 63 51.52 5.30 18.11
CA GLY P 63 52.48 5.40 17.03
C GLY P 63 51.96 4.83 15.72
N ASP P 64 51.29 3.67 15.78
CA ASP P 64 50.72 3.05 14.59
C ASP P 64 49.58 3.92 14.03
N SER P 65 48.75 4.53 14.91
CA SER P 65 47.69 5.43 14.46
C SER P 65 48.27 6.68 13.81
N TYR P 66 49.38 7.22 14.38
CA TYR P 66 50.08 8.38 13.82
C TYR P 66 50.55 8.05 12.40
N GLU P 67 51.26 6.91 12.21
CA GLU P 67 51.76 6.51 10.90
C GLU P 67 50.63 6.29 9.89
N TRP P 68 49.57 5.59 10.30
CA TRP P 68 48.42 5.31 9.44
C TRP P 68 47.79 6.62 8.91
N LEU P 69 47.62 7.62 9.78
CA LEU P 69 47.02 8.89 9.39
C LEU P 69 47.97 9.78 8.61
N ALA P 70 49.24 9.88 9.03
CA ALA P 70 50.25 10.70 8.34
C ALA P 70 50.48 10.21 6.91
N THR P 71 50.38 8.88 6.68
CA THR P 71 50.50 8.31 5.35
C THR P 71 49.18 8.40 4.51
N GLY P 72 48.25 9.25 4.93
CA GLY P 72 47.01 9.52 4.22
C GLY P 72 45.84 8.56 4.40
N HIS P 73 45.85 7.71 5.44
CA HIS P 73 44.75 6.76 5.63
C HIS P 73 43.63 7.28 6.54
N THR P 74 42.43 6.70 6.38
CA THR P 74 41.24 7.01 7.16
C THR P 74 41.40 6.49 8.58
N LEU P 75 40.90 7.23 9.59
CA LEU P 75 40.99 6.81 10.98
C LEU P 75 40.21 5.53 11.18
N LYS P 76 40.83 4.53 11.82
CA LYS P 76 40.17 3.26 12.09
C LYS P 76 39.16 3.44 13.22
N ASP P 77 38.08 2.64 13.20
CA ASP P 77 37.07 2.74 14.25
C ASP P 77 37.67 2.21 15.55
N GLY P 78 37.59 3.01 16.60
CA GLY P 78 38.17 2.66 17.89
C GLY P 78 39.67 2.91 17.92
N ASP P 79 40.11 4.05 17.36
CA ASP P 79 41.51 4.46 17.30
C ASP P 79 41.60 5.96 17.61
N SER P 80 42.69 6.39 18.25
CA SER P 80 42.87 7.80 18.59
C SER P 80 43.21 8.63 17.37
N ALA P 81 42.62 9.82 17.26
CA ALA P 81 42.93 10.74 16.17
C ALA P 81 44.37 11.33 16.29
N VAL P 82 45.02 11.19 17.49
CA VAL P 82 46.39 11.63 17.84
C VAL P 82 46.53 13.17 17.86
N TYR P 83 46.27 13.83 16.72
CA TYR P 83 46.40 15.26 16.56
C TYR P 83 45.44 15.75 15.46
N GLN P 84 45.05 17.04 15.55
CA GLN P 84 44.12 17.64 14.59
C GLN P 84 44.65 17.64 13.16
N ARG P 85 45.95 17.92 12.95
CA ARG P 85 46.51 17.91 11.59
C ARG P 85 46.45 16.53 10.92
N LEU P 86 46.34 15.45 11.74
CA LEU P 86 46.21 14.09 11.23
C LEU P 86 44.73 13.71 11.06
N TRP P 87 43.84 14.08 12.02
CA TRP P 87 42.42 13.75 11.91
C TRP P 87 41.52 14.59 12.82
N GLN P 88 40.35 15.00 12.29
CA GLN P 88 39.35 15.76 13.04
C GLN P 88 37.98 15.05 12.81
N PRO P 89 37.22 14.68 13.86
CA PRO P 89 35.96 13.94 13.62
C PRO P 89 34.81 14.70 12.96
N GLY P 90 34.68 16.00 13.25
CA GLY P 90 33.66 16.83 12.66
C GLY P 90 33.89 17.06 11.18
N VAL P 91 35.17 17.22 10.80
CA VAL P 91 35.57 17.37 9.40
C VAL P 91 35.26 16.06 8.67
N ALA P 92 35.64 14.93 9.29
CA ALA P 92 35.38 13.58 8.76
C ALA P 92 33.90 13.33 8.48
N ARG P 93 32.97 13.84 9.34
CA ARG P 93 31.53 13.66 9.12
C ARG P 93 31.08 14.44 7.88
N PHE P 94 31.58 15.68 7.72
CA PHE P 94 31.29 16.49 6.54
C PHE P 94 31.83 15.81 5.28
N GLU P 95 33.04 15.22 5.38
CA GLU P 95 33.69 14.52 4.27
C GLU P 95 32.83 13.33 3.81
N THR P 96 32.37 12.47 4.74
CA THR P 96 31.52 11.32 4.36
C THR P 96 30.15 11.76 3.85
N ALA P 97 29.62 12.89 4.34
CA ALA P 97 28.33 13.40 3.89
C ALA P 97 28.39 13.79 2.41
N LEU P 98 29.41 14.59 1.99
CA LEU P 98 29.52 14.99 0.60
C LEU P 98 29.92 13.84 -0.30
N ALA P 99 30.82 12.95 0.13
CA ALA P 99 31.23 11.80 -0.67
C ALA P 99 30.02 10.94 -1.07
N GLY P 100 29.06 10.78 -0.16
CA GLY P 100 27.83 10.06 -0.44
C GLY P 100 26.93 10.75 -1.44
N LEU P 101 26.94 12.10 -1.45
CA LEU P 101 26.13 12.88 -2.38
C LEU P 101 26.72 12.84 -3.78
N GLU P 102 28.05 12.95 -3.90
CA GLU P 102 28.75 12.85 -5.19
C GLU P 102 28.92 11.39 -5.66
N HIS P 103 28.68 10.40 -4.79
CA HIS P 103 28.84 8.96 -5.04
C HIS P 103 30.32 8.59 -5.25
N ALA P 104 31.21 9.24 -4.46
CA ALA P 104 32.65 9.00 -4.44
C ALA P 104 33.00 8.08 -3.26
N GLU P 105 34.17 7.44 -3.29
CA GLU P 105 34.57 6.52 -2.22
C GLU P 105 34.83 7.32 -0.93
N GLU P 106 35.63 8.38 -1.04
CA GLU P 106 36.05 9.22 0.10
C GLU P 106 36.06 10.72 -0.31
N ALA P 107 36.30 11.62 0.66
CA ALA P 107 36.42 13.06 0.41
C ALA P 107 37.40 13.67 1.41
N VAL P 108 38.14 14.72 0.99
CA VAL P 108 39.14 15.39 1.83
C VAL P 108 38.80 16.88 1.87
N ALA P 109 38.63 17.44 3.08
CA ALA P 109 38.26 18.84 3.28
C ALA P 109 39.43 19.69 3.77
N PHE P 110 39.46 20.95 3.32
CA PHE P 110 40.48 21.95 3.61
C PHE P 110 39.85 23.30 3.99
N ALA P 111 40.67 24.26 4.44
CA ALA P 111 40.24 25.59 4.87
C ALA P 111 39.43 26.35 3.81
N THR P 112 39.87 26.30 2.54
CA THR P 112 39.25 27.00 1.41
C THR P 112 39.28 26.13 0.13
N GLY P 113 38.54 26.52 -0.90
CA GLY P 113 38.56 25.85 -2.19
C GLY P 113 39.94 25.92 -2.82
N MET P 114 40.68 27.02 -2.60
CA MET P 114 42.04 27.18 -3.10
C MET P 114 43.01 26.25 -2.40
N ALA P 115 42.80 25.97 -1.10
CA ALA P 115 43.64 25.02 -0.37
C ALA P 115 43.46 23.60 -0.90
N ALA P 116 42.23 23.25 -1.32
CA ALA P 116 41.95 21.95 -1.91
C ALA P 116 42.63 21.85 -3.27
N MET P 117 42.55 22.91 -4.11
CA MET P 117 43.23 22.97 -5.40
C MET P 117 44.73 22.82 -5.21
N THR P 118 45.30 23.55 -4.23
CA THR P 118 46.72 23.53 -3.89
C THR P 118 47.17 22.11 -3.53
N ALA P 119 46.38 21.42 -2.70
CA ALA P 119 46.70 20.05 -2.31
C ALA P 119 46.68 19.08 -3.49
N ALA P 120 45.69 19.20 -4.39
CA ALA P 120 45.61 18.32 -5.56
C ALA P 120 46.74 18.57 -6.54
N LEU P 121 47.21 19.83 -6.65
CA LEU P 121 48.33 20.15 -7.53
C LEU P 121 49.62 19.63 -6.90
N LEU P 122 49.81 19.82 -5.58
CA LEU P 122 51.00 19.32 -4.89
C LEU P 122 51.05 17.79 -4.91
N ALA P 123 49.88 17.11 -4.85
CA ALA P 123 49.83 15.65 -4.93
C ALA P 123 50.31 15.16 -6.30
N ALA P 124 49.93 15.88 -7.37
CA ALA P 124 50.35 15.54 -8.73
C ALA P 124 51.85 15.80 -8.91
N VAL P 125 52.36 16.93 -8.38
CA VAL P 125 53.78 17.27 -8.49
C VAL P 125 54.61 16.23 -7.74
N SER P 126 54.18 15.88 -6.51
CA SER P 126 54.86 14.89 -5.67
C SER P 126 54.92 13.51 -6.36
N ALA P 127 53.85 13.14 -7.10
CA ALA P 127 53.81 11.87 -7.83
C ALA P 127 54.75 11.81 -9.05
N GLY P 128 55.31 12.94 -9.47
CA GLY P 128 56.19 13.03 -10.63
C GLY P 128 55.46 13.39 -11.91
N THR P 129 54.27 14.02 -11.80
CA THR P 129 53.44 14.45 -12.93
C THR P 129 53.08 15.94 -12.71
N PRO P 130 54.03 16.88 -12.84
CA PRO P 130 53.71 18.29 -12.58
C PRO P 130 52.91 19.00 -13.68
N HIS P 131 52.86 18.46 -14.91
CA HIS P 131 52.10 19.10 -15.97
C HIS P 131 50.60 18.89 -15.75
N ILE P 132 49.80 19.94 -16.00
CA ILE P 132 48.35 19.92 -15.84
C ILE P 132 47.71 20.49 -17.13
N VAL P 133 46.76 19.76 -17.70
CA VAL P 133 46.01 20.22 -18.87
C VAL P 133 44.76 20.83 -18.29
N ALA P 134 44.48 22.11 -18.58
CA ALA P 134 43.31 22.78 -18.05
C ALA P 134 42.54 23.49 -19.16
N VAL P 135 41.21 23.56 -19.01
CA VAL P 135 40.31 24.17 -19.98
C VAL P 135 39.68 25.42 -19.38
N ARG P 136 39.86 26.58 -20.05
CA ARG P 136 39.28 27.85 -19.60
C ARG P 136 37.84 28.01 -20.14
N PRO P 137 36.96 28.83 -19.51
CA PRO P 137 37.16 29.64 -18.29
C PRO P 137 37.18 28.84 -16.97
N LEU P 138 37.96 29.33 -16.01
CA LEU P 138 38.07 28.79 -14.65
C LEU P 138 38.02 29.98 -13.68
N TYR P 139 37.84 29.71 -12.37
CA TYR P 139 37.85 30.77 -11.36
C TYR P 139 39.23 31.47 -11.38
N GLY P 140 39.24 32.80 -11.28
CA GLY P 140 40.44 33.62 -11.30
C GLY P 140 41.64 33.09 -10.53
N GLY P 141 41.40 32.63 -9.31
CA GLY P 141 42.44 32.06 -8.46
C GLY P 141 42.96 30.75 -9.00
N SER P 142 42.06 29.83 -9.42
CA SER P 142 42.45 28.55 -10.00
C SER P 142 43.28 28.78 -11.27
N ASP P 143 42.86 29.76 -12.09
CA ASP P 143 43.54 30.15 -13.33
C ASP P 143 44.93 30.74 -13.02
N HIS P 144 45.02 31.67 -12.06
CA HIS P 144 46.26 32.34 -11.69
C HIS P 144 47.27 31.37 -11.03
N LEU P 145 46.80 30.46 -10.17
CA LEU P 145 47.67 29.49 -9.50
C LEU P 145 48.34 28.57 -10.52
N LEU P 146 47.65 28.22 -11.61
CA LEU P 146 48.21 27.38 -12.66
C LEU P 146 49.17 28.20 -13.53
N GLU P 147 48.77 29.42 -13.92
CA GLU P 147 49.60 30.32 -14.75
C GLU P 147 50.96 30.62 -14.09
N THR P 148 50.96 30.98 -12.80
CA THR P 148 52.18 31.31 -12.07
C THR P 148 53.09 30.08 -11.86
N GLY P 149 52.48 28.91 -11.67
CA GLY P 149 53.23 27.69 -11.42
C GLY P 149 53.94 27.74 -10.08
N LEU P 150 53.27 28.33 -9.07
CA LEU P 150 53.82 28.51 -7.72
C LEU P 150 54.20 27.17 -7.09
N LEU P 151 53.38 26.14 -7.29
CA LEU P 151 53.58 24.83 -6.68
C LEU P 151 54.40 23.86 -7.54
N GLY P 152 55.21 24.38 -8.45
CA GLY P 152 56.04 23.56 -9.32
C GLY P 152 55.29 22.88 -10.45
N THR P 153 54.16 23.47 -10.88
CA THR P 153 53.36 22.93 -11.97
C THR P 153 53.60 23.68 -13.27
N THR P 154 53.44 22.97 -14.40
CA THR P 154 53.47 23.54 -15.73
C THR P 154 52.06 23.34 -16.29
N VAL P 155 51.55 24.29 -17.09
CA VAL P 155 50.18 24.20 -17.59
C VAL P 155 50.12 24.39 -19.11
N THR P 156 49.15 23.72 -19.75
CA THR P 156 48.88 23.81 -21.18
C THR P 156 47.41 24.12 -21.28
N TRP P 157 47.08 25.37 -21.61
CA TRP P 157 45.70 25.80 -21.75
C TRP P 157 45.17 25.23 -23.05
N ALA P 158 44.17 24.35 -22.97
CA ALA P 158 43.59 23.69 -24.13
C ALA P 158 42.09 23.85 -24.21
N LYS P 159 41.56 23.83 -25.44
CA LYS P 159 40.12 23.88 -25.66
C LYS P 159 39.55 22.47 -25.39
N GLU P 160 38.24 22.39 -25.16
CA GLU P 160 37.57 21.11 -24.87
C GLU P 160 37.88 20.01 -25.91
N ALA P 161 37.84 20.35 -27.20
CA ALA P 161 38.11 19.37 -28.26
C ALA P 161 39.60 18.98 -28.35
N ASP P 162 40.53 19.88 -27.98
CA ASP P 162 41.97 19.62 -28.09
C ASP P 162 42.61 19.13 -26.78
N ILE P 163 41.88 18.35 -25.95
CA ILE P 163 42.43 17.85 -24.69
C ILE P 163 43.43 16.72 -24.96
N ALA P 164 43.03 15.71 -25.75
CA ALA P 164 43.86 14.55 -26.08
C ALA P 164 45.25 14.94 -26.61
N SER P 165 45.31 15.94 -27.52
CA SER P 165 46.57 16.41 -28.10
C SER P 165 47.45 17.14 -27.09
N ALA P 166 46.85 17.93 -26.18
CA ALA P 166 47.58 18.69 -25.17
C ALA P 166 48.23 17.82 -24.09
N ILE P 167 47.79 16.55 -23.94
CA ILE P 167 48.33 15.67 -22.91
C ILE P 167 49.75 15.19 -23.27
N GLN P 168 50.66 15.27 -22.28
CA GLN P 168 52.05 14.87 -22.35
C GLN P 168 52.27 13.66 -21.42
N ASP P 169 53.44 13.01 -21.52
CA ASP P 169 53.79 11.92 -20.59
C ASP P 169 53.88 12.44 -19.13
N ASP P 170 54.15 13.76 -18.96
CA ASP P 170 54.29 14.43 -17.67
C ASP P 170 52.94 14.89 -17.08
N THR P 171 51.79 14.68 -17.77
CA THR P 171 50.49 15.17 -17.26
C THR P 171 49.95 14.34 -16.09
N GLY P 172 49.60 15.04 -15.01
CA GLY P 172 49.03 14.45 -13.80
C GLY P 172 47.53 14.64 -13.67
N LEU P 173 46.96 15.72 -14.26
CA LEU P 173 45.51 16.00 -14.18
C LEU P 173 44.96 16.80 -15.37
N VAL P 174 43.63 16.68 -15.60
CA VAL P 174 42.88 17.43 -16.60
C VAL P 174 41.86 18.24 -15.79
N ILE P 175 42.09 19.56 -15.61
CA ILE P 175 41.20 20.41 -14.82
C ILE P 175 40.15 21.08 -15.69
N VAL P 176 38.86 20.80 -15.40
CA VAL P 176 37.71 21.38 -16.11
C VAL P 176 36.68 21.91 -15.10
N GLU P 177 35.78 22.79 -15.58
CA GLU P 177 34.73 23.38 -14.76
C GLU P 177 33.51 23.65 -15.63
N THR P 178 32.33 23.19 -15.20
CA THR P 178 31.09 23.37 -15.97
C THR P 178 29.85 23.47 -15.03
N PRO P 179 29.04 24.56 -15.09
CA PRO P 179 29.20 25.80 -15.88
C PRO P 179 30.44 26.58 -15.42
N ALA P 180 31.20 27.13 -16.37
CA ALA P 180 32.43 27.84 -16.04
C ALA P 180 32.19 29.16 -15.31
N ASN P 181 33.19 29.60 -14.53
CA ASN P 181 33.09 30.85 -13.79
C ASN P 181 33.85 31.88 -14.64
N PRO P 182 33.25 33.01 -15.10
CA PRO P 182 31.89 33.53 -14.87
C PRO P 182 30.82 33.31 -15.95
N SER P 183 31.23 33.16 -17.23
CA SER P 183 30.34 33.08 -18.40
C SER P 183 29.44 31.84 -18.52
N LEU P 184 29.55 30.85 -17.61
CA LEU P 184 28.73 29.65 -17.59
C LEU P 184 28.88 28.77 -18.84
N ASP P 185 30.11 28.66 -19.35
CA ASP P 185 30.42 27.82 -20.49
C ASP P 185 30.29 26.36 -20.06
N LEU P 186 29.58 25.56 -20.86
CA LEU P 186 29.36 24.15 -20.53
C LEU P 186 30.39 23.26 -21.21
N VAL P 187 30.71 22.14 -20.56
CA VAL P 187 31.70 21.17 -21.03
C VAL P 187 31.09 19.77 -20.94
N ASP P 188 31.18 18.97 -22.03
CA ASP P 188 30.69 17.60 -22.04
C ASP P 188 31.69 16.74 -21.28
N LEU P 189 31.31 16.29 -20.07
CA LEU P 189 32.21 15.51 -19.23
C LEU P 189 32.50 14.11 -19.78
N ASP P 190 31.54 13.51 -20.50
CA ASP P 190 31.77 12.19 -21.10
C ASP P 190 32.88 12.28 -22.16
N SER P 191 32.87 13.36 -22.96
CA SER P 191 33.89 13.58 -24.00
C SER P 191 35.25 13.90 -23.41
N VAL P 192 35.29 14.67 -22.31
CA VAL P 192 36.55 15.04 -21.66
C VAL P 192 37.22 13.80 -21.07
N VAL P 193 36.44 12.94 -20.39
CA VAL P 193 36.97 11.71 -19.80
C VAL P 193 37.51 10.80 -20.91
N SER P 194 36.78 10.69 -22.03
CA SER P 194 37.21 9.89 -23.16
C SER P 194 38.54 10.42 -23.74
N ALA P 195 38.67 11.74 -23.90
CA ALA P 195 39.89 12.36 -24.42
C ALA P 195 41.08 12.25 -23.46
N ALA P 196 40.83 12.28 -22.14
CA ALA P 196 41.90 12.18 -21.13
C ALA P 196 42.52 10.78 -21.09
N GLY P 197 41.68 9.74 -21.17
CA GLY P 197 42.15 8.37 -21.14
C GLY P 197 42.67 7.98 -19.78
N ASN P 198 43.98 7.67 -19.71
CA ASN P 198 44.63 7.26 -18.46
C ASN P 198 44.85 8.42 -17.48
N VAL P 199 44.76 9.68 -17.93
CA VAL P 199 44.99 10.83 -17.05
C VAL P 199 43.73 11.09 -16.20
N PRO P 200 43.83 11.24 -14.87
CA PRO P 200 42.61 11.52 -14.07
C PRO P 200 42.06 12.91 -14.36
N VAL P 201 40.73 13.06 -14.29
CA VAL P 201 40.05 14.33 -14.56
C VAL P 201 39.51 14.94 -13.28
N LEU P 202 39.84 16.21 -13.03
CA LEU P 202 39.34 16.95 -11.88
C LEU P 202 38.29 17.92 -12.40
N VAL P 203 37.05 17.78 -11.91
CA VAL P 203 35.92 18.61 -12.30
C VAL P 203 35.54 19.49 -11.12
N ASP P 204 35.53 20.81 -11.32
CA ASP P 204 35.14 21.75 -10.28
C ASP P 204 33.62 21.93 -10.36
N ASN P 205 32.89 21.19 -9.51
CA ASN P 205 31.42 21.16 -9.47
C ASN P 205 30.82 22.14 -8.43
N THR P 206 31.45 23.32 -8.24
CA THR P 206 30.95 24.30 -7.27
C THR P 206 29.59 24.87 -7.71
N PHE P 207 29.49 25.32 -8.96
CA PHE P 207 28.29 25.97 -9.49
C PHE P 207 27.07 25.04 -9.56
N CYS P 208 27.26 23.81 -10.03
CA CYS P 208 26.17 22.84 -10.17
C CYS P 208 25.75 22.21 -8.84
N THR P 209 26.74 21.85 -7.99
CA THR P 209 26.54 21.15 -6.69
C THR P 209 26.11 19.68 -6.93
N PRO P 210 26.23 18.75 -5.94
CA PRO P 210 25.76 17.38 -6.19
C PRO P 210 24.25 17.24 -6.47
N VAL P 211 23.47 18.32 -6.31
CA VAL P 211 22.03 18.32 -6.57
C VAL P 211 21.79 18.23 -8.08
N LEU P 212 22.55 19.02 -8.87
CA LEU P 212 22.38 19.12 -10.32
C LEU P 212 23.34 18.27 -11.18
N GLN P 213 24.61 18.12 -10.76
CA GLN P 213 25.58 17.37 -11.57
C GLN P 213 26.37 16.40 -10.71
N GLN P 214 26.68 15.22 -11.27
CA GLN P 214 27.42 14.16 -10.60
C GLN P 214 28.61 13.77 -11.50
N PRO P 215 29.73 14.54 -11.49
CA PRO P 215 30.86 14.19 -12.37
C PRO P 215 31.46 12.80 -12.19
N ILE P 216 31.36 12.21 -10.98
CA ILE P 216 31.88 10.86 -10.70
C ILE P 216 31.23 9.83 -11.64
N SER P 217 29.92 9.96 -11.89
CA SER P 217 29.19 9.06 -12.80
C SER P 217 29.71 9.12 -14.24
N HIS P 218 30.18 10.31 -14.69
CA HIS P 218 30.76 10.47 -16.03
C HIS P 218 32.21 9.93 -16.14
N GLY P 219 32.85 9.59 -15.01
CA GLY P 219 34.19 9.05 -14.96
C GLY P 219 35.26 10.00 -14.45
N ALA P 220 34.87 11.07 -13.74
CA ALA P 220 35.85 11.99 -13.17
C ALA P 220 36.49 11.34 -11.97
N ALA P 221 37.82 11.43 -11.85
CA ALA P 221 38.53 10.83 -10.72
C ALA P 221 38.34 11.65 -9.45
N LEU P 222 38.42 12.99 -9.55
CA LEU P 222 38.23 13.87 -8.39
C LEU P 222 37.28 15.01 -8.73
N VAL P 223 36.47 15.43 -7.73
CA VAL P 223 35.46 16.48 -7.87
C VAL P 223 35.67 17.55 -6.79
N LEU P 224 36.11 18.74 -7.19
CA LEU P 224 36.37 19.85 -6.27
C LEU P 224 35.13 20.71 -6.09
N HIS P 225 34.92 21.21 -4.85
CA HIS P 225 33.82 22.10 -4.52
C HIS P 225 34.33 23.20 -3.59
N SER P 226 34.07 24.47 -3.93
CA SER P 226 34.38 25.56 -3.01
C SER P 226 33.17 25.54 -2.08
N ALA P 227 33.31 24.83 -0.95
CA ALA P 227 32.21 24.69 0.01
C ALA P 227 31.70 26.02 0.55
N THR P 228 32.54 27.08 0.50
CA THR P 228 32.18 28.46 0.84
C THR P 228 30.87 28.88 0.15
N GLN P 229 30.67 28.42 -1.09
CA GLN P 229 29.51 28.71 -1.92
C GLN P 229 28.60 27.49 -2.00
N TYR P 230 27.29 27.70 -1.81
CA TYR P 230 26.22 26.69 -1.92
C TYR P 230 26.23 25.63 -0.81
N LEU P 231 27.36 24.92 -0.58
CA LEU P 231 27.40 23.89 0.46
C LEU P 231 27.18 24.53 1.83
N GLY P 232 27.81 25.68 2.07
CA GLY P 232 27.58 26.45 3.30
C GLY P 232 26.24 27.15 3.15
N GLY P 233 26.08 27.88 2.04
CA GLY P 233 24.84 28.54 1.65
C GLY P 233 24.45 29.82 2.38
N HIS P 234 25.11 30.17 3.50
CA HIS P 234 24.77 31.37 4.26
C HIS P 234 25.89 32.41 4.32
N GLY P 235 26.94 32.26 3.51
CA GLY P 235 28.06 33.19 3.44
C GLY P 235 28.78 33.41 4.76
N ASP P 236 28.97 32.34 5.54
CA ASP P 236 29.60 32.43 6.85
C ASP P 236 30.52 31.25 7.19
N ALA P 237 30.95 30.47 6.19
CA ALA P 237 31.81 29.33 6.42
C ALA P 237 32.68 29.09 5.20
N MET P 238 33.99 29.37 5.31
CA MET P 238 34.92 29.12 4.23
C MET P 238 35.19 27.61 4.21
N GLY P 239 35.42 27.06 3.04
CA GLY P 239 35.71 25.64 2.93
C GLY P 239 36.02 25.17 1.53
N GLY P 240 36.68 24.03 1.44
CA GLY P 240 37.08 23.39 0.20
C GLY P 240 37.06 21.89 0.39
N ILE P 241 36.60 21.14 -0.61
CA ILE P 241 36.48 19.69 -0.46
C ILE P 241 36.57 18.99 -1.83
N ILE P 242 37.25 17.82 -1.87
CA ILE P 242 37.39 17.03 -3.08
C ILE P 242 36.84 15.63 -2.82
N ALA P 243 35.75 15.26 -3.53
CA ALA P 243 35.17 13.93 -3.45
C ALA P 243 35.92 13.09 -4.49
N THR P 244 36.58 11.99 -4.06
CA THR P 244 37.42 11.19 -4.98
C THR P 244 37.58 9.72 -4.51
N ASN P 245 38.26 8.89 -5.34
CA ASN P 245 38.59 7.50 -5.01
C ASN P 245 39.60 7.44 -3.82
N ALA P 246 39.84 6.24 -3.27
CA ALA P 246 40.77 6.08 -2.15
C ALA P 246 42.23 6.45 -2.45
N ASP P 247 42.72 6.21 -3.68
CA ASP P 247 44.11 6.53 -4.04
C ASP P 247 44.37 8.03 -3.95
N TRP P 248 43.51 8.85 -4.56
CA TRP P 248 43.67 10.30 -4.54
C TRP P 248 43.36 10.88 -3.17
N ALA P 249 42.42 10.28 -2.41
CA ALA P 249 42.12 10.75 -1.06
C ALA P 249 43.34 10.57 -0.16
N MET P 250 44.06 9.46 -0.31
CA MET P 250 45.27 9.18 0.46
C MET P 250 46.35 10.21 0.12
N ARG P 251 46.52 10.53 -1.17
CA ARG P 251 47.50 11.52 -1.60
C ARG P 251 47.17 12.92 -1.08
N LEU P 252 45.87 13.29 -1.10
CA LEU P 252 45.43 14.59 -0.61
C LEU P 252 45.62 14.70 0.90
N ARG P 253 45.31 13.62 1.65
CA ARG P 253 45.49 13.60 3.10
C ARG P 253 46.98 13.64 3.48
N GLN P 254 47.86 13.01 2.66
CA GLN P 254 49.31 13.06 2.89
C GLN P 254 49.80 14.51 2.81
N VAL P 255 49.29 15.27 1.85
CA VAL P 255 49.64 16.69 1.68
C VAL P 255 49.04 17.50 2.84
N ARG P 256 47.78 17.24 3.18
CA ARG P 256 47.08 17.95 4.26
C ARG P 256 47.78 17.78 5.62
N ALA P 257 48.24 16.57 5.94
CA ALA P 257 48.89 16.30 7.21
C ALA P 257 50.22 17.06 7.38
N ILE P 258 50.91 17.42 6.27
CA ILE P 258 52.20 18.10 6.35
C ILE P 258 52.09 19.62 6.02
N THR P 259 51.17 20.04 5.14
CA THR P 259 51.01 21.46 4.81
C THR P 259 49.94 22.16 5.71
N GLY P 260 49.07 21.38 6.36
CA GLY P 260 48.09 21.86 7.33
C GLY P 260 47.11 22.97 6.98
N ALA P 261 46.48 22.93 5.80
CA ALA P 261 45.45 23.91 5.44
C ALA P 261 44.12 23.31 5.92
N LEU P 262 43.95 23.22 7.24
CA LEU P 262 42.82 22.55 7.86
C LEU P 262 41.54 23.35 7.92
N LEU P 263 40.41 22.62 7.87
CA LEU P 263 39.08 23.18 8.01
C LEU P 263 38.79 23.17 9.51
N HIS P 264 38.45 24.34 10.08
CA HIS P 264 38.20 24.47 11.51
C HIS P 264 36.96 23.64 11.94
N PRO P 265 36.92 23.01 13.14
CA PRO P 265 35.73 22.24 13.53
C PRO P 265 34.38 22.94 13.39
N MET P 266 34.30 24.28 13.62
CA MET P 266 33.06 25.02 13.46
C MET P 266 32.73 25.21 11.98
N GLY P 267 33.75 25.42 11.15
CA GLY P 267 33.57 25.53 9.71
C GLY P 267 32.97 24.25 9.13
N ALA P 268 33.48 23.09 9.56
CA ALA P 268 32.91 21.80 9.13
C ALA P 268 31.50 21.60 9.62
N TYR P 269 31.22 22.07 10.86
CA TYR P 269 29.88 21.96 11.41
C TYR P 269 28.86 22.72 10.57
N LEU P 270 29.17 23.97 10.18
CA LEU P 270 28.25 24.79 9.40
C LEU P 270 28.13 24.33 7.94
N LEU P 271 29.21 23.76 7.37
CA LEU P 271 29.16 23.27 6.00
C LEU P 271 28.34 21.97 5.94
N HIS P 272 28.49 21.10 6.96
CA HIS P 272 27.71 19.86 7.10
C HIS P 272 26.23 20.23 7.35
N ARG P 273 25.99 21.24 8.21
CA ARG P 273 24.65 21.78 8.53
C ARG P 273 23.98 22.32 7.26
N GLY P 274 24.77 23.00 6.42
CA GLY P 274 24.30 23.56 5.16
C GLY P 274 23.86 22.51 4.15
N LEU P 275 24.50 21.33 4.19
CA LEU P 275 24.13 20.25 3.27
C LEU P 275 22.68 19.76 3.52
N ARG P 276 22.16 19.90 4.76
CA ARG P 276 20.82 19.45 5.12
C ARG P 276 19.70 20.21 4.38
N THR P 277 19.97 21.48 4.00
CA THR P 277 19.04 22.34 3.26
C THR P 277 19.50 22.60 1.81
N LEU P 278 20.52 21.88 1.30
CA LEU P 278 21.05 22.13 -0.04
C LEU P 278 20.05 21.90 -1.18
N ALA P 279 19.25 20.82 -1.11
CA ALA P 279 18.26 20.55 -2.16
C ALA P 279 17.15 21.61 -2.18
N VAL P 280 16.63 22.01 -1.02
CA VAL P 280 15.54 23.00 -0.98
C VAL P 280 16.04 24.39 -1.35
N ARG P 281 17.31 24.74 -1.03
CA ARG P 281 17.86 26.04 -1.39
C ARG P 281 18.18 26.11 -2.88
N MET P 282 18.78 25.05 -3.43
CA MET P 282 19.12 25.01 -4.85
C MET P 282 17.85 25.04 -5.70
N ARG P 283 16.85 24.21 -5.38
CA ARG P 283 15.59 24.18 -6.13
C ARG P 283 14.87 25.54 -6.12
N ALA P 284 14.90 26.26 -4.98
CA ALA P 284 14.24 27.56 -4.89
C ALA P 284 14.97 28.63 -5.69
N ALA P 285 16.30 28.71 -5.58
CA ALA P 285 17.10 29.70 -6.29
C ALA P 285 17.12 29.43 -7.80
N GLN P 286 17.10 28.16 -8.21
CA GLN P 286 17.09 27.77 -9.62
C GLN P 286 15.79 28.23 -10.29
N THR P 287 14.66 28.07 -9.59
CA THR P 287 13.35 28.50 -10.11
C THR P 287 13.35 30.02 -10.32
N THR P 288 13.86 30.77 -9.34
CA THR P 288 13.95 32.22 -9.42
C THR P 288 14.89 32.65 -10.56
N ALA P 289 16.02 31.95 -10.73
CA ALA P 289 16.98 32.27 -11.77
C ALA P 289 16.46 32.01 -13.19
N GLY P 290 15.76 30.91 -13.39
CA GLY P 290 15.17 30.59 -14.70
C GLY P 290 14.21 31.66 -15.18
N GLU P 291 13.44 32.24 -14.25
CA GLU P 291 12.50 33.31 -14.53
C GLU P 291 13.23 34.64 -14.73
N LEU P 292 14.25 34.93 -13.90
CA LEU P 292 15.02 36.18 -14.03
C LEU P 292 15.76 36.24 -15.37
N ALA P 293 16.42 35.15 -15.79
CA ALA P 293 17.15 35.11 -17.05
C ALA P 293 16.26 35.47 -18.25
N GLU P 294 14.97 35.10 -18.21
CA GLU P 294 14.02 35.41 -19.27
C GLU P 294 13.67 36.91 -19.27
N ARG P 295 13.44 37.50 -18.08
CA ARG P 295 13.10 38.91 -17.95
C ARG P 295 14.29 39.79 -18.34
N LEU P 296 15.49 39.39 -17.94
CA LEU P 296 16.72 40.12 -18.21
C LEU P 296 17.10 40.07 -19.69
N ASP P 297 16.78 38.94 -20.37
CA ASP P 297 17.04 38.83 -21.81
C ASP P 297 16.16 39.81 -22.60
N ALA P 298 14.90 40.01 -22.14
CA ALA P 298 13.95 40.94 -22.76
C ALA P 298 14.34 42.42 -22.58
N HIS P 299 15.20 42.77 -21.61
CA HIS P 299 15.58 44.16 -21.39
C HIS P 299 16.48 44.68 -22.52
N PRO P 300 16.29 45.92 -23.03
CA PRO P 300 17.17 46.39 -24.12
C PRO P 300 18.61 46.70 -23.73
N ALA P 301 18.85 47.02 -22.45
CA ALA P 301 20.20 47.31 -21.96
C ALA P 301 21.12 46.10 -22.01
N ILE P 302 20.55 44.86 -21.94
CA ILE P 302 21.35 43.64 -21.99
C ILE P 302 21.28 43.03 -23.39
N SER P 303 22.44 42.79 -24.01
CA SER P 303 22.52 42.20 -25.33
C SER P 303 22.45 40.66 -25.28
N VAL P 304 23.27 40.02 -24.43
CA VAL P 304 23.35 38.56 -24.32
C VAL P 304 23.13 38.14 -22.86
N VAL P 305 22.32 37.09 -22.62
CA VAL P 305 22.12 36.53 -21.29
C VAL P 305 22.57 35.09 -21.35
N HIS P 306 23.56 34.72 -20.54
CA HIS P 306 24.09 33.37 -20.46
C HIS P 306 23.39 32.64 -19.31
N TYR P 307 22.62 31.60 -19.63
CA TYR P 307 21.93 30.78 -18.64
C TYR P 307 21.65 29.40 -19.27
N PRO P 308 22.15 28.26 -18.74
CA PRO P 308 21.91 26.96 -19.41
C PRO P 308 20.47 26.62 -19.76
N GLY P 309 19.53 26.96 -18.87
CA GLY P 309 18.11 26.69 -19.07
C GLY P 309 17.44 27.45 -20.21
N LEU P 310 18.00 28.59 -20.69
CA LEU P 310 17.38 29.34 -21.79
C LEU P 310 17.50 28.57 -23.13
N LYS P 311 16.63 28.91 -24.10
CA LYS P 311 16.63 28.21 -25.40
C LYS P 311 17.87 28.59 -26.20
N GLY P 312 18.42 27.61 -26.91
CA GLY P 312 19.58 27.80 -27.76
C GLY P 312 20.92 27.73 -27.04
N GLN P 313 20.93 27.91 -25.73
CA GLN P 313 22.18 27.90 -24.97
C GLN P 313 22.62 26.49 -24.52
N ASP P 314 21.88 25.43 -24.93
CA ASP P 314 22.26 24.04 -24.72
C ASP P 314 22.20 23.27 -26.07
N PRO P 315 23.18 23.44 -26.99
CA PRO P 315 23.12 22.69 -28.26
C PRO P 315 23.45 21.20 -28.15
N ARG P 316 24.39 20.83 -27.27
CA ARG P 316 24.81 19.43 -27.10
C ARG P 316 23.85 18.55 -26.28
N GLY P 317 22.78 19.12 -25.75
CA GLY P 317 21.82 18.36 -24.97
C GLY P 317 22.34 17.88 -23.64
N LEU P 318 23.20 18.68 -23.00
CA LEU P 318 23.78 18.36 -21.70
C LEU P 318 22.77 18.52 -20.56
N LEU P 319 21.70 19.32 -20.74
CA LEU P 319 20.68 19.48 -19.72
C LEU P 319 19.79 18.22 -19.82
N GLY P 320 19.74 17.46 -18.73
CA GLY P 320 19.01 16.21 -18.64
C GLY P 320 19.99 15.04 -18.59
N ARG P 321 20.92 15.02 -19.55
CA ARG P 321 21.96 13.99 -19.65
C ARG P 321 23.03 14.14 -18.56
N GLN P 322 23.53 15.37 -18.36
CA GLN P 322 24.60 15.69 -17.41
C GLN P 322 24.10 16.57 -16.24
N MET P 323 23.34 17.63 -16.55
CA MET P 323 22.82 18.57 -15.55
C MET P 323 21.32 18.43 -15.38
N SER P 324 20.84 18.13 -14.18
CA SER P 324 19.40 18.01 -13.93
C SER P 324 18.76 19.38 -13.60
N GLY P 325 19.25 20.46 -14.21
CA GLY P 325 18.72 21.80 -13.97
C GLY P 325 19.61 22.89 -14.54
N GLY P 326 19.03 24.07 -14.69
CA GLY P 326 19.72 25.23 -15.23
C GLY P 326 20.68 25.94 -14.30
N GLY P 327 20.53 25.76 -12.99
CA GLY P 327 21.37 26.40 -12.00
C GLY P 327 20.80 27.70 -11.47
N ALA P 328 21.53 28.34 -10.55
CA ALA P 328 21.13 29.61 -9.95
C ALA P 328 22.14 30.73 -10.19
N MET P 329 22.93 30.64 -11.27
CA MET P 329 23.91 31.66 -11.65
C MET P 329 23.51 32.18 -13.02
N ILE P 330 23.63 33.51 -13.22
CA ILE P 330 23.30 34.14 -14.49
C ILE P 330 24.39 35.15 -14.81
N ALA P 331 25.01 35.05 -15.99
CA ALA P 331 25.98 36.04 -16.46
C ALA P 331 25.36 36.75 -17.67
N MET P 332 25.73 38.01 -17.91
CA MET P 332 25.18 38.77 -19.03
C MET P 332 26.15 39.79 -19.60
N GLU P 333 26.05 40.04 -20.92
CA GLU P 333 26.88 40.99 -21.64
C GLU P 333 26.03 42.26 -21.82
N LEU P 334 26.54 43.42 -21.37
CA LEU P 334 25.79 44.68 -21.49
C LEU P 334 26.04 45.30 -22.87
N ALA P 335 25.02 45.97 -23.42
CA ALA P 335 25.12 46.61 -24.73
C ALA P 335 26.09 47.80 -24.70
N GLY P 336 26.06 48.58 -23.62
CA GLY P 336 26.93 49.74 -23.48
C GLY P 336 28.35 49.47 -23.03
N GLY P 337 28.76 48.20 -22.99
CA GLY P 337 30.12 47.83 -22.61
C GLY P 337 30.42 47.96 -21.13
N PHE P 338 31.65 48.41 -20.81
CA PHE P 338 32.09 48.57 -19.44
C PHE P 338 31.27 49.60 -18.66
N ASP P 339 30.98 50.77 -19.24
CA ASP P 339 30.24 51.82 -18.54
C ASP P 339 28.84 51.36 -18.11
N ALA P 340 28.12 50.62 -18.97
CA ALA P 340 26.80 50.10 -18.64
C ALA P 340 26.90 49.02 -17.55
N ALA P 341 27.91 48.15 -17.65
CA ALA P 341 28.18 47.09 -16.66
C ALA P 341 28.51 47.70 -15.30
N ARG P 342 29.32 48.77 -15.27
CA ARG P 342 29.71 49.48 -14.06
C ARG P 342 28.48 50.14 -13.42
N SER P 343 27.67 50.87 -14.21
CA SER P 343 26.47 51.53 -13.71
C SER P 343 25.43 50.55 -13.19
N PHE P 344 25.30 49.37 -13.83
CA PHE P 344 24.34 48.34 -13.43
C PHE P 344 24.60 47.84 -12.00
N VAL P 345 25.85 47.48 -11.68
CA VAL P 345 26.18 46.98 -10.34
C VAL P 345 26.16 48.08 -9.28
N GLU P 346 26.52 49.33 -9.66
CA GLU P 346 26.57 50.45 -8.73
C GLU P 346 25.17 51.01 -8.39
N HIS P 347 24.16 50.78 -9.23
CA HIS P 347 22.79 51.23 -8.94
C HIS P 347 21.89 50.15 -8.31
N CYS P 348 22.43 48.96 -8.01
CA CYS P 348 21.66 47.94 -7.32
C CYS P 348 21.57 48.33 -5.84
N ASN P 349 20.44 48.04 -5.18
CA ASN P 349 20.24 48.33 -3.76
C ASN P 349 19.97 47.02 -2.97
N LEU P 350 18.91 46.27 -3.35
CA LEU P 350 18.58 44.99 -2.72
C LEU P 350 19.64 43.97 -3.10
N VAL P 351 20.00 43.91 -4.40
CA VAL P 351 21.06 43.03 -4.89
C VAL P 351 22.36 43.73 -4.49
N VAL P 352 23.25 43.01 -3.80
CA VAL P 352 24.47 43.60 -3.26
C VAL P 352 25.69 43.36 -4.16
N HIS P 353 26.50 44.43 -4.39
CA HIS P 353 27.73 44.35 -5.17
C HIS P 353 28.83 43.71 -4.30
N ALA P 354 29.05 42.40 -4.50
CA ALA P 354 30.04 41.63 -3.74
C ALA P 354 30.42 40.33 -4.47
N VAL P 355 31.60 39.79 -4.15
CA VAL P 355 32.05 38.50 -4.70
C VAL P 355 31.37 37.33 -3.89
N SER P 356 31.62 36.05 -4.26
CA SER P 356 31.04 34.84 -3.66
C SER P 356 29.66 34.55 -4.27
N LEU P 357 29.19 33.32 -4.11
CA LEU P 357 27.95 32.87 -4.72
C LEU P 357 27.27 31.77 -3.87
N GLY P 358 26.08 31.35 -4.29
CA GLY P 358 25.33 30.29 -3.61
C GLY P 358 24.72 30.62 -2.26
N GLY P 359 24.74 31.88 -1.87
CA GLY P 359 24.21 32.32 -0.60
C GLY P 359 22.71 32.53 -0.60
N ALA P 360 22.15 32.82 0.58
CA ALA P 360 20.72 33.09 0.73
C ALA P 360 20.31 34.39 0.05
N ASP P 361 21.25 35.34 -0.14
CA ASP P 361 20.99 36.63 -0.79
C ASP P 361 21.60 36.71 -2.19
N THR P 362 21.04 37.58 -3.03
CA THR P 362 21.47 37.78 -4.41
C THR P 362 22.61 38.76 -4.45
N LEU P 363 23.72 38.37 -5.12
CA LEU P 363 24.92 39.18 -5.25
C LEU P 363 25.23 39.41 -6.72
N ILE P 364 25.95 40.50 -7.01
CA ILE P 364 26.32 40.90 -8.36
C ILE P 364 27.76 41.45 -8.37
N GLN P 365 28.49 41.26 -9.46
CA GLN P 365 29.88 41.74 -9.56
C GLN P 365 30.41 41.78 -11.00
N HIS P 366 31.46 42.58 -11.25
CA HIS P 366 32.12 42.67 -12.55
C HIS P 366 33.32 41.70 -12.50
N PRO P 367 33.25 40.53 -13.16
CA PRO P 367 34.37 39.57 -13.04
C PRO P 367 35.75 40.06 -13.42
N ALA P 368 35.88 40.81 -14.52
CA ALA P 368 37.18 41.33 -14.96
C ALA P 368 37.84 42.23 -13.91
N SER P 369 37.04 42.90 -13.06
CA SER P 369 37.54 43.79 -12.01
C SER P 369 37.76 43.11 -10.67
N LEU P 370 37.06 41.99 -10.38
CA LEU P 370 37.19 41.33 -9.08
C LEU P 370 37.61 39.83 -9.17
N THR P 371 36.68 38.87 -9.30
CA THR P 371 37.02 37.44 -9.27
C THR P 371 38.10 37.02 -10.26
N HIS P 372 38.04 37.55 -11.48
CA HIS P 372 38.99 37.22 -12.53
C HIS P 372 39.99 38.36 -12.81
N ARG P 373 40.34 39.16 -11.77
CA ARG P 373 41.33 40.24 -11.90
C ARG P 373 42.77 39.67 -12.03
N PRO P 374 43.18 38.60 -11.29
CA PRO P 374 44.56 38.08 -11.47
C PRO P 374 44.79 37.28 -12.76
N VAL P 375 43.75 37.14 -13.61
CA VAL P 375 43.84 36.39 -14.87
C VAL P 375 44.58 37.24 -15.91
N ALA P 376 45.32 36.58 -16.81
CA ALA P 376 46.05 37.26 -17.88
C ALA P 376 45.10 38.06 -18.77
N ALA P 377 45.55 39.20 -19.28
CA ALA P 377 44.74 40.07 -20.13
C ALA P 377 44.05 39.35 -21.29
N THR P 378 44.77 38.45 -21.98
CA THR P 378 44.22 37.70 -23.11
C THR P 378 43.08 36.76 -22.68
N ALA P 379 43.20 36.17 -21.49
CA ALA P 379 42.24 35.22 -20.95
C ALA P 379 41.16 35.84 -20.05
N LYS P 380 41.22 37.15 -19.78
CA LYS P 380 40.25 37.80 -18.89
C LYS P 380 38.83 37.79 -19.51
N PRO P 381 37.73 37.75 -18.71
CA PRO P 381 36.39 37.81 -19.33
C PRO P 381 36.09 39.19 -19.94
N GLY P 382 35.00 39.26 -20.70
CA GLY P 382 34.58 40.50 -21.35
C GLY P 382 34.36 41.64 -20.38
N ASP P 383 34.68 42.87 -20.82
CA ASP P 383 34.51 44.06 -20.00
C ASP P 383 33.02 44.42 -19.77
N GLY P 384 32.15 44.03 -20.70
CA GLY P 384 30.71 44.23 -20.56
C GLY P 384 30.00 43.13 -19.81
N LEU P 385 30.72 42.06 -19.40
CA LEU P 385 30.14 40.92 -18.71
C LEU P 385 29.94 41.19 -17.21
N ILE P 386 28.80 40.72 -16.68
CA ILE P 386 28.40 40.85 -15.27
C ILE P 386 27.91 39.49 -14.79
N ARG P 387 28.41 39.02 -13.62
CA ARG P 387 27.98 37.75 -13.03
C ARG P 387 27.01 38.03 -11.87
N LEU P 388 25.95 37.21 -11.74
CA LEU P 388 24.92 37.35 -10.72
C LEU P 388 24.64 36.00 -10.07
N SER P 389 24.63 35.95 -8.73
CA SER P 389 24.28 34.75 -7.96
C SER P 389 22.88 34.94 -7.44
N VAL P 390 21.93 34.10 -7.87
CA VAL P 390 20.53 34.24 -7.45
C VAL P 390 20.33 33.58 -6.07
N GLY P 391 19.66 34.30 -5.16
CA GLY P 391 19.38 33.84 -3.81
C GLY P 391 17.98 33.33 -3.62
N LEU P 392 17.48 33.41 -2.37
CA LEU P 392 16.15 32.91 -1.99
C LEU P 392 15.11 34.03 -1.81
N GLU P 393 15.31 35.18 -2.47
CA GLU P 393 14.35 36.28 -2.37
C GLU P 393 13.25 36.11 -3.43
N HIS P 394 12.14 36.85 -3.29
CA HIS P 394 11.05 36.78 -4.24
C HIS P 394 11.52 37.28 -5.61
N VAL P 395 11.12 36.58 -6.68
CA VAL P 395 11.49 36.90 -8.05
C VAL P 395 11.11 38.35 -8.44
N ASP P 396 9.92 38.83 -8.03
CA ASP P 396 9.48 40.17 -8.37
C ASP P 396 10.36 41.24 -7.75
N ASP P 397 10.73 41.10 -6.47
CA ASP P 397 11.58 42.09 -5.79
C ASP P 397 12.99 42.15 -6.40
N LEU P 398 13.51 41.00 -6.88
CA LEU P 398 14.84 40.98 -7.49
C LEU P 398 14.79 41.60 -8.88
N ALA P 399 13.75 41.26 -9.67
CA ALA P 399 13.60 41.82 -11.00
C ALA P 399 13.39 43.32 -10.94
N ASP P 400 12.56 43.81 -10.00
CA ASP P 400 12.30 45.24 -9.83
C ASP P 400 13.60 46.01 -9.57
N ASP P 401 14.47 45.47 -8.71
CA ASP P 401 15.73 46.11 -8.39
C ASP P 401 16.73 46.08 -9.54
N LEU P 402 16.84 44.93 -10.24
CA LEU P 402 17.77 44.80 -11.36
C LEU P 402 17.34 45.65 -12.56
N ILE P 403 16.02 45.76 -12.80
CA ILE P 403 15.52 46.58 -13.90
C ILE P 403 15.77 48.06 -13.59
N ALA P 404 15.49 48.51 -12.35
CA ALA P 404 15.74 49.89 -11.94
C ALA P 404 17.22 50.26 -12.08
N ALA P 405 18.14 49.32 -11.77
CA ALA P 405 19.58 49.54 -11.89
C ALA P 405 20.00 49.72 -13.36
N LEU P 406 19.38 48.96 -14.28
CA LEU P 406 19.67 49.07 -15.71
C LEU P 406 19.10 50.38 -16.26
N ASP P 407 17.90 50.78 -15.80
CA ASP P 407 17.25 52.03 -16.22
C ASP P 407 17.96 53.28 -15.67
N ALA P 408 18.82 53.15 -14.65
CA ALA P 408 19.55 54.28 -14.08
C ALA P 408 20.58 54.87 -15.06
N SER P 409 21.18 54.03 -15.92
CA SER P 409 22.16 54.49 -16.90
C SER P 409 21.50 55.35 -18.00
N THR Q 22 -1.28 -9.87 23.65
CA THR Q 22 -2.13 -9.25 22.64
C THR Q 22 -2.56 -10.29 21.58
N SER Q 23 -1.57 -11.01 21.02
CA SER Q 23 -1.81 -12.04 20.00
C SER Q 23 -2.31 -13.36 20.62
N LEU Q 24 -2.07 -13.61 21.93
CA LEU Q 24 -2.49 -14.85 22.59
C LEU Q 24 -3.89 -14.72 23.19
N HIS Q 25 -4.58 -15.87 23.32
CA HIS Q 25 -5.92 -15.93 23.88
C HIS Q 25 -5.88 -15.73 25.43
N PRO Q 26 -6.99 -15.31 26.09
CA PRO Q 26 -6.92 -15.14 27.56
C PRO Q 26 -6.64 -16.43 28.35
N GLU Q 27 -7.01 -17.59 27.80
CA GLU Q 27 -6.77 -18.88 28.47
C GLU Q 27 -5.26 -19.17 28.54
N THR Q 28 -4.52 -18.80 27.47
CA THR Q 28 -3.06 -18.96 27.41
C THR Q 28 -2.39 -17.95 28.36
N LEU Q 29 -2.88 -16.70 28.37
CA LEU Q 29 -2.32 -15.62 29.19
C LEU Q 29 -2.53 -15.83 30.69
N MET Q 30 -3.53 -16.61 31.10
CA MET Q 30 -3.73 -16.92 32.52
C MET Q 30 -2.64 -17.89 33.01
N VAL Q 31 -2.20 -18.83 32.16
CA VAL Q 31 -1.15 -19.79 32.50
C VAL Q 31 0.24 -19.12 32.50
N HIS Q 32 0.58 -18.41 31.42
CA HIS Q 32 1.91 -17.79 31.24
C HIS Q 32 2.06 -16.32 31.67
N GLY Q 33 1.00 -15.70 32.18
CA GLY Q 33 1.07 -14.31 32.63
C GLY Q 33 1.93 -14.16 33.86
N GLY Q 34 2.79 -13.15 33.87
CA GLY Q 34 3.71 -12.90 34.97
C GLY Q 34 4.83 -13.93 35.13
N MET Q 35 5.01 -14.81 34.12
CA MET Q 35 6.05 -15.85 34.14
C MET Q 35 7.18 -15.47 33.16
N LYS Q 36 7.47 -14.17 33.01
CA LYS Q 36 8.46 -13.70 32.06
C LYS Q 36 9.87 -13.88 32.61
N GLY Q 37 10.76 -14.46 31.81
CA GLY Q 37 12.14 -14.69 32.20
C GLY Q 37 12.40 -15.92 33.04
N LEU Q 38 11.35 -16.63 33.51
CA LEU Q 38 11.53 -17.81 34.35
C LEU Q 38 12.09 -18.97 33.52
N THR Q 39 11.49 -19.23 32.34
CA THR Q 39 11.97 -20.29 31.45
C THR Q 39 13.41 -20.01 30.99
N GLU Q 40 13.73 -18.74 30.75
CA GLU Q 40 15.05 -18.30 30.31
C GLU Q 40 16.10 -18.47 31.44
N ALA Q 41 15.67 -18.41 32.72
CA ALA Q 41 16.53 -18.61 33.89
C ALA Q 41 16.62 -20.08 34.37
N GLY Q 42 15.97 -21.02 33.67
CA GLY Q 42 16.01 -22.43 34.01
C GLY Q 42 15.16 -22.83 35.22
N VAL Q 43 14.01 -22.14 35.43
CA VAL Q 43 13.09 -22.43 36.53
C VAL Q 43 11.65 -22.51 36.00
N HIS Q 44 10.76 -23.23 36.70
CA HIS Q 44 9.38 -23.44 36.27
C HIS Q 44 8.36 -22.44 36.85
N VAL Q 45 8.38 -22.22 38.17
CA VAL Q 45 7.45 -21.34 38.87
C VAL Q 45 8.21 -20.17 39.54
N PRO Q 46 7.57 -18.98 39.81
CA PRO Q 46 8.33 -17.90 40.44
C PRO Q 46 8.74 -18.24 41.87
N ALA Q 47 9.95 -17.84 42.26
CA ALA Q 47 10.46 -18.13 43.58
C ALA Q 47 9.79 -17.25 44.64
N ILE Q 48 9.76 -17.72 45.89
CA ILE Q 48 9.19 -16.98 47.01
C ILE Q 48 10.35 -16.37 47.79
N ASP Q 49 10.63 -15.09 47.56
CA ASP Q 49 11.72 -14.38 48.23
C ASP Q 49 11.14 -13.70 49.47
N LEU Q 50 11.46 -14.22 50.66
CA LEU Q 50 10.96 -13.66 51.91
C LEU Q 50 11.75 -12.44 52.41
N SER Q 51 12.87 -12.08 51.74
CA SER Q 51 13.73 -10.95 52.11
C SER Q 51 12.96 -9.67 52.44
N THR Q 52 13.13 -9.16 53.66
CA THR Q 52 12.52 -7.91 54.07
C THR Q 52 13.32 -6.74 53.49
N THR Q 53 14.66 -6.85 53.52
CA THR Q 53 15.57 -5.85 52.98
C THR Q 53 16.23 -6.37 51.70
N ASN Q 54 16.73 -5.45 50.87
CA ASN Q 54 17.39 -5.74 49.61
C ASN Q 54 18.66 -4.87 49.52
N PRO Q 55 19.88 -5.44 49.63
CA PRO Q 55 21.10 -4.60 49.58
C PRO Q 55 21.26 -3.70 48.37
N VAL Q 56 21.99 -2.59 48.56
CA VAL Q 56 22.23 -1.59 47.51
C VAL Q 56 23.71 -1.56 47.11
N ASN Q 57 23.99 -1.24 45.84
CA ASN Q 57 25.37 -1.23 45.33
C ASN Q 57 26.17 -0.06 45.91
N ASP Q 58 25.55 1.13 45.98
CA ASP Q 58 26.18 2.31 46.55
C ASP Q 58 25.11 3.29 47.11
N VAL Q 59 25.55 4.38 47.75
CA VAL Q 59 24.66 5.37 48.37
C VAL Q 59 23.83 6.08 47.30
N ALA Q 60 24.45 6.46 46.18
CA ALA Q 60 23.77 7.17 45.10
C ALA Q 60 22.67 6.34 44.42
N THR Q 61 22.98 5.10 43.97
CA THR Q 61 21.97 4.27 43.30
C THR Q 61 20.90 3.78 44.28
N GLY Q 62 21.31 3.45 45.49
CA GLY Q 62 20.37 3.02 46.52
C GLY Q 62 19.38 4.10 46.90
N GLY Q 63 19.89 5.31 47.10
CA GLY Q 63 19.07 6.47 47.41
C GLY Q 63 18.12 6.86 46.30
N ASP Q 64 18.60 6.83 45.05
CA ASP Q 64 17.76 7.14 43.89
C ASP Q 64 16.66 6.07 43.72
N SER Q 65 17.00 4.78 43.95
CA SER Q 65 16.01 3.71 43.86
C SER Q 65 14.97 3.87 44.97
N TYR Q 66 15.39 4.25 46.20
CA TYR Q 66 14.49 4.51 47.31
C TYR Q 66 13.49 5.61 46.92
N GLU Q 67 13.98 6.75 46.42
CA GLU Q 67 13.12 7.87 46.03
C GLU Q 67 12.17 7.49 44.89
N TRP Q 68 12.66 6.80 43.86
CA TRP Q 68 11.84 6.37 42.73
C TRP Q 68 10.68 5.49 43.19
N LEU Q 69 10.93 4.54 44.09
CA LEU Q 69 9.90 3.64 44.59
C LEU Q 69 8.96 4.30 45.59
N ALA Q 70 9.49 5.09 46.54
CA ALA Q 70 8.69 5.78 47.54
C ALA Q 70 7.72 6.77 46.89
N THR Q 71 8.12 7.39 45.76
CA THR Q 71 7.24 8.30 45.01
C THR Q 71 6.25 7.55 44.06
N GLY Q 72 6.06 6.24 44.28
CA GLY Q 72 5.11 5.42 43.54
C GLY Q 72 5.52 4.87 42.19
N HIS Q 73 6.82 4.84 41.85
CA HIS Q 73 7.24 4.33 40.55
C HIS Q 73 7.59 2.84 40.55
N THR Q 74 7.53 2.22 39.37
CA THR Q 74 7.85 0.81 39.14
C THR Q 74 9.36 0.61 39.26
N LEU Q 75 9.79 -0.53 39.83
CA LEU Q 75 11.21 -0.82 39.96
C LEU Q 75 11.85 -0.94 38.59
N LYS Q 76 12.98 -0.25 38.39
CA LYS Q 76 13.70 -0.29 37.13
C LYS Q 76 14.42 -1.64 37.00
N ASP Q 77 14.61 -2.12 35.76
CA ASP Q 77 15.30 -3.39 35.55
C ASP Q 77 16.78 -3.18 35.89
N GLY Q 78 17.31 -4.03 36.76
CA GLY Q 78 18.68 -3.93 37.21
C GLY Q 78 18.84 -2.87 38.29
N ASP Q 79 17.90 -2.83 39.24
CA ASP Q 79 17.88 -1.88 40.36
C ASP Q 79 17.46 -2.62 41.63
N SER Q 80 18.00 -2.22 42.79
CA SER Q 80 17.67 -2.87 44.05
C SER Q 80 16.27 -2.48 44.51
N ALA Q 81 15.52 -3.46 45.04
CA ALA Q 81 14.19 -3.19 45.60
C ALA Q 81 14.27 -2.37 46.91
N VAL Q 82 15.48 -2.28 47.55
CA VAL Q 82 15.81 -1.53 48.77
C VAL Q 82 15.12 -2.12 50.03
N TYR Q 83 13.79 -2.19 50.03
CA TYR Q 83 13.00 -2.69 51.15
C TYR Q 83 11.66 -3.23 50.62
N GLN Q 84 11.07 -4.20 51.33
CA GLN Q 84 9.82 -4.81 50.90
C GLN Q 84 8.66 -3.82 50.79
N ARG Q 85 8.55 -2.90 51.77
CA ARG Q 85 7.49 -1.88 51.73
C ARG Q 85 7.54 -1.02 50.47
N LEU Q 86 8.71 -0.92 49.82
CA LEU Q 86 8.89 -0.16 48.59
C LEU Q 86 8.64 -1.06 47.37
N TRP Q 87 9.18 -2.30 47.37
CA TRP Q 87 8.98 -3.24 46.26
C TRP Q 87 9.22 -4.70 46.65
N GLN Q 88 8.38 -5.63 46.13
CA GLN Q 88 8.51 -7.07 46.35
C GLN Q 88 8.41 -7.74 44.95
N PRO Q 89 9.38 -8.59 44.53
CA PRO Q 89 9.30 -9.16 43.16
C PRO Q 89 8.17 -10.15 42.87
N GLY Q 90 7.80 -10.96 43.86
CA GLY Q 90 6.72 -11.93 43.71
C GLY Q 90 5.38 -11.24 43.58
N VAL Q 91 5.18 -10.15 44.35
CA VAL Q 91 3.96 -9.35 44.29
C VAL Q 91 3.91 -8.70 42.90
N ALA Q 92 5.03 -8.12 42.44
CA ALA Q 92 5.15 -7.51 41.12
C ALA Q 92 4.77 -8.46 39.99
N ARG Q 93 5.13 -9.75 40.07
CA ARG Q 93 4.77 -10.74 39.04
C ARG Q 93 3.25 -10.95 39.01
N PHE Q 94 2.62 -11.06 40.18
CA PHE Q 94 1.17 -11.19 40.29
C PHE Q 94 0.48 -9.93 39.72
N GLU Q 95 1.04 -8.76 40.01
CA GLU Q 95 0.53 -7.47 39.53
C GLU Q 95 0.53 -7.43 38.00
N THR Q 96 1.67 -7.77 37.35
CA THR Q 96 1.73 -7.76 35.88
C THR Q 96 0.84 -8.84 35.26
N ALA Q 97 0.65 -9.98 35.95
CA ALA Q 97 -0.20 -11.05 35.45
C ALA Q 97 -1.66 -10.59 35.34
N LEU Q 98 -2.21 -9.98 36.41
CA LEU Q 98 -3.59 -9.51 36.38
C LEU Q 98 -3.78 -8.30 35.48
N ALA Q 99 -2.81 -7.36 35.46
CA ALA Q 99 -2.89 -6.18 34.59
C ALA Q 99 -3.04 -6.58 33.12
N GLY Q 100 -2.35 -7.64 32.70
CA GLY Q 100 -2.46 -8.18 31.35
C GLY Q 100 -3.81 -8.80 31.05
N LEU Q 101 -4.45 -9.41 32.08
CA LEU Q 101 -5.76 -10.03 31.92
C LEU Q 101 -6.84 -8.97 31.83
N GLU Q 102 -6.75 -7.90 32.67
CA GLU Q 102 -7.70 -6.77 32.62
C GLU Q 102 -7.38 -5.76 31.50
N HIS Q 103 -6.23 -5.90 30.82
CA HIS Q 103 -5.75 -5.02 29.76
C HIS Q 103 -5.51 -3.60 30.28
N ALA Q 104 -4.97 -3.50 31.53
CA ALA Q 104 -4.60 -2.26 32.20
C ALA Q 104 -3.08 -2.04 32.04
N GLU Q 105 -2.61 -0.80 32.25
CA GLU Q 105 -1.19 -0.50 32.11
C GLU Q 105 -0.40 -1.16 33.24
N GLU Q 106 -0.85 -0.97 34.48
CA GLU Q 106 -0.19 -1.48 35.69
C GLU Q 106 -1.25 -2.01 36.71
N ALA Q 107 -0.79 -2.62 37.81
CA ALA Q 107 -1.64 -3.09 38.90
C ALA Q 107 -0.91 -2.98 40.23
N VAL Q 108 -1.64 -2.72 41.32
CA VAL Q 108 -1.06 -2.57 42.67
C VAL Q 108 -1.78 -3.53 43.61
N ALA Q 109 -1.02 -4.42 44.28
CA ALA Q 109 -1.57 -5.43 45.18
C ALA Q 109 -1.34 -5.10 46.66
N PHE Q 110 -2.31 -5.48 47.50
CA PHE Q 110 -2.36 -5.22 48.93
C PHE Q 110 -2.77 -6.50 49.70
N ALA Q 111 -2.68 -6.47 51.05
CA ALA Q 111 -3.02 -7.60 51.92
C ALA Q 111 -4.42 -8.16 51.72
N THR Q 112 -5.43 -7.28 51.55
CA THR Q 112 -6.85 -7.64 51.39
C THR Q 112 -7.53 -6.70 50.37
N GLY Q 113 -8.74 -7.05 49.92
CA GLY Q 113 -9.55 -6.20 49.04
C GLY Q 113 -9.88 -4.88 49.72
N MET Q 114 -10.09 -4.91 51.06
CA MET Q 114 -10.37 -3.70 51.83
C MET Q 114 -9.15 -2.79 51.90
N ALA Q 115 -7.93 -3.34 51.95
CA ALA Q 115 -6.71 -2.55 51.94
C ALA Q 115 -6.54 -1.82 50.61
N ALA Q 116 -6.94 -2.46 49.49
CA ALA Q 116 -6.89 -1.85 48.17
C ALA Q 116 -7.91 -0.71 48.10
N MET Q 117 -9.14 -0.93 48.60
CA MET Q 117 -10.19 0.10 48.67
C MET Q 117 -9.69 1.28 49.50
N THR Q 118 -9.09 1.00 50.67
CA THR Q 118 -8.53 1.99 51.59
C THR Q 118 -7.49 2.86 50.89
N ALA Q 119 -6.57 2.22 50.14
CA ALA Q 119 -5.54 2.94 49.42
C ALA Q 119 -6.11 3.85 48.33
N ALA Q 120 -7.12 3.36 47.58
CA ALA Q 120 -7.76 4.14 46.53
C ALA Q 120 -8.50 5.35 47.09
N LEU Q 121 -9.12 5.19 48.27
CA LEU Q 121 -9.83 6.29 48.91
C LEU Q 121 -8.83 7.29 49.47
N LEU Q 122 -7.74 6.83 50.11
CA LEU Q 122 -6.72 7.72 50.64
C LEU Q 122 -6.00 8.47 49.50
N ALA Q 123 -5.83 7.84 48.33
CA ALA Q 123 -5.21 8.49 47.17
C ALA Q 123 -6.09 9.65 46.68
N ALA Q 124 -7.42 9.46 46.69
CA ALA Q 124 -8.37 10.48 46.28
C ALA Q 124 -8.41 11.63 47.30
N VAL Q 125 -8.39 11.31 48.61
CA VAL Q 125 -8.40 12.31 49.67
C VAL Q 125 -7.12 13.14 49.60
N SER Q 126 -5.96 12.47 49.44
CA SER Q 126 -4.67 13.13 49.33
C SER Q 126 -4.60 14.08 48.14
N ALA Q 127 -5.24 13.71 47.00
CA ALA Q 127 -5.28 14.56 45.80
C ALA Q 127 -6.15 15.83 45.95
N GLY Q 128 -6.96 15.91 47.01
CA GLY Q 128 -7.87 17.03 47.25
C GLY Q 128 -9.27 16.80 46.73
N THR Q 129 -9.66 15.52 46.54
CA THR Q 129 -10.98 15.12 46.04
C THR Q 129 -11.54 14.07 47.00
N PRO Q 130 -11.95 14.44 48.24
CA PRO Q 130 -12.45 13.43 49.18
C PRO Q 130 -13.86 12.89 48.92
N HIS Q 131 -14.67 13.57 48.09
CA HIS Q 131 -16.03 13.13 47.83
C HIS Q 131 -16.09 11.96 46.86
N ILE Q 132 -17.02 11.03 47.10
CA ILE Q 132 -17.22 9.81 46.34
C ILE Q 132 -18.70 9.67 45.98
N VAL Q 133 -18.98 9.30 44.74
CA VAL Q 133 -20.35 9.01 44.29
C VAL Q 133 -20.34 7.50 44.11
N ALA Q 134 -21.05 6.78 44.98
CA ALA Q 134 -21.09 5.32 44.95
C ALA Q 134 -22.50 4.81 44.68
N VAL Q 135 -22.61 3.69 43.94
CA VAL Q 135 -23.90 3.08 43.58
C VAL Q 135 -24.07 1.77 44.33
N ARG Q 136 -25.16 1.65 45.10
CA ARG Q 136 -25.47 0.44 45.86
C ARG Q 136 -26.26 -0.56 44.99
N PRO Q 137 -26.24 -1.89 45.27
CA PRO Q 137 -25.53 -2.59 46.35
C PRO Q 137 -24.01 -2.74 46.14
N LEU Q 138 -23.26 -2.73 47.26
CA LEU Q 138 -21.82 -2.95 47.30
C LEU Q 138 -21.55 -3.93 48.46
N TYR Q 139 -20.32 -4.47 48.54
CA TYR Q 139 -19.95 -5.36 49.65
C TYR Q 139 -20.06 -4.57 50.98
N GLY Q 140 -20.59 -5.22 52.02
CA GLY Q 140 -20.79 -4.64 53.34
C GLY Q 140 -19.68 -3.77 53.88
N GLY Q 141 -18.45 -4.23 53.74
CA GLY Q 141 -17.26 -3.49 54.17
C GLY Q 141 -17.01 -2.26 53.32
N SER Q 142 -17.09 -2.40 51.98
CA SER Q 142 -16.92 -1.27 51.05
C SER Q 142 -18.00 -0.19 51.35
N ASP Q 143 -19.23 -0.64 51.61
CA ASP Q 143 -20.38 0.21 51.95
C ASP Q 143 -20.16 0.92 53.30
N HIS Q 144 -19.76 0.18 54.34
CA HIS Q 144 -19.53 0.70 55.69
C HIS Q 144 -18.33 1.66 55.75
N LEU Q 145 -17.23 1.37 55.02
CA LEU Q 145 -16.05 2.23 55.00
C LEU Q 145 -16.39 3.61 54.39
N LEU Q 146 -17.28 3.66 53.40
CA LEU Q 146 -17.71 4.91 52.79
C LEU Q 146 -18.68 5.64 53.72
N GLU Q 147 -19.67 4.92 54.30
CA GLU Q 147 -20.66 5.50 55.22
C GLU Q 147 -20.00 6.18 56.43
N THR Q 148 -19.04 5.49 57.08
CA THR Q 148 -18.37 6.03 58.26
C THR Q 148 -17.45 7.20 57.93
N GLY Q 149 -16.85 7.19 56.75
CA GLY Q 149 -15.92 8.24 56.34
C GLY Q 149 -14.67 8.25 57.19
N LEU Q 150 -14.19 7.05 57.54
CA LEU Q 150 -13.00 6.86 58.39
C LEU Q 150 -11.76 7.51 57.80
N LEU Q 151 -11.59 7.42 56.47
CA LEU Q 151 -10.40 7.94 55.78
C LEU Q 151 -10.56 9.38 55.29
N GLY Q 152 -11.46 10.16 55.88
CA GLY Q 152 -11.69 11.54 55.49
C GLY Q 152 -12.48 11.70 54.21
N THR Q 153 -13.31 10.70 53.84
CA THR Q 153 -14.12 10.74 52.63
C THR Q 153 -15.57 11.08 52.95
N THR Q 154 -16.24 11.76 52.02
CA THR Q 154 -17.65 12.06 52.08
C THR Q 154 -18.29 11.26 50.93
N VAL Q 155 -19.48 10.70 51.13
CA VAL Q 155 -20.13 9.86 50.10
C VAL Q 155 -21.53 10.36 49.77
N THR Q 156 -21.92 10.18 48.50
CA THR Q 156 -23.24 10.51 47.99
C THR Q 156 -23.76 9.24 47.32
N TRP Q 157 -24.69 8.55 47.99
CA TRP Q 157 -25.25 7.32 47.45
C TRP Q 157 -26.21 7.69 46.33
N ALA Q 158 -25.90 7.26 45.10
CA ALA Q 158 -26.70 7.59 43.93
C ALA Q 158 -27.10 6.35 43.14
N LYS Q 159 -28.24 6.45 42.45
CA LYS Q 159 -28.75 5.40 41.57
C LYS Q 159 -27.94 5.46 40.25
N GLU Q 160 -27.89 4.36 39.49
CA GLU Q 160 -27.15 4.30 38.22
C GLU Q 160 -27.48 5.46 37.26
N ALA Q 161 -28.76 5.80 37.11
CA ALA Q 161 -29.18 6.89 36.23
C ALA Q 161 -28.82 8.28 36.77
N ASP Q 162 -28.78 8.45 38.11
CA ASP Q 162 -28.50 9.75 38.75
C ASP Q 162 -27.02 9.96 39.14
N ILE Q 163 -26.07 9.40 38.36
CA ILE Q 163 -24.64 9.57 38.68
C ILE Q 163 -24.18 10.99 38.33
N ALA Q 164 -24.46 11.45 37.10
CA ALA Q 164 -24.06 12.77 36.63
C ALA Q 164 -24.48 13.91 37.57
N SER Q 165 -25.71 13.86 38.10
CA SER Q 165 -26.24 14.87 39.01
C SER Q 165 -25.56 14.83 40.39
N ALA Q 166 -25.24 13.63 40.89
CA ALA Q 166 -24.59 13.46 42.18
C ALA Q 166 -23.14 13.95 42.23
N ILE Q 167 -22.49 14.12 41.07
CA ILE Q 167 -21.08 14.54 41.02
C ILE Q 167 -20.93 16.02 41.39
N GLN Q 168 -19.95 16.29 42.27
CA GLN Q 168 -19.59 17.61 42.77
C GLN Q 168 -18.17 17.96 42.26
N ASP Q 169 -17.75 19.22 42.42
CA ASP Q 169 -16.37 19.62 42.07
C ASP Q 169 -15.34 18.87 42.96
N ASP Q 170 -15.76 18.42 44.15
CA ASP Q 170 -14.94 17.70 45.13
C ASP Q 170 -14.87 16.19 44.87
N THR Q 171 -15.58 15.64 43.85
CA THR Q 171 -15.57 14.19 43.61
C THR Q 171 -14.26 13.69 43.01
N GLY Q 172 -13.71 12.64 43.61
CA GLY Q 172 -12.48 11.98 43.19
C GLY Q 172 -12.71 10.66 42.49
N LEU Q 173 -13.80 9.92 42.82
CA LEU Q 173 -14.07 8.62 42.21
C LEU Q 173 -15.56 8.25 42.16
N VAL Q 174 -15.91 7.35 41.22
CA VAL Q 174 -17.25 6.77 41.05
C VAL Q 174 -17.09 5.28 41.29
N ILE Q 175 -17.48 4.78 42.47
CA ILE Q 175 -17.30 3.36 42.80
C ILE Q 175 -18.58 2.58 42.48
N VAL Q 176 -18.48 1.55 41.60
CA VAL Q 176 -19.62 0.70 41.20
C VAL Q 176 -19.23 -0.79 41.26
N GLU Q 177 -20.24 -1.67 41.33
CA GLU Q 177 -20.03 -3.12 41.35
C GLU Q 177 -21.10 -3.79 40.49
N THR Q 178 -20.68 -4.68 39.55
CA THR Q 178 -21.60 -5.40 38.66
C THR Q 178 -21.05 -6.79 38.26
N PRO Q 179 -21.74 -7.90 38.60
CA PRO Q 179 -22.97 -8.03 39.41
C PRO Q 179 -22.71 -7.63 40.86
N ALA Q 180 -23.67 -6.96 41.49
CA ALA Q 180 -23.52 -6.45 42.86
C ALA Q 180 -23.51 -7.56 43.92
N ASN Q 181 -22.90 -7.27 45.08
CA ASN Q 181 -22.87 -8.19 46.20
C ASN Q 181 -23.97 -7.74 47.18
N PRO Q 182 -25.02 -8.53 47.52
CA PRO Q 182 -25.31 -9.93 47.19
C PRO Q 182 -26.32 -10.23 46.06
N SER Q 183 -27.29 -9.33 45.82
CA SER Q 183 -28.42 -9.52 44.89
C SER Q 183 -28.09 -9.60 43.39
N LEU Q 184 -26.82 -9.42 42.99
CA LEU Q 184 -26.36 -9.54 41.61
C LEU Q 184 -27.06 -8.60 40.62
N ASP Q 185 -27.16 -7.31 40.97
CA ASP Q 185 -27.75 -6.32 40.05
C ASP Q 185 -26.68 -5.92 39.05
N LEU Q 186 -27.07 -5.69 37.81
CA LEU Q 186 -26.12 -5.32 36.76
C LEU Q 186 -26.12 -3.81 36.52
N VAL Q 187 -24.96 -3.28 36.15
CA VAL Q 187 -24.74 -1.86 35.92
C VAL Q 187 -24.16 -1.73 34.49
N ASP Q 188 -24.75 -0.86 33.66
CA ASP Q 188 -24.28 -0.63 32.31
C ASP Q 188 -23.05 0.27 32.43
N LEU Q 189 -21.87 -0.33 32.34
CA LEU Q 189 -20.61 0.38 32.53
C LEU Q 189 -20.32 1.43 31.47
N ASP Q 190 -20.81 1.25 30.24
CA ASP Q 190 -20.66 2.28 29.20
C ASP Q 190 -21.44 3.54 29.61
N SER Q 191 -22.65 3.37 30.18
CA SER Q 191 -23.48 4.49 30.64
C SER Q 191 -22.88 5.18 31.86
N VAL Q 192 -22.29 4.42 32.79
CA VAL Q 192 -21.69 4.97 34.01
C VAL Q 192 -20.48 5.84 33.62
N VAL Q 193 -19.62 5.34 32.73
CA VAL Q 193 -18.44 6.09 32.28
C VAL Q 193 -18.88 7.40 31.58
N SER Q 194 -19.92 7.31 30.74
CA SER Q 194 -20.46 8.48 30.06
C SER Q 194 -20.99 9.52 31.06
N ALA Q 195 -21.72 9.08 32.09
CA ALA Q 195 -22.26 9.97 33.12
C ALA Q 195 -21.17 10.57 34.02
N ALA Q 196 -20.09 9.83 34.29
CA ALA Q 196 -18.99 10.32 35.14
C ALA Q 196 -18.18 11.43 34.46
N GLY Q 197 -17.91 11.28 33.17
CA GLY Q 197 -17.16 12.28 32.41
C GLY Q 197 -15.71 12.33 32.83
N ASN Q 198 -15.29 13.47 33.39
CA ASN Q 198 -13.90 13.67 33.83
C ASN Q 198 -13.56 12.92 35.12
N VAL Q 199 -14.56 12.44 35.88
CA VAL Q 199 -14.31 11.75 37.14
C VAL Q 199 -13.90 10.29 36.84
N PRO Q 200 -12.79 9.77 37.41
CA PRO Q 200 -12.44 8.36 37.14
C PRO Q 200 -13.44 7.38 37.78
N VAL Q 201 -13.67 6.23 37.12
CA VAL Q 201 -14.61 5.23 37.60
C VAL Q 201 -13.87 4.01 38.12
N LEU Q 202 -14.19 3.59 39.34
CA LEU Q 202 -13.64 2.39 39.96
C LEU Q 202 -14.72 1.31 39.92
N VAL Q 203 -14.43 0.20 39.22
CA VAL Q 203 -15.35 -0.92 39.07
C VAL Q 203 -14.82 -2.09 39.86
N ASP Q 204 -15.61 -2.64 40.78
CA ASP Q 204 -15.21 -3.80 41.57
C ASP Q 204 -15.63 -5.04 40.79
N ASN Q 205 -14.70 -5.60 39.99
CA ASN Q 205 -14.93 -6.75 39.11
C ASN Q 205 -14.63 -8.12 39.77
N THR Q 206 -14.77 -8.24 41.10
CA THR Q 206 -14.49 -9.50 41.80
C THR Q 206 -15.41 -10.65 41.36
N PHE Q 207 -16.73 -10.42 41.31
CA PHE Q 207 -17.71 -11.45 40.95
C PHE Q 207 -17.54 -11.96 39.51
N CYS Q 208 -17.33 -11.05 38.55
CA CYS Q 208 -17.18 -11.41 37.13
C CYS Q 208 -15.81 -12.00 36.82
N THR Q 209 -14.73 -11.39 37.37
CA THR Q 209 -13.31 -11.75 37.12
C THR Q 209 -12.90 -11.32 35.69
N PRO Q 210 -11.58 -11.22 35.35
CA PRO Q 210 -11.23 -10.85 33.96
C PRO Q 210 -11.67 -11.87 32.89
N VAL Q 211 -12.17 -13.04 33.30
CA VAL Q 211 -12.63 -14.09 32.38
C VAL Q 211 -13.93 -13.62 31.72
N LEU Q 212 -14.86 -13.06 32.52
CA LEU Q 212 -16.19 -12.65 32.06
C LEU Q 212 -16.36 -11.17 31.72
N GLN Q 213 -15.72 -10.26 32.47
CA GLN Q 213 -15.89 -8.83 32.25
C GLN Q 213 -14.57 -8.09 32.25
N GLN Q 214 -14.44 -7.08 31.38
CA GLN Q 214 -13.23 -6.28 31.22
C GLN Q 214 -13.63 -4.80 31.37
N PRO Q 215 -13.79 -4.26 32.60
CA PRO Q 215 -14.21 -2.85 32.73
C PRO Q 215 -13.28 -1.80 32.12
N ILE Q 216 -11.98 -2.12 31.95
CA ILE Q 216 -11.02 -1.19 31.33
C ILE Q 216 -11.47 -0.86 29.89
N SER Q 217 -11.96 -1.86 29.13
CA SER Q 217 -12.45 -1.65 27.76
C SER Q 217 -13.64 -0.69 27.70
N HIS Q 218 -14.50 -0.68 28.73
CA HIS Q 218 -15.64 0.25 28.81
C HIS Q 218 -15.25 1.68 29.23
N GLY Q 219 -14.00 1.88 29.66
CA GLY Q 219 -13.47 3.18 30.06
C GLY Q 219 -13.30 3.39 31.56
N ALA Q 220 -13.25 2.30 32.35
CA ALA Q 220 -13.03 2.42 33.78
C ALA Q 220 -11.57 2.75 34.03
N ALA Q 221 -11.28 3.70 34.91
CA ALA Q 221 -9.91 4.09 35.21
C ALA Q 221 -9.22 3.05 36.09
N LEU Q 222 -9.91 2.55 37.13
CA LEU Q 222 -9.35 1.54 38.03
C LEU Q 222 -10.34 0.38 38.21
N VAL Q 223 -9.81 -0.85 38.34
CA VAL Q 223 -10.61 -2.08 38.49
C VAL Q 223 -10.13 -2.84 39.74
N LEU Q 224 -10.96 -2.88 40.78
CA LEU Q 224 -10.65 -3.56 42.05
C LEU Q 224 -11.09 -5.01 42.02
N HIS Q 225 -10.32 -5.87 42.70
CA HIS Q 225 -10.63 -7.28 42.86
C HIS Q 225 -10.26 -7.70 44.27
N SER Q 226 -11.14 -8.46 44.92
CA SER Q 226 -10.83 -9.06 46.20
C SER Q 226 -10.22 -10.38 45.74
N ALA Q 227 -8.89 -10.40 45.58
CA ALA Q 227 -8.19 -11.59 45.11
C ALA Q 227 -8.42 -12.82 45.97
N THR Q 228 -8.82 -12.63 47.24
CA THR Q 228 -9.24 -13.68 48.18
C THR Q 228 -10.26 -14.63 47.51
N GLN Q 229 -11.16 -14.07 46.68
CA GLN Q 229 -12.22 -14.79 45.98
C GLN Q 229 -11.89 -14.92 44.51
N TYR Q 230 -12.05 -16.14 43.95
CA TYR Q 230 -11.84 -16.46 42.53
C TYR Q 230 -10.38 -16.41 42.06
N LEU Q 231 -9.66 -15.29 42.25
CA LEU Q 231 -8.26 -15.20 41.81
C LEU Q 231 -7.40 -16.24 42.57
N GLY Q 232 -7.62 -16.37 43.87
CA GLY Q 232 -6.98 -17.40 44.68
C GLY Q 232 -7.65 -18.72 44.38
N GLY Q 233 -8.98 -18.73 44.51
CA GLY Q 233 -9.83 -19.86 44.17
C GLY Q 233 -9.85 -21.06 45.10
N HIS Q 234 -8.96 -21.13 46.09
CA HIS Q 234 -8.93 -22.27 47.02
C HIS Q 234 -9.16 -21.88 48.49
N GLY Q 235 -9.63 -20.65 48.75
CA GLY Q 235 -9.91 -20.17 50.10
C GLY Q 235 -8.75 -20.23 51.06
N ASP Q 236 -7.53 -19.91 50.57
CA ASP Q 236 -6.33 -19.97 51.40
C ASP Q 236 -5.33 -18.84 51.15
N ALA Q 237 -5.76 -17.74 50.51
CA ALA Q 237 -4.88 -16.62 50.24
C ALA Q 237 -5.67 -15.32 50.22
N MET Q 238 -5.49 -14.48 51.23
CA MET Q 238 -6.14 -13.17 51.28
C MET Q 238 -5.40 -12.26 50.30
N GLY Q 239 -6.11 -11.34 49.66
CA GLY Q 239 -5.50 -10.43 48.73
C GLY Q 239 -6.44 -9.40 48.15
N GLY Q 240 -5.85 -8.32 47.65
CA GLY Q 240 -6.57 -7.21 47.03
C GLY Q 240 -5.71 -6.62 45.95
N ILE Q 241 -6.29 -6.24 44.81
CA ILE Q 241 -5.52 -5.72 43.68
C ILE Q 241 -6.34 -4.78 42.81
N ILE Q 242 -5.72 -3.70 42.32
CA ILE Q 242 -6.38 -2.73 41.45
C ILE Q 242 -5.60 -2.63 40.14
N ALA Q 243 -6.22 -3.03 39.02
CA ALA Q 243 -5.63 -2.92 37.69
C ALA Q 243 -6.00 -1.52 37.20
N THR Q 244 -5.01 -0.67 36.87
CA THR Q 244 -5.28 0.73 36.50
C THR Q 244 -4.16 1.35 35.62
N ASN Q 245 -4.37 2.60 35.14
CA ASN Q 245 -3.37 3.37 34.39
C ASN Q 245 -2.15 3.72 35.28
N ALA Q 246 -1.07 4.24 34.69
CA ALA Q 246 0.15 4.60 35.42
C ALA Q 246 -0.05 5.70 36.47
N ASP Q 247 -0.92 6.70 36.22
CA ASP Q 247 -1.14 7.80 37.17
C ASP Q 247 -1.74 7.29 38.49
N TRP Q 248 -2.79 6.46 38.42
CA TRP Q 248 -3.42 5.92 39.62
C TRP Q 248 -2.55 4.85 40.28
N ALA Q 249 -1.78 4.09 39.49
CA ALA Q 249 -0.88 3.09 40.06
C ALA Q 249 0.20 3.77 40.90
N MET Q 250 0.71 4.92 40.44
CA MET Q 250 1.71 5.70 41.17
C MET Q 250 1.12 6.22 42.48
N ARG Q 251 -0.12 6.71 42.45
CA ARG Q 251 -0.79 7.21 43.64
C ARG Q 251 -1.04 6.09 44.66
N LEU Q 252 -1.45 4.90 44.17
CA LEU Q 252 -1.72 3.75 45.03
C LEU Q 252 -0.43 3.25 45.67
N ARG Q 253 0.67 3.20 44.90
CA ARG Q 253 1.96 2.77 45.43
C ARG Q 253 2.54 3.79 46.43
N GLN Q 254 2.27 5.10 46.23
CA GLN Q 254 2.70 6.14 47.19
C GLN Q 254 2.05 5.90 48.54
N VAL Q 255 0.75 5.52 48.54
CA VAL Q 255 0.00 5.22 49.76
C VAL Q 255 0.52 3.91 50.36
N ARG Q 256 0.73 2.88 49.52
CA ARG Q 256 1.23 1.57 49.97
C ARG Q 256 2.59 1.65 50.64
N ALA Q 257 3.52 2.46 50.09
CA ALA Q 257 4.86 2.58 50.65
C ALA Q 257 4.88 3.22 52.05
N ILE Q 258 3.87 4.05 52.39
CA ILE Q 258 3.83 4.73 53.70
C ILE Q 258 2.82 4.08 54.68
N THR Q 259 1.70 3.51 54.20
CA THR Q 259 0.72 2.84 55.08
C THR Q 259 1.01 1.32 55.24
N GLY Q 260 1.78 0.72 54.33
CA GLY Q 260 2.22 -0.66 54.41
C GLY Q 260 1.24 -1.80 54.57
N ALA Q 261 0.13 -1.80 53.82
CA ALA Q 261 -0.82 -2.93 53.86
C ALA Q 261 -0.37 -3.90 52.77
N LEU Q 262 0.79 -4.53 53.00
CA LEU Q 262 1.45 -5.37 52.01
C LEU Q 262 0.92 -6.77 51.88
N LEU Q 263 1.01 -7.31 50.65
CA LEU Q 263 0.64 -8.68 50.34
C LEU Q 263 1.89 -9.50 50.60
N HIS Q 264 1.79 -10.52 51.46
CA HIS Q 264 2.93 -11.37 51.83
C HIS Q 264 3.47 -12.14 50.60
N PRO Q 265 4.80 -12.35 50.44
CA PRO Q 265 5.29 -13.11 49.27
C PRO Q 265 4.61 -14.45 48.97
N MET Q 266 4.18 -15.20 50.00
CA MET Q 266 3.49 -16.46 49.79
C MET Q 266 2.05 -16.22 49.32
N GLY Q 267 1.40 -15.18 49.84
CA GLY Q 267 0.06 -14.80 49.39
C GLY Q 267 0.05 -14.45 47.91
N ALA Q 268 1.06 -13.68 47.47
CA ALA Q 268 1.23 -13.34 46.06
C ALA Q 268 1.50 -14.57 45.21
N TYR Q 269 2.28 -15.52 45.73
CA TYR Q 269 2.59 -16.75 45.02
C TYR Q 269 1.33 -17.58 44.77
N LEU Q 270 0.48 -17.76 45.80
CA LEU Q 270 -0.75 -18.55 45.68
C LEU Q 270 -1.80 -17.86 44.81
N LEU Q 271 -1.86 -16.51 44.83
CA LEU Q 271 -2.83 -15.79 44.03
C LEU Q 271 -2.42 -15.81 42.54
N HIS Q 272 -1.11 -15.69 42.27
CA HIS Q 272 -0.55 -15.80 40.91
C HIS Q 272 -0.76 -17.23 40.39
N ARG Q 273 -0.52 -18.24 41.26
CA ARG Q 273 -0.73 -19.66 40.99
C ARG Q 273 -2.20 -19.94 40.64
N GLY Q 274 -3.11 -19.29 41.35
CA GLY Q 274 -4.54 -19.41 41.13
C GLY Q 274 -5.01 -18.87 39.80
N LEU Q 275 -4.32 -17.84 39.28
CA LEU Q 275 -4.66 -17.27 37.98
C LEU Q 275 -4.46 -18.28 36.84
N ARG Q 276 -3.55 -19.27 37.00
CA ARG Q 276 -3.25 -20.27 35.98
C ARG Q 276 -4.43 -21.21 35.69
N THR Q 277 -5.31 -21.42 36.69
CA THR Q 277 -6.51 -22.26 36.57
C THR Q 277 -7.82 -21.42 36.61
N LEU Q 278 -7.75 -20.08 36.52
CA LEU Q 278 -8.94 -19.24 36.62
C LEU Q 278 -9.98 -19.47 35.51
N ALA Q 279 -9.56 -19.64 34.25
CA ALA Q 279 -10.51 -19.87 33.15
C ALA Q 279 -11.20 -21.23 33.30
N VAL Q 280 -10.46 -22.30 33.64
CA VAL Q 280 -11.07 -23.63 33.76
C VAL Q 280 -11.97 -23.72 35.00
N ARG Q 281 -11.64 -23.00 36.09
CA ARG Q 281 -12.48 -23.02 37.29
C ARG Q 281 -13.75 -22.20 37.07
N MET Q 282 -13.63 -21.01 36.47
CA MET Q 282 -14.78 -20.15 36.21
C MET Q 282 -15.75 -20.84 35.24
N ARG Q 283 -15.25 -21.38 34.13
CA ARG Q 283 -16.09 -22.07 33.14
C ARG Q 283 -16.84 -23.26 33.74
N ALA Q 284 -16.19 -24.03 34.64
CA ALA Q 284 -16.82 -25.19 35.26
C ALA Q 284 -17.91 -24.78 36.26
N ALA Q 285 -17.63 -23.80 37.13
CA ALA Q 285 -18.58 -23.33 38.14
C ALA Q 285 -19.75 -22.59 37.50
N GLN Q 286 -19.51 -21.84 36.41
CA GLN Q 286 -20.55 -21.11 35.69
C GLN Q 286 -21.56 -22.08 35.07
N THR Q 287 -21.07 -23.20 34.50
CA THR Q 287 -21.93 -24.21 33.89
C THR Q 287 -22.83 -24.83 34.97
N THR Q 288 -22.25 -25.16 36.13
CA THR Q 288 -23.00 -25.73 37.25
C THR Q 288 -24.03 -24.71 37.79
N ALA Q 289 -23.66 -23.43 37.88
CA ALA Q 289 -24.55 -22.39 38.37
C ALA Q 289 -25.74 -22.12 37.45
N GLY Q 290 -25.51 -22.08 36.15
CA GLY Q 290 -26.59 -21.87 35.18
C GLY Q 290 -27.67 -22.93 35.27
N GLU Q 291 -27.27 -24.18 35.53
CA GLU Q 291 -28.18 -25.30 35.69
C GLU Q 291 -28.86 -25.25 37.07
N LEU Q 292 -28.11 -24.91 38.14
CA LEU Q 292 -28.69 -24.83 39.48
C LEU Q 292 -29.75 -23.72 39.58
N ALA Q 293 -29.48 -22.54 39.02
CA ALA Q 293 -30.43 -21.42 39.04
C ALA Q 293 -31.79 -21.80 38.42
N GLU Q 294 -31.79 -22.67 37.40
CA GLU Q 294 -33.02 -23.13 36.76
C GLU Q 294 -33.79 -24.09 37.68
N ARG Q 295 -33.08 -25.03 38.34
CA ARG Q 295 -33.70 -26.01 39.24
C ARG Q 295 -34.26 -25.30 40.47
N LEU Q 296 -33.51 -24.34 41.01
CA LEU Q 296 -33.89 -23.58 42.21
C LEU Q 296 -35.07 -22.66 41.93
N ASP Q 297 -35.20 -22.12 40.70
CA ASP Q 297 -36.33 -21.27 40.34
C ASP Q 297 -37.62 -22.10 40.31
N ALA Q 298 -37.54 -23.37 39.87
CA ALA Q 298 -38.67 -24.28 39.82
C ALA Q 298 -39.16 -24.74 41.21
N HIS Q 299 -38.34 -24.61 42.27
CA HIS Q 299 -38.75 -25.05 43.60
C HIS Q 299 -39.83 -24.11 44.18
N PRO Q 300 -40.89 -24.64 44.85
CA PRO Q 300 -41.91 -23.73 45.39
C PRO Q 300 -41.47 -22.88 46.59
N ALA Q 301 -40.48 -23.35 47.35
CA ALA Q 301 -39.98 -22.62 48.51
C ALA Q 301 -39.29 -21.31 48.12
N ILE Q 302 -38.74 -21.21 46.90
CA ILE Q 302 -38.06 -20.00 46.43
C ILE Q 302 -38.98 -19.22 45.52
N SER Q 303 -39.20 -17.93 45.83
CA SER Q 303 -40.06 -17.06 45.04
C SER Q 303 -39.30 -16.43 43.86
N VAL Q 304 -38.11 -15.83 44.12
CA VAL Q 304 -37.31 -15.15 43.11
C VAL Q 304 -35.89 -15.72 43.09
N VAL Q 305 -35.31 -15.97 41.90
CA VAL Q 305 -33.93 -16.42 41.76
C VAL Q 305 -33.22 -15.37 40.92
N HIS Q 306 -32.19 -14.75 41.47
CA HIS Q 306 -31.38 -13.74 40.79
C HIS Q 306 -30.17 -14.44 40.18
N TYR Q 307 -30.09 -14.45 38.85
CA TYR Q 307 -28.96 -15.01 38.12
C TYR Q 307 -28.91 -14.33 36.73
N PRO Q 308 -27.82 -13.64 36.32
CA PRO Q 308 -27.83 -12.96 35.01
C PRO Q 308 -28.21 -13.81 33.79
N GLY Q 309 -27.74 -15.06 33.76
CA GLY Q 309 -28.04 -15.98 32.67
C GLY Q 309 -29.50 -16.39 32.53
N LEU Q 310 -30.28 -16.28 33.63
CA LEU Q 310 -31.72 -16.60 33.58
C LEU Q 310 -32.40 -15.57 32.71
N LYS Q 311 -33.37 -15.99 31.89
CA LYS Q 311 -34.05 -15.07 30.98
C LYS Q 311 -35.02 -14.17 31.76
N GLY Q 312 -35.13 -12.94 31.30
CA GLY Q 312 -35.83 -11.84 31.96
C GLY Q 312 -34.92 -11.03 32.86
N GLN Q 313 -33.85 -11.65 33.41
CA GLN Q 313 -32.91 -10.96 34.30
C GLN Q 313 -31.98 -9.98 33.57
N ASP Q 314 -31.88 -10.06 32.23
CA ASP Q 314 -31.00 -9.19 31.46
C ASP Q 314 -31.83 -8.35 30.45
N PRO Q 315 -32.52 -7.27 30.88
CA PRO Q 315 -33.30 -6.47 29.91
C PRO Q 315 -32.44 -5.58 29.00
N ARG Q 316 -31.35 -5.00 29.54
CA ARG Q 316 -30.48 -4.10 28.78
C ARG Q 316 -29.50 -4.79 27.79
N GLY Q 317 -29.50 -6.12 27.75
CA GLY Q 317 -28.62 -6.84 26.83
C GLY Q 317 -27.15 -6.74 27.18
N LEU Q 318 -26.84 -6.71 28.48
CA LEU Q 318 -25.46 -6.62 28.96
C LEU Q 318 -24.71 -7.95 28.84
N LEU Q 319 -25.43 -9.09 28.74
CA LEU Q 319 -24.78 -10.39 28.56
C LEU Q 319 -24.43 -10.46 27.07
N GLY Q 320 -23.14 -10.61 26.78
CA GLY Q 320 -22.60 -10.63 25.43
C GLY Q 320 -21.85 -9.35 25.15
N ARG Q 321 -22.50 -8.22 25.39
CA ARG Q 321 -21.92 -6.88 25.19
C ARG Q 321 -20.87 -6.54 26.26
N GLN Q 322 -21.19 -6.79 27.54
CA GLN Q 322 -20.33 -6.49 28.68
C GLN Q 322 -19.81 -7.76 29.38
N MET Q 323 -20.72 -8.71 29.66
CA MET Q 323 -20.38 -9.96 30.36
C MET Q 323 -20.44 -11.15 29.43
N SER Q 324 -19.33 -11.88 29.27
CA SER Q 324 -19.30 -13.07 28.42
C SER Q 324 -19.76 -14.33 29.16
N GLY Q 325 -20.71 -14.19 30.09
CA GLY Q 325 -21.23 -15.32 30.86
C GLY Q 325 -22.08 -14.89 32.02
N GLY Q 326 -22.86 -15.83 32.55
CA GLY Q 326 -23.77 -15.59 33.65
C GLY Q 326 -23.13 -15.53 35.04
N GLY Q 327 -21.94 -16.10 35.19
CA GLY Q 327 -21.24 -16.13 36.46
C GLY Q 327 -21.49 -17.40 37.26
N ALA Q 328 -20.88 -17.48 38.45
CA ALA Q 328 -21.02 -18.63 39.34
C ALA Q 328 -21.59 -18.23 40.71
N MET Q 329 -22.36 -17.13 40.79
CA MET Q 329 -23.00 -16.67 42.02
C MET Q 329 -24.49 -16.67 41.78
N ILE Q 330 -25.29 -17.12 42.77
CA ILE Q 330 -26.75 -17.14 42.67
C ILE Q 330 -27.32 -16.63 43.99
N ALA Q 331 -28.17 -15.60 43.93
CA ALA Q 331 -28.88 -15.11 45.10
C ALA Q 331 -30.37 -15.43 44.92
N MET Q 332 -31.11 -15.61 46.02
CA MET Q 332 -32.53 -15.95 45.92
C MET Q 332 -33.35 -15.41 47.09
N GLU Q 333 -34.62 -15.06 46.81
CA GLU Q 333 -35.56 -14.56 47.81
C GLU Q 333 -36.46 -15.74 48.21
N LEU Q 334 -36.54 -16.05 49.51
CA LEU Q 334 -37.37 -17.16 49.99
C LEU Q 334 -38.81 -16.70 50.17
N ALA Q 335 -39.77 -17.59 49.91
CA ALA Q 335 -41.20 -17.27 50.06
C ALA Q 335 -41.58 -17.06 51.52
N GLY Q 336 -41.02 -17.87 52.43
CA GLY Q 336 -41.30 -17.78 53.85
C GLY Q 336 -40.55 -16.70 54.63
N GLY Q 337 -39.83 -15.82 53.92
CA GLY Q 337 -39.11 -14.73 54.55
C GLY Q 337 -37.85 -15.16 55.27
N PHE Q 338 -37.58 -14.52 56.43
CA PHE Q 338 -36.39 -14.81 57.22
C PHE Q 338 -36.35 -16.24 57.76
N ASP Q 339 -37.47 -16.77 58.28
CA ASP Q 339 -37.48 -18.12 58.84
C ASP Q 339 -37.13 -19.18 57.81
N ALA Q 340 -37.64 -19.06 56.57
CA ALA Q 340 -37.32 -20.01 55.49
C ALA Q 340 -35.85 -19.88 55.08
N ALA Q 341 -35.33 -18.65 55.03
CA ALA Q 341 -33.93 -18.39 54.72
C ALA Q 341 -33.03 -19.02 55.80
N ARG Q 342 -33.42 -18.86 57.09
CA ARG Q 342 -32.74 -19.42 58.26
C ARG Q 342 -32.60 -20.95 58.15
N SER Q 343 -33.72 -21.65 57.92
CA SER Q 343 -33.73 -23.11 57.84
C SER Q 343 -32.99 -23.65 56.61
N PHE Q 344 -32.99 -22.91 55.49
CA PHE Q 344 -32.32 -23.33 54.27
C PHE Q 344 -30.79 -23.44 54.46
N VAL Q 345 -30.16 -22.43 55.06
CA VAL Q 345 -28.71 -22.46 55.28
C VAL Q 345 -28.32 -23.39 56.43
N GLU Q 346 -29.19 -23.52 57.45
CA GLU Q 346 -28.92 -24.37 58.61
C GLU Q 346 -29.11 -25.86 58.30
N HIS Q 347 -29.91 -26.22 57.27
CA HIS Q 347 -30.10 -27.62 56.88
C HIS Q 347 -29.19 -28.08 55.71
N CYS Q 348 -28.24 -27.23 55.28
CA CYS Q 348 -27.28 -27.61 54.24
C CYS Q 348 -26.18 -28.44 54.89
N ASN Q 349 -25.73 -29.53 54.23
CA ASN Q 349 -24.67 -30.40 54.75
C ASN Q 349 -23.42 -30.34 53.84
N LEU Q 350 -23.57 -30.68 52.55
CA LEU Q 350 -22.48 -30.63 51.58
C LEU Q 350 -22.15 -29.16 51.32
N VAL Q 351 -23.18 -28.32 51.09
CA VAL Q 351 -23.00 -26.89 50.91
C VAL Q 351 -22.75 -26.34 52.32
N VAL Q 352 -21.67 -25.58 52.50
CA VAL Q 352 -21.27 -25.10 53.82
C VAL Q 352 -21.72 -23.66 54.11
N HIS Q 353 -22.25 -23.43 55.32
CA HIS Q 353 -22.69 -22.11 55.77
C HIS Q 353 -21.47 -21.30 56.17
N ALA Q 354 -20.98 -20.45 55.27
CA ALA Q 354 -19.80 -19.61 55.49
C ALA Q 354 -19.76 -18.43 54.52
N VAL Q 355 -19.02 -17.37 54.90
CA VAL Q 355 -18.82 -16.20 54.03
C VAL Q 355 -17.69 -16.52 52.98
N SER Q 356 -17.37 -15.57 52.07
CA SER Q 356 -16.38 -15.72 50.99
C SER Q 356 -17.00 -16.43 49.77
N LEU Q 357 -16.36 -16.29 48.61
CA LEU Q 357 -16.88 -16.82 47.36
C LEU Q 357 -15.76 -17.19 46.37
N GLY Q 358 -16.11 -17.79 45.24
CA GLY Q 358 -15.15 -18.16 44.21
C GLY Q 358 -14.23 -19.33 44.51
N GLY Q 359 -14.50 -20.06 45.60
CA GLY Q 359 -13.68 -21.20 45.99
C GLY Q 359 -14.05 -22.48 45.27
N ALA Q 360 -13.24 -23.53 45.50
CA ALA Q 360 -13.48 -24.85 44.90
C ALA Q 360 -14.77 -25.51 45.44
N ASP Q 361 -15.23 -25.12 46.64
CA ASP Q 361 -16.43 -25.66 47.27
C ASP Q 361 -17.58 -24.65 47.27
N THR Q 362 -18.82 -25.16 47.34
CA THR Q 362 -20.04 -24.36 47.34
C THR Q 362 -20.33 -23.87 48.74
N LEU Q 363 -20.54 -22.55 48.89
CA LEU Q 363 -20.83 -21.92 50.17
C LEU Q 363 -22.17 -21.18 50.11
N ILE Q 364 -22.78 -20.99 51.27
CA ILE Q 364 -24.08 -20.33 51.40
C ILE Q 364 -24.08 -19.46 52.67
N GLN Q 365 -24.84 -18.36 52.66
CA GLN Q 365 -24.91 -17.46 53.81
C GLN Q 365 -26.05 -16.43 53.69
N HIS Q 366 -26.54 -15.94 54.84
CA HIS Q 366 -27.58 -14.92 54.88
C HIS Q 366 -26.83 -13.58 54.85
N PRO Q 367 -26.87 -12.80 53.74
CA PRO Q 367 -26.08 -11.57 53.69
C PRO Q 367 -26.41 -10.53 54.76
N ALA Q 368 -27.69 -10.35 55.09
CA ALA Q 368 -28.07 -9.37 56.11
C ALA Q 368 -27.49 -9.71 57.50
N SER Q 369 -27.30 -11.01 57.80
CA SER Q 369 -26.72 -11.41 59.09
C SER Q 369 -25.21 -11.56 59.09
N LEU Q 370 -24.53 -11.54 57.92
CA LEU Q 370 -23.07 -11.67 57.90
C LEU Q 370 -22.36 -10.60 57.00
N THR Q 371 -22.19 -10.85 55.68
CA THR Q 371 -21.44 -9.94 54.80
C THR Q 371 -21.91 -8.49 54.89
N HIS Q 372 -23.22 -8.28 54.81
CA HIS Q 372 -23.83 -6.96 54.84
C HIS Q 372 -24.43 -6.60 56.20
N ARG Q 373 -23.84 -7.08 57.31
CA ARG Q 373 -24.30 -6.73 58.66
C ARG Q 373 -23.89 -5.29 59.05
N PRO Q 374 -22.68 -4.77 58.71
CA PRO Q 374 -22.35 -3.39 59.07
C PRO Q 374 -23.06 -2.31 58.21
N VAL Q 375 -23.90 -2.71 57.25
CA VAL Q 375 -24.62 -1.79 56.37
C VAL Q 375 -25.78 -1.17 57.13
N ALA Q 376 -26.13 0.08 56.80
CA ALA Q 376 -27.26 0.79 57.43
C ALA Q 376 -28.56 0.03 57.20
N ALA Q 377 -29.49 0.08 58.17
CA ALA Q 377 -30.77 -0.63 58.10
C ALA Q 377 -31.54 -0.37 56.80
N THR Q 378 -31.59 0.89 56.36
CA THR Q 378 -32.30 1.26 55.13
C THR Q 378 -31.68 0.64 53.87
N ALA Q 379 -30.34 0.50 53.86
CA ALA Q 379 -29.59 -0.05 52.74
C ALA Q 379 -29.29 -1.55 52.84
N LYS Q 380 -29.67 -2.21 53.94
CA LYS Q 380 -29.37 -3.63 54.11
C LYS Q 380 -30.15 -4.50 53.10
N PRO Q 381 -29.63 -5.68 52.64
CA PRO Q 381 -30.43 -6.52 51.72
C PRO Q 381 -31.66 -7.15 52.40
N GLY Q 382 -32.54 -7.72 51.59
CA GLY Q 382 -33.76 -8.36 52.07
C GLY Q 382 -33.52 -9.45 53.09
N ASP Q 383 -34.43 -9.58 54.06
CA ASP Q 383 -34.31 -10.61 55.10
C ASP Q 383 -34.55 -12.02 54.57
N GLY Q 384 -35.31 -12.16 53.48
CA GLY Q 384 -35.52 -13.45 52.83
C GLY Q 384 -34.46 -13.81 51.80
N LEU Q 385 -33.48 -12.91 51.54
CA LEU Q 385 -32.43 -13.14 50.55
C LEU Q 385 -31.31 -14.02 51.08
N ILE Q 386 -30.81 -14.93 50.22
CA ILE Q 386 -29.73 -15.88 50.51
C ILE Q 386 -28.74 -15.83 49.34
N ARG Q 387 -27.43 -15.72 49.62
CA ARG Q 387 -26.39 -15.70 48.58
C ARG Q 387 -25.68 -17.06 48.58
N LEU Q 388 -25.36 -17.57 47.37
CA LEU Q 388 -24.71 -18.86 47.17
C LEU Q 388 -23.55 -18.72 46.18
N SER Q 389 -22.37 -19.26 46.55
CA SER Q 389 -21.20 -19.28 45.67
C SER Q 389 -21.07 -20.70 45.13
N VAL Q 390 -21.21 -20.90 43.82
CA VAL Q 390 -21.14 -22.24 43.23
C VAL Q 390 -19.68 -22.64 43.01
N GLY Q 391 -19.34 -23.87 43.43
CA GLY Q 391 -18.00 -24.43 43.33
C GLY Q 391 -17.82 -25.39 42.17
N LEU Q 392 -16.87 -26.33 42.32
CA LEU Q 392 -16.52 -27.30 41.27
C LEU Q 392 -17.08 -28.70 41.55
N GLU Q 393 -18.16 -28.81 42.34
CA GLU Q 393 -18.75 -30.11 42.63
C GLU Q 393 -19.78 -30.48 41.54
N HIS Q 394 -20.19 -31.75 41.50
CA HIS Q 394 -21.18 -32.20 40.52
C HIS Q 394 -22.51 -31.51 40.77
N VAL Q 395 -23.17 -31.06 39.68
CA VAL Q 395 -24.45 -30.37 39.74
C VAL Q 395 -25.54 -31.17 40.48
N ASP Q 396 -25.62 -32.49 40.27
CA ASP Q 396 -26.63 -33.33 40.91
C ASP Q 396 -26.44 -33.37 42.43
N ASP Q 397 -25.21 -33.53 42.92
CA ASP Q 397 -24.95 -33.58 44.36
C ASP Q 397 -25.25 -32.25 45.05
N LEU Q 398 -25.04 -31.12 44.37
CA LEU Q 398 -25.33 -29.81 44.95
C LEU Q 398 -26.84 -29.56 44.96
N ALA Q 399 -27.53 -29.92 43.86
CA ALA Q 399 -28.98 -29.75 43.80
C ALA Q 399 -29.68 -30.64 44.81
N ASP Q 400 -29.23 -31.90 44.97
CA ASP Q 400 -29.82 -32.82 45.95
C ASP Q 400 -29.73 -32.25 47.37
N ASP Q 401 -28.58 -31.66 47.73
CA ASP Q 401 -28.39 -31.09 49.06
C ASP Q 401 -29.20 -29.81 49.27
N LEU Q 402 -29.25 -28.92 48.26
CA LEU Q 402 -30.01 -27.67 48.37
C LEU Q 402 -31.52 -27.91 48.41
N ILE Q 403 -32.01 -28.91 47.64
CA ILE Q 403 -33.44 -29.24 47.62
C ILE Q 403 -33.82 -29.84 48.99
N ALA Q 404 -33.01 -30.76 49.53
CA ALA Q 404 -33.27 -31.36 50.84
C ALA Q 404 -33.32 -30.30 51.95
N ALA Q 405 -32.45 -29.27 51.87
CA ALA Q 405 -32.42 -28.19 52.84
C ALA Q 405 -33.70 -27.35 52.78
N LEU Q 406 -34.24 -27.11 51.58
CA LEU Q 406 -35.49 -26.35 51.39
C LEU Q 406 -36.67 -27.19 51.90
N ASP Q 407 -36.67 -28.51 51.62
CA ASP Q 407 -37.73 -29.42 52.06
C ASP Q 407 -37.73 -29.65 53.59
N ALA Q 408 -36.64 -29.32 54.29
CA ALA Q 408 -36.56 -29.50 55.74
C ALA Q 408 -37.51 -28.56 56.50
N SER Q 409 -37.76 -27.35 55.95
CA SER Q 409 -38.67 -26.39 56.59
C SER Q 409 -40.14 -26.86 56.54
N SER R 23 5.11 -15.63 87.41
CA SER R 23 6.06 -16.40 88.22
C SER R 23 7.29 -16.85 87.39
N LEU R 24 7.19 -16.93 86.05
CA LEU R 24 8.31 -17.35 85.21
C LEU R 24 9.16 -16.18 84.75
N HIS R 25 10.44 -16.45 84.47
CA HIS R 25 11.39 -15.43 84.00
C HIS R 25 11.10 -15.02 82.54
N PRO R 26 11.53 -13.84 82.03
CA PRO R 26 11.25 -13.50 80.63
C PRO R 26 11.89 -14.43 79.60
N GLU R 27 13.02 -15.07 79.94
CA GLU R 27 13.69 -16.00 79.02
C GLU R 27 12.83 -17.25 78.78
N THR R 28 12.13 -17.73 79.83
CA THR R 28 11.21 -18.86 79.75
C THR R 28 9.95 -18.47 78.96
N LEU R 29 9.42 -17.25 79.23
CA LEU R 29 8.19 -16.76 78.59
C LEU R 29 8.37 -16.47 77.09
N MET R 30 9.60 -16.24 76.62
CA MET R 30 9.84 -16.04 75.19
C MET R 30 9.70 -17.38 74.45
N VAL R 31 10.13 -18.49 75.07
CA VAL R 31 10.03 -19.82 74.47
C VAL R 31 8.58 -20.35 74.48
N HIS R 32 7.92 -20.30 75.65
CA HIS R 32 6.57 -20.84 75.84
C HIS R 32 5.40 -19.84 75.68
N GLY R 33 5.66 -18.58 75.38
CA GLY R 33 4.60 -17.59 75.20
C GLY R 33 3.79 -17.86 73.96
N GLY R 34 2.47 -17.77 74.07
CA GLY R 34 1.55 -18.04 72.97
C GLY R 34 1.47 -19.49 72.54
N MET R 35 2.05 -20.42 73.33
CA MET R 35 2.04 -21.86 73.05
C MET R 35 1.05 -22.57 73.99
N LYS R 36 -0.06 -21.91 74.36
CA LYS R 36 -1.02 -22.45 75.31
C LYS R 36 -1.94 -23.46 74.64
N GLY R 37 -2.07 -24.63 75.25
CA GLY R 37 -2.93 -25.69 74.72
C GLY R 37 -2.32 -26.55 73.64
N LEU R 38 -1.11 -26.21 73.13
CA LEU R 38 -0.47 -26.99 72.07
C LEU R 38 0.04 -28.32 72.62
N THR R 39 0.71 -28.32 73.76
CA THR R 39 1.19 -29.54 74.39
C THR R 39 0.02 -30.46 74.79
N GLU R 40 -1.08 -29.85 75.25
CA GLU R 40 -2.27 -30.57 75.66
C GLU R 40 -3.00 -31.21 74.45
N ALA R 41 -2.84 -30.62 73.23
CA ALA R 41 -3.41 -31.14 71.98
C ALA R 41 -2.49 -32.13 71.24
N GLY R 42 -1.31 -32.44 71.79
CA GLY R 42 -0.38 -33.39 71.18
C GLY R 42 0.40 -32.85 69.99
N VAL R 43 0.71 -31.53 69.99
CA VAL R 43 1.48 -30.88 68.92
C VAL R 43 2.60 -30.03 69.54
N HIS R 44 3.68 -29.78 68.78
CA HIS R 44 4.85 -29.04 69.27
C HIS R 44 4.82 -27.53 68.98
N VAL R 45 4.54 -27.14 67.72
CA VAL R 45 4.53 -25.74 67.28
C VAL R 45 3.11 -25.34 66.78
N PRO R 46 2.71 -24.04 66.80
CA PRO R 46 1.36 -23.70 66.32
C PRO R 46 1.20 -23.95 64.82
N ALA R 47 0.03 -24.44 64.42
CA ALA R 47 -0.23 -24.74 63.02
C ALA R 47 -0.45 -23.47 62.21
N ILE R 48 -0.20 -23.54 60.89
CA ILE R 48 -0.39 -22.42 59.97
C ILE R 48 -1.70 -22.66 59.24
N ASP R 49 -2.79 -22.03 59.69
CA ASP R 49 -4.10 -22.18 59.08
C ASP R 49 -4.26 -21.07 58.03
N LEU R 50 -4.21 -21.42 56.74
CA LEU R 50 -4.35 -20.44 55.66
C LEU R 50 -5.81 -20.08 55.35
N SER R 51 -6.80 -20.74 55.97
CA SER R 51 -8.24 -20.49 55.75
C SER R 51 -8.61 -19.02 55.73
N THR R 52 -9.18 -18.57 54.61
CA THR R 52 -9.65 -17.20 54.49
C THR R 52 -11.00 -17.07 55.21
N THR R 53 -11.87 -18.07 55.06
CA THR R 53 -13.18 -18.12 55.71
C THR R 53 -13.18 -19.19 56.82
N ASN R 54 -14.12 -19.05 57.76
CA ASN R 54 -14.28 -19.95 58.89
C ASN R 54 -15.79 -20.27 59.04
N PRO R 55 -16.26 -21.50 58.74
CA PRO R 55 -17.70 -21.78 58.83
C PRO R 55 -18.37 -21.50 60.18
N VAL R 56 -19.67 -21.21 60.14
CA VAL R 56 -20.48 -20.88 61.32
C VAL R 56 -21.50 -21.98 61.60
N ASN R 57 -21.84 -22.20 62.89
CA ASN R 57 -22.79 -23.25 63.28
C ASN R 57 -24.20 -22.89 62.87
N ASP R 58 -24.61 -21.64 63.07
CA ASP R 58 -25.94 -21.15 62.68
C ASP R 58 -25.91 -19.63 62.40
N VAL R 59 -27.05 -19.07 61.95
CA VAL R 59 -27.16 -17.65 61.60
C VAL R 59 -26.99 -16.78 62.84
N ALA R 60 -27.61 -17.17 63.97
CA ALA R 60 -27.54 -16.40 65.20
C ALA R 60 -26.11 -16.33 65.80
N THR R 61 -25.42 -17.47 65.98
CA THR R 61 -24.08 -17.46 66.56
C THR R 61 -23.06 -16.86 65.60
N GLY R 62 -23.21 -17.15 64.31
CA GLY R 62 -22.32 -16.60 63.29
C GLY R 62 -22.41 -15.09 63.21
N GLY R 63 -23.64 -14.58 63.20
CA GLY R 63 -23.89 -13.14 63.16
C GLY R 63 -23.40 -12.43 64.40
N ASP R 64 -23.63 -13.01 65.59
CA ASP R 64 -23.16 -12.41 66.84
C ASP R 64 -21.63 -12.43 66.90
N SER R 65 -20.98 -13.50 66.40
CA SER R 65 -19.51 -13.59 66.36
C SER R 65 -18.95 -12.55 65.39
N TYR R 66 -19.64 -12.32 64.24
CA TYR R 66 -19.25 -11.30 63.26
C TYR R 66 -19.28 -9.92 63.93
N GLU R 67 -20.40 -9.56 64.59
CA GLU R 67 -20.54 -8.27 65.25
C GLU R 67 -19.51 -8.08 66.36
N TRP R 68 -19.31 -9.09 67.21
CA TRP R 68 -18.33 -9.03 68.30
C TRP R 68 -16.91 -8.73 67.78
N LEU R 69 -16.48 -9.40 66.69
CA LEU R 69 -15.14 -9.18 66.13
C LEU R 69 -15.04 -7.89 65.32
N ALA R 70 -16.06 -7.55 64.52
CA ALA R 70 -16.04 -6.31 63.74
C ALA R 70 -16.00 -5.08 64.64
N THR R 71 -16.63 -5.14 65.83
CA THR R 71 -16.59 -4.06 66.80
C THR R 71 -15.30 -4.06 67.66
N GLY R 72 -14.26 -4.78 67.22
CA GLY R 72 -12.95 -4.81 67.87
C GLY R 72 -12.75 -5.73 69.06
N HIS R 73 -13.62 -6.72 69.30
CA HIS R 73 -13.46 -7.60 70.44
C HIS R 73 -12.67 -8.87 70.15
N THR R 74 -12.12 -9.49 71.21
CA THR R 74 -11.34 -10.72 71.13
C THR R 74 -12.28 -11.90 70.87
N LEU R 75 -11.82 -12.89 70.07
CA LEU R 75 -12.64 -14.06 69.77
C LEU R 75 -12.93 -14.85 71.04
N LYS R 76 -14.20 -15.17 71.26
CA LYS R 76 -14.60 -15.95 72.43
C LYS R 76 -14.16 -17.40 72.27
N ASP R 77 -13.87 -18.08 73.38
CA ASP R 77 -13.47 -19.49 73.31
C ASP R 77 -14.68 -20.31 72.89
N GLY R 78 -14.52 -21.11 71.85
CA GLY R 78 -15.60 -21.92 71.30
C GLY R 78 -16.52 -21.11 70.42
N ASP R 79 -15.94 -20.25 69.56
CA ASP R 79 -16.67 -19.38 68.64
C ASP R 79 -15.93 -19.36 67.29
N SER R 80 -16.68 -19.24 66.18
CA SER R 80 -16.09 -19.22 64.85
C SER R 80 -15.40 -17.89 64.58
N ALA R 81 -14.22 -17.94 63.95
CA ALA R 81 -13.52 -16.72 63.56
C ALA R 81 -14.25 -15.96 62.42
N VAL R 82 -15.20 -16.63 61.71
CA VAL R 82 -16.05 -16.12 60.62
C VAL R 82 -15.24 -15.79 59.33
N TYR R 83 -14.26 -14.90 59.42
CA TYR R 83 -13.43 -14.48 58.30
C TYR R 83 -12.06 -14.02 58.83
N GLN R 84 -11.02 -14.14 57.98
CA GLN R 84 -9.65 -13.79 58.38
C GLN R 84 -9.47 -12.31 58.71
N ARG R 85 -10.21 -11.42 58.02
CA ARG R 85 -10.13 -9.99 58.31
C ARG R 85 -10.71 -9.63 59.70
N LEU R 86 -11.53 -10.52 60.29
CA LEU R 86 -12.10 -10.35 61.61
C LEU R 86 -11.21 -11.03 62.66
N TRP R 87 -10.72 -12.27 62.40
CA TRP R 87 -9.84 -12.98 63.33
C TRP R 87 -9.01 -14.08 62.64
N GLN R 88 -7.73 -14.23 63.05
CA GLN R 88 -6.83 -15.27 62.56
C GLN R 88 -6.18 -15.92 63.80
N PRO R 89 -6.23 -17.27 63.99
CA PRO R 89 -5.67 -17.86 65.22
C PRO R 89 -4.16 -17.80 65.41
N GLY R 90 -3.39 -17.90 64.32
CA GLY R 90 -1.94 -17.84 64.36
C GLY R 90 -1.46 -16.46 64.73
N VAL R 91 -2.15 -15.43 64.19
CA VAL R 91 -1.85 -14.03 64.50
C VAL R 91 -2.15 -13.79 65.98
N ALA R 92 -3.32 -14.28 66.46
CA ALA R 92 -3.73 -14.18 67.85
C ALA R 92 -2.71 -14.79 68.82
N ARG R 93 -2.06 -15.90 68.45
CA ARG R 93 -1.05 -16.53 69.31
C ARG R 93 0.21 -15.67 69.41
N PHE R 94 0.62 -15.02 68.30
CA PHE R 94 1.74 -14.08 68.28
C PHE R 94 1.39 -12.84 69.13
N GLU R 95 0.13 -12.36 69.03
CA GLU R 95 -0.36 -11.21 69.78
C GLU R 95 -0.28 -11.46 71.29
N THR R 96 -0.78 -12.62 71.77
CA THR R 96 -0.73 -12.94 73.21
C THR R 96 0.70 -13.18 73.68
N ALA R 97 1.60 -13.69 72.80
CA ALA R 97 2.99 -13.93 73.16
C ALA R 97 3.71 -12.61 73.46
N LEU R 98 3.58 -11.59 72.57
CA LEU R 98 4.23 -10.30 72.79
C LEU R 98 3.58 -9.52 73.92
N ALA R 99 2.24 -9.55 74.04
CA ALA R 99 1.54 -8.84 75.11
C ALA R 99 2.05 -9.29 76.49
N GLY R 100 2.33 -10.59 76.64
CA GLY R 100 2.89 -11.12 77.87
C GLY R 100 4.31 -10.67 78.16
N LEU R 101 5.10 -10.45 77.09
CA LEU R 101 6.48 -9.99 77.23
C LEU R 101 6.52 -8.51 77.61
N GLU R 102 5.66 -7.69 76.98
CA GLU R 102 5.54 -6.25 77.32
C GLU R 102 4.70 -5.99 78.59
N HIS R 103 4.00 -7.02 79.12
CA HIS R 103 3.12 -6.94 80.28
C HIS R 103 1.91 -6.03 80.01
N ALA R 104 1.37 -6.12 78.78
CA ALA R 104 0.18 -5.39 78.32
C ALA R 104 -1.03 -6.33 78.39
N GLU R 105 -2.26 -5.77 78.39
CA GLU R 105 -3.47 -6.59 78.47
C GLU R 105 -3.65 -7.39 77.19
N GLU R 106 -3.55 -6.71 76.03
CA GLU R 106 -3.76 -7.30 74.71
C GLU R 106 -2.73 -6.73 73.69
N ALA R 107 -2.70 -7.27 72.46
CA ALA R 107 -1.85 -6.77 71.38
C ALA R 107 -2.55 -6.99 70.04
N VAL R 108 -2.29 -6.08 69.07
CA VAL R 108 -2.92 -6.14 67.74
C VAL R 108 -1.80 -6.12 66.69
N ALA R 109 -1.77 -7.13 65.82
CA ALA R 109 -0.74 -7.28 64.78
C ALA R 109 -1.26 -6.94 63.39
N PHE R 110 -0.36 -6.34 62.57
CA PHE R 110 -0.62 -5.87 61.21
C PHE R 110 0.52 -6.33 60.26
N ALA R 111 0.33 -6.11 58.94
CA ALA R 111 1.29 -6.49 57.90
C ALA R 111 2.69 -5.92 58.11
N THR R 112 2.80 -4.63 58.51
CA THR R 112 4.06 -3.92 58.72
C THR R 112 3.97 -2.97 59.94
N GLY R 113 5.12 -2.45 60.40
CA GLY R 113 5.15 -1.47 61.48
C GLY R 113 4.42 -0.20 61.09
N MET R 114 4.47 0.17 59.80
CA MET R 114 3.77 1.34 59.29
C MET R 114 2.26 1.13 59.29
N ALA R 115 1.79 -0.10 59.05
CA ALA R 115 0.35 -0.41 59.11
C ALA R 115 -0.17 -0.28 60.53
N ALA R 116 0.65 -0.64 61.53
CA ALA R 116 0.29 -0.51 62.93
C ALA R 116 0.21 0.97 63.31
N MET R 117 1.20 1.78 62.86
CA MET R 117 1.21 3.24 63.08
C MET R 117 -0.04 3.86 62.45
N THR R 118 -0.35 3.46 61.20
CA THR R 118 -1.51 3.93 60.45
C THR R 118 -2.81 3.65 61.20
N ALA R 119 -2.95 2.44 61.74
CA ALA R 119 -4.13 2.07 62.51
C ALA R 119 -4.28 2.89 63.78
N ALA R 120 -3.17 3.13 64.51
CA ALA R 120 -3.18 3.91 65.74
C ALA R 120 -3.56 5.37 65.46
N LEU R 121 -3.10 5.92 64.33
CA LEU R 121 -3.42 7.29 63.96
C LEU R 121 -4.88 7.37 63.52
N LEU R 122 -5.36 6.41 62.72
CA LEU R 122 -6.76 6.40 62.30
C LEU R 122 -7.70 6.21 63.48
N ALA R 123 -7.29 5.42 64.50
CA ALA R 123 -8.10 5.23 65.72
C ALA R 123 -8.25 6.55 66.48
N ALA R 124 -7.17 7.35 66.54
CA ALA R 124 -7.20 8.66 67.20
C ALA R 124 -8.06 9.65 66.42
N VAL R 125 -7.94 9.66 65.07
CA VAL R 125 -8.73 10.55 64.22
C VAL R 125 -10.21 10.21 64.34
N SER R 126 -10.54 8.91 64.28
CA SER R 126 -11.92 8.42 64.40
C SER R 126 -12.53 8.81 65.76
N ALA R 127 -11.74 8.79 66.84
CA ALA R 127 -12.20 9.19 68.18
C ALA R 127 -12.49 10.69 68.33
N GLY R 128 -12.07 11.51 67.37
CA GLY R 128 -12.24 12.96 67.41
C GLY R 128 -11.05 13.69 68.00
N THR R 129 -9.86 13.05 67.98
CA THR R 129 -8.60 13.62 68.50
C THR R 129 -7.53 13.47 67.40
N PRO R 130 -7.61 14.25 66.29
CA PRO R 130 -6.62 14.07 65.22
C PRO R 130 -5.24 14.67 65.47
N HIS R 131 -5.10 15.56 66.47
CA HIS R 131 -3.79 16.15 66.75
C HIS R 131 -2.90 15.16 67.52
N ILE R 132 -1.61 15.12 67.19
CA ILE R 132 -0.64 14.23 67.84
C ILE R 132 0.64 15.03 68.13
N VAL R 133 1.11 14.96 69.40
CA VAL R 133 2.36 15.59 69.83
C VAL R 133 3.44 14.53 69.63
N ALA R 134 4.53 14.86 68.93
CA ALA R 134 5.59 13.90 68.66
C ALA R 134 6.97 14.49 68.94
N VAL R 135 7.89 13.65 69.46
CA VAL R 135 9.26 14.05 69.80
C VAL R 135 10.22 13.43 68.78
N ARG R 136 11.01 14.27 68.10
CA ARG R 136 12.00 13.80 67.13
C ARG R 136 13.33 13.47 67.84
N PRO R 137 14.19 12.55 67.33
CA PRO R 137 14.09 11.76 66.09
C PRO R 137 13.15 10.56 66.13
N LEU R 138 12.53 10.25 64.98
CA LEU R 138 11.65 9.10 64.77
C LEU R 138 12.05 8.44 63.44
N TYR R 139 11.57 7.21 63.16
CA TYR R 139 11.84 6.55 61.88
C TYR R 139 11.27 7.41 60.73
N GLY R 140 12.02 7.54 59.65
CA GLY R 140 11.65 8.33 58.47
C GLY R 140 10.20 8.25 58.02
N GLY R 141 9.66 7.04 57.97
CA GLY R 141 8.29 6.79 57.59
C GLY R 141 7.30 7.30 58.62
N SER R 142 7.54 7.04 59.90
CA SER R 142 6.67 7.54 60.97
C SER R 142 6.70 9.08 61.00
N ASP R 143 7.87 9.67 60.77
CA ASP R 143 8.05 11.12 60.71
C ASP R 143 7.29 11.70 59.50
N HIS R 144 7.45 11.10 58.31
CA HIS R 144 6.81 11.56 57.09
C HIS R 144 5.29 11.39 57.11
N LEU R 145 4.78 10.27 57.66
CA LEU R 145 3.34 10.03 57.76
C LEU R 145 2.65 11.09 58.63
N LEU R 146 3.33 11.57 59.68
CA LEU R 146 2.79 12.62 60.54
C LEU R 146 2.89 13.98 59.85
N GLU R 147 4.05 14.29 59.23
CA GLU R 147 4.27 15.56 58.51
C GLU R 147 3.23 15.78 57.40
N THR R 148 2.99 14.76 56.56
CA THR R 148 2.06 14.87 55.44
C THR R 148 0.61 14.97 55.91
N GLY R 149 0.27 14.31 57.02
CA GLY R 149 -1.09 14.30 57.53
C GLY R 149 -2.04 13.58 56.60
N LEU R 150 -1.56 12.48 55.99
CA LEU R 150 -2.31 11.67 55.03
C LEU R 150 -3.61 11.13 55.64
N LEU R 151 -3.56 10.72 56.90
CA LEU R 151 -4.70 10.10 57.58
C LEU R 151 -5.58 11.11 58.35
N GLY R 152 -5.53 12.38 57.96
CA GLY R 152 -6.32 13.42 58.63
C GLY R 152 -5.77 13.85 59.97
N THR R 153 -4.46 13.70 60.20
CA THR R 153 -3.82 14.09 61.45
C THR R 153 -3.08 15.42 61.32
N THR R 154 -3.00 16.16 62.43
CA THR R 154 -2.22 17.38 62.54
C THR R 154 -1.11 17.06 63.57
N VAL R 155 0.11 17.59 63.38
CA VAL R 155 1.24 17.28 64.26
C VAL R 155 1.91 18.55 64.82
N THR R 156 2.43 18.44 66.06
CA THR R 156 3.16 19.50 66.73
C THR R 156 4.47 18.85 67.19
N TRP R 157 5.58 19.15 66.49
CA TRP R 157 6.88 18.60 66.83
C TRP R 157 7.39 19.30 68.07
N ALA R 158 7.55 18.56 69.17
CA ALA R 158 7.98 19.13 70.45
C ALA R 158 9.19 18.42 71.02
N LYS R 159 9.99 19.14 71.80
CA LYS R 159 11.14 18.56 72.49
C LYS R 159 10.62 17.82 73.74
N GLU R 160 11.42 16.91 74.29
CA GLU R 160 11.05 16.11 75.45
C GLU R 160 10.53 16.96 76.64
N ALA R 161 11.21 18.07 76.95
CA ALA R 161 10.80 18.94 78.04
C ALA R 161 9.52 19.75 77.75
N ASP R 162 9.26 20.09 76.47
CA ASP R 162 8.11 20.90 76.08
C ASP R 162 6.89 20.08 75.62
N ILE R 163 6.67 18.88 76.18
CA ILE R 163 5.52 18.05 75.79
C ILE R 163 4.22 18.64 76.36
N ALA R 164 4.19 18.91 77.67
CA ALA R 164 3.01 19.44 78.35
C ALA R 164 2.43 20.69 77.66
N SER R 165 3.30 21.63 77.26
CA SER R 165 2.88 22.86 76.59
C SER R 165 2.33 22.62 75.18
N ALA R 166 2.92 21.68 74.43
CA ALA R 166 2.49 21.34 73.07
C ALA R 166 1.11 20.66 73.00
N ILE R 167 0.62 20.10 74.12
CA ILE R 167 -0.66 19.38 74.13
C ILE R 167 -1.85 20.35 74.03
N GLN R 168 -2.79 20.02 73.14
CA GLN R 168 -4.01 20.75 72.87
C GLN R 168 -5.21 19.88 73.32
N ASP R 169 -6.42 20.48 73.38
CA ASP R 169 -7.63 19.71 73.68
C ASP R 169 -7.91 18.64 72.59
N ASP R 170 -7.40 18.87 71.36
CA ASP R 170 -7.56 18.00 70.20
C ASP R 170 -6.50 16.87 70.16
N THR R 171 -5.53 16.80 71.10
CA THR R 171 -4.51 15.76 71.06
C THR R 171 -5.06 14.38 71.45
N GLY R 172 -4.74 13.38 70.63
CA GLY R 172 -5.12 11.99 70.83
C GLY R 172 -3.96 11.12 71.29
N LEU R 173 -2.70 11.47 70.94
CA LEU R 173 -1.54 10.65 71.29
C LEU R 173 -0.24 11.44 71.41
N VAL R 174 0.72 10.91 72.19
CA VAL R 174 2.06 11.46 72.36
C VAL R 174 3.01 10.38 71.85
N ILE R 175 3.60 10.58 70.65
CA ILE R 175 4.46 9.58 70.04
C ILE R 175 5.93 9.85 70.37
N VAL R 176 6.59 8.87 71.02
CA VAL R 176 8.01 8.94 71.38
C VAL R 176 8.72 7.64 70.99
N GLU R 177 10.06 7.68 70.89
CA GLU R 177 10.88 6.54 70.53
C GLU R 177 12.23 6.65 71.24
N THR R 178 12.66 5.59 71.95
CA THR R 178 13.93 5.59 72.66
C THR R 178 14.56 4.16 72.74
N PRO R 179 15.80 3.94 72.25
CA PRO R 179 16.71 4.88 71.56
C PRO R 179 16.12 5.28 70.20
N ALA R 180 16.22 6.56 69.84
CA ALA R 180 15.66 7.07 68.59
C ALA R 180 16.35 6.53 67.34
N ASN R 181 15.61 6.46 66.24
CA ASN R 181 16.15 6.00 64.96
C ASN R 181 16.53 7.27 64.18
N PRO R 182 17.80 7.53 63.76
CA PRO R 182 19.03 6.70 63.85
C PRO R 182 20.05 6.99 64.97
N SER R 183 20.12 8.25 65.45
CA SER R 183 21.12 8.73 66.42
C SER R 183 21.07 8.15 67.85
N LEU R 184 20.08 7.29 68.16
CA LEU R 184 19.93 6.65 69.48
C LEU R 184 19.76 7.63 70.64
N ASP R 185 18.97 8.69 70.40
CA ASP R 185 18.66 9.68 71.42
C ASP R 185 17.74 9.02 72.44
N LEU R 186 18.05 9.17 73.74
CA LEU R 186 17.26 8.56 74.81
C LEU R 186 16.23 9.54 75.35
N VAL R 187 15.08 9.01 75.80
CA VAL R 187 13.96 9.77 76.33
C VAL R 187 13.54 9.15 77.67
N ASP R 188 13.37 9.98 78.72
CA ASP R 188 12.91 9.50 80.01
C ASP R 188 11.41 9.28 79.92
N LEU R 189 10.97 8.02 79.94
CA LEU R 189 9.55 7.70 79.79
C LEU R 189 8.72 8.16 81.00
N ASP R 190 9.24 8.04 82.23
CA ASP R 190 8.54 8.50 83.43
C ASP R 190 8.21 10.00 83.35
N SER R 191 9.13 10.80 82.79
CA SER R 191 8.90 12.23 82.62
C SER R 191 7.90 12.52 81.50
N VAL R 192 7.95 11.75 80.40
CA VAL R 192 7.03 11.94 79.26
C VAL R 192 5.60 11.61 79.70
N VAL R 193 5.41 10.49 80.41
CA VAL R 193 4.08 10.09 80.91
C VAL R 193 3.53 11.16 81.86
N SER R 194 4.38 11.67 82.76
CA SER R 194 3.99 12.73 83.69
C SER R 194 3.55 14.00 82.94
N ALA R 195 4.31 14.41 81.90
CA ALA R 195 3.98 15.59 81.11
C ALA R 195 2.72 15.41 80.25
N ALA R 196 2.45 14.19 79.76
CA ALA R 196 1.27 13.91 78.94
C ALA R 196 -0.03 13.98 79.73
N GLY R 197 -0.01 13.44 80.95
CA GLY R 197 -1.18 13.46 81.81
C GLY R 197 -2.29 12.56 81.30
N ASN R 198 -3.42 13.17 80.92
CA ASN R 198 -4.58 12.42 80.42
C ASN R 198 -4.40 11.89 78.99
N VAL R 199 -3.41 12.41 78.23
CA VAL R 199 -3.20 11.98 76.85
C VAL R 199 -2.44 10.65 76.85
N PRO R 200 -2.88 9.61 76.10
CA PRO R 200 -2.13 8.34 76.08
C PRO R 200 -0.79 8.49 75.36
N VAL R 201 0.24 7.74 75.81
CA VAL R 201 1.58 7.81 75.23
C VAL R 201 1.87 6.54 74.43
N LEU R 202 2.31 6.72 73.18
CA LEU R 202 2.70 5.61 72.31
C LEU R 202 4.23 5.62 72.24
N VAL R 203 4.86 4.52 72.70
CA VAL R 203 6.31 4.39 72.70
C VAL R 203 6.70 3.34 71.67
N ASP R 204 7.57 3.70 70.72
CA ASP R 204 8.04 2.78 69.70
C ASP R 204 9.27 2.06 70.28
N ASN R 205 9.06 0.85 70.80
CA ASN R 205 10.09 0.03 71.45
C ASN R 205 10.74 -0.99 70.50
N THR R 206 10.92 -0.65 69.22
CA THR R 206 11.52 -1.56 68.24
C THR R 206 13.00 -1.84 68.57
N PHE R 207 13.79 -0.78 68.80
CA PHE R 207 15.22 -0.88 69.05
C PHE R 207 15.57 -1.62 70.35
N CYS R 208 14.87 -1.31 71.45
CA CYS R 208 15.13 -1.94 72.75
C CYS R 208 14.58 -3.36 72.84
N THR R 209 13.35 -3.61 72.32
CA THR R 209 12.62 -4.89 72.40
C THR R 209 12.15 -5.15 73.85
N PRO R 210 11.17 -6.06 74.10
CA PRO R 210 10.77 -6.32 75.50
C PRO R 210 11.87 -6.92 76.39
N VAL R 211 13.03 -7.30 75.81
CA VAL R 211 14.16 -7.85 76.55
C VAL R 211 14.80 -6.75 77.38
N LEU R 212 15.00 -5.56 76.78
CA LEU R 212 15.69 -4.44 77.40
C LEU R 212 14.80 -3.35 78.02
N GLN R 213 13.65 -3.03 77.41
CA GLN R 213 12.78 -1.96 77.92
C GLN R 213 11.33 -2.39 77.96
N GLN R 214 10.60 -1.94 79.00
CA GLN R 214 9.19 -2.27 79.22
C GLN R 214 8.42 -0.95 79.38
N PRO R 215 8.06 -0.24 78.29
CA PRO R 215 7.36 1.05 78.45
C PRO R 215 6.03 1.00 79.20
N ILE R 216 5.33 -0.16 79.18
CA ILE R 216 4.04 -0.31 79.89
C ILE R 216 4.23 -0.04 81.40
N SER R 217 5.35 -0.52 81.99
CA SER R 217 5.65 -0.30 83.40
C SER R 217 5.81 1.18 83.75
N HIS R 218 6.34 1.99 82.81
CA HIS R 218 6.49 3.43 83.01
C HIS R 218 5.17 4.23 82.82
N GLY R 219 4.11 3.58 82.33
CA GLY R 219 2.79 4.18 82.14
C GLY R 219 2.41 4.47 80.71
N ALA R 220 3.08 3.84 79.72
CA ALA R 220 2.72 4.04 78.32
C ALA R 220 1.44 3.28 78.03
N ALA R 221 0.50 3.91 77.31
CA ALA R 221 -0.76 3.26 76.99
C ALA R 221 -0.59 2.24 75.87
N LEU R 222 0.17 2.57 74.82
CA LEU R 222 0.43 1.66 73.71
C LEU R 222 1.92 1.58 73.39
N VAL R 223 2.40 0.39 72.98
CA VAL R 223 3.81 0.13 72.68
C VAL R 223 3.92 -0.50 71.28
N LEU R 224 4.46 0.26 70.31
CA LEU R 224 4.61 -0.19 68.93
C LEU R 224 5.95 -0.87 68.72
N HIS R 225 5.97 -1.91 67.87
CA HIS R 225 7.17 -2.64 67.47
C HIS R 225 7.10 -2.91 65.99
N SER R 226 8.19 -2.65 65.28
CA SER R 226 8.29 -3.04 63.88
C SER R 226 8.77 -4.49 64.02
N ALA R 227 7.85 -5.45 64.05
CA ALA R 227 8.19 -6.86 64.22
C ALA R 227 9.19 -7.36 63.17
N THR R 228 9.20 -6.73 61.98
CA THR R 228 10.18 -6.98 60.90
C THR R 228 11.63 -7.00 61.46
N GLN R 229 11.89 -6.12 62.45
CA GLN R 229 13.20 -6.01 63.11
C GLN R 229 13.16 -6.67 64.48
N TYR R 230 14.21 -7.44 64.80
CA TYR R 230 14.44 -8.11 66.09
C TYR R 230 13.44 -9.21 66.45
N LEU R 231 12.12 -8.94 66.39
CA LEU R 231 11.12 -9.95 66.73
C LEU R 231 11.21 -11.14 65.76
N GLY R 232 11.37 -10.85 64.47
CA GLY R 232 11.60 -11.88 63.47
C GLY R 232 13.05 -12.33 63.62
N GLY R 233 13.95 -11.37 63.53
CA GLY R 233 15.37 -11.59 63.72
C GLY R 233 16.13 -12.22 62.58
N HIS R 234 15.44 -12.70 61.52
CA HIS R 234 16.12 -13.33 60.40
C HIS R 234 15.90 -12.62 59.05
N GLY R 235 15.35 -11.40 59.07
CA GLY R 235 15.11 -10.61 57.86
C GLY R 235 14.26 -11.29 56.82
N ASP R 236 13.21 -12.01 57.25
CA ASP R 236 12.34 -12.74 56.34
C ASP R 236 10.86 -12.71 56.73
N ALA R 237 10.45 -11.77 57.58
CA ALA R 237 9.06 -11.68 57.99
C ALA R 237 8.71 -10.24 58.35
N MET R 238 7.91 -9.59 57.49
CA MET R 238 7.46 -8.23 57.75
C MET R 238 6.37 -8.32 58.82
N GLY R 239 6.28 -7.29 59.65
CA GLY R 239 5.26 -7.26 60.67
C GLY R 239 5.26 -6.03 61.53
N GLY R 240 4.13 -5.78 62.17
CA GLY R 240 3.91 -4.63 63.04
C GLY R 240 2.96 -5.03 64.14
N ILE R 241 3.20 -4.57 65.37
CA ILE R 241 2.37 -4.99 66.51
C ILE R 241 2.37 -3.92 67.61
N ILE R 242 1.20 -3.70 68.24
CA ILE R 242 1.05 -2.73 69.33
C ILE R 242 0.54 -3.45 70.56
N ALA R 243 1.34 -3.51 71.63
CA ALA R 243 0.94 -4.10 72.91
C ALA R 243 0.27 -2.96 73.68
N THR R 244 -1.01 -3.13 74.08
CA THR R 244 -1.77 -2.05 74.73
C THR R 244 -2.94 -2.57 75.62
N ASN R 245 -3.63 -1.65 76.33
CA ASN R 245 -4.81 -1.97 77.14
C ASN R 245 -6.00 -2.43 76.23
N ALA R 246 -7.08 -2.93 76.83
CA ALA R 246 -8.25 -3.40 76.08
C ALA R 246 -8.97 -2.32 75.26
N ASP R 247 -9.04 -1.07 75.76
CA ASP R 247 -9.71 0.03 75.05
C ASP R 247 -9.04 0.33 73.71
N TRP R 248 -7.71 0.50 73.71
CA TRP R 248 -6.97 0.79 72.49
C TRP R 248 -6.89 -0.43 71.57
N ALA R 249 -6.84 -1.65 72.13
CA ALA R 249 -6.82 -2.86 71.32
C ALA R 249 -8.13 -2.99 70.54
N MET R 250 -9.25 -2.64 71.16
CA MET R 250 -10.56 -2.68 70.51
C MET R 250 -10.60 -1.66 69.37
N ARG R 251 -10.08 -0.46 69.61
CA ARG R 251 -10.04 0.58 68.57
C ARG R 251 -9.16 0.18 67.40
N LEU R 252 -8.00 -0.43 67.68
CA LEU R 252 -7.07 -0.88 66.64
C LEU R 252 -7.67 -2.01 65.83
N ARG R 253 -8.36 -2.96 66.49
CA ARG R 253 -9.02 -4.08 65.80
C ARG R 253 -10.21 -3.59 64.97
N GLN R 254 -10.93 -2.53 65.41
CA GLN R 254 -12.03 -1.94 64.63
C GLN R 254 -11.49 -1.39 63.30
N VAL R 255 -10.31 -0.75 63.34
CA VAL R 255 -9.68 -0.20 62.15
C VAL R 255 -9.16 -1.35 61.28
N ARG R 256 -8.51 -2.36 61.89
CA ARG R 256 -7.97 -3.53 61.16
C ARG R 256 -9.06 -4.30 60.42
N ALA R 257 -10.23 -4.50 61.04
CA ALA R 257 -11.32 -5.25 60.41
C ALA R 257 -11.89 -4.57 59.16
N ILE R 258 -11.78 -3.23 59.04
CA ILE R 258 -12.34 -2.50 57.91
C ILE R 258 -11.24 -2.04 56.90
N THR R 259 -10.01 -1.74 57.35
CA THR R 259 -8.92 -1.34 56.44
C THR R 259 -8.07 -2.55 55.98
N GLY R 260 -8.13 -3.68 56.70
CA GLY R 260 -7.48 -4.93 56.33
C GLY R 260 -5.99 -4.99 56.05
N ALA R 261 -5.14 -4.35 56.86
CA ALA R 261 -3.68 -4.45 56.70
C ALA R 261 -3.25 -5.64 57.55
N LEU R 262 -3.65 -6.84 57.12
CA LEU R 262 -3.44 -8.06 57.89
C LEU R 262 -2.07 -8.68 57.80
N LEU R 263 -1.67 -9.35 58.88
CA LEU R 263 -0.42 -10.09 58.97
C LEU R 263 -0.76 -11.50 58.46
N HIS R 264 -0.03 -11.96 57.43
CA HIS R 264 -0.28 -13.26 56.83
C HIS R 264 -0.03 -14.40 57.84
N PRO R 265 -0.81 -15.52 57.85
CA PRO R 265 -0.53 -16.60 58.81
C PRO R 265 0.91 -17.10 58.90
N MET R 266 1.68 -17.12 57.78
CA MET R 266 3.08 -17.54 57.81
C MET R 266 3.96 -16.45 58.43
N GLY R 267 3.64 -15.18 58.17
CA GLY R 267 4.35 -14.07 58.79
C GLY R 267 4.24 -14.11 60.30
N ALA R 268 3.02 -14.37 60.80
CA ALA R 268 2.76 -14.52 62.23
C ALA R 268 3.50 -15.72 62.82
N TYR R 269 3.57 -16.82 62.07
CA TYR R 269 4.28 -18.01 62.49
C TYR R 269 5.78 -17.74 62.70
N LEU R 270 6.43 -17.06 61.74
CA LEU R 270 7.86 -16.78 61.83
C LEU R 270 8.19 -15.70 62.87
N LEU R 271 7.28 -14.74 63.10
CA LEU R 271 7.51 -13.71 64.11
C LEU R 271 7.34 -14.30 65.51
N HIS R 272 6.36 -15.20 65.70
CA HIS R 272 6.13 -15.92 66.95
C HIS R 272 7.34 -16.86 67.20
N ARG R 273 7.80 -17.56 66.14
CA ARG R 273 8.98 -18.45 66.17
C ARG R 273 10.24 -17.67 66.57
N GLY R 274 10.37 -16.44 66.06
CA GLY R 274 11.49 -15.56 66.37
C GLY R 274 11.53 -15.12 67.81
N LEU R 275 10.36 -14.99 68.46
CA LEU R 275 10.31 -14.61 69.86
C LEU R 275 10.97 -15.65 70.77
N ARG R 276 11.00 -16.93 70.36
CA ARG R 276 11.57 -18.03 71.15
C ARG R 276 13.09 -17.89 71.34
N THR R 277 13.78 -17.24 70.40
CA THR R 277 15.23 -17.00 70.44
C THR R 277 15.56 -15.49 70.66
N LEU R 278 14.58 -14.65 71.00
CA LEU R 278 14.82 -13.21 71.15
C LEU R 278 15.81 -12.84 72.26
N ALA R 279 15.73 -13.49 73.43
CA ALA R 279 16.66 -13.19 74.53
C ALA R 279 18.09 -13.60 74.19
N VAL R 280 18.29 -14.79 73.60
CA VAL R 280 19.65 -15.25 73.28
C VAL R 280 20.25 -14.45 72.11
N ARG R 281 19.43 -13.98 71.16
CA ARG R 281 19.93 -13.18 70.04
C ARG R 281 20.28 -11.77 70.50
N MET R 282 19.40 -11.15 71.32
CA MET R 282 19.63 -9.80 71.82
C MET R 282 20.87 -9.77 72.71
N ARG R 283 20.99 -10.70 73.66
CA ARG R 283 22.15 -10.76 74.56
C ARG R 283 23.47 -10.94 73.80
N ALA R 284 23.48 -11.76 72.74
CA ALA R 284 24.70 -11.99 71.96
C ALA R 284 25.09 -10.76 71.13
N ALA R 285 24.13 -10.13 70.43
CA ALA R 285 24.40 -8.95 69.62
C ALA R 285 24.75 -7.73 70.47
N GLN R 286 24.15 -7.60 71.66
CA GLN R 286 24.43 -6.49 72.59
C GLN R 286 25.88 -6.58 73.08
N THR R 287 26.36 -7.79 73.40
CA THR R 287 27.74 -8.00 73.86
C THR R 287 28.72 -7.57 72.77
N THR R 288 28.44 -7.99 71.51
CA THR R 288 29.28 -7.65 70.36
C THR R 288 29.26 -6.13 70.11
N ALA R 289 28.09 -5.49 70.24
CA ALA R 289 27.95 -4.06 70.03
C ALA R 289 28.66 -3.21 71.06
N GLY R 290 28.59 -3.60 72.33
CA GLY R 290 29.28 -2.88 73.41
C GLY R 290 30.79 -2.82 73.20
N GLU R 291 31.35 -3.92 72.67
CA GLU R 291 32.78 -4.02 72.36
C GLU R 291 33.11 -3.24 71.08
N LEU R 292 32.25 -3.34 70.05
CA LEU R 292 32.48 -2.62 68.78
C LEU R 292 32.45 -1.10 68.99
N ALA R 293 31.48 -0.57 69.75
CA ALA R 293 31.38 0.85 70.01
C ALA R 293 32.65 1.44 70.65
N GLU R 294 33.34 0.64 71.48
CA GLU R 294 34.58 1.06 72.11
C GLU R 294 35.73 1.12 71.09
N ARG R 295 35.84 0.10 70.22
CA ARG R 295 36.89 0.04 69.19
C ARG R 295 36.69 1.14 68.16
N LEU R 296 35.43 1.39 67.76
CA LEU R 296 35.08 2.40 66.78
C LEU R 296 35.29 3.82 67.31
N ASP R 297 35.09 4.03 68.62
CA ASP R 297 35.34 5.34 69.23
C ASP R 297 36.85 5.68 69.19
N ALA R 298 37.71 4.66 69.38
CA ALA R 298 39.15 4.82 69.33
C ALA R 298 39.71 5.11 67.93
N HIS R 299 38.94 4.83 66.85
CA HIS R 299 39.43 5.07 65.49
C HIS R 299 39.49 6.58 65.18
N PRO R 300 40.55 7.09 64.52
CA PRO R 300 40.60 8.54 64.24
C PRO R 300 39.59 9.04 63.20
N ALA R 301 39.16 8.16 62.29
CA ALA R 301 38.20 8.53 61.25
C ALA R 301 36.81 8.87 61.83
N ILE R 302 36.46 8.31 63.00
CA ILE R 302 35.18 8.57 63.63
C ILE R 302 35.35 9.59 64.75
N SER R 303 34.58 10.69 64.71
CA SER R 303 34.63 11.74 65.71
C SER R 303 33.75 11.42 66.93
N VAL R 304 32.48 11.05 66.70
CA VAL R 304 31.50 10.76 67.77
C VAL R 304 30.91 9.37 67.57
N VAL R 305 30.78 8.58 68.65
CA VAL R 305 30.13 7.27 68.62
C VAL R 305 28.95 7.33 69.58
N HIS R 306 27.73 7.14 69.05
CA HIS R 306 26.51 7.13 69.84
C HIS R 306 26.19 5.69 70.22
N TYR R 307 26.24 5.37 71.51
CA TYR R 307 25.89 4.05 72.04
C TYR R 307 25.50 4.22 73.51
N PRO R 308 24.28 3.85 73.96
CA PRO R 308 23.91 4.08 75.38
C PRO R 308 24.88 3.52 76.43
N GLY R 309 25.43 2.34 76.19
CA GLY R 309 26.37 1.70 77.11
C GLY R 309 27.70 2.40 77.28
N LEU R 310 28.08 3.26 76.31
CA LEU R 310 29.35 4.01 76.39
C LEU R 310 29.24 5.06 77.50
N LYS R 311 30.32 5.30 78.24
CA LYS R 311 30.31 6.25 79.36
C LYS R 311 30.15 7.68 78.85
N GLY R 312 29.39 8.49 79.57
CA GLY R 312 29.02 9.85 79.21
C GLY R 312 27.73 9.95 78.41
N GLN R 313 27.37 8.89 77.66
CA GLN R 313 26.14 8.87 76.85
C GLN R 313 24.86 8.75 77.67
N ASP R 314 24.95 8.38 78.96
CA ASP R 314 23.79 8.22 79.82
C ASP R 314 23.84 9.18 81.02
N PRO R 315 23.55 10.49 80.86
CA PRO R 315 23.61 11.40 82.03
C PRO R 315 22.45 11.25 83.01
N ARG R 316 21.23 10.97 82.51
CA ARG R 316 20.04 10.84 83.35
C ARG R 316 19.90 9.50 84.11
N GLY R 317 20.84 8.57 83.91
CA GLY R 317 20.80 7.29 84.60
C GLY R 317 19.66 6.39 84.17
N LEU R 318 19.30 6.45 82.88
CA LEU R 318 18.23 5.63 82.32
C LEU R 318 18.65 4.17 82.14
N LEU R 319 19.97 3.87 82.06
CA LEU R 319 20.44 2.50 81.94
C LEU R 319 20.36 1.91 83.35
N GLY R 320 19.57 0.85 83.51
CA GLY R 320 19.30 0.20 84.78
C GLY R 320 17.89 0.49 85.23
N ARG R 321 17.54 1.79 85.27
CA ARG R 321 16.21 2.26 85.67
C ARG R 321 15.15 1.96 84.61
N GLN R 322 15.44 2.26 83.33
CA GLN R 322 14.54 2.09 82.19
C GLN R 322 15.00 1.00 81.21
N MET R 323 16.30 1.00 80.85
CA MET R 323 16.89 0.05 79.90
C MET R 323 17.84 -0.92 80.60
N SER R 324 17.57 -2.23 80.53
CA SER R 324 18.46 -3.23 81.14
C SER R 324 19.62 -3.62 80.21
N GLY R 325 20.12 -2.69 79.41
CA GLY R 325 21.21 -2.97 78.48
C GLY R 325 21.43 -1.84 77.49
N GLY R 326 22.60 -1.85 76.86
CA GLY R 326 22.99 -0.84 75.89
C GLY R 326 22.40 -0.98 74.49
N GLY R 327 21.93 -2.18 74.14
CA GLY R 327 21.36 -2.44 72.83
C GLY R 327 22.36 -2.99 71.83
N ALA R 328 21.89 -3.25 70.60
CA ALA R 328 22.73 -3.77 69.51
C ALA R 328 22.75 -2.85 68.30
N MET R 329 22.51 -1.54 68.50
CA MET R 329 22.54 -0.54 67.44
C MET R 329 23.62 0.47 67.78
N ILE R 330 24.40 0.91 66.78
CA ILE R 330 25.46 1.90 67.00
C ILE R 330 25.40 2.90 65.85
N ALA R 331 25.29 4.19 66.17
CA ALA R 331 25.35 5.26 65.18
C ALA R 331 26.64 6.05 65.41
N MET R 332 27.20 6.65 64.35
CA MET R 332 28.45 7.40 64.49
C MET R 332 28.56 8.56 63.52
N GLU R 333 29.24 9.63 63.94
CA GLU R 333 29.47 10.83 63.14
C GLU R 333 30.90 10.73 62.59
N LEU R 334 31.08 10.81 61.26
CA LEU R 334 32.41 10.72 60.64
C LEU R 334 33.08 12.08 60.65
N ALA R 335 34.41 12.10 60.82
CA ALA R 335 35.18 13.34 60.84
C ALA R 335 35.18 14.04 59.47
N GLY R 336 35.28 13.26 58.40
CA GLY R 336 35.30 13.79 57.04
C GLY R 336 33.95 14.14 56.44
N GLY R 337 32.89 14.12 57.25
CA GLY R 337 31.55 14.48 56.78
C GLY R 337 30.90 13.44 55.89
N PHE R 338 30.16 13.90 54.87
CA PHE R 338 29.45 13.02 53.94
C PHE R 338 30.38 12.11 53.14
N ASP R 339 31.50 12.63 52.62
CA ASP R 339 32.41 11.82 51.80
C ASP R 339 32.99 10.64 52.59
N ALA R 340 33.37 10.85 53.86
CA ALA R 340 33.90 9.77 54.71
C ALA R 340 32.80 8.76 55.03
N ALA R 341 31.58 9.24 55.31
CA ALA R 341 30.42 8.40 55.59
C ALA R 341 30.07 7.53 54.37
N ARG R 342 30.11 8.12 53.17
CA ARG R 342 29.82 7.45 51.91
C ARG R 342 30.87 6.36 51.65
N SER R 343 32.16 6.70 51.78
CA SER R 343 33.25 5.74 51.57
C SER R 343 33.22 4.59 52.57
N PHE R 344 32.81 4.86 53.82
CA PHE R 344 32.76 3.83 54.86
C PHE R 344 31.77 2.71 54.52
N VAL R 345 30.55 3.04 54.12
CA VAL R 345 29.55 2.02 53.79
C VAL R 345 29.86 1.33 52.46
N GLU R 346 30.46 2.05 51.50
CA GLU R 346 30.78 1.49 50.19
C GLU R 346 31.99 0.54 50.21
N HIS R 347 32.89 0.66 51.22
CA HIS R 347 34.04 -0.24 51.35
C HIS R 347 33.80 -1.40 52.33
N CYS R 348 32.57 -1.58 52.85
CA CYS R 348 32.24 -2.71 53.72
C CYS R 348 31.99 -3.94 52.83
N ASN R 349 32.49 -5.12 53.24
CA ASN R 349 32.32 -6.37 52.48
C ASN R 349 31.46 -7.37 53.28
N LEU R 350 31.91 -7.75 54.49
CA LEU R 350 31.18 -8.66 55.36
C LEU R 350 29.93 -7.94 55.87
N VAL R 351 30.09 -6.68 56.33
CA VAL R 351 28.97 -5.86 56.77
C VAL R 351 28.30 -5.39 55.48
N VAL R 352 27.00 -5.59 55.37
CA VAL R 352 26.27 -5.29 54.13
C VAL R 352 25.56 -3.93 54.17
N HIS R 353 25.70 -3.14 53.08
CA HIS R 353 25.05 -1.85 52.94
C HIS R 353 23.58 -2.08 52.59
N ALA R 354 22.70 -2.00 53.61
CA ALA R 354 21.26 -2.23 53.45
C ALA R 354 20.47 -1.63 54.62
N VAL R 355 19.18 -1.34 54.41
CA VAL R 355 18.28 -0.85 55.46
C VAL R 355 17.79 -2.07 56.32
N SER R 356 16.98 -1.83 57.38
CA SER R 356 16.46 -2.83 58.33
C SER R 356 17.49 -3.11 59.42
N LEU R 357 17.01 -3.64 60.55
CA LEU R 357 17.84 -3.90 61.72
C LEU R 357 17.35 -5.12 62.52
N GLY R 358 18.14 -5.54 63.51
CA GLY R 358 17.79 -6.67 64.36
C GLY R 358 17.94 -8.05 63.78
N GLY R 359 18.60 -8.15 62.62
CA GLY R 359 18.81 -9.44 61.97
C GLY R 359 20.02 -10.20 62.45
N ALA R 360 20.17 -11.44 61.97
CA ALA R 360 21.31 -12.29 62.31
C ALA R 360 22.63 -11.74 61.77
N ASP R 361 22.60 -10.93 60.69
CA ASP R 361 23.77 -10.33 60.07
C ASP R 361 23.87 -8.82 60.35
N THR R 362 25.10 -8.29 60.27
CA THR R 362 25.39 -6.89 60.53
C THR R 362 25.15 -6.08 59.27
N LEU R 363 24.36 -5.00 59.40
CA LEU R 363 24.02 -4.11 58.29
C LEU R 363 24.45 -2.68 58.59
N ILE R 364 24.67 -1.90 57.54
CA ILE R 364 25.13 -0.51 57.65
C ILE R 364 24.39 0.35 56.61
N GLN R 365 24.18 1.65 56.90
CA GLN R 365 23.49 2.54 55.97
C GLN R 365 23.67 4.04 56.33
N HIS R 366 23.46 4.94 55.34
CA HIS R 366 23.51 6.38 55.55
C HIS R 366 22.04 6.83 55.76
N PRO R 367 21.61 7.14 57.01
CA PRO R 367 20.19 7.48 57.22
C PRO R 367 19.62 8.63 56.39
N ALA R 368 20.36 9.73 56.23
CA ALA R 368 19.89 10.87 55.45
C ALA R 368 19.58 10.50 53.98
N SER R 369 20.26 9.47 53.43
CA SER R 369 20.06 9.02 52.07
C SER R 369 19.03 7.90 51.92
N LEU R 370 18.76 7.11 52.99
CA LEU R 370 17.82 5.99 52.89
C LEU R 370 16.65 6.05 53.91
N THR R 371 16.79 5.50 55.14
CA THR R 371 15.68 5.40 56.09
C THR R 371 15.02 6.75 56.43
N HIS R 372 15.80 7.84 56.49
CA HIS R 372 15.27 9.16 56.79
C HIS R 372 15.34 10.11 55.59
N ARG R 373 15.19 9.57 54.36
CA ARG R 373 15.16 10.38 53.14
C ARG R 373 13.83 11.15 53.01
N PRO R 374 12.63 10.59 53.33
CA PRO R 374 11.39 11.38 53.23
C PRO R 374 11.20 12.45 54.33
N VAL R 375 12.17 12.59 55.24
CA VAL R 375 12.09 13.55 56.34
C VAL R 375 12.44 14.95 55.80
N ALA R 376 11.82 15.99 56.39
CA ALA R 376 12.08 17.38 56.01
C ALA R 376 13.55 17.74 56.20
N ALA R 377 14.09 18.59 55.33
CA ALA R 377 15.50 19.00 55.38
C ALA R 377 15.97 19.46 56.77
N THR R 378 15.14 20.29 57.45
CA THR R 378 15.47 20.80 58.79
C THR R 378 15.56 19.68 59.83
N ALA R 379 14.72 18.66 59.71
CA ALA R 379 14.66 17.53 60.65
C ALA R 379 15.50 16.31 60.23
N LYS R 380 16.16 16.34 59.06
CA LYS R 380 16.93 15.19 58.59
C LYS R 380 18.17 14.95 59.48
N PRO R 381 18.66 13.70 59.66
CA PRO R 381 19.88 13.50 60.47
C PRO R 381 21.14 14.06 59.78
N GLY R 382 22.23 14.12 60.53
CA GLY R 382 23.50 14.64 60.04
C GLY R 382 24.01 13.91 58.81
N ASP R 383 24.67 14.64 57.90
CA ASP R 383 25.22 14.05 56.67
C ASP R 383 26.42 13.14 56.94
N GLY R 384 27.14 13.37 58.03
CA GLY R 384 28.25 12.52 58.43
C GLY R 384 27.85 11.33 59.29
N LEU R 385 26.54 11.21 59.65
CA LEU R 385 26.04 10.13 60.50
C LEU R 385 25.82 8.83 59.72
N ILE R 386 26.17 7.70 60.35
CA ILE R 386 26.05 6.35 59.80
C ILE R 386 25.41 5.47 60.87
N ARG R 387 24.38 4.68 60.52
CA ARG R 387 23.72 3.76 61.45
C ARG R 387 24.18 2.33 61.15
N LEU R 388 24.40 1.52 62.21
CA LEU R 388 24.87 0.13 62.11
C LEU R 388 24.03 -0.76 63.01
N SER R 389 23.54 -1.89 62.47
CA SER R 389 22.80 -2.91 63.22
C SER R 389 23.74 -4.06 63.46
N VAL R 390 24.08 -4.36 64.72
CA VAL R 390 25.02 -5.43 65.04
C VAL R 390 24.29 -6.79 65.05
N GLY R 391 24.88 -7.78 64.39
CA GLY R 391 24.33 -9.13 64.28
C GLY R 391 24.98 -10.13 65.22
N LEU R 392 24.94 -11.42 64.83
CA LEU R 392 25.48 -12.52 65.64
C LEU R 392 26.83 -13.04 65.13
N GLU R 393 27.60 -12.20 64.42
CA GLU R 393 28.91 -12.63 63.93
C GLU R 393 29.98 -12.36 65.01
N HIS R 394 31.17 -12.95 64.83
CA HIS R 394 32.26 -12.76 65.78
C HIS R 394 32.70 -11.30 65.77
N VAL R 395 32.94 -10.74 66.97
CA VAL R 395 33.36 -9.35 67.14
C VAL R 395 34.62 -9.00 66.34
N ASP R 396 35.62 -9.89 66.31
CA ASP R 396 36.87 -9.64 65.60
C ASP R 396 36.64 -9.51 64.09
N ASP R 397 35.85 -10.40 63.48
CA ASP R 397 35.58 -10.34 62.06
C ASP R 397 34.80 -9.08 61.65
N LEU R 398 33.92 -8.58 62.52
CA LEU R 398 33.16 -7.36 62.23
C LEU R 398 34.05 -6.13 62.39
N ALA R 399 34.89 -6.10 63.44
CA ALA R 399 35.79 -4.97 63.65
C ALA R 399 36.82 -4.90 62.53
N ASP R 400 37.38 -6.05 62.10
CA ASP R 400 38.36 -6.09 61.01
C ASP R 400 37.80 -5.48 59.72
N ASP R 401 36.54 -5.82 59.38
CA ASP R 401 35.92 -5.28 58.17
C ASP R 401 35.59 -3.80 58.29
N LEU R 402 35.05 -3.37 59.46
CA LEU R 402 34.69 -1.96 59.65
C LEU R 402 35.93 -1.06 59.68
N ILE R 403 37.03 -1.55 60.28
CA ILE R 403 38.28 -0.78 60.35
C ILE R 403 38.86 -0.66 58.93
N ALA R 404 38.89 -1.76 58.16
CA ALA R 404 39.39 -1.74 56.78
C ALA R 404 38.59 -0.77 55.91
N ALA R 405 37.27 -0.68 56.11
CA ALA R 405 36.40 0.23 55.37
C ALA R 405 36.72 1.70 55.68
N LEU R 406 37.04 2.01 56.95
CA LEU R 406 37.41 3.36 57.37
C LEU R 406 38.79 3.71 56.81
N ASP R 407 39.73 2.75 56.83
CA ASP R 407 41.08 2.97 56.31
C ASP R 407 41.13 3.09 54.78
N ALA R 408 40.06 2.68 54.06
CA ALA R 408 40.02 2.79 52.59
C ALA R 408 39.96 4.24 52.11
N SER R 409 39.34 5.14 52.89
CA SER R 409 39.25 6.56 52.53
C SER R 409 40.61 7.26 52.62
N THR S 22 37.58 -19.96 55.74
CA THR S 22 38.91 -20.35 56.19
C THR S 22 39.48 -19.31 57.18
N SER S 23 39.51 -18.04 56.76
CA SER S 23 40.00 -16.94 57.60
C SER S 23 38.96 -16.45 58.64
N LEU S 24 37.66 -16.74 58.43
CA LEU S 24 36.61 -16.29 59.34
C LEU S 24 36.35 -17.30 60.45
N HIS S 25 35.84 -16.80 61.60
CA HIS S 25 35.51 -17.63 62.76
C HIS S 25 34.24 -18.48 62.50
N PRO S 26 34.00 -19.62 63.21
CA PRO S 26 32.77 -20.39 62.95
C PRO S 26 31.47 -19.66 63.25
N GLU S 27 31.49 -18.67 64.17
CA GLU S 27 30.29 -17.89 64.52
C GLU S 27 29.87 -17.02 63.33
N THR S 28 30.84 -16.46 62.59
CA THR S 28 30.60 -15.66 61.40
C THR S 28 30.12 -16.55 60.25
N LEU S 29 30.75 -17.74 60.09
CA LEU S 29 30.41 -18.68 59.02
C LEU S 29 29.02 -19.32 59.17
N MET S 30 28.46 -19.37 60.38
CA MET S 30 27.10 -19.87 60.58
C MET S 30 26.08 -18.88 60.04
N VAL S 31 26.34 -17.56 60.17
CA VAL S 31 25.46 -16.51 59.68
C VAL S 31 25.53 -16.38 58.15
N HIS S 32 26.75 -16.27 57.59
CA HIS S 32 26.98 -16.05 56.17
C HIS S 32 27.24 -17.31 55.30
N GLY S 33 27.22 -18.50 55.89
CA GLY S 33 27.44 -19.73 55.14
C GLY S 33 26.30 -20.03 54.20
N GLY S 34 26.64 -20.38 52.97
CA GLY S 34 25.66 -20.68 51.92
C GLY S 34 24.89 -19.48 51.40
N MET S 35 25.31 -18.26 51.78
CA MET S 35 24.67 -17.01 51.35
C MET S 35 25.52 -16.32 50.27
N LYS S 36 26.20 -17.11 49.42
CA LYS S 36 27.11 -16.57 48.41
C LYS S 36 26.32 -16.06 47.21
N GLY S 37 26.61 -14.83 46.78
CA GLY S 37 25.96 -14.23 45.63
C GLY S 37 24.63 -13.56 45.91
N LEU S 38 24.05 -13.73 47.12
CA LEU S 38 22.76 -13.12 47.45
C LEU S 38 22.89 -11.61 47.57
N THR S 39 23.89 -11.14 48.32
CA THR S 39 24.13 -9.70 48.47
C THR S 39 24.43 -9.04 47.13
N GLU S 40 25.18 -9.75 46.27
CA GLU S 40 25.55 -9.28 44.94
C GLU S 40 24.32 -9.21 44.00
N ALA S 41 23.28 -10.05 44.25
CA ALA S 41 22.02 -10.06 43.47
C ALA S 41 20.94 -9.11 44.04
N GLY S 42 21.23 -8.37 45.11
CA GLY S 42 20.28 -7.45 45.71
C GLY S 42 19.18 -8.08 46.54
N VAL S 43 19.47 -9.22 47.21
CA VAL S 43 18.51 -9.94 48.06
C VAL S 43 19.18 -10.28 49.41
N HIS S 44 18.37 -10.46 50.47
CA HIS S 44 18.87 -10.71 51.82
C HIS S 44 18.97 -12.21 52.19
N VAL S 45 17.90 -12.99 51.95
CA VAL S 45 17.82 -14.42 52.30
C VAL S 45 17.64 -15.28 51.03
N PRO S 46 18.03 -16.58 51.01
CA PRO S 46 17.85 -17.36 49.77
C PRO S 46 16.38 -17.58 49.46
N ALA S 47 16.02 -17.52 48.17
CA ALA S 47 14.64 -17.71 47.74
C ALA S 47 14.22 -19.18 47.84
N ILE S 48 12.90 -19.40 47.98
CA ILE S 48 12.33 -20.75 48.05
C ILE S 48 11.74 -21.05 46.67
N ASP S 49 12.49 -21.80 45.84
CA ASP S 49 12.03 -22.16 44.50
C ASP S 49 11.34 -23.51 44.58
N LEU S 50 10.01 -23.53 44.45
CA LEU S 50 9.22 -24.76 44.54
C LEU S 50 9.21 -25.58 43.23
N SER S 51 9.78 -25.03 42.12
CA SER S 51 9.82 -25.68 40.80
C SER S 51 10.22 -27.15 40.85
N THR S 52 9.34 -28.03 40.36
CA THR S 52 9.62 -29.45 40.29
C THR S 52 10.53 -29.71 39.08
N THR S 53 10.25 -29.04 37.95
CA THR S 53 11.04 -29.14 36.72
C THR S 53 11.84 -27.85 36.50
N ASN S 54 12.89 -27.95 35.68
CA ASN S 54 13.77 -26.83 35.35
C ASN S 54 14.04 -26.88 33.82
N PRO S 55 13.50 -25.95 33.00
CA PRO S 55 13.73 -26.02 31.54
C PRO S 55 15.17 -26.08 31.08
N VAL S 56 15.39 -26.68 29.89
CA VAL S 56 16.72 -26.85 29.29
C VAL S 56 16.84 -26.01 28.01
N ASN S 57 18.06 -25.53 27.71
CA ASN S 57 18.31 -24.69 26.54
C ASN S 57 18.19 -25.49 25.25
N ASP S 58 18.75 -26.71 25.23
CA ASP S 58 18.68 -27.59 24.06
C ASP S 58 18.79 -29.07 24.49
N VAL S 59 18.65 -30.01 23.53
CA VAL S 59 18.69 -31.45 23.81
C VAL S 59 20.08 -31.87 24.29
N ALA S 60 21.14 -31.35 23.65
CA ALA S 60 22.51 -31.70 24.01
C ALA S 60 22.91 -31.25 25.43
N THR S 61 22.70 -29.96 25.78
CA THR S 61 23.08 -29.48 27.12
C THR S 61 22.17 -30.04 28.20
N GLY S 62 20.88 -30.16 27.90
CA GLY S 62 19.92 -30.73 28.84
C GLY S 62 20.23 -32.18 29.17
N GLY S 63 20.51 -32.96 28.13
CA GLY S 63 20.86 -34.37 28.28
C GLY S 63 22.17 -34.58 29.03
N ASP S 64 23.18 -33.76 28.72
CA ASP S 64 24.47 -33.85 29.40
C ASP S 64 24.32 -33.44 30.87
N SER S 65 23.50 -32.41 31.19
CA SER S 65 23.28 -32.02 32.59
C SER S 65 22.51 -33.10 33.33
N TYR S 66 21.54 -33.77 32.65
CA TYR S 66 20.80 -34.89 33.24
C TYR S 66 21.79 -35.99 33.63
N GLU S 67 22.66 -36.42 32.70
CA GLU S 67 23.64 -37.48 32.97
C GLU S 67 24.62 -37.09 34.08
N TRP S 68 25.15 -35.86 34.04
CA TRP S 68 26.09 -35.38 35.05
C TRP S 68 25.47 -35.44 36.46
N LEU S 69 24.20 -35.02 36.61
CA LEU S 69 23.54 -35.02 37.91
C LEU S 69 23.09 -36.42 38.34
N ALA S 70 22.52 -37.22 37.42
CA ALA S 70 22.07 -38.58 37.72
C ALA S 70 23.24 -39.46 38.16
N THR S 71 24.45 -39.23 37.61
CA THR S 71 25.66 -39.96 38.02
C THR S 71 26.30 -39.40 39.31
N GLY S 72 25.57 -38.59 40.07
CA GLY S 72 26.00 -38.03 41.35
C GLY S 72 26.88 -36.81 41.37
N HIS S 73 26.97 -36.06 40.26
CA HIS S 73 27.83 -34.87 40.23
C HIS S 73 27.11 -33.58 40.62
N THR S 74 27.90 -32.59 41.07
CA THR S 74 27.42 -31.27 41.47
C THR S 74 27.00 -30.48 40.23
N LEU S 75 25.93 -29.67 40.33
CA LEU S 75 25.46 -28.88 39.21
C LEU S 75 26.51 -27.87 38.80
N LYS S 76 26.82 -27.82 37.50
CA LYS S 76 27.81 -26.88 36.98
C LYS S 76 27.22 -25.48 37.00
N ASP S 77 28.08 -24.45 37.16
CA ASP S 77 27.61 -23.07 37.18
C ASP S 77 27.17 -22.71 35.76
N GLY S 78 25.95 -22.22 35.63
CA GLY S 78 25.36 -21.89 34.33
C GLY S 78 24.84 -23.12 33.60
N ASP S 79 24.16 -24.01 34.34
CA ASP S 79 23.59 -25.25 33.81
C ASP S 79 22.20 -25.45 34.44
N SER S 80 21.27 -26.07 33.69
CA SER S 80 19.92 -26.32 34.18
C SER S 80 19.90 -27.45 35.19
N ALA S 81 19.12 -27.28 36.26
CA ALA S 81 18.95 -28.34 37.27
C ALA S 81 18.15 -29.54 36.70
N VAL S 82 17.44 -29.37 35.54
CA VAL S 82 16.62 -30.36 34.81
C VAL S 82 15.36 -30.80 35.59
N TYR S 83 15.55 -31.37 36.80
CA TYR S 83 14.46 -31.85 37.64
C TYR S 83 14.90 -31.79 39.11
N GLN S 84 13.92 -31.65 40.03
CA GLN S 84 14.20 -31.54 41.46
C GLN S 84 14.87 -32.78 42.06
N ARG S 85 14.56 -33.99 41.54
CA ARG S 85 15.24 -35.21 42.03
C ARG S 85 16.74 -35.20 41.72
N LEU S 86 17.14 -34.51 40.63
CA LEU S 86 18.52 -34.40 40.21
C LEU S 86 19.23 -33.26 40.97
N TRP S 87 18.58 -32.09 41.10
CA TRP S 87 19.17 -30.96 41.81
C TRP S 87 18.14 -29.92 42.26
N GLN S 88 18.32 -29.35 43.47
CA GLN S 88 17.47 -28.29 44.01
C GLN S 88 18.41 -27.19 44.53
N PRO S 89 18.25 -25.90 44.12
CA PRO S 89 19.21 -24.87 44.57
C PRO S 89 19.21 -24.48 46.04
N GLY S 90 18.04 -24.49 46.67
CA GLY S 90 17.91 -24.17 48.09
C GLY S 90 18.54 -25.24 48.95
N VAL S 91 18.38 -26.51 48.55
CA VAL S 91 18.97 -27.65 49.25
C VAL S 91 20.49 -27.54 49.12
N ALA S 92 20.99 -27.26 47.89
CA ALA S 92 22.40 -27.06 47.59
C ALA S 92 23.04 -25.98 48.46
N ARG S 93 22.33 -24.87 48.74
CA ARG S 93 22.86 -23.81 49.61
C ARG S 93 23.01 -24.32 51.04
N PHE S 94 22.00 -25.06 51.54
CA PHE S 94 22.05 -25.67 52.87
C PHE S 94 23.21 -26.67 52.98
N GLU S 95 23.47 -27.42 51.89
CA GLU S 95 24.56 -28.38 51.81
C GLU S 95 25.92 -27.68 51.92
N THR S 96 26.15 -26.63 51.10
CA THR S 96 27.42 -25.87 51.14
C THR S 96 27.62 -25.15 52.48
N ALA S 97 26.53 -24.76 53.15
CA ALA S 97 26.62 -24.10 54.45
C ALA S 97 27.14 -25.07 55.52
N LEU S 98 26.56 -26.30 55.63
CA LEU S 98 27.00 -27.26 56.63
C LEU S 98 28.37 -27.84 56.29
N ALA S 99 28.66 -28.11 55.00
CA ALA S 99 29.96 -28.64 54.59
C ALA S 99 31.10 -27.72 55.04
N GLY S 100 30.88 -26.41 54.96
CA GLY S 100 31.86 -25.42 55.43
C GLY S 100 32.04 -25.42 56.93
N LEU S 101 30.97 -25.72 57.69
CA LEU S 101 31.03 -25.76 59.16
C LEU S 101 31.75 -27.02 59.62
N GLU S 102 31.49 -28.17 58.98
CA GLU S 102 32.18 -29.43 59.29
C GLU S 102 33.58 -29.54 58.63
N HIS S 103 33.92 -28.61 57.70
CA HIS S 103 35.18 -28.59 56.95
C HIS S 103 35.31 -29.81 56.03
N ALA S 104 34.18 -30.21 55.41
CA ALA S 104 34.08 -31.30 54.45
C ALA S 104 34.08 -30.71 53.02
N GLU S 105 34.38 -31.54 52.01
CA GLU S 105 34.42 -31.06 50.63
C GLU S 105 33.01 -30.72 50.15
N GLU S 106 32.06 -31.64 50.35
CA GLU S 106 30.66 -31.52 49.92
C GLU S 106 29.70 -32.07 51.00
N ALA S 107 28.38 -31.91 50.79
CA ALA S 107 27.35 -32.45 51.68
C ALA S 107 26.10 -32.81 50.87
N VAL S 108 25.37 -33.85 51.30
CA VAL S 108 24.16 -34.33 50.61
C VAL S 108 23.01 -34.36 51.62
N ALA S 109 21.91 -33.67 51.31
CA ALA S 109 20.75 -33.55 52.19
C ALA S 109 19.57 -34.39 51.71
N PHE S 110 18.81 -34.93 52.69
CA PHE S 110 17.66 -35.81 52.49
C PHE S 110 16.47 -35.37 53.39
N ALA S 111 15.29 -35.98 53.19
CA ALA S 111 14.07 -35.67 53.94
C ALA S 111 14.22 -35.79 55.46
N THR S 112 14.91 -36.85 55.93
CA THR S 112 15.12 -37.14 57.36
C THR S 112 16.54 -37.69 57.61
N GLY S 113 16.96 -37.76 58.88
CA GLY S 113 18.23 -38.37 59.25
C GLY S 113 18.28 -39.84 58.88
N MET S 114 17.11 -40.54 58.94
CA MET S 114 17.02 -41.94 58.57
C MET S 114 17.17 -42.12 57.05
N ALA S 115 16.70 -41.16 56.25
CA ALA S 115 16.87 -41.21 54.79
C ALA S 115 18.35 -41.07 54.42
N ALA S 116 19.10 -40.24 55.17
CA ALA S 116 20.53 -40.07 54.94
C ALA S 116 21.26 -41.36 55.31
N MET S 117 20.91 -41.98 56.45
CA MET S 117 21.47 -43.27 56.87
C MET S 117 21.19 -44.35 55.80
N THR S 118 19.94 -44.40 55.31
CA THR S 118 19.49 -45.32 54.28
C THR S 118 20.33 -45.18 53.01
N ALA S 119 20.55 -43.95 52.58
CA ALA S 119 21.36 -43.68 51.39
C ALA S 119 22.80 -44.12 51.55
N ALA S 120 23.41 -43.87 52.73
CA ALA S 120 24.79 -44.27 53.01
C ALA S 120 24.94 -45.79 53.04
N LEU S 121 23.93 -46.49 53.56
CA LEU S 121 23.96 -47.95 53.62
C LEU S 121 23.77 -48.51 52.20
N LEU S 122 22.81 -47.96 51.43
CA LEU S 122 22.59 -48.42 50.06
C LEU S 122 23.82 -48.14 49.17
N ALA S 123 24.54 -47.04 49.42
CA ALA S 123 25.77 -46.72 48.67
C ALA S 123 26.84 -47.77 48.93
N ALA S 124 26.96 -48.23 50.19
CA ALA S 124 27.92 -49.26 50.57
C ALA S 124 27.54 -50.62 49.96
N VAL S 125 26.24 -50.97 50.00
CA VAL S 125 25.75 -52.23 49.44
C VAL S 125 25.99 -52.24 47.93
N SER S 126 25.65 -51.13 47.25
CA SER S 126 25.82 -50.99 45.80
C SER S 126 27.30 -51.13 45.40
N ALA S 127 28.23 -50.62 46.23
CA ALA S 127 29.67 -50.73 45.97
C ALA S 127 30.24 -52.15 46.13
N GLY S 128 29.47 -53.07 46.70
CA GLY S 128 29.89 -54.45 46.94
C GLY S 128 30.47 -54.67 48.32
N THR S 129 30.13 -53.79 49.28
CA THR S 129 30.60 -53.86 50.67
C THR S 129 29.37 -53.76 51.59
N PRO S 130 28.51 -54.80 51.65
CA PRO S 130 27.30 -54.70 52.50
C PRO S 130 27.51 -54.82 54.01
N HIS S 131 28.67 -55.30 54.46
CA HIS S 131 28.92 -55.47 55.89
C HIS S 131 29.27 -54.13 56.56
N ILE S 132 28.71 -53.88 57.77
CA ILE S 132 28.94 -52.64 58.53
C ILE S 132 29.38 -53.03 59.95
N VAL S 133 30.44 -52.36 60.46
CA VAL S 133 30.93 -52.56 61.81
C VAL S 133 30.41 -51.36 62.58
N ALA S 134 29.31 -51.52 63.32
CA ALA S 134 28.70 -50.42 64.08
C ALA S 134 28.90 -50.63 65.59
N VAL S 135 29.15 -49.52 66.33
CA VAL S 135 29.35 -49.59 67.79
C VAL S 135 28.12 -48.98 68.48
N ARG S 136 27.63 -49.64 69.54
CA ARG S 136 26.49 -49.19 70.32
C ARG S 136 26.95 -48.38 71.55
N PRO S 137 26.10 -47.48 72.12
CA PRO S 137 24.72 -47.13 71.75
C PRO S 137 24.60 -46.24 70.51
N LEU S 138 23.50 -46.41 69.77
CA LEU S 138 23.12 -45.62 68.60
C LEU S 138 21.63 -45.29 68.72
N TYR S 139 21.13 -44.35 67.89
CA TYR S 139 19.70 -44.02 67.90
C TYR S 139 18.89 -45.28 67.51
N GLY S 140 17.77 -45.51 68.20
CA GLY S 140 16.89 -46.66 67.98
C GLY S 140 16.64 -47.07 66.55
N GLY S 141 16.37 -46.10 65.70
CA GLY S 141 16.13 -46.32 64.28
C GLY S 141 17.39 -46.76 63.55
N SER S 142 18.52 -46.08 63.79
CA SER S 142 19.81 -46.45 63.20
C SER S 142 20.19 -47.87 63.61
N ASP S 143 19.95 -48.21 64.89
CA ASP S 143 20.22 -49.53 65.46
C ASP S 143 19.32 -50.61 64.81
N HIS S 144 18.00 -50.34 64.73
CA HIS S 144 17.03 -51.26 64.16
C HIS S 144 17.22 -51.48 62.66
N LEU S 145 17.54 -50.42 61.90
CA LEU S 145 17.76 -50.53 60.46
C LEU S 145 18.96 -51.44 60.15
N LEU S 146 19.99 -51.41 61.00
CA LEU S 146 21.16 -52.28 60.83
C LEU S 146 20.82 -53.72 61.25
N GLU S 147 20.15 -53.88 62.41
CA GLU S 147 19.75 -55.21 62.92
C GLU S 147 18.88 -55.98 61.93
N THR S 148 17.85 -55.32 61.36
CA THR S 148 16.94 -55.97 60.42
C THR S 148 17.61 -56.30 59.08
N GLY S 149 18.55 -55.46 58.66
CA GLY S 149 19.23 -55.65 57.38
C GLY S 149 18.29 -55.49 56.21
N LEU S 150 17.37 -54.52 56.33
CA LEU S 150 16.35 -54.21 55.31
C LEU S 150 16.97 -53.88 53.96
N LEU S 151 18.07 -53.13 53.97
CA LEU S 151 18.72 -52.65 52.75
C LEU S 151 19.83 -53.59 52.25
N GLY S 152 19.78 -54.87 52.61
CA GLY S 152 20.78 -55.84 52.19
C GLY S 152 22.11 -55.73 52.91
N THR S 153 22.11 -55.20 54.16
CA THR S 153 23.32 -55.05 54.94
C THR S 153 23.41 -56.13 56.01
N THR S 154 24.66 -56.48 56.37
CA THR S 154 24.98 -57.39 57.47
C THR S 154 25.72 -56.52 58.50
N VAL S 155 25.48 -56.72 59.80
CA VAL S 155 26.13 -55.89 60.83
C VAL S 155 26.87 -56.74 61.86
N THR S 156 27.96 -56.19 62.39
CA THR S 156 28.78 -56.80 63.44
C THR S 156 28.88 -55.76 64.54
N TRP S 157 28.13 -55.97 65.64
CA TRP S 157 28.13 -55.05 66.76
C TRP S 157 29.43 -55.24 67.53
N ALA S 158 30.28 -54.21 67.56
CA ALA S 158 31.59 -54.28 68.20
C ALA S 158 31.79 -53.16 69.20
N LYS S 159 32.62 -53.42 70.22
CA LYS S 159 32.99 -52.40 71.21
C LYS S 159 34.07 -51.50 70.58
N GLU S 160 34.25 -50.31 71.14
CA GLU S 160 35.23 -49.34 70.62
C GLU S 160 36.65 -49.92 70.44
N ALA S 161 37.13 -50.70 71.41
CA ALA S 161 38.45 -51.31 71.33
C ALA S 161 38.55 -52.46 70.31
N ASP S 162 37.43 -53.18 70.08
CA ASP S 162 37.42 -54.34 69.17
C ASP S 162 36.93 -54.01 67.75
N ILE S 163 37.21 -52.79 67.25
CA ILE S 163 36.78 -52.41 65.89
C ILE S 163 37.64 -53.13 64.84
N ALA S 164 38.98 -53.02 64.96
CA ALA S 164 39.92 -53.63 64.02
C ALA S 164 39.66 -55.13 63.78
N SER S 165 39.38 -55.89 64.83
CA SER S 165 39.10 -57.33 64.74
C SER S 165 37.76 -57.62 64.05
N ALA S 166 36.73 -56.80 64.30
CA ALA S 166 35.41 -56.97 63.71
C ALA S 166 35.36 -56.71 62.20
N ILE S 167 36.36 -56.00 61.65
CA ILE S 167 36.37 -55.66 60.22
C ILE S 167 36.67 -56.89 59.35
N GLN S 168 35.87 -57.07 58.29
CA GLN S 168 35.96 -58.13 57.30
C GLN S 168 36.34 -57.51 55.94
N ASP S 169 36.70 -58.35 54.95
CA ASP S 169 36.96 -57.86 53.59
C ASP S 169 35.68 -57.24 52.97
N ASP S 170 34.49 -57.65 53.45
CA ASP S 170 33.19 -57.20 52.99
C ASP S 170 32.72 -55.90 53.68
N THR S 171 33.50 -55.32 54.63
CA THR S 171 33.07 -54.11 55.34
C THR S 171 33.16 -52.85 54.48
N GLY S 172 32.07 -52.08 54.44
CA GLY S 172 31.97 -50.84 53.71
C GLY S 172 32.04 -49.60 54.58
N LEU S 173 31.56 -49.67 55.85
CA LEU S 173 31.58 -48.51 56.75
C LEU S 173 31.68 -48.90 58.23
N VAL S 174 32.15 -47.94 59.06
CA VAL S 174 32.24 -48.09 60.51
C VAL S 174 31.35 -47.00 61.09
N ILE S 175 30.18 -47.37 61.66
CA ILE S 175 29.24 -46.39 62.19
C ILE S 175 29.41 -46.19 63.68
N VAL S 176 29.76 -44.95 64.08
CA VAL S 176 29.95 -44.56 65.48
C VAL S 176 29.14 -43.28 65.78
N GLU S 177 28.89 -43.02 67.06
CA GLU S 177 28.13 -41.86 67.51
C GLU S 177 28.66 -41.43 68.87
N THR S 178 29.03 -40.14 69.04
CA THR S 178 29.54 -39.63 70.30
C THR S 178 29.17 -38.13 70.51
N PRO S 179 28.48 -37.75 71.63
CA PRO S 179 27.93 -38.60 72.70
C PRO S 179 26.80 -39.48 72.16
N ALA S 180 26.76 -40.74 72.60
CA ALA S 180 25.77 -41.70 72.11
C ALA S 180 24.34 -41.36 72.55
N ASN S 181 23.35 -41.78 71.74
CA ASN S 181 21.94 -41.56 72.08
C ASN S 181 21.45 -42.87 72.73
N PRO S 182 20.95 -42.93 73.99
CA PRO S 182 20.67 -41.83 74.94
C PRO S 182 21.67 -41.54 76.07
N SER S 183 22.44 -42.55 76.50
CA SER S 183 23.35 -42.49 77.66
C SER S 183 24.59 -41.57 77.53
N LEU S 184 24.81 -40.93 76.38
CA LEU S 184 25.93 -40.00 76.14
C LEU S 184 27.31 -40.64 76.32
N ASP S 185 27.46 -41.89 75.85
CA ASP S 185 28.73 -42.60 75.88
C ASP S 185 29.67 -41.94 74.88
N LEU S 186 30.90 -41.64 75.31
CA LEU S 186 31.88 -40.97 74.46
C LEU S 186 32.79 -41.98 73.77
N VAL S 187 33.25 -41.65 72.55
CA VAL S 187 34.10 -42.49 71.72
C VAL S 187 35.28 -41.66 71.22
N ASP S 188 36.52 -42.16 71.36
CA ASP S 188 37.71 -41.47 70.88
C ASP S 188 37.76 -41.67 69.37
N LEU S 189 37.49 -40.59 68.61
CA LEU S 189 37.45 -40.66 67.14
C LEU S 189 38.83 -40.88 66.52
N ASP S 190 39.91 -40.42 67.15
CA ASP S 190 41.25 -40.65 66.64
C ASP S 190 41.59 -42.16 66.69
N SER S 191 41.19 -42.84 67.78
CA SER S 191 41.42 -44.28 67.94
C SER S 191 40.56 -45.10 66.99
N VAL S 192 39.31 -44.69 66.76
CA VAL S 192 38.39 -45.41 65.86
C VAL S 192 38.92 -45.34 64.42
N VAL S 193 39.35 -44.16 63.98
CA VAL S 193 39.90 -43.99 62.62
C VAL S 193 41.16 -44.84 62.46
N SER S 194 42.03 -44.86 63.48
CA SER S 194 43.24 -45.68 63.46
C SER S 194 42.89 -47.18 63.33
N ALA S 195 41.90 -47.65 64.10
CA ALA S 195 41.47 -49.05 64.07
C ALA S 195 40.78 -49.43 62.75
N ALA S 196 40.05 -48.50 62.12
CA ALA S 196 39.35 -48.77 60.86
C ALA S 196 40.31 -48.94 59.69
N GLY S 197 41.35 -48.10 59.63
CA GLY S 197 42.34 -48.16 58.57
C GLY S 197 41.76 -47.74 57.22
N ASN S 198 41.71 -48.68 56.27
CA ASN S 198 41.20 -48.43 54.93
C ASN S 198 39.67 -48.29 54.87
N VAL S 199 38.95 -48.73 55.91
CA VAL S 199 37.48 -48.67 55.91
C VAL S 199 37.04 -47.23 56.27
N PRO S 200 36.12 -46.59 55.51
CA PRO S 200 35.68 -45.24 55.89
C PRO S 200 34.84 -45.24 57.18
N VAL S 201 34.94 -44.17 57.97
CA VAL S 201 34.22 -44.05 59.25
C VAL S 201 33.10 -43.03 59.12
N LEU S 202 31.88 -43.42 59.52
CA LEU S 202 30.72 -42.54 59.54
C LEU S 202 30.45 -42.18 61.00
N VAL S 203 30.52 -40.89 61.33
CA VAL S 203 30.30 -40.39 62.68
C VAL S 203 29.00 -39.61 62.70
N ASP S 204 28.07 -39.99 63.57
CA ASP S 204 26.79 -39.30 63.69
C ASP S 204 26.99 -38.17 64.72
N ASN S 205 27.23 -36.94 64.22
CA ASN S 205 27.51 -35.75 65.01
C ASN S 205 26.25 -34.91 65.30
N THR S 206 25.09 -35.54 65.48
CA THR S 206 23.84 -34.81 65.75
C THR S 206 23.89 -34.09 67.11
N PHE S 207 24.27 -34.83 68.17
CA PHE S 207 24.29 -34.30 69.53
C PHE S 207 25.30 -33.17 69.74
N CYS S 208 26.52 -33.33 69.23
CA CYS S 208 27.58 -32.32 69.39
C CYS S 208 27.40 -31.11 68.48
N THR S 209 27.01 -31.33 67.20
CA THR S 209 26.84 -30.30 66.16
C THR S 209 28.24 -29.77 65.72
N PRO S 210 28.38 -29.10 64.54
CA PRO S 210 29.71 -28.57 64.17
C PRO S 210 30.27 -27.50 65.12
N VAL S 211 29.47 -27.02 66.09
CA VAL S 211 29.88 -26.02 67.05
C VAL S 211 30.87 -26.65 68.05
N LEU S 212 30.56 -27.87 68.52
CA LEU S 212 31.35 -28.58 69.53
C LEU S 212 32.34 -29.64 69.01
N GLN S 213 31.98 -30.39 67.96
CA GLN S 213 32.85 -31.45 67.46
C GLN S 213 32.98 -31.41 65.94
N GLN S 214 34.18 -31.70 65.43
CA GLN S 214 34.50 -31.70 64.00
C GLN S 214 35.09 -33.08 63.64
N PRO S 215 34.25 -34.13 63.41
CA PRO S 215 34.82 -35.45 63.10
C PRO S 215 35.72 -35.54 61.86
N ILE S 216 35.52 -34.64 60.88
CA ILE S 216 36.33 -34.62 59.65
C ILE S 216 37.81 -34.40 60.00
N SER S 217 38.11 -33.52 60.97
CA SER S 217 39.49 -33.25 61.42
C SER S 217 40.18 -34.49 62.00
N HIS S 218 39.44 -35.39 62.68
CA HIS S 218 40.02 -36.62 63.22
C HIS S 218 40.20 -37.73 62.16
N GLY S 219 39.65 -37.54 60.96
CA GLY S 219 39.77 -38.47 59.84
C GLY S 219 38.53 -39.24 59.46
N ALA S 220 37.34 -38.76 59.88
CA ALA S 220 36.09 -39.42 59.50
C ALA S 220 35.79 -39.11 58.04
N ALA S 221 35.38 -40.13 57.27
CA ALA S 221 35.09 -39.93 55.86
C ALA S 221 33.73 -39.24 55.67
N LEU S 222 32.71 -39.67 56.43
CA LEU S 222 31.38 -39.06 56.35
C LEU S 222 30.85 -38.70 57.75
N VAL S 223 30.11 -37.58 57.84
CA VAL S 223 29.55 -37.08 59.11
C VAL S 223 28.04 -36.85 58.95
N LEU S 224 27.23 -37.69 59.61
CA LEU S 224 25.77 -37.62 59.55
C LEU S 224 25.22 -36.70 60.63
N HIS S 225 24.14 -35.98 60.30
CA HIS S 225 23.42 -35.11 61.23
C HIS S 225 21.93 -35.29 61.00
N SER S 226 21.16 -35.45 62.07
CA SER S 226 19.71 -35.43 61.97
C SER S 226 19.43 -33.94 62.09
N ALA S 227 19.33 -33.25 60.94
CA ALA S 227 19.10 -31.81 60.91
C ALA S 227 17.83 -31.38 61.64
N THR S 228 16.85 -32.30 61.78
CA THR S 228 15.62 -32.13 62.56
C THR S 228 15.94 -31.55 63.97
N GLN S 229 17.05 -32.02 64.56
CA GLN S 229 17.50 -31.61 65.89
C GLN S 229 18.72 -30.68 65.80
N TYR S 230 18.68 -29.56 66.53
CA TYR S 230 19.75 -28.56 66.64
C TYR S 230 19.96 -27.71 65.39
N LEU S 231 20.15 -28.33 64.19
CA LEU S 231 20.37 -27.55 62.97
C LEU S 231 19.10 -26.74 62.67
N GLY S 232 17.95 -27.39 62.76
CA GLY S 232 16.67 -26.69 62.63
C GLY S 232 16.45 -25.83 63.86
N GLY S 233 16.54 -26.46 65.02
CA GLY S 233 16.48 -25.81 66.32
C GLY S 233 15.14 -25.35 66.83
N HIS S 234 14.08 -25.36 66.00
CA HIS S 234 12.75 -24.91 66.42
C HIS S 234 11.65 -26.00 66.33
N GLY S 235 12.05 -27.26 66.14
CA GLY S 235 11.13 -28.39 66.06
C GLY S 235 10.06 -28.26 64.98
N ASP S 236 10.44 -27.74 63.80
CA ASP S 236 9.50 -27.54 62.71
C ASP S 236 10.07 -27.83 61.32
N ALA S 237 11.19 -28.56 61.23
CA ALA S 237 11.80 -28.88 59.95
C ALA S 237 12.54 -30.20 60.04
N MET S 238 11.99 -31.24 59.39
CA MET S 238 12.64 -32.55 59.35
C MET S 238 13.80 -32.45 58.36
N GLY S 239 14.87 -33.18 58.61
CA GLY S 239 16.01 -33.17 57.70
C GLY S 239 17.12 -34.10 58.10
N GLY S 240 17.96 -34.43 57.12
CA GLY S 240 19.10 -35.31 57.28
C GLY S 240 20.19 -34.87 56.33
N ILE S 241 21.45 -34.89 56.76
CA ILE S 241 22.56 -34.40 55.92
C ILE S 241 23.88 -35.10 56.28
N ILE S 242 24.70 -35.41 55.27
CA ILE S 242 25.99 -36.05 55.46
C ILE S 242 27.07 -35.15 54.84
N ALA S 243 27.98 -34.61 55.67
CA ALA S 243 29.11 -33.81 55.20
C ALA S 243 30.22 -34.81 54.91
N THR S 244 30.74 -34.86 53.66
CA THR S 244 31.73 -35.87 53.27
C THR S 244 32.61 -35.44 52.07
N ASN S 245 33.62 -36.27 51.70
CA ASN S 245 34.47 -36.05 50.53
C ASN S 245 33.65 -36.18 49.23
N ALA S 246 34.24 -35.82 48.08
CA ALA S 246 33.57 -35.88 46.79
C ALA S 246 33.16 -37.30 46.35
N ASP S 247 33.96 -38.33 46.65
CA ASP S 247 33.64 -39.71 46.26
C ASP S 247 32.33 -40.19 46.91
N TRP S 248 32.20 -40.02 48.23
CA TRP S 248 30.99 -40.44 48.94
C TRP S 248 29.81 -39.55 48.63
N ALA S 249 30.03 -38.25 48.38
CA ALA S 249 28.94 -37.34 48.00
C ALA S 249 28.34 -37.76 46.66
N MET S 250 29.18 -38.19 45.72
CA MET S 250 28.73 -38.67 44.41
C MET S 250 27.90 -39.95 44.58
N ARG S 251 28.34 -40.87 45.43
CA ARG S 251 27.61 -42.11 45.69
C ARG S 251 26.26 -41.84 46.36
N LEU S 252 26.22 -40.90 47.32
CA LEU S 252 25.00 -40.54 48.01
C LEU S 252 24.00 -39.86 47.06
N ARG S 253 24.50 -38.98 46.18
CA ARG S 253 23.66 -38.29 45.20
C ARG S 253 23.13 -39.28 44.14
N GLN S 254 23.91 -40.33 43.77
CA GLN S 254 23.47 -41.37 42.83
C GLN S 254 22.26 -42.11 43.42
N VAL S 255 22.30 -42.40 44.72
CA VAL S 255 21.21 -43.08 45.42
C VAL S 255 20.01 -42.12 45.54
N ARG S 256 20.25 -40.86 45.92
CA ARG S 256 19.17 -39.88 46.05
C ARG S 256 18.41 -39.64 44.74
N ALA S 257 19.13 -39.55 43.61
CA ALA S 257 18.49 -39.30 42.33
C ALA S 257 17.54 -40.42 41.89
N ILE S 258 17.75 -41.66 42.37
CA ILE S 258 16.92 -42.81 41.97
C ILE S 258 15.92 -43.23 43.09
N THR S 259 16.26 -43.08 44.38
CA THR S 259 15.35 -43.41 45.48
C THR S 259 14.48 -42.21 45.93
N GLY S 260 14.90 -40.99 45.61
CA GLY S 260 14.15 -39.75 45.86
C GLY S 260 13.66 -39.42 47.25
N ALA S 261 14.48 -39.57 48.30
CA ALA S 261 14.10 -39.15 49.66
C ALA S 261 14.55 -37.70 49.81
N LEU S 262 13.90 -36.81 49.05
CA LEU S 262 14.30 -35.41 48.96
C LEU S 262 13.87 -34.52 50.10
N LEU S 263 14.70 -33.50 50.37
CA LEU S 263 14.43 -32.48 51.38
C LEU S 263 13.65 -31.38 50.65
N HIS S 264 12.46 -31.06 51.14
CA HIS S 264 11.58 -30.07 50.50
C HIS S 264 12.24 -28.67 50.50
N PRO S 265 12.06 -27.82 49.47
CA PRO S 265 12.67 -26.49 49.50
C PRO S 265 12.45 -25.66 50.77
N MET S 266 11.25 -25.75 51.38
CA MET S 266 10.99 -25.00 52.60
C MET S 266 11.73 -25.61 53.79
N GLY S 267 11.85 -26.95 53.82
CA GLY S 267 12.63 -27.63 54.85
C GLY S 267 14.08 -27.20 54.82
N ALA S 268 14.64 -27.14 53.61
CA ALA S 268 16.01 -26.68 53.40
C ALA S 268 16.17 -25.22 53.84
N TYR S 269 15.19 -24.37 53.54
CA TYR S 269 15.21 -22.97 53.92
C TYR S 269 15.26 -22.78 55.44
N LEU S 270 14.42 -23.51 56.19
CA LEU S 270 14.38 -23.38 57.65
C LEU S 270 15.60 -24.01 58.33
N LEU S 271 16.20 -25.05 57.75
CA LEU S 271 17.40 -25.66 58.35
C LEU S 271 18.61 -24.76 58.11
N HIS S 272 18.70 -24.14 56.92
CA HIS S 272 19.75 -23.17 56.57
C HIS S 272 19.58 -21.91 57.45
N ARG S 273 18.33 -21.47 57.65
CA ARG S 273 17.96 -20.34 58.53
C ARG S 273 18.36 -20.64 59.99
N GLY S 274 18.17 -21.89 60.42
CA GLY S 274 18.54 -22.36 61.75
C GLY S 274 20.03 -22.36 62.01
N LEU S 275 20.85 -22.58 60.96
CA LEU S 275 22.32 -22.53 61.10
C LEU S 275 22.77 -21.12 61.50
N ARG S 276 22.05 -20.06 61.07
CA ARG S 276 22.38 -18.67 61.39
C ARG S 276 22.44 -18.37 62.92
N THR S 277 21.68 -19.11 63.74
CA THR S 277 21.60 -18.97 65.19
C THR S 277 22.14 -20.21 65.95
N LEU S 278 22.80 -21.15 65.27
CA LEU S 278 23.27 -22.39 65.90
C LEU S 278 24.30 -22.17 67.02
N ALA S 279 25.27 -21.26 66.84
CA ALA S 279 26.29 -21.00 67.86
C ALA S 279 25.67 -20.35 69.11
N VAL S 280 24.77 -19.36 68.94
CA VAL S 280 24.17 -18.69 70.08
C VAL S 280 23.17 -19.59 70.81
N ARG S 281 22.49 -20.50 70.10
CA ARG S 281 21.55 -21.43 70.73
C ARG S 281 22.30 -22.53 71.48
N MET S 282 23.35 -23.10 70.86
CA MET S 282 24.13 -24.16 71.48
C MET S 282 24.83 -23.63 72.74
N ARG S 283 25.50 -22.46 72.65
CA ARG S 283 26.18 -21.88 73.80
C ARG S 283 25.24 -21.59 74.97
N ALA S 284 24.01 -21.13 74.70
CA ALA S 284 23.04 -20.83 75.74
C ALA S 284 22.50 -22.10 76.41
N ALA S 285 22.13 -23.12 75.62
CA ALA S 285 21.60 -24.37 76.16
C ALA S 285 22.67 -25.18 76.89
N GLN S 286 23.93 -25.12 76.42
CA GLN S 286 25.05 -25.82 77.04
C GLN S 286 25.32 -25.25 78.44
N THR S 287 25.26 -23.92 78.59
CA THR S 287 25.47 -23.26 79.88
C THR S 287 24.38 -23.71 80.87
N THR S 288 23.12 -23.73 80.42
CA THR S 288 21.99 -24.17 81.25
C THR S 288 22.14 -25.65 81.62
N ALA S 289 22.57 -26.50 80.68
CA ALA S 289 22.74 -27.92 80.92
C ALA S 289 23.85 -28.24 81.91
N GLY S 290 24.98 -27.56 81.81
CA GLY S 290 26.10 -27.76 82.74
C GLY S 290 25.72 -27.49 84.18
N GLU S 291 24.87 -26.49 84.39
CA GLU S 291 24.36 -26.12 85.71
C GLU S 291 23.27 -27.11 86.17
N LEU S 292 22.37 -27.53 85.25
CA LEU S 292 21.31 -28.49 85.61
C LEU S 292 21.89 -29.84 86.00
N ALA S 293 22.87 -30.36 85.25
CA ALA S 293 23.49 -31.65 85.56
C ALA S 293 24.07 -31.70 86.98
N GLU S 294 24.59 -30.56 87.48
CA GLU S 294 25.14 -30.47 88.83
C GLU S 294 24.02 -30.53 89.88
N ARG S 295 22.92 -29.79 89.65
CA ARG S 295 21.78 -29.77 90.58
C ARG S 295 21.09 -31.12 90.63
N LEU S 296 20.93 -31.76 89.47
CA LEU S 296 20.28 -33.06 89.34
C LEU S 296 21.11 -34.18 89.97
N ASP S 297 22.45 -34.07 89.92
CA ASP S 297 23.33 -35.07 90.54
C ASP S 297 23.18 -35.02 92.07
N ALA S 298 22.99 -33.81 92.63
CA ALA S 298 22.81 -33.61 94.07
C ALA S 298 21.47 -34.14 94.59
N HIS S 299 20.46 -34.35 93.72
CA HIS S 299 19.15 -34.83 94.18
C HIS S 299 19.21 -36.30 94.62
N PRO S 300 18.56 -36.69 95.74
CA PRO S 300 18.64 -38.11 96.16
C PRO S 300 17.90 -39.10 95.28
N ALA S 301 16.86 -38.64 94.56
CA ALA S 301 16.09 -39.50 93.68
C ALA S 301 16.90 -40.01 92.48
N ILE S 302 17.93 -39.26 92.05
CA ILE S 302 18.77 -39.64 90.93
C ILE S 302 20.09 -40.24 91.45
N SER S 303 20.42 -41.46 91.00
CA SER S 303 21.63 -42.15 91.40
C SER S 303 22.83 -41.74 90.55
N VAL S 304 22.69 -41.76 89.20
CA VAL S 304 23.76 -41.44 88.26
C VAL S 304 23.30 -40.36 87.29
N VAL S 305 24.15 -39.35 87.02
CA VAL S 305 23.87 -38.32 86.02
C VAL S 305 24.96 -38.40 84.98
N HIS S 306 24.59 -38.65 83.72
CA HIS S 306 25.51 -38.73 82.61
C HIS S 306 25.56 -37.36 81.93
N TYR S 307 26.72 -36.70 81.97
CA TYR S 307 26.94 -35.42 81.31
C TYR S 307 28.46 -35.25 81.07
N PRO S 308 28.96 -35.09 79.82
CA PRO S 308 30.42 -35.00 79.62
C PRO S 308 31.13 -33.93 80.46
N GLY S 309 32.06 -34.34 81.31
CA GLY S 309 32.79 -33.40 82.15
C GLY S 309 31.98 -32.92 83.33
N LEU S 310 31.50 -33.87 84.14
CA LEU S 310 30.75 -33.63 85.35
C LEU S 310 31.41 -34.49 86.42
N LYS S 311 32.68 -34.14 86.73
CA LYS S 311 33.49 -34.83 87.72
C LYS S 311 33.63 -36.33 87.40
N GLY S 312 34.63 -36.74 86.59
CA GLY S 312 34.83 -38.16 86.36
C GLY S 312 34.25 -38.74 85.09
N GLN S 313 33.32 -38.03 84.42
CA GLN S 313 32.71 -38.53 83.18
C GLN S 313 33.65 -38.48 81.97
N ASP S 314 34.79 -37.76 82.06
CA ASP S 314 35.73 -37.65 80.94
C ASP S 314 37.12 -38.19 81.35
N PRO S 315 37.33 -39.54 81.41
CA PRO S 315 38.66 -40.04 81.78
C PRO S 315 39.72 -39.91 80.69
N ARG S 316 39.34 -40.10 79.41
CA ARG S 316 40.27 -40.04 78.29
C ARG S 316 40.69 -38.61 77.84
N GLY S 317 40.13 -37.58 78.47
CA GLY S 317 40.47 -36.21 78.12
C GLY S 317 40.00 -35.78 76.75
N LEU S 318 38.82 -36.27 76.35
CA LEU S 318 38.23 -35.93 75.06
C LEU S 318 37.63 -34.52 75.06
N LEU S 319 37.31 -33.94 76.22
CA LEU S 319 36.78 -32.58 76.29
C LEU S 319 38.01 -31.66 76.14
N GLY S 320 38.00 -30.84 75.10
CA GLY S 320 39.09 -29.94 74.75
C GLY S 320 39.78 -30.44 73.50
N ARG S 321 40.20 -31.71 73.53
CA ARG S 321 40.88 -32.37 72.41
C ARG S 321 39.93 -32.65 71.24
N GLN S 322 38.74 -33.21 71.52
CA GLN S 322 37.73 -33.59 70.53
C GLN S 322 36.45 -32.74 70.61
N MET S 323 35.93 -32.52 71.83
CA MET S 323 34.70 -31.75 72.07
C MET S 323 35.01 -30.42 72.76
N SER S 324 34.65 -29.29 72.14
CA SER S 324 34.86 -27.98 72.76
C SER S 324 33.71 -27.58 73.70
N GLY S 325 33.11 -28.55 74.39
CA GLY S 325 32.01 -28.29 75.31
C GLY S 325 31.29 -29.54 75.76
N GLY S 326 30.54 -29.42 76.83
CA GLY S 326 29.80 -30.53 77.42
C GLY S 326 28.52 -30.93 76.72
N GLY S 327 27.94 -30.03 75.93
CA GLY S 327 26.69 -30.28 75.22
C GLY S 327 25.47 -29.80 75.97
N ALA S 328 24.29 -30.01 75.38
CA ALA S 328 23.01 -29.62 75.97
C ALA S 328 22.06 -30.82 76.16
N MET S 329 22.61 -32.03 76.30
CA MET S 329 21.83 -33.24 76.54
C MET S 329 22.28 -33.82 77.88
N ILE S 330 21.32 -34.31 78.68
CA ILE S 330 21.63 -34.91 79.99
C ILE S 330 20.79 -36.17 80.13
N ALA S 331 21.42 -37.31 80.40
CA ALA S 331 20.73 -38.56 80.69
C ALA S 331 20.97 -38.91 82.16
N MET S 332 20.03 -39.62 82.80
CA MET S 332 20.19 -39.97 84.21
C MET S 332 19.53 -41.29 84.57
N GLU S 333 20.11 -42.01 85.54
CA GLU S 333 19.61 -43.27 86.05
C GLU S 333 18.87 -42.98 87.35
N LEU S 334 17.60 -43.39 87.46
CA LEU S 334 16.81 -43.13 88.68
C LEU S 334 17.07 -44.24 89.70
N ALA S 335 17.05 -43.88 90.99
CA ALA S 335 17.28 -44.84 92.06
C ALA S 335 16.14 -45.85 92.18
N GLY S 336 14.90 -45.40 91.98
CA GLY S 336 13.73 -46.26 92.07
C GLY S 336 13.42 -47.09 90.84
N GLY S 337 14.31 -47.10 89.86
CA GLY S 337 14.13 -47.89 88.64
C GLY S 337 13.11 -47.33 87.68
N PHE S 338 12.34 -48.22 87.04
CA PHE S 338 11.32 -47.83 86.06
C PHE S 338 10.21 -46.98 86.66
N ASP S 339 9.68 -47.33 87.83
CA ASP S 339 8.58 -46.58 88.45
C ASP S 339 8.97 -45.11 88.73
N ALA S 340 10.19 -44.88 89.23
CA ALA S 340 10.67 -43.51 89.49
C ALA S 340 10.87 -42.76 88.18
N ALA S 341 11.43 -43.45 87.16
CA ALA S 341 11.64 -42.89 85.82
C ALA S 341 10.30 -42.49 85.17
N ARG S 342 9.28 -43.34 85.31
CA ARG S 342 7.94 -43.12 84.78
C ARG S 342 7.27 -41.93 85.49
N SER S 343 7.27 -41.92 86.83
CA SER S 343 6.64 -40.86 87.62
C SER S 343 7.30 -39.49 87.37
N PHE S 344 8.62 -39.48 87.16
CA PHE S 344 9.40 -38.25 86.90
C PHE S 344 8.99 -37.54 85.59
N VAL S 345 8.89 -38.28 84.47
CA VAL S 345 8.50 -37.67 83.19
C VAL S 345 6.99 -37.32 83.16
N GLU S 346 6.15 -38.07 83.90
CA GLU S 346 4.71 -37.82 83.97
C GLU S 346 4.34 -36.62 84.86
N HIS S 347 5.21 -36.23 85.81
CA HIS S 347 4.96 -35.07 86.68
C HIS S 347 5.63 -33.78 86.19
N CYS S 348 6.25 -33.78 84.98
CA CYS S 348 6.85 -32.57 84.42
C CYS S 348 5.73 -31.73 83.79
N ASN S 349 5.76 -30.40 83.96
CA ASN S 349 4.74 -29.49 83.41
C ASN S 349 5.38 -28.55 82.37
N LEU S 350 6.40 -27.76 82.77
CA LEU S 350 7.10 -26.86 81.87
C LEU S 350 7.94 -27.70 80.90
N VAL S 351 8.67 -28.69 81.44
CA VAL S 351 9.44 -29.62 80.61
C VAL S 351 8.41 -30.58 80.02
N VAL S 352 8.41 -30.75 78.70
CA VAL S 352 7.40 -31.55 78.00
C VAL S 352 7.86 -32.97 77.70
N HIS S 353 6.98 -33.96 77.98
CA HIS S 353 7.26 -35.38 77.69
C HIS S 353 7.07 -35.62 76.20
N ALA S 354 8.18 -35.63 75.44
CA ALA S 354 8.16 -35.82 73.98
C ALA S 354 9.54 -36.26 73.46
N VAL S 355 9.57 -36.90 72.28
CA VAL S 355 10.83 -37.29 71.63
C VAL S 355 11.42 -36.05 70.89
N SER S 356 12.60 -36.19 70.24
CA SER S 356 13.34 -35.12 69.53
C SER S 356 14.18 -34.31 70.50
N LEU S 357 15.17 -33.59 69.98
CA LEU S 357 16.12 -32.84 70.80
C LEU S 357 16.64 -31.58 70.07
N GLY S 358 17.43 -30.76 70.76
CA GLY S 358 18.02 -29.56 70.19
C GLY S 358 17.10 -28.39 69.91
N GLY S 359 15.86 -28.46 70.40
CA GLY S 359 14.88 -27.40 70.18
C GLY S 359 15.00 -26.26 71.17
N ALA S 360 14.20 -25.21 70.93
CA ALA S 360 14.18 -24.05 71.82
C ALA S 360 13.61 -24.37 73.21
N ASP S 361 12.79 -25.43 73.33
CA ASP S 361 12.18 -25.87 74.59
C ASP S 361 12.81 -27.15 75.12
N THR S 362 12.70 -27.37 76.43
CA THR S 362 13.26 -28.53 77.12
C THR S 362 12.28 -29.68 77.03
N LEU S 363 12.77 -30.85 76.58
CA LEU S 363 11.97 -32.06 76.43
C LEU S 363 12.57 -33.20 77.25
N ILE S 364 11.73 -34.17 77.61
CA ILE S 364 12.12 -35.31 78.44
C ILE S 364 11.41 -36.58 77.92
N GLN S 365 12.06 -37.75 77.99
CA GLN S 365 11.44 -39.01 77.51
C GLN S 365 12.14 -40.24 78.08
N HIS S 366 11.43 -41.38 78.12
CA HIS S 366 12.01 -42.64 78.58
C HIS S 366 12.53 -43.36 77.31
N PRO S 367 13.85 -43.47 77.10
CA PRO S 367 14.34 -44.08 75.84
C PRO S 367 13.89 -45.51 75.57
N ALA S 368 13.91 -46.40 76.57
CA ALA S 368 13.51 -47.79 76.39
C ALA S 368 12.05 -47.93 75.91
N SER S 369 11.18 -46.95 76.24
CA SER S 369 9.77 -46.96 75.83
C SER S 369 9.50 -46.21 74.53
N LEU S 370 10.37 -45.26 74.12
CA LEU S 370 10.11 -44.48 72.91
C LEU S 370 11.27 -44.55 71.87
N THR S 371 12.30 -43.67 71.93
CA THR S 371 13.35 -43.61 70.90
C THR S 371 14.04 -44.95 70.64
N HIS S 372 14.33 -45.71 71.69
CA HIS S 372 15.00 -47.00 71.59
C HIS S 372 14.05 -48.19 71.83
N ARG S 373 12.77 -48.05 71.47
CA ARG S 373 11.81 -49.15 71.58
C ARG S 373 12.05 -50.24 70.52
N PRO S 374 12.39 -49.92 69.23
CA PRO S 374 12.64 -51.00 68.26
C PRO S 374 13.97 -51.75 68.43
N VAL S 375 14.84 -51.35 69.38
CA VAL S 375 16.13 -52.05 69.54
C VAL S 375 15.90 -53.33 70.34
N ALA S 376 16.79 -54.31 70.13
CA ALA S 376 16.72 -55.63 70.74
C ALA S 376 16.78 -55.54 72.27
N ALA S 377 16.08 -56.44 72.96
CA ALA S 377 16.02 -56.46 74.43
C ALA S 377 17.40 -56.40 75.10
N THR S 378 18.37 -57.18 74.59
CA THR S 378 19.73 -57.23 75.15
C THR S 378 20.46 -55.88 74.99
N ALA S 379 20.21 -55.16 73.89
CA ALA S 379 20.84 -53.89 73.59
C ALA S 379 20.03 -52.65 74.01
N LYS S 380 18.82 -52.84 74.57
CA LYS S 380 17.98 -51.70 74.95
C LYS S 380 18.61 -50.92 76.13
N PRO S 381 18.41 -49.58 76.26
CA PRO S 381 18.98 -48.87 77.42
C PRO S 381 18.29 -49.25 78.73
N GLY S 382 18.89 -48.84 79.85
CA GLY S 382 18.36 -49.14 81.17
C GLY S 382 16.93 -48.68 81.38
N ASP S 383 16.16 -49.44 82.15
CA ASP S 383 14.75 -49.10 82.44
C ASP S 383 14.62 -47.87 83.36
N GLY S 384 15.64 -47.61 84.19
CA GLY S 384 15.67 -46.43 85.05
C GLY S 384 16.25 -45.19 84.38
N LEU S 385 16.74 -45.31 83.12
CA LEU S 385 17.35 -44.20 82.40
C LEU S 385 16.31 -43.26 81.79
N ILE S 386 16.57 -41.95 81.87
CA ILE S 386 15.71 -40.89 81.35
C ILE S 386 16.60 -39.90 80.59
N ARG S 387 16.20 -39.52 79.36
CA ARG S 387 16.94 -38.59 78.52
C ARG S 387 16.27 -37.20 78.54
N LEU S 388 17.07 -36.14 78.57
CA LEU S 388 16.57 -34.76 78.63
C LEU S 388 17.34 -33.87 77.64
N SER S 389 16.59 -33.09 76.83
CA SER S 389 17.17 -32.14 75.89
C SER S 389 17.00 -30.76 76.49
N VAL S 390 18.09 -30.04 76.77
CA VAL S 390 18.02 -28.74 77.42
C VAL S 390 17.79 -27.64 76.37
N GLY S 391 16.81 -26.77 76.63
CA GLY S 391 16.44 -25.69 75.72
C GLY S 391 17.01 -24.34 76.11
N LEU S 392 16.32 -23.26 75.71
CA LEU S 392 16.76 -21.87 75.96
C LEU S 392 15.97 -21.20 77.09
N GLU S 393 15.39 -21.97 78.02
CA GLU S 393 14.64 -21.39 79.14
C GLU S 393 15.60 -21.07 80.30
N HIS S 394 15.13 -20.28 81.28
CA HIS S 394 15.94 -19.93 82.43
C HIS S 394 16.25 -21.18 83.25
N VAL S 395 17.50 -21.31 83.71
CA VAL S 395 17.96 -22.46 84.50
C VAL S 395 17.11 -22.69 85.77
N ASP S 396 16.72 -21.62 86.47
CA ASP S 396 15.94 -21.75 87.71
C ASP S 396 14.56 -22.34 87.43
N ASP S 397 13.86 -21.87 86.39
CA ASP S 397 12.53 -22.39 86.06
C ASP S 397 12.56 -23.86 85.64
N LEU S 398 13.63 -24.31 84.97
CA LEU S 398 13.75 -25.70 84.56
C LEU S 398 14.09 -26.58 85.76
N ALA S 399 15.00 -26.12 86.64
CA ALA S 399 15.36 -26.88 87.83
C ALA S 399 14.18 -26.99 88.77
N ASP S 400 13.40 -25.91 88.97
CA ASP S 400 12.22 -25.93 89.84
C ASP S 400 11.21 -26.98 89.38
N ASP S 401 10.97 -27.07 88.06
CA ASP S 401 10.03 -28.05 87.53
C ASP S 401 10.53 -29.49 87.65
N LEU S 402 11.80 -29.75 87.28
CA LEU S 402 12.35 -31.11 87.36
C LEU S 402 12.50 -31.59 88.80
N ILE S 403 12.81 -30.69 89.75
CA ILE S 403 12.91 -31.07 91.16
C ILE S 403 11.50 -31.43 91.68
N ALA S 404 10.49 -30.60 91.35
CA ALA S 404 9.10 -30.87 91.75
C ALA S 404 8.61 -32.22 91.19
N ALA S 405 8.99 -32.55 89.96
CA ALA S 405 8.62 -33.82 89.31
C ALA S 405 9.24 -35.02 90.05
N LEU S 406 10.49 -34.89 90.51
CA LEU S 406 11.18 -35.95 91.26
C LEU S 406 10.55 -36.10 92.65
N ASP S 407 10.21 -34.96 93.30
CA ASP S 407 9.59 -34.96 94.62
C ASP S 407 8.13 -35.48 94.60
N ALA S 408 7.48 -35.57 93.43
CA ALA S 408 6.11 -36.07 93.32
C ALA S 408 6.01 -37.57 93.63
N SER S 409 7.06 -38.35 93.32
CA SER S 409 7.06 -39.79 93.60
C SER S 409 7.13 -40.09 95.10
N LEU T 24 -21.74 -40.04 46.38
CA LEU T 24 -21.37 -38.81 45.68
C LEU T 24 -20.56 -39.10 44.41
N HIS T 25 -20.64 -38.19 43.44
CA HIS T 25 -19.91 -38.31 42.17
C HIS T 25 -18.40 -38.06 42.37
N PRO T 26 -17.49 -38.53 41.48
CA PRO T 26 -16.05 -38.26 41.69
C PRO T 26 -15.66 -36.78 41.64
N GLU T 27 -16.43 -35.93 40.94
CA GLU T 27 -16.14 -34.51 40.85
C GLU T 27 -16.37 -33.83 42.23
N THR T 28 -17.39 -34.29 42.97
CA THR T 28 -17.70 -33.79 44.31
C THR T 28 -16.63 -34.30 45.30
N LEU T 29 -16.25 -35.59 45.18
CA LEU T 29 -15.27 -36.21 46.07
C LEU T 29 -13.85 -35.65 45.92
N MET T 30 -13.51 -35.06 44.78
CA MET T 30 -12.21 -34.42 44.59
C MET T 30 -12.13 -33.11 45.41
N VAL T 31 -13.25 -32.38 45.51
CA VAL T 31 -13.31 -31.12 46.27
C VAL T 31 -13.33 -31.40 47.78
N HIS T 32 -14.25 -32.28 48.24
CA HIS T 32 -14.45 -32.57 49.67
C HIS T 32 -13.69 -33.79 50.25
N GLY T 33 -12.89 -34.48 49.44
CA GLY T 33 -12.12 -35.62 49.93
C GLY T 33 -11.02 -35.20 50.88
N GLY T 34 -10.89 -35.92 51.99
CA GLY T 34 -9.89 -35.62 53.02
C GLY T 34 -10.16 -34.34 53.81
N MET T 35 -11.37 -33.75 53.67
CA MET T 35 -11.75 -32.53 54.38
C MET T 35 -12.76 -32.88 55.50
N LYS T 36 -12.60 -34.06 56.13
CA LYS T 36 -13.53 -34.53 57.15
C LYS T 36 -13.24 -33.86 58.49
N GLY T 37 -14.28 -33.32 59.11
CA GLY T 37 -14.16 -32.67 60.41
C GLY T 37 -13.71 -31.22 60.38
N LEU T 38 -13.29 -30.70 59.21
CA LEU T 38 -12.83 -29.31 59.12
C LEU T 38 -14.00 -28.34 59.28
N THR T 39 -15.11 -28.58 58.56
CA THR T 39 -16.29 -27.73 58.67
C THR T 39 -16.86 -27.76 60.09
N GLU T 40 -16.82 -28.95 60.73
CA GLU T 40 -17.31 -29.14 62.08
C GLU T 40 -16.41 -28.41 63.13
N ALA T 41 -15.11 -28.21 62.81
CA ALA T 41 -14.16 -27.48 63.67
C ALA T 41 -14.11 -25.95 63.39
N GLY T 42 -14.92 -25.44 62.45
CA GLY T 42 -14.95 -24.02 62.13
C GLY T 42 -13.77 -23.53 61.32
N VAL T 43 -13.30 -24.36 60.38
CA VAL T 43 -12.12 -24.09 59.56
C VAL T 43 -12.42 -24.51 58.07
N HIS T 44 -11.82 -23.82 57.07
CA HIS T 44 -12.11 -24.07 55.64
C HIS T 44 -11.16 -25.08 54.98
N VAL T 45 -9.83 -24.91 55.15
CA VAL T 45 -8.81 -25.76 54.52
C VAL T 45 -7.97 -26.47 55.61
N PRO T 46 -7.34 -27.65 55.35
CA PRO T 46 -6.56 -28.29 56.43
C PRO T 46 -5.34 -27.47 56.81
N ALA T 47 -5.03 -27.43 58.11
CA ALA T 47 -3.90 -26.65 58.59
C ALA T 47 -2.57 -27.33 58.26
N ILE T 48 -1.49 -26.53 58.19
CA ILE T 48 -0.14 -27.05 57.90
C ILE T 48 0.60 -27.10 59.24
N ASP T 49 0.66 -28.29 59.85
CA ASP T 49 1.33 -28.48 61.13
C ASP T 49 2.77 -28.90 60.84
N LEU T 50 3.74 -28.00 61.08
CA LEU T 50 5.15 -28.29 60.83
C LEU T 50 5.82 -29.09 61.96
N SER T 51 5.13 -29.33 63.09
CA SER T 51 5.66 -30.06 64.25
C SER T 51 6.41 -31.33 63.89
N THR T 52 7.68 -31.41 64.27
CA THR T 52 8.48 -32.62 64.05
C THR T 52 8.11 -33.66 65.11
N THR T 53 7.93 -33.22 66.37
CA THR T 53 7.54 -34.08 67.48
C THR T 53 6.08 -33.79 67.88
N ASN T 54 5.46 -34.75 68.56
CA ASN T 54 4.08 -34.66 69.02
C ASN T 54 4.04 -35.17 70.48
N PRO T 55 3.83 -34.30 71.51
CA PRO T 55 3.84 -34.79 72.90
C PRO T 55 2.88 -35.92 73.23
N VAL T 56 3.24 -36.72 74.25
CA VAL T 56 2.45 -37.88 74.70
C VAL T 56 1.87 -37.64 76.10
N ASN T 57 0.69 -38.22 76.37
CA ASN T 57 0.01 -38.04 77.66
C ASN T 57 0.74 -38.76 78.77
N ASP T 58 1.20 -39.99 78.53
CA ASP T 58 1.95 -40.77 79.50
C ASP T 58 2.88 -41.78 78.80
N VAL T 59 3.70 -42.52 79.57
CA VAL T 59 4.66 -43.48 79.03
C VAL T 59 3.93 -44.66 78.36
N ALA T 60 2.86 -45.16 78.99
CA ALA T 60 2.11 -46.29 78.46
C ALA T 60 1.40 -45.98 77.12
N THR T 61 0.62 -44.88 77.03
CA THR T 61 -0.08 -44.55 75.79
C THR T 61 0.88 -44.10 74.70
N GLY T 62 1.91 -43.34 75.08
CA GLY T 62 2.92 -42.89 74.14
C GLY T 62 3.70 -44.04 73.52
N GLY T 63 4.12 -44.98 74.35
CA GLY T 63 4.83 -46.17 73.92
C GLY T 63 4.00 -47.07 73.04
N ASP T 64 2.72 -47.28 73.41
CA ASP T 64 1.81 -48.11 72.61
C ASP T 64 1.53 -47.43 71.27
N SER T 65 1.38 -46.08 71.25
CA SER T 65 1.16 -45.31 70.03
C SER T 65 2.39 -45.43 69.12
N TYR T 66 3.61 -45.37 69.70
CA TYR T 66 4.86 -45.53 68.96
C TYR T 66 4.89 -46.90 68.28
N GLU T 67 4.64 -47.98 69.04
CA GLU T 67 4.67 -49.34 68.50
C GLU T 67 3.62 -49.55 67.41
N TRP T 68 2.38 -49.08 67.63
CA TRP T 68 1.30 -49.20 66.65
C TRP T 68 1.67 -48.55 65.31
N LEU T 69 2.26 -47.35 65.34
CA LEU T 69 2.64 -46.63 64.12
C LEU T 69 3.92 -47.19 63.48
N ALA T 70 4.94 -47.54 64.28
CA ALA T 70 6.18 -48.11 63.76
C ALA T 70 5.94 -49.45 63.07
N THR T 71 4.96 -50.24 63.55
CA THR T 71 4.59 -51.51 62.93
C THR T 71 3.64 -51.33 61.71
N GLY T 72 3.53 -50.12 61.17
CA GLY T 72 2.75 -49.80 59.98
C GLY T 72 1.26 -49.57 60.14
N HIS T 73 0.76 -49.30 61.35
CA HIS T 73 -0.68 -49.09 61.53
C HIS T 73 -1.10 -47.62 61.44
N THR T 74 -2.38 -47.40 61.14
CA THR T 74 -3.00 -46.07 61.05
C THR T 74 -3.15 -45.48 62.44
N LEU T 75 -2.96 -44.15 62.58
CA LEU T 75 -3.10 -43.48 63.87
C LEU T 75 -4.53 -43.60 64.37
N LYS T 76 -4.69 -44.02 65.63
CA LYS T 76 -6.01 -44.16 66.24
C LYS T 76 -6.57 -42.77 66.54
N ASP T 77 -7.90 -42.63 66.50
CA ASP T 77 -8.53 -41.34 66.80
C ASP T 77 -8.35 -41.06 68.29
N GLY T 78 -7.81 -39.89 68.61
CA GLY T 78 -7.53 -39.51 69.99
C GLY T 78 -6.26 -40.16 70.51
N ASP T 79 -5.20 -40.15 69.67
CA ASP T 79 -3.88 -40.72 70.00
C ASP T 79 -2.80 -39.76 69.47
N SER T 80 -1.67 -39.68 70.17
CA SER T 80 -0.57 -38.81 69.74
C SER T 80 0.16 -39.39 68.55
N ALA T 81 0.53 -38.52 67.59
CA ALA T 81 1.31 -38.95 66.43
C ALA T 81 2.76 -39.32 66.82
N VAL T 82 3.24 -38.92 68.04
CA VAL T 82 4.56 -39.18 68.64
C VAL T 82 5.71 -38.47 67.89
N TYR T 83 5.87 -38.74 66.60
CA TYR T 83 6.92 -38.16 65.76
C TYR T 83 6.46 -38.14 64.31
N GLN T 84 6.99 -37.19 63.52
CA GLN T 84 6.60 -37.02 62.12
C GLN T 84 6.94 -38.23 61.23
N ARG T 85 8.05 -38.93 61.53
CA ARG T 85 8.42 -40.12 60.77
C ARG T 85 7.41 -41.29 60.96
N LEU T 86 6.66 -41.28 62.08
CA LEU T 86 5.63 -42.28 62.38
C LEU T 86 4.28 -41.82 61.80
N TRP T 87 3.90 -40.54 61.99
CA TRP T 87 2.64 -40.04 61.46
C TRP T 87 2.62 -38.50 61.32
N GLN T 88 1.99 -38.01 60.23
CA GLN T 88 1.82 -36.58 59.97
C GLN T 88 0.33 -36.38 59.60
N PRO T 89 -0.44 -35.47 60.25
CA PRO T 89 -1.87 -35.35 59.94
C PRO T 89 -2.24 -34.79 58.55
N GLY T 90 -1.45 -33.86 58.03
CA GLY T 90 -1.68 -33.28 56.72
C GLY T 90 -1.45 -34.29 55.62
N VAL T 91 -0.41 -35.13 55.79
CA VAL T 91 -0.09 -36.21 54.84
C VAL T 91 -1.24 -37.21 54.87
N ALA T 92 -1.70 -37.59 56.08
CA ALA T 92 -2.82 -38.50 56.28
C ALA T 92 -4.10 -38.05 55.57
N ARG T 93 -4.39 -36.72 55.57
CA ARG T 93 -5.59 -36.20 54.88
C ARG T 93 -5.47 -36.38 53.37
N PHE T 94 -4.28 -36.12 52.81
CA PHE T 94 -4.00 -36.33 51.39
C PHE T 94 -4.14 -37.82 51.05
N GLU T 95 -3.64 -38.70 51.93
CA GLU T 95 -3.69 -40.15 51.76
C GLU T 95 -5.15 -40.62 51.68
N THR T 96 -6.02 -40.20 52.62
CA THR T 96 -7.43 -40.61 52.60
C THR T 96 -8.18 -40.01 51.40
N ALA T 97 -7.79 -38.80 50.95
CA ALA T 97 -8.43 -38.16 49.81
C ALA T 97 -8.20 -38.98 48.52
N LEU T 98 -6.94 -39.39 48.23
CA LEU T 98 -6.66 -40.17 47.04
C LEU T 98 -7.19 -41.60 47.14
N ALA T 99 -7.10 -42.23 48.32
CA ALA T 99 -7.62 -43.59 48.51
C ALA T 99 -9.11 -43.67 48.16
N GLY T 100 -9.87 -42.63 48.50
CA GLY T 100 -11.29 -42.55 48.15
C GLY T 100 -11.54 -42.38 46.67
N LEU T 101 -10.63 -41.70 45.95
CA LEU T 101 -10.75 -41.48 44.52
C LEU T 101 -10.43 -42.76 43.74
N GLU T 102 -9.38 -43.49 44.15
CA GLU T 102 -9.03 -44.78 43.52
C GLU T 102 -9.89 -45.95 44.04
N HIS T 103 -10.69 -45.73 45.11
CA HIS T 103 -11.55 -46.73 45.76
C HIS T 103 -10.72 -47.84 46.42
N ALA T 104 -9.59 -47.45 47.04
CA ALA T 104 -8.68 -48.31 47.78
C ALA T 104 -8.98 -48.18 49.29
N GLU T 105 -8.55 -49.16 50.10
CA GLU T 105 -8.82 -49.13 51.54
C GLU T 105 -8.01 -48.00 52.19
N GLU T 106 -6.70 -47.94 51.89
CA GLU T 106 -5.77 -46.95 52.46
C GLU T 106 -4.78 -46.46 51.38
N ALA T 107 -3.94 -45.46 51.72
CA ALA T 107 -2.89 -44.94 50.84
C ALA T 107 -1.70 -44.47 51.67
N VAL T 108 -0.47 -44.59 51.11
CA VAL T 108 0.76 -44.20 51.80
C VAL T 108 1.53 -43.23 50.90
N ALA T 109 1.84 -42.04 51.42
CA ALA T 109 2.52 -40.98 50.69
C ALA T 109 3.99 -40.80 51.10
N PHE T 110 4.83 -40.48 50.11
CA PHE T 110 6.27 -40.31 50.23
C PHE T 110 6.74 -39.01 49.53
N ALA T 111 8.02 -38.64 49.71
CA ALA T 111 8.62 -37.44 49.14
C ALA T 111 8.48 -37.33 47.62
N THR T 112 8.69 -38.45 46.89
CA THR T 112 8.64 -38.51 45.42
C THR T 112 8.00 -39.85 44.95
N GLY T 113 7.65 -39.94 43.66
CA GLY T 113 7.15 -41.18 43.08
C GLY T 113 8.17 -42.30 43.16
N MET T 114 9.47 -41.95 43.06
CA MET T 114 10.54 -42.92 43.17
C MET T 114 10.68 -43.45 44.60
N ALA T 115 10.41 -42.62 45.61
CA ALA T 115 10.43 -43.05 47.01
C ALA T 115 9.33 -44.06 47.28
N ALA T 116 8.15 -43.87 46.65
CA ALA T 116 7.03 -44.79 46.78
C ALA T 116 7.39 -46.13 46.11
N MET T 117 7.99 -46.09 44.91
CA MET T 117 8.45 -47.29 44.20
C MET T 117 9.48 -48.03 45.06
N THR T 118 10.45 -47.28 45.63
CA THR T 118 11.49 -47.82 46.50
C THR T 118 10.89 -48.55 47.70
N ALA T 119 9.90 -47.95 48.35
CA ALA T 119 9.23 -48.56 49.49
C ALA T 119 8.51 -49.83 49.12
N ALA T 120 7.81 -49.85 47.97
CA ALA T 120 7.08 -51.03 47.50
C ALA T 120 8.03 -52.18 47.17
N LEU T 121 9.21 -51.86 46.61
CA LEU T 121 10.20 -52.88 46.28
C LEU T 121 10.84 -53.40 47.56
N LEU T 122 11.18 -52.51 48.51
CA LEU T 122 11.77 -52.94 49.78
C LEU T 122 10.77 -53.77 50.59
N ALA T 123 9.47 -53.47 50.51
CA ALA T 123 8.44 -54.25 51.19
C ALA T 123 8.38 -55.67 50.65
N ALA T 124 8.52 -55.83 49.33
CA ALA T 124 8.52 -57.14 48.68
C ALA T 124 9.80 -57.92 49.03
N VAL T 125 10.96 -57.25 49.05
CA VAL T 125 12.24 -57.89 49.38
C VAL T 125 12.19 -58.35 50.85
N SER T 126 11.70 -57.49 51.75
CA SER T 126 11.58 -57.80 53.18
C SER T 126 10.66 -59.00 53.41
N ALA T 127 9.59 -59.14 52.63
CA ALA T 127 8.66 -60.27 52.74
C ALA T 127 9.24 -61.62 52.26
N GLY T 128 10.39 -61.60 51.60
CA GLY T 128 11.04 -62.80 51.06
C GLY T 128 10.67 -63.09 49.61
N THR T 129 10.22 -62.05 48.87
CA THR T 129 9.84 -62.16 47.46
C THR T 129 10.58 -61.05 46.68
N PRO T 130 11.91 -61.15 46.49
CA PRO T 130 12.62 -60.07 45.80
C PRO T 130 12.44 -60.00 44.27
N HIS T 131 11.93 -61.07 43.64
CA HIS T 131 11.76 -61.08 42.18
C HIS T 131 10.53 -60.28 41.75
N ILE T 132 10.63 -59.55 40.63
CA ILE T 132 9.56 -58.73 40.08
C ILE T 132 9.45 -59.00 38.58
N VAL T 133 8.21 -59.20 38.09
CA VAL T 133 7.92 -59.37 36.67
C VAL T 133 7.39 -57.99 36.24
N ALA T 134 8.15 -57.27 35.42
CA ALA T 134 7.76 -55.94 34.97
C ALA T 134 7.57 -55.89 33.45
N VAL T 135 6.59 -55.09 33.00
CA VAL T 135 6.26 -54.96 31.58
C VAL T 135 6.69 -53.57 31.08
N ARG T 136 7.54 -53.53 30.04
CA ARG T 136 8.04 -52.30 29.43
C ARG T 136 7.04 -51.78 28.36
N PRO T 137 6.97 -50.46 28.05
CA PRO T 137 7.72 -49.32 28.61
C PRO T 137 7.27 -48.86 30.00
N LEU T 138 8.23 -48.35 30.78
CA LEU T 138 8.01 -47.78 32.12
C LEU T 138 8.84 -46.49 32.20
N TYR T 139 8.61 -45.65 33.23
CA TYR T 139 9.39 -44.43 33.41
C TYR T 139 10.88 -44.81 33.62
N GLY T 140 11.79 -44.06 32.98
CA GLY T 140 13.24 -44.27 33.05
C GLY T 140 13.81 -44.66 34.39
N GLY T 141 13.39 -43.96 35.44
CA GLY T 141 13.81 -44.22 36.81
C GLY T 141 13.29 -45.53 37.33
N SER T 142 11.99 -45.81 37.13
CA SER T 142 11.38 -47.08 37.54
C SER T 142 12.07 -48.25 36.83
N ASP T 143 12.38 -48.08 35.53
CA ASP T 143 13.07 -49.06 34.70
C ASP T 143 14.52 -49.29 35.20
N HIS T 144 15.26 -48.20 35.44
CA HIS T 144 16.65 -48.26 35.91
C HIS T 144 16.78 -48.84 37.32
N LEU T 145 15.86 -48.48 38.24
CA LEU T 145 15.89 -48.99 39.62
C LEU T 145 15.70 -50.51 39.64
N LEU T 146 14.89 -51.06 38.72
CA LEU T 146 14.69 -52.50 38.62
C LEU T 146 15.90 -53.17 37.96
N GLU T 147 16.40 -52.59 36.86
CA GLU T 147 17.57 -53.11 36.13
C GLU T 147 18.80 -53.24 37.03
N THR T 148 19.12 -52.18 37.79
CA THR T 148 20.29 -52.17 38.67
C THR T 148 20.14 -53.13 39.86
N GLY T 149 18.92 -53.30 40.36
CA GLY T 149 18.67 -54.14 41.51
C GLY T 149 19.31 -53.60 42.77
N LEU T 150 19.27 -52.26 42.92
CA LEU T 150 19.87 -51.55 44.05
C LEU T 150 19.29 -52.01 45.39
N LEU T 151 17.98 -52.25 45.43
CA LEU T 151 17.28 -52.62 46.66
C LEU T 151 17.18 -54.14 46.88
N GLY T 152 18.09 -54.92 46.28
CA GLY T 152 18.09 -56.37 46.42
C GLY T 152 17.02 -57.07 45.62
N THR T 153 16.56 -56.47 44.51
CA THR T 153 15.53 -57.06 43.66
C THR T 153 16.13 -57.67 42.40
N THR T 154 15.47 -58.70 41.89
CA THR T 154 15.80 -59.34 40.61
C THR T 154 14.58 -59.06 39.71
N VAL T 155 14.80 -58.78 38.41
CA VAL T 155 13.70 -58.46 37.50
C VAL T 155 13.70 -59.36 36.27
N THR T 156 12.50 -59.65 35.76
CA THR T 156 12.28 -60.43 34.55
C THR T 156 11.38 -59.57 33.67
N TRP T 157 11.97 -58.98 32.62
CA TRP T 157 11.24 -58.13 31.70
C TRP T 157 10.39 -59.02 30.80
N ALA T 158 9.06 -58.90 30.90
CA ALA T 158 8.13 -59.73 30.15
C ALA T 158 7.12 -58.91 29.37
N LYS T 159 6.65 -59.45 28.25
CA LYS T 159 5.60 -58.82 27.46
C LYS T 159 4.25 -59.08 28.16
N GLU T 160 3.23 -58.28 27.82
CA GLU T 160 1.90 -58.39 28.43
C GLU T 160 1.32 -59.82 28.37
N ALA T 161 1.46 -60.50 27.23
CA ALA T 161 0.95 -61.87 27.07
C ALA T 161 1.77 -62.91 27.84
N ASP T 162 3.07 -62.69 28.02
CA ASP T 162 3.97 -63.64 28.68
C ASP T 162 4.18 -63.36 30.19
N ILE T 163 3.17 -62.82 30.90
CA ILE T 163 3.31 -62.53 32.33
C ILE T 163 3.27 -63.83 33.15
N ALA T 164 2.24 -64.66 32.93
CA ALA T 164 2.07 -65.93 33.65
C ALA T 164 3.33 -66.81 33.63
N SER T 165 3.99 -66.94 32.47
CA SER T 165 5.19 -67.75 32.32
C SER T 165 6.41 -67.15 33.05
N ALA T 166 6.54 -65.82 33.04
CA ALA T 166 7.64 -65.13 33.71
C ALA T 166 7.61 -65.20 35.23
N ILE T 167 6.45 -65.52 35.83
CA ILE T 167 6.31 -65.57 37.28
C ILE T 167 7.01 -66.80 37.88
N GLN T 168 7.78 -66.57 38.94
CA GLN T 168 8.54 -67.55 39.71
C GLN T 168 7.94 -67.66 41.13
N ASP T 169 8.34 -68.68 41.90
CA ASP T 169 7.92 -68.79 43.29
C ASP T 169 8.44 -67.60 44.14
N ASP T 170 9.54 -66.95 43.69
CA ASP T 170 10.18 -65.81 44.33
C ASP T 170 9.54 -64.46 43.95
N THR T 171 8.52 -64.42 43.06
CA THR T 171 7.92 -63.14 42.64
C THR T 171 7.04 -62.52 43.72
N GLY T 172 7.27 -61.23 43.99
CA GLY T 172 6.52 -60.44 44.96
C GLY T 172 5.55 -59.46 44.32
N LEU T 173 5.85 -58.95 43.10
CA LEU T 173 5.02 -57.95 42.43
C LEU T 173 5.05 -58.06 40.90
N VAL T 174 3.98 -57.61 40.23
CA VAL T 174 3.87 -57.51 38.77
C VAL T 174 3.70 -56.00 38.49
N ILE T 175 4.75 -55.33 37.99
CA ILE T 175 4.71 -53.90 37.75
C ILE T 175 4.32 -53.59 36.31
N VAL T 176 3.21 -52.85 36.12
CA VAL T 176 2.71 -52.43 34.80
C VAL T 176 2.36 -50.93 34.83
N GLU T 177 2.27 -50.32 33.64
CA GLU T 177 1.94 -48.90 33.49
C GLU T 177 1.16 -48.72 32.19
N THR T 178 0.00 -48.04 32.25
CA THR T 178 -0.83 -47.80 31.07
C THR T 178 -1.63 -46.47 31.18
N PRO T 179 -1.49 -45.51 30.22
CA PRO T 179 -0.59 -45.49 29.05
C PRO T 179 0.88 -45.42 29.50
N ALA T 180 1.75 -46.18 28.84
CA ALA T 180 3.16 -46.23 29.22
C ALA T 180 3.91 -44.93 28.97
N ASN T 181 4.97 -44.69 29.75
CA ASN T 181 5.80 -43.50 29.60
C ASN T 181 7.00 -43.93 28.74
N PRO T 182 7.30 -43.35 27.54
CA PRO T 182 6.66 -42.20 26.86
C PRO T 182 5.66 -42.49 25.72
N SER T 183 5.78 -43.64 25.03
CA SER T 183 5.00 -44.01 23.84
C SER T 183 3.50 -44.26 24.03
N LEU T 184 2.98 -44.21 25.27
CA LEU T 184 1.55 -44.39 25.58
C LEU T 184 1.00 -45.76 25.17
N ASP T 185 1.80 -46.81 25.38
CA ASP T 185 1.40 -48.18 25.10
C ASP T 185 0.35 -48.58 26.13
N LEU T 186 -0.77 -49.16 25.67
CA LEU T 186 -1.86 -49.56 26.55
C LEU T 186 -1.75 -51.02 26.95
N VAL T 187 -2.21 -51.33 28.17
CA VAL T 187 -2.16 -52.67 28.76
C VAL T 187 -3.54 -53.02 29.29
N ASP T 188 -4.08 -54.18 28.89
CA ASP T 188 -5.37 -54.67 29.37
C ASP T 188 -5.17 -55.17 30.80
N LEU T 189 -5.67 -54.41 31.78
CA LEU T 189 -5.47 -54.75 33.20
C LEU T 189 -6.23 -55.96 33.67
N ASP T 190 -7.40 -56.22 33.11
CA ASP T 190 -8.17 -57.43 33.46
C ASP T 190 -7.35 -58.69 33.09
N SER T 191 -6.67 -58.66 31.93
CA SER T 191 -5.83 -59.78 31.48
C SER T 191 -4.57 -59.93 32.33
N VAL T 192 -3.95 -58.81 32.74
CA VAL T 192 -2.74 -58.84 33.56
C VAL T 192 -3.06 -59.44 34.93
N VAL T 193 -4.16 -59.01 35.56
CA VAL T 193 -4.56 -59.53 36.87
C VAL T 193 -4.84 -61.04 36.76
N SER T 194 -5.52 -61.47 35.69
CA SER T 194 -5.81 -62.88 35.45
C SER T 194 -4.51 -63.69 35.31
N ALA T 195 -3.52 -63.17 34.55
CA ALA T 195 -2.24 -63.85 34.35
C ALA T 195 -1.38 -63.88 35.62
N ALA T 196 -1.46 -62.85 36.48
CA ALA T 196 -0.69 -62.78 37.72
C ALA T 196 -1.17 -63.80 38.75
N GLY T 197 -2.47 -63.97 38.88
CA GLY T 197 -3.05 -64.91 39.83
C GLY T 197 -2.85 -64.49 41.27
N ASN T 198 -2.09 -65.28 42.02
CA ASN T 198 -1.80 -65.00 43.43
C ASN T 198 -0.81 -63.84 43.64
N VAL T 199 -0.06 -63.43 42.60
CA VAL T 199 0.93 -62.37 42.74
C VAL T 199 0.21 -61.00 42.70
N PRO T 200 0.47 -60.07 43.66
CA PRO T 200 -0.19 -58.76 43.57
C PRO T 200 0.31 -57.93 42.40
N VAL T 201 -0.57 -57.10 41.80
CA VAL T 201 -0.23 -56.27 40.65
C VAL T 201 -0.14 -54.80 41.06
N LEU T 202 0.97 -54.15 40.70
CA LEU T 202 1.19 -52.73 40.95
C LEU T 202 1.02 -52.01 39.61
N VAL T 203 0.04 -51.11 39.52
CA VAL T 203 -0.25 -50.35 38.31
C VAL T 203 0.13 -48.90 38.56
N ASP T 204 0.99 -48.34 37.71
CA ASP T 204 1.40 -46.94 37.82
C ASP T 204 0.39 -46.11 37.01
N ASN T 205 -0.62 -45.55 37.70
CA ASN T 205 -1.69 -44.78 37.09
C ASN T 205 -1.43 -43.25 37.10
N THR T 206 -0.16 -42.82 36.93
CA THR T 206 0.19 -41.39 36.93
C THR T 206 -0.45 -40.65 35.75
N PHE T 207 -0.28 -41.17 34.52
CA PHE T 207 -0.79 -40.53 33.30
C PHE T 207 -2.32 -40.45 33.24
N CYS T 208 -3.03 -41.54 33.60
CA CYS T 208 -4.49 -41.58 33.54
C CYS T 208 -5.14 -40.80 34.68
N THR T 209 -4.61 -40.93 35.92
CA THR T 209 -5.15 -40.32 37.16
C THR T 209 -6.48 -41.02 37.58
N PRO T 210 -6.96 -40.89 38.84
CA PRO T 210 -8.24 -41.52 39.19
C PRO T 210 -9.46 -40.99 38.41
N VAL T 211 -9.29 -39.91 37.63
CA VAL T 211 -10.37 -39.32 36.83
C VAL T 211 -10.70 -40.25 35.67
N LEU T 212 -9.66 -40.78 35.00
CA LEU T 212 -9.81 -41.62 33.80
C LEU T 212 -9.72 -43.12 34.03
N GLN T 213 -8.92 -43.59 34.99
CA GLN T 213 -8.76 -45.03 35.21
C GLN T 213 -8.63 -45.37 36.69
N GLN T 214 -9.29 -46.45 37.11
CA GLN T 214 -9.28 -46.94 38.49
C GLN T 214 -8.84 -48.40 38.47
N PRO T 215 -7.50 -48.64 38.45
CA PRO T 215 -6.97 -50.02 38.44
C PRO T 215 -7.45 -50.93 39.57
N ILE T 216 -7.85 -50.37 40.73
CA ILE T 216 -8.35 -51.16 41.87
C ILE T 216 -9.58 -51.99 41.44
N SER T 217 -10.48 -51.40 40.63
CA SER T 217 -11.67 -52.09 40.13
C SER T 217 -11.33 -53.30 39.26
N HIS T 218 -10.22 -53.25 38.50
CA HIS T 218 -9.76 -54.36 37.67
C HIS T 218 -9.04 -55.48 38.48
N GLY T 219 -8.75 -55.24 39.76
CA GLY T 219 -8.12 -56.19 40.67
C GLY T 219 -6.66 -55.92 40.99
N ALA T 220 -6.18 -54.68 40.78
CA ALA T 220 -4.80 -54.33 41.12
C ALA T 220 -4.71 -54.20 42.63
N ALA T 221 -3.65 -54.77 43.23
CA ALA T 221 -3.47 -54.69 44.67
C ALA T 221 -2.97 -53.31 45.10
N LEU T 222 -2.00 -52.74 44.37
CA LEU T 222 -1.48 -51.40 44.68
C LEU T 222 -1.45 -50.53 43.41
N VAL T 223 -1.72 -49.21 43.60
CA VAL T 223 -1.77 -48.23 42.50
C VAL T 223 -0.84 -47.06 42.83
N LEU T 224 0.27 -46.93 42.09
CA LEU T 224 1.26 -45.87 42.29
C LEU T 224 0.93 -44.65 41.45
N HIS T 225 1.24 -43.45 41.98
CA HIS T 225 1.04 -42.18 41.31
C HIS T 225 2.22 -41.27 41.62
N SER T 226 2.82 -40.65 40.60
CA SER T 226 3.84 -39.62 40.84
C SER T 226 3.01 -38.36 41.06
N ALA T 227 2.66 -38.09 42.31
CA ALA T 227 1.81 -36.94 42.64
C ALA T 227 2.37 -35.61 42.13
N THR T 228 3.69 -35.54 41.88
CA THR T 228 4.38 -34.40 41.25
C THR T 228 3.64 -33.95 39.96
N GLN T 229 3.11 -34.94 39.21
CA GLN T 229 2.41 -34.73 37.94
C GLN T 229 0.92 -34.95 38.14
N TYR T 230 0.10 -34.02 37.62
CA TYR T 230 -1.37 -34.06 37.63
C TYR T 230 -2.02 -33.87 39.02
N LEU T 231 -1.65 -34.67 40.04
CA LEU T 231 -2.25 -34.55 41.37
C LEU T 231 -1.88 -33.20 42.00
N GLY T 232 -0.65 -32.73 41.79
CA GLY T 232 -0.23 -31.39 42.19
C GLY T 232 -0.75 -30.41 41.15
N GLY T 233 -0.44 -30.69 39.89
CA GLY T 233 -0.95 -29.94 38.75
C GLY T 233 -0.35 -28.59 38.44
N HIS T 234 0.47 -28.01 39.34
CA HIS T 234 1.06 -26.70 39.13
C HIS T 234 2.61 -26.70 39.11
N GLY T 235 3.23 -27.87 39.01
CA GLY T 235 4.68 -28.01 38.95
C GLY T 235 5.43 -27.39 40.10
N ASP T 236 4.89 -27.52 41.33
CA ASP T 236 5.50 -26.94 42.52
C ASP T 236 5.40 -27.81 43.77
N ALA T 237 5.13 -29.11 43.62
CA ALA T 237 5.03 -30.01 44.76
C ALA T 237 5.42 -31.42 44.35
N MET T 238 6.59 -31.88 44.83
CA MET T 238 7.04 -33.24 44.56
C MET T 238 6.22 -34.17 45.47
N GLY T 239 5.95 -35.37 44.99
CA GLY T 239 5.20 -36.34 45.77
C GLY T 239 5.04 -37.68 45.12
N GLY T 240 4.75 -38.68 45.94
CA GLY T 240 4.53 -40.06 45.52
C GLY T 240 3.53 -40.70 46.44
N ILE T 241 2.62 -41.52 45.91
CA ILE T 241 1.56 -42.11 46.72
C ILE T 241 1.08 -43.44 46.12
N ILE T 242 0.79 -44.43 46.99
CA ILE T 242 0.30 -45.73 46.57
C ILE T 242 -1.04 -46.00 47.26
N ALA T 243 -2.13 -46.10 46.47
CA ALA T 243 -3.46 -46.43 46.99
C ALA T 243 -3.52 -47.95 46.98
N THR T 244 -3.76 -48.59 48.15
CA THR T 244 -3.73 -50.06 48.26
C THR T 244 -4.57 -50.60 49.44
N ASN T 245 -4.68 -51.94 49.56
CA ASN T 245 -5.35 -52.61 50.68
C ASN T 245 -4.58 -52.37 52.01
N ALA T 246 -5.17 -52.76 53.16
CA ALA T 246 -4.54 -52.58 54.46
C ALA T 246 -3.23 -53.36 54.66
N ASP T 247 -3.10 -54.58 54.08
CA ASP T 247 -1.88 -55.38 54.24
C ASP T 247 -0.67 -54.68 53.62
N TRP T 248 -0.79 -54.20 52.37
CA TRP T 248 0.31 -53.53 51.70
C TRP T 248 0.54 -52.13 52.27
N ALA T 249 -0.50 -51.45 52.74
CA ALA T 249 -0.33 -50.13 53.37
C ALA T 249 0.49 -50.26 54.65
N MET T 250 0.26 -51.32 55.43
CA MET T 250 1.01 -51.59 56.65
C MET T 250 2.48 -51.85 56.32
N ARG T 251 2.76 -52.64 55.27
CA ARG T 251 4.12 -52.94 54.84
C ARG T 251 4.85 -51.68 54.35
N LEU T 252 4.15 -50.82 53.59
CA LEU T 252 4.71 -49.58 53.08
C LEU T 252 5.01 -48.60 54.22
N ARG T 253 4.11 -48.51 55.20
CA ARG T 253 4.31 -47.63 56.36
C ARG T 253 5.46 -48.15 57.25
N GLN T 254 5.64 -49.49 57.35
CA GLN T 254 6.76 -50.07 58.12
C GLN T 254 8.09 -49.62 57.51
N VAL T 255 8.18 -49.60 56.17
CA VAL T 255 9.37 -49.17 55.45
C VAL T 255 9.54 -47.66 55.61
N ARG T 256 8.44 -46.90 55.46
CA ARG T 256 8.45 -45.44 55.59
C ARG T 256 8.93 -44.95 56.96
N ALA T 257 8.50 -45.62 58.04
CA ALA T 257 8.88 -45.25 59.40
C ALA T 257 10.38 -45.45 59.69
N ILE T 258 11.06 -46.37 58.98
CA ILE T 258 12.49 -46.64 59.23
C ILE T 258 13.40 -46.01 58.14
N THR T 259 12.95 -45.91 56.88
CA THR T 259 13.76 -45.29 55.81
C THR T 259 13.49 -43.76 55.67
N GLY T 260 12.37 -43.27 56.19
CA GLY T 260 12.04 -41.85 56.25
C GLY T 260 12.04 -40.99 54.99
N ALA T 261 11.48 -41.48 53.87
CA ALA T 261 11.37 -40.66 52.65
C ALA T 261 10.01 -39.95 52.75
N LEU T 262 9.91 -39.02 53.71
CA LEU T 262 8.65 -38.35 54.04
C LEU T 262 8.25 -37.23 53.12
N LEU T 263 6.93 -37.05 52.98
CA LEU T 263 6.32 -35.96 52.24
C LEU T 263 6.20 -34.80 53.23
N HIS T 264 6.77 -33.64 52.89
CA HIS T 264 6.75 -32.47 53.78
C HIS T 264 5.30 -31.97 54.00
N PRO T 265 4.93 -31.47 55.21
CA PRO T 265 3.54 -30.98 55.40
C PRO T 265 3.01 -29.99 54.36
N MET T 266 3.87 -29.11 53.80
CA MET T 266 3.43 -28.17 52.76
C MET T 266 3.25 -28.89 51.42
N GLY T 267 4.10 -29.88 51.12
CA GLY T 267 3.95 -30.70 49.92
C GLY T 267 2.63 -31.43 49.92
N ALA T 268 2.25 -32.02 51.07
CA ALA T 268 0.98 -32.69 51.23
C ALA T 268 -0.19 -31.72 51.09
N TYR T 269 -0.05 -30.50 51.61
CA TYR T 269 -1.08 -29.48 51.52
C TYR T 269 -1.37 -29.10 50.07
N LEU T 270 -0.32 -28.88 49.25
CA LEU T 270 -0.49 -28.49 47.86
C LEU T 270 -0.96 -29.64 46.97
N LEU T 271 -0.60 -30.89 47.30
CA LEU T 271 -1.05 -32.05 46.52
C LEU T 271 -2.53 -32.33 46.82
N HIS T 272 -2.93 -32.19 48.10
CA HIS T 272 -4.32 -32.31 48.57
C HIS T 272 -5.18 -31.17 47.94
N ARG T 273 -4.63 -29.95 47.90
CA ARG T 273 -5.22 -28.75 47.30
C ARG T 273 -5.42 -28.97 45.78
N GLY T 274 -4.44 -29.59 45.14
CA GLY T 274 -4.48 -29.90 43.71
C GLY T 274 -5.56 -30.90 43.33
N LEU T 275 -5.89 -31.83 44.24
CA LEU T 275 -6.95 -32.80 43.98
C LEU T 275 -8.32 -32.13 43.81
N ARG T 276 -8.53 -30.94 44.42
CA ARG T 276 -9.82 -30.23 44.36
C ARG T 276 -10.16 -29.74 42.95
N THR T 277 -9.14 -29.48 42.11
CA THR T 277 -9.29 -29.04 40.73
C THR T 277 -8.85 -30.12 39.70
N LEU T 278 -8.61 -31.38 40.13
CA LEU T 278 -8.14 -32.42 39.23
C LEU T 278 -9.10 -32.79 38.11
N ALA T 279 -10.42 -32.87 38.37
CA ALA T 279 -11.39 -33.20 37.33
C ALA T 279 -11.49 -32.08 36.28
N VAL T 280 -11.55 -30.80 36.72
CA VAL T 280 -11.67 -29.69 35.77
C VAL T 280 -10.38 -29.49 34.97
N ARG T 281 -9.21 -29.76 35.56
CA ARG T 281 -7.94 -29.62 34.84
C ARG T 281 -7.76 -30.76 33.83
N MET T 282 -8.05 -32.00 34.24
CA MET T 282 -7.91 -33.16 33.36
C MET T 282 -8.88 -33.03 32.17
N ARG T 283 -10.16 -32.71 32.42
CA ARG T 283 -11.15 -32.58 31.35
C ARG T 283 -10.77 -31.48 30.34
N ALA T 284 -10.20 -30.36 30.81
CA ALA T 284 -9.80 -29.26 29.92
C ALA T 284 -8.58 -29.64 29.08
N ALA T 285 -7.54 -30.23 29.69
CA ALA T 285 -6.33 -30.61 28.97
C ALA T 285 -6.58 -31.78 28.02
N GLN T 286 -7.48 -32.70 28.37
CA GLN T 286 -7.84 -33.85 27.52
C GLN T 286 -8.52 -33.37 26.25
N THR T 287 -9.42 -32.39 26.36
CA THR T 287 -10.13 -31.82 25.21
C THR T 287 -9.12 -31.18 24.25
N THR T 288 -8.17 -30.40 24.79
CA THR T 288 -7.13 -29.74 24.01
C THR T 288 -6.23 -30.79 23.34
N ALA T 289 -5.87 -31.86 24.06
CA ALA T 289 -5.01 -32.91 23.52
C ALA T 289 -5.65 -33.72 22.41
N GLY T 290 -6.93 -34.06 22.53
CA GLY T 290 -7.64 -34.79 21.49
C GLY T 290 -7.66 -34.05 20.17
N GLU T 291 -7.78 -32.72 20.23
CA GLU T 291 -7.78 -31.86 19.05
C GLU T 291 -6.36 -31.69 18.51
N LEU T 292 -5.35 -31.52 19.39
CA LEU T 292 -3.96 -31.37 18.97
C LEU T 292 -3.44 -32.62 18.26
N ALA T 293 -3.72 -33.82 18.81
CA ALA T 293 -3.28 -35.08 18.21
C ALA T 293 -3.78 -35.24 16.76
N GLU T 294 -4.96 -34.72 16.45
CA GLU T 294 -5.52 -34.77 15.10
C GLU T 294 -4.78 -33.81 14.16
N ARG T 295 -4.49 -32.59 14.62
CA ARG T 295 -3.77 -31.59 13.82
C ARG T 295 -2.33 -32.02 13.58
N LEU T 296 -1.68 -32.59 14.60
CA LEU T 296 -0.30 -33.05 14.53
C LEU T 296 -0.16 -34.27 13.63
N ASP T 297 -1.18 -35.14 13.58
CA ASP T 297 -1.15 -36.31 12.68
C ASP T 297 -1.19 -35.86 11.22
N ALA T 298 -1.95 -34.79 10.93
CA ALA T 298 -2.05 -34.24 9.58
C ALA T 298 -0.77 -33.55 9.08
N HIS T 299 0.15 -33.17 9.99
CA HIS T 299 1.38 -32.48 9.57
C HIS T 299 2.33 -33.45 8.84
N PRO T 300 2.99 -33.02 7.73
CA PRO T 300 3.88 -33.95 7.04
C PRO T 300 5.17 -34.32 7.77
N ALA T 301 5.64 -33.43 8.65
CA ALA T 301 6.86 -33.66 9.41
C ALA T 301 6.72 -34.83 10.41
N ILE T 302 5.49 -35.11 10.87
CA ILE T 302 5.26 -36.20 11.82
C ILE T 302 4.70 -37.42 11.08
N SER T 303 5.35 -38.58 11.25
CA SER T 303 4.94 -39.82 10.62
C SER T 303 3.85 -40.54 11.43
N VAL T 304 4.08 -40.73 12.75
CA VAL T 304 3.16 -41.46 13.64
C VAL T 304 2.81 -40.58 14.84
N VAL T 305 1.52 -40.54 15.24
CA VAL T 305 1.09 -39.82 16.43
C VAL T 305 0.44 -40.85 17.34
N HIS T 306 0.97 -41.02 18.55
CA HIS T 306 0.46 -41.95 19.54
C HIS T 306 -0.48 -41.17 20.47
N TYR T 307 -1.77 -41.52 20.45
CA TYR T 307 -2.78 -40.93 21.34
C TYR T 307 -3.94 -41.92 21.47
N PRO T 308 -4.31 -42.40 22.68
CA PRO T 308 -5.39 -43.41 22.77
C PRO T 308 -6.72 -43.05 22.09
N GLY T 309 -7.13 -41.78 22.18
CA GLY T 309 -8.37 -41.31 21.56
C GLY T 309 -8.40 -41.33 20.05
N LEU T 310 -7.22 -41.35 19.40
CA LEU T 310 -7.14 -41.39 17.93
C LEU T 310 -7.60 -42.77 17.42
N LYS T 311 -8.26 -42.80 16.25
CA LYS T 311 -8.78 -44.07 15.70
C LYS T 311 -7.62 -44.99 15.33
N GLY T 312 -7.85 -46.29 15.51
CA GLY T 312 -6.84 -47.31 15.23
C GLY T 312 -5.91 -47.59 16.39
N GLN T 313 -5.70 -46.59 17.27
CA GLN T 313 -4.82 -46.74 18.44
C GLN T 313 -5.43 -47.62 19.55
N ASP T 314 -6.76 -47.89 19.51
CA ASP T 314 -7.44 -48.69 20.52
C ASP T 314 -8.05 -49.98 19.89
N PRO T 315 -7.25 -51.02 19.56
CA PRO T 315 -7.86 -52.24 18.99
C PRO T 315 -8.63 -53.11 19.99
N ARG T 316 -8.14 -53.21 21.25
CA ARG T 316 -8.76 -54.05 22.28
C ARG T 316 -10.02 -53.44 22.94
N GLY T 317 -10.40 -52.23 22.58
CA GLY T 317 -11.58 -51.58 23.15
C GLY T 317 -11.44 -51.23 24.60
N LEU T 318 -10.22 -50.81 25.01
CA LEU T 318 -9.95 -50.41 26.38
C LEU T 318 -10.52 -49.02 26.71
N LEU T 319 -10.79 -48.18 25.69
CA LEU T 319 -11.37 -46.86 25.89
C LEU T 319 -12.87 -47.10 26.14
N GLY T 320 -13.34 -46.74 27.33
CA GLY T 320 -14.73 -46.96 27.77
C GLY T 320 -14.77 -48.03 28.83
N ARG T 321 -14.17 -49.19 28.53
CA ARG T 321 -14.11 -50.34 29.43
C ARG T 321 -13.15 -50.09 30.60
N GLN T 322 -11.94 -49.59 30.32
CA GLN T 322 -10.88 -49.34 31.29
C GLN T 322 -10.59 -47.84 31.49
N MET T 323 -10.46 -47.09 30.39
CA MET T 323 -10.15 -45.66 30.41
C MET T 323 -11.34 -44.82 29.97
N SER T 324 -11.83 -43.90 30.82
CA SER T 324 -12.95 -43.04 30.45
C SER T 324 -12.49 -41.77 29.72
N GLY T 325 -11.43 -41.88 28.91
CA GLY T 325 -10.91 -40.74 28.16
C GLY T 325 -9.56 -41.02 27.52
N GLY T 326 -9.20 -40.18 26.55
CA GLY T 326 -7.95 -40.30 25.81
C GLY T 326 -6.70 -39.79 26.51
N GLY T 327 -6.87 -38.97 27.55
CA GLY T 327 -5.74 -38.42 28.30
C GLY T 327 -5.26 -37.09 27.77
N ALA T 328 -4.23 -36.53 28.42
CA ALA T 328 -3.64 -35.24 28.02
C ALA T 328 -2.14 -35.37 27.68
N MET T 329 -1.69 -36.56 27.26
CA MET T 329 -0.32 -36.81 26.87
C MET T 329 -0.33 -37.24 25.40
N ILE T 330 0.64 -36.75 24.60
CA ILE T 330 0.74 -37.13 23.19
C ILE T 330 2.21 -37.37 22.87
N ALA T 331 2.53 -38.55 22.34
CA ALA T 331 3.88 -38.86 21.88
C ALA T 331 3.85 -38.98 20.35
N MET T 332 4.95 -38.69 19.66
CA MET T 332 4.99 -38.76 18.20
C MET T 332 6.35 -39.13 17.64
N GLU T 333 6.36 -39.83 16.50
CA GLU T 333 7.57 -40.25 15.82
C GLU T 333 7.79 -39.28 14.65
N LEU T 334 8.96 -38.64 14.58
CA LEU T 334 9.27 -37.68 13.52
C LEU T 334 9.78 -38.42 12.28
N ALA T 335 9.43 -37.90 11.09
CA ALA T 335 9.86 -38.50 9.83
C ALA T 335 11.37 -38.38 9.61
N GLY T 336 11.94 -37.24 10.00
CA GLY T 336 13.37 -37.00 9.85
C GLY T 336 14.27 -37.60 10.93
N GLY T 337 13.72 -38.43 11.80
CA GLY T 337 14.49 -39.10 12.84
C GLY T 337 14.90 -38.19 13.99
N PHE T 338 16.12 -38.39 14.50
CA PHE T 338 16.64 -37.61 15.63
C PHE T 338 16.79 -36.11 15.31
N ASP T 339 17.32 -35.76 14.13
CA ASP T 339 17.53 -34.36 13.79
C ASP T 339 16.21 -33.56 13.75
N ALA T 340 15.14 -34.15 13.21
CA ALA T 340 13.83 -33.49 13.18
C ALA T 340 13.24 -33.38 14.59
N ALA T 341 13.40 -34.43 15.41
CA ALA T 341 12.94 -34.44 16.80
C ALA T 341 13.68 -33.38 17.62
N ARG T 342 15.00 -33.25 17.41
CA ARG T 342 15.84 -32.27 18.09
C ARG T 342 15.41 -30.84 17.70
N SER T 343 15.25 -30.60 16.37
CA SER T 343 14.83 -29.30 15.83
C SER T 343 13.43 -28.88 16.30
N PHE T 344 12.52 -29.85 16.51
CA PHE T 344 11.15 -29.59 16.95
C PHE T 344 11.10 -29.02 18.38
N VAL T 345 11.80 -29.65 19.33
CA VAL T 345 11.79 -29.18 20.72
C VAL T 345 12.59 -27.89 20.90
N GLU T 346 13.66 -27.71 20.11
CA GLU T 346 14.51 -26.52 20.22
C GLU T 346 13.87 -25.26 19.61
N HIS T 347 12.90 -25.41 18.68
CA HIS T 347 12.21 -24.27 18.08
C HIS T 347 10.85 -23.94 18.75
N CYS T 348 10.51 -24.62 19.86
CA CYS T 348 9.27 -24.32 20.59
C CYS T 348 9.54 -23.09 21.47
N ASN T 349 8.56 -22.15 21.55
CA ASN T 349 8.69 -20.94 22.35
C ASN T 349 7.66 -20.93 23.49
N LEU T 350 6.35 -21.02 23.17
CA LEU T 350 5.29 -21.07 24.16
C LEU T 350 5.35 -22.42 24.87
N VAL T 351 5.50 -23.52 24.10
CA VAL T 351 5.65 -24.85 24.65
C VAL T 351 7.10 -24.91 25.14
N VAL T 352 7.32 -25.29 26.40
CA VAL T 352 8.64 -25.27 27.01
C VAL T 352 9.34 -26.64 27.00
N HIS T 353 10.63 -26.66 26.61
CA HIS T 353 11.44 -27.88 26.59
C HIS T 353 11.86 -28.20 28.02
N ALA T 354 11.12 -29.13 28.66
CA ALA T 354 11.39 -29.54 30.04
C ALA T 354 10.76 -30.90 30.34
N VAL T 355 11.28 -31.60 31.37
CA VAL T 355 10.70 -32.88 31.83
C VAL T 355 9.47 -32.59 32.75
N SER T 356 8.78 -33.63 33.25
CA SER T 356 7.57 -33.56 34.09
C SER T 356 6.32 -33.38 33.22
N LEU T 357 5.15 -33.67 33.79
CA LEU T 357 3.89 -33.64 33.05
C LEU T 357 2.69 -33.28 33.96
N GLY T 358 1.49 -33.15 33.37
CA GLY T 358 0.28 -32.85 34.11
C GLY T 358 0.14 -31.46 34.69
N GLY T 359 1.04 -30.54 34.31
CA GLY T 359 1.02 -29.18 34.80
C GLY T 359 0.06 -28.28 34.05
N ALA T 360 -0.10 -27.04 34.54
CA ALA T 360 -0.96 -26.04 33.90
C ALA T 360 -0.43 -25.61 32.53
N ASP T 361 0.89 -25.73 32.28
CA ASP T 361 1.52 -25.37 31.02
C ASP T 361 1.94 -26.60 30.19
N THR T 362 2.07 -26.42 28.88
CA THR T 362 2.43 -27.46 27.94
C THR T 362 3.94 -27.59 27.88
N LEU T 363 4.45 -28.83 28.07
CA LEU T 363 5.87 -29.13 28.05
C LEU T 363 6.17 -30.17 26.97
N ILE T 364 7.43 -30.18 26.50
CA ILE T 364 7.88 -31.08 25.44
C ILE T 364 9.31 -31.57 25.77
N GLN T 365 9.67 -32.79 25.32
CA GLN T 365 11.00 -33.35 25.60
C GLN T 365 11.33 -34.55 24.69
N HIS T 366 12.65 -34.86 24.57
CA HIS T 366 13.12 -36.03 23.83
C HIS T 366 13.35 -37.13 24.88
N PRO T 367 12.48 -38.15 25.00
CA PRO T 367 12.66 -39.14 26.07
C PRO T 367 14.00 -39.88 26.12
N ALA T 368 14.52 -40.30 24.95
CA ALA T 368 15.80 -41.02 24.90
C ALA T 368 16.97 -40.19 25.49
N SER T 369 16.87 -38.84 25.42
CA SER T 369 17.91 -37.95 25.92
C SER T 369 17.68 -37.50 27.37
N LEU T 370 16.44 -37.53 27.89
CA LEU T 370 16.17 -37.06 29.25
C LEU T 370 15.48 -38.12 30.15
N THR T 371 14.13 -38.25 30.17
CA THR T 371 13.45 -39.17 31.09
C THR T 371 13.98 -40.60 31.04
N HIS T 372 14.12 -41.16 29.83
CA HIS T 372 14.60 -42.52 29.64
C HIS T 372 16.06 -42.59 29.24
N ARG T 373 16.88 -41.65 29.73
CA ARG T 373 18.33 -41.70 29.49
C ARG T 373 18.99 -42.84 30.31
N PRO T 374 18.62 -43.11 31.60
CA PRO T 374 19.26 -44.24 32.32
C PRO T 374 18.81 -45.64 31.88
N VAL T 375 17.90 -45.74 30.88
CA VAL T 375 17.37 -47.01 30.38
C VAL T 375 18.45 -47.68 29.49
N ALA T 376 18.49 -49.02 29.48
CA ALA T 376 19.43 -49.78 28.64
C ALA T 376 19.21 -49.45 27.17
N ALA T 377 20.28 -49.45 26.38
CA ALA T 377 20.22 -49.13 24.94
C ALA T 377 19.15 -49.91 24.18
N THR T 378 19.05 -51.23 24.44
CA THR T 378 18.08 -52.09 23.77
C THR T 378 16.63 -51.72 24.11
N ALA T 379 16.39 -51.26 25.36
CA ALA T 379 15.06 -50.89 25.84
C ALA T 379 14.74 -49.39 25.73
N LYS T 380 15.69 -48.56 25.26
CA LYS T 380 15.45 -47.11 25.18
C LYS T 380 14.38 -46.79 24.13
N PRO T 381 13.57 -45.69 24.27
CA PRO T 381 12.59 -45.37 23.21
C PRO T 381 13.25 -44.90 21.91
N GLY T 382 12.45 -44.81 20.85
CA GLY T 382 12.93 -44.38 19.54
C GLY T 382 13.60 -43.02 19.55
N ASP T 383 14.63 -42.86 18.71
CA ASP T 383 15.36 -41.59 18.62
C ASP T 383 14.53 -40.47 17.96
N GLY T 384 13.56 -40.84 17.13
CA GLY T 384 12.65 -39.88 16.51
C GLY T 384 11.42 -39.57 17.36
N LEU T 385 11.25 -40.23 18.52
CA LEU T 385 10.10 -40.05 19.39
C LEU T 385 10.23 -38.79 20.27
N ILE T 386 9.10 -38.07 20.44
CA ILE T 386 8.99 -36.85 21.23
C ILE T 386 7.74 -36.97 22.11
N ARG T 387 7.85 -36.68 23.41
CA ARG T 387 6.72 -36.72 24.33
C ARG T 387 6.26 -35.28 24.63
N LEU T 388 4.93 -35.07 24.72
CA LEU T 388 4.32 -33.76 24.97
C LEU T 388 3.25 -33.87 26.05
N SER T 389 3.29 -32.99 27.06
CA SER T 389 2.27 -32.92 28.12
C SER T 389 1.39 -31.73 27.80
N VAL T 390 0.10 -31.94 27.53
CA VAL T 390 -0.81 -30.85 27.18
C VAL T 390 -1.33 -30.16 28.45
N GLY T 391 -1.28 -28.82 28.47
CA GLY T 391 -1.71 -28.00 29.58
C GLY T 391 -3.09 -27.39 29.41
N LEU T 392 -3.33 -26.24 30.08
CA LEU T 392 -4.62 -25.55 30.05
C LEU T 392 -4.62 -24.31 29.15
N GLU T 393 -3.73 -24.25 28.15
CA GLU T 393 -3.70 -23.11 27.23
C GLU T 393 -4.68 -23.34 26.08
N HIS T 394 -4.99 -22.27 25.31
CA HIS T 394 -5.89 -22.37 24.19
C HIS T 394 -5.30 -23.27 23.11
N VAL T 395 -6.12 -24.15 22.53
CA VAL T 395 -5.71 -25.10 21.50
C VAL T 395 -5.04 -24.42 20.30
N ASP T 396 -5.57 -23.27 19.84
CA ASP T 396 -5.01 -22.56 18.68
C ASP T 396 -3.60 -22.06 18.95
N ASP T 397 -3.36 -21.47 20.13
CA ASP T 397 -2.02 -20.96 20.46
C ASP T 397 -0.98 -22.07 20.59
N LEU T 398 -1.38 -23.26 21.06
CA LEU T 398 -0.45 -24.38 21.18
C LEU T 398 -0.17 -24.99 19.81
N ALA T 399 -1.20 -25.13 18.96
CA ALA T 399 -1.03 -25.67 17.63
C ALA T 399 -0.16 -24.73 16.79
N ASP T 400 -0.39 -23.41 16.87
CA ASP T 400 0.40 -22.42 16.13
C ASP T 400 1.89 -22.53 16.47
N ASP T 401 2.22 -22.69 17.76
CA ASP T 401 3.60 -22.81 18.20
C ASP T 401 4.24 -24.13 17.79
N LEU T 402 3.51 -25.25 17.91
CA LEU T 402 4.04 -26.57 17.55
C LEU T 402 4.23 -26.70 16.03
N ILE T 403 3.33 -26.12 15.23
CA ILE T 403 3.45 -26.20 13.76
C ILE T 403 4.63 -25.32 13.31
N ALA T 404 4.80 -24.12 13.91
CA ALA T 404 5.95 -23.26 13.59
C ALA T 404 7.28 -23.94 13.91
N ALA T 405 7.33 -24.70 15.02
CA ALA T 405 8.54 -25.43 15.41
C ALA T 405 8.88 -26.55 14.42
N LEU T 406 7.86 -27.23 13.89
CA LEU T 406 8.05 -28.29 12.89
C LEU T 406 8.50 -27.68 11.56
N ASP T 407 7.89 -26.53 11.17
CA ASP T 407 8.24 -25.83 9.94
C ASP T 407 9.64 -25.18 9.98
N ALA T 408 10.25 -25.02 11.17
CA ALA T 408 11.59 -24.43 11.29
C ALA T 408 12.68 -25.34 10.71
N SER T 409 12.50 -26.66 10.75
CA SER T 409 13.48 -27.60 10.21
C SER T 409 13.51 -27.55 8.68
N SER U 23 81.39 -50.31 22.88
CA SER U 23 82.62 -49.57 23.13
C SER U 23 82.38 -48.05 23.32
N LEU U 24 81.24 -47.51 22.82
CA LEU U 24 80.94 -46.08 22.95
C LEU U 24 80.16 -45.77 24.22
N HIS U 25 80.29 -44.53 24.71
CA HIS U 25 79.59 -44.08 25.91
C HIS U 25 78.08 -43.86 25.63
N PRO U 26 77.17 -43.87 26.65
CA PRO U 26 75.75 -43.65 26.34
C PRO U 26 75.41 -42.27 25.76
N GLU U 27 76.23 -41.24 26.05
CA GLU U 27 76.01 -39.90 25.52
C GLU U 27 76.22 -39.88 23.99
N THR U 28 77.22 -40.64 23.51
CA THR U 28 77.51 -40.78 22.08
C THR U 28 76.41 -41.60 21.40
N LEU U 29 75.97 -42.70 22.05
CA LEU U 29 74.94 -43.60 21.50
C LEU U 29 73.55 -42.96 21.40
N MET U 30 73.27 -41.92 22.20
CA MET U 30 71.99 -41.21 22.10
C MET U 30 71.95 -40.37 20.82
N VAL U 31 73.09 -39.79 20.42
CA VAL U 31 73.19 -38.98 19.20
C VAL U 31 73.17 -39.87 17.94
N HIS U 32 74.03 -40.90 17.88
CA HIS U 32 74.19 -41.76 16.71
C HIS U 32 73.35 -43.07 16.70
N GLY U 33 72.55 -43.33 17.73
CA GLY U 33 71.73 -44.53 17.77
C GLY U 33 70.63 -44.50 16.73
N GLY U 34 70.44 -45.61 16.03
CA GLY U 34 69.43 -45.70 14.97
C GLY U 34 69.73 -44.89 13.73
N MET U 35 70.95 -44.36 13.59
CA MET U 35 71.39 -43.56 12.44
C MET U 35 72.35 -44.39 11.55
N LYS U 36 72.14 -45.71 11.48
CA LYS U 36 73.02 -46.60 10.74
C LYS U 36 72.74 -46.55 9.25
N GLY U 37 73.78 -46.37 8.45
CA GLY U 37 73.66 -46.31 7.00
C GLY U 37 73.26 -44.97 6.40
N LEU U 38 72.88 -43.98 7.23
CA LEU U 38 72.48 -42.67 6.72
C LEU U 38 73.69 -41.92 6.18
N THR U 39 74.79 -41.88 6.95
CA THR U 39 76.01 -41.19 6.50
C THR U 39 76.57 -41.84 5.23
N GLU U 40 76.47 -43.18 5.14
CA GLU U 40 76.94 -43.95 4.00
C GLU U 40 76.06 -43.68 2.74
N ALA U 41 74.76 -43.32 2.93
CA ALA U 41 73.83 -42.99 1.84
C ALA U 41 73.84 -41.48 1.46
N GLY U 42 74.67 -40.65 2.11
CA GLY U 42 74.74 -39.22 1.83
C GLY U 42 73.58 -38.42 2.39
N VAL U 43 73.09 -38.81 3.60
CA VAL U 43 71.91 -38.24 4.28
C VAL U 43 72.28 -37.91 5.77
N HIS U 44 71.72 -36.83 6.37
CA HIS U 44 72.03 -36.45 7.76
C HIS U 44 71.06 -37.05 8.81
N VAL U 45 69.74 -36.90 8.58
CA VAL U 45 68.69 -37.36 9.50
C VAL U 45 67.81 -38.44 8.81
N PRO U 46 67.12 -39.36 9.54
CA PRO U 46 66.30 -40.36 8.83
C PRO U 46 65.10 -39.73 8.14
N ALA U 47 64.77 -40.22 6.95
CA ALA U 47 63.65 -39.68 6.19
C ALA U 47 62.32 -40.10 6.79
N ILE U 48 61.25 -39.31 6.52
CA ILE U 48 59.91 -39.59 7.00
C ILE U 48 59.14 -40.17 5.81
N ASP U 49 59.02 -41.51 5.76
CA ASP U 49 58.30 -42.18 4.68
C ASP U 49 56.86 -42.38 5.13
N LEU U 50 55.93 -41.63 4.54
CA LEU U 50 54.51 -41.73 4.90
C LEU U 50 53.78 -42.89 4.21
N SER U 51 54.44 -43.61 3.28
CA SER U 51 53.86 -44.73 2.54
C SER U 51 53.07 -45.71 3.40
N THR U 52 51.79 -45.89 3.08
CA THR U 52 50.94 -46.85 3.80
C THR U 52 51.25 -48.25 3.28
N THR U 53 51.42 -48.39 1.95
CA THR U 53 51.75 -49.65 1.30
C THR U 53 53.20 -49.63 0.81
N ASN U 54 53.77 -50.81 0.58
CA ASN U 54 55.14 -50.99 0.11
C ASN U 54 55.12 -52.06 -0.99
N PRO U 55 55.34 -51.71 -2.29
CA PRO U 55 55.27 -52.75 -3.34
C PRO U 55 56.18 -53.95 -3.18
N VAL U 56 55.76 -55.09 -3.76
CA VAL U 56 56.47 -56.36 -3.69
C VAL U 56 57.03 -56.75 -5.06
N ASN U 57 58.17 -57.45 -5.09
CA ASN U 57 58.82 -57.85 -6.34
C ASN U 57 58.02 -58.93 -7.05
N ASP U 58 57.53 -59.93 -6.30
CA ASP U 58 56.71 -61.01 -6.85
C ASP U 58 55.76 -61.59 -5.77
N VAL U 59 54.90 -62.54 -6.15
CA VAL U 59 53.91 -63.15 -5.25
C VAL U 59 54.62 -63.96 -4.15
N ALA U 60 55.66 -64.73 -4.53
CA ALA U 60 56.38 -65.57 -3.59
C ALA U 60 57.13 -64.76 -2.51
N THR U 61 57.96 -63.77 -2.91
CA THR U 61 58.72 -62.98 -1.92
C THR U 61 57.81 -62.07 -1.11
N GLY U 62 56.80 -61.50 -1.76
CA GLY U 62 55.84 -60.64 -1.07
C GLY U 62 55.04 -61.39 -0.02
N GLY U 63 54.56 -62.58 -0.39
CA GLY U 63 53.80 -63.43 0.52
C GLY U 63 54.64 -63.93 1.68
N ASP U 64 55.90 -64.33 1.43
CA ASP U 64 56.79 -64.78 2.49
C ASP U 64 57.15 -63.62 3.42
N SER U 65 57.35 -62.40 2.89
CA SER U 65 57.63 -61.22 3.72
C SER U 65 56.41 -60.89 4.58
N TYR U 66 55.19 -61.01 4.01
CA TYR U 66 53.94 -60.78 4.75
C TYR U 66 53.87 -61.74 5.95
N GLU U 67 54.07 -63.05 5.70
CA GLU U 67 54.01 -64.05 6.76
C GLU U 67 55.08 -63.83 7.83
N TRP U 68 56.33 -63.55 7.42
CA TRP U 68 57.44 -63.30 8.35
C TRP U 68 57.11 -62.13 9.29
N LEU U 69 56.57 -61.03 8.76
CA LEU U 69 56.23 -59.86 9.57
C LEU U 69 54.97 -60.04 10.41
N ALA U 70 53.90 -60.63 9.83
CA ALA U 70 52.65 -60.87 10.55
C ALA U 70 52.87 -61.81 11.75
N THR U 71 53.81 -62.76 11.64
CA THR U 71 54.16 -63.67 12.72
C THR U 71 55.24 -63.07 13.66
N GLY U 72 55.27 -61.73 13.77
CA GLY U 72 56.12 -60.99 14.68
C GLY U 72 57.61 -60.88 14.41
N HIS U 73 58.09 -61.22 13.20
CA HIS U 73 59.54 -61.15 12.93
C HIS U 73 60.00 -59.78 12.39
N THR U 74 61.30 -59.51 12.57
CA THR U 74 61.97 -58.29 12.10
C THR U 74 62.11 -58.35 10.58
N LEU U 75 61.97 -57.19 9.90
CA LEU U 75 62.10 -57.14 8.44
C LEU U 75 63.52 -57.53 8.03
N LYS U 76 63.62 -58.43 7.06
CA LYS U 76 64.92 -58.87 6.55
C LYS U 76 65.53 -57.76 5.69
N ASP U 77 66.85 -57.67 5.64
CA ASP U 77 67.52 -56.65 4.84
C ASP U 77 67.32 -57.01 3.36
N GLY U 78 66.80 -56.06 2.59
CA GLY U 78 66.51 -56.28 1.18
C GLY U 78 65.21 -57.03 0.98
N ASP U 79 64.17 -56.63 1.75
CA ASP U 79 62.83 -57.23 1.70
C ASP U 79 61.80 -56.10 1.80
N SER U 80 60.65 -56.27 1.15
CA SER U 80 59.59 -55.27 1.17
C SER U 80 58.88 -55.26 2.51
N ALA U 81 58.57 -54.05 3.02
CA ALA U 81 57.80 -53.90 4.26
C ALA U 81 56.33 -54.35 4.08
N VAL U 82 55.84 -54.48 2.80
CA VAL U 82 54.50 -54.90 2.37
C VAL U 82 53.39 -53.89 2.75
N TYR U 83 53.25 -53.58 4.05
CA TYR U 83 52.24 -52.67 4.57
C TYR U 83 52.74 -52.05 5.88
N GLN U 84 52.27 -50.84 6.20
CA GLN U 84 52.71 -50.11 7.40
C GLN U 84 52.33 -50.82 8.70
N ARG U 85 51.19 -51.52 8.74
CA ARG U 85 50.78 -52.25 9.94
C ARG U 85 51.70 -53.46 10.23
N LEU U 86 52.47 -53.92 9.21
CA LEU U 86 53.43 -55.01 9.35
C LEU U 86 54.82 -54.44 9.68
N TRP U 87 55.26 -53.37 8.97
CA TRP U 87 56.57 -52.74 9.23
C TRP U 87 56.65 -51.30 8.72
N GLN U 88 57.31 -50.42 9.51
CA GLN U 88 57.55 -49.02 9.14
C GLN U 88 59.05 -48.74 9.39
N PRO U 89 59.84 -48.22 8.41
CA PRO U 89 61.28 -48.04 8.64
C PRO U 89 61.70 -46.98 9.64
N GLY U 90 60.95 -45.88 9.73
CA GLY U 90 61.24 -44.81 10.67
C GLY U 90 60.99 -45.24 12.10
N VAL U 91 59.93 -46.04 12.31
CA VAL U 91 59.59 -46.59 13.62
C VAL U 91 60.70 -47.57 14.01
N ALA U 92 61.12 -48.45 13.07
CA ALA U 92 62.20 -49.41 13.26
C ALA U 92 63.52 -48.75 13.69
N ARG U 93 63.85 -47.57 13.15
CA ARG U 93 65.08 -46.85 13.55
C ARG U 93 64.98 -46.38 14.99
N PHE U 94 63.81 -45.85 15.40
CA PHE U 94 63.57 -45.44 16.78
C PHE U 94 63.65 -46.65 17.72
N GLU U 95 63.10 -47.79 17.28
CA GLU U 95 63.11 -49.04 18.05
C GLU U 95 64.55 -49.50 18.32
N THR U 96 65.42 -49.56 17.28
CA THR U 96 66.81 -49.97 17.47
C THR U 96 67.61 -48.95 18.29
N ALA U 97 67.26 -47.65 18.20
CA ALA U 97 67.94 -46.62 18.97
C ALA U 97 67.72 -46.82 20.48
N LEU U 98 66.46 -47.02 20.92
CA LEU U 98 66.17 -47.22 22.34
C LEU U 98 66.64 -48.57 22.84
N ALA U 99 66.51 -49.64 22.03
CA ALA U 99 66.97 -50.97 22.43
C ALA U 99 68.47 -50.96 22.78
N GLY U 100 69.26 -50.19 22.02
CA GLY U 100 70.68 -50.03 22.30
C GLY U 100 70.97 -49.27 23.58
N LEU U 101 70.11 -48.31 23.94
CA LEU U 101 70.27 -47.52 25.15
C LEU U 101 69.91 -48.34 26.39
N GLU U 102 68.82 -49.14 26.31
CA GLU U 102 68.41 -50.03 27.40
C GLU U 102 69.23 -51.36 27.44
N HIS U 103 70.03 -51.64 26.38
CA HIS U 103 70.83 -52.85 26.23
C HIS U 103 69.95 -54.10 26.11
N ALA U 104 68.82 -53.95 25.38
CA ALA U 104 67.86 -55.01 25.07
C ALA U 104 68.13 -55.54 23.65
N GLU U 105 67.64 -56.75 23.32
CA GLU U 105 67.86 -57.33 22.01
C GLU U 105 67.10 -56.55 20.94
N GLU U 106 65.79 -56.30 21.19
CA GLU U 106 64.89 -55.61 20.26
C GLU U 106 63.95 -54.65 21.04
N ALA U 107 63.14 -53.86 20.31
CA ALA U 107 62.14 -52.96 20.90
C ALA U 107 60.95 -52.83 19.96
N VAL U 108 59.73 -52.65 20.52
CA VAL U 108 58.50 -52.53 19.74
C VAL U 108 57.80 -51.24 20.15
N ALA U 109 57.52 -50.36 19.17
CA ALA U 109 56.90 -49.06 19.41
C ALA U 109 55.43 -49.01 18.97
N PHE U 110 54.62 -48.25 19.73
CA PHE U 110 53.19 -48.09 19.56
C PHE U 110 52.78 -46.60 19.65
N ALA U 111 51.50 -46.29 19.35
CA ALA U 111 50.97 -44.93 19.37
C ALA U 111 51.14 -44.19 20.70
N THR U 112 50.91 -44.89 21.83
CA THR U 112 51.00 -44.34 23.19
C THR U 112 51.60 -45.39 24.17
N GLY U 113 51.98 -44.94 25.38
CA GLY U 113 52.45 -45.83 26.42
C GLY U 113 51.38 -46.83 26.83
N MET U 114 50.10 -46.42 26.78
CA MET U 114 48.98 -47.30 27.10
C MET U 114 48.79 -48.37 26.03
N ALA U 115 49.07 -48.05 24.75
CA ALA U 115 49.00 -49.03 23.67
C ALA U 115 50.06 -50.11 23.83
N ALA U 116 51.26 -49.72 24.32
CA ALA U 116 52.33 -50.67 24.59
C ALA U 116 51.93 -51.58 25.75
N MET U 117 51.37 -51.01 26.84
CA MET U 117 50.87 -51.78 27.99
C MET U 117 49.80 -52.77 27.53
N THR U 118 48.84 -52.29 26.70
CA THR U 118 47.76 -53.08 26.14
C THR U 118 48.30 -54.28 25.35
N ALA U 119 49.31 -54.05 24.50
CA ALA U 119 49.91 -55.12 23.72
C ALA U 119 50.60 -56.15 24.59
N ALA U 120 51.32 -55.71 25.64
CA ALA U 120 52.01 -56.63 26.55
C ALA U 120 51.03 -57.48 27.34
N LEU U 121 49.87 -56.90 27.72
CA LEU U 121 48.85 -57.64 28.46
C LEU U 121 48.16 -58.62 27.51
N LEU U 122 47.82 -58.19 26.29
CA LEU U 122 47.20 -59.09 25.31
C LEU U 122 48.14 -60.23 24.92
N ALA U 123 49.46 -59.98 24.85
CA ALA U 123 50.44 -61.03 24.56
C ALA U 123 50.45 -62.10 25.65
N ALA U 124 50.34 -61.67 26.92
CA ALA U 124 50.29 -62.59 28.05
C ALA U 124 48.98 -63.38 28.07
N VAL U 125 47.84 -62.73 27.77
CA VAL U 125 46.53 -63.38 27.74
C VAL U 125 46.53 -64.42 26.62
N SER U 126 47.02 -64.04 25.43
CA SER U 126 47.09 -64.92 24.26
C SER U 126 47.95 -66.15 24.54
N ALA U 127 49.05 -66.00 25.31
CA ALA U 127 49.91 -67.12 25.68
C ALA U 127 49.29 -68.12 26.68
N GLY U 128 48.16 -67.76 27.29
CA GLY U 128 47.47 -68.59 28.28
C GLY U 128 47.87 -68.27 29.70
N THR U 129 48.38 -67.04 29.94
CA THR U 129 48.80 -66.56 31.26
C THR U 129 48.13 -65.20 31.51
N PRO U 130 46.80 -65.13 31.75
CA PRO U 130 46.15 -63.83 31.96
C PRO U 130 46.39 -63.12 33.30
N HIS U 131 46.91 -63.82 34.34
CA HIS U 131 47.12 -63.19 35.65
C HIS U 131 48.38 -62.32 35.70
N ILE U 132 48.27 -61.11 36.30
CA ILE U 132 49.37 -60.14 36.42
C ILE U 132 49.55 -59.75 37.91
N VAL U 133 50.77 -59.94 38.44
CA VAL U 133 51.14 -59.58 39.82
C VAL U 133 51.75 -58.18 39.72
N ALA U 134 51.00 -57.15 40.12
CA ALA U 134 51.45 -55.76 40.02
C ALA U 134 51.69 -55.10 41.38
N VAL U 135 52.71 -54.22 41.46
CA VAL U 135 53.07 -53.50 42.68
C VAL U 135 52.72 -52.02 42.53
N ARG U 136 51.85 -51.52 43.43
CA ARG U 136 51.44 -50.11 43.43
C ARG U 136 52.47 -49.26 44.21
N PRO U 137 52.60 -47.93 43.95
CA PRO U 137 51.87 -47.10 42.97
C PRO U 137 52.30 -47.29 41.51
N LEU U 138 51.34 -47.13 40.60
CA LEU U 138 51.54 -47.18 39.15
C LEU U 138 50.77 -45.98 38.55
N TYR U 139 51.02 -45.67 37.27
CA TYR U 139 50.28 -44.60 36.59
C TYR U 139 48.77 -44.96 36.56
N GLY U 140 47.91 -43.98 36.82
CA GLY U 140 46.46 -44.13 36.87
C GLY U 140 45.84 -45.02 35.81
N GLY U 141 46.27 -44.85 34.57
CA GLY U 141 45.80 -45.64 33.44
C GLY U 141 46.27 -47.08 33.51
N SER U 142 47.57 -47.31 33.80
CA SER U 142 48.13 -48.65 33.97
C SER U 142 47.40 -49.38 35.11
N ASP U 143 47.12 -48.66 36.21
CA ASP U 143 46.40 -49.17 37.38
C ASP U 143 44.94 -49.53 37.03
N HIS U 144 44.24 -48.61 36.36
CA HIS U 144 42.85 -48.80 35.97
C HIS U 144 42.66 -49.91 34.93
N LEU U 145 43.56 -50.02 33.95
CA LEU U 145 43.49 -51.05 32.91
C LEU U 145 43.62 -52.46 33.53
N LEU U 146 44.42 -52.59 34.60
CA LEU U 146 44.58 -53.87 35.31
C LEU U 146 43.37 -54.15 36.19
N GLU U 147 42.89 -53.13 36.94
CA GLU U 147 41.72 -53.25 37.82
C GLU U 147 40.45 -53.68 37.05
N THR U 148 40.17 -53.03 35.91
CA THR U 148 38.98 -53.34 35.11
C THR U 148 39.07 -54.70 34.44
N GLY U 149 40.26 -55.12 34.05
CA GLY U 149 40.47 -56.40 33.37
C GLY U 149 39.83 -56.39 31.99
N LEU U 150 39.90 -55.24 31.29
CA LEU U 150 39.31 -55.04 29.97
C LEU U 150 39.84 -56.05 28.95
N LEU U 151 41.13 -56.35 29.01
CA LEU U 151 41.80 -57.23 28.05
C LEU U 151 41.82 -58.71 28.49
N GLY U 152 40.91 -59.12 29.37
CA GLY U 152 40.84 -60.48 29.85
C GLY U 152 41.90 -60.85 30.88
N THR U 153 42.37 -59.86 31.67
CA THR U 153 43.40 -60.07 32.68
C THR U 153 42.82 -60.08 34.09
N THR U 154 43.35 -60.97 34.95
CA THR U 154 43.01 -61.01 36.37
C THR U 154 44.14 -60.23 37.08
N VAL U 155 43.92 -59.79 38.34
CA VAL U 155 44.93 -58.96 39.03
C VAL U 155 45.06 -59.26 40.53
N THR U 156 46.30 -59.32 41.01
CA THR U 156 46.63 -59.52 42.42
C THR U 156 47.62 -58.41 42.77
N TRP U 157 47.13 -57.37 43.46
CA TRP U 157 47.93 -56.24 43.90
C TRP U 157 48.77 -56.70 45.09
N ALA U 158 50.10 -56.69 44.93
CA ALA U 158 51.02 -57.16 45.97
C ALA U 158 52.08 -56.13 46.31
N LYS U 159 52.56 -56.19 47.57
CA LYS U 159 53.65 -55.33 48.00
C LYS U 159 54.97 -55.92 47.48
N GLU U 160 56.03 -55.10 47.44
CA GLU U 160 57.34 -55.52 46.94
C GLU U 160 57.86 -56.82 47.58
N ALA U 161 57.73 -56.96 48.90
CA ALA U 161 58.19 -58.15 49.61
C ALA U 161 57.31 -59.38 49.36
N ASP U 162 56.01 -59.20 49.10
CA ASP U 162 55.06 -60.30 48.90
C ASP U 162 54.82 -60.66 47.42
N ILE U 163 55.83 -60.50 46.55
CA ILE U 163 55.67 -60.84 45.12
C ILE U 163 55.63 -62.36 44.93
N ALA U 164 56.63 -63.07 45.47
CA ALA U 164 56.74 -64.53 45.34
C ALA U 164 55.45 -65.27 45.74
N SER U 165 54.82 -64.86 46.85
CA SER U 165 53.58 -65.48 47.35
C SER U 165 52.38 -65.19 46.43
N ALA U 166 52.31 -63.97 45.88
CA ALA U 166 51.21 -63.57 45.00
C ALA U 166 51.20 -64.27 43.64
N ILE U 167 52.33 -64.87 43.23
CA ILE U 167 52.44 -65.53 41.93
C ILE U 167 51.66 -66.86 41.90
N GLN U 168 50.87 -67.05 40.85
CA GLN U 168 50.05 -68.22 40.57
C GLN U 168 50.61 -68.94 39.31
N ASP U 169 50.14 -70.17 39.05
CA ASP U 169 50.53 -70.89 37.83
C ASP U 169 50.04 -70.13 36.57
N ASP U 170 48.98 -69.31 36.71
CA ASP U 170 48.37 -68.51 35.64
C ASP U 170 49.09 -67.16 35.42
N THR U 171 50.15 -66.82 36.20
CA THR U 171 50.82 -65.53 36.04
C THR U 171 51.70 -65.45 34.79
N GLY U 172 51.50 -64.40 34.01
CA GLY U 172 52.26 -64.12 32.80
C GLY U 172 53.27 -63.01 32.97
N LEU U 173 53.04 -62.05 33.89
CA LEU U 173 53.95 -60.92 34.09
C LEU U 173 53.92 -60.34 35.51
N VAL U 174 55.02 -59.68 35.91
CA VAL U 174 55.17 -58.96 37.17
C VAL U 174 55.40 -57.50 36.79
N ILE U 175 54.39 -56.63 36.96
CA ILE U 175 54.51 -55.22 36.57
C ILE U 175 54.92 -54.34 37.75
N VAL U 176 56.07 -53.67 37.61
CA VAL U 176 56.61 -52.76 38.63
C VAL U 176 57.02 -51.42 37.98
N GLU U 177 57.17 -50.37 38.80
CA GLU U 177 57.55 -49.04 38.34
C GLU U 177 58.36 -48.35 39.44
N THR U 178 59.55 -47.82 39.10
CA THR U 178 60.41 -47.15 40.07
C THR U 178 61.25 -46.03 39.40
N PRO U 179 61.19 -44.75 39.87
CA PRO U 179 60.31 -44.19 40.92
C PRO U 179 58.84 -44.26 40.49
N ALA U 180 57.95 -44.62 41.41
CA ALA U 180 56.53 -44.76 41.12
C ALA U 180 55.85 -43.44 40.79
N ASN U 181 54.78 -43.50 39.98
CA ASN U 181 54.00 -42.31 39.63
C ASN U 181 52.80 -42.29 40.59
N PRO U 182 52.56 -41.26 41.44
CA PRO U 182 53.26 -39.96 41.59
C PRO U 182 54.27 -39.80 42.73
N SER U 183 54.16 -40.59 43.81
CA SER U 183 54.96 -40.45 45.04
C SER U 183 56.43 -40.91 44.99
N LEU U 184 57.01 -41.15 43.80
CA LEU U 184 58.43 -41.52 43.65
C LEU U 184 58.86 -42.73 44.55
N ASP U 185 57.96 -43.72 44.82
CA ASP U 185 58.32 -44.88 45.65
C ASP U 185 59.33 -45.73 44.88
N LEU U 186 60.42 -46.11 45.54
CA LEU U 186 61.48 -46.89 44.89
C LEU U 186 61.30 -48.38 45.14
N VAL U 187 61.73 -49.20 44.17
CA VAL U 187 61.61 -50.65 44.21
C VAL U 187 62.97 -51.27 43.86
N ASP U 188 63.46 -52.23 44.66
CA ASP U 188 64.73 -52.91 44.38
C ASP U 188 64.47 -53.93 43.28
N LEU U 189 64.97 -53.65 42.07
CA LEU U 189 64.75 -54.52 40.91
C LEU U 189 65.45 -55.86 41.03
N ASP U 190 66.61 -55.93 41.71
CA ASP U 190 67.31 -57.20 41.90
C ASP U 190 66.44 -58.15 42.76
N SER U 191 65.80 -57.62 43.81
CA SER U 191 64.93 -58.40 44.69
C SER U 191 63.65 -58.83 43.99
N VAL U 192 63.06 -57.97 43.15
CA VAL U 192 61.83 -58.28 42.43
C VAL U 192 62.09 -59.42 41.44
N VAL U 193 63.19 -59.35 40.68
CA VAL U 193 63.55 -60.39 39.71
C VAL U 193 63.77 -61.73 40.45
N SER U 194 64.47 -61.69 41.59
CA SER U 194 64.70 -62.88 42.40
C SER U 194 63.37 -63.49 42.88
N ALA U 195 62.43 -62.67 43.35
CA ALA U 195 61.12 -63.13 43.82
C ALA U 195 60.22 -63.66 42.68
N ALA U 196 60.33 -63.09 41.47
CA ALA U 196 59.53 -63.52 40.34
C ALA U 196 59.94 -64.89 39.82
N GLY U 197 61.24 -65.15 39.75
CA GLY U 197 61.76 -66.43 39.30
C GLY U 197 61.54 -66.65 37.81
N ASN U 198 60.72 -67.64 37.47
CA ASN U 198 60.42 -67.97 36.07
C ASN U 198 59.48 -66.96 35.40
N VAL U 199 58.77 -66.13 36.17
CA VAL U 199 57.82 -65.18 35.60
C VAL U 199 58.58 -63.96 35.06
N PRO U 200 58.34 -63.49 33.81
CA PRO U 200 59.05 -62.30 33.32
C PRO U 200 58.61 -61.04 34.04
N VAL U 201 59.54 -60.08 34.23
CA VAL U 201 59.27 -58.82 34.93
C VAL U 201 59.23 -57.67 33.95
N LEU U 202 58.15 -56.88 34.00
CA LEU U 202 57.99 -55.68 33.18
C LEU U 202 58.21 -54.47 34.09
N VAL U 203 59.23 -53.66 33.79
CA VAL U 203 59.58 -52.48 34.56
C VAL U 203 59.25 -51.25 33.73
N ASP U 204 58.43 -50.34 34.27
CA ASP U 204 58.08 -49.11 33.58
C ASP U 204 59.14 -48.06 33.96
N ASN U 205 60.12 -47.87 33.07
CA ASN U 205 61.26 -46.96 33.26
C ASN U 205 61.04 -45.58 32.61
N THR U 206 59.81 -45.05 32.65
CA THR U 206 59.51 -43.75 32.06
C THR U 206 60.23 -42.62 32.82
N PHE U 207 60.10 -42.61 34.16
CA PHE U 207 60.67 -41.57 35.01
C PHE U 207 62.22 -41.57 35.00
N CYS U 208 62.85 -42.74 35.19
CA CYS U 208 64.32 -42.87 35.22
C CYS U 208 64.98 -42.66 33.87
N THR U 209 64.35 -43.13 32.76
CA THR U 209 64.91 -43.09 31.38
C THR U 209 66.18 -43.96 31.27
N PRO U 210 66.63 -44.41 30.07
CA PRO U 210 67.88 -45.19 30.02
C PRO U 210 69.13 -44.44 30.49
N VAL U 211 69.03 -43.12 30.75
CA VAL U 211 70.14 -42.30 31.20
C VAL U 211 70.51 -42.68 32.65
N LEU U 212 69.50 -42.85 33.53
CA LEU U 212 69.75 -43.15 34.94
C LEU U 212 69.70 -44.67 35.26
N GLN U 213 68.58 -45.34 34.92
CA GLN U 213 68.36 -46.74 35.25
C GLN U 213 68.33 -47.63 34.01
N GLN U 214 68.81 -48.88 34.16
CA GLN U 214 68.87 -49.89 33.11
C GLN U 214 68.25 -51.18 33.68
N PRO U 215 66.90 -51.33 33.69
CA PRO U 215 66.29 -52.54 34.27
C PRO U 215 66.72 -53.87 33.63
N ILE U 216 67.12 -53.87 32.35
CA ILE U 216 67.55 -55.08 31.64
C ILE U 216 68.76 -55.71 32.37
N SER U 217 69.70 -54.88 32.85
CA SER U 217 70.88 -55.34 33.59
C SER U 217 70.51 -56.06 34.90
N HIS U 218 69.41 -55.64 35.55
CA HIS U 218 68.93 -56.29 36.78
C HIS U 218 68.16 -57.61 36.52
N GLY U 219 67.84 -57.90 35.25
CA GLY U 219 67.15 -59.12 34.85
C GLY U 219 65.70 -58.95 34.44
N ALA U 220 65.28 -57.71 34.11
CA ALA U 220 63.90 -57.48 33.66
C ALA U 220 63.77 -57.99 32.24
N ALA U 221 62.68 -58.70 31.94
CA ALA U 221 62.47 -59.24 30.59
C ALA U 221 62.03 -58.15 29.63
N LEU U 222 61.10 -57.27 30.06
CA LEU U 222 60.61 -56.17 29.22
C LEU U 222 60.65 -54.84 29.99
N VAL U 223 60.96 -53.74 29.28
CA VAL U 223 61.08 -52.39 29.85
C VAL U 223 60.20 -51.43 29.07
N LEU U 224 59.10 -50.96 29.70
CA LEU U 224 58.16 -50.03 29.08
C LEU U 224 58.56 -48.58 29.32
N HIS U 225 58.29 -47.72 28.33
CA HIS U 225 58.56 -46.29 28.41
C HIS U 225 57.42 -45.55 27.75
N SER U 226 56.85 -44.55 28.42
CA SER U 226 55.87 -43.69 27.79
C SER U 226 56.77 -42.68 27.08
N ALA U 227 57.06 -42.93 25.80
CA ALA U 227 57.94 -42.06 25.02
C ALA U 227 57.46 -40.61 24.94
N THR U 228 56.14 -40.39 25.14
CA THR U 228 55.50 -39.06 25.23
C THR U 228 56.29 -38.15 26.21
N GLN U 229 56.80 -38.75 27.29
CA GLN U 229 57.54 -38.05 28.34
C GLN U 229 59.02 -38.40 28.27
N TYR U 230 59.89 -37.37 28.32
CA TYR U 230 61.34 -37.47 28.32
C TYR U 230 61.96 -37.91 26.98
N LEU U 231 61.54 -39.05 26.40
CA LEU U 231 62.12 -39.52 25.13
C LEU U 231 61.81 -38.50 24.03
N GLY U 232 60.58 -37.98 24.00
CA GLY U 232 60.20 -36.91 23.08
C GLY U 232 60.77 -35.62 23.60
N GLY U 233 60.48 -35.32 24.86
CA GLY U 233 61.05 -34.20 25.59
C GLY U 233 60.51 -32.81 25.29
N HIS U 234 59.69 -32.64 24.24
CA HIS U 234 59.15 -31.32 23.89
C HIS U 234 57.61 -31.25 23.92
N GLY U 235 56.96 -32.25 24.50
CA GLY U 235 55.50 -32.29 24.62
C GLY U 235 54.74 -32.18 23.32
N ASP U 236 55.25 -32.84 22.27
CA ASP U 236 54.63 -32.78 20.95
C ASP U 236 54.67 -34.09 20.17
N ALA U 237 54.91 -35.22 20.85
CA ALA U 237 54.95 -36.52 20.21
C ALA U 237 54.51 -37.61 21.17
N MET U 238 53.31 -38.17 20.94
CA MET U 238 52.81 -39.27 21.75
C MET U 238 53.58 -40.53 21.32
N GLY U 239 53.81 -41.44 22.26
CA GLY U 239 54.50 -42.67 21.94
C GLY U 239 54.63 -43.62 23.11
N GLY U 240 54.86 -44.88 22.77
CA GLY U 240 55.03 -45.97 23.73
C GLY U 240 55.99 -46.98 23.15
N ILE U 241 56.89 -47.55 23.96
CA ILE U 241 57.90 -48.48 23.45
C ILE U 241 58.35 -49.45 24.56
N ILE U 242 58.57 -50.72 24.20
CA ILE U 242 59.02 -51.75 25.13
C ILE U 242 60.33 -52.34 24.61
N ALA U 243 61.42 -52.15 25.35
CA ALA U 243 62.73 -52.73 25.02
C ALA U 243 62.73 -54.11 25.66
N THR U 244 62.92 -55.19 24.88
CA THR U 244 62.82 -56.56 25.39
C THR U 244 63.62 -57.59 24.54
N ASN U 245 63.67 -58.86 25.01
CA ASN U 245 64.29 -59.97 24.27
C ASN U 245 63.50 -60.29 22.97
N ALA U 246 64.04 -61.14 22.09
CA ALA U 246 63.40 -61.50 20.83
C ALA U 246 62.05 -62.23 20.98
N ASP U 247 61.89 -63.08 22.01
CA ASP U 247 60.63 -63.82 22.23
C ASP U 247 59.46 -62.87 22.50
N TRP U 248 59.63 -61.92 23.43
CA TRP U 248 58.57 -60.96 23.76
C TRP U 248 58.38 -59.94 22.65
N ALA U 249 59.46 -59.59 21.93
CA ALA U 249 59.39 -58.69 20.79
C ALA U 249 58.57 -59.31 19.66
N MET U 250 58.65 -60.65 19.48
CA MET U 250 57.88 -61.35 18.46
C MET U 250 56.39 -61.34 18.86
N ARG U 251 56.09 -61.58 20.15
CA ARG U 251 54.72 -61.58 20.67
C ARG U 251 54.06 -60.20 20.60
N LEU U 252 54.82 -59.13 20.91
CA LEU U 252 54.31 -57.77 20.85
C LEU U 252 54.01 -57.37 19.41
N ARG U 253 54.91 -57.73 18.47
CA ARG U 253 54.71 -57.40 17.05
C ARG U 253 53.53 -58.19 16.48
N GLN U 254 53.28 -59.44 16.95
CA GLN U 254 52.13 -60.23 16.51
C GLN U 254 50.83 -59.51 16.88
N VAL U 255 50.78 -58.93 18.09
CA VAL U 255 49.62 -58.18 18.57
C VAL U 255 49.51 -56.86 17.78
N ARG U 256 50.62 -56.16 17.57
CA ARG U 256 50.66 -54.90 16.84
C ARG U 256 50.17 -55.03 15.39
N ALA U 257 50.57 -56.11 14.70
CA ALA U 257 50.17 -56.32 13.32
C ALA U 257 48.66 -56.55 13.14
N ILE U 258 47.96 -57.05 14.18
CA ILE U 258 46.52 -57.34 14.09
C ILE U 258 45.66 -56.28 14.81
N THR U 259 46.13 -55.67 15.92
CA THR U 259 45.37 -54.62 16.63
C THR U 259 45.70 -53.19 16.12
N GLY U 260 46.84 -53.02 15.44
CA GLY U 260 47.23 -51.76 14.79
C GLY U 260 47.29 -50.47 15.57
N ALA U 261 47.86 -50.46 16.79
CA ALA U 261 48.03 -49.21 17.54
C ALA U 261 49.41 -48.68 17.15
N LEU U 262 49.52 -48.24 15.89
CA LEU U 262 50.79 -47.82 15.30
C LEU U 262 51.26 -46.43 15.66
N LEU U 263 52.59 -46.28 15.70
CA LEU U 263 53.24 -45.00 15.92
C LEU U 263 53.40 -44.37 14.53
N HIS U 264 52.88 -43.15 14.35
CA HIS U 264 52.92 -42.47 13.05
C HIS U 264 54.37 -42.16 12.64
N PRO U 265 54.74 -42.24 11.33
CA PRO U 265 56.14 -41.94 10.95
C PRO U 265 56.73 -40.62 11.47
N MET U 266 55.91 -39.55 11.62
CA MET U 266 56.41 -38.28 12.16
C MET U 266 56.60 -38.38 13.68
N GLY U 267 55.73 -39.12 14.36
CA GLY U 267 55.87 -39.36 15.79
C GLY U 267 57.17 -40.07 16.10
N ALA U 268 57.49 -41.11 15.30
CA ALA U 268 58.75 -41.85 15.43
C ALA U 268 59.95 -40.96 15.14
N TYR U 269 59.83 -40.07 14.17
CA TYR U 269 60.90 -39.14 13.81
C TYR U 269 61.23 -38.21 14.97
N LEU U 270 60.22 -37.61 15.62
CA LEU U 270 60.43 -36.67 16.72
C LEU U 270 60.89 -37.38 18.01
N LEU U 271 60.47 -38.63 18.24
CA LEU U 271 60.89 -39.38 19.42
C LEU U 271 62.35 -39.82 19.26
N HIS U 272 62.74 -40.23 18.04
CA HIS U 272 64.12 -40.60 17.70
C HIS U 272 65.01 -39.34 17.80
N ARG U 273 64.50 -38.20 17.27
CA ARG U 273 65.17 -36.89 17.31
C ARG U 273 65.39 -36.45 18.77
N GLY U 274 64.40 -36.71 19.63
CA GLY U 274 64.47 -36.39 21.05
C GLY U 274 65.52 -37.18 21.81
N LEU U 275 65.79 -38.42 21.37
CA LEU U 275 66.81 -39.24 22.01
C LEU U 275 68.21 -38.63 21.87
N ARG U 276 68.46 -37.84 20.81
CA ARG U 276 69.78 -37.24 20.57
C ARG U 276 70.16 -36.20 21.64
N THR U 277 69.17 -35.56 22.30
CA THR U 277 69.37 -34.57 23.36
C THR U 277 68.92 -35.10 24.75
N LEU U 278 68.62 -36.41 24.88
CA LEU U 278 68.12 -36.96 26.13
C LEU U 278 69.10 -36.85 27.31
N ALA U 279 70.41 -37.10 27.09
CA ALA U 279 71.39 -37.00 28.18
C ALA U 279 71.55 -35.56 28.65
N VAL U 280 71.64 -34.59 27.72
CA VAL U 280 71.85 -33.19 28.12
C VAL U 280 70.57 -32.61 28.76
N ARG U 281 69.38 -33.06 28.35
CA ARG U 281 68.13 -32.57 28.95
C ARG U 281 67.93 -33.17 30.34
N MET U 282 68.17 -34.47 30.48
CA MET U 282 68.02 -35.15 31.78
C MET U 282 69.00 -34.58 32.79
N ARG U 283 70.29 -34.46 32.43
CA ARG U 283 71.31 -33.92 33.33
C ARG U 283 70.99 -32.50 33.80
N ALA U 284 70.46 -31.65 32.90
CA ALA U 284 70.12 -30.27 33.25
C ALA U 284 68.91 -30.19 34.18
N ALA U 285 67.83 -30.94 33.88
CA ALA U 285 66.62 -30.93 34.70
C ALA U 285 66.85 -31.60 36.06
N GLN U 286 67.70 -32.63 36.11
CA GLN U 286 68.04 -33.33 37.36
C GLN U 286 68.77 -32.39 38.32
N THR U 287 69.71 -31.58 37.80
CA THR U 287 70.47 -30.62 38.59
C THR U 287 69.51 -29.58 39.21
N THR U 288 68.58 -29.07 38.39
CA THR U 288 67.58 -28.10 38.84
C THR U 288 66.66 -28.72 39.88
N ALA U 289 66.24 -29.98 39.68
CA ALA U 289 65.35 -30.66 40.61
C ALA U 289 65.99 -30.95 41.97
N GLY U 290 67.25 -31.37 41.98
CA GLY U 290 67.97 -31.63 43.23
C GLY U 290 68.05 -30.40 44.12
N GLU U 291 68.21 -29.23 43.50
CA GLU U 291 68.27 -27.95 44.20
C GLU U 291 66.87 -27.50 44.62
N LEU U 292 65.85 -27.68 43.77
CA LEU U 292 64.48 -27.30 44.10
C LEU U 292 63.93 -28.11 45.27
N ALA U 293 64.16 -29.44 45.28
CA ALA U 293 63.68 -30.30 46.36
C ALA U 293 64.20 -29.85 47.73
N GLU U 294 65.42 -29.30 47.79
CA GLU U 294 66.01 -28.81 49.03
C GLU U 294 65.33 -27.52 49.49
N ARG U 295 65.07 -26.59 48.54
CA ARG U 295 64.41 -25.31 48.86
C ARG U 295 62.97 -25.53 49.27
N LEU U 296 62.27 -26.45 48.59
CA LEU U 296 60.88 -26.77 48.87
C LEU U 296 60.71 -27.49 50.21
N ASP U 297 61.69 -28.31 50.63
CA ASP U 297 61.60 -28.98 51.93
C ASP U 297 61.75 -27.95 53.06
N ALA U 298 62.55 -26.90 52.85
CA ALA U 298 62.74 -25.83 53.84
C ALA U 298 61.49 -24.94 54.00
N HIS U 299 60.55 -24.94 53.03
CA HIS U 299 59.36 -24.09 53.14
C HIS U 299 58.40 -24.62 54.22
N PRO U 300 57.77 -23.76 55.06
CA PRO U 300 56.87 -24.27 56.09
C PRO U 300 55.55 -24.83 55.58
N ALA U 301 55.08 -24.38 54.41
CA ALA U 301 53.84 -24.85 53.81
C ALA U 301 53.91 -26.32 53.40
N ILE U 302 55.11 -26.84 53.09
CA ILE U 302 55.28 -28.24 52.69
C ILE U 302 55.80 -29.05 53.87
N SER U 303 55.10 -30.14 54.22
CA SER U 303 55.49 -31.01 55.31
C SER U 303 56.52 -32.06 54.87
N VAL U 304 56.25 -32.78 53.75
CA VAL U 304 57.13 -33.84 53.25
C VAL U 304 57.48 -33.58 51.80
N VAL U 305 58.76 -33.77 51.42
CA VAL U 305 59.19 -33.65 50.02
C VAL U 305 59.79 -35.00 49.63
N HIS U 306 59.21 -35.63 48.62
CA HIS U 306 59.66 -36.92 48.11
C HIS U 306 60.60 -36.68 46.93
N TYR U 307 61.85 -37.10 47.06
CA TYR U 307 62.83 -36.99 45.98
C TYR U 307 63.97 -37.99 46.28
N PRO U 308 64.32 -38.93 45.36
CA PRO U 308 65.38 -39.91 45.70
C PRO U 308 66.72 -39.34 46.16
N GLY U 309 67.16 -38.24 45.56
CA GLY U 309 68.43 -37.61 45.90
C GLY U 309 68.52 -37.00 47.29
N LEU U 310 67.37 -36.74 47.95
CA LEU U 310 67.40 -36.14 49.29
C LEU U 310 67.83 -37.17 50.37
N LYS U 311 68.21 -36.65 51.54
CA LYS U 311 68.71 -37.45 52.66
C LYS U 311 67.56 -38.21 53.32
N GLY U 312 67.78 -39.50 53.59
CA GLY U 312 66.78 -40.34 54.23
C GLY U 312 65.82 -41.04 53.29
N GLN U 313 65.58 -40.50 52.07
CA GLN U 313 64.67 -41.14 51.12
C GLN U 313 65.24 -42.39 50.45
N ASP U 314 66.56 -42.66 50.58
CA ASP U 314 67.18 -43.83 49.96
C ASP U 314 67.78 -44.75 51.06
N PRO U 315 66.97 -45.53 51.82
CA PRO U 315 67.56 -46.40 52.84
C PRO U 315 68.27 -47.65 52.29
N ARG U 316 67.74 -48.25 51.21
CA ARG U 316 68.31 -49.47 50.62
C ARG U 316 69.56 -49.25 49.75
N GLY U 317 70.00 -48.01 49.57
CA GLY U 317 71.19 -47.72 48.78
C GLY U 317 71.02 -48.00 47.29
N LEU U 318 69.82 -47.74 46.77
CA LEU U 318 69.52 -47.96 45.35
C LEU U 318 70.14 -46.86 44.47
N LEU U 319 70.45 -45.67 45.02
CA LEU U 319 71.08 -44.61 44.25
C LEU U 319 72.56 -45.00 44.15
N GLY U 320 73.04 -45.18 42.91
CA GLY U 320 74.40 -45.62 42.61
C GLY U 320 74.38 -47.04 42.10
N ARG U 321 73.75 -47.94 42.87
CA ARG U 321 73.62 -49.36 42.53
C ARG U 321 72.64 -49.59 41.37
N GLN U 322 71.45 -48.95 41.42
CA GLN U 322 70.38 -49.09 40.43
C GLN U 322 70.14 -47.81 39.63
N MET U 323 70.06 -46.66 40.32
CA MET U 323 69.80 -45.35 39.71
C MET U 323 71.03 -44.47 39.74
N SER U 324 71.54 -44.03 38.58
CA SER U 324 72.70 -43.15 38.52
C SER U 324 72.29 -41.66 38.66
N GLY U 325 71.28 -41.37 39.47
CA GLY U 325 70.82 -40.00 39.67
C GLY U 325 69.48 -39.92 40.37
N GLY U 326 69.17 -38.75 40.91
CA GLY U 326 67.93 -38.50 41.63
C GLY U 326 66.69 -38.30 40.77
N GLY U 327 66.86 -37.95 39.50
CA GLY U 327 65.75 -37.72 38.59
C GLY U 327 65.34 -36.26 38.52
N ALA U 328 64.31 -35.97 37.69
CA ALA U 328 63.78 -34.62 37.52
C ALA U 328 62.29 -34.53 37.91
N MET U 329 61.81 -35.44 38.79
CA MET U 329 60.44 -35.49 39.27
C MET U 329 60.44 -35.31 40.77
N ILE U 330 59.62 -34.38 41.31
CA ILE U 330 59.52 -34.14 42.75
C ILE U 330 58.06 -34.14 43.12
N ALA U 331 57.69 -34.91 44.15
CA ALA U 331 56.33 -34.92 44.68
C ALA U 331 56.39 -34.40 46.13
N MET U 332 55.29 -33.81 46.64
CA MET U 332 55.29 -33.26 47.99
C MET U 332 53.93 -33.30 48.66
N GLU U 333 53.92 -33.45 49.99
CA GLU U 333 52.72 -33.49 50.80
C GLU U 333 52.57 -32.10 51.44
N LEU U 334 51.41 -31.44 51.25
CA LEU U 334 51.17 -30.10 51.81
C LEU U 334 50.67 -30.22 53.23
N ALA U 335 51.06 -29.27 54.09
CA ALA U 335 50.64 -29.26 55.49
C ALA U 335 49.14 -28.98 55.64
N GLY U 336 48.60 -28.10 54.81
CA GLY U 336 47.18 -27.75 54.84
C GLY U 336 46.25 -28.70 54.14
N GLY U 337 46.74 -29.86 53.70
CA GLY U 337 45.93 -30.87 53.04
C GLY U 337 45.52 -30.51 51.62
N PHE U 338 44.28 -30.87 51.25
CA PHE U 338 43.75 -30.61 49.90
C PHE U 338 43.68 -29.12 49.56
N ASP U 339 43.19 -28.28 50.49
CA ASP U 339 43.04 -26.85 50.19
C ASP U 339 44.38 -26.18 49.88
N ALA U 340 45.45 -26.52 50.62
CA ALA U 340 46.79 -25.97 50.35
C ALA U 340 47.34 -26.49 49.02
N ALA U 341 47.12 -27.78 48.73
CA ALA U 341 47.54 -28.41 47.47
C ALA U 341 46.82 -27.76 46.28
N ARG U 342 45.52 -27.49 46.43
CA ARG U 342 44.69 -26.85 45.39
C ARG U 342 45.18 -25.42 45.15
N SER U 343 45.38 -24.64 46.21
CA SER U 343 45.85 -23.26 46.10
C SER U 343 47.27 -23.16 45.51
N PHE U 344 48.15 -24.11 45.86
CA PHE U 344 49.52 -24.11 45.36
C PHE U 344 49.60 -24.24 43.84
N VAL U 345 48.80 -25.14 43.23
CA VAL U 345 48.84 -25.32 41.77
C VAL U 345 48.05 -24.21 41.03
N GLU U 346 47.00 -23.66 41.67
CA GLU U 346 46.20 -22.60 41.06
C GLU U 346 46.89 -21.23 41.08
N HIS U 347 47.88 -21.01 41.98
CA HIS U 347 48.63 -19.75 42.04
C HIS U 347 49.98 -19.79 41.28
N CYS U 348 50.25 -20.88 40.54
CA CYS U 348 51.47 -20.97 39.73
C CYS U 348 51.25 -20.20 38.43
N ASN U 349 52.25 -19.47 37.96
CA ASN U 349 52.16 -18.70 36.72
C ASN U 349 53.16 -19.23 35.67
N LEU U 350 54.47 -19.23 36.00
CA LEU U 350 55.50 -19.75 35.11
C LEU U 350 55.36 -21.27 35.04
N VAL U 351 55.20 -21.93 36.21
CA VAL U 351 54.98 -23.36 36.27
C VAL U 351 53.51 -23.56 35.86
N VAL U 352 53.26 -24.42 34.88
CA VAL U 352 51.92 -24.60 34.33
C VAL U 352 51.18 -25.80 34.93
N HIS U 353 49.89 -25.60 35.30
CA HIS U 353 49.04 -26.65 35.85
C HIS U 353 48.56 -27.53 34.69
N ALA U 354 49.25 -28.67 34.48
CA ALA U 354 48.93 -29.62 33.41
C ALA U 354 49.51 -31.00 33.70
N VAL U 355 48.94 -32.05 33.07
CA VAL U 355 49.45 -33.42 33.19
C VAL U 355 50.67 -33.60 32.23
N SER U 356 51.30 -34.80 32.20
CA SER U 356 52.49 -35.13 31.40
C SER U 356 53.78 -34.68 32.11
N LEU U 357 54.92 -35.24 31.72
CA LEU U 357 56.20 -34.96 32.36
C LEU U 357 57.38 -35.07 31.37
N GLY U 358 58.59 -34.74 31.83
CA GLY U 358 59.80 -34.83 31.02
C GLY U 358 59.98 -33.81 29.91
N GLY U 359 59.13 -32.79 29.87
CA GLY U 359 59.20 -31.76 28.85
C GLY U 359 60.21 -30.67 29.15
N ALA U 360 60.39 -29.77 28.19
CA ALA U 360 61.31 -28.63 28.34
C ALA U 360 60.83 -27.63 29.40
N ASP U 361 59.51 -27.59 29.69
CA ASP U 361 58.92 -26.71 30.68
C ASP U 361 58.47 -27.45 31.94
N THR U 362 58.39 -26.72 33.06
CA THR U 362 58.01 -27.27 34.36
C THR U 362 56.50 -27.29 34.48
N LEU U 363 55.94 -28.46 34.84
CA LEU U 363 54.52 -28.67 34.99
C LEU U 363 54.19 -29.14 36.41
N ILE U 364 52.94 -28.91 36.84
CA ILE U 364 52.46 -29.25 38.18
C ILE U 364 51.00 -29.76 38.11
N GLN U 365 50.61 -30.68 39.00
CA GLN U 365 49.24 -31.22 39.00
C GLN U 365 48.92 -31.98 40.28
N HIS U 366 47.61 -32.08 40.60
CA HIS U 366 47.12 -32.81 41.78
C HIS U 366 46.82 -34.24 41.29
N PRO U 367 47.65 -35.25 41.60
CA PRO U 367 47.41 -36.60 41.06
C PRO U 367 46.04 -37.22 41.34
N ALA U 368 45.54 -37.09 42.57
CA ALA U 368 44.23 -37.66 42.94
C ALA U 368 43.08 -37.10 42.08
N SER U 369 43.22 -35.85 41.57
CA SER U 369 42.22 -35.21 40.72
C SER U 369 42.41 -35.43 39.23
N LEU U 370 43.65 -35.72 38.76
CA LEU U 370 43.89 -35.88 37.32
C LEU U 370 44.52 -37.25 36.95
N THR U 371 45.87 -37.41 36.97
CA THR U 371 46.53 -38.65 36.50
C THR U 371 46.01 -39.92 37.16
N HIS U 372 45.78 -39.88 38.48
CA HIS U 372 45.29 -41.02 39.24
C HIS U 372 43.82 -40.88 39.66
N ARG U 373 43.00 -40.22 38.83
CA ARG U 373 41.57 -40.10 39.08
C ARG U 373 40.85 -41.45 38.82
N PRO U 374 41.16 -42.24 37.76
CA PRO U 374 40.46 -43.54 37.57
C PRO U 374 40.87 -44.65 38.55
N VAL U 375 41.78 -44.36 39.49
CA VAL U 375 42.25 -45.34 40.47
C VAL U 375 41.20 -45.50 41.56
N ALA U 376 41.10 -46.71 42.13
CA ALA U 376 40.16 -47.00 43.22
C ALA U 376 40.44 -46.10 44.42
N ALA U 377 39.39 -45.71 45.15
CA ALA U 377 39.50 -44.82 46.31
C ALA U 377 40.56 -45.27 47.33
N THR U 378 40.60 -46.57 47.64
CA THR U 378 41.57 -47.12 48.61
C THR U 378 43.01 -46.98 48.12
N ALA U 379 43.24 -47.12 46.81
CA ALA U 379 44.57 -47.04 46.20
C ALA U 379 44.95 -45.65 45.66
N LYS U 380 44.04 -44.67 45.76
CA LYS U 380 44.26 -43.31 45.25
C LYS U 380 45.37 -42.57 46.05
N PRO U 381 46.26 -41.72 45.45
CA PRO U 381 47.29 -41.04 46.27
C PRO U 381 46.70 -40.03 47.27
N GLY U 382 47.53 -39.53 48.18
CA GLY U 382 47.12 -38.56 49.19
C GLY U 382 46.49 -37.32 48.61
N ASP U 383 45.49 -36.76 49.31
CA ASP U 383 44.81 -35.53 48.87
C ASP U 383 45.70 -34.29 48.99
N GLY U 384 46.68 -34.31 49.90
CA GLY U 384 47.64 -33.22 50.04
C GLY U 384 48.86 -33.35 49.14
N LEU U 385 48.98 -34.46 48.37
CA LEU U 385 50.12 -34.73 47.49
C LEU U 385 50.01 -33.99 46.14
N ILE U 386 51.15 -33.42 45.70
CA ILE U 386 51.28 -32.64 44.46
C ILE U 386 52.51 -33.18 43.71
N ARG U 387 52.38 -33.44 42.40
CA ARG U 387 53.47 -33.96 41.55
C ARG U 387 53.97 -32.85 40.62
N LEU U 388 55.31 -32.69 40.51
CA LEU U 388 55.96 -31.64 39.72
C LEU U 388 57.00 -32.25 38.79
N SER U 389 56.98 -31.86 37.49
CA SER U 389 57.96 -32.29 36.50
C SER U 389 58.89 -31.11 36.27
N VAL U 390 60.19 -31.25 36.61
CA VAL U 390 61.14 -30.16 36.46
C VAL U 390 61.65 -30.08 35.01
N GLY U 391 61.65 -28.89 34.44
CA GLY U 391 62.09 -28.62 33.07
C GLY U 391 63.49 -28.06 32.97
N LEU U 392 63.76 -27.31 31.88
CA LEU U 392 65.08 -26.73 31.60
C LEU U 392 65.14 -25.23 31.89
N GLU U 393 64.29 -24.71 32.78
CA GLU U 393 64.32 -23.29 33.12
C GLU U 393 65.32 -23.05 34.26
N HIS U 394 65.68 -21.78 34.49
CA HIS U 394 66.62 -21.44 35.55
C HIS U 394 66.01 -21.78 36.91
N VAL U 395 66.83 -22.36 37.80
CA VAL U 395 66.39 -22.77 39.15
C VAL U 395 65.79 -21.61 39.96
N ASP U 396 66.37 -20.41 39.88
CA ASP U 396 65.88 -19.26 40.63
C ASP U 396 64.47 -18.85 40.18
N ASP U 397 64.22 -18.79 38.86
CA ASP U 397 62.90 -18.41 38.35
C ASP U 397 61.82 -19.43 38.72
N LEU U 398 62.16 -20.72 38.79
CA LEU U 398 61.19 -21.75 39.16
C LEU U 398 60.92 -21.70 40.66
N ALA U 399 61.96 -21.52 41.48
CA ALA U 399 61.80 -21.44 42.93
C ALA U 399 61.00 -20.19 43.30
N ASP U 400 61.28 -19.04 42.66
CA ASP U 400 60.54 -17.80 42.92
C ASP U 400 59.04 -17.97 42.67
N ASP U 401 58.67 -18.64 41.58
CA ASP U 401 57.27 -18.88 41.24
C ASP U 401 56.59 -19.88 42.18
N LEU U 402 57.28 -20.97 42.53
CA LEU U 402 56.71 -21.99 43.42
C LEU U 402 56.56 -21.47 44.84
N ILE U 403 57.52 -20.64 45.32
CA ILE U 403 57.45 -20.06 46.66
C ILE U 403 56.28 -19.06 46.71
N ALA U 404 56.16 -18.20 45.69
CA ALA U 404 55.05 -17.23 45.63
C ALA U 404 53.68 -17.93 45.63
N ALA U 405 53.56 -19.08 44.96
CA ALA U 405 52.32 -19.86 44.91
C ALA U 405 51.97 -20.43 46.29
N LEU U 406 52.98 -20.87 47.05
CA LEU U 406 52.77 -21.39 48.41
C LEU U 406 52.38 -20.26 49.36
N ASP U 407 53.04 -19.09 49.22
CA ASP U 407 52.75 -17.92 50.04
C ASP U 407 51.39 -17.27 49.74
N ALA U 408 50.75 -17.61 48.60
CA ALA U 408 49.44 -17.07 48.24
C ALA U 408 48.32 -17.58 49.17
N SER U 409 48.45 -18.81 49.68
CA SER U 409 47.43 -19.37 50.59
C SER U 409 47.45 -18.65 51.96
N LEU V 24 22.54 -28.98 2.26
CA LEU V 24 23.59 -29.01 1.25
C LEU V 24 23.79 -30.40 0.67
N HIS V 25 24.29 -30.47 -0.57
CA HIS V 25 24.56 -31.73 -1.25
C HIS V 25 25.80 -32.44 -0.66
N PRO V 26 25.98 -33.79 -0.82
CA PRO V 26 27.18 -34.42 -0.25
C PRO V 26 28.52 -33.95 -0.83
N GLU V 27 28.52 -33.45 -2.08
CA GLU V 27 29.74 -32.96 -2.72
C GLU V 27 30.22 -31.67 -2.02
N THR V 28 29.28 -30.82 -1.59
CA THR V 28 29.58 -29.58 -0.86
C THR V 28 30.05 -29.93 0.56
N LEU V 29 29.38 -30.90 1.22
CA LEU V 29 29.70 -31.31 2.58
C LEU V 29 31.06 -32.01 2.73
N MET V 30 31.59 -32.59 1.65
CA MET V 30 32.92 -33.19 1.68
C MET V 30 34.01 -32.10 1.75
N VAL V 31 33.79 -30.96 1.06
CA VAL V 31 34.72 -29.85 1.06
C VAL V 31 34.68 -29.07 2.40
N HIS V 32 33.47 -28.68 2.85
CA HIS V 32 33.29 -27.87 4.05
C HIS V 32 33.00 -28.62 5.37
N GLY V 33 32.96 -29.95 5.34
CA GLY V 33 32.71 -30.73 6.56
C GLY V 33 33.87 -30.64 7.52
N GLY V 34 33.56 -30.46 8.81
CA GLY V 34 34.57 -30.32 9.85
C GLY V 34 35.40 -29.04 9.79
N MET V 35 34.97 -28.08 8.96
CA MET V 35 35.64 -26.79 8.78
C MET V 35 34.82 -25.69 9.47
N LYS V 36 34.18 -25.99 10.60
CA LYS V 36 33.32 -25.04 11.30
C LYS V 36 34.14 -24.09 12.15
N GLY V 37 33.89 -22.79 12.01
CA GLY V 37 34.59 -21.78 12.79
C GLY V 37 35.94 -21.35 12.24
N LEU V 38 36.48 -22.03 11.22
CA LEU V 38 37.79 -21.68 10.66
C LEU V 38 37.71 -20.36 9.89
N THR V 39 36.71 -20.21 9.02
CA THR V 39 36.52 -18.97 8.26
C THR V 39 36.26 -17.78 9.21
N GLU V 40 35.52 -18.03 10.28
CA GLU V 40 35.18 -17.02 11.28
C GLU V 40 36.43 -16.61 12.10
N ALA V 41 37.43 -17.51 12.24
CA ALA V 41 38.70 -17.24 12.93
C ALA V 41 39.82 -16.68 12.01
N GLY V 42 39.53 -16.45 10.72
CA GLY V 42 40.49 -15.90 9.79
C GLY V 42 41.55 -16.88 9.31
N VAL V 43 41.21 -18.18 9.20
CA VAL V 43 42.12 -19.23 8.73
C VAL V 43 41.42 -20.09 7.66
N HIS V 44 42.20 -20.73 6.79
CA HIS V 44 41.66 -21.52 5.67
C HIS V 44 41.51 -23.03 5.97
N VAL V 45 42.55 -23.67 6.52
CA VAL V 45 42.57 -25.11 6.81
C VAL V 45 42.75 -25.35 8.33
N PRO V 46 42.31 -26.51 8.91
CA PRO V 46 42.49 -26.69 10.36
C PRO V 46 43.97 -26.82 10.74
N ALA V 47 44.34 -26.24 11.88
CA ALA V 47 45.72 -26.28 12.33
C ALA V 47 46.09 -27.66 12.88
N ILE V 48 47.39 -27.98 12.85
CA ILE V 48 47.91 -29.25 13.36
C ILE V 48 48.52 -28.96 14.72
N ASP V 49 47.77 -29.25 15.79
CA ASP V 49 48.24 -29.03 17.15
C ASP V 49 48.89 -30.32 17.65
N LEU V 50 50.22 -30.33 17.78
CA LEU V 50 50.94 -31.52 18.23
C LEU V 50 50.96 -31.69 19.76
N SER V 51 50.43 -30.71 20.53
CA SER V 51 50.40 -30.75 22.00
C SER V 51 49.94 -32.08 22.58
N THR V 52 50.81 -32.70 23.39
CA THR V 52 50.48 -33.95 24.07
C THR V 52 49.58 -33.64 25.27
N THR V 53 49.91 -32.55 26.01
CA THR V 53 49.14 -32.10 27.17
C THR V 53 48.40 -30.81 26.83
N ASN V 54 47.36 -30.50 27.61
CA ASN V 54 46.52 -29.32 27.45
C ASN V 54 46.29 -28.72 28.85
N PRO V 55 46.87 -27.54 29.20
CA PRO V 55 46.68 -27.00 30.55
C PRO V 55 45.24 -26.79 31.01
N VAL V 56 45.04 -26.83 32.34
CA VAL V 56 43.72 -26.66 32.95
C VAL V 56 43.65 -25.36 33.76
N ASN V 57 42.46 -24.75 33.84
CA ASN V 57 42.28 -23.48 34.54
C ASN V 57 42.40 -23.66 36.04
N ASP V 58 41.78 -24.73 36.58
CA ASP V 58 41.84 -25.04 38.01
C ASP V 58 41.66 -26.56 38.25
N VAL V 59 41.78 -27.00 39.52
CA VAL V 59 41.68 -28.42 39.87
C VAL V 59 40.26 -28.95 39.62
N ALA V 60 39.24 -28.15 39.97
CA ALA V 60 37.85 -28.56 39.80
C ALA V 60 37.44 -28.73 38.33
N THR V 61 37.69 -27.73 37.46
CA THR V 61 37.31 -27.82 36.05
C THR V 61 38.17 -28.84 35.30
N GLY V 62 39.46 -28.88 35.62
CA GLY V 62 40.37 -29.85 35.01
C GLY V 62 40.00 -31.28 35.33
N GLY V 63 39.70 -31.53 36.59
CA GLY V 63 39.29 -32.86 37.06
C GLY V 63 37.96 -33.30 36.46
N ASP V 64 36.97 -32.39 36.40
CA ASP V 64 35.67 -32.69 35.81
C ASP V 64 35.81 -32.96 34.31
N SER V 65 36.68 -32.19 33.60
CA SER V 65 36.92 -32.41 32.17
C SER V 65 37.59 -33.75 31.95
N TYR V 66 38.56 -34.12 32.84
CA TYR V 66 39.24 -35.43 32.78
C TYR V 66 38.19 -36.55 32.89
N GLU V 67 37.32 -36.50 33.91
CA GLU V 67 36.31 -37.52 34.12
C GLU V 67 35.32 -37.61 32.96
N TRP V 68 34.83 -36.46 32.47
CA TRP V 68 33.90 -36.42 31.34
C TRP V 68 34.49 -37.10 30.10
N LEU V 69 35.76 -36.83 29.79
CA LEU V 69 36.41 -37.41 28.61
C LEU V 69 36.80 -38.88 28.81
N ALA V 70 37.35 -39.23 29.98
CA ALA V 70 37.74 -40.61 30.28
C ALA V 70 36.54 -41.56 30.26
N THR V 71 35.35 -41.06 30.66
CA THR V 71 34.12 -41.85 30.63
C THR V 71 33.46 -41.86 29.21
N GLY V 72 34.22 -41.48 28.17
CA GLY V 72 33.77 -41.52 26.78
C GLY V 72 32.94 -40.38 26.24
N HIS V 73 32.91 -39.22 26.92
CA HIS V 73 32.09 -38.10 26.45
C HIS V 73 32.84 -37.12 25.54
N THR V 74 32.08 -36.38 24.72
CA THR V 74 32.60 -35.36 23.79
C THR V 74 33.07 -34.15 24.59
N LEU V 75 34.18 -33.50 24.15
CA LEU V 75 34.70 -32.33 24.83
C LEU V 75 33.67 -31.21 24.77
N LYS V 76 33.30 -30.66 25.93
CA LYS V 76 32.31 -29.57 25.98
C LYS V 76 32.99 -28.28 25.49
N ASP V 77 32.22 -27.37 24.92
CA ASP V 77 32.76 -26.13 24.37
C ASP V 77 33.21 -25.23 25.52
N GLY V 78 34.45 -24.76 25.45
CA GLY V 78 35.02 -23.91 26.49
C GLY V 78 35.57 -24.69 27.66
N ASP V 79 36.27 -25.80 27.39
CA ASP V 79 36.96 -26.55 28.42
C ASP V 79 38.14 -27.30 27.81
N SER V 80 39.12 -27.58 28.66
CA SER V 80 40.43 -28.12 28.31
C SER V 80 40.39 -29.56 27.88
N ALA V 81 41.15 -29.90 26.82
CA ALA V 81 41.25 -31.28 26.36
C ALA V 81 42.02 -32.17 27.37
N VAL V 82 42.76 -31.55 28.35
CA VAL V 82 43.55 -32.16 29.43
C VAL V 82 44.78 -32.95 28.91
N TYR V 83 44.55 -33.96 28.05
CA TYR V 83 45.59 -34.81 27.49
C TYR V 83 45.14 -35.35 26.13
N GLN V 84 46.09 -35.66 25.25
CA GLN V 84 45.80 -36.13 23.89
C GLN V 84 45.08 -37.48 23.87
N ARG V 85 45.38 -38.38 24.83
CA ARG V 85 44.70 -39.67 24.90
C ARG V 85 43.22 -39.53 25.29
N LEU V 86 42.81 -38.38 25.87
CA LEU V 86 41.43 -38.08 26.22
C LEU V 86 40.75 -37.33 25.07
N TRP V 87 41.41 -36.31 24.47
CA TRP V 87 40.85 -35.56 23.34
C TRP V 87 41.91 -34.85 22.49
N GLN V 88 41.73 -34.84 21.16
CA GLN V 88 42.61 -34.15 20.21
C GLN V 88 41.70 -33.32 19.27
N PRO V 89 41.90 -31.99 19.09
CA PRO V 89 40.98 -31.21 18.25
C PRO V 89 40.97 -31.49 16.76
N GLY V 90 42.13 -31.82 16.19
CA GLY V 90 42.25 -32.13 14.77
C GLY V 90 41.57 -33.44 14.43
N VAL V 91 41.68 -34.42 15.34
CA VAL V 91 41.03 -35.73 15.19
C VAL V 91 39.52 -35.50 15.27
N ALA V 92 39.06 -34.69 16.26
CA ALA V 92 37.65 -34.33 16.44
C ALA V 92 37.04 -33.69 15.20
N ARG V 93 37.79 -32.85 14.47
CA ARG V 93 37.27 -32.22 13.23
C ARG V 93 37.06 -33.28 12.15
N PHE V 94 38.00 -34.24 12.04
CA PHE V 94 37.89 -35.36 11.11
C PHE V 94 36.70 -36.26 11.49
N GLU V 95 36.47 -36.45 12.81
CA GLU V 95 35.37 -37.24 13.35
C GLU V 95 34.02 -36.62 12.93
N THR V 96 33.83 -35.30 13.16
CA THR V 96 32.58 -34.63 12.80
C THR V 96 32.39 -34.54 11.28
N ALA V 97 33.48 -34.43 10.50
CA ALA V 97 33.37 -34.38 9.05
C ALA V 97 32.77 -35.67 8.50
N LEU V 98 33.27 -36.85 8.94
CA LEU V 98 32.73 -38.12 8.49
C LEU V 98 31.42 -38.50 9.19
N ALA V 99 31.14 -37.94 10.39
CA ALA V 99 29.85 -38.20 11.05
C ALA V 99 28.71 -37.62 10.20
N GLY V 100 28.90 -36.43 9.65
CA GLY V 100 27.91 -35.80 8.78
C GLY V 100 27.78 -36.43 7.41
N LEU V 101 28.87 -37.08 6.91
CA LEU V 101 28.84 -37.73 5.60
C LEU V 101 27.99 -39.01 5.69
N GLU V 102 28.26 -39.86 6.68
CA GLU V 102 27.48 -41.09 6.90
C GLU V 102 26.12 -40.82 7.57
N HIS V 103 25.85 -39.57 8.02
CA HIS V 103 24.62 -39.16 8.70
C HIS V 103 24.44 -39.87 10.05
N ALA V 104 25.57 -40.04 10.77
CA ALA V 104 25.65 -40.62 12.10
C ALA V 104 25.70 -39.49 13.15
N GLU V 105 25.39 -39.80 14.42
CA GLU V 105 25.39 -38.78 15.47
C GLU V 105 26.83 -38.33 15.76
N GLU V 106 27.74 -39.30 15.95
CA GLU V 106 29.14 -39.05 16.28
C GLU V 106 30.07 -40.05 15.54
N ALA V 107 31.39 -39.87 15.64
CA ALA V 107 32.38 -40.77 15.07
C ALA V 107 33.63 -40.79 15.95
N VAL V 108 34.33 -41.95 15.99
CA VAL V 108 35.53 -42.12 16.82
C VAL V 108 36.67 -42.62 15.92
N ALA V 109 37.80 -41.89 15.92
CA ALA V 109 38.94 -42.21 15.06
C ALA V 109 40.13 -42.80 15.82
N PHE V 110 40.82 -43.75 15.17
CA PHE V 110 41.93 -44.53 15.70
C PHE V 110 43.13 -44.54 14.70
N ALA V 111 44.28 -45.09 15.14
CA ALA V 111 45.51 -45.18 14.33
C ALA V 111 45.32 -45.92 13.00
N THR V 112 44.58 -47.04 13.02
CA THR V 112 44.32 -47.90 11.84
C THR V 112 42.88 -48.45 11.86
N GLY V 113 42.43 -49.03 10.74
CA GLY V 113 41.13 -49.67 10.66
C GLY V 113 41.03 -50.85 11.62
N MET V 114 42.16 -51.56 11.84
CA MET V 114 42.21 -52.67 12.78
C MET V 114 42.09 -52.20 14.22
N ALA V 115 42.62 -51.00 14.55
CA ALA V 115 42.47 -50.44 15.89
C ALA V 115 41.01 -50.08 16.18
N ALA V 116 40.28 -49.61 15.16
CA ALA V 116 38.87 -49.30 15.29
C ALA V 116 38.08 -50.59 15.52
N MET V 117 38.38 -51.66 14.74
CA MET V 117 37.75 -52.98 14.90
C MET V 117 38.02 -53.51 16.31
N THR V 118 39.29 -53.40 16.77
CA THR V 118 39.73 -53.83 18.11
C THR V 118 38.92 -53.14 19.19
N ALA V 119 38.75 -51.82 19.07
CA ALA V 119 37.98 -51.06 20.05
C ALA V 119 36.51 -51.47 20.10
N ALA V 120 35.89 -51.69 18.92
CA ALA V 120 34.49 -52.10 18.85
C ALA V 120 34.29 -53.50 19.45
N LEU V 121 35.27 -54.40 19.24
CA LEU V 121 35.21 -55.74 19.81
C LEU V 121 35.41 -55.68 21.34
N LEU V 122 36.38 -54.90 21.82
CA LEU V 122 36.62 -54.74 23.25
C LEU V 122 35.42 -54.07 23.94
N ALA V 123 34.73 -53.14 23.27
CA ALA V 123 33.54 -52.49 23.82
C ALA V 123 32.42 -53.51 24.03
N ALA V 124 32.26 -54.45 23.08
CA ALA V 124 31.25 -55.50 23.18
C ALA V 124 31.61 -56.50 24.28
N VAL V 125 32.90 -56.89 24.39
CA VAL V 125 33.36 -57.82 25.43
C VAL V 125 33.16 -57.18 26.81
N SER V 126 33.55 -55.91 26.96
CA SER V 126 33.41 -55.16 28.22
C SER V 126 31.93 -55.06 28.65
N ALA V 127 31.01 -54.91 27.68
CA ALA V 127 29.57 -54.84 27.97
C ALA V 127 28.95 -56.18 28.44
N GLY V 128 29.68 -57.29 28.31
CA GLY V 128 29.21 -58.61 28.66
C GLY V 128 28.59 -59.38 27.51
N THR V 129 28.94 -58.99 26.26
CA THR V 129 28.43 -59.63 25.04
C THR V 129 29.65 -59.96 24.15
N PRO V 130 30.48 -60.97 24.50
CA PRO V 130 31.68 -61.26 23.69
C PRO V 130 31.46 -62.05 22.39
N HIS V 131 30.21 -62.43 22.03
CA HIS V 131 29.93 -63.23 20.83
C HIS V 131 29.54 -62.34 19.64
N ILE V 132 30.14 -62.59 18.45
CA ILE V 132 29.89 -61.83 17.22
C ILE V 132 29.41 -62.75 16.10
N VAL V 133 28.32 -62.38 15.42
CA VAL V 133 27.80 -63.14 14.28
C VAL V 133 28.28 -62.39 13.03
N ALA V 134 29.42 -62.84 12.46
CA ALA V 134 30.02 -62.20 11.29
C ALA V 134 29.76 -62.97 9.99
N VAL V 135 29.60 -62.25 8.87
CA VAL V 135 29.33 -62.83 7.55
C VAL V 135 30.57 -62.68 6.65
N ARG V 136 31.08 -63.80 6.10
CA ARG V 136 32.25 -63.78 5.20
C ARG V 136 31.80 -63.55 3.74
N PRO V 137 32.66 -63.03 2.83
CA PRO V 137 34.07 -62.60 3.02
C PRO V 137 34.25 -61.28 3.77
N LEU V 138 35.35 -61.18 4.50
CA LEU V 138 35.77 -59.98 5.23
C LEU V 138 37.28 -59.80 4.98
N TYR V 139 37.83 -58.62 5.33
CA TYR V 139 39.28 -58.39 5.18
C TYR V 139 40.05 -59.40 6.07
N GLY V 140 41.14 -59.96 5.54
CA GLY V 140 41.98 -60.94 6.21
C GLY V 140 42.24 -60.72 7.68
N GLY V 141 42.57 -59.48 8.05
CA GLY V 141 42.82 -59.09 9.43
C GLY V 141 41.57 -59.12 10.27
N SER V 142 40.46 -58.57 9.76
CA SER V 142 39.18 -58.59 10.47
C SER V 142 38.73 -60.04 10.70
N ASP V 143 38.92 -60.90 9.69
CA ASP V 143 38.59 -62.32 9.74
C ASP V 143 39.47 -63.05 10.76
N HIS V 144 40.79 -62.83 10.72
CA HIS V 144 41.75 -63.47 11.62
C HIS V 144 41.58 -63.02 13.08
N LEU V 145 41.31 -61.73 13.32
CA LEU V 145 41.12 -61.21 14.68
C LEU V 145 39.90 -61.86 15.35
N LEU V 146 38.85 -62.15 14.57
CA LEU V 146 37.66 -62.81 15.10
C LEU V 146 37.94 -64.31 15.31
N GLU V 147 38.58 -64.97 14.33
CA GLU V 147 38.91 -66.40 14.42
C GLU V 147 39.77 -66.73 15.64
N THR V 148 40.84 -65.94 15.88
CA THR V 148 41.76 -66.17 17.00
C THR V 148 41.10 -65.87 18.36
N GLY V 149 40.21 -64.90 18.39
CA GLY V 149 39.57 -64.50 19.63
C GLY V 149 40.55 -63.90 20.61
N LEU V 150 41.50 -63.10 20.09
CA LEU V 150 42.55 -62.45 20.89
C LEU V 150 41.97 -61.55 21.96
N LEU V 151 40.90 -60.82 21.65
CA LEU V 151 40.28 -59.86 22.55
C LEU V 151 39.15 -60.46 23.41
N GLY V 152 39.15 -61.77 23.61
CA GLY V 152 38.13 -62.46 24.39
C GLY V 152 36.80 -62.61 23.68
N THR V 153 36.86 -62.73 22.34
CA THR V 153 35.68 -62.82 21.49
C THR V 153 35.44 -64.21 20.92
N THR V 154 34.16 -64.61 20.82
CA THR V 154 33.74 -65.87 20.20
C THR V 154 32.98 -65.47 18.93
N VAL V 155 33.14 -66.22 17.83
CA VAL V 155 32.53 -65.85 16.54
C VAL V 155 31.74 -67.01 15.90
N THR V 156 30.61 -66.66 15.21
CA THR V 156 29.76 -67.59 14.47
C THR V 156 29.77 -67.15 13.00
N TRP V 157 30.47 -67.89 12.13
CA TRP V 157 30.56 -67.57 10.71
C TRP V 157 29.29 -68.01 10.00
N ALA V 158 28.32 -67.09 9.84
CA ALA V 158 27.02 -67.38 9.25
C ALA V 158 26.81 -66.75 7.88
N LYS V 159 25.95 -67.37 7.05
CA LYS V 159 25.60 -66.83 5.75
C LYS V 159 24.57 -65.70 5.94
N GLU V 160 24.42 -64.84 4.93
CA GLU V 160 23.50 -63.71 4.98
C GLU V 160 22.06 -64.10 5.41
N ALA V 161 21.53 -65.20 4.84
CA ALA V 161 20.18 -65.65 5.17
C ALA V 161 20.06 -66.27 6.57
N ASP V 162 21.15 -66.88 7.09
CA ASP V 162 21.14 -67.55 8.39
C ASP V 162 21.66 -66.67 9.55
N ILE V 163 21.44 -65.34 9.51
CA ILE V 163 21.90 -64.45 10.58
C ILE V 163 21.02 -64.62 11.83
N ALA V 164 19.70 -64.52 11.67
CA ALA V 164 18.74 -64.63 12.77
C ALA V 164 18.94 -65.90 13.62
N SER V 165 19.18 -67.05 12.98
CA SER V 165 19.39 -68.32 13.67
C SER V 165 20.72 -68.37 14.42
N ALA V 166 21.78 -67.78 13.85
CA ALA V 166 23.11 -67.74 14.47
C ALA V 166 23.19 -66.85 15.73
N ILE V 167 22.21 -65.95 15.92
CA ILE V 167 22.20 -65.04 17.07
C ILE V 167 21.77 -65.74 18.35
N GLN V 168 22.54 -65.49 19.44
CA GLN V 168 22.26 -65.99 20.79
C GLN V 168 22.21 -64.79 21.76
N ASP V 169 21.71 -65.00 22.98
CA ASP V 169 21.61 -63.92 23.98
C ASP V 169 22.99 -63.32 24.35
N ASP V 170 24.07 -64.09 24.19
CA ASP V 170 25.44 -63.63 24.48
C ASP V 170 26.01 -62.70 23.37
N THR V 171 25.28 -62.47 22.26
CA THR V 171 25.78 -61.66 21.15
C THR V 171 25.70 -60.14 21.38
N GLY V 172 26.72 -59.43 20.92
CA GLY V 172 26.83 -57.99 21.03
C GLY V 172 26.88 -57.27 19.70
N LEU V 173 27.29 -57.95 18.61
CA LEU V 173 27.40 -57.31 17.29
C LEU V 173 27.33 -58.29 16.11
N VAL V 174 26.87 -57.77 14.95
CA VAL V 174 26.77 -58.50 13.68
C VAL V 174 27.70 -57.78 12.69
N ILE V 175 28.83 -58.42 12.29
CA ILE V 175 29.78 -57.78 11.38
C ILE V 175 29.56 -58.20 9.93
N VAL V 176 29.26 -57.23 9.06
CA VAL V 176 29.06 -57.45 7.62
C VAL V 176 29.90 -56.46 6.81
N GLU V 177 30.13 -56.76 5.51
CA GLU V 177 30.88 -55.90 4.61
C GLU V 177 30.35 -56.07 3.19
N THR V 178 30.07 -54.95 2.50
CA THR V 178 29.54 -54.98 1.13
C THR V 178 30.02 -53.73 0.34
N PRO V 179 30.73 -53.87 -0.80
CA PRO V 179 31.24 -55.10 -1.44
C PRO V 179 32.30 -55.77 -0.57
N ALA V 180 32.27 -57.10 -0.44
CA ALA V 180 33.24 -57.81 0.39
C ALA V 180 34.66 -57.75 -0.15
N ASN V 181 35.64 -57.83 0.75
CA ASN V 181 37.06 -57.85 0.37
C ASN V 181 37.47 -59.33 0.31
N PRO V 182 37.95 -59.92 -0.81
CA PRO V 182 38.25 -59.34 -2.14
C PRO V 182 37.23 -59.52 -3.29
N SER V 183 36.41 -60.58 -3.25
CA SER V 183 35.48 -60.98 -4.32
C SER V 183 34.29 -60.03 -4.58
N LEU V 184 34.11 -58.96 -3.81
CA LEU V 184 33.04 -57.97 -3.99
C LEU V 184 31.64 -58.55 -3.87
N ASP V 185 31.45 -59.47 -2.91
CA ASP V 185 30.16 -60.08 -2.64
C ASP V 185 29.26 -59.02 -2.01
N LEU V 186 28.03 -58.88 -2.51
CA LEU V 186 27.09 -57.88 -2.02
C LEU V 186 26.14 -58.48 -0.99
N VAL V 187 25.73 -57.68 0.01
CA VAL V 187 24.78 -58.10 1.04
C VAL V 187 23.69 -57.04 1.16
N ASP V 188 22.44 -57.48 1.28
CA ASP V 188 21.30 -56.60 1.45
C ASP V 188 21.28 -56.13 2.90
N LEU V 189 21.60 -54.85 3.14
CA LEU V 189 21.67 -54.30 4.50
C LEU V 189 20.30 -54.20 5.16
N ASP V 190 19.23 -53.97 4.40
CA ASP V 190 17.88 -53.91 4.96
C ASP V 190 17.49 -55.28 5.56
N SER V 191 17.84 -56.38 4.85
CA SER V 191 17.55 -57.74 5.31
C SER V 191 18.40 -58.13 6.52
N VAL V 192 19.68 -57.70 6.56
CA VAL V 192 20.58 -58.01 7.66
C VAL V 192 20.08 -57.33 8.94
N VAL V 193 19.71 -56.05 8.85
CA VAL V 193 19.20 -55.29 10.00
C VAL V 193 17.91 -55.95 10.52
N SER V 194 17.01 -56.35 9.60
CA SER V 194 15.77 -57.03 9.97
C SER V 194 16.06 -58.35 10.71
N ALA V 195 17.02 -59.15 10.21
CA ALA V 195 17.40 -60.42 10.82
C ALA V 195 18.10 -60.26 12.18
N ALA V 196 18.89 -59.18 12.36
CA ALA V 196 19.61 -58.92 13.61
C ALA V 196 18.66 -58.54 14.74
N GLY V 197 17.67 -57.71 14.45
CA GLY V 197 16.70 -57.28 15.45
C GLY V 197 17.31 -56.36 16.50
N ASN V 198 17.35 -56.82 17.75
CA ASN V 198 17.90 -56.04 18.86
C ASN V 198 19.44 -55.96 18.84
N VAL V 199 20.13 -56.83 18.08
CA VAL V 199 21.59 -56.83 18.06
C VAL V 199 22.08 -55.71 17.13
N PRO V 200 23.01 -54.82 17.56
CA PRO V 200 23.50 -53.78 16.64
C PRO V 200 24.29 -54.37 15.47
N VAL V 201 24.24 -53.72 14.29
CA VAL V 201 24.94 -54.18 13.09
C VAL V 201 26.10 -53.25 12.76
N LEU V 202 27.30 -53.83 12.58
CA LEU V 202 28.50 -53.10 12.18
C LEU V 202 28.75 -53.40 10.70
N VAL V 203 28.71 -52.36 9.86
CA VAL V 203 28.92 -52.48 8.42
C VAL V 203 30.25 -51.84 8.08
N ASP V 204 31.16 -52.59 7.44
CA ASP V 204 32.46 -52.06 7.03
C ASP V 204 32.27 -51.47 5.63
N ASN V 205 32.09 -50.14 5.57
CA ASN V 205 31.84 -49.38 4.34
C ASN V 205 33.13 -48.78 3.71
N THR V 206 34.26 -49.50 3.82
CA THR V 206 35.53 -49.02 3.25
C THR V 206 35.49 -48.96 1.71
N PHE V 207 35.08 -50.08 1.07
CA PHE V 207 35.03 -50.22 -0.39
C PHE V 207 34.03 -49.28 -1.10
N CYS V 208 32.88 -49.02 -0.46
CA CYS V 208 31.83 -48.17 -1.03
C CYS V 208 32.02 -46.70 -0.69
N THR V 209 32.55 -46.38 0.52
CA THR V 209 32.75 -44.99 1.03
C THR V 209 31.39 -44.29 1.29
N PRO V 210 31.31 -43.17 2.05
CA PRO V 210 29.99 -42.51 2.23
C PRO V 210 29.41 -41.87 0.96
N VAL V 211 30.15 -41.93 -0.18
CA VAL V 211 29.70 -41.37 -1.45
C VAL V 211 28.59 -42.26 -2.03
N LEU V 212 28.85 -43.58 -2.11
CA LEU V 212 27.94 -44.55 -2.72
C LEU V 212 26.91 -45.15 -1.75
N GLN V 213 27.38 -45.71 -0.63
CA GLN V 213 26.54 -46.40 0.34
C GLN V 213 26.49 -45.64 1.67
N GLN V 214 25.30 -45.61 2.29
CA GLN V 214 25.03 -44.97 3.58
C GLN V 214 24.39 -46.05 4.49
N PRO V 215 25.19 -46.95 5.12
CA PRO V 215 24.57 -47.99 5.97
C PRO V 215 23.70 -47.49 7.13
N ILE V 216 23.96 -46.29 7.66
CA ILE V 216 23.18 -45.72 8.77
C ILE V 216 21.69 -45.61 8.36
N SER V 217 21.41 -45.20 7.12
CA SER V 217 20.04 -45.09 6.60
C SER V 217 19.30 -46.44 6.59
N HIS V 218 20.04 -47.55 6.35
CA HIS V 218 19.45 -48.89 6.37
C HIS V 218 19.21 -49.44 7.80
N GLY V 219 19.73 -48.76 8.83
CA GLY V 219 19.58 -49.14 10.23
C GLY V 219 20.81 -49.72 10.90
N ALA V 220 22.02 -49.52 10.32
CA ALA V 220 23.24 -50.01 10.93
C ALA V 220 23.58 -49.14 12.13
N ALA V 221 23.96 -49.74 13.26
CA ALA V 221 24.29 -48.98 14.46
C ALA V 221 25.67 -48.34 14.33
N LEU V 222 26.67 -49.10 13.82
CA LEU V 222 28.03 -48.59 13.64
C LEU V 222 28.54 -48.86 12.22
N VAL V 223 29.37 -47.95 11.68
CA VAL V 223 29.91 -48.04 10.32
C VAL V 223 31.44 -47.85 10.36
N LEU V 224 32.20 -48.91 10.03
CA LEU V 224 33.68 -48.87 10.04
C LEU V 224 34.23 -48.47 8.67
N HIS V 225 35.29 -47.65 8.65
CA HIS V 225 35.97 -47.20 7.44
C HIS V 225 37.48 -47.26 7.64
N SER V 226 38.21 -48.04 6.84
CA SER V 226 39.67 -48.05 6.91
C SER V 226 40.09 -46.79 6.17
N ALA V 227 40.21 -45.67 6.90
CA ALA V 227 40.54 -44.37 6.32
C ALA V 227 41.80 -44.36 5.46
N THR V 228 42.72 -45.32 5.70
CA THR V 228 43.93 -45.54 4.89
C THR V 228 43.57 -45.63 3.39
N GLN V 229 42.41 -46.25 3.07
CA GLN V 229 41.94 -46.43 1.71
C GLN V 229 40.77 -45.47 1.43
N TYR V 230 40.81 -44.79 0.26
CA TYR V 230 39.79 -43.85 -0.24
C TYR V 230 39.71 -42.52 0.54
N LEU V 231 39.43 -42.55 1.86
CA LEU V 231 39.31 -41.31 2.66
C LEU V 231 40.63 -40.54 2.63
N GLY V 232 41.75 -41.24 2.68
CA GLY V 232 43.06 -40.62 2.53
C GLY V 232 43.25 -40.27 1.07
N GLY V 233 43.19 -41.30 0.23
CA GLY V 233 43.25 -41.16 -1.22
C GLY V 233 44.63 -41.07 -1.85
N HIS V 234 45.71 -40.90 -1.05
CA HIS V 234 47.06 -40.76 -1.62
C HIS V 234 48.08 -41.75 -1.04
N GLY V 235 47.63 -42.79 -0.33
CA GLY V 235 48.49 -43.82 0.24
C GLY V 235 49.57 -43.30 1.18
N ASP V 236 49.23 -42.32 2.02
CA ASP V 236 50.20 -41.71 2.93
C ASP V 236 49.63 -41.37 4.30
N ALA V 237 48.48 -41.94 4.69
CA ALA V 237 47.89 -41.68 5.99
C ALA V 237 47.10 -42.88 6.48
N MET V 238 47.62 -43.57 7.50
CA MET V 238 46.92 -44.70 8.09
C MET V 238 45.80 -44.13 8.96
N GLY V 239 44.70 -44.86 9.06
CA GLY V 239 43.59 -44.42 9.89
C GLY V 239 42.42 -45.38 9.92
N GLY V 240 41.61 -45.23 10.93
CA GLY V 240 40.41 -46.04 11.16
C GLY V 240 39.37 -45.19 11.85
N ILE V 241 38.10 -45.33 11.48
CA ILE V 241 37.03 -44.48 12.05
C ILE V 241 35.69 -45.19 12.00
N ILE V 242 34.89 -45.05 13.06
CA ILE V 242 33.57 -45.65 13.14
C ILE V 242 32.51 -44.55 13.36
N ALA V 243 31.60 -44.38 12.37
CA ALA V 243 30.51 -43.42 12.47
C ALA V 243 29.37 -44.17 13.15
N THR V 244 28.88 -43.67 14.30
CA THR V 244 27.86 -44.37 15.09
C THR V 244 27.01 -43.44 16.00
N ASN V 245 25.98 -43.99 16.69
CA ASN V 245 25.17 -43.26 17.66
C ASN V 245 26.02 -42.85 18.90
N ALA V 246 25.47 -42.01 19.78
CA ALA V 246 26.17 -41.54 20.98
C ALA V 246 26.55 -42.66 21.98
N ASP V 247 25.69 -43.69 22.13
CA ASP V 247 25.95 -44.79 23.08
C ASP V 247 27.22 -45.56 22.69
N TRP V 248 27.34 -45.96 21.41
CA TRP V 248 28.51 -46.69 20.95
C TRP V 248 29.75 -45.81 20.85
N ALA V 249 29.57 -44.51 20.53
CA ALA V 249 30.70 -43.58 20.48
C ALA V 249 31.32 -43.42 21.87
N MET V 250 30.49 -43.38 22.91
CA MET V 250 30.95 -43.28 24.29
C MET V 250 31.73 -44.53 24.68
N ARG V 251 31.23 -45.72 24.30
CA ARG V 251 31.91 -46.98 24.59
C ARG V 251 33.26 -47.07 23.86
N LEU V 252 33.33 -46.57 22.62
CA LEU V 252 34.56 -46.57 21.83
C LEU V 252 35.58 -45.59 22.38
N ARG V 253 35.13 -44.43 22.86
CA ARG V 253 36.03 -43.44 23.45
C ARG V 253 36.52 -43.91 24.83
N GLN V 254 35.71 -44.69 25.56
CA GLN V 254 36.13 -45.26 26.85
C GLN V 254 37.30 -46.22 26.62
N VAL V 255 37.23 -47.04 25.56
CA VAL V 255 38.28 -47.99 25.20
C VAL V 255 39.50 -47.23 24.68
N ARG V 256 39.31 -46.22 23.81
CA ARG V 256 40.39 -45.41 23.25
C ARG V 256 41.18 -44.65 24.31
N ALA V 257 40.50 -44.11 25.34
CA ALA V 257 41.19 -43.36 26.40
C ALA V 257 42.11 -44.24 27.26
N ILE V 258 41.83 -45.56 27.35
CA ILE V 258 42.64 -46.46 28.19
C ILE V 258 43.61 -47.35 27.35
N THR V 259 43.24 -47.75 26.12
CA THR V 259 44.11 -48.55 25.26
C THR V 259 45.00 -47.69 24.33
N GLY V 260 44.64 -46.42 24.11
CA GLY V 260 45.44 -45.45 23.36
C GLY V 260 45.90 -45.75 21.95
N ALA V 261 45.04 -46.29 21.08
CA ALA V 261 45.42 -46.51 19.67
C ALA V 261 45.02 -45.24 18.94
N LEU V 262 45.73 -44.14 19.23
CA LEU V 262 45.38 -42.82 18.73
C LEU V 262 45.82 -42.51 17.31
N LEU V 263 45.02 -41.67 16.64
CA LEU V 263 45.31 -41.18 15.31
C LEU V 263 46.17 -39.92 15.52
N HIS V 264 47.36 -39.89 14.92
CA HIS V 264 48.28 -38.77 15.08
C HIS V 264 47.69 -37.47 14.50
N PRO V 265 47.90 -36.27 15.10
CA PRO V 265 47.33 -35.05 14.51
C PRO V 265 47.57 -34.82 13.01
N MET V 266 48.74 -35.23 12.48
CA MET V 266 49.00 -35.08 11.04
C MET V 266 48.21 -36.10 10.24
N GLY V 267 48.05 -37.32 10.76
CA GLY V 267 47.24 -38.34 10.12
C GLY V 267 45.80 -37.89 9.97
N ALA V 268 45.24 -37.28 11.03
CA ALA V 268 43.90 -36.71 11.02
C ALA V 268 43.78 -35.57 10.02
N TYR V 269 44.82 -34.74 9.92
CA TYR V 269 44.85 -33.62 8.99
C TYR V 269 44.77 -34.09 7.53
N LEU V 270 45.57 -35.12 7.16
CA LEU V 270 45.58 -35.62 5.79
C LEU V 270 44.32 -36.43 5.44
N LEU V 271 43.71 -37.11 6.43
CA LEU V 271 42.49 -37.89 6.19
C LEU V 271 41.29 -36.94 6.04
N HIS V 272 41.27 -35.82 6.81
CA HIS V 272 40.26 -34.76 6.71
C HIS V 272 40.45 -34.03 5.36
N ARG V 273 41.71 -33.74 4.98
CA ARG V 273 42.09 -33.12 3.72
C ARG V 273 41.66 -33.98 2.52
N GLY V 274 41.83 -35.30 2.63
CA GLY V 274 41.44 -36.26 1.60
C GLY V 274 39.95 -36.30 1.36
N LEU V 275 39.14 -36.09 2.42
CA LEU V 275 37.68 -36.08 2.28
C LEU V 275 37.18 -34.97 1.36
N ARG V 276 37.93 -33.85 1.23
CA ARG V 276 37.55 -32.72 0.39
C ARG V 276 37.51 -33.08 -1.11
N THR V 277 38.33 -34.06 -1.53
CA THR V 277 38.41 -34.53 -2.92
C THR V 277 37.80 -35.93 -3.10
N LEU V 278 36.99 -36.43 -2.14
CA LEU V 278 36.42 -37.78 -2.24
C LEU V 278 35.34 -37.90 -3.30
N ALA V 279 34.45 -36.90 -3.43
CA ALA V 279 33.38 -36.95 -4.43
C ALA V 279 33.94 -37.00 -5.85
N VAL V 280 34.93 -36.17 -6.18
CA VAL V 280 35.48 -36.14 -7.54
C VAL V 280 36.43 -37.31 -7.83
N ARG V 281 37.06 -37.93 -6.81
CA ARG V 281 37.96 -39.06 -7.05
C ARG V 281 37.17 -40.37 -7.24
N MET V 282 36.17 -40.63 -6.38
CA MET V 282 35.37 -41.86 -6.46
C MET V 282 34.61 -41.91 -7.78
N ARG V 283 34.04 -40.79 -8.22
CA ARG V 283 33.33 -40.73 -9.49
C ARG V 283 34.28 -41.01 -10.67
N ALA V 284 35.47 -40.39 -10.69
CA ALA V 284 36.44 -40.58 -11.77
C ALA V 284 36.97 -42.01 -11.81
N ALA V 285 37.31 -42.59 -10.65
CA ALA V 285 37.79 -43.96 -10.58
C ALA V 285 36.68 -44.98 -10.92
N GLN V 286 35.40 -44.62 -10.65
CA GLN V 286 34.25 -45.47 -10.97
C GLN V 286 34.06 -45.53 -12.50
N THR V 287 34.25 -44.38 -13.18
CA THR V 287 34.13 -44.27 -14.64
C THR V 287 35.17 -45.18 -15.31
N THR V 288 36.41 -45.16 -14.79
CA THR V 288 37.51 -45.98 -15.31
C THR V 288 37.28 -47.46 -15.02
N ALA V 289 36.80 -47.80 -13.80
CA ALA V 289 36.57 -49.19 -13.42
C ALA V 289 35.44 -49.85 -14.20
N GLY V 290 34.34 -49.14 -14.40
CA GLY V 290 33.20 -49.66 -15.15
C GLY V 290 33.56 -50.05 -16.57
N GLU V 291 34.45 -49.27 -17.20
CA GLU V 291 34.93 -49.52 -18.54
C GLU V 291 35.97 -50.66 -18.54
N LEU V 292 36.87 -50.69 -17.55
CA LEU V 292 37.89 -51.75 -17.47
C LEU V 292 37.25 -53.12 -17.24
N ALA V 293 36.27 -53.23 -16.34
CA ALA V 293 35.59 -54.50 -16.07
C ALA V 293 34.97 -55.11 -17.33
N GLU V 294 34.49 -54.28 -18.26
CA GLU V 294 33.91 -54.74 -19.52
C GLU V 294 35.00 -55.28 -20.46
N ARG V 295 36.13 -54.58 -20.56
CA ARG V 295 37.25 -54.99 -21.43
C ARG V 295 37.89 -56.27 -20.90
N LEU V 296 38.04 -56.37 -19.57
CA LEU V 296 38.65 -57.52 -18.91
C LEU V 296 37.76 -58.76 -18.99
N ASP V 297 36.43 -58.58 -18.99
CA ASP V 297 35.50 -59.71 -19.13
C ASP V 297 35.62 -60.32 -20.54
N ALA V 298 35.83 -59.47 -21.57
CA ALA V 298 36.00 -59.91 -22.95
C ALA V 298 37.32 -60.67 -23.20
N HIS V 299 38.33 -60.53 -22.33
CA HIS V 299 39.61 -61.21 -22.55
C HIS V 299 39.47 -62.73 -22.33
N PRO V 300 40.09 -63.59 -23.17
CA PRO V 300 39.94 -65.04 -22.96
C PRO V 300 40.66 -65.60 -21.74
N ALA V 301 41.74 -64.93 -21.28
CA ALA V 301 42.49 -65.37 -20.11
C ALA V 301 41.69 -65.28 -18.82
N ILE V 302 40.69 -64.38 -18.75
CA ILE V 302 39.86 -64.21 -17.56
C ILE V 302 38.53 -64.91 -17.77
N SER V 303 38.15 -65.82 -16.85
CA SER V 303 36.90 -66.55 -16.92
C SER V 303 35.73 -65.76 -16.31
N VAL V 304 35.91 -65.23 -15.09
CA VAL V 304 34.87 -64.49 -14.37
C VAL V 304 35.39 -63.12 -13.95
N VAL V 305 34.58 -62.05 -14.12
CA VAL V 305 34.94 -60.70 -13.66
C VAL V 305 33.87 -60.29 -12.68
N HIS V 306 34.25 -60.00 -11.43
CA HIS V 306 33.35 -59.56 -10.39
C HIS V 306 33.37 -58.04 -10.35
N TYR V 307 32.23 -57.40 -10.66
CA TYR V 307 32.09 -55.94 -10.61
C TYR V 307 30.58 -55.63 -10.45
N PRO V 308 30.13 -54.93 -9.38
CA PRO V 308 28.67 -54.70 -9.23
C PRO V 308 27.95 -54.07 -10.42
N GLY V 309 28.59 -53.11 -11.09
CA GLY V 309 28.02 -52.44 -12.25
C GLY V 309 27.82 -53.31 -13.48
N LEU V 310 28.53 -54.46 -13.57
CA LEU V 310 28.38 -55.38 -14.70
C LEU V 310 27.02 -56.05 -14.63
N LYS V 311 26.37 -56.27 -15.78
CA LYS V 311 25.02 -56.84 -15.78
C LYS V 311 25.07 -58.33 -15.43
N GLY V 312 24.09 -58.76 -14.65
CA GLY V 312 23.99 -60.10 -14.05
C GLY V 312 24.55 -60.16 -12.64
N GLN V 313 25.52 -59.29 -12.30
CA GLN V 313 26.13 -59.26 -10.97
C GLN V 313 25.21 -58.68 -9.88
N ASP V 314 24.12 -57.99 -10.25
CA ASP V 314 23.21 -57.38 -9.29
C ASP V 314 21.79 -57.96 -9.45
N PRO V 315 21.50 -59.19 -8.96
CA PRO V 315 20.14 -59.74 -9.13
C PRO V 315 19.07 -59.10 -8.25
N ARG V 316 19.40 -58.74 -7.01
CA ARG V 316 18.40 -58.19 -6.08
C ARG V 316 18.09 -56.71 -6.30
N GLY V 317 18.80 -56.03 -7.20
CA GLY V 317 18.57 -54.62 -7.44
C GLY V 317 19.09 -53.71 -6.35
N LEU V 318 20.25 -54.07 -5.76
CA LEU V 318 20.90 -53.29 -4.72
C LEU V 318 21.53 -52.00 -5.28
N LEU V 319 21.89 -51.97 -6.57
CA LEU V 319 22.48 -50.79 -7.20
C LEU V 319 21.32 -49.82 -7.44
N GLY V 320 21.40 -48.65 -6.83
CA GLY V 320 20.36 -47.62 -6.89
C GLY V 320 19.69 -47.46 -5.54
N ARG V 321 19.13 -48.55 -4.98
CA ARG V 321 18.48 -48.49 -3.68
C ARG V 321 19.48 -48.49 -2.50
N GLN V 322 20.61 -49.24 -2.59
CA GLN V 322 21.62 -49.28 -1.53
C GLN V 322 22.93 -48.61 -1.97
N MET V 323 23.44 -48.93 -3.16
CA MET V 323 24.70 -48.41 -3.70
C MET V 323 24.45 -47.46 -4.87
N SER V 324 24.86 -46.19 -4.78
CA SER V 324 24.70 -45.25 -5.90
C SER V 324 25.91 -45.31 -6.86
N GLY V 325 26.41 -46.51 -7.13
CA GLY V 325 27.53 -46.70 -8.04
C GLY V 325 28.14 -48.09 -7.97
N GLY V 326 28.87 -48.46 -9.02
CA GLY V 326 29.53 -49.75 -9.11
C GLY V 326 30.82 -49.88 -8.31
N GLY V 327 31.42 -48.77 -7.92
CA GLY V 327 32.66 -48.78 -7.14
C GLY V 327 33.90 -48.73 -8.00
N ALA V 328 35.07 -48.66 -7.35
CA ALA V 328 36.36 -48.58 -8.05
C ALA V 328 37.26 -49.79 -7.76
N MET V 329 36.66 -50.96 -7.50
CA MET V 329 37.38 -52.19 -7.22
C MET V 329 36.89 -53.27 -8.19
N ILE V 330 37.81 -54.09 -8.73
CA ILE V 330 37.44 -55.18 -9.64
C ILE V 330 38.23 -56.41 -9.24
N ALA V 331 37.55 -57.53 -9.00
CA ALA V 331 38.18 -58.81 -8.74
C ALA V 331 37.89 -59.73 -9.92
N MET V 332 38.79 -60.69 -10.21
CA MET V 332 38.58 -61.60 -11.33
C MET V 332 39.19 -62.98 -11.10
N GLU V 333 38.55 -64.01 -11.68
CA GLU V 333 39.00 -65.39 -11.59
C GLU V 333 39.71 -65.72 -12.90
N LEU V 334 40.97 -66.18 -12.84
CA LEU V 334 41.75 -66.51 -14.04
C LEU V 334 41.42 -67.93 -14.50
N ALA V 335 41.42 -68.15 -15.82
CA ALA V 335 41.13 -69.46 -16.39
C ALA V 335 42.23 -70.48 -16.07
N GLY V 336 43.49 -70.04 -16.10
CA GLY V 336 44.63 -70.91 -15.80
C GLY V 336 44.94 -71.13 -14.33
N GLY V 337 44.06 -70.70 -13.44
CA GLY V 337 44.24 -70.91 -12.01
C GLY V 337 45.30 -70.05 -11.37
N PHE V 338 46.05 -70.62 -10.42
CA PHE V 338 47.09 -69.90 -9.69
C PHE V 338 48.23 -69.42 -10.59
N ASP V 339 48.72 -70.27 -11.52
CA ASP V 339 49.85 -69.89 -12.38
C ASP V 339 49.51 -68.68 -13.26
N ALA V 340 48.30 -68.62 -13.82
CA ALA V 340 47.87 -67.46 -14.63
C ALA V 340 47.64 -66.22 -13.76
N ALA V 341 47.20 -66.42 -12.50
CA ALA V 341 46.97 -65.32 -11.55
C ALA V 341 48.32 -64.69 -11.13
N ARG V 342 49.33 -65.52 -10.81
CA ARG V 342 50.64 -64.99 -10.44
C ARG V 342 51.37 -64.38 -11.66
N SER V 343 51.26 -64.97 -12.87
CA SER V 343 51.89 -64.36 -14.06
C SER V 343 51.26 -63.00 -14.38
N PHE V 344 49.95 -62.85 -14.19
CA PHE V 344 49.23 -61.60 -14.47
C PHE V 344 49.77 -60.44 -13.62
N VAL V 345 49.89 -60.63 -12.31
CA VAL V 345 50.38 -59.57 -11.43
C VAL V 345 51.89 -59.32 -11.57
N GLU V 346 52.68 -60.36 -11.89
CA GLU V 346 54.13 -60.24 -12.06
C GLU V 346 54.52 -59.56 -13.39
N HIS V 347 53.65 -59.58 -14.41
CA HIS V 347 53.94 -58.92 -15.70
C HIS V 347 53.32 -57.50 -15.81
N CYS V 348 52.72 -56.97 -14.72
CA CYS V 348 52.20 -55.60 -14.72
C CYS V 348 53.37 -54.64 -14.50
N ASN V 349 53.39 -53.51 -15.23
CA ASN V 349 54.45 -52.50 -15.12
C ASN V 349 53.88 -51.18 -14.58
N LEU V 350 52.89 -50.58 -15.26
CA LEU V 350 52.24 -49.35 -14.83
C LEU V 350 51.39 -49.67 -13.60
N VAL V 351 50.61 -50.76 -13.65
CA VAL V 351 49.81 -51.22 -12.50
C VAL V 351 50.83 -51.87 -11.56
N VAL V 352 50.84 -51.46 -10.29
CA VAL V 352 51.83 -51.94 -9.34
C VAL V 352 51.32 -53.08 -8.45
N HIS V 353 52.14 -54.13 -8.28
CA HIS V 353 51.82 -55.27 -7.42
C HIS V 353 52.05 -54.86 -5.97
N ALA V 354 50.94 -54.49 -5.27
CA ALA V 354 51.00 -54.06 -3.87
C ALA V 354 49.62 -54.16 -3.21
N VAL V 355 49.59 -54.24 -1.86
CA VAL V 355 48.33 -54.26 -1.10
C VAL V 355 47.80 -52.79 -0.95
N SER V 356 46.63 -52.59 -0.29
CA SER V 356 45.95 -51.30 -0.11
C SER V 356 45.12 -50.94 -1.34
N LEU V 357 44.17 -50.02 -1.18
CA LEU V 357 43.24 -49.64 -2.23
C LEU V 357 42.77 -48.17 -2.12
N GLY V 358 42.01 -47.70 -3.11
CA GLY V 358 41.45 -46.36 -3.15
C GLY V 358 42.39 -45.18 -3.36
N GLY V 359 43.63 -45.46 -3.74
CA GLY V 359 44.62 -44.41 -3.93
C GLY V 359 44.55 -43.76 -5.30
N ALA V 360 45.50 -42.87 -5.57
CA ALA V 360 45.57 -42.19 -6.87
C ALA V 360 46.06 -43.12 -8.00
N ASP V 361 46.82 -44.17 -7.67
CA ASP V 361 47.37 -45.13 -8.63
C ASP V 361 46.67 -46.50 -8.55
N THR V 362 46.74 -47.26 -9.67
CA THR V 362 46.12 -48.57 -9.79
C THR V 362 47.06 -49.62 -9.22
N LEU V 363 46.53 -50.46 -8.31
CA LEU V 363 47.28 -51.52 -7.66
C LEU V 363 46.62 -52.88 -7.93
N ILE V 364 47.42 -53.95 -7.85
CA ILE V 364 46.96 -55.31 -8.11
C ILE V 364 47.64 -56.26 -7.11
N GLN V 365 46.95 -57.32 -6.69
CA GLN V 365 47.51 -58.27 -5.72
C GLN V 365 46.73 -59.58 -5.66
N HIS V 366 47.41 -60.65 -5.23
CA HIS V 366 46.82 -61.98 -5.10
C HIS V 366 46.28 -62.07 -3.65
N PRO V 367 44.95 -62.03 -3.42
CA PRO V 367 44.45 -62.04 -2.02
C PRO V 367 44.85 -63.25 -1.15
N ALA V 368 44.78 -64.47 -1.70
CA ALA V 368 45.13 -65.69 -0.98
C ALA V 368 46.59 -65.69 -0.48
N SER V 369 47.49 -64.95 -1.15
CA SER V 369 48.91 -64.84 -0.79
C SER V 369 49.24 -63.62 0.07
N LEU V 370 48.41 -62.54 0.04
CA LEU V 370 48.73 -61.34 0.81
C LEU V 370 47.59 -60.91 1.79
N THR V 371 46.61 -60.09 1.37
CA THR V 371 45.58 -59.57 2.29
C THR V 371 44.85 -60.66 3.09
N HIS V 372 44.48 -61.76 2.43
CA HIS V 372 43.77 -62.87 3.08
C HIS V 372 44.67 -64.08 3.35
N ARG V 373 45.95 -63.85 3.64
CA ARG V 373 46.88 -64.93 3.97
C ARG V 373 46.61 -65.46 5.42
N PRO V 374 46.32 -64.62 6.45
CA PRO V 374 46.04 -65.18 7.79
C PRO V 374 44.67 -65.86 7.94
N VAL V 375 43.87 -65.92 6.85
CA VAL V 375 42.54 -66.53 6.88
C VAL V 375 42.69 -68.06 6.84
N ALA V 376 41.75 -68.78 7.49
CA ALA V 376 41.75 -70.23 7.51
C ALA V 376 41.66 -70.80 6.09
N ALA V 377 42.31 -71.94 5.84
CA ALA V 377 42.33 -72.57 4.51
C ALA V 377 40.94 -72.74 3.88
N THR V 378 39.95 -73.19 4.68
CA THR V 378 38.59 -73.40 4.20
C THR V 378 37.91 -72.09 3.77
N ALA V 379 38.21 -70.98 4.47
CA ALA V 379 37.63 -69.67 4.21
C ALA V 379 38.48 -68.76 3.29
N LYS V 380 39.67 -69.22 2.87
CA LYS V 380 40.54 -68.39 2.03
C LYS V 380 39.92 -68.15 0.64
N PRO V 381 40.17 -67.00 -0.05
CA PRO V 381 39.60 -66.84 -1.40
C PRO V 381 40.25 -67.77 -2.44
N GLY V 382 39.64 -67.84 -3.63
CA GLY V 382 40.13 -68.69 -4.70
C GLY V 382 41.57 -68.42 -5.09
N ASP V 383 42.29 -69.48 -5.47
CA ASP V 383 43.69 -69.36 -5.88
C ASP V 383 43.85 -68.65 -7.24
N GLY V 384 42.83 -68.70 -8.08
CA GLY V 384 42.83 -68.00 -9.37
C GLY V 384 42.31 -66.58 -9.29
N LEU V 385 41.85 -66.12 -8.09
CA LEU V 385 41.30 -64.78 -7.91
C LEU V 385 42.40 -63.73 -7.75
N ILE V 386 42.18 -62.55 -8.38
CA ILE V 386 43.09 -61.40 -8.37
C ILE V 386 42.25 -60.13 -8.09
N ARG V 387 42.66 -59.32 -7.09
CA ARG V 387 41.95 -58.08 -6.74
C ARG V 387 42.72 -56.89 -7.35
N LEU V 388 41.97 -55.89 -7.87
CA LEU V 388 42.54 -54.70 -8.50
C LEU V 388 41.83 -53.44 -7.98
N SER V 389 42.62 -52.42 -7.57
CA SER V 389 42.10 -51.13 -7.12
C SER V 389 42.32 -50.15 -8.26
N VAL V 390 41.24 -49.59 -8.83
CA VAL V 390 41.36 -48.68 -9.97
C VAL V 390 41.63 -47.24 -9.48
N GLY V 391 42.67 -46.63 -10.02
CA GLY V 391 43.09 -45.27 -9.66
C GLY V 391 42.50 -44.20 -10.56
N LEU V 392 43.26 -43.11 -10.76
CA LEU V 392 42.83 -41.97 -11.57
C LEU V 392 43.58 -41.86 -12.91
N GLU V 393 44.23 -42.93 -13.38
CA GLU V 393 44.97 -42.90 -14.64
C GLU V 393 44.02 -43.07 -15.83
N HIS V 394 44.49 -42.78 -17.04
CA HIS V 394 43.67 -42.91 -18.24
C HIS V 394 43.30 -44.38 -18.45
N VAL V 395 42.03 -44.64 -18.81
CA VAL V 395 41.51 -45.99 -19.03
C VAL V 395 42.32 -46.77 -20.08
N ASP V 396 42.73 -46.12 -21.18
CA ASP V 396 43.48 -46.79 -22.24
C ASP V 396 44.84 -47.28 -21.75
N ASP V 397 45.57 -46.44 -21.00
CA ASP V 397 46.89 -46.83 -20.49
C ASP V 397 46.81 -47.99 -19.48
N LEU V 398 45.73 -48.05 -18.69
CA LEU V 398 45.58 -49.15 -17.73
C LEU V 398 45.17 -50.42 -18.44
N ALA V 399 44.26 -50.34 -19.42
CA ALA V 399 43.85 -51.51 -20.18
C ALA V 399 45.01 -52.07 -20.99
N ASP V 400 45.81 -51.21 -21.63
CA ASP V 400 46.98 -51.65 -22.41
C ASP V 400 47.95 -52.44 -21.55
N ASP V 401 48.22 -51.98 -20.32
CA ASP V 401 49.13 -52.66 -19.40
C ASP V 401 48.56 -53.98 -18.88
N LEU V 402 47.26 -54.00 -18.51
CA LEU V 402 46.64 -55.22 -17.98
C LEU V 402 46.49 -56.29 -19.07
N ILE V 403 46.20 -55.88 -20.31
CA ILE V 403 46.06 -56.83 -21.42
C ILE V 403 47.44 -57.42 -21.74
N ALA V 404 48.50 -56.60 -21.80
CA ALA V 404 49.85 -57.07 -22.05
C ALA V 404 50.32 -58.08 -20.99
N ALA V 405 49.94 -57.84 -19.71
CA ALA V 405 50.28 -58.74 -18.61
C ALA V 405 49.58 -60.11 -18.75
N LEU V 406 48.34 -60.12 -19.23
CA LEU V 406 47.59 -61.36 -19.45
C LEU V 406 48.17 -62.11 -20.65
N ASP V 407 48.55 -61.38 -21.72
CA ASP V 407 49.14 -61.97 -22.92
C ASP V 407 50.57 -62.51 -22.69
N ALA V 408 51.24 -62.12 -21.58
CA ALA V 408 52.58 -62.60 -21.27
C ALA V 408 52.60 -64.09 -20.92
N SER W 23 54.55 -41.69 -24.54
CA SER W 23 53.55 -42.68 -24.95
C SER W 23 52.32 -42.69 -24.01
N LEU W 24 52.46 -42.21 -22.75
CA LEU W 24 51.34 -42.19 -21.80
C LEU W 24 50.54 -40.89 -21.89
N HIS W 25 49.25 -40.97 -21.51
CA HIS W 25 48.36 -39.82 -21.51
C HIS W 25 48.70 -38.85 -20.35
N PRO W 26 48.32 -37.54 -20.39
CA PRO W 26 48.65 -36.65 -19.26
C PRO W 26 48.00 -37.03 -17.93
N GLU W 27 46.85 -37.71 -17.96
CA GLU W 27 46.16 -38.16 -16.73
C GLU W 27 46.98 -39.21 -16.00
N THR W 28 47.63 -40.11 -16.77
CA THR W 28 48.50 -41.15 -16.22
C THR W 28 49.80 -40.51 -15.67
N LEU W 29 50.37 -39.54 -16.42
CA LEU W 29 51.62 -38.87 -16.04
C LEU W 29 51.49 -37.97 -14.81
N MET W 30 50.30 -37.49 -14.48
CA MET W 30 50.10 -36.70 -13.26
C MET W 30 50.20 -37.59 -12.02
N VAL W 31 49.71 -38.84 -12.11
CA VAL W 31 49.76 -39.79 -11.00
C VAL W 31 51.19 -40.33 -10.80
N HIS W 32 51.84 -40.82 -11.88
CA HIS W 32 53.16 -41.44 -11.82
C HIS W 32 54.37 -40.53 -12.11
N GLY W 33 54.16 -39.25 -12.38
CA GLY W 33 55.25 -38.32 -12.64
C GLY W 33 56.08 -38.06 -11.40
N GLY W 34 57.40 -38.09 -11.55
CA GLY W 34 58.33 -37.90 -10.44
C GLY W 34 58.35 -39.02 -9.42
N MET W 35 57.75 -40.18 -9.74
CA MET W 35 57.70 -41.36 -8.87
C MET W 35 58.65 -42.44 -9.42
N LYS W 36 59.76 -42.06 -10.11
CA LYS W 36 60.68 -43.03 -10.71
C LYS W 36 61.57 -43.64 -9.65
N GLY W 37 61.67 -44.97 -9.66
CA GLY W 37 62.49 -45.71 -8.73
C GLY W 37 61.88 -46.02 -7.38
N LEU W 38 60.70 -45.45 -7.06
CA LEU W 38 60.06 -45.70 -5.77
C LEU W 38 59.51 -47.12 -5.70
N THR W 39 58.80 -47.56 -6.74
CA THR W 39 58.26 -48.93 -6.79
C THR W 39 59.40 -49.97 -6.76
N GLU W 40 60.51 -49.65 -7.43
CA GLU W 40 61.69 -50.51 -7.50
C GLU W 40 62.41 -50.60 -6.13
N ALA W 41 62.28 -49.55 -5.28
CA ALA W 41 62.85 -49.50 -3.92
C ALA W 41 61.90 -50.04 -2.83
N GLY W 42 60.72 -50.52 -3.19
CA GLY W 42 59.75 -51.07 -2.24
C GLY W 42 59.01 -50.04 -1.39
N VAL W 43 58.75 -48.84 -1.96
CA VAL W 43 58.02 -47.76 -1.28
C VAL W 43 56.92 -47.21 -2.21
N HIS W 44 55.87 -46.60 -1.63
CA HIS W 44 54.72 -46.10 -2.40
C HIS W 44 54.81 -44.61 -2.78
N VAL W 45 55.12 -43.74 -1.80
CA VAL W 45 55.19 -42.28 -2.00
C VAL W 45 56.63 -41.77 -1.73
N PRO W 46 57.08 -40.61 -2.29
CA PRO W 46 58.45 -40.16 -2.00
C PRO W 46 58.64 -39.77 -0.55
N ALA W 47 59.79 -40.09 0.03
CA ALA W 47 60.07 -39.78 1.42
C ALA W 47 60.35 -38.29 1.61
N ILE W 48 60.12 -37.78 2.83
CA ILE W 48 60.36 -36.39 3.18
C ILE W 48 61.68 -36.36 3.96
N ASP W 49 62.78 -36.01 3.27
CA ASP W 49 64.10 -35.94 3.89
C ASP W 49 64.33 -34.51 4.35
N LEU W 50 64.28 -34.27 5.68
CA LEU W 50 64.47 -32.94 6.24
C LEU W 50 65.94 -32.53 6.36
N SER W 51 66.91 -33.44 6.08
CA SER W 51 68.34 -33.18 6.18
C SER W 51 68.78 -31.85 5.57
N THR W 52 69.38 -30.99 6.39
CA THR W 52 69.91 -29.71 5.92
C THR W 52 71.24 -29.96 5.21
N THR W 53 72.08 -30.84 5.78
CA THR W 53 73.38 -31.21 5.20
C THR W 53 73.32 -32.64 4.64
N ASN W 54 74.25 -32.96 3.74
CA ASN W 54 74.35 -34.26 3.11
C ASN W 54 75.84 -34.68 3.11
N PRO W 55 76.28 -35.68 3.90
CA PRO W 55 77.71 -36.02 3.94
C PRO W 55 78.36 -36.38 2.59
N VAL W 56 79.68 -36.16 2.50
CA VAL W 56 80.46 -36.41 1.29
C VAL W 56 81.43 -37.57 1.49
N ASN W 57 81.66 -38.31 0.41
CA ASN W 57 82.52 -39.49 0.43
C ASN W 57 84.00 -39.12 0.48
N ASP W 58 84.41 -38.12 -0.32
CA ASP W 58 85.81 -37.67 -0.42
C ASP W 58 85.87 -36.14 -0.56
N VAL W 59 87.04 -35.53 -0.26
CA VAL W 59 87.26 -34.09 -0.43
C VAL W 59 87.12 -33.74 -1.92
N ALA W 60 87.69 -34.57 -2.81
CA ALA W 60 87.63 -34.34 -4.25
C ALA W 60 86.20 -34.46 -4.80
N THR W 61 85.47 -35.54 -4.44
CA THR W 61 84.11 -35.77 -4.94
C THR W 61 83.12 -34.76 -4.35
N GLY W 62 83.27 -34.44 -3.08
CA GLY W 62 82.41 -33.48 -2.41
C GLY W 62 82.62 -32.07 -2.93
N GLY W 63 83.88 -31.69 -3.13
CA GLY W 63 84.23 -30.38 -3.68
C GLY W 63 83.73 -30.20 -5.09
N ASP W 64 83.85 -31.24 -5.93
CA ASP W 64 83.36 -31.20 -7.31
C ASP W 64 81.83 -31.17 -7.35
N SER W 65 81.15 -31.91 -6.46
CA SER W 65 79.68 -31.91 -6.39
C SER W 65 79.20 -30.52 -5.96
N TYR W 66 79.90 -29.87 -4.99
CA TYR W 66 79.56 -28.51 -4.55
C TYR W 66 79.62 -27.55 -5.74
N GLU W 67 80.75 -27.56 -6.49
CA GLU W 67 80.92 -26.67 -7.64
C GLU W 67 79.88 -26.93 -8.73
N TRP W 68 79.63 -28.20 -9.06
CA TRP W 68 78.65 -28.57 -10.09
C TRP W 68 77.26 -28.03 -9.74
N LEU W 69 76.83 -28.15 -8.47
CA LEU W 69 75.52 -27.68 -8.05
C LEU W 69 75.46 -26.15 -7.89
N ALA W 70 76.49 -25.53 -7.28
CA ALA W 70 76.54 -24.08 -7.10
C ALA W 70 76.52 -23.34 -8.44
N THR W 71 77.13 -23.93 -9.48
CA THR W 71 77.12 -23.35 -10.84
C THR W 71 75.78 -23.64 -11.61
N GLY W 72 74.74 -24.09 -10.92
CA GLY W 72 73.43 -24.34 -11.48
C GLY W 72 73.15 -25.67 -12.16
N HIS W 73 73.99 -26.69 -11.97
CA HIS W 73 73.79 -27.99 -12.63
C HIS W 73 72.91 -28.95 -11.80
N THR W 74 72.36 -29.96 -12.49
CA THR W 74 71.54 -31.02 -11.91
C THR W 74 72.45 -32.01 -11.16
N LEU W 75 71.98 -32.53 -10.00
CA LEU W 75 72.75 -33.49 -9.23
C LEU W 75 72.98 -34.76 -10.06
N LYS W 76 74.23 -35.21 -10.13
CA LYS W 76 74.57 -36.43 -10.87
C LYS W 76 74.08 -37.64 -10.08
N ASP W 77 73.73 -38.73 -10.78
CA ASP W 77 73.25 -39.94 -10.12
C ASP W 77 74.44 -40.57 -9.39
N GLY W 78 74.27 -40.84 -8.10
CA GLY W 78 75.33 -41.38 -7.26
C GLY W 78 76.32 -40.31 -6.82
N ASP W 79 75.79 -39.14 -6.42
CA ASP W 79 76.58 -38.00 -5.96
C ASP W 79 75.87 -37.37 -4.75
N SER W 80 76.64 -36.82 -3.80
CA SER W 80 76.07 -36.21 -2.61
C SER W 80 75.44 -34.87 -2.93
N ALA W 81 74.28 -34.59 -2.33
CA ALA W 81 73.62 -33.29 -2.50
C ALA W 81 74.39 -32.16 -1.79
N VAL W 82 75.35 -32.49 -0.86
CA VAL W 82 76.24 -31.61 -0.10
C VAL W 82 75.46 -30.73 0.93
N TYR W 83 74.52 -29.93 0.47
CA TYR W 83 73.71 -29.04 1.30
C TYR W 83 72.32 -28.85 0.65
N GLN W 84 71.32 -28.49 1.46
CA GLN W 84 69.95 -28.29 0.95
C GLN W 84 69.83 -27.08 0.03
N ARG W 85 70.60 -26.02 0.26
CA ARG W 85 70.58 -24.84 -0.61
C ARG W 85 71.15 -25.13 -2.02
N LEU W 86 71.93 -26.23 -2.16
CA LEU W 86 72.49 -26.66 -3.44
C LEU W 86 71.54 -27.69 -4.10
N TRP W 87 71.01 -28.67 -3.34
CA TRP W 87 70.09 -29.67 -3.87
C TRP W 87 69.23 -30.34 -2.79
N GLN W 88 67.94 -30.59 -3.10
CA GLN W 88 67.01 -31.29 -2.20
C GLN W 88 66.31 -32.37 -3.06
N PRO W 89 66.30 -33.68 -2.66
CA PRO W 89 65.70 -34.71 -3.52
C PRO W 89 64.18 -34.67 -3.71
N GLY W 90 63.44 -34.28 -2.67
CA GLY W 90 62.00 -34.18 -2.74
C GLY W 90 61.55 -33.05 -3.65
N VAL W 91 62.29 -31.93 -3.61
CA VAL W 91 62.04 -30.78 -4.48
C VAL W 91 62.32 -31.22 -5.93
N ALA W 92 63.46 -31.90 -6.15
CA ALA W 92 63.87 -32.43 -7.45
C ALA W 92 62.80 -33.35 -8.08
N ARG W 93 62.11 -34.19 -7.27
CA ARG W 93 61.06 -35.07 -7.79
C ARG W 93 59.87 -34.23 -8.28
N PHE W 94 59.51 -33.16 -7.56
CA PHE W 94 58.43 -32.25 -7.95
C PHE W 94 58.83 -31.46 -9.21
N GLU W 95 60.11 -31.08 -9.33
CA GLU W 95 60.63 -30.35 -10.49
C GLU W 95 60.43 -31.19 -11.76
N THR W 96 60.95 -32.43 -11.78
CA THR W 96 60.80 -33.35 -12.92
C THR W 96 59.32 -33.69 -13.16
N ALA W 97 58.52 -33.84 -12.09
CA ALA W 97 57.08 -34.14 -12.20
C ALA W 97 56.36 -33.08 -13.05
N LEU W 98 56.59 -31.78 -12.77
CA LEU W 98 55.95 -30.73 -13.55
C LEU W 98 56.62 -30.50 -14.90
N ALA W 99 57.95 -30.67 -15.00
CA ALA W 99 58.65 -30.53 -16.28
C ALA W 99 58.11 -31.50 -17.32
N GLY W 100 57.77 -32.72 -16.91
CA GLY W 100 57.17 -33.72 -17.79
C GLY W 100 55.77 -33.36 -18.23
N LEU W 101 55.00 -32.67 -17.36
CA LEU W 101 53.62 -32.25 -17.68
C LEU W 101 53.64 -31.08 -18.66
N GLU W 102 54.54 -30.11 -18.45
CA GLU W 102 54.70 -28.97 -19.36
C GLU W 102 55.52 -29.30 -20.63
N HIS W 103 56.18 -30.49 -20.67
CA HIS W 103 57.04 -30.95 -21.76
C HIS W 103 58.28 -30.06 -21.91
N ALA W 104 58.83 -29.63 -20.76
CA ALA W 104 60.06 -28.83 -20.66
C ALA W 104 61.25 -29.77 -20.33
N GLU W 105 62.48 -29.31 -20.57
CA GLU W 105 63.67 -30.13 -20.31
C GLU W 105 63.85 -30.31 -18.80
N GLU W 106 63.79 -29.21 -18.03
CA GLU W 106 64.01 -29.18 -16.60
C GLU W 106 63.02 -28.19 -15.92
N ALA W 107 63.05 -28.13 -14.57
CA ALA W 107 62.26 -27.20 -13.79
C ALA W 107 63.01 -26.82 -12.51
N VAL W 108 62.73 -25.63 -11.97
CA VAL W 108 63.36 -25.12 -10.76
C VAL W 108 62.24 -24.62 -9.85
N ALA W 109 62.20 -25.12 -8.62
CA ALA W 109 61.18 -24.77 -7.62
C ALA W 109 61.73 -23.88 -6.50
N PHE W 110 60.88 -22.95 -6.05
CA PHE W 110 61.16 -21.95 -5.01
C PHE W 110 60.03 -21.91 -3.95
N ALA W 111 60.25 -21.18 -2.84
CA ALA W 111 59.30 -21.04 -1.73
C ALA W 111 57.91 -20.55 -2.15
N THR W 112 57.85 -19.56 -3.06
CA THR W 112 56.61 -18.96 -3.55
C THR W 112 56.71 -18.63 -5.07
N GLY W 113 55.58 -18.32 -5.71
CA GLY W 113 55.56 -17.89 -7.11
C GLY W 113 56.35 -16.60 -7.30
N MET W 114 56.34 -15.71 -6.29
CA MET W 114 57.09 -14.47 -6.33
C MET W 114 58.60 -14.72 -6.25
N ALA W 115 59.03 -15.74 -5.50
CA ALA W 115 60.45 -16.11 -5.43
C ALA W 115 60.95 -16.63 -6.77
N ALA W 116 60.10 -17.36 -7.52
CA ALA W 116 60.43 -17.85 -8.85
C ALA W 116 60.56 -16.67 -9.81
N MET W 117 59.61 -15.71 -9.76
CA MET W 117 59.65 -14.48 -10.58
C MET W 117 60.94 -13.70 -10.27
N THR W 118 61.25 -13.55 -8.97
CA THR W 118 62.45 -12.84 -8.50
C THR W 118 63.72 -13.46 -9.07
N ALA W 119 63.81 -14.80 -9.05
CA ALA W 119 64.98 -15.49 -9.58
C ALA W 119 65.11 -15.32 -11.09
N ALA W 120 64.00 -15.36 -11.82
CA ALA W 120 64.02 -15.18 -13.27
C ALA W 120 64.45 -13.77 -13.65
N LEU W 121 64.02 -12.76 -12.86
CA LEU W 121 64.39 -11.37 -13.08
C LEU W 121 65.88 -11.15 -12.73
N LEU W 122 66.35 -11.72 -11.61
CA LEU W 122 67.75 -11.60 -11.22
C LEU W 122 68.67 -12.32 -12.21
N ALA W 123 68.25 -13.46 -12.79
CA ALA W 123 69.06 -14.15 -13.79
C ALA W 123 69.21 -13.30 -15.06
N ALA W 124 68.15 -12.56 -15.45
CA ALA W 124 68.21 -11.67 -16.61
C ALA W 124 69.12 -10.46 -16.32
N VAL W 125 69.03 -9.88 -15.12
CA VAL W 125 69.84 -8.73 -14.73
C VAL W 125 71.32 -9.15 -14.69
N SER W 126 71.60 -10.32 -14.08
CA SER W 126 72.96 -10.86 -13.98
C SER W 126 73.57 -11.11 -15.37
N ALA W 127 72.76 -11.55 -16.35
CA ALA W 127 73.22 -11.78 -17.72
C ALA W 127 73.55 -10.49 -18.51
N GLY W 128 73.17 -9.33 -17.99
CA GLY W 128 73.39 -8.05 -18.64
C GLY W 128 72.21 -7.60 -19.48
N THR W 129 71.00 -8.12 -19.20
CA THR W 129 69.76 -7.77 -19.91
C THR W 129 68.71 -7.40 -18.86
N PRO W 130 68.83 -6.24 -18.17
CA PRO W 130 67.84 -5.90 -17.13
C PRO W 130 66.48 -5.42 -17.63
N HIS W 131 66.34 -5.04 -18.91
CA HIS W 131 65.07 -4.56 -19.44
C HIS W 131 64.12 -5.72 -19.74
N ILE W 132 62.81 -5.53 -19.47
CA ILE W 132 61.80 -6.55 -19.70
C ILE W 132 60.58 -5.89 -20.34
N VAL W 133 59.98 -6.54 -21.34
CA VAL W 133 58.76 -6.07 -21.98
C VAL W 133 57.67 -6.95 -21.42
N ALA W 134 56.72 -6.37 -20.66
CA ALA W 134 55.64 -7.11 -20.03
C ALA W 134 54.28 -6.65 -20.54
N VAL W 135 53.31 -7.59 -20.66
CA VAL W 135 51.97 -7.31 -21.16
C VAL W 135 50.97 -7.43 -19.99
N ARG W 136 50.22 -6.35 -19.73
CA ARG W 136 49.20 -6.34 -18.67
C ARG W 136 47.85 -6.87 -19.21
N PRO W 137 46.94 -7.40 -18.34
CA PRO W 137 47.02 -7.57 -16.88
C PRO W 137 47.92 -8.71 -16.42
N LEU W 138 48.55 -8.53 -15.25
CA LEU W 138 49.38 -9.51 -14.57
C LEU W 138 48.98 -9.51 -13.09
N TYR W 139 49.43 -10.52 -12.31
CA TYR W 139 49.16 -10.57 -10.87
C TYR W 139 49.79 -9.32 -10.20
N GLY W 140 49.06 -8.70 -9.27
CA GLY W 140 49.48 -7.50 -8.55
C GLY W 140 50.93 -7.45 -8.12
N GLY W 141 51.43 -8.54 -7.56
CA GLY W 141 52.81 -8.66 -7.12
C GLY W 141 53.79 -8.68 -8.27
N SER W 142 53.50 -9.47 -9.32
CA SER W 142 54.34 -9.52 -10.53
C SER W 142 54.41 -8.13 -11.18
N ASP W 143 53.26 -7.43 -11.22
CA ASP W 143 53.13 -6.09 -11.78
C ASP W 143 53.94 -5.07 -10.94
N HIS W 144 53.77 -5.10 -9.61
CA HIS W 144 54.45 -4.19 -8.69
C HIS W 144 55.97 -4.42 -8.64
N LEU W 145 56.43 -5.68 -8.68
CA LEU W 145 57.86 -6.00 -8.66
C LEU W 145 58.57 -5.43 -9.90
N LEU W 146 57.88 -5.42 -11.05
CA LEU W 146 58.45 -4.87 -12.28
C LEU W 146 58.41 -3.33 -12.24
N GLU W 147 57.27 -2.75 -11.80
CA GLU W 147 57.10 -1.29 -11.69
C GLU W 147 58.16 -0.65 -10.78
N THR W 148 58.38 -1.22 -9.59
CA THR W 148 59.34 -0.69 -8.62
C THR W 148 60.79 -0.85 -9.09
N GLY W 149 61.09 -1.93 -9.81
CA GLY W 149 62.44 -2.21 -10.28
C GLY W 149 63.37 -2.50 -9.13
N LEU W 150 62.87 -3.22 -8.11
CA LEU W 150 63.62 -3.57 -6.90
C LEU W 150 64.88 -4.36 -7.22
N LEU W 151 64.79 -5.28 -8.18
CA LEU W 151 65.90 -6.16 -8.54
C LEU W 151 66.79 -5.62 -9.66
N GLY W 152 66.80 -4.30 -9.86
CA GLY W 152 67.61 -3.67 -10.90
C GLY W 152 67.06 -3.83 -12.31
N THR W 153 65.74 -4.01 -12.44
CA THR W 153 65.08 -4.18 -13.74
C THR W 153 64.39 -2.89 -14.18
N THR W 154 64.25 -2.69 -15.49
CA THR W 154 63.52 -1.58 -16.08
C THR W 154 62.45 -2.21 -16.98
N VAL W 155 61.19 -1.79 -16.85
CA VAL W 155 60.09 -2.42 -17.61
C VAL W 155 59.48 -1.45 -18.65
N THR W 156 58.93 -2.02 -19.73
CA THR W 156 58.22 -1.32 -20.80
C THR W 156 56.90 -2.04 -20.94
N TRP W 157 55.81 -1.42 -20.44
CA TRP W 157 54.49 -2.01 -20.50
C TRP W 157 53.98 -1.87 -21.93
N ALA W 158 53.76 -3.00 -22.61
CA ALA W 158 53.33 -3.02 -24.01
C ALA W 158 52.09 -3.87 -24.21
N LYS W 159 51.26 -3.51 -25.19
CA LYS W 159 50.10 -4.34 -25.53
C LYS W 159 50.54 -5.46 -26.46
N GLU W 160 49.75 -6.54 -26.52
CA GLU W 160 50.08 -7.77 -27.25
C GLU W 160 50.61 -7.53 -28.67
N ALA W 161 49.98 -6.63 -29.43
CA ALA W 161 50.40 -6.33 -30.79
C ALA W 161 51.71 -5.53 -30.87
N ASP W 162 52.00 -4.69 -29.86
CA ASP W 162 53.19 -3.83 -29.86
C ASP W 162 54.38 -4.42 -29.08
N ILE W 163 54.55 -5.76 -29.08
CA ILE W 163 55.68 -6.39 -28.37
C ILE W 163 56.99 -6.15 -29.12
N ALA W 164 57.01 -6.47 -30.43
CA ALA W 164 58.20 -6.31 -31.27
C ALA W 164 58.83 -4.92 -31.20
N SER W 165 58.00 -3.87 -31.22
CA SER W 165 58.48 -2.48 -31.15
C SER W 165 59.05 -2.12 -29.76
N ALA W 166 58.43 -2.64 -28.69
CA ALA W 166 58.87 -2.38 -27.32
C ALA W 166 60.21 -3.02 -26.95
N ILE W 167 60.65 -4.11 -27.63
CA ILE W 167 61.91 -4.77 -27.25
C ILE W 167 63.12 -3.89 -27.65
N GLN W 168 64.10 -3.82 -26.74
CA GLN W 168 65.35 -3.08 -26.86
C GLN W 168 66.52 -4.08 -26.90
N ASP W 169 67.74 -3.60 -27.21
CA ASP W 169 68.91 -4.47 -27.21
C ASP W 169 69.21 -5.04 -25.81
N ASP W 170 68.86 -4.31 -24.74
CA ASP W 170 69.11 -4.80 -23.37
C ASP W 170 67.88 -5.53 -22.77
N THR W 171 67.05 -6.18 -23.62
CA THR W 171 65.86 -6.90 -23.14
C THR W 171 66.12 -8.40 -23.04
N GLY W 172 66.05 -8.93 -21.83
CA GLY W 172 66.26 -10.35 -21.58
C GLY W 172 64.99 -11.18 -21.42
N LEU W 173 63.80 -10.55 -21.35
CA LEU W 173 62.55 -11.31 -21.18
C LEU W 173 61.30 -10.60 -21.71
N VAL W 174 60.27 -11.41 -22.03
CA VAL W 174 58.94 -10.96 -22.47
C VAL W 174 57.97 -11.69 -21.55
N ILE W 175 57.40 -10.98 -20.56
CA ILE W 175 56.50 -11.61 -19.57
C ILE W 175 55.04 -11.44 -19.98
N VAL W 176 54.32 -12.57 -20.15
CA VAL W 176 52.90 -12.61 -20.50
C VAL W 176 52.14 -13.59 -19.58
N GLU W 177 50.82 -13.45 -19.52
CA GLU W 177 49.96 -14.30 -18.69
C GLU W 177 48.60 -14.45 -19.39
N THR W 178 48.12 -15.69 -19.57
CA THR W 178 46.83 -15.95 -20.21
C THR W 178 46.16 -17.24 -19.66
N PRO W 179 44.91 -17.18 -19.14
CA PRO W 179 44.06 -15.99 -18.91
C PRO W 179 44.68 -15.09 -17.85
N ALA W 180 44.62 -13.77 -18.06
CA ALA W 180 45.24 -12.80 -17.16
C ALA W 180 44.55 -12.74 -15.80
N ASN W 181 45.30 -12.36 -14.75
CA ASN W 181 44.77 -12.21 -13.41
C ASN W 181 44.45 -10.71 -13.25
N PRO W 182 43.20 -10.24 -12.98
CA PRO W 182 41.95 -10.98 -12.71
C PRO W 182 40.91 -11.15 -13.84
N SER W 183 40.89 -10.22 -14.82
CA SER W 183 39.88 -10.16 -15.89
C SER W 183 39.89 -11.29 -16.94
N LEU W 184 40.84 -12.23 -16.86
CA LEU W 184 40.93 -13.39 -17.77
C LEU W 184 41.12 -13.00 -19.24
N ASP W 185 41.95 -11.97 -19.48
CA ASP W 185 42.29 -11.53 -20.83
C ASP W 185 43.16 -12.59 -21.48
N LEU W 186 42.83 -13.00 -22.71
CA LEU W 186 43.57 -14.03 -23.41
C LEU W 186 44.63 -13.44 -24.33
N VAL W 187 45.75 -14.16 -24.51
CA VAL W 187 46.89 -13.74 -25.32
C VAL W 187 47.28 -14.88 -26.26
N ASP W 188 47.44 -14.60 -27.55
CA ASP W 188 47.84 -15.62 -28.52
C ASP W 188 49.34 -15.88 -28.35
N LEU W 189 49.70 -17.06 -27.84
CA LEU W 189 51.10 -17.44 -27.60
C LEU W 189 51.87 -17.69 -28.92
N ASP W 190 51.17 -17.92 -30.04
CA ASP W 190 51.83 -18.10 -31.33
C ASP W 190 52.30 -16.73 -31.88
N SER W 191 51.55 -15.65 -31.60
CA SER W 191 51.89 -14.29 -32.03
C SER W 191 52.98 -13.65 -31.16
N VAL W 192 52.95 -13.89 -29.83
CA VAL W 192 53.92 -13.30 -28.91
C VAL W 192 55.34 -13.82 -29.16
N VAL W 193 55.50 -15.15 -29.32
CA VAL W 193 56.82 -15.73 -29.57
C VAL W 193 57.37 -15.23 -30.91
N SER W 194 56.52 -15.15 -31.95
CA SER W 194 56.93 -14.62 -33.25
C SER W 194 57.41 -13.17 -33.12
N ALA W 195 56.70 -12.33 -32.33
CA ALA W 195 57.07 -10.94 -32.11
C ALA W 195 58.34 -10.77 -31.26
N ALA W 196 58.58 -11.68 -30.29
CA ALA W 196 59.76 -11.60 -29.43
C ALA W 196 61.05 -11.92 -30.19
N GLY W 197 61.01 -12.92 -31.06
CA GLY W 197 62.17 -13.31 -31.85
C GLY W 197 63.26 -13.93 -31.00
N ASN W 198 64.42 -13.27 -30.92
CA ASN W 198 65.56 -13.76 -30.15
C ASN W 198 65.38 -13.64 -28.63
N VAL W 199 64.41 -12.82 -28.16
CA VAL W 199 64.21 -12.62 -26.73
C VAL W 199 63.41 -13.80 -26.16
N PRO W 200 63.84 -14.45 -25.05
CA PRO W 200 63.04 -15.55 -24.50
C PRO W 200 61.72 -15.06 -23.90
N VAL W 201 60.67 -15.89 -23.98
CA VAL W 201 59.34 -15.52 -23.50
C VAL W 201 59.04 -16.31 -22.23
N LEU W 202 58.45 -15.63 -21.24
CA LEU W 202 58.03 -16.22 -19.98
C LEU W 202 56.52 -16.13 -19.90
N VAL W 203 55.85 -17.28 -19.81
CA VAL W 203 54.40 -17.36 -19.75
C VAL W 203 53.99 -17.84 -18.37
N ASP W 204 53.16 -17.07 -17.67
CA ASP W 204 52.67 -17.46 -16.34
C ASP W 204 51.41 -18.30 -16.55
N ASN W 205 51.56 -19.63 -16.52
CA ASN W 205 50.49 -20.61 -16.75
C ASN W 205 49.82 -21.08 -15.44
N THR W 206 49.64 -20.19 -14.46
CA THR W 206 49.01 -20.52 -13.18
C THR W 206 47.52 -20.88 -13.32
N PHE W 207 46.76 -20.03 -14.01
CA PHE W 207 45.31 -20.19 -14.19
C PHE W 207 44.94 -21.40 -15.06
N CYS W 208 45.65 -21.62 -16.15
CA CYS W 208 45.36 -22.73 -17.06
C CYS W 208 45.84 -24.07 -16.54
N THR W 209 47.08 -24.11 -15.97
CA THR W 209 47.76 -25.34 -15.49
C THR W 209 48.20 -26.22 -16.69
N PRO W 210 49.14 -27.19 -16.53
CA PRO W 210 49.51 -28.04 -17.69
C PRO W 210 48.36 -28.91 -18.23
N VAL W 211 47.20 -28.96 -17.54
CA VAL W 211 46.05 -29.73 -17.96
C VAL W 211 45.42 -29.07 -19.20
N LEU W 212 45.28 -27.73 -19.15
CA LEU W 212 44.61 -26.95 -20.20
C LEU W 212 45.54 -26.28 -21.22
N GLN W 213 46.71 -25.77 -20.81
CA GLN W 213 47.60 -25.05 -21.74
C GLN W 213 49.04 -25.52 -21.59
N GLN W 214 49.76 -25.60 -22.71
CA GLN W 214 51.15 -26.04 -22.77
C GLN W 214 51.96 -24.94 -23.50
N PRO W 215 52.37 -23.84 -22.81
CA PRO W 215 53.12 -22.79 -23.51
C PRO W 215 54.43 -23.21 -24.17
N ILE W 216 55.10 -24.26 -23.66
CA ILE W 216 56.36 -24.77 -24.24
C ILE W 216 56.15 -25.15 -25.72
N SER W 217 55.01 -25.79 -26.05
CA SER W 217 54.68 -26.19 -27.42
C SER W 217 54.56 -24.98 -28.36
N HIS W 218 54.08 -23.83 -27.86
CA HIS W 218 53.97 -22.60 -28.64
C HIS W 218 55.33 -21.86 -28.84
N GLY W 219 56.38 -22.29 -28.11
CA GLY W 219 57.71 -21.72 -28.20
C GLY W 219 58.14 -20.85 -27.04
N ALA W 220 57.48 -20.97 -25.88
CA ALA W 220 57.86 -20.22 -24.69
C ALA W 220 59.14 -20.84 -24.12
N ALA W 221 60.16 -20.03 -23.82
CA ALA W 221 61.42 -20.56 -23.29
C ALA W 221 61.34 -20.94 -21.80
N LEU W 222 60.37 -20.37 -21.05
CA LEU W 222 60.17 -20.67 -19.63
C LEU W 222 58.69 -20.42 -19.23
N VAL W 223 58.16 -21.26 -18.32
CA VAL W 223 56.75 -21.28 -17.90
C VAL W 223 56.65 -21.25 -16.38
N LEU W 224 56.15 -20.13 -15.83
CA LEU W 224 56.01 -19.94 -14.38
C LEU W 224 54.65 -20.41 -13.90
N HIS W 225 54.61 -20.98 -12.68
CA HIS W 225 53.39 -21.42 -12.01
C HIS W 225 53.47 -21.03 -10.55
N SER W 226 52.40 -20.43 -10.01
CA SER W 226 52.31 -20.21 -8.58
C SER W 226 51.73 -21.54 -8.11
N ALA W 227 52.61 -22.47 -7.71
CA ALA W 227 52.19 -23.79 -7.27
C ALA W 227 51.22 -23.77 -6.08
N THR W 228 51.22 -22.67 -5.30
CA THR W 228 50.27 -22.40 -4.21
C THR W 228 48.81 -22.65 -4.66
N GLN W 229 48.51 -22.29 -5.91
CA GLN W 229 47.18 -22.42 -6.48
C GLN W 229 47.17 -23.53 -7.52
N TYR W 230 46.14 -24.39 -7.48
CA TYR W 230 45.90 -25.51 -8.41
C TYR W 230 46.89 -26.68 -8.26
N LEU W 231 48.22 -26.45 -8.35
CA LEU W 231 49.19 -27.54 -8.24
C LEU W 231 49.11 -28.16 -6.84
N GLY W 232 49.00 -27.32 -5.80
CA GLY W 232 48.79 -27.79 -4.44
C GLY W 232 47.34 -28.21 -4.31
N GLY W 233 46.43 -27.32 -4.69
CA GLY W 233 45.00 -27.57 -4.76
C GLY W 233 44.21 -27.61 -3.46
N HIS W 234 44.87 -27.62 -2.29
CA HIS W 234 44.16 -27.68 -1.01
C HIS W 234 44.44 -26.47 -0.09
N GLY W 235 45.03 -25.40 -0.63
CA GLY W 235 45.33 -24.18 0.12
C GLY W 235 46.17 -24.38 1.35
N ASP W 236 47.19 -25.24 1.26
CA ASP W 236 48.05 -25.55 2.41
C ASP W 236 49.53 -25.75 2.04
N ALA W 237 49.95 -25.31 0.86
CA ALA W 237 51.34 -25.44 0.44
C ALA W 237 51.73 -24.30 -0.49
N MET W 238 52.57 -23.39 0.00
CA MET W 238 53.08 -22.29 -0.82
C MET W 238 54.14 -22.87 -1.75
N GLY W 239 54.24 -22.31 -2.94
CA GLY W 239 55.24 -22.78 -3.90
C GLY W 239 55.28 -22.00 -5.19
N GLY W 240 56.40 -22.11 -5.88
CA GLY W 240 56.66 -21.45 -7.16
C GLY W 240 57.57 -22.33 -7.98
N ILE W 241 57.32 -22.43 -9.29
CA ILE W 241 58.11 -23.32 -10.14
C ILE W 241 58.13 -22.83 -11.60
N ILE W 242 59.30 -22.95 -12.27
CA ILE W 242 59.46 -22.55 -13.66
C ILE W 242 59.93 -23.76 -14.47
N ALA W 243 59.11 -24.23 -15.42
CA ALA W 243 59.46 -25.31 -16.32
C ALA W 243 60.17 -24.65 -17.50
N THR W 244 61.45 -24.99 -17.76
CA THR W 244 62.24 -24.33 -18.81
C THR W 244 63.39 -25.21 -19.35
N ASN W 245 64.04 -24.76 -20.45
CA ASN W 245 65.21 -25.43 -21.02
C ASN W 245 66.42 -25.37 -20.06
N ALA W 246 67.44 -26.21 -20.27
CA ALA W 246 68.62 -26.29 -19.42
C ALA W 246 69.42 -24.99 -19.23
N ASP W 247 69.36 -24.04 -20.18
CA ASP W 247 70.10 -22.76 -20.06
C ASP W 247 69.47 -21.88 -18.97
N TRP W 248 68.14 -21.68 -19.01
CA TRP W 248 67.46 -20.87 -17.99
C TRP W 248 67.39 -21.61 -16.66
N ALA W 249 67.27 -22.95 -16.68
CA ALA W 249 67.23 -23.73 -15.45
C ALA W 249 68.55 -23.60 -14.67
N MET W 250 69.70 -23.61 -15.39
CA MET W 250 71.01 -23.45 -14.75
C MET W 250 71.15 -22.06 -14.13
N ARG W 251 70.67 -21.02 -14.83
CA ARG W 251 70.71 -19.64 -14.32
C ARG W 251 69.79 -19.48 -13.11
N LEU W 252 68.60 -20.10 -13.13
CA LEU W 252 67.67 -20.05 -12.01
C LEU W 252 68.26 -20.77 -10.80
N ARG W 253 68.91 -21.94 -11.01
CA ARG W 253 69.54 -22.70 -9.93
C ARG W 253 70.76 -21.95 -9.38
N GLN W 254 71.51 -21.23 -10.23
CA GLN W 254 72.65 -20.40 -9.81
C GLN W 254 72.18 -19.31 -8.83
N VAL W 255 71.02 -18.68 -9.13
CA VAL W 255 70.43 -17.63 -8.28
C VAL W 255 69.89 -18.27 -7.00
N ARG W 256 69.20 -19.42 -7.12
CA ARG W 256 68.63 -20.15 -5.98
C ARG W 256 69.70 -20.57 -4.96
N ALA W 257 70.85 -21.07 -5.43
CA ALA W 257 71.92 -21.51 -4.55
C ALA W 257 72.54 -20.39 -3.70
N ILE W 258 72.47 -19.12 -4.18
CA ILE W 258 73.07 -18.00 -3.46
C ILE W 258 72.01 -17.12 -2.74
N THR W 259 70.79 -16.98 -3.28
CA THR W 259 69.73 -16.20 -2.63
C THR W 259 68.84 -17.06 -1.69
N GLY W 260 68.84 -18.38 -1.86
CA GLY W 260 68.16 -19.33 -0.99
C GLY W 260 66.66 -19.19 -0.70
N ALA W 261 65.83 -18.93 -1.71
CA ALA W 261 64.37 -18.88 -1.52
C ALA W 261 63.88 -20.31 -1.78
N LEU W 262 64.24 -21.23 -0.88
CA LEU W 262 63.98 -22.65 -1.05
C LEU W 262 62.59 -23.11 -0.70
N LEU W 263 62.14 -24.16 -1.40
CA LEU W 263 60.87 -24.81 -1.16
C LEU W 263 61.15 -25.88 -0.09
N HIS W 264 60.43 -25.84 1.02
CA HIS W 264 60.64 -26.78 2.13
C HIS W 264 60.33 -28.22 1.71
N PRO W 265 61.06 -29.26 2.18
CA PRO W 265 60.73 -30.64 1.76
C PRO W 265 59.27 -31.08 1.90
N MET W 266 58.54 -30.58 2.92
CA MET W 266 57.12 -30.91 3.07
C MET W 266 56.27 -30.16 2.06
N GLY W 267 56.63 -28.92 1.74
CA GLY W 267 55.95 -28.13 0.71
C GLY W 267 56.03 -28.82 -0.63
N ALA W 268 57.24 -29.31 -0.98
CA ALA W 268 57.46 -30.08 -2.21
C ALA W 268 56.66 -31.37 -2.23
N TYR W 269 56.56 -32.04 -1.08
CA TYR W 269 55.80 -33.28 -0.96
C TYR W 269 54.32 -33.05 -1.24
N LEU W 270 53.72 -31.99 -0.65
CA LEU W 270 52.29 -31.67 -0.81
C LEU W 270 51.96 -31.14 -2.21
N LEU W 271 52.91 -30.46 -2.87
CA LEU W 271 52.69 -29.94 -4.23
C LEU W 271 52.80 -31.08 -5.24
N HIS W 272 53.75 -32.02 -5.04
CA HIS W 272 53.91 -33.22 -5.87
C HIS W 272 52.68 -34.14 -5.69
N ARG W 273 52.21 -34.26 -4.43
CA ARG W 273 51.02 -35.04 -4.07
C ARG W 273 49.78 -34.47 -4.76
N GLY W 274 49.66 -33.15 -4.79
CA GLY W 274 48.55 -32.47 -5.41
C GLY W 274 48.46 -32.68 -6.91
N LEU W 275 49.62 -32.82 -7.59
CA LEU W 275 49.65 -33.07 -9.04
C LEU W 275 49.00 -34.40 -9.42
N ARG W 276 48.95 -35.38 -8.50
CA ARG W 276 48.34 -36.68 -8.76
C ARG W 276 46.82 -36.59 -8.99
N THR W 277 46.18 -35.55 -8.42
CA THR W 277 44.74 -35.29 -8.52
C THR W 277 44.41 -34.01 -9.34
N LEU W 278 45.39 -33.39 -10.02
CA LEU W 278 45.18 -32.15 -10.75
C LEU W 278 44.23 -32.29 -11.96
N ALA W 279 44.29 -33.41 -12.73
CA ALA W 279 43.38 -33.58 -13.86
C ALA W 279 41.94 -33.74 -13.38
N VAL W 280 41.71 -34.56 -12.33
CA VAL W 280 40.34 -34.78 -11.83
C VAL W 280 39.78 -33.54 -11.13
N ARG W 281 40.63 -32.75 -10.47
CA ARG W 281 40.19 -31.53 -9.80
C ARG W 281 39.88 -30.44 -10.82
N MET W 282 40.76 -30.26 -11.81
CA MET W 282 40.58 -29.25 -12.85
C MET W 282 39.31 -29.55 -13.65
N ARG W 283 39.15 -30.79 -14.13
CA ARG W 283 37.96 -31.20 -14.92
C ARG W 283 36.66 -30.98 -14.16
N ALA W 284 36.63 -31.26 -12.84
CA ALA W 284 35.43 -31.09 -12.04
C ALA W 284 35.09 -29.61 -11.82
N ALA W 285 36.09 -28.77 -11.47
CA ALA W 285 35.88 -27.36 -11.23
C ALA W 285 35.55 -26.61 -12.53
N GLN W 286 36.14 -27.02 -13.65
CA GLN W 286 35.88 -26.40 -14.96
C GLN W 286 34.42 -26.63 -15.38
N THR W 287 33.89 -27.84 -15.15
CA THR W 287 32.50 -28.17 -15.48
C THR W 287 31.56 -27.29 -14.66
N THR W 288 31.84 -27.14 -13.35
CA THR W 288 31.04 -26.30 -12.46
C THR W 288 31.12 -24.83 -12.89
N ALA W 289 32.32 -24.36 -13.27
CA ALA W 289 32.51 -22.97 -13.70
C ALA W 289 31.81 -22.62 -15.00
N GLY W 290 31.84 -23.52 -15.99
CA GLY W 290 31.16 -23.29 -17.26
C GLY W 290 29.66 -23.09 -17.09
N GLU W 291 29.07 -23.83 -16.15
CA GLU W 291 27.65 -23.74 -15.83
C GLU W 291 27.37 -22.47 -15.00
N LEU W 292 28.23 -22.15 -14.03
CA LEU W 292 28.05 -20.94 -13.20
C LEU W 292 28.13 -19.67 -14.03
N ALA W 293 29.12 -19.56 -14.94
CA ALA W 293 29.27 -18.38 -15.78
C ALA W 293 28.01 -18.08 -16.61
N GLU W 294 27.27 -19.12 -17.02
CA GLU W 294 26.03 -18.96 -17.78
C GLU W 294 24.91 -18.42 -16.88
N ARG W 295 24.78 -18.97 -15.65
CA ARG W 295 23.75 -18.53 -14.70
C ARG W 295 24.01 -17.10 -14.24
N LEU W 296 25.28 -16.77 -13.98
CA LEU W 296 25.69 -15.44 -13.52
C LEU W 296 25.52 -14.39 -14.61
N ASP W 297 25.71 -14.76 -15.88
CA ASP W 297 25.51 -13.81 -17.00
C ASP W 297 24.02 -13.44 -17.11
N ALA W 298 23.11 -14.41 -16.84
CA ALA W 298 21.67 -14.18 -16.88
C ALA W 298 21.15 -13.29 -15.74
N HIS W 299 21.92 -13.12 -14.64
CA HIS W 299 21.46 -12.31 -13.51
C HIS W 299 21.47 -10.81 -13.87
N PRO W 300 20.44 -10.01 -13.49
CA PRO W 300 20.45 -8.59 -13.86
C PRO W 300 21.49 -7.74 -13.13
N ALA W 301 21.91 -8.15 -11.93
CA ALA W 301 22.91 -7.42 -11.14
C ALA W 301 24.29 -7.41 -11.81
N ILE W 302 24.60 -8.43 -12.64
CA ILE W 302 25.89 -8.52 -13.32
C ILE W 302 25.73 -8.07 -14.76
N SER W 303 26.54 -7.10 -15.19
CA SER W 303 26.50 -6.57 -16.55
C SER W 303 27.36 -7.41 -17.51
N VAL W 304 28.62 -7.71 -17.14
CA VAL W 304 29.56 -8.46 -17.98
C VAL W 304 30.11 -9.65 -17.20
N VAL W 305 30.19 -10.84 -17.82
CA VAL W 305 30.80 -12.02 -17.23
C VAL W 305 31.95 -12.43 -18.13
N HIS W 306 33.17 -12.45 -17.58
CA HIS W 306 34.37 -12.84 -18.31
C HIS W 306 34.63 -14.31 -18.03
N TYR W 307 34.54 -15.15 -19.06
CA TYR W 307 34.82 -16.57 -18.97
C TYR W 307 35.20 -17.09 -20.38
N PRO W 308 36.40 -17.65 -20.62
CA PRO W 308 36.75 -18.06 -22.00
C PRO W 308 35.75 -18.97 -22.72
N GLY W 309 35.15 -19.91 -22.00
CA GLY W 309 34.18 -20.84 -22.56
C GLY W 309 32.88 -20.22 -23.02
N LEU W 310 32.54 -19.02 -22.50
CA LEU W 310 31.30 -18.33 -22.89
C LEU W 310 31.41 -17.83 -24.34
N LYS W 311 30.29 -17.83 -25.06
CA LYS W 311 30.27 -17.42 -26.47
C LYS W 311 30.59 -15.92 -26.61
N GLY W 312 31.35 -15.59 -27.65
CA GLY W 312 31.79 -14.22 -27.92
C GLY W 312 33.11 -13.85 -27.23
N GLN W 313 33.44 -14.52 -26.11
CA GLN W 313 34.68 -14.25 -25.38
C GLN W 313 35.94 -14.77 -26.08
N ASP W 314 35.80 -15.65 -27.09
CA ASP W 314 36.95 -16.22 -27.79
C ASP W 314 36.89 -15.86 -29.29
N PRO W 315 37.25 -14.61 -29.70
CA PRO W 315 37.19 -14.29 -31.14
C PRO W 315 38.34 -14.90 -31.96
N ARG W 316 39.55 -14.99 -31.40
CA ARG W 316 40.73 -15.52 -32.11
C ARG W 316 40.78 -17.05 -32.22
N GLY W 317 39.82 -17.77 -31.64
CA GLY W 317 39.79 -19.22 -31.72
C GLY W 317 40.91 -19.89 -30.94
N LEU W 318 41.29 -19.32 -29.81
CA LEU W 318 42.35 -19.86 -28.95
C LEU W 318 41.87 -21.09 -28.16
N LEU W 319 40.55 -21.26 -27.96
CA LEU W 319 40.03 -22.44 -27.27
C LEU W 319 40.06 -23.58 -28.29
N GLY W 320 40.81 -24.63 -27.98
CA GLY W 320 41.02 -25.78 -28.85
C GLY W 320 42.44 -25.76 -29.38
N ARG W 321 42.83 -24.63 -29.98
CA ARG W 321 44.17 -24.42 -30.54
C ARG W 321 45.24 -24.28 -29.45
N GLN W 322 44.98 -23.46 -28.43
CA GLN W 322 45.90 -23.16 -27.33
C GLN W 322 45.41 -23.71 -25.98
N MET W 323 44.13 -23.49 -25.64
CA MET W 323 43.53 -23.93 -24.38
C MET W 323 42.54 -25.05 -24.60
N SER W 324 42.75 -26.22 -23.97
CA SER W 324 41.82 -27.35 -24.09
C SER W 324 40.67 -27.26 -23.08
N GLY W 325 40.21 -26.05 -22.75
CA GLY W 325 39.13 -25.85 -21.81
C GLY W 325 38.97 -24.41 -21.38
N GLY W 326 37.81 -24.10 -20.81
CA GLY W 326 37.49 -22.76 -20.36
C GLY W 326 38.09 -22.32 -19.05
N GLY W 327 38.52 -23.28 -18.22
CA GLY W 327 39.11 -22.98 -16.91
C GLY W 327 38.10 -23.00 -15.78
N ALA W 328 38.58 -22.73 -14.55
CA ALA W 328 37.75 -22.71 -13.36
C ALA W 328 37.78 -21.34 -12.65
N MET W 329 38.06 -20.27 -13.39
CA MET W 329 38.09 -18.91 -12.85
C MET W 329 37.05 -18.10 -13.60
N ILE W 330 36.30 -17.25 -12.89
CA ILE W 330 35.27 -16.39 -13.50
C ILE W 330 35.40 -15.00 -12.89
N ALA W 331 35.55 -13.98 -13.73
CA ALA W 331 35.55 -12.59 -13.29
C ALA W 331 34.28 -11.92 -13.83
N MET W 332 33.76 -10.91 -13.13
CA MET W 332 32.54 -10.23 -13.58
C MET W 332 32.50 -8.76 -13.19
N GLU W 333 31.85 -7.95 -14.03
CA GLU W 333 31.68 -6.52 -13.82
C GLU W 333 30.26 -6.32 -13.28
N LEU W 334 30.11 -5.67 -12.12
CA LEU W 334 28.79 -5.44 -11.52
C LEU W 334 28.16 -4.17 -12.12
N ALA W 335 26.84 -4.17 -12.28
CA ALA W 335 26.12 -3.03 -12.82
C ALA W 335 26.15 -1.83 -11.88
N GLY W 336 26.05 -2.07 -10.57
CA GLY W 336 26.07 -1.02 -9.57
C GLY W 336 27.44 -0.49 -9.17
N GLY W 337 28.49 -0.90 -9.88
CA GLY W 337 29.85 -0.44 -9.61
C GLY W 337 30.47 -1.02 -8.37
N PHE W 338 31.23 -0.20 -7.64
CA PHE W 338 31.92 -0.63 -6.43
C PHE W 338 30.98 -1.09 -5.32
N ASP W 339 29.89 -0.34 -5.06
CA ASP W 339 28.96 -0.70 -3.99
C ASP W 339 28.33 -2.08 -4.19
N ALA W 340 27.94 -2.41 -5.44
CA ALA W 340 27.36 -3.72 -5.74
C ALA W 340 28.41 -4.82 -5.60
N ALA W 341 29.64 -4.56 -6.06
CA ALA W 341 30.77 -5.48 -5.96
C ALA W 341 31.12 -5.76 -4.49
N ARG W 342 31.12 -4.70 -3.66
CA ARG W 342 31.41 -4.79 -2.22
C ARG W 342 30.30 -5.62 -1.54
N SER W 343 29.02 -5.30 -1.82
CA SER W 343 27.89 -6.03 -1.24
C SER W 343 27.93 -7.51 -1.67
N PHE W 344 28.31 -7.80 -2.94
CA PHE W 344 28.32 -9.20 -3.43
C PHE W 344 29.24 -10.11 -2.59
N VAL W 345 30.50 -9.71 -2.37
CA VAL W 345 31.45 -10.55 -1.59
C VAL W 345 31.11 -10.55 -0.09
N GLU W 346 30.55 -9.46 0.43
CA GLU W 346 30.23 -9.39 1.86
C GLU W 346 28.97 -10.20 2.22
N HIS W 347 28.05 -10.40 1.25
CA HIS W 347 26.84 -11.20 1.52
C HIS W 347 26.98 -12.68 1.11
N CYS W 348 28.22 -13.16 0.89
CA CYS W 348 28.48 -14.56 0.57
C CYS W 348 28.68 -15.33 1.90
N ASN W 349 28.20 -16.57 1.97
CA ASN W 349 28.35 -17.39 3.17
C ASN W 349 29.14 -18.68 2.87
N LEU W 350 28.66 -19.51 1.94
CA LEU W 350 29.35 -20.74 1.52
C LEU W 350 30.61 -20.35 0.75
N VAL W 351 30.49 -19.41 -0.20
CA VAL W 351 31.63 -18.89 -0.94
C VAL W 351 32.34 -17.95 0.03
N VAL W 352 33.65 -18.14 0.22
CA VAL W 352 34.41 -17.37 1.20
C VAL W 352 35.17 -16.18 0.59
N HIS W 353 35.07 -15.00 1.24
CA HIS W 353 35.79 -13.79 0.81
C HIS W 353 37.25 -13.93 1.22
N ALA W 354 38.12 -14.33 0.27
CA ALA W 354 39.55 -14.51 0.51
C ALA W 354 40.34 -14.51 -0.80
N VAL W 355 41.65 -14.21 -0.72
CA VAL W 355 42.54 -14.26 -1.89
C VAL W 355 42.96 -15.75 -2.16
N SER W 356 43.77 -16.01 -3.21
CA SER W 356 44.24 -17.34 -3.63
C SER W 356 43.17 -18.03 -4.50
N LEU W 357 43.58 -19.04 -5.25
CA LEU W 357 42.70 -19.72 -6.19
C LEU W 357 43.08 -21.20 -6.37
N GLY W 358 42.31 -21.93 -7.19
CA GLY W 358 42.59 -23.33 -7.49
C GLY W 358 42.41 -24.32 -6.36
N GLY W 359 41.81 -23.89 -5.25
CA GLY W 359 41.59 -24.74 -4.10
C GLY W 359 40.34 -25.60 -4.22
N ALA W 360 40.15 -26.50 -3.25
CA ALA W 360 38.98 -27.36 -3.21
C ALA W 360 37.68 -26.59 -2.95
N ASP W 361 37.77 -25.39 -2.32
CA ASP W 361 36.62 -24.54 -2.02
C ASP W 361 36.57 -23.30 -2.92
N THR W 362 35.36 -22.74 -3.07
CA THR W 362 35.11 -21.57 -3.90
C THR W 362 35.41 -20.31 -3.10
N LEU W 363 36.25 -19.45 -3.67
CA LEU W 363 36.68 -18.19 -3.06
C LEU W 363 36.30 -17.02 -3.96
N ILE W 364 36.14 -15.83 -3.36
CA ILE W 364 35.76 -14.62 -4.07
C ILE W 364 36.49 -13.42 -3.43
N GLN W 365 36.89 -12.44 -4.26
CA GLN W 365 37.61 -11.26 -3.76
C GLN W 365 37.56 -10.08 -4.72
N HIS W 366 37.69 -8.85 -4.19
CA HIS W 366 37.72 -7.64 -5.02
C HIS W 366 39.17 -7.40 -5.43
N PRO W 367 39.55 -7.58 -6.71
CA PRO W 367 40.98 -7.42 -7.06
C PRO W 367 41.59 -6.04 -6.79
N ALA W 368 40.87 -4.95 -7.11
CA ALA W 368 41.40 -3.61 -6.89
C ALA W 368 41.71 -3.33 -5.40
N SER W 369 41.02 -4.00 -4.47
CA SER W 369 41.22 -3.83 -3.04
C SER W 369 42.21 -4.81 -2.43
N LEU W 370 42.44 -5.99 -3.06
CA LEU W 370 43.34 -6.98 -2.47
C LEU W 370 44.50 -7.42 -3.42
N THR W 371 44.31 -8.43 -4.31
CA THR W 371 45.40 -8.96 -5.14
C THR W 371 46.12 -7.89 -5.97
N HIS W 372 45.36 -6.96 -6.56
CA HIS W 372 45.89 -5.88 -7.38
C HIS W 372 45.87 -4.52 -6.67
N ARG W 373 46.06 -4.50 -5.35
CA ARG W 373 46.13 -3.25 -4.59
C ARG W 373 47.51 -2.54 -4.81
N PRO W 374 48.68 -3.24 -4.88
CA PRO W 374 49.94 -2.53 -5.12
C PRO W 374 50.15 -2.03 -6.56
N VAL W 375 49.17 -2.27 -7.45
CA VAL W 375 49.25 -1.87 -8.86
C VAL W 375 48.98 -0.36 -8.95
N ALA W 376 49.62 0.31 -9.94
CA ALA W 376 49.43 1.74 -10.18
C ALA W 376 47.95 2.04 -10.49
N ALA W 377 47.46 3.21 -10.07
CA ALA W 377 46.06 3.61 -10.27
C ALA W 377 45.59 3.46 -11.72
N THR W 378 46.42 3.89 -12.69
CA THR W 378 46.08 3.81 -14.12
C THR W 378 45.92 2.36 -14.60
N ALA W 379 46.74 1.44 -14.06
CA ALA W 379 46.73 0.03 -14.43
C ALA W 379 45.88 -0.87 -13.54
N LYS W 380 45.24 -0.32 -12.49
CA LYS W 380 44.44 -1.14 -11.57
C LYS W 380 43.18 -1.69 -12.27
N PRO W 381 42.64 -2.88 -11.89
CA PRO W 381 41.40 -3.35 -12.54
C PRO W 381 40.18 -2.51 -12.16
N GLY W 382 39.07 -2.73 -12.86
CA GLY W 382 37.83 -2.00 -12.61
C GLY W 382 37.32 -2.11 -11.20
N ASP W 383 36.71 -1.04 -10.68
CA ASP W 383 36.15 -1.03 -9.33
C ASP W 383 34.92 -1.93 -9.18
N GLY W 384 34.19 -2.16 -10.27
CA GLY W 384 33.03 -3.05 -10.27
C GLY W 384 33.39 -4.50 -10.55
N LEU W 385 34.68 -4.82 -10.82
CA LEU W 385 35.13 -6.17 -11.13
C LEU W 385 35.32 -7.02 -9.87
N ILE W 386 34.92 -8.30 -9.95
CA ILE W 386 35.03 -9.27 -8.86
C ILE W 386 35.58 -10.57 -9.46
N ARG W 387 36.60 -11.17 -8.82
CA ARG W 387 37.20 -12.43 -9.28
C ARG W 387 36.69 -13.58 -8.41
N LEU W 388 36.46 -14.75 -9.01
CA LEU W 388 35.97 -15.95 -8.33
C LEU W 388 36.83 -17.16 -8.73
N SER W 389 37.11 -18.04 -7.76
CA SER W 389 37.84 -19.28 -7.98
C SER W 389 36.85 -20.39 -7.73
N VAL W 390 36.44 -21.14 -8.77
CA VAL W 390 35.46 -22.19 -8.61
C VAL W 390 36.14 -23.45 -8.04
N GLY W 391 35.52 -24.04 -7.01
CA GLY W 391 36.02 -25.23 -6.33
C GLY W 391 35.34 -26.51 -6.75
N LEU W 392 35.33 -27.51 -5.85
CA LEU W 392 34.74 -28.83 -6.10
C LEU W 392 33.38 -29.03 -5.43
N GLU W 393 32.64 -27.94 -5.15
CA GLU W 393 31.33 -28.06 -4.52
C GLU W 393 30.24 -28.23 -5.61
N HIS W 394 29.03 -28.65 -5.20
CA HIS W 394 27.94 -28.84 -6.13
C HIS W 394 27.55 -27.49 -6.76
N VAL W 395 27.30 -27.49 -8.08
CA VAL W 395 26.95 -26.30 -8.84
C VAL W 395 25.71 -25.58 -8.26
N ASP W 396 24.68 -26.33 -7.84
CA ASP W 396 23.45 -25.75 -7.32
C ASP W 396 23.70 -24.98 -6.01
N ASP W 397 24.48 -25.57 -5.09
CA ASP W 397 24.78 -24.91 -3.81
C ASP W 397 25.59 -23.63 -3.99
N LEU W 398 26.49 -23.60 -4.99
CA LEU W 398 27.30 -22.40 -5.25
C LEU W 398 26.45 -21.32 -5.91
N ALA W 399 25.61 -21.70 -6.88
CA ALA W 399 24.74 -20.75 -7.55
C ALA W 399 23.73 -20.15 -6.56
N ASP W 400 23.13 -20.99 -5.69
CA ASP W 400 22.17 -20.51 -4.69
C ASP W 400 22.79 -19.45 -3.78
N ASP W 401 24.03 -19.66 -3.34
CA ASP W 401 24.73 -18.72 -2.47
C ASP W 401 25.12 -17.43 -3.20
N LEU W 402 25.62 -17.54 -4.45
CA LEU W 402 26.03 -16.36 -5.22
C LEU W 402 24.83 -15.51 -5.63
N ILE W 403 23.69 -16.15 -5.96
CA ILE W 403 22.47 -15.43 -6.35
C ILE W 403 21.92 -14.69 -5.13
N ALA W 404 21.87 -15.36 -3.96
CA ALA W 404 21.39 -14.73 -2.72
C ALA W 404 22.24 -13.51 -2.35
N ALA W 405 23.56 -13.58 -2.56
CA ALA W 405 24.47 -12.47 -2.27
C ALA W 405 24.21 -11.27 -3.19
N LEU W 406 23.89 -11.53 -4.47
CA LEU W 406 23.56 -10.46 -5.42
C LEU W 406 22.21 -9.84 -5.08
N ASP W 407 21.23 -10.67 -4.69
CA ASP W 407 19.89 -10.21 -4.30
C ASP W 407 19.88 -9.43 -2.98
N ALA W 408 20.94 -9.54 -2.14
CA ALA W 408 21.00 -8.84 -0.86
C ALA W 408 21.14 -7.33 -1.04
N THR X 22 62.12 -7.07 31.17
CA THR X 22 61.87 -8.44 31.65
C THR X 22 62.61 -8.71 32.98
N SER X 23 62.12 -9.70 33.73
CA SER X 23 62.70 -10.10 35.02
C SER X 23 63.22 -11.56 35.01
N LEU X 24 63.08 -12.30 33.88
CA LEU X 24 63.48 -13.71 33.81
C LEU X 24 64.86 -13.91 33.20
N HIS X 25 65.51 -15.03 33.58
CA HIS X 25 66.85 -15.38 33.07
C HIS X 25 66.78 -15.84 31.60
N PRO X 26 67.89 -15.80 30.80
CA PRO X 26 67.79 -16.27 29.40
C PRO X 26 67.45 -17.75 29.24
N GLU X 27 67.79 -18.59 30.23
CA GLU X 27 67.49 -20.03 30.17
C GLU X 27 65.97 -20.26 30.25
N THR X 28 65.26 -19.44 31.05
CA THR X 28 63.80 -19.51 31.19
C THR X 28 63.15 -18.97 29.91
N LEU X 29 63.68 -17.85 29.37
CA LEU X 29 63.14 -17.21 28.17
C LEU X 29 63.30 -18.05 26.89
N MET X 30 64.27 -18.97 26.85
CA MET X 30 64.43 -19.86 25.70
C MET X 30 63.29 -20.89 25.66
N VAL X 31 62.84 -21.36 26.84
CA VAL X 31 61.75 -22.34 26.96
C VAL X 31 60.38 -21.68 26.67
N HIS X 32 60.08 -20.56 27.35
CA HIS X 32 58.79 -19.87 27.26
C HIS X 32 58.70 -18.71 26.24
N GLY X 33 59.76 -18.41 25.50
CA GLY X 33 59.73 -17.35 24.51
C GLY X 33 58.85 -17.69 23.33
N GLY X 34 58.02 -16.75 22.89
CA GLY X 34 57.08 -16.96 21.79
C GLY X 34 55.93 -17.92 22.10
N MET X 35 55.74 -18.27 23.38
CA MET X 35 54.67 -19.18 23.81
C MET X 35 53.58 -18.38 24.54
N LYS X 36 53.33 -17.12 24.12
CA LYS X 36 52.38 -16.24 24.78
C LYS X 36 50.95 -16.58 24.37
N GLY X 37 50.07 -16.73 25.34
CA GLY X 37 48.67 -17.05 25.10
C GLY X 37 48.35 -18.52 24.86
N LEU X 38 49.37 -19.39 24.74
CA LEU X 38 49.12 -20.81 24.50
C LEU X 38 48.54 -21.48 25.75
N THR X 39 49.16 -21.23 26.92
CA THR X 39 48.66 -21.79 28.18
C THR X 39 47.24 -21.28 28.48
N GLU X 40 46.98 -20.02 28.16
CA GLU X 40 45.68 -19.39 28.37
C GLU X 40 44.60 -19.98 27.42
N ALA X 41 45.01 -20.50 26.24
CA ALA X 41 44.11 -21.15 25.27
C ALA X 41 43.96 -22.67 25.48
N GLY X 42 44.60 -23.24 26.50
CA GLY X 42 44.51 -24.67 26.80
C GLY X 42 45.31 -25.57 25.89
N VAL X 43 46.47 -25.09 25.39
CA VAL X 43 47.36 -25.86 24.51
C VAL X 43 48.82 -25.76 25.02
N HIS X 44 49.66 -26.75 24.69
CA HIS X 44 51.04 -26.80 25.16
C HIS X 44 52.08 -26.18 24.21
N VAL X 45 52.03 -26.56 22.92
CA VAL X 45 52.98 -26.10 21.89
C VAL X 45 52.26 -25.29 20.79
N PRO X 46 52.91 -24.36 20.05
CA PRO X 46 52.18 -23.62 19.01
C PRO X 46 51.74 -24.51 17.86
N ALA X 47 50.54 -24.28 17.34
CA ALA X 47 49.99 -25.08 16.26
C ALA X 47 50.68 -24.76 14.93
N ILE X 48 50.65 -25.72 14.00
CA ILE X 48 51.23 -25.57 12.67
C ILE X 48 50.08 -25.30 11.71
N ASP X 49 49.85 -24.03 11.37
CA ASP X 49 48.78 -23.64 10.46
C ASP X 49 49.35 -23.58 9.05
N LEU X 50 48.99 -24.56 8.20
CA LEU X 50 49.50 -24.60 6.83
C LEU X 50 48.73 -23.68 5.86
N SER X 51 47.64 -23.02 6.31
CA SER X 51 46.81 -22.13 5.48
C SER X 51 47.62 -21.16 4.64
N THR X 52 47.44 -21.22 3.32
CA THR X 52 48.10 -20.29 2.40
C THR X 52 47.35 -18.96 2.43
N THR X 53 46.01 -19.01 2.45
CA THR X 53 45.15 -17.84 2.51
C THR X 53 44.50 -17.74 3.90
N ASN X 54 44.05 -16.52 4.23
CA ASN X 54 43.40 -16.22 5.51
C ASN X 54 42.16 -15.35 5.22
N PRO X 55 40.91 -15.86 5.37
CA PRO X 55 39.74 -15.03 5.03
C PRO X 55 39.63 -13.68 5.74
N VAL X 56 38.93 -12.73 5.08
CA VAL X 56 38.74 -11.38 5.58
C VAL X 56 37.27 -11.12 5.94
N ASN X 57 37.02 -10.26 6.93
CA ASN X 57 35.65 -9.97 7.37
C ASN X 57 34.90 -9.16 6.33
N ASP X 58 35.56 -8.13 5.76
CA ASP X 58 34.97 -7.29 4.73
C ASP X 58 36.06 -6.70 3.80
N VAL X 59 35.66 -5.97 2.75
CA VAL X 59 36.58 -5.39 1.77
C VAL X 59 37.45 -4.31 2.43
N ALA X 60 36.85 -3.46 3.28
CA ALA X 60 37.58 -2.38 3.94
C ALA X 60 38.65 -2.89 4.92
N THR X 61 38.31 -3.78 5.87
CA THR X 61 39.29 -4.28 6.83
C THR X 61 40.32 -5.18 6.17
N GLY X 62 39.89 -6.00 5.22
CA GLY X 62 40.79 -6.88 4.48
C GLY X 62 41.81 -6.11 3.68
N GLY X 63 41.35 -5.07 2.98
CA GLY X 63 42.21 -4.21 2.19
C GLY X 63 43.19 -3.42 3.04
N ASP X 64 42.73 -2.88 4.18
CA ASP X 64 43.60 -2.13 5.07
C ASP X 64 44.65 -3.06 5.71
N SER X 65 44.26 -4.31 6.05
CA SER X 65 45.21 -5.28 6.61
C SER X 65 46.25 -5.65 5.55
N TYR X 66 45.81 -5.83 4.28
CA TYR X 66 46.72 -6.11 3.15
C TYR X 66 47.77 -5.00 3.05
N GLU X 67 47.33 -3.72 2.99
CA GLU X 67 48.23 -2.59 2.87
C GLU X 67 49.18 -2.48 4.05
N TRP X 68 48.68 -2.63 5.28
CA TRP X 68 49.50 -2.56 6.50
C TRP X 68 50.63 -3.60 6.46
N LEU X 69 50.31 -4.84 6.06
CA LEU X 69 51.31 -5.91 6.01
C LEU X 69 52.26 -5.78 4.82
N ALA X 70 51.74 -5.47 3.62
CA ALA X 70 52.56 -5.30 2.41
C ALA X 70 53.57 -4.16 2.58
N THR X 71 53.22 -3.11 3.33
CA THR X 71 54.13 -2.00 3.62
C THR X 71 55.11 -2.31 4.80
N GLY X 72 55.25 -3.59 5.17
CA GLY X 72 56.17 -4.04 6.19
C GLY X 72 55.77 -3.94 7.65
N HIS X 73 54.48 -3.77 7.96
CA HIS X 73 54.06 -3.65 9.36
C HIS X 73 53.65 -4.98 10.01
N THR X 74 53.71 -5.02 11.34
CA THR X 74 53.35 -6.18 12.14
C THR X 74 51.83 -6.36 12.13
N LEU X 75 51.34 -7.61 12.11
CA LEU X 75 49.90 -7.88 12.12
C LEU X 75 49.28 -7.36 13.40
N LYS X 76 48.19 -6.61 13.27
CA LYS X 76 47.48 -6.08 14.44
C LYS X 76 46.70 -7.20 15.13
N ASP X 77 46.51 -7.09 16.44
CA ASP X 77 45.77 -8.11 17.18
C ASP X 77 44.30 -8.01 16.78
N GLY X 78 43.72 -9.12 16.36
CA GLY X 78 42.34 -9.16 15.88
C GLY X 78 42.21 -8.66 14.47
N ASP X 79 43.15 -9.07 13.59
CA ASP X 79 43.18 -8.71 12.18
C ASP X 79 43.56 -9.94 11.36
N SER X 80 43.02 -10.06 10.14
CA SER X 80 43.31 -11.20 9.28
C SER X 80 44.71 -11.12 8.70
N ALA X 81 45.42 -12.26 8.66
CA ALA X 81 46.74 -12.31 8.03
C ALA X 81 46.67 -12.14 6.50
N VAL X 82 45.45 -12.28 5.88
CA VAL X 82 45.14 -12.13 4.45
C VAL X 82 45.78 -13.23 3.57
N TYR X 83 47.11 -13.34 3.59
CA TYR X 83 47.87 -14.31 2.80
C TYR X 83 49.19 -14.62 3.52
N GLN X 84 49.73 -15.82 3.28
CA GLN X 84 50.97 -16.27 3.94
C GLN X 84 52.19 -15.43 3.57
N ARG X 85 52.25 -14.92 2.33
CA ARG X 85 53.38 -14.06 1.93
C ARG X 85 53.37 -12.70 2.66
N LEU X 86 52.21 -12.30 3.25
CA LEU X 86 52.05 -11.08 4.04
C LEU X 86 52.28 -11.36 5.53
N TRP X 87 51.74 -12.47 6.06
CA TRP X 87 51.93 -12.85 7.48
C TRP X 87 51.63 -14.34 7.74
N GLN X 88 52.45 -14.98 8.62
CA GLN X 88 52.25 -16.36 9.03
C GLN X 88 52.36 -16.37 10.58
N PRO X 89 51.38 -16.93 11.34
CA PRO X 89 51.47 -16.86 12.81
C PRO X 89 52.57 -17.67 13.50
N GLY X 90 52.89 -18.84 12.95
CA GLY X 90 53.95 -19.69 13.49
C GLY X 90 55.31 -19.07 13.30
N VAL X 91 55.52 -18.42 12.15
CA VAL X 91 56.77 -17.72 11.85
C VAL X 91 56.88 -16.54 12.82
N ALA X 92 55.79 -15.78 13.01
CA ALA X 92 55.71 -14.65 13.92
C ALA X 92 56.08 -15.05 15.37
N ARG X 93 55.67 -16.24 15.84
CA ARG X 93 56.03 -16.70 17.19
C ARG X 93 57.53 -16.94 17.31
N PHE X 94 58.14 -17.56 16.28
CA PHE X 94 59.58 -17.78 16.24
C PHE X 94 60.33 -16.43 16.21
N GLU X 95 59.80 -15.47 15.45
CA GLU X 95 60.36 -14.12 15.34
C GLU X 95 60.39 -13.43 16.70
N THR X 96 59.26 -13.42 17.45
CA THR X 96 59.22 -12.78 18.76
C THR X 96 60.08 -13.54 19.79
N ALA X 97 60.22 -14.86 19.64
CA ALA X 97 61.05 -15.65 20.56
C ALA X 97 62.52 -15.25 20.45
N LEU X 98 63.07 -15.17 19.22
CA LEU X 98 64.47 -14.79 19.05
C LEU X 98 64.71 -13.32 19.34
N ALA X 99 63.78 -12.42 18.97
CA ALA X 99 63.93 -10.99 19.25
C ALA X 99 64.09 -10.74 20.75
N GLY X 100 63.37 -11.49 21.57
CA GLY X 100 63.49 -11.40 23.02
C GLY X 100 64.83 -11.89 23.56
N LEU X 101 65.41 -12.90 22.90
CA LEU X 101 66.71 -13.45 23.29
C LEU X 101 67.84 -12.49 22.93
N GLU X 102 67.78 -11.89 21.73
CA GLU X 102 68.77 -10.90 21.29
C GLU X 102 68.51 -9.49 21.88
N HIS X 103 67.35 -9.27 22.52
CA HIS X 103 66.91 -7.99 23.10
C HIS X 103 66.72 -6.92 22.02
N ALA X 104 66.16 -7.34 20.87
CA ALA X 104 65.82 -6.50 19.72
C ALA X 104 64.32 -6.17 19.77
N GLU X 105 63.89 -5.12 19.06
CA GLU X 105 62.48 -4.73 19.05
C GLU X 105 61.64 -5.77 18.32
N GLU X 106 62.07 -6.16 17.11
CA GLU X 106 61.37 -7.11 16.25
C GLU X 106 62.39 -8.05 15.55
N ALA X 107 61.89 -9.06 14.81
CA ALA X 107 62.71 -9.97 14.03
C ALA X 107 61.94 -10.43 12.79
N VAL X 108 62.65 -10.70 11.69
CA VAL X 108 62.03 -11.14 10.44
C VAL X 108 62.69 -12.46 10.03
N ALA X 109 61.89 -13.47 9.68
CA ALA X 109 62.39 -14.80 9.33
C ALA X 109 62.14 -15.16 7.87
N PHE X 110 63.12 -15.85 7.26
CA PHE X 110 63.16 -16.24 5.85
C PHE X 110 63.50 -17.74 5.71
N ALA X 111 63.39 -18.29 4.49
CA ALA X 111 63.67 -19.69 4.19
C ALA X 111 65.07 -20.16 4.60
N THR X 112 66.11 -19.33 4.35
CA THR X 112 67.51 -19.64 4.66
C THR X 112 68.25 -18.39 5.17
N GLY X 113 69.47 -18.57 5.73
CA GLY X 113 70.31 -17.46 6.15
C GLY X 113 70.68 -16.57 4.98
N MET X 114 70.85 -17.16 3.78
CA MET X 114 71.17 -16.41 2.57
C MET X 114 69.99 -15.57 2.11
N ALA X 115 68.74 -16.05 2.31
CA ALA X 115 67.55 -15.27 1.98
C ALA X 115 67.43 -14.05 2.88
N ALA X 116 67.82 -14.18 4.15
CA ALA X 116 67.80 -13.08 5.09
C ALA X 116 68.83 -12.01 4.68
N MET X 117 70.05 -12.43 4.31
CA MET X 117 71.10 -11.50 3.86
C MET X 117 70.69 -10.85 2.54
N THR X 118 70.07 -11.63 1.62
CA THR X 118 69.55 -11.10 0.35
C THR X 118 68.54 -9.99 0.61
N ALA X 119 67.62 -10.21 1.57
CA ALA X 119 66.62 -9.21 1.92
C ALA X 119 67.24 -7.95 2.51
N ALA X 120 68.26 -8.11 3.39
CA ALA X 120 68.95 -6.99 4.02
C ALA X 120 69.72 -6.16 2.99
N LEU X 121 70.30 -6.82 1.98
CA LEU X 121 71.04 -6.13 0.93
C LEU X 121 70.06 -5.42 0.00
N LEU X 122 68.95 -6.08 -0.38
CA LEU X 122 67.93 -5.46 -1.23
C LEU X 122 67.27 -4.27 -0.52
N ALA X 123 67.10 -4.34 0.81
CA ALA X 123 66.53 -3.22 1.58
C ALA X 123 67.46 -2.01 1.52
N ALA X 124 68.77 -2.23 1.60
CA ALA X 124 69.76 -1.16 1.52
C ALA X 124 69.81 -0.57 0.09
N VAL X 125 69.76 -1.42 -0.93
CA VAL X 125 69.79 -0.96 -2.34
C VAL X 125 68.52 -0.14 -2.62
N SER X 126 67.35 -0.63 -2.18
CA SER X 126 66.07 0.05 -2.37
C SER X 126 66.07 1.43 -1.69
N ALA X 127 66.72 1.56 -0.51
CA ALA X 127 66.81 2.83 0.21
C ALA X 127 67.72 3.88 -0.48
N GLY X 128 68.51 3.47 -1.48
CA GLY X 128 69.44 4.34 -2.18
C GLY X 128 70.84 4.31 -1.61
N THR X 129 71.20 3.22 -0.89
CA THR X 129 72.52 3.03 -0.27
C THR X 129 73.04 1.64 -0.68
N PRO X 130 73.43 1.42 -1.96
CA PRO X 130 73.86 0.08 -2.37
C PRO X 130 75.29 -0.32 -1.94
N HIS X 131 76.09 0.59 -1.36
CA HIS X 131 77.46 0.25 -0.96
C HIS X 131 77.54 -0.41 0.43
N ILE X 132 78.39 -1.43 0.58
CA ILE X 132 78.57 -2.17 1.84
C ILE X 132 80.06 -2.20 2.18
N VAL X 133 80.39 -1.93 3.46
CA VAL X 133 81.76 -2.04 3.96
C VAL X 133 81.74 -3.34 4.76
N ALA X 134 82.28 -4.43 4.17
CA ALA X 134 82.26 -5.73 4.81
C ALA X 134 83.66 -6.12 5.31
N VAL X 135 83.75 -6.79 6.49
CA VAL X 135 85.01 -7.22 7.10
C VAL X 135 85.15 -8.73 6.98
N ARG X 136 86.23 -9.21 6.34
CA ARG X 136 86.49 -10.64 6.18
C ARG X 136 87.27 -11.20 7.40
N PRO X 137 87.21 -12.52 7.69
CA PRO X 137 86.47 -13.59 7.00
C PRO X 137 84.96 -13.59 7.24
N LEU X 138 84.20 -14.04 6.23
CA LEU X 138 82.75 -14.21 6.27
C LEU X 138 82.42 -15.58 5.65
N TYR X 139 81.17 -16.06 5.81
CA TYR X 139 80.75 -17.32 5.20
C TYR X 139 80.85 -17.19 3.66
N GLY X 140 81.35 -18.23 2.99
CA GLY X 140 81.54 -18.29 1.54
C GLY X 140 80.44 -17.67 0.69
N GLY X 141 79.19 -17.99 1.02
CA GLY X 141 78.02 -17.46 0.33
C GLY X 141 77.83 -15.98 0.56
N SER X 142 77.95 -15.53 1.82
CA SER X 142 77.84 -14.10 2.16
C SER X 142 78.94 -13.31 1.44
N ASP X 143 80.16 -13.88 1.39
CA ASP X 143 81.32 -13.28 0.72
C ASP X 143 81.09 -13.20 -0.80
N HIS X 144 80.64 -14.32 -1.41
CA HIS X 144 80.41 -14.40 -2.85
C HIS X 144 79.24 -13.51 -3.31
N LEU X 145 78.15 -13.44 -2.53
CA LEU X 145 76.99 -12.60 -2.88
C LEU X 145 77.38 -11.12 -2.92
N LEU X 146 78.30 -10.69 -2.04
CA LEU X 146 78.78 -9.30 -2.03
C LEU X 146 79.75 -9.07 -3.20
N GLU X 147 80.71 -10.00 -3.41
CA GLU X 147 81.70 -9.91 -4.49
C GLU X 147 81.03 -9.80 -5.88
N THR X 148 80.04 -10.67 -6.16
CA THR X 148 79.36 -10.66 -7.46
C THR X 148 78.49 -9.42 -7.66
N GLY X 149 77.90 -8.91 -6.58
CA GLY X 149 77.02 -7.76 -6.67
C GLY X 149 75.76 -8.07 -7.43
N LEU X 150 75.22 -9.30 -7.23
CA LEU X 150 74.02 -9.79 -7.90
C LEU X 150 72.81 -8.89 -7.65
N LEU X 151 72.67 -8.40 -6.41
CA LEU X 151 71.52 -7.60 -5.99
C LEU X 151 71.74 -6.08 -6.16
N GLY X 152 72.64 -5.68 -7.05
CA GLY X 152 72.92 -4.27 -7.28
C GLY X 152 73.74 -3.60 -6.20
N THR X 153 74.57 -4.38 -5.47
CA THR X 153 75.42 -3.85 -4.41
C THR X 153 76.87 -3.71 -4.86
N THR X 154 77.56 -2.74 -4.28
CA THR X 154 79.00 -2.53 -4.46
C THR X 154 79.63 -2.79 -3.08
N VAL X 155 80.80 -3.43 -3.03
CA VAL X 155 81.42 -3.77 -1.74
C VAL X 155 82.86 -3.24 -1.65
N THR X 156 83.26 -2.87 -0.42
CA THR X 156 84.60 -2.39 -0.10
C THR X 156 85.07 -3.28 1.04
N TRP X 157 85.97 -4.22 0.75
CA TRP X 157 86.48 -5.13 1.76
C TRP X 157 87.47 -4.36 2.61
N ALA X 158 87.14 -4.19 3.90
CA ALA X 158 87.98 -3.42 4.83
C ALA X 158 88.34 -4.21 6.06
N LYS X 159 89.50 -3.90 6.64
CA LYS X 159 89.95 -4.52 7.88
C LYS X 159 89.20 -3.85 9.05
N GLU X 160 89.17 -4.51 10.21
CA GLU X 160 88.46 -3.99 11.38
C GLU X 160 88.85 -2.55 11.75
N ALA X 161 90.15 -2.23 11.72
CA ALA X 161 90.63 -0.89 12.05
C ALA X 161 90.30 0.16 10.97
N ASP X 162 90.23 -0.25 9.69
CA ASP X 162 89.99 0.66 8.57
C ASP X 162 88.50 0.75 8.15
N ILE X 163 87.54 0.61 9.09
CA ILE X 163 86.11 0.68 8.75
C ILE X 163 85.71 2.14 8.45
N ALA X 164 86.03 3.06 9.37
CA ALA X 164 85.69 4.47 9.23
C ALA X 164 86.12 5.08 7.89
N SER X 165 87.35 4.77 7.43
CA SER X 165 87.88 5.27 6.16
C SER X 165 87.17 4.68 4.94
N ALA X 166 86.81 3.38 5.01
CA ALA X 166 86.13 2.70 3.90
C ALA X 166 84.69 3.17 3.66
N ILE X 167 84.07 3.85 4.64
CA ILE X 167 82.69 4.31 4.51
C ILE X 167 82.57 5.50 3.55
N GLN X 168 81.59 5.40 2.63
CA GLN X 168 81.25 6.40 1.63
C GLN X 168 79.85 6.97 1.94
N ASP X 169 79.46 8.06 1.26
CA ASP X 169 78.10 8.61 1.42
C ASP X 169 77.03 7.59 0.93
N ASP X 170 77.42 6.66 0.03
CA ASP X 170 76.57 5.63 -0.54
C ASP X 170 76.47 4.37 0.34
N THR X 171 77.15 4.29 1.50
CA THR X 171 77.10 3.08 2.33
C THR X 171 75.78 2.94 3.08
N GLY X 172 75.20 1.74 2.99
CA GLY X 172 73.97 1.39 3.65
C GLY X 172 74.16 0.48 4.85
N LEU X 173 75.23 -0.34 4.88
CA LEU X 173 75.45 -1.28 5.98
C LEU X 173 76.93 -1.65 6.13
N VAL X 174 77.29 -2.11 7.34
CA VAL X 174 78.62 -2.60 7.68
C VAL X 174 78.42 -4.05 8.15
N ILE X 175 78.75 -5.03 7.29
CA ILE X 175 78.53 -6.44 7.61
C ILE X 175 79.78 -7.01 8.27
N VAL X 176 79.63 -7.54 9.50
CA VAL X 176 80.72 -8.14 10.30
C VAL X 176 80.28 -9.51 10.86
N GLU X 177 81.24 -10.34 11.27
CA GLU X 177 80.96 -11.66 11.81
C GLU X 177 82.04 -12.03 12.83
N THR X 178 81.63 -12.43 14.05
CA THR X 178 82.57 -12.81 15.11
C THR X 178 81.98 -13.89 16.05
N PRO X 179 82.63 -15.07 16.22
CA PRO X 179 83.85 -15.56 15.56
C PRO X 179 83.60 -15.79 14.07
N ALA X 180 84.56 -15.40 13.22
CA ALA X 180 84.41 -15.51 11.78
C ALA X 180 84.37 -16.96 11.28
N ASN X 181 83.71 -17.18 10.14
CA ASN X 181 83.63 -18.51 9.54
C ASN X 181 84.72 -18.55 8.46
N PRO X 182 85.73 -19.45 8.46
CA PRO X 182 85.97 -20.60 9.36
C PRO X 182 86.99 -20.43 10.50
N SER X 183 87.99 -19.54 10.35
CA SER X 183 89.12 -19.36 11.27
C SER X 183 88.82 -18.79 12.66
N LEU X 184 87.55 -18.42 12.95
CA LEU X 184 87.12 -17.90 14.26
C LEU X 184 87.83 -16.60 14.67
N ASP X 185 88.04 -15.71 13.70
CA ASP X 185 88.64 -14.41 13.95
C ASP X 185 87.64 -13.56 14.74
N LEU X 186 88.09 -12.93 15.82
CA LEU X 186 87.22 -12.13 16.67
C LEU X 186 87.27 -10.65 16.28
N VAL X 187 86.15 -9.95 16.48
CA VAL X 187 85.99 -8.54 16.13
C VAL X 187 85.39 -7.80 17.34
N ASP X 188 85.98 -6.67 17.74
CA ASP X 188 85.46 -5.87 18.85
C ASP X 188 84.26 -5.09 18.32
N LEU X 189 83.05 -5.48 18.76
CA LEU X 189 81.82 -4.86 18.27
C LEU X 189 81.65 -3.42 18.76
N ASP X 190 82.17 -3.08 19.95
CA ASP X 190 82.08 -1.71 20.45
C ASP X 190 82.89 -0.77 19.53
N SER X 191 84.08 -1.21 19.09
CA SER X 191 84.94 -0.44 18.19
C SER X 191 84.34 -0.30 16.79
N VAL X 192 83.71 -1.37 16.29
CA VAL X 192 83.11 -1.35 14.95
C VAL X 192 81.93 -0.36 14.92
N VAL X 193 81.07 -0.41 15.94
CA VAL X 193 79.92 0.51 16.04
C VAL X 193 80.42 1.96 16.11
N SER X 194 81.47 2.21 16.91
CA SER X 194 82.06 3.55 17.02
C SER X 194 82.60 4.04 15.66
N ALA X 195 83.31 3.16 14.91
CA ALA X 195 83.86 3.50 13.60
C ALA X 195 82.78 3.71 12.53
N ALA X 196 81.65 2.98 12.62
CA ALA X 196 80.55 3.08 11.66
C ALA X 196 79.78 4.40 11.79
N GLY X 197 79.55 4.83 13.01
CA GLY X 197 78.85 6.09 13.26
C GLY X 197 77.39 6.01 12.85
N ASN X 198 77.00 6.81 11.87
CA ASN X 198 75.62 6.86 11.38
C ASN X 198 75.23 5.64 10.54
N VAL X 199 76.20 4.84 10.06
CA VAL X 199 75.89 3.68 9.22
C VAL X 199 75.45 2.51 10.12
N PRO X 200 74.31 1.83 9.84
CA PRO X 200 73.94 0.68 10.68
C PRO X 200 74.87 -0.52 10.51
N VAL X 201 75.02 -1.34 11.55
CA VAL X 201 75.91 -2.50 11.56
C VAL X 201 75.12 -3.82 11.57
N LEU X 202 75.46 -4.76 10.66
CA LEU X 202 74.86 -6.10 10.61
C LEU X 202 75.90 -7.07 11.16
N VAL X 203 75.62 -7.69 12.31
CA VAL X 203 76.54 -8.64 12.91
C VAL X 203 75.93 -10.03 12.71
N ASP X 204 76.68 -10.93 12.10
CA ASP X 204 76.24 -12.30 11.88
C ASP X 204 76.63 -13.12 13.11
N ASN X 205 75.66 -13.31 14.04
CA ASN X 205 75.84 -14.00 15.31
C ASN X 205 75.41 -15.48 15.26
N THR X 206 75.66 -16.15 14.14
CA THR X 206 75.30 -17.57 13.98
C THR X 206 76.15 -18.43 14.93
N PHE X 207 77.48 -18.23 14.91
CA PHE X 207 78.46 -19.00 15.68
C PHE X 207 78.35 -18.82 17.19
N CYS X 208 78.10 -17.59 17.67
CA CYS X 208 77.98 -17.33 19.11
C CYS X 208 76.62 -17.77 19.66
N THR X 209 75.50 -17.36 19.00
CA THR X 209 74.10 -17.58 19.41
C THR X 209 73.71 -16.54 20.51
N PRO X 210 72.41 -16.24 20.79
CA PRO X 210 72.10 -15.30 21.89
C PRO X 210 72.50 -15.78 23.29
N VAL X 211 72.97 -17.04 23.41
CA VAL X 211 73.42 -17.64 24.65
C VAL X 211 74.76 -17.00 25.03
N LEU X 212 75.67 -16.80 24.05
CA LEU X 212 77.02 -16.28 24.26
C LEU X 212 77.26 -14.80 23.92
N GLN X 213 76.65 -14.27 22.84
CA GLN X 213 76.88 -12.89 22.44
C GLN X 213 75.59 -12.16 22.13
N GLN X 214 75.51 -10.88 22.51
CA GLN X 214 74.33 -10.04 22.31
C GLN X 214 74.78 -8.78 21.54
N PRO X 215 74.94 -8.83 20.19
CA PRO X 215 75.40 -7.64 19.47
C PRO X 215 74.53 -6.39 19.61
N ILE X 216 73.22 -6.54 19.87
CA ILE X 216 72.28 -5.41 20.04
C ILE X 216 72.77 -4.49 21.19
N SER X 217 73.24 -5.10 22.30
CA SER X 217 73.76 -4.35 23.45
C SER X 217 74.98 -3.49 23.10
N HIS X 218 75.83 -3.96 22.15
CA HIS X 218 77.00 -3.20 21.69
C HIS X 218 76.64 -2.06 20.70
N GLY X 219 75.39 -2.02 20.21
CA GLY X 219 74.90 -1.00 19.30
C GLY X 219 74.71 -1.45 17.86
N ALA X 220 74.61 -2.77 17.61
CA ALA X 220 74.38 -3.27 16.27
C ALA X 220 72.92 -3.02 15.91
N ALA X 221 72.66 -2.53 14.69
CA ALA X 221 71.28 -2.26 14.27
C ALA X 221 70.55 -3.55 13.92
N LEU X 222 71.21 -4.47 13.19
CA LEU X 222 70.60 -5.76 12.81
C LEU X 222 71.56 -6.92 13.15
N VAL X 223 70.99 -8.09 13.56
CA VAL X 223 71.74 -9.30 13.93
C VAL X 223 71.30 -10.49 13.03
N LEU X 224 72.15 -10.91 12.09
CA LEU X 224 71.85 -12.01 11.19
C LEU X 224 72.09 -13.34 11.90
N HIS X 225 71.33 -14.37 11.52
CA HIS X 225 71.41 -15.68 12.13
C HIS X 225 71.02 -16.76 11.14
N SER X 226 71.92 -17.72 10.86
CA SER X 226 71.55 -18.84 10.00
C SER X 226 70.90 -19.81 10.97
N ALA X 227 69.57 -19.72 11.09
CA ALA X 227 68.81 -20.55 12.02
C ALA X 227 68.99 -22.05 11.78
N THR X 228 69.38 -22.44 10.54
CA THR X 228 69.74 -23.81 10.14
C THR X 228 70.72 -24.43 11.15
N GLN X 229 71.66 -23.61 11.65
CA GLN X 229 72.71 -24.03 12.58
C GLN X 229 72.38 -23.49 13.97
N TYR X 230 72.53 -24.34 15.00
CA TYR X 230 72.34 -24.02 16.43
C TYR X 230 70.90 -23.71 16.86
N LEU X 231 70.22 -22.73 16.22
CA LEU X 231 68.83 -22.39 16.60
C LEU X 231 67.92 -23.59 16.37
N GLY X 232 68.10 -24.24 15.25
CA GLY X 232 67.45 -25.50 14.93
C GLY X 232 68.03 -26.64 15.75
N GLY X 233 69.34 -26.78 15.65
CA GLY X 233 70.11 -27.73 16.44
C GLY X 233 70.11 -29.20 16.10
N HIS X 234 69.21 -29.66 15.20
CA HIS X 234 69.13 -31.07 14.84
C HIS X 234 69.35 -31.35 13.34
N GLY X 235 69.85 -30.37 12.58
CA GLY X 235 70.13 -30.51 11.15
C GLY X 235 68.95 -30.93 10.31
N ASP X 236 67.76 -30.39 10.61
CA ASP X 236 66.54 -30.75 9.89
C ASP X 236 65.59 -29.58 9.64
N ALA X 237 66.06 -28.34 9.75
CA ALA X 237 65.23 -27.18 9.51
C ALA X 237 66.07 -26.02 9.00
N MET X 238 65.90 -25.69 7.71
CA MET X 238 66.60 -24.56 7.12
C MET X 238 65.91 -23.29 7.62
N GLY X 239 66.67 -22.23 7.77
CA GLY X 239 66.12 -20.96 8.23
C GLY X 239 67.11 -19.83 8.29
N GLY X 240 66.58 -18.63 8.39
CA GLY X 240 67.36 -17.40 8.45
C GLY X 240 66.55 -16.34 9.13
N ILE X 241 67.15 -15.56 10.04
CA ILE X 241 66.40 -14.59 10.83
C ILE X 241 67.27 -13.39 11.23
N ILE X 242 66.69 -12.17 11.19
CA ILE X 242 67.40 -10.95 11.56
C ILE X 242 66.65 -10.26 12.71
N ALA X 243 67.29 -10.18 13.89
CA ALA X 243 66.72 -9.47 15.04
C ALA X 243 67.16 -8.02 14.88
N THR X 244 66.20 -7.07 14.82
CA THR X 244 66.53 -5.66 14.56
C THR X 244 65.45 -4.68 15.08
N ASN X 245 65.71 -3.35 14.97
CA ASN X 245 64.75 -2.30 15.33
C ASN X 245 63.53 -2.32 14.38
N ALA X 246 62.48 -1.55 14.69
CA ALA X 246 61.27 -1.49 13.88
C ALA X 246 61.48 -0.95 12.45
N ASP X 247 62.38 0.02 12.24
CA ASP X 247 62.63 0.59 10.91
C ASP X 247 63.17 -0.46 9.94
N TRP X 248 64.20 -1.22 10.36
CA TRP X 248 64.79 -2.25 9.50
C TRP X 248 63.87 -3.46 9.37
N ALA X 249 63.09 -3.79 10.41
CA ALA X 249 62.14 -4.89 10.33
C ALA X 249 61.07 -4.60 9.28
N MET X 250 60.61 -3.34 9.20
CA MET X 250 59.63 -2.91 8.21
C MET X 250 60.21 -3.03 6.80
N ARG X 251 61.47 -2.61 6.62
CA ARG X 251 62.14 -2.71 5.32
C ARG X 251 62.33 -4.16 4.89
N LEU X 252 62.71 -5.05 5.83
CA LEU X 252 62.91 -6.49 5.55
C LEU X 252 61.59 -7.17 5.21
N ARG X 253 60.50 -6.80 5.91
CA ARG X 253 59.18 -7.36 5.63
C ARG X 253 58.64 -6.85 4.29
N GLN X 254 58.96 -5.59 3.90
CA GLN X 254 58.55 -5.06 2.59
C GLN X 254 59.18 -5.88 1.46
N VAL X 255 60.45 -6.28 1.63
CA VAL X 255 61.16 -7.09 0.65
C VAL X 255 60.59 -8.52 0.67
N ARG X 256 60.37 -9.09 1.86
CA ARG X 256 59.83 -10.44 2.00
C ARG X 256 58.45 -10.59 1.37
N ALA X 257 57.56 -9.60 1.54
CA ALA X 257 56.20 -9.66 0.98
C ALA X 257 56.18 -9.68 -0.55
N ILE X 258 57.21 -9.13 -1.23
CA ILE X 258 57.25 -9.07 -2.69
C ILE X 258 58.22 -10.13 -3.31
N THR X 259 59.33 -10.48 -2.63
CA THR X 259 60.26 -11.49 -3.14
C THR X 259 59.92 -12.92 -2.64
N GLY X 260 59.14 -13.04 -1.57
CA GLY X 260 58.63 -14.30 -1.04
C GLY X 260 59.58 -15.44 -0.69
N ALA X 261 60.71 -15.16 -0.02
CA ALA X 261 61.62 -16.22 0.43
C ALA X 261 61.14 -16.60 1.84
N LEU X 262 59.95 -17.22 1.90
CA LEU X 262 59.29 -17.53 3.15
C LEU X 262 59.77 -18.76 3.87
N LEU X 263 59.68 -18.72 5.21
CA LEU X 263 60.01 -19.83 6.08
C LEU X 263 58.71 -20.64 6.21
N HIS X 264 58.77 -21.94 5.87
CA HIS X 264 57.59 -22.80 5.90
C HIS X 264 57.06 -22.96 7.34
N PRO X 265 55.71 -23.04 7.57
CA PRO X 265 55.22 -23.19 8.96
C PRO X 265 55.86 -24.30 9.80
N MET X 266 56.24 -25.45 9.18
CA MET X 266 56.90 -26.53 9.92
C MET X 266 58.35 -26.16 10.24
N GLY X 267 59.03 -25.45 9.32
CA GLY X 267 60.39 -24.98 9.56
C GLY X 267 60.44 -24.03 10.74
N ALA X 268 59.46 -23.11 10.81
CA ALA X 268 59.34 -22.19 11.94
C ALA X 268 59.03 -22.93 13.24
N TYR X 269 58.21 -23.97 13.18
CA TYR X 269 57.88 -24.78 14.35
C TYR X 269 59.12 -25.47 14.93
N LEU X 270 59.95 -26.08 14.09
CA LEU X 270 61.15 -26.79 14.55
C LEU X 270 62.26 -25.83 15.01
N LEU X 271 62.35 -24.63 14.41
CA LEU X 271 63.37 -23.66 14.83
C LEU X 271 62.97 -23.04 16.17
N HIS X 272 61.67 -22.78 16.38
CA HIS X 272 61.12 -22.28 17.65
C HIS X 272 61.29 -23.37 18.73
N ARG X 273 61.00 -24.64 18.37
CA ARG X 273 61.16 -25.83 19.23
C ARG X 273 62.63 -25.99 19.66
N GLY X 274 63.55 -25.74 18.72
CA GLY X 274 64.98 -25.81 18.97
C GLY X 274 65.48 -24.76 19.95
N LEU X 275 64.83 -23.58 19.98
CA LEU X 275 65.22 -22.52 20.92
C LEU X 275 65.01 -22.96 22.36
N ARG X 276 64.03 -23.86 22.62
CA ARG X 276 63.72 -24.34 23.98
C ARG X 276 64.89 -25.12 24.63
N THR X 277 65.76 -25.75 23.84
CA THR X 277 66.94 -26.51 24.30
C THR X 277 68.28 -25.83 23.89
N LEU X 278 68.25 -24.58 23.41
CA LEU X 278 69.46 -23.89 22.96
C LEU X 278 70.46 -23.60 24.09
N ALA X 279 70.00 -23.30 25.32
CA ALA X 279 70.92 -23.06 26.44
C ALA X 279 71.64 -24.33 26.88
N VAL X 280 70.93 -25.46 26.96
CA VAL X 280 71.51 -26.73 27.40
C VAL X 280 72.38 -27.38 26.31
N ARG X 281 72.06 -27.18 25.03
CA ARG X 281 72.87 -27.74 23.94
C ARG X 281 74.16 -26.95 23.78
N MET X 282 74.09 -25.61 23.82
CA MET X 282 75.28 -24.77 23.69
C MET X 282 76.24 -25.02 24.85
N ARG X 283 75.74 -25.02 26.09
CA ARG X 283 76.59 -25.25 27.27
C ARG X 283 77.28 -26.61 27.23
N ALA X 284 76.60 -27.66 26.76
CA ALA X 284 77.18 -29.00 26.68
C ALA X 284 78.26 -29.09 25.60
N ALA X 285 77.98 -28.57 24.38
CA ALA X 285 78.93 -28.61 23.28
C ALA X 285 80.14 -27.72 23.53
N GLN X 286 79.94 -26.58 24.20
CA GLN X 286 81.02 -25.64 24.55
C GLN X 286 82.01 -26.29 25.52
N THR X 287 81.50 -27.03 26.50
CA THR X 287 82.34 -27.73 27.48
C THR X 287 83.20 -28.78 26.77
N THR X 288 82.59 -29.55 25.85
CA THR X 288 83.29 -30.57 25.08
C THR X 288 84.34 -29.92 24.17
N ALA X 289 84.01 -28.78 23.54
CA ALA X 289 84.93 -28.09 22.64
C ALA X 289 86.13 -27.49 23.35
N GLY X 290 85.94 -26.91 24.53
CA GLY X 290 87.04 -26.34 25.31
C GLY X 290 88.09 -27.38 25.67
N GLU X 291 87.64 -28.59 25.96
CA GLU X 291 88.51 -29.72 26.29
C GLU X 291 89.17 -30.28 25.03
N LEU X 292 88.41 -30.41 23.91
CA LEU X 292 88.96 -30.92 22.65
C LEU X 292 90.05 -30.00 22.10
N ALA X 293 89.83 -28.68 22.11
CA ALA X 293 90.82 -27.73 21.60
C ALA X 293 92.17 -27.85 22.31
N GLU X 294 92.17 -28.20 23.61
CA GLU X 294 93.39 -28.40 24.39
C GLU X 294 94.11 -29.68 23.97
N ARG X 295 93.36 -30.79 23.77
CA ARG X 295 93.93 -32.07 23.37
C ARG X 295 94.48 -31.98 21.94
N LEU X 296 93.75 -31.31 21.05
CA LEU X 296 94.14 -31.14 19.65
C LEU X 296 95.36 -30.25 19.49
N ASP X 297 95.52 -29.24 20.37
CA ASP X 297 96.69 -28.35 20.33
C ASP X 297 97.96 -29.15 20.71
N ALA X 298 97.83 -30.10 21.66
CA ALA X 298 98.95 -30.94 22.09
C ALA X 298 99.40 -31.97 21.02
N HIS X 299 98.56 -32.27 20.01
CA HIS X 299 98.92 -33.26 18.99
C HIS X 299 100.02 -32.70 18.07
N PRO X 300 101.04 -33.49 17.68
CA PRO X 300 102.09 -32.95 16.80
C PRO X 300 101.66 -32.68 15.36
N ALA X 301 100.63 -33.39 14.87
CA ALA X 301 100.13 -33.20 13.52
C ALA X 301 99.50 -31.82 13.30
N ILE X 302 98.97 -31.20 14.37
CA ILE X 302 98.34 -29.88 14.29
C ILE X 302 99.32 -28.82 14.78
N SER X 303 99.62 -27.82 13.94
CA SER X 303 100.55 -26.77 14.31
C SER X 303 99.94 -25.81 15.35
N VAL X 304 98.75 -25.25 15.07
CA VAL X 304 98.05 -24.32 15.97
C VAL X 304 96.54 -24.57 15.87
N VAL X 305 95.83 -24.31 16.97
CA VAL X 305 94.36 -24.43 17.00
C VAL X 305 93.78 -23.06 17.26
N HIS X 306 92.68 -22.74 16.58
CA HIS X 306 91.97 -21.49 16.76
C HIS X 306 90.75 -21.81 17.60
N TYR X 307 90.73 -21.30 18.82
CA TYR X 307 89.59 -21.48 19.73
C TYR X 307 89.58 -20.28 20.70
N PRO X 308 88.53 -19.44 20.78
CA PRO X 308 88.59 -18.27 21.67
C PRO X 308 88.96 -18.53 23.13
N GLY X 309 88.46 -19.63 23.69
CA GLY X 309 88.74 -20.01 25.07
C GLY X 309 90.18 -20.39 25.38
N LEU X 310 90.99 -20.74 24.37
CA LEU X 310 92.40 -21.12 24.61
C LEU X 310 93.25 -19.90 24.95
N LYS X 311 94.37 -20.12 25.66
CA LYS X 311 95.25 -19.05 26.13
C LYS X 311 95.98 -18.38 24.97
N GLY X 312 96.02 -17.05 24.98
CA GLY X 312 96.68 -16.26 23.93
C GLY X 312 95.77 -15.88 22.78
N GLN X 313 94.68 -16.64 22.56
CA GLN X 313 93.74 -16.35 21.46
C GLN X 313 92.87 -15.12 21.70
N ASP X 314 92.79 -14.62 22.95
CA ASP X 314 91.95 -13.47 23.28
C ASP X 314 92.82 -12.31 23.83
N PRO X 315 93.55 -11.55 22.97
CA PRO X 315 94.37 -10.44 23.51
C PRO X 315 93.56 -9.21 23.94
N ARG X 316 92.47 -8.88 23.22
CA ARG X 316 91.65 -7.70 23.53
C ARG X 316 90.68 -7.87 24.71
N GLY X 317 90.63 -9.05 25.32
CA GLY X 317 89.75 -9.28 26.45
C GLY X 317 88.27 -9.27 26.11
N LEU X 318 87.94 -9.77 24.92
CA LEU X 318 86.55 -9.85 24.45
C LEU X 318 85.77 -10.98 25.14
N LEU X 319 86.45 -11.99 25.70
CA LEU X 319 85.77 -13.07 26.42
C LEU X 319 85.43 -12.49 27.80
N GLY X 320 84.14 -12.44 28.12
CA GLY X 320 83.62 -11.86 29.36
C GLY X 320 82.92 -10.56 29.06
N ARG X 321 83.61 -9.66 28.37
CA ARG X 321 83.09 -8.34 27.98
C ARG X 321 82.03 -8.45 26.87
N GLN X 322 82.32 -9.23 25.81
CA GLN X 322 81.46 -9.41 24.64
C GLN X 322 80.88 -10.84 24.53
N MET X 323 81.73 -11.87 24.69
CA MET X 323 81.30 -13.27 24.56
C MET X 323 81.37 -13.96 25.93
N SER X 324 80.24 -14.51 26.42
CA SER X 324 80.20 -15.22 27.71
C SER X 324 80.60 -16.70 27.57
N GLY X 325 81.54 -17.00 26.67
CA GLY X 325 81.98 -18.36 26.45
C GLY X 325 82.84 -18.51 25.20
N GLY X 326 83.57 -19.61 25.13
CA GLY X 326 84.47 -19.90 24.02
C GLY X 326 83.80 -20.42 22.76
N GLY X 327 82.59 -20.95 22.87
CA GLY X 327 81.86 -21.48 21.71
C GLY X 327 82.05 -22.98 21.53
N ALA X 328 81.41 -23.54 20.50
CA ALA X 328 81.50 -24.97 20.17
C ALA X 328 82.07 -25.21 18.77
N MET X 329 82.86 -24.28 18.24
CA MET X 329 83.49 -24.41 16.92
C MET X 329 85.00 -24.36 17.14
N ILE X 330 85.75 -25.21 16.42
CA ILE X 330 87.21 -25.24 16.51
C ILE X 330 87.77 -25.37 15.11
N ALA X 331 88.67 -24.46 14.72
CA ALA X 331 89.38 -24.52 13.45
C ALA X 331 90.86 -24.77 13.76
N MET X 332 91.62 -25.38 12.82
CA MET X 332 93.03 -25.66 13.08
C MET X 332 93.87 -25.70 11.80
N GLU X 333 95.14 -25.30 11.91
CA GLU X 333 96.07 -25.32 10.80
C GLU X 333 96.90 -26.60 10.94
N LEU X 334 96.95 -27.44 9.91
CA LEU X 334 97.73 -28.69 9.95
C LEU X 334 99.17 -28.41 9.58
N ALA X 335 100.11 -29.20 10.13
CA ALA X 335 101.53 -29.03 9.87
C ALA X 335 101.94 -29.40 8.44
N GLY X 336 101.39 -30.47 7.89
CA GLY X 336 101.72 -30.93 6.55
C GLY X 336 101.14 -30.14 5.39
N GLY X 337 100.13 -29.33 5.64
CA GLY X 337 99.48 -28.54 4.61
C GLY X 337 98.17 -29.17 4.16
N PHE X 338 97.89 -29.14 2.84
CA PHE X 338 96.67 -29.70 2.27
C PHE X 338 96.56 -31.22 2.42
N ASP X 339 97.65 -31.96 2.15
CA ASP X 339 97.61 -33.42 2.23
C ASP X 339 97.26 -33.93 3.63
N ALA X 340 97.84 -33.32 4.68
CA ALA X 340 97.54 -33.70 6.06
C ALA X 340 96.10 -33.32 6.45
N ALA X 341 95.60 -32.18 5.94
CA ALA X 341 94.23 -31.72 6.16
C ALA X 341 93.23 -32.66 5.47
N ARG X 342 93.55 -33.08 4.24
CA ARG X 342 92.72 -34.00 3.44
C ARG X 342 92.62 -35.37 4.12
N SER X 343 93.75 -36.00 4.49
CA SER X 343 93.71 -37.32 5.12
C SER X 343 93.00 -37.30 6.49
N PHE X 344 92.98 -36.15 7.18
CA PHE X 344 92.32 -36.04 8.48
C PHE X 344 90.79 -36.22 8.36
N VAL X 345 90.14 -35.46 7.46
CA VAL X 345 88.68 -35.56 7.29
C VAL X 345 88.24 -36.87 6.61
N GLU X 346 89.15 -37.51 5.85
CA GLU X 346 88.84 -38.78 5.18
C GLU X 346 88.92 -39.95 6.17
N HIS X 347 89.81 -39.88 7.17
CA HIS X 347 89.97 -40.97 8.14
C HIS X 347 89.06 -40.83 9.37
N CYS X 348 88.13 -39.85 9.39
CA CYS X 348 87.18 -39.67 10.48
C CYS X 348 86.01 -40.64 10.27
N ASN X 349 85.56 -41.33 11.34
CA ASN X 349 84.47 -42.31 11.25
C ASN X 349 83.25 -41.82 12.04
N LEU X 350 83.40 -41.57 13.36
CA LEU X 350 82.32 -41.06 14.21
C LEU X 350 82.05 -39.62 13.82
N VAL X 351 83.11 -38.81 13.67
CA VAL X 351 82.98 -37.42 13.22
C VAL X 351 82.73 -37.52 11.71
N VAL X 352 81.67 -36.87 11.23
CA VAL X 352 81.27 -36.99 9.83
C VAL X 352 81.77 -35.82 8.97
N HIS X 353 82.32 -36.15 7.77
CA HIS X 353 82.79 -35.15 6.81
C HIS X 353 81.58 -34.55 6.10
N ALA X 354 81.14 -33.37 6.56
CA ALA X 354 79.98 -32.67 5.99
C ALA X 354 79.98 -31.18 6.36
N VAL X 355 79.29 -30.36 5.56
CA VAL X 355 79.13 -28.92 5.86
C VAL X 355 78.00 -28.73 6.94
N SER X 356 77.72 -27.47 7.36
CA SER X 356 76.74 -27.11 8.40
C SER X 356 77.35 -27.27 9.79
N LEU X 357 76.74 -26.62 10.79
CA LEU X 357 77.24 -26.59 12.14
C LEU X 357 76.10 -26.46 13.18
N GLY X 358 76.45 -26.52 14.46
CA GLY X 358 75.50 -26.39 15.56
C GLY X 358 74.53 -27.53 15.76
N GLY X 359 74.80 -28.68 15.15
CA GLY X 359 73.95 -29.84 15.27
C GLY X 359 74.28 -30.71 16.48
N ALA X 360 73.45 -31.73 16.71
CA ALA X 360 73.66 -32.67 17.81
C ALA X 360 74.90 -33.55 17.61
N ASP X 361 75.35 -33.73 16.36
CA ASP X 361 76.53 -34.52 16.01
C ASP X 361 77.71 -33.65 15.58
N THR X 362 78.93 -34.19 15.72
CA THR X 362 80.17 -33.50 15.38
C THR X 362 80.47 -33.67 13.90
N LEU X 363 80.71 -32.55 13.21
CA LEU X 363 81.00 -32.53 11.78
C LEU X 363 82.36 -31.89 11.53
N ILE X 364 82.98 -32.25 10.39
CA ILE X 364 84.31 -31.75 10.02
C ILE X 364 84.34 -31.49 8.50
N GLN X 365 85.12 -30.49 8.04
CA GLN X 365 85.21 -30.16 6.61
C GLN X 365 86.41 -29.28 6.28
N HIS X 366 86.83 -29.28 5.00
CA HIS X 366 87.93 -28.44 4.50
C HIS X 366 87.27 -27.17 3.93
N PRO X 367 87.34 -26.01 4.61
CA PRO X 367 86.64 -24.81 4.10
C PRO X 367 86.98 -24.36 2.69
N ALA X 368 88.26 -24.36 2.32
CA ALA X 368 88.69 -23.94 0.99
C ALA X 368 88.06 -24.79 -0.13
N SER X 369 87.73 -26.06 0.16
CA SER X 369 87.12 -26.97 -0.81
C SER X 369 85.60 -26.98 -0.79
N LEU X 370 84.95 -26.59 0.33
CA LEU X 370 83.49 -26.64 0.42
C LEU X 370 82.84 -25.27 0.78
N THR X 371 82.68 -24.91 2.08
CA THR X 371 81.96 -23.69 2.47
C THR X 371 82.49 -22.41 1.82
N HIS X 372 83.82 -22.28 1.73
CA HIS X 372 84.45 -21.11 1.14
C HIS X 372 85.05 -21.38 -0.25
N ARG X 373 84.43 -22.29 -1.02
CA ARG X 373 84.87 -22.57 -2.40
C ARG X 373 84.50 -21.41 -3.36
N PRO X 374 83.30 -20.76 -3.27
CA PRO X 374 83.02 -19.63 -4.19
C PRO X 374 83.77 -18.33 -3.88
N VAL X 375 84.62 -18.32 -2.84
CA VAL X 375 85.39 -17.14 -2.43
C VAL X 375 86.57 -16.96 -3.40
N ALA X 376 86.97 -15.70 -3.63
CA ALA X 376 88.11 -15.37 -4.50
C ALA X 376 89.40 -16.01 -3.95
N ALA X 377 90.30 -16.42 -4.84
CA ALA X 377 91.56 -17.07 -4.47
C ALA X 377 92.36 -16.31 -3.41
N THR X 378 92.46 -14.98 -3.54
CA THR X 378 93.20 -14.14 -2.59
C THR X 378 92.57 -14.14 -1.20
N ALA X 379 91.22 -14.22 -1.13
CA ALA X 379 90.47 -14.21 0.12
C ALA X 379 90.12 -15.60 0.67
N LYS X 380 90.42 -16.70 -0.06
CA LYS X 380 90.08 -18.04 0.43
C LYS X 380 90.90 -18.38 1.67
N PRO X 381 90.36 -19.16 2.63
CA PRO X 381 91.18 -19.52 3.81
C PRO X 381 92.30 -20.51 3.48
N GLY X 382 93.19 -20.75 4.44
CA GLY X 382 94.35 -21.61 4.26
C GLY X 382 94.05 -23.00 3.79
N ASP X 383 94.93 -23.58 2.96
CA ASP X 383 94.77 -24.93 2.44
C ASP X 383 94.96 -26.00 3.53
N GLY X 384 95.73 -25.69 4.57
CA GLY X 384 95.91 -26.59 5.71
C GLY X 384 94.87 -26.42 6.80
N LEU X 385 93.97 -25.41 6.68
CA LEU X 385 92.94 -25.13 7.68
C LEU X 385 91.76 -26.11 7.58
N ILE X 386 91.25 -26.55 8.74
CA ILE X 386 90.14 -27.51 8.88
C ILE X 386 89.16 -26.93 9.92
N ARG X 387 87.85 -26.93 9.63
CA ARG X 387 86.81 -26.44 10.55
C ARG X 387 86.04 -27.63 11.14
N LEU X 388 85.72 -27.58 12.45
CA LEU X 388 85.03 -28.64 13.18
C LEU X 388 83.90 -28.05 14.03
N SER X 389 82.69 -28.64 13.94
CA SER X 389 81.53 -28.25 14.75
C SER X 389 81.34 -29.29 15.84
N VAL X 390 81.53 -28.92 17.09
CA VAL X 390 81.43 -29.87 18.20
C VAL X 390 79.96 -30.11 18.57
N GLY X 391 79.58 -31.38 18.71
CA GLY X 391 78.21 -31.80 19.04
C GLY X 391 78.03 -32.16 20.50
N LEU X 392 77.04 -33.03 20.78
CA LEU X 392 76.69 -33.45 22.14
C LEU X 392 77.19 -34.86 22.47
N GLU X 393 78.25 -35.34 21.80
CA GLU X 393 78.80 -36.67 22.09
C GLU X 393 79.83 -36.57 23.22
N HIS X 394 80.21 -37.72 23.81
CA HIS X 394 81.19 -37.75 24.89
C HIS X 394 82.54 -37.27 24.37
N VAL X 395 83.23 -36.44 25.15
CA VAL X 395 84.54 -35.87 24.80
C VAL X 395 85.58 -36.97 24.46
N ASP X 396 85.61 -38.07 25.22
CA ASP X 396 86.58 -39.14 25.00
C ASP X 396 86.37 -39.81 23.64
N ASP X 397 85.11 -40.12 23.28
CA ASP X 397 84.83 -40.76 21.99
C ASP X 397 85.17 -39.88 20.80
N LEU X 398 85.01 -38.55 20.93
CA LEU X 398 85.34 -37.63 19.85
C LEU X 398 86.85 -37.46 19.74
N ALA X 399 87.56 -37.35 20.87
CA ALA X 399 89.00 -37.21 20.85
C ALA X 399 89.65 -38.48 20.31
N ASP X 400 89.16 -39.67 20.70
CA ASP X 400 89.69 -40.95 20.21
C ASP X 400 89.60 -41.04 18.69
N ASP X 401 88.46 -40.64 18.10
CA ASP X 401 88.30 -40.70 16.64
C ASP X 401 89.08 -39.61 15.89
N LEU X 402 89.23 -38.39 16.47
CA LEU X 402 90.01 -37.33 15.82
C LEU X 402 91.51 -37.62 15.90
N ILE X 403 92.00 -38.20 17.03
CA ILE X 403 93.44 -38.54 17.14
C ILE X 403 93.78 -39.71 16.20
N ALA X 404 92.89 -40.72 16.10
CA ALA X 404 93.11 -41.84 15.18
C ALA X 404 93.17 -41.37 13.72
N ALA X 405 92.35 -40.37 13.35
CA ALA X 405 92.33 -39.81 12.00
C ALA X 405 93.64 -39.07 11.69
N LEU X 406 94.21 -38.36 12.68
CA LEU X 406 95.48 -37.65 12.52
C LEU X 406 96.63 -38.65 12.42
N ASP X 407 96.58 -39.72 13.24
CA ASP X 407 97.61 -40.76 13.23
C ASP X 407 97.59 -41.63 11.96
N ALA X 408 96.49 -41.60 11.18
CA ALA X 408 96.38 -42.39 9.95
C ALA X 408 97.34 -41.89 8.86
#